data_2C38
#
_entry.id   2C38
#
_cell.length_a   206.260
_cell.length_b   213.610
_cell.length_c   434.040
_cell.angle_alpha   90.00
_cell.angle_beta   90.00
_cell.angle_gamma   90.00
#
_symmetry.space_group_name_H-M   'C 2 2 21'
#
loop_
_entity.id
_entity.type
_entity.pdbx_description
1 polymer 'PROBABLE EXOSOME COMPLEX EXONUCLEASE 2'
2 polymer 'PROBABLE EXOSOME COMPLEX EXONUCLEASE 1'
3 non-polymer 'CHLORIDE ION'
4 non-polymer 'ADENOSINE MONOPHOSPHATE'
#
loop_
_entity_poly.entity_id
_entity_poly.type
_entity_poly.pdbx_seq_one_letter_code
_entity_poly.pdbx_strand_id
1 'polypeptide(L)'
;MSSTPSNQNIIPIIKKESIVSLFEKGIRQDGRKLTDYRPLSITLDYAKKADGSALVKLGTTMVLAGTKLEIDKPYEDTPN
QGNLIVNVELLPLAYETFEPGPPDENAIELARVVDRSLRDSKALDLTKLVIEPGKSVWTVWLDVYVLDYGGNVLDACTLA
SVAALYNTKVYKVEQHSNGISVNKNEVVGKLPLNYPVVTISVAKVDKYLVVDPDLDEESIMDAKISFSYTPDLKIVGIQK
SGKGSMSLQDIDQAENTARSTAVKLLEELKKHLGI
;
A,C,E,G,I,K,M,O,Q,S,U,W
2 'polypeptide(L)'
;MREMLQVERPKLILDDGKRTDGRKPDELRSIKIELGVLKNADGSAIFEMGNTKAIAAVYGPKEMHPRHLSLPDRAVLRVR
YHMTPFSTDERKNPAPSRREIELSKVIREALESAVLVELFPRTAIDVFTEILQADAGSRLVSLMAASLALADAGIPMRDL
IAGVAVGKADGVIILDLNETEDMWGEADMPIAMMPSLNQVTLFQLNGSMTPDEFRQAFDLAVKGINIIYNLEREALKSKY
VEFKEEGV
;
B,D,F,H,J,L,N,P,R,T,V,X
#
# COMPACT_ATOMS: atom_id res chain seq x y z
N MET A 1 27.00 27.67 14.02
CA MET A 1 25.69 27.45 14.72
C MET A 1 25.59 26.13 15.49
N SER A 2 25.15 26.21 16.74
CA SER A 2 25.02 25.04 17.65
C SER A 2 23.63 24.44 17.65
N SER A 3 23.55 23.11 17.62
CA SER A 3 22.25 22.42 17.59
C SER A 3 22.24 21.11 18.35
N THR A 4 21.05 20.72 18.81
CA THR A 4 20.86 19.51 19.61
C THR A 4 21.41 18.28 18.86
N PRO A 5 22.30 17.51 19.53
CA PRO A 5 22.90 16.34 18.89
C PRO A 5 21.84 15.30 18.53
N SER A 6 21.75 14.98 17.24
CA SER A 6 20.76 14.03 16.72
C SER A 6 21.23 12.59 16.84
N ASN A 7 22.54 12.41 16.66
CA ASN A 7 23.23 11.13 16.86
C ASN A 7 23.35 10.74 18.35
N GLN A 8 22.80 11.60 19.23
CA GLN A 8 22.77 11.39 20.69
C GLN A 8 21.97 10.13 21.11
N ASN A 9 22.71 9.21 21.75
CA ASN A 9 22.23 7.90 22.16
C ASN A 9 21.08 7.96 23.17
N ILE A 10 19.87 7.80 22.64
CA ILE A 10 18.66 7.85 23.47
C ILE A 10 18.47 6.54 24.25
N ILE A 11 19.07 6.49 25.45
CA ILE A 11 19.10 5.31 26.31
C ILE A 11 17.79 5.12 27.10
N PRO A 12 17.06 4.01 26.84
CA PRO A 12 15.67 3.78 27.25
C PRO A 12 15.34 4.12 28.70
N ILE A 13 14.05 4.37 28.93
CA ILE A 13 13.52 4.68 30.25
C ILE A 13 13.93 3.60 31.23
N ILE A 14 13.71 2.35 30.83
CA ILE A 14 13.94 1.18 31.67
C ILE A 14 15.37 1.11 32.23
N LYS A 15 16.34 1.19 31.33
CA LYS A 15 17.75 1.10 31.72
C LYS A 15 18.11 2.13 32.77
N LYS A 16 17.51 3.31 32.69
CA LYS A 16 17.80 4.36 33.65
C LYS A 16 17.47 3.95 35.10
N GLU A 17 16.33 3.30 35.31
CA GLU A 17 15.88 2.94 36.68
C GLU A 17 16.68 1.83 37.30
N SER A 18 17.26 1.00 36.45
CA SER A 18 18.17 -0.05 36.90
C SER A 18 19.33 0.60 37.61
N ILE A 19 19.88 1.62 36.98
CA ILE A 19 21.02 2.35 37.51
C ILE A 19 20.63 3.20 38.73
N VAL A 20 19.45 3.83 38.68
CA VAL A 20 19.00 4.67 39.79
C VAL A 20 18.68 3.80 41.00
N SER A 21 18.03 2.67 40.78
CA SER A 21 17.70 1.72 41.86
C SER A 21 18.95 1.26 42.60
N LEU A 22 20.07 1.18 41.89
CA LEU A 22 21.36 0.85 42.50
C LEU A 22 21.91 2.03 43.28
N PHE A 23 21.79 3.22 42.71
CA PHE A 23 22.24 4.46 43.36
C PHE A 23 21.57 4.62 44.70
N GLU A 24 20.31 4.21 44.76
CA GLU A 24 19.51 4.25 45.96
C GLU A 24 20.13 3.41 47.08
N LYS A 25 20.87 2.38 46.68
CA LYS A 25 21.58 1.55 47.63
C LYS A 25 23.03 1.99 47.75
N GLY A 26 23.36 3.15 47.15
CA GLY A 26 24.72 3.72 47.24
C GLY A 26 25.80 3.00 46.46
N ILE A 27 25.39 2.22 45.47
CA ILE A 27 26.33 1.46 44.65
C ILE A 27 26.05 1.72 43.17
N ARG A 28 27.05 1.43 42.32
CA ARG A 28 26.88 1.53 40.87
C ARG A 28 27.07 0.18 40.18
N GLN A 29 26.91 0.18 38.86
CA GLN A 29 27.05 -1.04 38.05
C GLN A 29 28.42 -1.67 38.20
N ASP A 30 29.47 -0.87 38.00
CA ASP A 30 30.86 -1.35 38.07
C ASP A 30 31.30 -1.76 39.48
N GLY A 31 30.54 -1.32 40.48
CA GLY A 31 30.77 -1.72 41.86
C GLY A 31 31.13 -0.59 42.79
N ARG A 32 31.66 0.51 42.24
CA ARG A 32 32.14 1.61 43.07
C ARG A 32 31.02 2.40 43.75
N LYS A 33 31.39 3.10 44.82
CA LYS A 33 30.48 3.96 45.59
C LYS A 33 30.17 5.21 44.77
N LEU A 34 29.17 5.96 45.22
CA LEU A 34 28.72 7.13 44.47
C LEU A 34 29.80 8.20 44.30
N THR A 35 30.79 8.21 45.20
CA THR A 35 31.83 9.24 45.20
C THR A 35 33.19 8.70 44.75
N ASP A 36 33.23 7.46 44.27
CA ASP A 36 34.47 6.81 43.86
C ASP A 36 34.95 7.18 42.47
N TYR A 37 36.27 7.13 42.30
CA TYR A 37 36.88 7.28 40.98
C TYR A 37 37.19 5.95 40.30
N ARG A 38 37.05 5.90 38.98
CA ARG A 38 37.45 4.72 38.20
C ARG A 38 38.96 4.48 38.30
N PRO A 39 39.42 3.23 38.02
CA PRO A 39 40.85 2.94 38.12
C PRO A 39 41.65 3.83 37.17
N LEU A 40 42.77 4.36 37.64
CA LEU A 40 43.56 5.32 36.89
C LEU A 40 44.98 4.83 36.59
N SER A 41 45.31 4.80 35.30
CA SER A 41 46.63 4.44 34.84
C SER A 41 47.19 5.59 34.05
N ILE A 42 48.46 5.91 34.32
CA ILE A 42 49.18 6.91 33.54
C ILE A 42 50.54 6.34 33.13
N THR A 43 50.79 6.38 31.83
CA THR A 43 52.06 6.02 31.22
C THR A 43 52.71 7.29 30.65
N LEU A 44 53.80 7.72 31.27
CA LEU A 44 54.47 8.93 30.86
C LEU A 44 55.40 8.69 29.68
N ASP A 45 55.73 9.77 28.98
CA ASP A 45 56.52 9.73 27.75
C ASP A 45 56.09 8.60 26.82
N TYR A 46 54.82 8.64 26.40
CA TYR A 46 54.28 7.57 25.55
C TYR A 46 54.59 7.78 24.05
N ALA A 47 54.23 8.95 23.54
CA ALA A 47 54.64 9.36 22.19
C ALA A 47 56.07 9.86 22.29
N LYS A 48 56.98 9.11 21.67
CA LYS A 48 58.40 9.36 21.80
C LYS A 48 58.82 10.64 21.09
N LYS A 49 58.17 10.95 19.98
CA LYS A 49 58.53 12.16 19.25
C LYS A 49 57.94 13.46 19.79
N ALA A 50 57.21 13.37 20.91
CA ALA A 50 56.72 14.55 21.63
C ALA A 50 57.79 15.07 22.57
N ASP A 51 57.64 16.32 23.01
CA ASP A 51 58.56 16.91 23.98
C ASP A 51 58.24 16.35 25.37
N GLY A 52 56.95 16.24 25.66
CA GLY A 52 56.42 15.51 26.82
C GLY A 52 55.11 14.85 26.41
N SER A 53 54.84 13.65 26.91
CA SER A 53 53.61 12.93 26.58
C SER A 53 53.10 12.12 27.74
N ALA A 54 51.80 11.83 27.72
CA ALA A 54 51.17 11.02 28.78
C ALA A 54 49.95 10.27 28.24
N LEU A 55 49.93 8.96 28.47
CA LEU A 55 48.79 8.13 28.11
C LEU A 55 47.99 7.83 29.36
N VAL A 56 46.77 8.36 29.41
CA VAL A 56 45.92 8.23 30.60
C VAL A 56 44.74 7.30 30.35
N LYS A 57 44.56 6.32 31.25
CA LYS A 57 43.39 5.45 31.24
C LYS A 57 42.59 5.69 32.49
N LEU A 58 41.48 6.40 32.35
CA LEU A 58 40.53 6.55 33.43
C LEU A 58 39.31 5.68 33.13
N GLY A 59 39.23 4.52 33.79
CA GLY A 59 38.24 3.53 33.42
C GLY A 59 38.53 3.12 32.00
N THR A 60 37.52 3.16 31.15
CA THR A 60 37.72 2.74 29.75
C THR A 60 38.04 3.91 28.84
N THR A 61 38.03 5.12 29.39
CA THR A 61 38.41 6.33 28.64
C THR A 61 39.92 6.35 28.44
N MET A 62 40.35 6.70 27.23
CA MET A 62 41.77 6.86 26.95
C MET A 62 42.04 8.19 26.32
N VAL A 63 43.00 8.88 26.91
CA VAL A 63 43.46 10.13 26.36
C VAL A 63 44.99 10.08 26.23
N LEU A 64 45.50 10.53 25.08
CA LEU A 64 46.93 10.73 24.90
C LEU A 64 47.20 12.20 24.64
N ALA A 65 47.91 12.83 25.57
CA ALA A 65 48.29 14.21 25.45
C ALA A 65 49.77 14.32 25.14
N GLY A 66 50.12 15.25 24.27
CA GLY A 66 51.51 15.46 23.91
C GLY A 66 51.80 16.94 23.76
N THR A 67 52.99 17.34 24.24
CA THR A 67 53.45 18.71 24.09
C THR A 67 54.48 18.82 22.97
N LYS A 68 54.57 20.02 22.41
CA LYS A 68 55.55 20.34 21.41
C LYS A 68 55.90 21.82 21.58
N LEU A 69 57.19 22.09 21.76
CA LEU A 69 57.66 23.45 22.02
C LEU A 69 58.17 24.11 20.75
N GLU A 70 57.88 25.41 20.62
CA GLU A 70 58.34 26.23 19.50
C GLU A 70 58.71 27.62 19.95
N ILE A 71 59.64 28.24 19.24
CA ILE A 71 60.03 29.60 19.56
C ILE A 71 59.30 30.59 18.64
N ASP A 72 58.58 31.53 19.27
CA ASP A 72 57.78 32.51 18.54
C ASP A 72 57.96 33.90 19.11
N LYS A 73 57.68 34.91 18.30
CA LYS A 73 57.50 36.25 18.82
C LYS A 73 56.19 36.22 19.62
N PRO A 74 56.18 36.79 20.85
CA PRO A 74 54.95 36.78 21.65
C PRO A 74 53.90 37.70 21.05
N TYR A 75 52.63 37.46 21.38
CA TYR A 75 51.53 38.27 20.85
C TYR A 75 51.72 39.74 21.18
N GLU A 76 51.55 40.60 20.18
CA GLU A 76 51.71 42.06 20.36
C GLU A 76 50.94 42.56 21.59
N ASP A 77 49.83 41.87 21.90
CA ASP A 77 49.02 42.12 23.10
C ASP A 77 49.78 41.81 24.42
N THR A 78 50.39 40.62 24.49
CA THR A 78 51.03 40.12 25.72
C THR A 78 52.54 39.89 25.53
N PRO A 79 53.35 40.97 25.56
CA PRO A 79 54.76 40.96 25.11
C PRO A 79 55.74 40.31 26.09
N ASN A 80 55.27 39.97 27.29
CA ASN A 80 56.12 39.34 28.30
C ASN A 80 55.67 37.96 28.74
N GLN A 81 55.19 37.20 27.76
CA GLN A 81 54.64 35.89 28.03
C GLN A 81 54.91 34.91 26.90
N GLY A 82 55.20 33.67 27.30
CA GLY A 82 55.14 32.53 26.39
C GLY A 82 53.69 32.20 26.11
N ASN A 83 53.45 31.42 25.06
CA ASN A 83 52.10 31.15 24.64
C ASN A 83 51.71 29.71 24.93
N LEU A 84 50.44 29.50 25.27
CA LEU A 84 49.88 28.16 25.47
C LEU A 84 48.76 27.89 24.46
N ILE A 85 48.87 26.79 23.70
CA ILE A 85 47.84 26.38 22.73
C ILE A 85 47.32 24.94 22.91
N VAL A 86 46.16 24.84 23.53
CA VAL A 86 45.48 23.57 23.76
C VAL A 86 44.56 23.26 22.60
N ASN A 87 44.89 22.20 21.87
CA ASN A 87 43.96 21.65 20.91
C ASN A 87 43.38 20.33 21.40
N VAL A 88 42.14 20.02 21.03
CA VAL A 88 41.53 18.75 21.46
C VAL A 88 40.86 17.96 20.33
N GLU A 89 41.09 16.65 20.34
CA GLU A 89 40.64 15.77 19.26
C GLU A 89 39.79 14.63 19.77
N LEU A 90 38.48 14.83 19.72
CA LEU A 90 37.54 13.75 19.99
C LEU A 90 37.66 12.80 18.84
N LEU A 91 38.74 12.02 18.84
CA LEU A 91 39.02 11.11 17.75
C LEU A 91 37.82 10.22 17.46
N PRO A 92 37.41 10.18 16.17
CA PRO A 92 36.24 9.42 15.75
C PRO A 92 36.37 8.00 16.28
N LEU A 93 37.62 7.59 16.50
CA LEU A 93 38.02 6.28 17.03
C LEU A 93 37.38 5.99 18.37
N ALA A 94 37.03 7.05 19.11
CA ALA A 94 36.53 6.96 20.48
C ALA A 94 35.09 6.40 20.60
N TYR A 95 34.15 6.97 19.84
CA TYR A 95 32.78 6.48 19.89
C TYR A 95 32.17 6.21 18.49
N GLU A 96 31.20 5.29 18.42
CA GLU A 96 30.51 4.94 17.17
C GLU A 96 29.73 6.10 16.51
N THR A 97 29.43 7.15 17.28
CA THR A 97 28.73 8.35 16.80
C THR A 97 29.60 9.63 16.78
N PHE A 98 30.77 9.53 16.13
CA PHE A 98 31.80 10.58 16.10
C PHE A 98 32.30 10.96 14.70
N GLU A 99 31.84 12.10 14.19
CA GLU A 99 32.30 12.61 12.89
C GLU A 99 33.77 13.07 12.95
N PRO A 100 34.52 12.92 11.83
CA PRO A 100 35.87 13.49 11.68
C PRO A 100 35.94 14.87 10.98
N GLY A 101 37.05 15.58 11.21
CA GLY A 101 37.27 16.95 10.72
C GLY A 101 37.59 17.85 11.92
N PRO A 102 38.69 18.66 11.81
CA PRO A 102 39.12 19.56 12.91
C PRO A 102 37.97 20.06 13.85
N PRO A 103 38.21 20.07 15.19
CA PRO A 103 37.27 20.23 16.32
C PRO A 103 35.80 20.73 16.09
N ASP A 104 34.87 20.00 16.73
CA ASP A 104 33.46 20.37 16.86
C ASP A 104 33.20 21.05 18.22
N GLU A 105 32.00 21.60 18.39
CA GLU A 105 31.66 22.39 19.60
C GLU A 105 31.99 21.70 20.91
N ASN A 106 32.14 20.38 20.88
CA ASN A 106 32.44 19.60 22.07
C ASN A 106 33.91 19.54 22.34
N ALA A 107 34.66 19.25 21.29
CA ALA A 107 36.11 19.20 21.35
C ALA A 107 36.75 20.56 21.70
N ILE A 108 36.21 21.63 21.11
CA ILE A 108 36.59 23.00 21.45
C ILE A 108 36.28 23.33 22.90
N GLU A 109 35.09 22.94 23.38
CA GLU A 109 34.70 23.22 24.76
C GLU A 109 35.68 22.58 25.74
N LEU A 110 36.06 21.35 25.46
CA LEU A 110 37.02 20.64 26.31
C LEU A 110 38.35 21.39 26.37
N ALA A 111 38.85 21.79 25.21
CA ALA A 111 40.11 22.52 25.09
C ALA A 111 40.11 23.80 25.92
N ARG A 112 39.08 24.63 25.73
CA ARG A 112 38.97 25.91 26.42
C ARG A 112 38.85 25.73 27.92
N VAL A 113 38.14 24.68 28.34
CA VAL A 113 37.97 24.38 29.75
C VAL A 113 39.30 23.94 30.37
N VAL A 114 40.04 23.10 29.67
CA VAL A 114 41.37 22.68 30.12
C VAL A 114 42.32 23.87 30.10
N ASP A 115 42.28 24.63 29.02
CA ASP A 115 43.06 25.85 28.88
C ASP A 115 42.88 26.76 30.10
N ARG A 116 41.63 27.09 30.41
CA ARG A 116 41.33 28.07 31.45
C ARG A 116 41.77 27.65 32.84
N SER A 117 41.77 26.36 33.10
CA SER A 117 42.19 25.89 34.42
C SER A 117 43.70 25.70 34.53
N LEU A 118 44.41 25.74 33.40
CA LEU A 118 45.88 25.77 33.43
C LEU A 118 46.38 27.20 33.50
N ARG A 119 45.70 28.07 32.74
CA ARG A 119 46.08 29.46 32.55
C ARG A 119 45.72 30.36 33.74
N ASP A 120 44.47 30.23 34.19
CA ASP A 120 43.93 31.04 35.30
C ASP A 120 44.44 30.58 36.66
N SER A 121 44.89 29.33 36.74
CA SER A 121 45.50 28.81 37.96
C SER A 121 46.99 29.16 38.07
N LYS A 122 47.57 29.66 36.98
CA LYS A 122 49.01 29.83 36.86
C LYS A 122 49.72 28.55 37.31
N ALA A 123 49.14 27.41 36.94
CA ALA A 123 49.77 26.11 37.14
C ALA A 123 51.03 26.06 36.26
N LEU A 124 50.90 26.61 35.07
CA LEU A 124 52.02 26.85 34.19
C LEU A 124 52.27 28.35 34.12
N ASP A 125 53.47 28.75 34.52
CA ASP A 125 53.84 30.16 34.53
C ASP A 125 54.33 30.63 33.17
N LEU A 126 53.44 31.33 32.46
CA LEU A 126 53.70 31.78 31.10
C LEU A 126 54.73 32.90 31.05
N THR A 127 54.86 33.65 32.15
CA THR A 127 55.86 34.74 32.24
C THR A 127 57.28 34.18 32.33
N LYS A 128 57.36 32.90 32.71
CA LYS A 128 58.61 32.16 32.84
C LYS A 128 58.98 31.39 31.59
N LEU A 129 58.37 31.76 30.47
CA LEU A 129 58.66 31.14 29.18
C LEU A 129 59.24 32.12 28.18
N VAL A 130 59.67 33.28 28.67
CA VAL A 130 60.23 34.35 27.83
C VAL A 130 61.72 34.09 27.61
N ILE A 131 62.16 34.11 26.35
CA ILE A 131 63.58 34.01 26.05
C ILE A 131 64.17 35.42 25.95
N GLU A 132 64.09 36.06 24.78
CA GLU A 132 64.38 37.49 24.68
C GLU A 132 63.05 38.26 24.80
N PRO A 133 62.90 39.07 25.86
CA PRO A 133 61.63 39.74 26.15
C PRO A 133 61.13 40.52 24.94
N GLY A 134 59.85 40.37 24.62
CA GLY A 134 59.25 41.04 23.48
C GLY A 134 59.69 40.52 22.10
N LYS A 135 60.87 39.89 22.03
CA LYS A 135 61.42 39.38 20.76
C LYS A 135 61.10 37.90 20.51
N SER A 136 61.34 37.05 21.51
CA SER A 136 61.13 35.61 21.36
C SER A 136 60.75 34.89 22.67
N VAL A 137 59.70 34.08 22.59
CA VAL A 137 59.20 33.30 23.72
C VAL A 137 58.93 31.86 23.29
N TRP A 138 58.75 30.97 24.25
CA TRP A 138 58.33 29.60 23.96
C TRP A 138 56.82 29.55 23.76
N THR A 139 56.40 28.83 22.72
CA THR A 139 55.00 28.51 22.54
C THR A 139 54.83 27.04 22.88
N VAL A 140 53.94 26.78 23.83
CA VAL A 140 53.67 25.43 24.27
C VAL A 140 52.41 24.92 23.58
N TRP A 141 52.60 24.03 22.61
CA TRP A 141 51.49 23.38 21.98
C TRP A 141 51.11 22.17 22.81
N LEU A 142 49.90 22.17 23.36
CA LEU A 142 49.36 20.98 24.00
C LEU A 142 48.33 20.37 23.06
N ASP A 143 48.53 19.11 22.68
CA ASP A 143 47.58 18.40 21.81
C ASP A 143 47.06 17.17 22.50
N VAL A 144 45.76 17.18 22.75
CA VAL A 144 45.11 16.14 23.53
C VAL A 144 44.20 15.31 22.62
N TYR A 145 44.46 14.01 22.57
CA TYR A 145 43.75 13.14 21.66
C TYR A 145 42.98 12.09 22.44
N VAL A 146 41.67 12.08 22.28
CA VAL A 146 40.81 11.12 22.93
C VAL A 146 40.67 9.87 22.08
N LEU A 147 41.13 8.75 22.59
CA LEU A 147 41.19 7.53 21.80
C LEU A 147 40.04 6.55 22.06
N ASP A 148 39.48 6.61 23.27
CA ASP A 148 38.48 5.66 23.72
C ASP A 148 37.56 6.50 24.57
N TYR A 149 36.29 6.55 24.19
CA TYR A 149 35.29 7.32 24.94
C TYR A 149 34.63 6.44 26.01
N GLY A 150 35.07 6.60 27.25
CA GLY A 150 34.51 5.80 28.35
C GLY A 150 33.61 6.62 29.24
N GLY A 151 33.40 7.89 28.87
CA GLY A 151 32.62 8.84 29.67
C GLY A 151 33.55 9.70 30.50
N ASN A 152 33.06 10.86 30.90
CA ASN A 152 33.83 11.81 31.71
C ASN A 152 35.19 12.07 31.09
N VAL A 153 35.17 12.55 29.86
CA VAL A 153 36.38 12.81 29.11
C VAL A 153 37.17 14.00 29.69
N LEU A 154 36.44 15.02 30.15
CA LEU A 154 37.04 16.24 30.67
C LEU A 154 38.10 15.99 31.75
N ASP A 155 37.78 15.16 32.71
CA ASP A 155 38.69 14.88 33.81
C ASP A 155 39.95 14.21 33.32
N ALA A 156 39.78 13.27 32.39
CA ALA A 156 40.90 12.52 31.83
C ALA A 156 41.81 13.38 30.96
N CYS A 157 41.25 14.44 30.38
CA CYS A 157 42.03 15.41 29.61
C CYS A 157 42.87 16.27 30.52
N THR A 158 42.24 16.81 31.56
CA THR A 158 42.94 17.57 32.58
C THR A 158 44.13 16.77 33.06
N LEU A 159 43.91 15.50 33.33
CA LEU A 159 44.96 14.64 33.83
C LEU A 159 46.04 14.42 32.80
N ALA A 160 45.66 13.99 31.59
CA ALA A 160 46.63 13.77 30.52
C ALA A 160 47.47 15.03 30.23
N SER A 161 46.82 16.19 30.31
CA SER A 161 47.46 17.46 30.01
C SER A 161 48.51 17.75 31.06
N VAL A 162 48.08 17.81 32.32
CA VAL A 162 48.98 18.09 33.43
C VAL A 162 50.18 17.15 33.39
N ALA A 163 49.91 15.87 33.14
CA ALA A 163 50.95 14.84 33.03
C ALA A 163 51.92 15.09 31.86
N ALA A 164 51.37 15.43 30.70
CA ALA A 164 52.18 15.72 29.54
C ALA A 164 53.12 16.90 29.81
N LEU A 165 52.61 17.95 30.45
CA LEU A 165 53.39 19.16 30.77
C LEU A 165 54.53 18.87 31.73
N TYR A 166 54.23 18.05 32.74
CA TYR A 166 55.24 17.64 33.72
C TYR A 166 56.30 16.73 33.08
N ASN A 167 55.91 16.04 32.02
CA ASN A 167 56.83 15.24 31.27
C ASN A 167 57.66 16.06 30.28
N THR A 168 57.31 17.32 30.07
CA THR A 168 57.92 18.12 29.01
C THR A 168 59.37 18.49 29.30
N LYS A 169 60.20 18.29 28.28
CA LYS A 169 61.62 18.64 28.26
C LYS A 169 61.88 19.92 27.47
N VAL A 170 62.54 20.87 28.12
CA VAL A 170 62.98 22.10 27.47
C VAL A 170 64.37 21.87 26.87
N TYR A 171 64.66 22.53 25.76
CA TYR A 171 65.96 22.33 25.09
C TYR A 171 66.91 23.52 25.17
N LYS A 172 68.15 23.29 24.73
CA LYS A 172 69.18 24.33 24.67
C LYS A 172 68.82 25.32 23.58
N VAL A 173 69.14 26.58 23.83
CA VAL A 173 68.72 27.68 22.97
C VAL A 173 69.92 28.43 22.33
N GLU A 174 70.40 27.94 21.19
CA GLU A 174 71.63 28.45 20.55
C GLU A 174 71.44 29.83 19.89
N GLN A 175 72.07 30.85 20.47
CA GLN A 175 71.99 32.23 19.98
C GLN A 175 73.07 32.57 18.96
N ILE A 180 68.88 32.14 17.93
CA ILE A 180 68.76 31.84 16.52
C ILE A 180 68.18 30.43 16.27
N SER A 181 68.72 29.41 16.94
CA SER A 181 68.32 28.01 16.68
C SER A 181 68.07 27.20 17.95
N VAL A 182 67.19 26.19 17.84
CA VAL A 182 66.94 25.21 18.91
C VAL A 182 67.88 24.00 18.76
N ASN A 183 68.31 23.43 19.88
CA ASN A 183 69.10 22.19 19.84
C ASN A 183 68.43 21.04 20.58
N LYS A 184 67.87 20.12 19.83
CA LYS A 184 66.95 19.14 20.40
C LYS A 184 67.56 17.87 20.99
N ASN A 185 68.81 17.92 21.45
CA ASN A 185 69.37 16.82 22.22
C ASN A 185 70.30 17.21 23.36
N GLU A 186 70.44 18.51 23.59
CA GLU A 186 70.91 18.99 24.88
C GLU A 186 69.69 19.51 25.65
N VAL A 187 69.20 18.67 26.57
CA VAL A 187 68.05 18.98 27.41
C VAL A 187 68.43 19.96 28.51
N VAL A 188 67.83 21.15 28.51
CA VAL A 188 68.17 22.21 29.48
C VAL A 188 67.46 22.06 30.85
N GLY A 189 66.17 21.68 30.83
CA GLY A 189 65.40 21.53 32.07
C GLY A 189 63.95 21.12 31.85
N LYS A 190 63.08 21.57 32.74
CA LYS A 190 61.66 21.23 32.67
C LYS A 190 60.80 22.48 32.53
N LEU A 191 59.50 22.28 32.26
CA LEU A 191 58.56 23.39 32.16
C LEU A 191 58.36 24.14 33.49
N PRO A 192 58.19 25.48 33.42
CA PRO A 192 57.97 26.28 34.63
C PRO A 192 56.57 26.04 35.21
N LEU A 193 56.42 24.92 35.91
CA LEU A 193 55.14 24.53 36.50
C LEU A 193 55.09 24.79 38.00
N ASN A 194 54.09 25.57 38.42
CA ASN A 194 53.91 25.90 39.84
C ASN A 194 53.38 24.72 40.65
N TYR A 195 52.40 24.01 40.09
CA TYR A 195 51.78 22.86 40.73
C TYR A 195 50.83 22.15 39.75
N PRO A 196 50.48 20.87 40.02
CA PRO A 196 49.46 20.20 39.20
C PRO A 196 48.04 20.72 39.48
N VAL A 197 47.10 20.38 38.59
CA VAL A 197 45.71 20.79 38.73
C VAL A 197 44.85 19.59 38.37
N VAL A 198 43.76 19.39 39.11
CA VAL A 198 42.81 18.32 38.76
C VAL A 198 41.42 18.86 38.49
N THR A 199 40.70 18.24 37.56
CA THR A 199 39.31 18.57 37.35
C THR A 199 38.46 17.39 37.74
N ILE A 200 37.48 17.67 38.60
CA ILE A 200 36.57 16.65 39.09
C ILE A 200 35.16 16.95 38.60
N SER A 201 34.57 15.97 37.92
CA SER A 201 33.20 16.07 37.37
C SER A 201 32.20 15.28 38.22
N VAL A 202 31.14 15.97 38.62
CA VAL A 202 30.06 15.41 39.41
C VAL A 202 28.79 15.46 38.57
N ALA A 203 28.18 14.29 38.34
CA ALA A 203 26.96 14.20 37.54
C ALA A 203 25.74 14.07 38.44
N LYS A 204 24.74 14.89 38.15
CA LYS A 204 23.45 14.79 38.81
C LYS A 204 22.56 13.85 38.02
N VAL A 205 22.35 12.66 38.57
CA VAL A 205 21.40 11.71 37.99
C VAL A 205 20.24 11.60 38.96
N ASP A 206 19.03 11.86 38.44
CA ASP A 206 17.83 11.83 39.27
C ASP A 206 18.06 12.78 40.45
N LYS A 207 18.12 12.23 41.66
CA LYS A 207 18.32 13.05 42.85
C LYS A 207 19.71 12.83 43.43
N TYR A 208 20.47 11.93 42.81
CA TYR A 208 21.79 11.58 43.32
C TYR A 208 22.91 12.35 42.62
N LEU A 209 24.04 12.47 43.31
CA LEU A 209 25.25 13.05 42.71
C LEU A 209 26.30 11.97 42.62
N VAL A 210 27.02 11.95 41.51
CA VAL A 210 27.93 10.86 41.20
C VAL A 210 29.27 11.39 40.68
N VAL A 211 30.36 10.98 41.31
CA VAL A 211 31.71 11.42 40.91
C VAL A 211 32.25 10.55 39.78
N ASP A 212 32.81 11.19 38.75
CA ASP A 212 33.35 10.48 37.60
C ASP A 212 32.30 9.56 36.97
N PRO A 213 31.35 10.15 36.22
CA PRO A 213 30.32 9.33 35.57
C PRO A 213 30.89 8.51 34.42
N ASP A 214 30.51 7.25 34.30
CA ASP A 214 30.96 6.47 33.15
C ASP A 214 30.05 6.73 31.94
N LEU A 215 30.21 5.91 30.91
CA LEU A 215 29.47 6.11 29.65
C LEU A 215 27.95 6.05 29.81
N ASP A 216 27.48 4.97 30.45
CA ASP A 216 26.06 4.79 30.77
C ASP A 216 25.53 5.92 31.65
N GLU A 217 26.26 6.20 32.72
CA GLU A 217 25.90 7.23 33.67
C GLU A 217 25.78 8.60 33.02
N GLU A 218 26.67 8.88 32.09
CA GLU A 218 26.62 10.15 31.35
C GLU A 218 25.36 10.25 30.48
N SER A 219 25.03 9.16 29.79
CA SER A 219 23.89 9.15 28.88
C SER A 219 22.52 9.26 29.59
N ILE A 220 22.51 9.07 30.91
CA ILE A 220 21.26 9.16 31.69
C ILE A 220 21.19 10.36 32.64
N MET A 221 22.32 11.05 32.81
CA MET A 221 22.38 12.18 33.75
C MET A 221 21.55 13.35 33.26
N ASP A 222 21.09 14.18 34.19
CA ASP A 222 20.41 15.43 33.85
C ASP A 222 21.44 16.43 33.35
N ALA A 223 22.53 16.56 34.11
CA ALA A 223 23.60 17.49 33.82
C ALA A 223 24.82 17.08 34.64
N LYS A 224 25.99 17.55 34.25
CA LYS A 224 27.17 17.40 35.11
C LYS A 224 27.84 18.77 35.34
N ILE A 225 28.61 18.87 36.41
CA ILE A 225 29.33 20.10 36.75
C ILE A 225 30.78 19.75 37.12
N SER A 226 31.73 20.50 36.59
CA SER A 226 33.15 20.17 36.78
C SER A 226 33.90 21.25 37.55
N PHE A 227 34.72 20.83 38.50
CA PHE A 227 35.47 21.76 39.35
C PHE A 227 36.96 21.52 39.19
N SER A 228 37.69 22.59 38.94
CA SER A 228 39.14 22.54 38.83
C SER A 228 39.77 23.01 40.13
N TYR A 229 40.75 22.25 40.62
CA TYR A 229 41.36 22.56 41.90
C TYR A 229 42.87 22.60 41.81
N THR A 230 43.45 23.58 42.51
CA THR A 230 44.88 23.63 42.77
C THR A 230 45.13 22.81 44.03
N PRO A 231 46.40 22.39 44.27
CA PRO A 231 46.75 21.53 45.40
C PRO A 231 46.27 21.99 46.77
N ASP A 232 46.35 23.27 47.13
CA ASP A 232 45.69 23.63 48.39
C ASP A 232 44.27 24.19 48.19
N LEU A 233 43.57 23.57 47.24
CA LEU A 233 42.11 23.54 47.17
C LEU A 233 41.43 24.89 46.95
N LYS A 234 42.03 25.68 46.07
CA LYS A 234 41.39 26.85 45.56
C LYS A 234 40.68 26.43 44.29
N ILE A 235 39.40 26.78 44.16
CA ILE A 235 38.65 26.50 42.94
C ILE A 235 39.22 27.36 41.82
N VAL A 236 39.47 26.73 40.68
CA VAL A 236 40.23 27.37 39.63
C VAL A 236 39.57 27.22 38.24
N GLY A 237 38.34 26.70 38.24
CA GLY A 237 37.51 26.58 37.03
C GLY A 237 36.26 25.78 37.33
N ILE A 238 35.12 26.25 36.81
CA ILE A 238 33.84 25.53 36.94
C ILE A 238 33.10 25.50 35.61
N GLN A 239 32.57 24.33 35.25
CA GLN A 239 31.78 24.20 34.03
C GLN A 239 30.56 23.29 34.20
N LYS A 240 29.36 23.88 34.15
CA LYS A 240 28.13 23.11 34.04
C LYS A 240 27.94 22.62 32.60
N SER A 241 27.41 21.41 32.46
CA SER A 241 27.39 20.71 31.19
C SER A 241 26.14 19.83 31.11
N GLY A 242 25.50 19.78 29.96
CA GLY A 242 24.35 18.88 29.79
C GLY A 242 23.08 19.64 29.52
N LYS A 243 22.12 18.95 28.92
CA LYS A 243 20.86 19.54 28.47
C LYS A 243 19.87 19.86 29.60
N GLY A 244 20.14 19.32 30.79
CA GLY A 244 19.25 19.50 31.95
C GLY A 244 19.74 20.52 32.93
N SER A 245 18.99 20.72 34.02
CA SER A 245 19.34 21.71 35.02
C SER A 245 19.72 21.08 36.38
N MET A 246 19.98 21.93 37.36
CA MET A 246 20.53 21.51 38.64
C MET A 246 20.17 22.54 39.69
N SER A 247 19.75 22.09 40.88
CA SER A 247 19.30 23.01 41.92
C SER A 247 20.48 23.72 42.57
N LEU A 248 20.17 24.72 43.40
CA LEU A 248 21.18 25.50 44.09
C LEU A 248 21.98 24.62 45.06
N GLN A 249 21.26 23.85 45.89
CA GLN A 249 21.87 22.96 46.87
C GLN A 249 22.59 21.80 46.23
N ASP A 250 22.09 21.39 45.06
CA ASP A 250 22.79 20.40 44.24
C ASP A 250 24.23 20.84 44.02
N ILE A 251 24.39 22.06 43.53
CA ILE A 251 25.70 22.62 43.21
C ILE A 251 26.57 22.73 44.46
N ASP A 252 25.96 23.20 45.54
CA ASP A 252 26.66 23.33 46.81
C ASP A 252 27.33 22.01 47.20
N GLN A 253 26.53 20.93 47.28
CA GLN A 253 27.03 19.60 47.63
C GLN A 253 28.01 19.09 46.59
N ALA A 254 27.71 19.39 45.33
CA ALA A 254 28.54 18.96 44.21
C ALA A 254 29.97 19.41 44.47
N GLU A 255 30.14 20.68 44.78
CA GLU A 255 31.47 21.22 45.01
C GLU A 255 32.08 20.61 46.27
N ASN A 256 31.28 20.43 47.31
CA ASN A 256 31.74 19.77 48.53
C ASN A 256 32.37 18.43 48.25
N THR A 257 31.62 17.62 47.51
CA THR A 257 32.07 16.30 47.11
C THR A 257 33.29 16.42 46.21
N ALA A 258 33.16 17.22 45.16
CA ALA A 258 34.24 17.42 44.20
C ALA A 258 35.56 17.68 44.90
N ARG A 259 35.50 18.48 45.96
CA ARG A 259 36.69 18.92 46.65
C ARG A 259 37.33 17.84 47.50
N SER A 260 36.55 17.16 48.33
CA SER A 260 37.12 16.11 49.18
C SER A 260 37.50 14.86 48.36
N THR A 261 37.18 14.90 47.06
CA THR A 261 37.65 13.90 46.10
C THR A 261 38.95 14.39 45.51
N ALA A 262 38.98 15.67 45.19
CA ALA A 262 40.16 16.30 44.60
C ALA A 262 41.45 15.93 45.32
N VAL A 263 41.40 15.95 46.65
CA VAL A 263 42.55 15.61 47.49
C VAL A 263 43.10 14.22 47.13
N LYS A 264 42.22 13.23 47.15
CA LYS A 264 42.55 11.84 46.84
C LYS A 264 43.11 11.68 45.43
N LEU A 265 42.46 12.33 44.46
CA LEU A 265 42.92 12.27 43.07
C LEU A 265 44.29 12.93 42.90
N LEU A 266 44.48 14.10 43.53
CA LEU A 266 45.75 14.80 43.46
C LEU A 266 46.92 13.98 43.99
N GLU A 267 46.68 13.28 45.11
CA GLU A 267 47.68 12.38 45.72
C GLU A 267 48.05 11.24 44.78
N GLU A 268 47.08 10.78 44.00
CA GLU A 268 47.29 9.67 43.10
C GLU A 268 47.99 10.15 41.82
N LEU A 269 47.63 11.36 41.36
CA LEU A 269 48.27 11.96 40.19
C LEU A 269 49.75 12.19 40.45
N LYS A 270 50.05 12.65 41.66
CA LYS A 270 51.41 12.93 42.03
C LYS A 270 52.26 11.68 42.07
N LYS A 271 51.66 10.57 42.53
CA LYS A 271 52.33 9.28 42.54
C LYS A 271 52.78 8.86 41.15
N HIS A 272 51.93 9.10 40.15
CA HIS A 272 52.26 8.80 38.76
C HIS A 272 53.35 9.71 38.23
N LEU A 273 53.38 10.96 38.72
CA LEU A 273 54.36 11.93 38.26
C LEU A 273 55.65 11.88 39.04
N GLY A 274 55.60 11.29 40.23
CA GLY A 274 56.76 11.20 41.11
C GLY A 274 56.92 12.39 42.04
N ILE A 275 56.28 12.33 43.21
CA ILE A 275 56.20 13.47 44.19
C ILE A 275 55.61 14.75 43.51
N GLU B 8 51.03 49.31 34.29
CA GLU B 8 50.29 49.40 35.57
C GLU B 8 48.92 48.70 35.48
N ARG B 9 48.70 47.72 36.37
CA ARG B 9 47.39 47.10 36.57
C ARG B 9 46.49 48.11 37.25
N PRO B 10 45.37 48.50 36.60
CA PRO B 10 44.43 49.48 37.18
C PRO B 10 43.86 49.07 38.55
N LYS B 11 43.55 50.06 39.38
CA LYS B 11 42.91 49.86 40.67
C LYS B 11 41.39 49.77 40.48
N LEU B 12 40.78 48.69 40.99
CA LEU B 12 39.33 48.44 40.83
C LEU B 12 38.47 49.02 41.98
N ILE B 13 38.78 48.62 43.21
CA ILE B 13 38.13 49.18 44.40
C ILE B 13 38.89 50.41 44.84
N LEU B 14 38.19 51.54 44.83
CA LEU B 14 38.82 52.80 45.19
C LEU B 14 38.70 53.07 46.70
N ASP B 15 39.00 54.31 47.10
CA ASP B 15 39.24 54.64 48.51
C ASP B 15 38.00 54.86 49.41
N ASP B 16 36.82 54.64 48.83
CA ASP B 16 35.67 54.19 49.60
C ASP B 16 34.85 53.11 48.85
N GLY B 17 35.57 52.09 48.36
CA GLY B 17 34.96 50.84 47.93
C GLY B 17 34.01 50.84 46.74
N LYS B 18 33.69 52.01 46.18
CA LYS B 18 33.01 52.05 44.88
C LYS B 18 33.94 51.58 43.75
N ARG B 19 33.33 51.04 42.70
CA ARG B 19 34.06 50.48 41.60
C ARG B 19 34.44 51.54 40.56
N THR B 20 34.99 51.07 39.43
CA THR B 20 35.46 51.97 38.36
C THR B 20 34.35 52.79 37.71
N ASP B 21 33.16 52.19 37.58
CA ASP B 21 31.99 52.91 37.07
C ASP B 21 31.16 53.62 38.18
N GLY B 22 31.70 53.62 39.40
CA GLY B 22 31.04 54.27 40.53
C GLY B 22 29.96 53.45 41.21
N ARG B 23 29.87 52.16 40.89
CA ARG B 23 28.91 51.25 41.52
C ARG B 23 29.48 50.63 42.80
N LYS B 24 28.61 50.40 43.78
CA LYS B 24 28.98 49.65 44.97
C LYS B 24 29.07 48.17 44.59
N PRO B 25 29.79 47.37 45.40
CA PRO B 25 29.97 45.95 45.06
C PRO B 25 28.66 45.20 44.75
N ASP B 26 27.53 45.70 45.26
CA ASP B 26 26.24 45.00 45.14
C ASP B 26 25.21 45.74 44.27
N GLU B 27 25.68 46.48 43.26
CA GLU B 27 24.76 47.23 42.39
C GLU B 27 24.73 46.74 40.96
N LEU B 28 23.53 46.55 40.42
CA LEU B 28 23.36 46.14 39.04
C LEU B 28 23.54 47.31 38.09
N ARG B 29 23.98 47.03 36.87
CA ARG B 29 24.02 48.05 35.82
C ARG B 29 22.61 48.32 35.29
N SER B 30 22.47 49.42 34.55
CA SER B 30 21.16 49.80 34.01
C SER B 30 20.64 48.75 33.03
N ILE B 31 19.42 48.28 33.30
CA ILE B 31 18.79 47.27 32.48
C ILE B 31 17.71 47.90 31.61
N LYS B 32 17.62 47.47 30.37
CA LYS B 32 16.58 47.91 29.48
C LYS B 32 16.17 46.72 28.60
N ILE B 33 14.88 46.41 28.62
CA ILE B 33 14.34 45.27 27.86
C ILE B 33 13.19 45.71 26.98
N GLU B 34 13.14 45.19 25.75
CA GLU B 34 11.93 45.29 24.94
C GLU B 34 11.69 44.11 23.99
N LEU B 35 10.43 43.70 23.90
CA LEU B 35 10.01 42.51 23.17
C LEU B 35 9.39 42.86 21.82
N GLY B 36 9.23 41.84 20.99
CA GLY B 36 8.54 41.96 19.69
C GLY B 36 9.02 43.10 18.81
N VAL B 37 10.34 43.26 18.73
CA VAL B 37 10.92 44.40 18.04
C VAL B 37 11.15 44.11 16.54
N LEU B 38 11.18 42.82 16.19
CA LEU B 38 11.36 42.40 14.80
C LEU B 38 10.06 41.89 14.22
N LYS B 39 9.71 42.40 13.04
CA LYS B 39 8.50 42.00 12.34
C LYS B 39 8.50 40.55 11.88
N ASN B 40 9.60 40.12 11.27
CA ASN B 40 9.66 38.82 10.58
C ASN B 40 9.94 37.60 11.44
N ALA B 41 10.54 37.83 12.61
CA ALA B 41 10.77 36.75 13.58
C ALA B 41 9.46 36.32 14.20
N ASP B 42 9.41 35.10 14.72
CA ASP B 42 8.24 34.66 15.46
C ASP B 42 8.24 35.24 16.87
N GLY B 43 9.43 35.55 17.38
CA GLY B 43 9.58 36.22 18.65
C GLY B 43 10.90 36.95 18.68
N SER B 44 10.92 38.13 19.27
CA SER B 44 12.14 38.92 19.32
C SER B 44 12.29 39.67 20.63
N ALA B 45 13.53 40.00 20.97
CA ALA B 45 13.83 40.78 22.18
C ALA B 45 15.18 41.48 22.10
N ILE B 46 15.23 42.71 22.60
CA ILE B 46 16.48 43.43 22.82
C ILE B 46 16.70 43.55 24.32
N PHE B 47 17.89 43.15 24.77
CA PHE B 47 18.25 43.21 26.18
C PHE B 47 19.52 44.03 26.34
N GLU B 48 19.52 44.94 27.31
CA GLU B 48 20.71 45.76 27.61
C GLU B 48 21.03 45.75 29.10
N MET B 49 22.24 45.31 29.44
CA MET B 49 22.77 45.50 30.78
C MET B 49 23.96 46.41 30.65
N GLY B 50 23.89 47.59 31.26
CA GLY B 50 24.92 48.60 31.10
C GLY B 50 25.15 48.81 29.62
N ASN B 51 26.36 48.48 29.16
CA ASN B 51 26.73 48.66 27.76
C ASN B 51 26.73 47.38 26.91
N THR B 52 26.43 46.25 27.54
CA THR B 52 26.22 45.03 26.80
C THR B 52 24.79 45.02 26.29
N LYS B 53 24.64 45.04 24.97
CA LYS B 53 23.34 44.94 24.33
C LYS B 53 23.36 43.77 23.37
N ALA B 54 22.28 42.99 23.41
CA ALA B 54 22.10 41.85 22.54
C ALA B 54 20.71 41.90 21.94
N ILE B 55 20.58 41.34 20.74
CA ILE B 55 19.28 41.15 20.13
C ILE B 55 19.10 39.68 19.75
N ALA B 56 17.93 39.15 20.11
CA ALA B 56 17.62 37.77 19.82
C ALA B 56 16.33 37.65 19.00
N ALA B 57 16.37 36.79 17.99
CA ALA B 57 15.20 36.47 17.19
C ALA B 57 14.95 34.97 17.26
N VAL B 58 13.68 34.60 17.34
CA VAL B 58 13.27 33.20 17.38
C VAL B 58 12.42 32.85 16.16
N TYR B 59 12.68 31.67 15.59
CA TYR B 59 11.87 31.14 14.49
C TYR B 59 11.15 29.87 14.91
N GLY B 60 9.86 30.07 15.23
CA GLY B 60 8.99 29.12 15.93
C GLY B 60 8.97 27.70 15.40
N PRO B 61 8.41 26.76 16.17
CA PRO B 61 8.57 25.34 15.86
C PRO B 61 8.17 25.03 14.40
N LYS B 62 9.15 24.58 13.62
CA LYS B 62 8.95 24.23 12.20
C LYS B 62 9.71 22.94 11.92
N GLU B 63 9.28 22.19 10.90
CA GLU B 63 9.95 20.93 10.52
C GLU B 63 11.40 21.14 10.04
N MET B 64 12.16 20.05 9.92
CA MET B 64 13.56 20.15 9.53
C MET B 64 13.83 19.86 8.07
N HIS B 65 14.55 20.79 7.43
CA HIS B 65 14.96 20.69 6.01
C HIS B 65 15.80 19.42 5.72
N PRO B 66 16.82 19.13 6.56
CA PRO B 66 17.48 17.81 6.50
C PRO B 66 16.74 16.80 7.37
N ARG B 67 16.00 15.89 6.72
CA ARG B 67 15.06 15.02 7.40
C ARG B 67 15.66 14.21 8.55
N HIS B 68 16.74 13.48 8.26
CA HIS B 68 17.38 12.57 9.23
C HIS B 68 17.99 13.25 10.47
N LEU B 69 18.22 14.56 10.38
CA LEU B 69 18.82 15.32 11.48
C LEU B 69 17.83 15.72 12.58
N SER B 70 16.54 15.55 12.31
CA SER B 70 15.48 15.88 13.27
C SER B 70 15.47 14.91 14.45
N LEU B 71 14.61 15.17 15.43
CA LEU B 71 14.47 14.26 16.56
C LEU B 71 13.04 13.74 16.68
N PRO B 72 12.90 12.41 16.95
CA PRO B 72 11.64 11.66 16.92
C PRO B 72 10.57 12.08 17.93
N ASP B 73 10.96 12.77 18.99
CA ASP B 73 10.05 13.11 20.08
C ASP B 73 10.32 14.51 20.58
N ARG B 74 11.35 15.14 20.00
CA ARG B 74 11.84 16.40 20.50
C ARG B 74 11.97 17.42 19.39
N ALA B 75 11.94 18.68 19.80
CA ALA B 75 12.39 19.76 18.96
C ALA B 75 13.90 19.79 19.03
N VAL B 76 14.52 20.13 17.92
CA VAL B 76 15.95 20.36 17.87
C VAL B 76 16.19 21.84 18.02
N LEU B 77 16.92 22.21 19.06
CA LEU B 77 17.29 23.61 19.28
C LEU B 77 18.48 23.98 18.41
N ARG B 78 18.35 25.08 17.67
CA ARG B 78 19.44 25.63 16.89
C ARG B 78 19.73 27.01 17.41
N VAL B 79 20.86 27.15 18.07
CA VAL B 79 21.22 28.38 18.76
C VAL B 79 22.52 28.96 18.16
N ARG B 80 22.60 30.28 18.08
CA ARG B 80 23.79 30.94 17.56
C ARG B 80 24.09 32.21 18.34
N TYR B 81 25.23 32.22 19.02
CA TYR B 81 25.77 33.41 19.67
C TYR B 81 26.79 34.02 18.73
N HIS B 82 26.61 35.30 18.41
CA HIS B 82 27.51 35.96 17.47
C HIS B 82 27.74 37.42 17.82
N MET B 83 28.99 37.85 17.71
CA MET B 83 29.37 39.23 17.99
C MET B 83 29.59 40.01 16.72
N THR B 84 28.82 41.08 16.55
CA THR B 84 28.94 41.92 15.38
C THR B 84 30.34 42.53 15.40
N PRO B 85 30.94 42.77 14.22
CA PRO B 85 32.27 43.34 14.16
C PRO B 85 32.45 44.69 14.88
N PHE B 86 31.37 45.41 15.15
CA PHE B 86 31.47 46.71 15.78
C PHE B 86 30.90 46.71 17.19
N SER B 87 30.99 45.57 17.86
CA SER B 87 30.48 45.44 19.21
C SER B 87 31.57 45.72 20.24
N THR B 88 32.81 45.74 19.78
CA THR B 88 33.96 45.85 20.66
C THR B 88 34.84 47.02 20.28
N ASP B 89 35.86 47.29 21.09
CA ASP B 89 36.69 48.46 20.90
C ASP B 89 37.54 48.38 19.65
N GLU B 90 37.85 47.15 19.24
CA GLU B 90 38.58 46.90 18.00
C GLU B 90 37.85 45.85 17.21
N ARG B 91 37.72 46.07 15.91
CA ARG B 91 36.84 45.27 15.08
C ARG B 91 36.97 43.77 15.29
N LYS B 92 35.98 43.16 15.95
CA LYS B 92 35.89 41.70 16.09
C LYS B 92 35.68 41.10 14.70
N ASN B 93 36.40 40.02 14.42
CA ASN B 93 36.20 39.35 13.15
C ASN B 93 34.85 38.64 13.10
N PRO B 94 34.08 38.84 12.01
CA PRO B 94 32.75 38.25 11.86
C PRO B 94 32.74 36.72 11.89
N ALA B 95 33.69 36.09 11.19
CA ALA B 95 33.80 34.62 11.18
C ALA B 95 33.99 34.08 12.61
N PRO B 96 33.15 33.08 13.02
CA PRO B 96 33.00 32.68 14.42
C PRO B 96 34.29 32.19 15.08
N SER B 97 34.57 32.69 16.30
CA SER B 97 35.77 32.29 17.04
C SER B 97 35.50 31.06 17.89
N ARG B 98 36.56 30.46 18.44
CA ARG B 98 36.40 29.33 19.38
C ARG B 98 35.54 29.74 20.57
N ARG B 99 35.81 30.94 21.08
CA ARG B 99 35.03 31.54 22.16
C ARG B 99 33.55 31.57 21.80
N GLU B 100 33.24 32.04 20.59
CA GLU B 100 31.85 32.15 20.09
C GLU B 100 31.17 30.78 19.97
N ILE B 101 31.94 29.76 19.61
CA ILE B 101 31.44 28.40 19.45
C ILE B 101 31.06 27.80 20.79
N GLU B 102 31.98 27.86 21.75
CA GLU B 102 31.73 27.33 23.10
C GLU B 102 30.51 27.98 23.69
N LEU B 103 30.44 29.30 23.61
CA LEU B 103 29.33 30.06 24.12
C LEU B 103 27.99 29.65 23.52
N SER B 104 27.95 29.46 22.21
CA SER B 104 26.74 28.97 21.56
C SER B 104 26.24 27.66 22.15
N LYS B 105 27.16 26.74 22.45
CA LYS B 105 26.81 25.46 23.06
C LYS B 105 26.33 25.66 24.48
N VAL B 106 27.10 26.43 25.25
CA VAL B 106 26.78 26.68 26.64
C VAL B 106 25.39 27.29 26.76
N ILE B 107 25.07 28.21 25.84
CA ILE B 107 23.75 28.85 25.78
C ILE B 107 22.66 27.87 25.34
N ARG B 108 22.91 27.11 24.27
CA ARG B 108 21.93 26.15 23.79
C ARG B 108 21.52 25.19 24.90
N GLU B 109 22.50 24.54 25.52
CA GLU B 109 22.27 23.69 26.68
C GLU B 109 21.46 24.37 27.79
N ALA B 110 21.83 25.60 28.09
CA ALA B 110 21.07 26.38 29.05
C ALA B 110 19.60 26.40 28.68
N LEU B 111 19.28 26.75 27.43
CA LEU B 111 17.90 26.87 26.98
C LEU B 111 17.19 25.54 26.92
N GLU B 112 17.92 24.47 26.63
CA GLU B 112 17.32 23.13 26.51
C GLU B 112 16.71 22.66 27.81
N SER B 113 17.19 23.22 28.91
CA SER B 113 16.65 22.87 30.21
C SER B 113 15.38 23.64 30.55
N ALA B 114 15.13 24.72 29.83
CA ALA B 114 13.94 25.54 30.05
C ALA B 114 12.80 25.24 29.08
N VAL B 115 13.13 25.22 27.79
CA VAL B 115 12.16 24.96 26.73
C VAL B 115 11.62 23.53 26.77
N LEU B 116 10.30 23.42 26.56
CA LEU B 116 9.62 22.12 26.53
C LEU B 116 9.67 21.53 25.13
N VAL B 117 10.87 21.10 24.75
CA VAL B 117 11.16 20.57 23.41
C VAL B 117 10.38 19.32 23.01
N GLU B 118 9.87 18.59 24.00
CA GLU B 118 9.10 17.36 23.75
C GLU B 118 7.79 17.65 23.05
N LEU B 119 7.25 18.86 23.28
CA LEU B 119 5.96 19.24 22.74
C LEU B 119 5.96 19.30 21.21
N PHE B 120 7.15 19.47 20.63
CA PHE B 120 7.26 19.68 19.18
C PHE B 120 8.24 18.70 18.50
N PRO B 121 7.82 17.44 18.30
CA PRO B 121 8.69 16.46 17.65
C PRO B 121 8.91 16.81 16.20
N ARG B 122 10.03 16.37 15.64
CA ARG B 122 10.37 16.61 14.23
C ARG B 122 10.64 18.07 13.86
N THR B 123 10.51 18.95 14.85
CA THR B 123 10.58 20.37 14.59
C THR B 123 11.90 20.96 15.06
N ALA B 124 12.31 22.04 14.40
CA ALA B 124 13.47 22.80 14.77
C ALA B 124 13.01 24.16 15.28
N ILE B 125 13.61 24.60 16.39
CA ILE B 125 13.39 25.95 16.90
C ILE B 125 14.69 26.73 16.79
N ASP B 126 14.67 27.77 15.98
CA ASP B 126 15.85 28.58 15.72
C ASP B 126 15.93 29.73 16.66
N VAL B 127 17.07 29.88 17.32
CA VAL B 127 17.32 31.00 18.22
C VAL B 127 18.57 31.70 17.74
N PHE B 128 18.43 32.92 17.25
CA PHE B 128 19.56 33.68 16.74
C PHE B 128 19.83 34.90 17.59
N THR B 129 21.11 35.07 17.93
CA THR B 129 21.55 36.07 18.90
C THR B 129 22.68 36.92 18.35
N GLU B 130 22.59 38.23 18.56
CA GLU B 130 23.64 39.12 18.08
C GLU B 130 24.03 40.11 19.15
N ILE B 131 25.30 40.14 19.51
CA ILE B 131 25.82 41.14 20.43
C ILE B 131 26.18 42.42 19.63
N LEU B 132 25.55 43.52 20.01
CA LEU B 132 25.71 44.80 19.34
C LEU B 132 26.74 45.69 20.03
N GLN B 133 26.87 45.50 21.34
CA GLN B 133 27.97 46.07 22.12
C GLN B 133 28.35 45.07 23.18
N ALA B 134 29.63 44.75 23.27
CA ALA B 134 30.11 43.84 24.31
C ALA B 134 30.71 44.67 25.44
N ASP B 135 30.30 44.36 26.66
CA ASP B 135 30.84 45.00 27.87
C ASP B 135 30.85 44.00 29.04
N ALA B 136 31.27 42.76 28.74
CA ALA B 136 31.26 41.63 29.69
C ALA B 136 29.87 41.13 30.06
N GLY B 137 29.75 39.82 30.28
CA GLY B 137 28.48 39.16 30.47
C GLY B 137 27.63 39.21 29.21
N SER B 138 28.30 39.18 28.05
CA SER B 138 27.63 39.24 26.74
C SER B 138 26.80 37.99 26.57
N ARG B 139 27.33 36.89 27.10
CA ARG B 139 26.69 35.59 26.99
C ARG B 139 25.39 35.51 27.78
N LEU B 140 25.29 36.29 28.85
CA LEU B 140 24.12 36.25 29.72
C LEU B 140 23.03 37.14 29.17
N VAL B 141 23.44 38.31 28.67
CA VAL B 141 22.52 39.23 28.03
C VAL B 141 21.92 38.52 26.83
N SER B 142 22.77 37.83 26.07
CA SER B 142 22.38 36.99 24.94
C SER B 142 21.33 35.92 25.32
N LEU B 143 21.63 35.17 26.38
CA LEU B 143 20.76 34.10 26.86
C LEU B 143 19.40 34.61 27.31
N MET B 144 19.40 35.70 28.05
CA MET B 144 18.15 36.28 28.53
C MET B 144 17.32 36.84 27.39
N ALA B 145 17.98 37.55 26.47
CA ALA B 145 17.33 38.02 25.24
C ALA B 145 16.63 36.84 24.57
N ALA B 146 17.37 35.75 24.42
CA ALA B 146 16.83 34.54 23.83
C ALA B 146 15.61 34.03 24.60
N SER B 147 15.76 33.90 25.91
CA SER B 147 14.70 33.39 26.77
C SER B 147 13.41 34.20 26.57
N LEU B 148 13.57 35.52 26.51
CA LEU B 148 12.43 36.39 26.30
C LEU B 148 11.90 36.35 24.88
N ALA B 149 12.80 36.21 23.90
CA ALA B 149 12.38 36.10 22.52
C ALA B 149 11.58 34.82 22.30
N LEU B 150 11.97 33.77 23.01
CA LEU B 150 11.24 32.51 23.02
C LEU B 150 9.88 32.70 23.63
N ALA B 151 9.83 33.37 24.76
CA ALA B 151 8.57 33.64 25.43
C ALA B 151 7.69 34.50 24.52
N ASP B 152 8.30 35.49 23.85
CA ASP B 152 7.58 36.35 22.92
C ASP B 152 7.00 35.52 21.80
N ALA B 153 7.75 34.50 21.39
CA ALA B 153 7.32 33.60 20.32
C ALA B 153 6.17 32.71 20.75
N GLY B 154 5.86 32.75 22.05
CA GLY B 154 4.75 31.98 22.61
C GLY B 154 5.11 30.53 22.85
N ILE B 155 6.40 30.24 22.76
CA ILE B 155 6.92 28.90 23.00
C ILE B 155 6.94 28.65 24.50
N PRO B 156 6.35 27.52 24.93
CA PRO B 156 6.22 27.29 26.36
C PRO B 156 7.51 26.77 26.96
N MET B 157 7.93 27.39 28.06
CA MET B 157 9.12 26.97 28.80
C MET B 157 8.75 26.73 30.25
N ARG B 158 9.64 26.07 31.00
CA ARG B 158 9.43 25.84 32.44
C ARG B 158 9.42 27.14 33.24
N ASP B 159 10.30 28.06 32.83
CA ASP B 159 10.51 29.33 33.47
C ASP B 159 11.30 30.26 32.54
N LEU B 160 11.28 31.56 32.83
CA LEU B 160 12.18 32.48 32.19
C LEU B 160 13.58 32.24 32.74
N ILE B 161 14.60 32.60 31.95
CA ILE B 161 15.99 32.49 32.39
C ILE B 161 16.55 33.88 32.70
N ALA B 162 17.14 34.03 33.89
CA ALA B 162 17.78 35.28 34.28
C ALA B 162 19.21 34.99 34.74
N GLY B 163 20.13 35.90 34.45
CA GLY B 163 21.53 35.69 34.84
C GLY B 163 22.39 36.93 35.09
N VAL B 164 23.39 36.78 35.95
CA VAL B 164 24.42 37.80 36.18
C VAL B 164 25.79 37.18 36.17
N ALA B 165 26.78 37.99 35.78
CA ALA B 165 28.19 37.69 36.03
C ALA B 165 28.51 38.22 37.43
N VAL B 166 29.05 37.35 38.28
CA VAL B 166 29.49 37.79 39.58
C VAL B 166 31.00 37.50 39.64
N GLY B 167 31.76 38.29 40.40
CA GLY B 167 33.21 38.12 40.38
C GLY B 167 33.93 38.63 41.62
N LYS B 168 35.25 38.52 41.59
CA LYS B 168 36.13 39.01 42.65
C LYS B 168 37.06 40.08 42.09
N ALA B 169 37.00 41.29 42.64
CA ALA B 169 37.74 42.42 42.08
C ALA B 169 39.12 42.60 42.71
N ASP B 170 39.23 43.47 43.71
CA ASP B 170 40.47 43.61 44.45
C ASP B 170 40.29 42.84 45.75
N GLY B 171 39.99 41.55 45.62
CA GLY B 171 39.68 40.69 46.74
C GLY B 171 38.28 40.96 47.27
N VAL B 172 37.56 41.84 46.59
CA VAL B 172 36.19 42.17 46.94
C VAL B 172 35.25 41.48 45.98
N ILE B 173 34.26 40.79 46.52
CA ILE B 173 33.27 40.13 45.68
C ILE B 173 32.29 41.18 45.16
N ILE B 174 32.10 41.18 43.84
CA ILE B 174 31.29 42.20 43.17
C ILE B 174 30.24 41.62 42.22
N LEU B 175 29.16 42.36 42.03
CA LEU B 175 28.03 41.90 41.23
C LEU B 175 27.97 42.62 39.89
N ASP B 176 27.73 41.86 38.82
CA ASP B 176 27.59 42.38 37.46
C ASP B 176 28.85 43.09 36.95
N LEU B 177 29.67 42.37 36.19
CA LEU B 177 31.03 42.84 35.86
C LEU B 177 31.12 43.80 34.68
N ASN B 178 32.09 44.71 34.77
CA ASN B 178 32.49 45.59 33.69
C ASN B 178 33.33 44.89 32.65
N GLU B 179 33.52 45.54 31.51
CA GLU B 179 34.56 45.16 30.59
C GLU B 179 35.88 45.13 31.36
N THR B 180 36.13 46.21 32.10
CA THR B 180 37.32 46.38 32.91
C THR B 180 37.45 45.35 34.01
N GLU B 181 36.36 45.11 34.73
CA GLU B 181 36.37 44.19 35.85
C GLU B 181 36.60 42.74 35.42
N ASP B 182 36.13 42.39 34.21
CA ASP B 182 36.30 41.04 33.62
C ASP B 182 37.78 40.81 33.34
N MET B 183 38.38 41.85 32.79
CA MET B 183 39.78 41.92 32.45
C MET B 183 40.69 41.65 33.66
N TRP B 184 40.63 42.55 34.64
CA TRP B 184 41.65 42.65 35.67
C TRP B 184 41.34 41.94 36.98
N GLY B 185 40.08 41.55 37.19
CA GLY B 185 39.67 40.90 38.43
C GLY B 185 40.14 39.46 38.49
N GLU B 186 40.28 38.94 39.72
CA GLU B 186 40.73 37.56 39.93
C GLU B 186 39.77 36.51 39.37
N ALA B 187 38.48 36.85 39.29
CA ALA B 187 37.45 35.88 38.95
C ALA B 187 36.28 36.48 38.18
N ASP B 188 35.77 35.71 37.24
CA ASP B 188 34.59 36.05 36.45
C ASP B 188 33.72 34.79 36.43
N MET B 189 32.54 34.89 37.01
CA MET B 189 31.65 33.75 37.16
C MET B 189 30.22 34.05 36.71
N PRO B 190 29.93 33.86 35.41
CA PRO B 190 28.57 33.84 34.90
C PRO B 190 27.67 32.71 35.48
N ILE B 191 26.47 33.10 35.92
CA ILE B 191 25.45 32.21 36.48
C ILE B 191 24.04 32.56 35.98
N ALA B 192 23.34 31.55 35.47
CA ALA B 192 21.97 31.73 34.98
C ALA B 192 20.98 30.77 35.65
N MET B 193 19.77 31.27 35.90
CA MET B 193 18.76 30.52 36.66
C MET B 193 17.37 30.49 36.03
N MET B 194 16.61 29.45 36.37
CA MET B 194 15.16 29.50 36.31
C MET B 194 14.76 29.80 37.75
N PRO B 195 14.63 31.11 38.09
CA PRO B 195 14.61 31.58 39.46
C PRO B 195 13.46 31.01 40.28
N SER B 196 12.30 30.85 39.63
CA SER B 196 11.09 30.34 40.29
C SER B 196 11.29 28.90 40.72
N LEU B 197 12.05 28.15 39.92
CA LEU B 197 12.30 26.75 40.20
C LEU B 197 13.60 26.56 40.99
N ASN B 198 14.32 27.66 41.22
CA ASN B 198 15.66 27.64 41.84
C ASN B 198 16.64 26.68 41.15
N GLN B 199 16.68 26.79 39.82
CA GLN B 199 17.42 25.87 38.98
C GLN B 199 18.49 26.59 38.22
N VAL B 200 19.73 26.11 38.33
CA VAL B 200 20.87 26.65 37.60
C VAL B 200 20.95 26.08 36.18
N THR B 201 21.05 26.98 35.22
CA THR B 201 20.89 26.69 33.83
C THR B 201 22.23 26.77 33.11
N LEU B 202 23.01 27.80 33.48
CA LEU B 202 24.36 28.00 32.98
C LEU B 202 25.21 28.32 34.18
N PHE B 203 26.39 27.73 34.23
CA PHE B 203 27.30 28.01 35.34
C PHE B 203 28.76 27.87 34.91
N GLN B 204 29.51 28.97 34.99
CA GLN B 204 30.91 28.97 34.62
C GLN B 204 31.74 29.84 35.54
N LEU B 205 32.96 29.39 35.82
CA LEU B 205 33.94 30.24 36.45
C LEU B 205 35.26 30.18 35.70
N ASN B 206 35.79 31.34 35.38
CA ASN B 206 37.18 31.45 34.95
C ASN B 206 37.93 32.40 35.85
N GLY B 207 39.03 31.91 36.40
CA GLY B 207 39.77 32.67 37.39
C GLY B 207 39.93 31.82 38.64
N SER B 208 40.03 32.48 39.78
CA SER B 208 40.43 31.80 40.99
C SER B 208 39.57 32.24 42.17
N MET B 209 39.16 31.27 42.99
CA MET B 209 38.33 31.52 44.17
C MET B 209 38.48 30.47 45.26
N THR B 210 38.50 30.89 46.52
CA THR B 210 38.44 29.94 47.63
C THR B 210 37.00 29.47 47.74
N PRO B 211 36.80 28.20 48.17
CA PRO B 211 35.45 27.67 48.31
C PRO B 211 34.50 28.66 48.99
N ASP B 212 35.00 29.42 49.97
CA ASP B 212 34.18 30.40 50.70
C ASP B 212 33.73 31.52 49.77
N GLU B 213 34.69 32.17 49.13
CA GLU B 213 34.44 33.25 48.18
C GLU B 213 33.47 32.79 47.11
N PHE B 214 33.66 31.55 46.66
CA PHE B 214 32.78 30.91 45.71
C PHE B 214 31.35 30.94 46.21
N ARG B 215 31.16 30.50 47.45
CA ARG B 215 29.83 30.45 48.06
C ARG B 215 29.22 31.83 48.34
N GLN B 216 30.07 32.81 48.64
CA GLN B 216 29.60 34.19 48.85
C GLN B 216 29.09 34.81 47.55
N ALA B 217 29.94 34.77 46.53
CA ALA B 217 29.60 35.27 45.20
C ALA B 217 28.30 34.64 44.72
N PHE B 218 28.17 33.35 44.99
CA PHE B 218 27.02 32.57 44.62
C PHE B 218 25.73 33.14 45.23
N ASP B 219 25.77 33.43 46.54
CA ASP B 219 24.62 34.01 47.26
C ASP B 219 24.21 35.34 46.67
N LEU B 220 25.21 36.14 46.33
CA LEU B 220 25.00 37.48 45.77
C LEU B 220 24.39 37.39 44.37
N ALA B 221 24.91 36.47 43.55
CA ALA B 221 24.40 36.23 42.20
C ALA B 221 22.89 35.99 42.18
N VAL B 222 22.42 35.22 43.16
CA VAL B 222 20.99 34.94 43.34
C VAL B 222 20.18 36.22 43.56
N LYS B 223 20.60 37.03 44.53
CA LYS B 223 19.93 38.30 44.83
C LYS B 223 19.79 39.20 43.61
N GLY B 224 20.88 39.29 42.83
CA GLY B 224 20.85 39.98 41.55
C GLY B 224 19.84 39.39 40.57
N ILE B 225 19.99 38.08 40.30
CA ILE B 225 19.12 37.33 39.39
C ILE B 225 17.64 37.59 39.66
N ASN B 226 17.27 37.66 40.94
CA ASN B 226 15.87 37.85 41.34
C ASN B 226 15.33 39.19 40.92
N ILE B 227 16.13 40.23 41.10
CA ILE B 227 15.77 41.58 40.66
C ILE B 227 15.56 41.64 39.13
N ILE B 228 16.48 41.02 38.40
CA ILE B 228 16.41 40.91 36.94
C ILE B 228 15.18 40.14 36.52
N TYR B 229 14.93 39.03 37.18
CA TYR B 229 13.79 38.15 36.88
C TYR B 229 12.45 38.91 36.96
N ASN B 230 12.37 39.86 37.88
CA ASN B 230 11.18 40.68 38.03
C ASN B 230 10.95 41.61 36.87
N LEU B 231 12.04 42.15 36.34
CA LEU B 231 11.96 43.01 35.17
C LEU B 231 11.57 42.22 33.95
N GLU B 232 12.03 40.97 33.89
CA GLU B 232 11.66 40.05 32.81
C GLU B 232 10.15 39.78 32.79
N ARG B 233 9.59 39.46 33.95
CA ARG B 233 8.14 39.32 34.12
C ARG B 233 7.40 40.56 33.67
N GLU B 234 7.95 41.72 34.03
CA GLU B 234 7.37 43.00 33.68
C GLU B 234 7.45 43.25 32.17
N ALA B 235 8.59 42.94 31.56
CA ALA B 235 8.80 43.10 30.13
C ALA B 235 7.83 42.25 29.35
N LEU B 236 7.42 41.14 29.94
CA LEU B 236 6.48 40.22 29.32
C LEU B 236 5.11 40.87 29.22
N LYS B 237 4.65 41.44 30.34
CA LYS B 237 3.36 42.10 30.41
C LYS B 237 3.28 43.39 29.59
N SER B 238 4.21 44.32 29.79
CA SER B 238 4.11 45.65 29.18
C SER B 238 4.97 45.84 27.93
N LYS B 239 5.65 44.77 27.50
CA LYS B 239 6.51 44.80 26.30
C LYS B 239 7.74 45.74 26.34
N TYR B 240 7.86 46.54 27.41
CA TYR B 240 8.96 47.49 27.53
C TYR B 240 9.31 47.83 28.98
N VAL B 241 10.60 47.71 29.31
CA VAL B 241 11.06 47.92 30.68
C VAL B 241 12.38 48.69 30.73
N GLU B 242 12.41 49.71 31.59
CA GLU B 242 13.66 50.41 31.89
C GLU B 242 13.95 50.47 33.39
N PHE B 243 15.23 50.28 33.73
CA PHE B 243 15.66 50.18 35.11
C PHE B 243 16.98 50.92 35.32
N LYS B 244 16.91 52.05 36.02
CA LYS B 244 18.10 52.79 36.43
C LYS B 244 18.80 51.97 37.50
N GLU B 245 20.13 51.92 37.44
CA GLU B 245 20.97 51.12 38.34
C GLU B 245 20.61 51.29 39.82
N GLU B 246 20.69 50.21 40.59
CA GLU B 246 20.75 50.33 42.05
C GLU B 246 21.25 49.06 42.74
N GLY B 247 21.31 49.13 44.06
CA GLY B 247 21.84 48.04 44.87
C GLY B 247 20.87 46.92 45.12
N VAL B 248 21.41 45.70 45.13
CA VAL B 248 20.68 44.52 45.55
C VAL B 248 20.56 44.56 47.09
N MET C 1 38.38 12.71 5.36
CA MET C 1 38.08 11.25 5.34
C MET C 1 37.71 10.70 3.95
N SER C 2 38.29 9.55 3.58
CA SER C 2 38.10 8.93 2.27
C SER C 2 37.05 7.84 2.30
N SER C 3 36.18 7.81 1.29
CA SER C 3 35.12 6.80 1.24
C SER C 3 34.77 6.33 -0.16
N THR C 4 34.26 5.10 -0.24
CA THR C 4 33.93 4.45 -1.51
C THR C 4 33.00 5.36 -2.32
N PRO C 5 33.36 5.66 -3.59
CA PRO C 5 32.54 6.52 -4.42
C PRO C 5 31.16 5.90 -4.68
N SER C 6 30.11 6.63 -4.29
CA SER C 6 28.71 6.18 -4.44
C SER C 6 28.16 6.57 -5.80
N ASN C 7 28.55 7.80 -6.19
CA ASN C 7 28.19 8.52 -7.41
C ASN C 7 28.37 7.76 -8.73
N GLN C 8 29.49 7.02 -8.83
CA GLN C 8 29.95 6.31 -10.05
C GLN C 8 28.92 5.35 -10.72
N ASN C 9 29.15 5.07 -12.01
CA ASN C 9 28.32 4.13 -12.77
C ASN C 9 28.80 2.67 -12.71
N ILE C 10 28.06 1.89 -11.91
CA ILE C 10 28.15 0.42 -11.80
C ILE C 10 27.75 -0.24 -13.13
N ILE C 11 28.76 -0.51 -13.95
CA ILE C 11 28.58 -1.00 -15.32
C ILE C 11 28.31 -2.52 -15.35
N PRO C 12 27.10 -2.93 -15.83
CA PRO C 12 26.55 -4.29 -15.70
C PRO C 12 27.52 -5.42 -16.01
N ILE C 13 27.20 -6.59 -15.46
CA ILE C 13 27.96 -7.81 -15.67
C ILE C 13 28.11 -8.09 -17.16
N ILE C 14 26.98 -8.01 -17.87
CA ILE C 14 26.88 -8.35 -19.29
C ILE C 14 27.88 -7.55 -20.13
N LYS C 15 27.85 -6.23 -20.00
CA LYS C 15 28.72 -5.36 -20.78
C LYS C 15 30.19 -5.72 -20.62
N LYS C 16 30.58 -6.15 -19.42
CA LYS C 16 31.96 -6.49 -19.17
C LYS C 16 32.45 -7.66 -20.04
N GLU C 17 31.64 -8.72 -20.11
CA GLU C 17 32.00 -9.93 -20.88
C GLU C 17 32.12 -9.66 -22.38
N SER C 18 31.38 -8.67 -22.89
CA SER C 18 31.47 -8.23 -24.29
C SER C 18 32.87 -7.75 -24.58
N ILE C 19 33.38 -6.94 -23.66
CA ILE C 19 34.69 -6.33 -23.78
C ILE C 19 35.79 -7.39 -23.58
N VAL C 20 35.57 -8.29 -22.62
CA VAL C 20 36.55 -9.35 -22.34
C VAL C 20 36.65 -10.35 -23.49
N SER C 21 35.50 -10.73 -24.03
CA SER C 21 35.44 -11.65 -25.17
C SER C 21 36.23 -11.10 -26.36
N LEU C 22 36.27 -9.78 -26.48
CA LEU C 22 37.05 -9.11 -27.51
C LEU C 22 38.52 -9.19 -27.17
N PHE C 23 38.84 -8.95 -25.90
CA PHE C 23 40.22 -8.98 -25.40
C PHE C 23 40.85 -10.33 -25.67
N GLU C 24 40.02 -11.35 -25.57
CA GLU C 24 40.40 -12.73 -25.83
C GLU C 24 40.88 -12.90 -27.28
N LYS C 25 40.37 -12.07 -28.18
CA LYS C 25 40.80 -12.08 -29.57
C LYS C 25 41.84 -10.99 -29.82
N GLY C 26 42.34 -10.39 -28.74
CA GLY C 26 43.40 -9.38 -28.82
C GLY C 26 42.99 -8.06 -29.43
N ILE C 27 41.69 -7.78 -29.44
CA ILE C 27 41.19 -6.52 -29.97
C ILE C 27 40.26 -5.83 -28.96
N ARG C 28 40.04 -4.54 -29.13
CA ARG C 28 39.13 -3.78 -28.26
C ARG C 28 37.96 -3.20 -29.06
N GLN C 29 37.07 -2.50 -28.37
CA GLN C 29 35.89 -1.89 -29.01
C GLN C 29 36.29 -0.88 -30.10
N ASP C 30 37.17 0.07 -29.75
CA ASP C 30 37.59 1.12 -30.67
C ASP C 30 38.43 0.60 -31.85
N GLY C 31 38.98 -0.61 -31.69
CA GLY C 31 39.70 -1.26 -32.78
C GLY C 31 41.14 -1.56 -32.48
N ARG C 32 41.71 -0.82 -31.52
CA ARG C 32 43.13 -0.95 -31.23
C ARG C 32 43.50 -2.26 -30.52
N LYS C 33 44.77 -2.64 -30.65
CA LYS C 33 45.33 -3.82 -30.00
C LYS C 33 45.46 -3.57 -28.50
N LEU C 34 45.70 -4.63 -27.74
CA LEU C 34 45.73 -4.54 -26.28
C LEU C 34 46.78 -3.58 -25.76
N THR C 35 47.84 -3.36 -26.55
CA THR C 35 48.96 -2.53 -26.14
C THR C 35 49.02 -1.17 -26.83
N ASP C 36 47.98 -0.83 -27.59
CA ASP C 36 47.94 0.40 -28.39
C ASP C 36 47.54 1.62 -27.58
N TYR C 37 47.99 2.77 -28.05
CA TYR C 37 47.57 4.05 -27.50
C TYR C 37 46.51 4.72 -28.34
N ARG C 38 45.58 5.41 -27.69
CA ARG C 38 44.58 6.19 -28.40
C ARG C 38 45.25 7.32 -29.20
N PRO C 39 44.56 7.86 -30.22
CA PRO C 39 45.14 8.95 -31.02
C PRO C 39 45.46 10.16 -30.15
N LEU C 40 46.61 10.76 -30.39
CA LEU C 40 47.10 11.85 -29.56
C LEU C 40 47.28 13.16 -30.32
N SER C 41 46.61 14.20 -29.84
CA SER C 41 46.76 15.54 -30.40
C SER C 41 47.25 16.49 -29.32
N ILE C 42 48.23 17.32 -29.65
CA ILE C 42 48.73 18.33 -28.74
C ILE C 42 48.81 19.66 -29.48
N THR C 43 48.11 20.64 -28.94
CA THR C 43 48.14 22.03 -29.41
C THR C 43 48.84 22.90 -28.39
N LEU C 44 50.04 23.37 -28.73
CA LEU C 44 50.86 24.16 -27.81
C LEU C 44 50.41 25.61 -27.78
N ASP C 45 50.80 26.30 -26.70
CA ASP C 45 50.39 27.68 -26.44
C ASP C 45 48.91 27.92 -26.74
N TYR C 46 48.06 27.16 -26.04
CA TYR C 46 46.63 27.26 -26.27
C TYR C 46 45.98 28.39 -25.49
N ALA C 47 46.23 28.44 -24.18
CA ALA C 47 45.81 29.57 -23.38
C ALA C 47 46.86 30.67 -23.54
N LYS C 48 46.46 31.76 -24.18
CA LYS C 48 47.41 32.81 -24.57
C LYS C 48 47.96 33.55 -23.36
N LYS C 49 47.14 33.71 -22.33
CA LYS C 49 47.57 34.45 -21.17
C LYS C 49 48.41 33.65 -20.17
N ALA C 50 48.69 32.40 -20.49
CA ALA C 50 49.63 31.57 -19.73
C ALA C 50 51.05 31.84 -20.17
N ASP C 51 52.01 31.44 -19.36
CA ASP C 51 53.42 31.55 -19.73
C ASP C 51 53.78 30.46 -20.74
N GLY C 52 53.24 29.27 -20.50
CA GLY C 52 53.31 28.16 -21.44
C GLY C 52 52.04 27.36 -21.25
N SER C 53 51.50 26.83 -22.35
CA SER C 53 50.26 26.06 -22.28
C SER C 53 50.22 24.95 -23.31
N ALA C 54 49.40 23.94 -23.03
CA ALA C 54 49.24 22.78 -23.91
C ALA C 54 47.85 22.15 -23.82
N LEU C 55 47.17 22.01 -24.96
CA LEU C 55 45.90 21.32 -25.04
C LEU C 55 46.08 19.92 -25.61
N VAL C 56 45.83 18.93 -24.77
CA VAL C 56 46.10 17.54 -25.13
C VAL C 56 44.80 16.76 -25.29
N LYS C 57 44.68 16.07 -26.40
CA LYS C 57 43.57 15.16 -26.65
C LYS C 57 44.13 13.76 -26.79
N LEU C 58 43.92 12.95 -25.76
CA LEU C 58 44.25 11.55 -25.81
C LEU C 58 42.93 10.79 -25.89
N GLY C 59 42.60 10.33 -27.09
CA GLY C 59 41.26 9.81 -27.37
C GLY C 59 40.23 10.89 -27.13
N THR C 60 39.22 10.61 -26.30
CA THR C 60 38.20 11.61 -25.99
C THR C 60 38.51 12.40 -24.73
N THR C 61 39.61 12.04 -24.05
CA THR C 61 40.07 12.80 -22.87
C THR C 61 40.67 14.14 -23.32
N MET C 62 40.35 15.21 -22.60
CA MET C 62 40.96 16.51 -22.87
C MET C 62 41.49 17.18 -21.63
N VAL C 63 42.73 17.58 -21.71
CA VAL C 63 43.39 18.26 -20.62
C VAL C 63 44.04 19.52 -21.16
N LEU C 64 43.87 20.62 -20.45
CA LEU C 64 44.58 21.84 -20.75
C LEU C 64 45.45 22.21 -19.56
N ALA C 65 46.76 22.19 -19.77
CA ALA C 65 47.71 22.56 -18.72
C ALA C 65 48.32 23.92 -19.05
N GLY C 66 48.55 24.73 -18.04
CA GLY C 66 49.12 26.05 -18.25
C GLY C 66 50.03 26.42 -17.11
N THR C 67 51.18 26.99 -17.45
CA THR C 67 52.14 27.46 -16.44
C THR C 67 52.00 28.95 -16.17
N LYS C 68 52.42 29.36 -14.99
CA LYS C 68 52.47 30.77 -14.62
C LYS C 68 53.64 30.95 -13.67
N LEU C 69 54.56 31.84 -14.03
CA LEU C 69 55.77 32.03 -13.24
C LEU C 69 55.63 33.20 -12.29
N GLU C 70 56.23 33.08 -11.11
CA GLU C 70 56.22 34.14 -10.11
C GLU C 70 57.51 34.13 -9.34
N ILE C 71 57.90 35.30 -8.84
CA ILE C 71 59.13 35.42 -8.06
C ILE C 71 58.81 35.39 -6.57
N ASP C 72 59.41 34.44 -5.85
CA ASP C 72 59.19 34.25 -4.42
C ASP C 72 60.49 34.04 -3.68
N LYS C 73 60.48 34.32 -2.37
CA LYS C 73 61.53 33.84 -1.49
C LYS C 73 61.39 32.31 -1.42
N PRO C 74 62.49 31.57 -1.57
CA PRO C 74 62.37 30.10 -1.53
C PRO C 74 62.00 29.64 -0.13
N TYR C 75 61.32 28.48 -0.05
CA TYR C 75 61.05 27.78 1.21
C TYR C 75 62.27 27.92 2.18
N GLU C 76 62.05 28.26 3.46
CA GLU C 76 63.15 28.28 4.46
C GLU C 76 63.85 26.91 4.58
N ASP C 77 63.09 25.85 4.31
CA ASP C 77 63.60 24.48 4.23
C ASP C 77 64.59 24.27 3.06
N THR C 78 64.23 24.71 1.85
CA THR C 78 65.01 24.48 0.63
C THR C 78 65.47 25.79 -0.03
N PRO C 79 66.55 26.39 0.51
CA PRO C 79 66.95 27.78 0.17
C PRO C 79 67.64 27.95 -1.17
N ASN C 80 67.97 26.85 -1.84
CA ASN C 80 68.65 26.89 -3.14
C ASN C 80 67.85 26.29 -4.28
N GLN C 81 66.54 26.48 -4.23
CA GLN C 81 65.65 25.91 -5.21
C GLN C 81 64.48 26.81 -5.53
N GLY C 82 64.09 26.79 -6.79
CA GLY C 82 62.81 27.33 -7.21
C GLY C 82 61.72 26.34 -6.80
N ASN C 83 60.48 26.80 -6.82
CA ASN C 83 59.36 26.00 -6.37
C ASN C 83 58.48 25.52 -7.50
N LEU C 84 57.95 24.31 -7.36
CA LEU C 84 56.99 23.78 -8.31
C LEU C 84 55.71 23.51 -7.57
N ILE C 85 54.62 24.14 -7.98
CA ILE C 85 53.33 23.86 -7.39
C ILE C 85 52.35 23.38 -8.46
N VAL C 86 52.17 22.06 -8.51
CA VAL C 86 51.20 21.47 -9.39
C VAL C 86 49.76 21.65 -8.85
N ASN C 87 48.81 21.71 -9.78
CA ASN C 87 47.43 21.66 -9.42
C ASN C 87 46.58 21.14 -10.57
N VAL C 88 46.13 19.92 -10.38
CA VAL C 88 45.17 19.25 -11.26
C VAL C 88 43.76 19.57 -10.76
N GLU C 89 42.84 19.83 -11.69
CA GLU C 89 41.45 20.07 -11.34
C GLU C 89 40.48 19.34 -12.25
N LEU C 90 39.56 18.63 -11.62
CA LEU C 90 38.54 17.88 -12.33
C LEU C 90 37.24 18.68 -12.34
N LEU C 91 37.26 19.74 -13.13
CA LEU C 91 36.08 20.55 -13.33
C LEU C 91 34.97 19.65 -13.86
N PRO C 92 33.71 20.00 -13.54
CA PRO C 92 32.53 19.16 -13.77
C PRO C 92 32.06 19.15 -15.24
N LEU C 93 32.80 19.88 -16.08
CA LEU C 93 32.64 19.89 -17.55
C LEU C 93 33.19 18.58 -18.12
N ALA C 94 34.10 17.98 -17.35
CA ALA C 94 34.80 16.76 -17.73
C ALA C 94 33.85 15.62 -18.01
N TYR C 95 33.01 15.30 -17.03
CA TYR C 95 32.25 14.04 -17.03
C TYR C 95 30.94 14.17 -16.24
N GLU C 96 30.01 13.25 -16.51
CA GLU C 96 28.67 13.29 -15.94
C GLU C 96 28.64 13.34 -14.39
N THR C 97 29.32 12.38 -13.75
CA THR C 97 29.29 12.23 -12.30
C THR C 97 30.43 12.97 -11.61
N PHE C 98 30.52 14.29 -11.87
CA PHE C 98 31.65 15.11 -11.39
C PHE C 98 31.37 16.23 -10.41
N GLU C 99 32.40 16.48 -9.59
CA GLU C 99 32.37 17.43 -8.50
C GLU C 99 32.69 18.88 -8.94
N PRO C 100 31.76 19.83 -8.65
CA PRO C 100 32.05 21.27 -8.68
C PRO C 100 32.77 21.71 -7.39
N GLY C 101 33.45 22.87 -7.42
CA GLY C 101 34.16 23.39 -6.23
C GLY C 101 35.53 22.75 -5.99
N PRO C 102 36.49 23.52 -5.41
CA PRO C 102 37.91 23.07 -5.27
C PRO C 102 38.19 21.55 -5.01
N PRO C 103 39.14 20.93 -5.80
CA PRO C 103 39.60 19.53 -5.99
C PRO C 103 39.45 18.51 -4.87
N ASP C 104 39.24 17.27 -5.29
CA ASP C 104 38.91 16.18 -4.40
C ASP C 104 40.02 15.15 -4.28
N GLU C 105 39.62 13.99 -3.78
CA GLU C 105 40.47 12.86 -3.56
C GLU C 105 41.27 12.46 -4.81
N ASN C 106 40.56 12.15 -5.89
CA ASN C 106 41.18 11.76 -7.16
C ASN C 106 42.14 12.81 -7.70
N ALA C 107 41.69 14.07 -7.69
CA ALA C 107 42.42 15.17 -8.32
C ALA C 107 43.74 15.40 -7.62
N ILE C 108 43.68 15.65 -6.33
CA ILE C 108 44.88 15.73 -5.50
C ILE C 108 45.85 14.58 -5.82
N GLU C 109 45.34 13.35 -5.88
CA GLU C 109 46.19 12.21 -6.18
C GLU C 109 46.89 12.37 -7.54
N LEU C 110 46.14 12.86 -8.54
CA LEU C 110 46.70 13.10 -9.87
C LEU C 110 47.84 14.13 -9.81
N ALA C 111 47.58 15.24 -9.13
CA ALA C 111 48.55 16.29 -8.98
C ALA C 111 49.84 15.78 -8.37
N ARG C 112 49.72 15.06 -7.27
CA ARG C 112 50.90 14.58 -6.54
C ARG C 112 51.66 13.57 -7.36
N VAL C 113 50.94 12.73 -8.09
CA VAL C 113 51.57 11.74 -8.95
C VAL C 113 52.34 12.41 -10.06
N VAL C 114 51.74 13.42 -10.70
CA VAL C 114 52.41 14.20 -11.73
C VAL C 114 53.59 14.95 -11.15
N ASP C 115 53.36 15.61 -10.03
CA ASP C 115 54.41 16.28 -9.30
C ASP C 115 55.62 15.38 -9.10
N ARG C 116 55.40 14.20 -8.53
CA ARG C 116 56.50 13.36 -8.10
C ARG C 116 57.33 12.88 -9.28
N SER C 117 56.70 12.70 -10.42
CA SER C 117 57.44 12.21 -11.57
C SER C 117 58.17 13.33 -12.31
N LEU C 118 57.82 14.58 -12.03
CA LEU C 118 58.58 15.71 -12.57
C LEU C 118 59.72 16.03 -11.62
N ARG C 119 59.44 15.95 -10.33
CA ARG C 119 60.37 16.41 -9.29
C ARG C 119 61.47 15.37 -9.03
N ASP C 120 61.05 14.12 -8.89
CA ASP C 120 61.98 13.02 -8.57
C ASP C 120 62.80 12.61 -9.79
N SER C 121 62.33 12.94 -10.99
CA SER C 121 63.09 12.66 -12.20
C SER C 121 64.08 13.78 -12.52
N LYS C 122 64.02 14.88 -11.76
CA LYS C 122 64.66 16.15 -12.12
C LYS C 122 64.51 16.50 -13.61
N ALA C 123 63.36 16.14 -14.18
CA ALA C 123 62.99 16.53 -15.53
C ALA C 123 63.01 18.04 -15.61
N LEU C 124 62.54 18.67 -14.55
CA LEU C 124 62.68 20.11 -14.37
C LEU C 124 63.67 20.36 -13.25
N ASP C 125 64.73 21.09 -13.57
CA ASP C 125 65.78 21.35 -12.58
C ASP C 125 65.45 22.58 -11.74
N LEU C 126 65.00 22.33 -10.51
CA LEU C 126 64.60 23.37 -9.59
C LEU C 126 65.77 24.19 -9.05
N THR C 127 66.96 23.61 -9.06
CA THR C 127 68.14 24.33 -8.59
C THR C 127 68.55 25.38 -9.60
N LYS C 128 68.04 25.22 -10.83
CA LYS C 128 68.35 26.18 -11.90
C LYS C 128 67.32 27.28 -12.02
N LEU C 129 66.45 27.39 -11.02
CA LEU C 129 65.40 28.41 -11.01
C LEU C 129 65.67 29.47 -9.95
N VAL C 130 66.90 29.48 -9.43
CA VAL C 130 67.31 30.45 -8.40
C VAL C 130 67.74 31.78 -9.03
N ILE C 131 67.18 32.89 -8.58
CA ILE C 131 67.61 34.20 -9.08
C ILE C 131 68.67 34.69 -8.12
N GLU C 132 68.24 35.27 -7.00
CA GLU C 132 69.16 35.51 -5.90
C GLU C 132 69.09 34.26 -5.04
N PRO C 133 70.26 33.70 -4.70
CA PRO C 133 70.24 32.55 -3.81
C PRO C 133 69.72 32.91 -2.44
N GLY C 134 68.80 32.09 -1.93
CA GLY C 134 68.17 32.33 -0.62
C GLY C 134 67.24 33.53 -0.51
N LYS C 135 67.40 34.53 -1.37
CA LYS C 135 66.53 35.74 -1.39
C LYS C 135 65.31 35.63 -2.33
N SER C 136 65.54 35.24 -3.59
CA SER C 136 64.46 35.12 -4.60
C SER C 136 64.65 34.03 -5.66
N VAL C 137 63.60 33.25 -5.87
CA VAL C 137 63.59 32.17 -6.85
C VAL C 137 62.30 32.23 -7.70
N TRP C 138 62.28 31.50 -8.80
CA TRP C 138 61.07 31.35 -9.58
C TRP C 138 60.15 30.30 -8.97
N THR C 139 58.87 30.62 -8.88
CA THR C 139 57.87 29.63 -8.54
C THR C 139 57.12 29.27 -9.82
N VAL C 140 57.12 28.00 -10.15
CA VAL C 140 56.43 27.53 -11.33
C VAL C 140 55.09 26.94 -10.92
N TRP C 141 54.03 27.68 -11.19
CA TRP C 141 52.67 27.19 -10.99
C TRP C 141 52.23 26.39 -12.24
N LEU C 142 52.02 25.09 -12.06
CA LEU C 142 51.45 24.30 -13.12
C LEU C 142 49.99 24.06 -12.76
N ASP C 143 49.09 24.46 -13.64
CA ASP C 143 47.65 24.25 -13.43
C ASP C 143 47.06 23.40 -14.54
N VAL C 144 46.61 22.20 -14.17
CA VAL C 144 46.15 21.22 -15.14
C VAL C 144 44.64 21.05 -15.03
N TYR C 145 43.93 21.33 -16.11
CA TYR C 145 42.48 21.31 -16.10
C TYR C 145 41.91 20.24 -17.01
N VAL C 146 41.16 19.31 -16.43
CA VAL C 146 40.57 18.23 -17.19
C VAL C 146 39.22 18.67 -17.71
N LEU C 147 39.07 18.70 -19.04
CA LEU C 147 37.86 19.24 -19.64
C LEU C 147 36.89 18.15 -20.12
N ASP C 148 37.42 16.99 -20.43
CA ASP C 148 36.63 15.93 -21.03
C ASP C 148 37.22 14.66 -20.43
N TYR C 149 36.39 13.88 -19.73
CA TYR C 149 36.83 12.62 -19.13
C TYR C 149 36.63 11.47 -20.11
N GLY C 150 37.72 11.04 -20.73
CA GLY C 150 37.66 9.94 -21.69
C GLY C 150 38.26 8.67 -21.13
N GLY C 151 38.72 8.74 -19.88
CA GLY C 151 39.40 7.63 -19.23
C GLY C 151 40.89 7.83 -19.32
N ASN C 152 41.63 7.17 -18.42
CA ASN C 152 43.10 7.32 -18.32
C ASN C 152 43.53 8.78 -18.32
N VAL C 153 43.07 9.50 -17.32
CA VAL C 153 43.34 10.93 -17.21
C VAL C 153 44.79 11.17 -16.82
N LEU C 154 45.35 10.30 -15.99
CA LEU C 154 46.73 10.45 -15.50
C LEU C 154 47.74 10.64 -16.61
N ASP C 155 47.68 9.77 -17.61
CA ASP C 155 48.64 9.84 -18.71
C ASP C 155 48.54 11.12 -19.48
N ALA C 156 47.30 11.55 -19.74
CA ALA C 156 47.05 12.81 -20.46
C ALA C 156 47.49 14.04 -19.67
N CYS C 157 47.48 13.96 -18.34
CA CYS C 157 47.98 15.04 -17.50
C CYS C 157 49.50 15.13 -17.57
N THR C 158 50.18 14.01 -17.37
CA THR C 158 51.61 13.93 -17.55
C THR C 158 52.00 14.58 -18.86
N LEU C 159 51.33 14.20 -19.93
CA LEU C 159 51.61 14.78 -21.25
C LEU C 159 51.35 16.29 -21.33
N ALA C 160 50.14 16.71 -20.94
CA ALA C 160 49.80 18.13 -20.95
C ALA C 160 50.76 18.96 -20.10
N SER C 161 51.23 18.38 -18.99
CA SER C 161 52.15 19.07 -18.08
C SER C 161 53.52 19.27 -18.71
N VAL C 162 54.12 18.16 -19.13
CA VAL C 162 55.41 18.18 -19.80
C VAL C 162 55.37 19.16 -20.98
N ALA C 163 54.31 19.10 -21.77
CA ALA C 163 54.12 19.99 -22.90
C ALA C 163 54.00 21.47 -22.49
N ALA C 164 53.20 21.76 -21.46
CA ALA C 164 53.05 23.13 -21.00
C ALA C 164 54.40 23.69 -20.56
N LEU C 165 55.16 22.88 -19.83
CA LEU C 165 56.48 23.27 -19.33
C LEU C 165 57.47 23.59 -20.46
N TYR C 166 57.47 22.75 -21.48
CA TYR C 166 58.34 22.97 -22.61
C TYR C 166 57.93 24.22 -23.39
N ASN C 167 56.67 24.59 -23.25
CA ASN C 167 56.14 25.78 -23.90
C ASN C 167 56.42 27.03 -23.08
N THR C 168 56.88 26.86 -21.86
CA THR C 168 56.99 27.98 -20.94
C THR C 168 58.10 28.96 -21.31
N LYS C 169 57.74 30.23 -21.29
CA LYS C 169 58.65 31.35 -21.54
C LYS C 169 59.08 32.06 -20.25
N VAL C 170 60.38 32.17 -20.05
CA VAL C 170 60.93 32.91 -18.92
C VAL C 170 61.09 34.35 -19.33
N TYR C 171 60.97 35.27 -18.37
CA TYR C 171 61.04 36.69 -18.70
C TYR C 171 62.27 37.40 -18.16
N LYS C 172 62.44 38.66 -18.59
CA LYS C 172 63.53 39.51 -18.13
C LYS C 172 63.29 39.89 -16.68
N VAL C 173 64.39 39.98 -15.92
CA VAL C 173 64.32 40.16 -14.46
C VAL C 173 64.96 41.49 -14.01
N GLU C 174 64.19 42.58 -14.04
CA GLU C 174 64.70 43.94 -13.76
C GLU C 174 65.05 44.21 -12.29
N GLN C 175 66.35 44.33 -11.98
CA GLN C 175 66.84 44.54 -10.61
C GLN C 175 66.92 46.01 -10.25
N ILE C 180 64.00 43.33 -8.54
CA ILE C 180 62.86 44.12 -8.07
C ILE C 180 61.57 43.81 -8.85
N SER C 181 61.62 43.85 -10.18
CA SER C 181 60.41 43.71 -11.03
C SER C 181 60.58 42.75 -12.20
N VAL C 182 59.47 42.12 -12.62
CA VAL C 182 59.43 41.26 -13.82
C VAL C 182 59.06 42.10 -15.04
N ASN C 183 59.61 41.76 -16.20
CA ASN C 183 59.22 42.42 -17.44
C ASN C 183 58.65 41.45 -18.47
N LYS C 184 57.34 41.48 -18.63
CA LYS C 184 56.64 40.41 -19.34
C LYS C 184 56.52 40.52 -20.88
N ASN C 185 57.44 41.23 -21.52
CA ASN C 185 57.51 41.20 -22.99
C ASN C 185 58.93 41.21 -23.57
N GLU C 186 59.93 41.14 -22.69
CA GLU C 186 61.27 40.74 -23.10
C GLU C 186 61.49 39.30 -22.62
N VAL C 187 61.31 38.36 -23.53
CA VAL C 187 61.46 36.93 -23.25
C VAL C 187 62.93 36.58 -23.15
N VAL C 188 63.36 36.10 -21.99
CA VAL C 188 64.77 35.76 -21.75
C VAL C 188 65.21 34.36 -22.25
N GLY C 189 64.35 33.34 -22.05
CA GLY C 189 64.68 31.98 -22.48
C GLY C 189 63.58 30.98 -22.17
N LYS C 190 63.97 29.74 -21.93
CA LYS C 190 63.00 28.69 -21.64
C LYS C 190 63.25 28.10 -20.25
N LEU C 191 62.35 27.22 -19.81
CA LEU C 191 62.50 26.54 -18.51
C LEU C 191 63.65 25.56 -18.50
N PRO C 192 64.36 25.46 -17.35
CA PRO C 192 65.49 24.52 -17.22
C PRO C 192 65.03 23.05 -17.20
N LEU C 193 64.73 22.52 -18.37
CA LEU C 193 64.23 21.16 -18.50
C LEU C 193 65.33 20.23 -18.98
N ASN C 194 65.54 19.16 -18.21
CA ASN C 194 66.54 18.15 -18.55
C ASN C 194 66.07 17.22 -19.68
N TYR C 195 64.82 16.77 -19.60
CA TYR C 195 64.21 15.88 -20.60
C TYR C 195 62.71 15.76 -20.34
N PRO C 196 61.93 15.32 -21.34
CA PRO C 196 60.53 15.03 -21.09
C PRO C 196 60.33 13.74 -20.28
N VAL C 197 59.12 13.55 -19.76
CA VAL C 197 58.74 12.36 -18.98
C VAL C 197 57.37 11.88 -19.46
N VAL C 198 57.20 10.58 -19.58
CA VAL C 198 55.87 10.04 -19.90
C VAL C 198 55.35 9.10 -18.82
N THR C 199 54.03 9.12 -18.61
CA THR C 199 53.41 8.15 -17.72
C THR C 199 52.53 7.24 -18.53
N ILE C 200 52.75 5.93 -18.37
CA ILE C 200 51.99 4.93 -19.07
C ILE C 200 51.17 4.13 -18.08
N SER C 201 49.86 4.08 -18.28
CA SER C 201 48.94 3.32 -17.43
C SER C 201 48.50 2.00 -18.09
N VAL C 202 48.63 0.92 -17.35
CA VAL C 202 48.25 -0.40 -17.81
C VAL C 202 47.10 -0.88 -16.91
N ALA C 203 45.96 -1.20 -17.50
CA ALA C 203 44.82 -1.68 -16.72
C ALA C 203 44.72 -3.19 -16.80
N LYS C 204 44.54 -3.81 -15.63
CA LYS C 204 44.25 -5.24 -15.54
C LYS C 204 42.74 -5.43 -15.55
N VAL C 205 42.25 -5.95 -16.67
CA VAL C 205 40.85 -6.34 -16.79
C VAL C 205 40.83 -7.86 -16.91
N ASP C 206 40.10 -8.50 -16.00
CA ASP C 206 40.05 -9.97 -15.98
C ASP C 206 41.45 -10.55 -15.87
N LYS C 207 41.91 -11.23 -16.92
CA LYS C 207 43.25 -11.77 -16.92
C LYS C 207 44.15 -11.02 -17.90
N TYR C 208 43.60 -10.05 -18.59
CA TYR C 208 44.34 -9.33 -19.62
C TYR C 208 44.93 -8.03 -19.07
N LEU C 209 45.99 -7.56 -19.72
CA LEU C 209 46.55 -6.24 -19.45
C LEU C 209 46.34 -5.35 -20.66
N VAL C 210 45.99 -4.08 -20.41
CA VAL C 210 45.57 -3.16 -21.46
C VAL C 210 46.20 -1.78 -21.26
N VAL C 211 46.86 -1.28 -22.30
CA VAL C 211 47.55 0.01 -22.25
C VAL C 211 46.58 1.12 -22.60
N ASP C 212 46.63 2.19 -21.82
CA ASP C 212 45.74 3.32 -22.04
C ASP C 212 44.27 2.85 -22.08
N PRO C 213 43.69 2.58 -20.89
CA PRO C 213 42.28 2.17 -20.85
C PRO C 213 41.34 3.36 -21.14
N ASP C 214 40.31 3.12 -21.94
CA ASP C 214 39.32 4.18 -22.16
C ASP C 214 38.24 4.20 -21.06
N LEU C 215 37.19 4.97 -21.27
CA LEU C 215 36.19 5.17 -20.23
C LEU C 215 35.50 3.88 -19.78
N ASP C 216 35.02 3.12 -20.76
CA ASP C 216 34.42 1.80 -20.52
C ASP C 216 35.39 0.86 -19.83
N GLU C 217 36.60 0.77 -20.39
CA GLU C 217 37.65 -0.13 -19.91
C GLU C 217 38.05 0.17 -18.46
N GLU C 218 38.05 1.44 -18.09
CA GLU C 218 38.34 1.82 -16.73
C GLU C 218 37.25 1.37 -15.76
N SER C 219 36.00 1.52 -16.18
CA SER C 219 34.85 1.18 -15.32
C SER C 219 34.68 -0.33 -15.07
N ILE C 220 35.37 -1.16 -15.86
CA ILE C 220 35.31 -2.61 -15.68
C ILE C 220 36.62 -3.24 -15.21
N MET C 221 37.70 -2.46 -15.17
CA MET C 221 39.01 -2.98 -14.77
C MET C 221 39.03 -3.34 -13.29
N ASP C 222 39.89 -4.29 -12.93
CA ASP C 222 40.11 -4.62 -11.51
C ASP C 222 40.89 -3.49 -10.83
N ALA C 223 42.00 -3.12 -11.47
CA ALA C 223 42.89 -2.08 -11.01
C ALA C 223 43.74 -1.62 -12.19
N LYS C 224 44.38 -0.46 -12.06
CA LYS C 224 45.39 -0.04 -13.03
C LYS C 224 46.68 0.35 -12.32
N ILE C 225 47.80 0.28 -13.05
CA ILE C 225 49.10 0.64 -12.51
C ILE C 225 49.84 1.55 -13.50
N SER C 226 50.45 2.62 -12.98
CA SER C 226 51.04 3.64 -13.85
C SER C 226 52.54 3.79 -13.63
N PHE C 227 53.28 3.83 -14.73
CA PHE C 227 54.73 3.90 -14.73
C PHE C 227 55.21 5.15 -15.40
N SER C 228 56.06 5.88 -14.71
CA SER C 228 56.64 7.09 -15.26
C SER C 228 58.03 6.76 -15.74
N TYR C 229 58.37 7.25 -16.93
CA TYR C 229 59.67 6.96 -17.52
C TYR C 229 60.39 8.20 -18.03
N THR C 230 61.71 8.23 -17.83
CA THR C 230 62.59 9.24 -18.42
C THR C 230 63.01 8.67 -19.76
N PRO C 231 63.53 9.51 -20.66
CA PRO C 231 63.82 9.09 -22.03
C PRO C 231 64.74 7.89 -22.07
N ASP C 232 65.62 7.78 -21.07
CA ASP C 232 66.58 6.67 -20.98
C ASP C 232 65.97 5.37 -20.46
N LEU C 233 64.68 5.43 -20.09
CA LEU C 233 63.90 4.30 -19.57
C LEU C 233 64.27 3.89 -18.16
N LYS C 234 64.50 4.91 -17.33
CA LYS C 234 64.60 4.70 -15.91
C LYS C 234 63.19 4.92 -15.37
N ILE C 235 62.70 4.00 -14.55
CA ILE C 235 61.39 4.15 -13.89
C ILE C 235 61.48 5.31 -12.89
N VAL C 236 60.52 6.21 -12.95
CA VAL C 236 60.65 7.43 -12.19
C VAL C 236 59.38 7.77 -11.37
N GLY C 237 58.46 6.80 -11.38
CA GLY C 237 57.23 6.84 -10.60
C GLY C 237 56.31 5.66 -10.89
N ILE C 238 55.72 5.09 -9.85
CA ILE C 238 54.72 4.03 -10.00
C ILE C 238 53.51 4.27 -9.10
N GLN C 239 52.31 4.05 -9.62
CA GLN C 239 51.10 4.18 -8.82
C GLN C 239 50.05 3.14 -9.17
N LYS C 240 49.79 2.24 -8.23
CA LYS C 240 48.66 1.34 -8.35
C LYS C 240 47.38 2.07 -7.97
N SER C 241 46.30 1.73 -8.67
CA SER C 241 45.06 2.48 -8.58
C SER C 241 43.88 1.53 -8.81
N GLY C 242 42.78 1.76 -8.10
CA GLY C 242 41.58 0.96 -8.30
C GLY C 242 41.22 0.12 -7.12
N LYS C 243 39.95 -0.25 -7.09
CA LYS C 243 39.35 -1.01 -6.00
C LYS C 243 39.87 -2.44 -5.83
N GLY C 244 40.39 -3.02 -6.92
CA GLY C 244 40.82 -4.41 -6.95
C GLY C 244 42.30 -4.61 -6.77
N SER C 245 42.73 -5.87 -6.86
CA SER C 245 44.13 -6.23 -6.70
C SER C 245 44.76 -6.79 -7.98
N MET C 246 46.02 -7.17 -7.87
CA MET C 246 46.83 -7.52 -9.02
C MET C 246 47.93 -8.48 -8.56
N SER C 247 48.21 -9.51 -9.34
CA SER C 247 49.22 -10.50 -8.96
C SER C 247 50.65 -9.99 -9.16
N LEU C 248 51.61 -10.74 -8.67
CA LEU C 248 53.00 -10.34 -8.76
C LEU C 248 53.43 -10.30 -10.20
N GLN C 249 53.11 -11.36 -10.95
CA GLN C 249 53.49 -11.49 -12.36
C GLN C 249 52.73 -10.51 -13.24
N ASP C 250 51.53 -10.17 -12.81
CA ASP C 250 50.76 -9.12 -13.45
C ASP C 250 51.56 -7.83 -13.51
N ILE C 251 52.11 -7.42 -12.38
CA ILE C 251 52.89 -6.20 -12.30
C ILE C 251 54.17 -6.28 -13.12
N ASP C 252 54.84 -7.43 -13.04
CA ASP C 252 56.04 -7.67 -13.83
C ASP C 252 55.80 -7.36 -15.30
N GLN C 253 54.83 -8.04 -15.90
CA GLN C 253 54.44 -7.83 -17.31
C GLN C 253 53.95 -6.41 -17.58
N ALA C 254 53.17 -5.88 -16.64
CA ALA C 254 52.62 -4.53 -16.76
C ALA C 254 53.75 -3.56 -17.03
N GLU C 255 54.80 -3.62 -16.22
CA GLU C 255 55.95 -2.76 -16.42
C GLU C 255 56.68 -3.03 -17.75
N ASN C 256 56.84 -4.30 -18.10
CA ASN C 256 57.43 -4.69 -19.38
C ASN C 256 56.74 -4.03 -20.53
N THR C 257 55.41 -4.14 -20.53
CA THR C 257 54.58 -3.55 -21.56
C THR C 257 54.67 -2.04 -21.48
N ALA C 258 54.42 -1.49 -20.28
CA ALA C 258 54.48 -0.05 -20.06
C ALA C 258 55.73 0.57 -20.66
N ARG C 259 56.84 -0.14 -20.52
CA ARG C 259 58.13 0.36 -20.96
C ARG C 259 58.30 0.35 -22.48
N SER C 260 58.03 -0.78 -23.13
CA SER C 260 58.18 -0.85 -24.58
C SER C 260 57.10 -0.04 -25.32
N THR C 261 56.14 0.49 -24.57
CA THR C 261 55.19 1.50 -25.06
C THR C 261 55.75 2.89 -24.86
N ALA C 262 56.35 3.13 -23.68
CA ALA C 262 56.97 4.41 -23.34
C ALA C 262 57.82 4.97 -24.47
N VAL C 263 58.61 4.11 -25.11
CA VAL C 263 59.51 4.51 -26.19
C VAL C 263 58.71 5.18 -27.30
N LYS C 264 57.67 4.48 -27.76
CA LYS C 264 56.80 4.92 -28.85
C LYS C 264 56.10 6.24 -28.52
N LEU C 265 55.57 6.32 -27.30
CA LEU C 265 54.88 7.51 -26.83
C LEU C 265 55.83 8.68 -26.70
N LEU C 266 57.04 8.43 -26.20
CA LEU C 266 58.04 9.48 -26.05
C LEU C 266 58.42 10.08 -27.40
N GLU C 267 58.56 9.22 -28.40
CA GLU C 267 58.91 9.65 -29.76
C GLU C 267 57.84 10.54 -30.34
N GLU C 268 56.59 10.26 -30.00
CA GLU C 268 55.46 11.00 -30.51
C GLU C 268 55.29 12.33 -29.79
N LEU C 269 55.55 12.32 -28.49
CA LEU C 269 55.49 13.55 -27.68
C LEU C 269 56.52 14.56 -28.16
N LYS C 270 57.71 14.06 -28.48
CA LYS C 270 58.79 14.90 -28.94
C LYS C 270 58.46 15.53 -30.28
N LYS C 271 57.77 14.78 -31.14
CA LYS C 271 57.33 15.31 -32.42
C LYS C 271 56.42 16.50 -32.24
N HIS C 272 55.53 16.43 -31.26
CA HIS C 272 54.63 17.53 -30.96
C HIS C 272 55.39 18.72 -30.39
N LEU C 273 56.46 18.45 -29.66
CA LEU C 273 57.23 19.51 -29.03
C LEU C 273 58.35 20.06 -29.91
N GLY C 274 58.67 19.32 -30.98
CA GLY C 274 59.80 19.66 -31.87
C GLY C 274 61.11 19.19 -31.26
N ILE C 275 61.23 17.87 -31.11
CA ILE C 275 62.20 17.21 -30.18
C ILE C 275 62.16 17.79 -28.74
N ARG D 2 88.66 22.26 -9.30
CA ARG D 2 88.25 20.86 -8.94
C ARG D 2 88.96 20.39 -7.64
N GLU D 3 89.00 21.29 -6.63
CA GLU D 3 89.81 21.12 -5.40
C GLU D 3 89.37 19.98 -4.43
N MET D 4 89.44 20.24 -3.12
CA MET D 4 89.14 19.23 -2.09
C MET D 4 87.62 19.10 -1.79
N LEU D 5 86.79 18.90 -2.83
CA LEU D 5 85.30 18.95 -2.74
C LEU D 5 84.59 17.62 -2.36
N GLN D 6 83.63 17.68 -1.43
CA GLN D 6 82.92 16.44 -0.98
C GLN D 6 81.39 16.58 -0.86
N VAL D 7 80.68 15.47 -1.10
CA VAL D 7 79.20 15.45 -1.16
C VAL D 7 78.52 15.74 0.19
N GLU D 8 77.42 16.49 0.16
CA GLU D 8 76.72 16.89 1.39
C GLU D 8 75.73 15.83 1.90
N ARG D 9 75.33 14.92 1.00
CA ARG D 9 74.40 13.84 1.34
C ARG D 9 75.14 12.67 1.99
N PRO D 10 74.68 12.28 3.20
CA PRO D 10 75.19 11.19 4.08
C PRO D 10 75.15 9.77 3.50
N LYS D 11 76.19 9.00 3.79
CA LYS D 11 76.34 7.62 3.29
C LYS D 11 75.32 6.70 3.92
N LEU D 12 74.71 5.85 3.12
CA LEU D 12 73.61 5.02 3.61
C LEU D 12 73.98 3.56 3.80
N ILE D 13 74.94 3.07 3.03
CA ILE D 13 75.45 1.72 3.23
C ILE D 13 76.88 1.79 3.74
N LEU D 14 77.06 1.41 5.00
CA LEU D 14 78.28 1.67 5.71
C LEU D 14 79.16 0.43 5.82
N ASP D 15 79.85 0.28 6.96
CA ASP D 15 80.78 -0.84 7.17
C ASP D 15 80.05 -2.17 7.34
N ASP D 16 80.66 -3.23 6.80
CA ASP D 16 79.96 -4.50 6.54
C ASP D 16 78.79 -4.17 5.65
N GLY D 17 77.77 -5.00 5.61
CA GLY D 17 76.63 -4.68 4.76
C GLY D 17 75.83 -3.46 5.23
N LYS D 18 76.25 -2.82 6.34
CA LYS D 18 75.28 -2.25 7.28
C LYS D 18 74.81 -0.82 7.08
N ARG D 19 73.55 -0.59 7.44
CA ARG D 19 72.89 0.67 7.26
C ARG D 19 73.08 1.59 8.46
N THR D 20 72.39 2.73 8.42
CA THR D 20 72.53 3.76 9.46
C THR D 20 72.07 3.30 10.85
N ASP D 21 71.07 2.43 10.90
CA ASP D 21 70.60 1.86 12.16
C ASP D 21 71.27 0.52 12.47
N GLY D 22 72.26 0.15 11.67
CA GLY D 22 73.05 -1.07 11.89
C GLY D 22 72.43 -2.34 11.33
N ARG D 23 71.38 -2.18 10.53
CA ARG D 23 70.74 -3.32 9.87
C ARG D 23 71.41 -3.66 8.55
N LYS D 24 71.44 -4.95 8.21
CA LYS D 24 71.88 -5.40 6.90
C LYS D 24 70.78 -5.08 5.88
N PRO D 25 71.12 -5.02 4.57
CA PRO D 25 70.14 -4.65 3.56
C PRO D 25 68.85 -5.45 3.60
N ASP D 26 68.90 -6.65 4.18
CA ASP D 26 67.74 -7.55 4.17
C ASP D 26 67.14 -7.81 5.54
N GLU D 27 67.21 -6.85 6.45
CA GLU D 27 66.71 -7.04 7.82
C GLU D 27 65.52 -6.15 8.15
N LEU D 28 64.48 -6.75 8.72
CA LEU D 28 63.30 -5.99 9.15
C LEU D 28 63.54 -5.28 10.47
N ARG D 29 62.84 -4.17 10.68
CA ARG D 29 62.87 -3.50 11.97
C ARG D 29 62.01 -4.27 12.96
N SER D 30 62.12 -3.91 14.23
CA SER D 30 61.41 -4.61 15.29
C SER D 30 59.93 -4.38 15.16
N ILE D 31 59.19 -5.49 15.10
CA ILE D 31 57.75 -5.45 14.95
C ILE D 31 57.04 -5.76 16.28
N LYS D 32 55.97 -5.02 16.55
CA LYS D 32 55.16 -5.24 17.73
C LYS D 32 53.69 -5.01 17.39
N ILE D 33 52.88 -6.03 17.64
CA ILE D 33 51.44 -5.99 17.31
C ILE D 33 50.61 -6.37 18.50
N GLU D 34 49.49 -5.66 18.69
CA GLU D 34 48.45 -6.09 19.64
C GLU D 34 47.05 -5.65 19.26
N LEU D 35 46.12 -6.58 19.45
CA LEU D 35 44.73 -6.43 19.02
C LEU D 35 43.81 -6.05 20.20
N GLY D 36 42.59 -5.61 19.86
CA GLY D 36 41.53 -5.37 20.84
C GLY D 36 41.96 -4.47 21.96
N VAL D 37 42.69 -3.41 21.62
CA VAL D 37 43.22 -2.53 22.64
C VAL D 37 42.25 -1.39 23.04
N LEU D 38 41.26 -1.13 22.19
CA LEU D 38 40.26 -0.10 22.46
C LEU D 38 38.92 -0.72 22.81
N LYS D 39 38.35 -0.27 23.93
CA LYS D 39 37.07 -0.76 24.42
C LYS D 39 35.90 -0.47 23.50
N ASN D 40 35.80 0.77 23.04
CA ASN D 40 34.61 1.25 22.35
C ASN D 40 34.53 0.90 20.89
N ALA D 41 35.68 0.64 20.28
CA ALA D 41 35.74 0.25 18.87
C ALA D 41 35.20 -1.16 18.71
N ASP D 42 34.71 -1.50 17.53
CA ASP D 42 34.31 -2.86 17.26
C ASP D 42 35.50 -3.75 17.01
N GLY D 43 36.61 -3.14 16.55
CA GLY D 43 37.90 -3.82 16.38
C GLY D 43 39.02 -2.80 16.43
N SER D 44 40.13 -3.19 17.06
CA SER D 44 41.27 -2.29 17.24
C SER D 44 42.62 -3.02 17.15
N ALA D 45 43.65 -2.28 16.78
CA ALA D 45 45.01 -2.82 16.69
C ALA D 45 46.05 -1.71 16.77
N ILE D 46 47.15 -1.99 17.47
CA ILE D 46 48.33 -1.12 17.44
C ILE D 46 49.42 -1.89 16.70
N PHE D 47 50.01 -1.25 15.70
CA PHE D 47 51.10 -1.86 14.96
C PHE D 47 52.34 -0.99 15.06
N GLU D 48 53.49 -1.61 15.30
CA GLU D 48 54.78 -0.90 15.36
C GLU D 48 55.84 -1.58 14.52
N MET D 49 56.41 -0.85 13.56
CA MET D 49 57.61 -1.28 12.86
C MET D 49 58.65 -0.28 13.21
N GLY D 50 59.72 -0.72 13.84
CA GLY D 50 60.75 0.18 14.34
C GLY D 50 60.07 1.27 15.14
N ASN D 51 60.22 2.51 14.67
CA ASN D 51 59.64 3.66 15.36
C ASN D 51 58.36 4.22 14.77
N THR D 52 57.92 3.63 13.67
CA THR D 52 56.59 3.92 13.14
C THR D 52 55.56 3.12 13.93
N LYS D 53 54.64 3.85 14.57
CA LYS D 53 53.63 3.26 15.46
C LYS D 53 52.24 3.84 15.19
N ALA D 54 51.37 3.00 14.66
CA ALA D 54 50.05 3.45 14.27
C ALA D 54 48.99 2.75 15.11
N ILE D 55 47.86 3.42 15.30
CA ILE D 55 46.68 2.78 15.90
C ILE D 55 45.44 2.88 15.00
N ALA D 56 44.74 1.76 14.87
CA ALA D 56 43.55 1.67 14.03
C ALA D 56 42.34 1.19 14.81
N ALA D 57 41.21 1.86 14.59
CA ALA D 57 39.95 1.49 15.18
C ALA D 57 38.96 1.27 14.07
N VAL D 58 38.14 0.23 14.21
CA VAL D 58 37.13 -0.10 13.23
C VAL D 58 35.74 0.00 13.86
N TYR D 59 34.79 0.57 13.13
CA TYR D 59 33.40 0.61 13.56
C TYR D 59 32.49 -0.19 12.64
N GLY D 60 32.16 -1.40 13.12
CA GLY D 60 31.59 -2.51 12.35
C GLY D 60 30.39 -2.16 11.52
N PRO D 61 30.00 -3.08 10.61
CA PRO D 61 29.00 -2.75 9.58
C PRO D 61 27.73 -2.12 10.16
N LYS D 62 27.47 -0.86 9.80
CA LYS D 62 26.31 -0.12 10.28
C LYS D 62 25.72 0.66 9.12
N GLU D 63 24.43 0.97 9.19
CA GLU D 63 23.75 1.74 8.13
C GLU D 63 24.30 3.16 7.98
N MET D 64 23.93 3.84 6.90
CA MET D 64 24.46 5.17 6.65
C MET D 64 23.52 6.31 7.01
N HIS D 65 24.07 7.27 7.77
CA HIS D 65 23.36 8.47 8.24
C HIS D 65 22.81 9.34 7.08
N PRO D 66 23.65 9.60 6.05
CA PRO D 66 23.13 10.17 4.80
C PRO D 66 22.69 9.06 3.86
N ARG D 67 21.37 8.90 3.75
CA ARG D 67 20.77 7.75 3.10
C ARG D 67 21.26 7.52 1.66
N HIS D 68 21.17 8.55 0.82
CA HIS D 68 21.53 8.46 -0.61
C HIS D 68 23.01 8.15 -0.92
N LEU D 69 23.88 8.36 0.08
CA LEU D 69 25.30 8.13 -0.08
C LEU D 69 25.73 6.68 0.08
N SER D 70 24.83 5.84 0.59
CA SER D 70 25.09 4.41 0.76
C SER D 70 25.20 3.68 -0.58
N LEU D 71 25.52 2.39 -0.53
CA LEU D 71 25.57 1.57 -1.74
C LEU D 71 24.61 0.38 -1.67
N PRO D 72 23.90 0.12 -2.78
CA PRO D 72 22.77 -0.83 -2.88
C PRO D 72 23.10 -2.29 -2.63
N ASP D 73 24.38 -2.66 -2.76
CA ASP D 73 24.79 -4.07 -2.69
C ASP D 73 26.12 -4.18 -1.93
N ARG D 74 26.69 -3.04 -1.54
CA ARG D 74 28.01 -3.02 -0.97
C ARG D 74 28.01 -2.24 0.31
N ALA D 75 29.03 -2.49 1.11
CA ALA D 75 29.37 -1.61 2.21
C ALA D 75 30.20 -0.48 1.63
N VAL D 76 30.04 0.70 2.22
CA VAL D 76 30.87 1.84 1.87
C VAL D 76 32.00 1.90 2.88
N LEU D 77 33.24 1.80 2.40
CA LEU D 77 34.40 1.92 3.28
C LEU D 77 34.69 3.38 3.55
N ARG D 78 34.80 3.73 4.82
CA ARG D 78 35.23 5.07 5.19
C ARG D 78 36.56 4.98 5.91
N VAL D 79 37.62 5.43 5.25
CA VAL D 79 38.98 5.28 5.78
C VAL D 79 39.64 6.65 6.02
N ARG D 80 40.42 6.74 7.09
CA ARG D 80 41.11 7.98 7.41
C ARG D 80 42.53 7.72 7.93
N TYR D 81 43.51 8.20 7.18
CA TYR D 81 44.92 8.18 7.58
C TYR D 81 45.23 9.57 8.13
N HIS D 82 45.74 9.62 9.35
CA HIS D 82 46.01 10.90 9.99
C HIS D 82 47.22 10.82 10.89
N MET D 83 48.02 11.86 10.85
CA MET D 83 49.23 11.97 11.66
C MET D 83 49.03 12.95 12.81
N THR D 84 49.18 12.44 14.04
CA THR D 84 49.09 13.27 15.23
C THR D 84 50.22 14.30 15.20
N PRO D 85 49.95 15.52 15.73
CA PRO D 85 50.92 16.59 15.65
C PRO D 85 52.27 16.28 16.30
N PHE D 86 52.34 15.25 17.14
CA PHE D 86 53.58 14.91 17.84
C PHE D 86 54.16 13.58 17.37
N SER D 87 53.89 13.24 16.10
CA SER D 87 54.37 12.00 15.53
C SER D 87 55.71 12.19 14.82
N THR D 88 56.06 13.44 14.60
CA THR D 88 57.25 13.80 13.84
C THR D 88 58.18 14.71 14.66
N ASP D 89 59.35 14.97 14.10
CA ASP D 89 60.38 15.74 14.77
C ASP D 89 59.99 17.18 14.98
N GLU D 90 59.16 17.69 14.08
CA GLU D 90 58.60 19.03 14.23
C GLU D 90 57.10 18.95 14.06
N ARG D 91 56.37 19.67 14.92
CA ARG D 91 54.92 19.54 15.00
C ARG D 91 54.19 19.52 13.65
N LYS D 92 53.73 18.34 13.24
CA LYS D 92 52.87 18.20 12.05
C LYS D 92 51.57 18.89 12.34
N ASN D 93 51.08 19.64 11.37
CA ASN D 93 49.79 20.30 11.53
C ASN D 93 48.66 19.27 11.49
N PRO D 94 47.73 19.37 12.46
CA PRO D 94 46.60 18.45 12.56
C PRO D 94 45.70 18.44 11.33
N ALA D 95 45.32 19.62 10.83
CA ALA D 95 44.46 19.73 9.65
C ALA D 95 45.11 19.00 8.48
N PRO D 96 44.34 18.11 7.79
CA PRO D 96 44.89 17.11 6.84
C PRO D 96 45.63 17.70 5.64
N SER D 97 46.81 17.17 5.36
CA SER D 97 47.63 17.62 4.22
C SER D 97 47.25 16.88 2.93
N ARG D 98 47.75 17.36 1.79
CA ARG D 98 47.54 16.68 0.51
C ARG D 98 48.09 15.27 0.57
N ARG D 99 49.29 15.15 1.14
CA ARG D 99 49.90 13.86 1.40
C ARG D 99 48.95 12.92 2.16
N GLU D 100 48.35 13.43 3.24
CA GLU D 100 47.39 12.69 4.09
C GLU D 100 46.14 12.26 3.33
N ILE D 101 45.67 13.11 2.42
CA ILE D 101 44.50 12.81 1.60
C ILE D 101 44.77 11.69 0.60
N GLU D 102 45.87 11.82 -0.15
CA GLU D 102 46.24 10.79 -1.11
C GLU D 102 46.40 9.44 -0.42
N LEU D 103 47.12 9.42 0.69
CA LEU D 103 47.37 8.21 1.45
C LEU D 103 46.10 7.53 1.93
N SER D 104 45.13 8.33 2.39
CA SER D 104 43.81 7.81 2.80
C SER D 104 43.11 7.05 1.67
N LYS D 105 43.17 7.61 0.47
CA LYS D 105 42.62 6.97 -0.72
C LYS D 105 43.37 5.69 -1.07
N VAL D 106 44.68 5.79 -1.17
CA VAL D 106 45.52 4.65 -1.50
C VAL D 106 45.27 3.48 -0.55
N ILE D 107 45.11 3.81 0.74
CA ILE D 107 44.83 2.81 1.77
C ILE D 107 43.41 2.27 1.65
N ARG D 108 42.44 3.15 1.46
CA ARG D 108 41.05 2.71 1.31
C ARG D 108 40.94 1.68 0.20
N GLU D 109 41.43 2.05 -0.97
CA GLU D 109 41.43 1.18 -2.14
C GLU D 109 42.11 -0.14 -1.82
N ALA D 110 43.24 -0.06 -1.12
CA ALA D 110 43.96 -1.25 -0.71
C ALA D 110 43.03 -2.18 0.04
N LEU D 111 42.33 -1.65 1.04
CA LEU D 111 41.41 -2.44 1.86
C LEU D 111 40.19 -2.96 1.10
N GLU D 112 39.73 -2.19 0.12
CA GLU D 112 38.52 -2.55 -0.65
C GLU D 112 38.71 -3.85 -1.39
N SER D 113 39.96 -4.17 -1.70
CA SER D 113 40.27 -5.40 -2.41
C SER D 113 40.30 -6.61 -1.48
N ALA D 114 40.39 -6.35 -0.17
CA ALA D 114 40.46 -7.43 0.82
C ALA D 114 39.10 -7.68 1.47
N VAL D 115 38.47 -6.61 1.93
CA VAL D 115 37.20 -6.71 2.63
C VAL D 115 36.08 -7.15 1.69
N LEU D 116 35.23 -8.05 2.19
CA LEU D 116 34.09 -8.56 1.42
C LEU D 116 32.90 -7.62 1.59
N VAL D 117 32.99 -6.46 0.97
CA VAL D 117 32.00 -5.39 1.14
C VAL D 117 30.58 -5.72 0.65
N GLU D 118 30.48 -6.74 -0.19
CA GLU D 118 29.19 -7.19 -0.76
C GLU D 118 28.27 -7.76 0.32
N LEU D 119 28.88 -8.36 1.34
CA LEU D 119 28.13 -9.02 2.41
C LEU D 119 27.24 -8.06 3.19
N PHE D 120 27.57 -6.77 3.15
CA PHE D 120 26.88 -5.78 3.96
C PHE D 120 26.39 -4.59 3.14
N PRO D 121 25.28 -4.77 2.41
CA PRO D 121 24.75 -3.65 1.63
C PRO D 121 24.21 -2.56 2.54
N ARG D 122 24.14 -1.33 2.04
CA ARG D 122 23.56 -0.18 2.78
C ARG D 122 24.37 0.25 4.01
N THR D 123 25.43 -0.50 4.30
CA THR D 123 26.19 -0.30 5.53
C THR D 123 27.51 0.41 5.27
N ALA D 124 27.96 1.15 6.27
CA ALA D 124 29.24 1.80 6.24
C ALA D 124 30.15 1.08 7.22
N ILE D 125 31.39 0.84 6.80
CA ILE D 125 32.43 0.36 7.72
C ILE D 125 33.49 1.42 7.89
N ASP D 126 33.61 1.92 9.11
CA ASP D 126 34.55 2.98 9.45
C ASP D 126 35.89 2.41 9.86
N VAL D 127 36.95 2.90 9.22
CA VAL D 127 38.30 2.53 9.59
C VAL D 127 39.08 3.79 9.88
N PHE D 128 39.42 3.99 11.15
CA PHE D 128 40.16 5.18 11.54
C PHE D 128 41.58 4.87 12.00
N THR D 129 42.52 5.65 11.50
CA THR D 129 43.94 5.35 11.64
C THR D 129 44.68 6.56 12.16
N GLU D 130 45.56 6.36 13.14
CA GLU D 130 46.37 7.44 13.67
C GLU D 130 47.83 7.07 13.79
N ILE D 131 48.70 7.85 13.17
CA ILE D 131 50.14 7.66 13.31
C ILE D 131 50.62 8.41 14.56
N LEU D 132 51.22 7.67 15.49
CA LEU D 132 51.66 8.21 16.77
C LEU D 132 53.14 8.58 16.74
N GLN D 133 53.89 7.88 15.89
CA GLN D 133 55.26 8.22 15.57
C GLN D 133 55.50 7.86 14.12
N ALA D 134 55.99 8.81 13.34
CA ALA D 134 56.34 8.56 11.95
C ALA D 134 57.84 8.31 11.79
N ASP D 135 58.18 7.25 11.08
CA ASP D 135 59.56 6.88 10.82
C ASP D 135 59.60 6.14 9.47
N ALA D 136 58.86 6.67 8.50
CA ALA D 136 58.77 6.12 7.15
C ALA D 136 58.00 4.82 7.11
N GLY D 137 57.26 4.62 6.02
CA GLY D 137 56.34 3.49 5.86
C GLY D 137 55.18 3.59 6.83
N SER D 138 54.79 4.83 7.13
CA SER D 138 53.70 5.14 8.06
C SER D 138 52.41 4.63 7.45
N ARG D 139 52.34 4.73 6.13
CA ARG D 139 51.15 4.31 5.40
C ARG D 139 50.97 2.80 5.44
N LEU D 140 52.06 2.06 5.59
CA LEU D 140 51.97 0.62 5.58
C LEU D 140 51.63 0.10 6.97
N VAL D 141 52.24 0.72 7.98
CA VAL D 141 51.94 0.41 9.39
C VAL D 141 50.47 0.69 9.66
N SER D 142 50.01 1.85 9.19
CA SER D 142 48.58 2.22 9.16
C SER D 142 47.65 1.17 8.50
N LEU D 143 47.98 0.75 7.28
CA LEU D 143 47.19 -0.21 6.53
C LEU D 143 47.11 -1.57 7.23
N MET D 144 48.23 -2.02 7.75
CA MET D 144 48.26 -3.29 8.44
C MET D 144 47.47 -3.23 9.75
N ALA D 145 47.68 -2.15 10.50
CA ALA D 145 46.91 -1.87 11.71
C ALA D 145 45.42 -2.00 11.39
N ALA D 146 45.01 -1.34 10.31
CA ALA D 146 43.63 -1.40 9.83
C ALA D 146 43.19 -2.82 9.50
N SER D 147 43.99 -3.51 8.70
CA SER D 147 43.68 -4.90 8.31
C SER D 147 43.42 -5.76 9.54
N LEU D 148 44.26 -5.62 10.55
CA LEU D 148 44.12 -6.38 11.77
C LEU D 148 42.95 -5.92 12.62
N ALA D 149 42.76 -4.61 12.69
CA ALA D 149 41.62 -4.07 13.41
C ALA D 149 40.30 -4.57 12.80
N LEU D 150 40.28 -4.69 11.47
CA LEU D 150 39.12 -5.23 10.76
C LEU D 150 38.91 -6.68 11.10
N ALA D 151 40.01 -7.43 11.17
CA ALA D 151 39.96 -8.85 11.50
C ALA D 151 39.51 -8.99 12.92
N ASP D 152 40.01 -8.10 13.78
CA ASP D 152 39.60 -8.08 15.18
C ASP D 152 38.10 -7.82 15.30
N ALA D 153 37.60 -6.94 14.44
CA ALA D 153 36.17 -6.61 14.41
C ALA D 153 35.31 -7.78 13.92
N GLY D 154 35.95 -8.84 13.48
CA GLY D 154 35.25 -10.02 12.99
C GLY D 154 34.70 -9.85 11.58
N ILE D 155 35.12 -8.78 10.90
CA ILE D 155 34.74 -8.53 9.53
C ILE D 155 35.51 -9.47 8.61
N PRO D 156 34.79 -10.20 7.73
CA PRO D 156 35.46 -11.20 6.91
C PRO D 156 36.14 -10.55 5.71
N MET D 157 37.41 -10.92 5.51
CA MET D 157 38.17 -10.45 4.36
C MET D 157 38.69 -11.66 3.60
N ARG D 158 39.22 -11.43 2.40
CA ARG D 158 39.82 -12.51 1.60
C ARG D 158 41.12 -12.98 2.23
N ASP D 159 41.85 -12.05 2.83
CA ASP D 159 43.15 -12.32 3.44
C ASP D 159 43.54 -11.12 4.30
N LEU D 160 44.53 -11.32 5.17
CA LEU D 160 45.15 -10.22 5.88
C LEU D 160 46.05 -9.48 4.91
N ILE D 161 46.28 -8.20 5.18
CA ILE D 161 47.20 -7.39 4.37
C ILE D 161 48.52 -7.14 5.12
N ALA D 162 49.64 -7.40 4.43
CA ALA D 162 50.97 -7.21 4.98
C ALA D 162 51.79 -6.39 3.99
N GLY D 163 52.66 -5.54 4.50
CA GLY D 163 53.43 -4.66 3.63
C GLY D 163 54.76 -4.16 4.17
N VAL D 164 55.69 -3.91 3.26
CA VAL D 164 56.97 -3.27 3.56
C VAL D 164 57.28 -2.16 2.59
N ALA D 165 58.06 -1.19 3.04
CA ALA D 165 58.71 -0.25 2.14
C ALA D 165 60.04 -0.89 1.74
N VAL D 166 60.28 -0.99 0.44
CA VAL D 166 61.57 -1.44 -0.06
C VAL D 166 62.19 -0.30 -0.87
N GLY D 167 63.51 -0.20 -0.90
CA GLY D 167 64.15 0.94 -1.56
C GLY D 167 65.57 0.71 -2.04
N LYS D 168 66.15 1.78 -2.59
CA LYS D 168 67.53 1.75 -3.03
C LYS D 168 68.29 2.84 -2.28
N ALA D 169 69.36 2.46 -1.58
CA ALA D 169 70.09 3.37 -0.70
C ALA D 169 71.28 4.03 -1.41
N ASP D 170 72.47 3.44 -1.27
CA ASP D 170 73.64 3.95 -1.96
C ASP D 170 73.87 2.99 -3.10
N GLY D 171 72.85 2.88 -3.95
CA GLY D 171 72.87 1.94 -5.04
C GLY D 171 72.63 0.52 -4.55
N VAL D 172 72.41 0.39 -3.25
CA VAL D 172 72.12 -0.91 -2.68
C VAL D 172 70.63 -1.00 -2.43
N ILE D 173 70.03 -2.11 -2.86
CA ILE D 173 68.62 -2.38 -2.58
C ILE D 173 68.44 -2.86 -1.13
N ILE D 174 67.57 -2.16 -0.41
CA ILE D 174 67.38 -2.38 1.02
C ILE D 174 65.93 -2.61 1.39
N LEU D 175 65.71 -3.34 2.48
CA LEU D 175 64.39 -3.71 2.97
C LEU D 175 63.97 -2.92 4.21
N ASP D 176 62.75 -2.41 4.20
CA ASP D 176 62.16 -1.66 5.32
C ASP D 176 62.90 -0.36 5.69
N LEU D 177 62.44 0.75 5.14
CA LEU D 177 63.21 2.00 5.17
C LEU D 177 63.15 2.80 6.48
N ASN D 178 64.25 3.50 6.77
CA ASN D 178 64.32 4.49 7.83
C ASN D 178 63.67 5.79 7.45
N GLU D 179 63.50 6.65 8.45
CA GLU D 179 63.19 8.04 8.22
C GLU D 179 64.32 8.59 7.34
N THR D 180 65.54 8.28 7.72
CA THR D 180 66.75 8.71 7.02
C THR D 180 66.85 8.15 5.62
N GLU D 181 66.58 6.85 5.49
CA GLU D 181 66.69 6.17 4.20
C GLU D 181 65.63 6.64 3.19
N ASP D 182 64.46 7.02 3.70
CA ASP D 182 63.37 7.54 2.88
C ASP D 182 63.78 8.86 2.26
N MET D 183 64.40 9.71 3.06
CA MET D 183 64.88 11.01 2.61
C MET D 183 65.96 10.93 1.55
N TRP D 184 67.08 10.30 1.90
CA TRP D 184 68.29 10.41 1.11
C TRP D 184 68.50 9.36 0.04
N GLY D 185 67.77 8.25 0.11
CA GLY D 185 67.92 7.17 -0.87
C GLY D 185 67.31 7.50 -2.21
N GLU D 186 67.77 6.83 -3.26
CA GLU D 186 67.27 7.06 -4.63
C GLU D 186 65.80 6.70 -4.82
N ALA D 187 65.31 5.75 -4.04
CA ALA D 187 64.00 5.18 -4.26
C ALA D 187 63.32 4.72 -2.97
N ASP D 188 62.02 4.92 -2.92
CA ASP D 188 61.18 4.48 -1.82
C ASP D 188 59.95 3.85 -2.47
N MET D 189 59.74 2.56 -2.20
CA MET D 189 58.69 1.81 -2.86
C MET D 189 57.86 0.97 -1.88
N PRO D 190 56.85 1.59 -1.23
CA PRO D 190 55.85 0.83 -0.47
C PRO D 190 55.09 -0.22 -1.34
N ILE D 191 54.96 -1.44 -0.80
CA ILE D 191 54.24 -2.57 -1.43
C ILE D 191 53.43 -3.32 -0.37
N ALA D 192 52.14 -3.56 -0.65
CA ALA D 192 51.28 -4.34 0.26
C ALA D 192 50.63 -5.53 -0.45
N MET D 193 50.48 -6.63 0.28
CA MET D 193 49.97 -7.88 -0.30
C MET D 193 48.90 -8.58 0.54
N MET D 194 48.06 -9.37 -0.15
CA MET D 194 47.33 -10.48 0.46
C MET D 194 48.18 -11.68 0.14
N PRO D 195 49.13 -11.99 1.04
CA PRO D 195 50.25 -12.87 0.73
C PRO D 195 49.84 -14.29 0.35
N SER D 196 48.77 -14.79 0.96
CA SER D 196 48.28 -16.12 0.68
C SER D 196 47.73 -16.22 -0.73
N LEU D 197 47.16 -15.12 -1.20
CA LEU D 197 46.59 -15.06 -2.54
C LEU D 197 47.60 -14.53 -3.57
N ASN D 198 48.78 -14.12 -3.10
CA ASN D 198 49.82 -13.49 -3.92
C ASN D 198 49.31 -12.30 -4.72
N GLN D 199 48.58 -11.44 -4.00
CA GLN D 199 47.87 -10.32 -4.58
C GLN D 199 48.37 -8.99 -4.05
N VAL D 200 48.74 -8.09 -4.97
CA VAL D 200 49.24 -6.79 -4.58
C VAL D 200 48.05 -5.85 -4.38
N THR D 201 48.08 -5.19 -3.24
CA THR D 201 46.97 -4.43 -2.72
C THR D 201 47.26 -2.91 -2.80
N LEU D 202 48.50 -2.56 -2.48
CA LEU D 202 49.00 -1.20 -2.60
C LEU D 202 50.35 -1.34 -3.26
N PHE D 203 50.62 -0.42 -4.19
CA PHE D 203 51.92 -0.39 -4.85
C PHE D 203 52.31 1.02 -5.31
N GLN D 204 53.42 1.53 -4.79
CA GLN D 204 53.86 2.87 -5.13
C GLN D 204 55.36 2.96 -5.17
N LEU D 205 55.88 3.73 -6.13
CA LEU D 205 57.29 4.09 -6.14
C LEU D 205 57.46 5.57 -6.34
N ASN D 206 58.25 6.16 -5.45
CA ASN D 206 58.74 7.52 -5.67
C ASN D 206 60.25 7.54 -5.63
N GLY D 207 60.83 8.09 -6.68
CA GLY D 207 62.26 7.99 -6.87
C GLY D 207 62.58 7.36 -8.21
N SER D 208 63.74 6.71 -8.28
CA SER D 208 64.27 6.29 -9.55
C SER D 208 64.80 4.86 -9.47
N MET D 209 64.50 4.04 -10.47
CA MET D 209 64.97 2.65 -10.55
C MET D 209 65.06 2.09 -11.97
N THR D 210 66.10 1.29 -12.25
CA THR D 210 66.15 0.57 -13.53
C THR D 210 65.20 -0.60 -13.38
N PRO D 211 64.56 -1.01 -14.47
CA PRO D 211 63.65 -2.15 -14.47
C PRO D 211 64.19 -3.34 -13.70
N ASP D 212 65.51 -3.56 -13.75
CA ASP D 212 66.16 -4.66 -13.03
C ASP D 212 66.06 -4.45 -11.53
N GLU D 213 66.56 -3.31 -11.08
CA GLU D 213 66.51 -2.93 -9.68
C GLU D 213 65.08 -3.01 -9.16
N PHE D 214 64.14 -2.53 -9.97
CA PHE D 214 62.73 -2.61 -9.66
C PHE D 214 62.34 -4.04 -9.34
N ARG D 215 62.70 -4.97 -10.22
CA ARG D 215 62.38 -6.37 -10.02
C ARG D 215 63.12 -7.02 -8.85
N GLN D 216 64.35 -6.58 -8.57
CA GLN D 216 65.07 -7.13 -7.44
C GLN D 216 64.39 -6.73 -6.14
N ALA D 217 64.14 -5.43 -6.03
CA ALA D 217 63.52 -4.86 -4.85
C ALA D 217 62.20 -5.55 -4.61
N PHE D 218 61.53 -5.81 -5.72
CA PHE D 218 60.25 -6.48 -5.71
C PHE D 218 60.32 -7.86 -5.05
N ASP D 219 61.32 -8.64 -5.43
CA ASP D 219 61.52 -9.99 -4.90
C ASP D 219 61.78 -9.97 -3.41
N LEU D 220 62.55 -8.98 -2.98
CA LEU D 220 62.93 -8.83 -1.58
C LEU D 220 61.70 -8.45 -0.76
N ALA D 221 60.92 -7.51 -1.27
CA ALA D 221 59.70 -7.07 -0.59
C ALA D 221 58.85 -8.25 -0.20
N VAL D 222 58.70 -9.21 -1.11
CA VAL D 222 57.88 -10.39 -0.88
C VAL D 222 58.38 -11.15 0.32
N LYS D 223 59.68 -11.45 0.33
CA LYS D 223 60.31 -12.17 1.42
C LYS D 223 60.07 -11.53 2.78
N GLY D 224 60.15 -10.20 2.81
CA GLY D 224 59.83 -9.44 4.00
C GLY D 224 58.38 -9.59 4.39
N ILE D 225 57.49 -9.31 3.45
CA ILE D 225 56.04 -9.41 3.64
C ILE D 225 55.60 -10.74 4.24
N ASN D 226 56.23 -11.84 3.81
CA ASN D 226 55.90 -13.16 4.32
C ASN D 226 56.21 -13.35 5.77
N ILE D 227 57.36 -12.85 6.21
CA ILE D 227 57.71 -12.88 7.61
C ILE D 227 56.73 -12.07 8.47
N ILE D 228 56.35 -10.90 7.97
CA ILE D 228 55.38 -10.05 8.64
C ILE D 228 54.01 -10.72 8.71
N TYR D 229 53.60 -11.33 7.60
CA TYR D 229 52.31 -11.99 7.49
C TYR D 229 52.15 -13.07 8.55
N ASN D 230 53.25 -13.73 8.90
CA ASN D 230 53.24 -14.78 9.92
C ASN D 230 53.01 -14.23 11.30
N LEU D 231 53.55 -13.06 11.56
CA LEU D 231 53.34 -12.42 12.84
C LEU D 231 51.90 -11.96 12.93
N GLU D 232 51.32 -11.53 11.82
CA GLU D 232 49.92 -11.12 11.78
C GLU D 232 49.00 -12.27 12.15
N ARG D 233 49.23 -13.44 11.55
CA ARG D 233 48.51 -14.66 11.90
C ARG D 233 48.61 -14.96 13.37
N GLU D 234 49.82 -14.78 13.90
CA GLU D 234 50.13 -15.03 15.30
C GLU D 234 49.42 -14.04 16.21
N ALA D 235 49.44 -12.77 15.82
CA ALA D 235 48.75 -11.72 16.56
C ALA D 235 47.25 -11.98 16.65
N LEU D 236 46.72 -12.67 15.64
CA LEU D 236 45.30 -12.98 15.58
C LEU D 236 44.95 -14.01 16.65
N LYS D 237 45.77 -15.06 16.73
CA LYS D 237 45.57 -16.13 17.70
C LYS D 237 45.81 -15.70 19.13
N SER D 238 46.98 -15.13 19.40
CA SER D 238 47.38 -14.81 20.79
C SER D 238 47.17 -13.34 21.21
N LYS D 239 46.59 -12.53 20.33
CA LYS D 239 46.30 -11.10 20.59
C LYS D 239 47.51 -10.18 20.84
N TYR D 240 48.71 -10.77 20.94
CA TYR D 240 49.95 -10.02 21.21
C TYR D 240 51.22 -10.66 20.67
N VAL D 241 52.00 -9.86 19.93
CA VAL D 241 53.19 -10.36 19.25
C VAL D 241 54.34 -9.37 19.32
N GLU D 242 55.53 -9.88 19.66
CA GLU D 242 56.78 -9.12 19.66
C GLU D 242 57.88 -9.82 18.90
N PHE D 243 58.55 -9.07 18.03
CA PHE D 243 59.55 -9.59 17.11
C PHE D 243 60.80 -8.71 17.09
N LYS D 244 61.89 -9.23 17.67
CA LYS D 244 63.18 -8.57 17.62
C LYS D 244 63.70 -8.68 16.19
N GLU D 245 64.30 -7.60 15.70
CA GLU D 245 64.78 -7.48 14.30
C GLU D 245 65.52 -8.70 13.79
N GLU D 246 65.21 -9.07 12.54
CA GLU D 246 65.78 -10.27 11.90
C GLU D 246 65.84 -10.21 10.37
N GLY D 247 66.97 -10.70 9.83
CA GLY D 247 67.19 -10.81 8.38
C GLY D 247 66.24 -11.79 7.71
N VAL D 248 65.90 -11.57 6.44
CA VAL D 248 65.11 -12.54 5.65
C VAL D 248 65.93 -13.85 5.38
N MET E 1 29.55 27.41 -6.65
CA MET E 1 28.48 27.20 -7.70
C MET E 1 27.11 27.80 -7.33
N SER E 2 26.50 28.53 -8.26
CA SER E 2 25.20 29.18 -8.05
C SER E 2 24.04 28.33 -8.55
N SER E 3 22.95 28.30 -7.80
CA SER E 3 21.78 27.50 -8.18
C SER E 3 20.45 28.10 -7.74
N THR E 4 19.39 27.77 -8.49
CA THR E 4 18.05 28.32 -8.27
C THR E 4 17.64 28.08 -6.82
N PRO E 5 17.24 29.14 -6.11
CA PRO E 5 16.81 29.01 -4.70
C PRO E 5 15.60 28.10 -4.54
N SER E 6 15.75 27.02 -3.78
CA SER E 6 14.68 26.04 -3.58
C SER E 6 13.72 26.48 -2.48
N ASN E 7 14.24 27.33 -1.59
CA ASN E 7 13.64 27.70 -0.32
C ASN E 7 12.75 28.96 -0.35
N GLN E 8 13.10 29.93 -1.21
CA GLN E 8 12.33 31.17 -1.36
C GLN E 8 10.87 30.88 -1.82
N ASN E 9 9.91 31.52 -1.15
CA ASN E 9 8.47 31.18 -1.26
C ASN E 9 7.75 31.38 -2.61
N ILE E 10 7.20 30.28 -3.14
CA ILE E 10 6.39 30.27 -4.36
C ILE E 10 4.97 30.79 -4.08
N ILE E 11 4.80 32.10 -4.26
CA ILE E 11 3.57 32.83 -3.93
C ILE E 11 2.49 32.67 -5.03
N PRO E 12 1.33 32.02 -4.68
CA PRO E 12 0.31 31.53 -5.63
C PRO E 12 -0.09 32.49 -6.75
N ILE E 13 -0.60 31.90 -7.83
CA ILE E 13 -1.09 32.64 -8.98
C ILE E 13 -2.09 33.70 -8.54
N ILE E 14 -3.07 33.26 -7.73
CA ILE E 14 -4.19 34.08 -7.27
C ILE E 14 -3.75 35.37 -6.59
N LYS E 15 -2.86 35.26 -5.60
CA LYS E 15 -2.37 36.40 -4.84
C LYS E 15 -1.74 37.46 -5.73
N LYS E 16 -1.08 37.01 -6.81
CA LYS E 16 -0.43 37.94 -7.74
C LYS E 16 -1.42 38.89 -8.42
N GLU E 17 -2.47 38.33 -9.02
CA GLU E 17 -3.51 39.12 -9.65
C GLU E 17 -4.08 40.21 -8.71
N SER E 18 -4.38 39.85 -7.45
CA SER E 18 -4.91 40.78 -6.44
C SER E 18 -4.08 42.05 -6.41
N ILE E 19 -2.77 41.86 -6.40
CA ILE E 19 -1.81 42.96 -6.35
C ILE E 19 -1.77 43.70 -7.68
N VAL E 20 -1.82 42.95 -8.78
CA VAL E 20 -1.81 43.55 -10.12
C VAL E 20 -3.08 44.38 -10.40
N SER E 21 -4.23 43.82 -10.03
CA SER E 21 -5.52 44.50 -10.18
C SER E 21 -5.54 45.85 -9.43
N LEU E 22 -4.79 45.94 -8.34
CA LEU E 22 -4.63 47.20 -7.60
C LEU E 22 -3.70 48.14 -8.35
N PHE E 23 -2.64 47.58 -8.93
CA PHE E 23 -1.65 48.35 -9.69
C PHE E 23 -2.31 49.02 -10.88
N GLU E 24 -3.28 48.31 -11.45
CA GLU E 24 -4.09 48.81 -12.54
C GLU E 24 -4.84 50.08 -12.16
N LYS E 25 -5.15 50.23 -10.87
CA LYS E 25 -5.78 51.43 -10.35
C LYS E 25 -4.76 52.39 -9.74
N GLY E 26 -3.48 52.11 -9.97
CA GLY E 26 -2.40 52.98 -9.52
C GLY E 26 -2.19 53.02 -8.02
N ILE E 27 -2.65 51.98 -7.33
CA ILE E 27 -2.49 51.88 -5.87
C ILE E 27 -1.91 50.52 -5.47
N ARG E 28 -1.35 50.45 -4.27
CA ARG E 28 -0.82 49.19 -3.75
C ARG E 28 -1.53 48.76 -2.47
N GLN E 29 -1.12 47.62 -1.92
CA GLN E 29 -1.72 47.06 -0.70
C GLN E 29 -1.60 48.02 0.47
N ASP E 30 -0.37 48.47 0.74
CA ASP E 30 -0.09 49.38 1.86
C ASP E 30 -0.70 50.78 1.71
N GLY E 31 -1.08 51.13 0.48
CA GLY E 31 -1.80 52.37 0.23
C GLY E 31 -1.07 53.33 -0.67
N ARG E 32 0.25 53.18 -0.76
CA ARG E 32 1.08 54.12 -1.54
C ARG E 32 0.91 53.99 -3.06
N LYS E 33 1.22 55.07 -3.77
CA LYS E 33 1.19 55.12 -5.23
C LYS E 33 2.33 54.29 -5.80
N LEU E 34 2.29 54.01 -7.10
CA LEU E 34 3.26 53.13 -7.74
C LEU E 34 4.72 53.61 -7.62
N THR E 35 4.89 54.91 -7.44
CA THR E 35 6.23 55.52 -7.40
C THR E 35 6.65 55.96 -6.00
N ASP E 36 5.84 55.62 -4.99
CA ASP E 36 6.06 56.07 -3.61
C ASP E 36 7.10 55.26 -2.86
N TYR E 37 7.76 55.91 -1.91
CA TYR E 37 8.66 55.22 -1.01
C TYR E 37 8.00 54.89 0.32
N ARG E 38 8.36 53.72 0.89
CA ARG E 38 7.91 53.35 2.23
C ARG E 38 8.43 54.34 3.29
N PRO E 39 7.76 54.41 4.47
CA PRO E 39 8.21 55.34 5.50
C PRO E 39 9.65 55.05 5.93
N LEU E 40 10.44 56.11 6.09
CA LEU E 40 11.87 55.95 6.37
C LEU E 40 12.29 56.56 7.71
N SER E 41 12.88 55.73 8.56
CA SER E 41 13.42 56.16 9.85
C SER E 41 14.89 55.86 9.89
N ILE E 42 15.67 56.83 10.33
CA ILE E 42 17.10 56.62 10.54
C ILE E 42 17.50 57.11 11.93
N THR E 43 18.11 56.21 12.69
CA THR E 43 18.67 56.52 14.00
C THR E 43 20.18 56.41 13.89
N LEU E 44 20.85 57.56 14.01
CA LEU E 44 22.30 57.62 13.92
C LEU E 44 22.98 57.24 15.22
N ASP E 45 24.26 56.83 15.12
CA ASP E 45 25.05 56.35 16.26
C ASP E 45 24.27 55.35 17.12
N TYR E 46 23.80 54.28 16.49
CA TYR E 46 23.01 53.28 17.19
C TYR E 46 23.89 52.30 17.97
N ALA E 47 24.81 51.63 17.28
CA ALA E 47 25.82 50.79 17.93
C ALA E 47 26.89 51.71 18.49
N LYS E 48 26.94 51.81 19.82
CA LYS E 48 27.83 52.75 20.50
C LYS E 48 29.31 52.43 20.30
N LYS E 49 29.63 51.14 20.24
CA LYS E 49 31.03 50.74 20.09
C LYS E 49 31.55 50.77 18.66
N ALA E 50 30.70 51.20 17.73
CA ALA E 50 31.12 51.50 16.36
C ALA E 50 31.73 52.89 16.26
N ASP E 51 32.50 53.14 15.21
CA ASP E 51 33.06 54.46 14.93
C ASP E 51 31.96 55.37 14.42
N GLY E 52 31.11 54.83 13.56
CA GLY E 52 29.89 55.49 13.12
C GLY E 52 28.88 54.41 12.86
N SER E 53 27.61 54.67 13.14
CA SER E 53 26.58 53.65 12.93
C SER E 53 25.25 54.27 12.57
N ALA E 54 24.40 53.45 11.96
CA ALA E 54 23.08 53.91 11.56
C ALA E 54 22.05 52.78 11.52
N LEU E 55 20.93 52.97 12.22
CA LEU E 55 19.83 52.03 12.16
C LEU E 55 18.71 52.57 11.25
N VAL E 56 18.52 51.89 10.13
CA VAL E 56 17.59 52.31 9.10
C VAL E 56 16.35 51.41 9.08
N LYS E 57 15.16 52.01 9.11
CA LYS E 57 13.91 51.29 8.90
C LYS E 57 13.26 51.80 7.64
N LEU E 58 13.31 51.03 6.58
CA LEU E 58 12.59 51.35 5.37
C LEU E 58 11.39 50.41 5.28
N GLY E 59 10.21 50.91 5.63
CA GLY E 59 9.04 50.05 5.81
C GLY E 59 9.32 49.08 6.96
N THR E 60 9.17 47.78 6.70
CA THR E 60 9.46 46.76 7.70
C THR E 60 10.89 46.18 7.60
N THR E 61 11.65 46.62 6.60
CA THR E 61 13.06 46.24 6.47
C THR E 61 13.88 46.98 7.52
N MET E 62 14.80 46.26 8.16
CA MET E 62 15.74 46.88 9.09
C MET E 62 17.16 46.53 8.79
N VAL E 63 17.98 47.57 8.69
CA VAL E 63 19.40 47.40 8.46
C VAL E 63 20.15 48.23 9.49
N LEU E 64 21.17 47.62 10.08
CA LEU E 64 22.11 48.32 10.94
C LEU E 64 23.49 48.25 10.30
N ALA E 65 24.03 49.41 9.92
CA ALA E 65 25.36 49.53 9.39
C ALA E 65 26.27 50.18 10.40
N GLY E 66 27.49 49.69 10.48
CA GLY E 66 28.47 50.23 11.40
C GLY E 66 29.86 50.25 10.79
N THR E 67 30.59 51.33 11.05
CA THR E 67 31.95 51.47 10.60
C THR E 67 32.95 51.21 11.70
N LYS E 68 34.14 50.78 11.30
CA LYS E 68 35.26 50.56 12.21
C LYS E 68 36.55 50.86 11.45
N LEU E 69 37.31 51.80 11.97
CA LEU E 69 38.53 52.25 11.31
C LEU E 69 39.79 51.56 11.83
N GLU E 70 40.72 51.28 10.94
CA GLU E 70 41.96 50.63 11.29
C GLU E 70 43.09 51.17 10.45
N ILE E 71 44.30 51.15 11.00
CA ILE E 71 45.47 51.61 10.29
C ILE E 71 46.22 50.44 9.67
N ASP E 72 46.37 50.48 8.34
CA ASP E 72 47.01 49.42 7.59
C ASP E 72 48.00 49.98 6.58
N LYS E 73 48.97 49.16 6.16
CA LYS E 73 49.75 49.43 4.96
C LYS E 73 48.79 49.28 3.77
N PRO E 74 48.79 50.27 2.84
CA PRO E 74 47.88 50.18 1.71
C PRO E 74 48.28 49.04 0.78
N TYR E 75 47.33 48.50 0.03
CA TYR E 75 47.62 47.40 -0.91
C TYR E 75 48.78 47.81 -1.85
N GLU E 76 49.73 46.88 -2.06
CA GLU E 76 50.88 47.11 -2.96
C GLU E 76 50.46 47.61 -4.35
N ASP E 77 49.26 47.19 -4.78
CA ASP E 77 48.65 47.67 -6.01
C ASP E 77 48.31 49.17 -5.96
N THR E 78 47.65 49.62 -4.90
CA THR E 78 47.15 51.00 -4.79
C THR E 78 47.77 51.78 -3.61
N PRO E 79 49.02 52.27 -3.77
CA PRO E 79 49.85 52.76 -2.66
C PRO E 79 49.47 54.13 -2.11
N ASN E 80 48.54 54.81 -2.78
CA ASN E 80 48.10 56.15 -2.35
C ASN E 80 46.64 56.24 -1.96
N GLN E 81 46.13 55.17 -1.36
CA GLN E 81 44.74 55.09 -1.03
C GLN E 81 44.50 54.36 0.26
N GLY E 82 43.52 54.84 1.01
CA GLY E 82 42.95 54.10 2.11
C GLY E 82 42.06 53.01 1.54
N ASN E 83 41.70 52.05 2.36
CA ASN E 83 40.93 50.91 1.87
C ASN E 83 39.49 50.94 2.36
N LEU E 84 38.58 50.43 1.54
CA LEU E 84 37.16 50.26 1.90
C LEU E 84 36.75 48.81 1.79
N ILE E 85 36.19 48.26 2.86
CA ILE E 85 35.69 46.89 2.84
C ILE E 85 34.24 46.79 3.32
N VAL E 86 33.31 46.85 2.35
CA VAL E 86 31.87 46.74 2.61
C VAL E 86 31.54 45.27 2.82
N ASN E 87 30.66 45.02 3.76
CA ASN E 87 30.38 43.66 4.18
C ASN E 87 28.92 43.49 4.60
N VAL E 88 28.08 43.13 3.64
CA VAL E 88 26.67 42.88 3.93
C VAL E 88 26.56 41.49 4.53
N GLU E 89 25.75 41.38 5.58
CA GLU E 89 25.43 40.08 6.18
C GLU E 89 23.94 39.88 6.26
N LEU E 90 23.44 38.75 5.76
CA LEU E 90 22.00 38.50 5.72
C LEU E 90 21.52 37.61 6.85
N LEU E 91 21.96 37.89 8.08
CA LEU E 91 21.60 37.09 9.25
C LEU E 91 20.16 36.61 9.24
N PRO E 92 19.94 35.32 9.57
CA PRO E 92 18.66 34.67 9.40
C PRO E 92 17.52 35.50 9.93
N LEU E 93 17.77 36.18 11.06
CA LEU E 93 16.79 37.02 11.79
C LEU E 93 15.96 37.92 10.89
N ALA E 94 16.49 38.21 9.69
CA ALA E 94 15.78 38.97 8.68
C ALA E 94 14.50 38.28 8.20
N TYR E 95 14.60 37.00 7.80
CA TYR E 95 13.48 36.30 7.14
C TYR E 95 13.22 34.88 7.65
N GLU E 96 11.96 34.46 7.48
CA GLU E 96 11.44 33.15 7.92
C GLU E 96 12.20 31.91 7.42
N THR E 97 13.17 32.09 6.51
CA THR E 97 13.95 30.99 5.92
C THR E 97 15.34 31.42 5.45
N PHE E 98 16.31 31.41 6.36
CA PHE E 98 17.67 31.91 6.07
C PHE E 98 18.76 30.97 6.65
N GLU E 99 19.94 31.02 6.05
CA GLU E 99 21.10 30.34 6.58
C GLU E 99 22.01 31.38 7.25
N PRO E 100 22.61 31.03 8.41
CA PRO E 100 23.55 31.88 9.18
C PRO E 100 25.03 31.66 8.84
N GLY E 101 25.94 32.29 9.60
CA GLY E 101 27.40 32.14 9.42
C GLY E 101 27.94 32.75 8.12
N PRO E 102 28.98 33.64 8.21
CA PRO E 102 29.42 34.55 7.12
C PRO E 102 28.80 34.36 5.69
N PRO E 103 28.41 35.50 5.03
CA PRO E 103 27.49 35.67 3.87
C PRO E 103 27.51 34.65 2.72
N ASP E 104 26.43 34.67 1.93
CA ASP E 104 26.29 33.80 0.77
C ASP E 104 26.19 34.65 -0.51
N GLU E 105 25.62 34.06 -1.56
CA GLU E 105 25.36 34.71 -2.85
C GLU E 105 24.86 36.16 -2.79
N ASN E 106 23.71 36.40 -2.15
CA ASN E 106 23.05 37.72 -2.20
C ASN E 106 23.69 38.70 -1.28
N ALA E 107 24.14 38.19 -0.15
CA ALA E 107 24.88 39.01 0.79
C ALA E 107 26.08 39.63 0.08
N ILE E 108 26.81 38.77 -0.62
CA ILE E 108 27.96 39.19 -1.40
C ILE E 108 27.54 40.14 -2.49
N GLU E 109 26.49 39.80 -3.23
CA GLU E 109 26.00 40.67 -4.31
C GLU E 109 25.65 42.08 -3.79
N LEU E 110 24.94 42.12 -2.65
CA LEU E 110 24.56 43.38 -2.00
C LEU E 110 25.78 44.21 -1.63
N ALA E 111 26.75 43.57 -1.00
CA ALA E 111 27.98 44.21 -0.60
C ALA E 111 28.71 44.84 -1.78
N ARG E 112 28.90 44.07 -2.85
CA ARG E 112 29.63 44.54 -4.01
C ARG E 112 28.92 45.68 -4.71
N VAL E 113 27.59 45.59 -4.73
CA VAL E 113 26.74 46.64 -5.33
C VAL E 113 26.80 47.96 -4.55
N VAL E 114 26.74 47.86 -3.23
CA VAL E 114 26.93 49.01 -2.34
C VAL E 114 28.36 49.55 -2.44
N ASP E 115 29.34 48.64 -2.43
CA ASP E 115 30.75 48.98 -2.63
C ASP E 115 30.95 49.83 -3.87
N ARG E 116 30.48 49.32 -5.00
CA ARG E 116 30.73 49.95 -6.29
C ARG E 116 30.11 51.33 -6.43
N SER E 117 28.99 51.56 -5.77
CA SER E 117 28.36 52.86 -5.86
C SER E 117 28.94 53.86 -4.85
N LEU E 118 29.73 53.39 -3.89
CA LEU E 118 30.46 54.29 -3.00
C LEU E 118 31.82 54.61 -3.59
N ARG E 119 32.44 53.59 -4.18
CA ARG E 119 33.80 53.66 -4.68
C ARG E 119 33.87 54.38 -6.02
N ASP E 120 32.98 53.99 -6.95
CA ASP E 120 32.96 54.53 -8.32
C ASP E 120 32.39 55.94 -8.36
N SER E 121 31.59 56.30 -7.36
CA SER E 121 31.06 57.65 -7.24
C SER E 121 32.04 58.59 -6.56
N LYS E 122 33.12 58.03 -6.01
CA LYS E 122 34.02 58.75 -5.09
C LYS E 122 33.20 59.59 -4.07
N ALA E 123 32.09 59.02 -3.62
CA ALA E 123 31.33 59.60 -2.52
C ALA E 123 32.21 59.64 -1.28
N LEU E 124 33.02 58.59 -1.13
CA LEU E 124 34.09 58.56 -0.15
C LEU E 124 35.42 58.65 -0.88
N ASP E 125 36.21 59.65 -0.54
CA ASP E 125 37.48 59.88 -1.20
C ASP E 125 38.58 59.08 -0.54
N LEU E 126 38.97 57.99 -1.19
CA LEU E 126 39.92 57.07 -0.61
C LEU E 126 41.34 57.62 -0.63
N THR E 127 41.60 58.59 -1.51
CA THR E 127 42.93 59.21 -1.59
C THR E 127 43.17 60.15 -0.42
N LYS E 128 42.07 60.62 0.18
CA LYS E 128 42.14 61.48 1.36
C LYS E 128 42.33 60.71 2.68
N LEU E 129 42.40 59.37 2.62
CA LEU E 129 42.53 58.51 3.82
C LEU E 129 43.97 58.04 4.08
N VAL E 130 44.93 58.67 3.40
CA VAL E 130 46.34 58.31 3.50
C VAL E 130 46.96 59.03 4.70
N ILE E 131 47.63 58.28 5.58
CA ILE E 131 48.35 58.90 6.68
C ILE E 131 49.79 59.11 6.21
N GLU E 132 50.59 58.05 6.26
CA GLU E 132 51.93 58.06 5.69
C GLU E 132 51.85 57.45 4.30
N PRO E 133 52.09 58.27 3.25
CA PRO E 133 51.92 57.73 1.89
C PRO E 133 52.74 56.45 1.71
N GLY E 134 52.10 55.42 1.13
CA GLY E 134 52.76 54.14 0.91
C GLY E 134 53.07 53.31 2.15
N LYS E 135 53.18 53.95 3.31
CA LYS E 135 53.47 53.27 4.58
C LYS E 135 52.22 52.91 5.41
N SER E 136 51.31 53.87 5.62
CA SER E 136 50.11 53.63 6.43
C SER E 136 48.89 54.45 6.01
N VAL E 137 47.75 53.76 5.83
CA VAL E 137 46.48 54.38 5.46
C VAL E 137 45.35 53.88 6.37
N TRP E 138 44.21 54.57 6.36
CA TRP E 138 43.01 54.12 7.08
C TRP E 138 42.29 53.05 6.28
N THR E 139 41.91 51.98 6.96
CA THR E 139 41.03 50.98 6.38
C THR E 139 39.65 51.17 6.99
N VAL E 140 38.67 51.42 6.13
CA VAL E 140 37.30 51.64 6.55
C VAL E 140 36.53 50.35 6.38
N TRP E 141 36.28 49.69 7.50
CA TRP E 141 35.43 48.51 7.50
C TRP E 141 33.98 48.96 7.61
N LEU E 142 33.19 48.70 6.57
CA LEU E 142 31.75 48.90 6.65
C LEU E 142 31.08 47.54 6.84
N ASP E 143 30.32 47.40 7.91
CA ASP E 143 29.61 46.14 8.18
C ASP E 143 28.13 46.40 8.26
N VAL E 144 27.40 45.82 7.31
CA VAL E 144 25.98 46.05 7.16
C VAL E 144 25.22 44.80 7.53
N TYR E 145 24.34 44.91 8.52
CA TYR E 145 23.60 43.78 9.05
C TYR E 145 22.10 43.95 8.82
N VAL E 146 21.49 43.02 8.09
CA VAL E 146 20.06 43.05 7.82
C VAL E 146 19.36 42.29 8.90
N LEU E 147 18.50 42.97 9.65
CA LEU E 147 17.83 42.41 10.83
C LEU E 147 16.40 41.95 10.56
N ASP E 148 15.74 42.58 9.59
CA ASP E 148 14.34 42.35 9.30
C ASP E 148 14.23 42.46 7.78
N TYR E 149 13.78 41.39 7.13
CA TYR E 149 13.65 41.41 5.70
C TYR E 149 12.27 41.89 5.32
N GLY E 150 12.16 43.14 4.89
CA GLY E 150 10.87 43.69 4.47
C GLY E 150 10.73 43.83 2.97
N GLY E 151 11.75 43.39 2.25
CA GLY E 151 11.83 43.55 0.80
C GLY E 151 12.63 44.80 0.46
N ASN E 152 13.18 44.82 -0.75
CA ASN E 152 14.04 45.90 -1.22
C ASN E 152 15.14 46.23 -0.23
N VAL E 153 15.98 45.24 0.02
CA VAL E 153 17.04 45.33 1.02
C VAL E 153 18.16 46.23 0.51
N LEU E 154 18.44 46.15 -0.79
CA LEU E 154 19.51 46.93 -1.40
C LEU E 154 19.47 48.42 -1.08
N ASP E 155 18.29 49.01 -1.28
CA ASP E 155 18.12 50.45 -1.06
C ASP E 155 18.37 50.82 0.38
N ALA E 156 17.88 49.99 1.30
CA ALA E 156 18.05 50.19 2.74
C ALA E 156 19.51 50.04 3.19
N CYS E 157 20.28 49.24 2.46
CA CYS E 157 21.70 49.08 2.74
C CYS E 157 22.50 50.30 2.30
N THR E 158 22.27 50.73 1.06
CA THR E 158 22.85 51.98 0.56
C THR E 158 22.64 53.08 1.59
N LEU E 159 21.39 53.24 2.03
CA LEU E 159 21.05 54.26 3.01
C LEU E 159 21.80 54.07 4.32
N ALA E 160 21.69 52.88 4.92
CA ALA E 160 22.37 52.59 6.19
C ALA E 160 23.86 52.81 6.11
N SER E 161 24.43 52.51 4.94
CA SER E 161 25.85 52.65 4.68
C SER E 161 26.25 54.11 4.64
N VAL E 162 25.64 54.85 3.73
CA VAL E 162 25.89 56.27 3.62
C VAL E 162 25.77 56.97 4.99
N ALA E 163 24.72 56.61 5.73
CA ALA E 163 24.45 57.17 7.04
C ALA E 163 25.54 56.81 8.05
N ALA E 164 25.96 55.55 8.05
CA ALA E 164 27.00 55.12 8.97
C ALA E 164 28.29 55.89 8.71
N LEU E 165 28.64 56.07 7.43
CA LEU E 165 29.87 56.77 7.03
C LEU E 165 29.86 58.22 7.49
N TYR E 166 28.71 58.86 7.30
CA TYR E 166 28.56 60.24 7.72
C TYR E 166 28.62 60.40 9.23
N ASN E 167 28.30 59.30 9.93
CA ASN E 167 28.35 59.28 11.38
C ASN E 167 29.75 58.97 11.91
N THR E 168 30.64 58.59 11.00
CA THR E 168 31.94 58.10 11.39
C THR E 168 32.88 59.18 11.94
N LYS E 169 33.49 58.86 13.08
CA LYS E 169 34.45 59.70 13.76
C LYS E 169 35.87 59.20 13.51
N VAL E 170 36.72 60.11 13.05
CA VAL E 170 38.13 59.82 12.88
C VAL E 170 38.84 60.18 14.18
N TYR E 171 39.91 59.47 14.51
CA TYR E 171 40.62 59.72 15.77
C TYR E 171 42.00 60.35 15.62
N LYS E 172 42.59 60.76 16.75
CA LYS E 172 43.95 61.28 16.80
C LYS E 172 44.97 60.19 16.49
N VAL E 173 46.05 60.55 15.80
CA VAL E 173 46.99 59.58 15.27
C VAL E 173 48.39 59.77 15.88
N GLU E 174 48.65 59.14 17.03
CA GLU E 174 49.90 59.37 17.79
C GLU E 174 51.17 58.73 17.18
N GLN E 175 52.07 59.57 16.67
CA GLN E 175 53.30 59.10 16.00
C GLN E 175 54.47 58.91 16.97
N ILE E 180 52.42 55.59 15.03
CA ILE E 180 52.62 54.40 15.86
C ILE E 180 51.31 53.88 16.46
N SER E 181 50.54 54.74 17.12
CA SER E 181 49.32 54.33 17.85
C SER E 181 48.08 55.20 17.57
N VAL E 182 46.90 54.59 17.67
CA VAL E 182 45.62 55.31 17.58
C VAL E 182 45.18 55.77 18.99
N ASN E 183 44.52 56.93 19.08
CA ASN E 183 43.96 57.39 20.35
C ASN E 183 42.45 57.63 20.29
N LYS E 184 41.71 56.71 20.88
CA LYS E 184 40.28 56.60 20.61
C LYS E 184 39.35 57.45 21.49
N ASN E 185 39.86 58.56 22.00
CA ASN E 185 38.98 59.54 22.67
C ASN E 185 39.32 61.01 22.43
N GLU E 186 40.35 61.25 21.62
CA GLU E 186 40.53 62.56 21.00
C GLU E 186 40.07 62.45 19.55
N VAL E 187 38.83 62.88 19.32
CA VAL E 187 38.21 62.86 18.00
C VAL E 187 38.81 63.97 17.11
N VAL E 188 39.44 63.58 16.01
CA VAL E 188 40.08 64.54 15.11
C VAL E 188 39.11 65.20 14.10
N GLY E 189 38.21 64.43 13.52
CA GLY E 189 37.25 64.97 12.54
C GLY E 189 36.30 63.93 11.98
N LYS E 190 35.89 64.11 10.74
CA LYS E 190 34.95 63.21 10.07
C LYS E 190 35.56 62.54 8.83
N LEU E 191 34.87 61.56 8.28
CA LEU E 191 35.31 60.91 7.06
C LEU E 191 35.33 61.86 5.85
N PRO E 192 36.33 61.71 4.96
CA PRO E 192 36.42 62.53 3.74
C PRO E 192 35.34 62.16 2.71
N LEU E 193 34.11 62.63 2.96
CA LEU E 193 32.96 62.32 2.12
C LEU E 193 32.62 63.48 1.20
N ASN E 194 32.58 63.20 -0.10
CA ASN E 194 32.24 64.21 -1.09
C ASN E 194 30.75 64.57 -1.09
N TYR E 195 29.91 63.55 -0.98
CA TYR E 195 28.45 63.70 -0.99
C TYR E 195 27.78 62.35 -0.70
N PRO E 196 26.49 62.38 -0.28
CA PRO E 196 25.75 61.13 -0.13
C PRO E 196 25.36 60.52 -1.47
N VAL E 197 24.95 59.26 -1.44
CA VAL E 197 24.54 58.50 -2.61
C VAL E 197 23.28 57.71 -2.23
N VAL E 198 22.32 57.65 -3.14
CA VAL E 198 21.13 56.82 -2.92
C VAL E 198 20.99 55.76 -4.01
N THR E 199 20.45 54.61 -3.62
CA THR E 199 20.12 53.59 -4.62
C THR E 199 18.62 53.41 -4.64
N ILE E 200 18.03 53.51 -5.83
CA ILE E 200 16.59 53.38 -6.00
C ILE E 200 16.29 52.13 -6.81
N SER E 201 15.47 51.24 -6.25
CA SER E 201 15.09 49.99 -6.93
C SER E 201 13.70 50.10 -7.51
N VAL E 202 13.59 49.75 -8.79
CA VAL E 202 12.31 49.75 -9.49
C VAL E 202 11.99 48.31 -9.90
N ALA E 203 10.84 47.80 -9.47
CA ALA E 203 10.44 46.43 -9.80
C ALA E 203 9.45 46.41 -10.94
N LYS E 204 9.71 45.55 -11.91
CA LYS E 204 8.76 45.30 -12.97
C LYS E 204 7.86 44.14 -12.57
N VAL E 205 6.60 44.47 -12.28
CA VAL E 205 5.58 43.48 -12.02
C VAL E 205 4.59 43.54 -13.15
N ASP E 206 4.40 42.42 -13.84
CA ASP E 206 3.49 42.35 -14.96
C ASP E 206 3.93 43.40 -15.98
N LYS E 207 3.08 44.41 -16.19
CA LYS E 207 3.40 45.50 -17.12
C LYS E 207 3.71 46.80 -16.39
N TYR E 208 3.60 46.78 -15.05
CA TYR E 208 3.78 47.99 -14.26
C TYR E 208 5.20 48.08 -13.70
N LEU E 209 5.63 49.30 -13.39
CA LEU E 209 6.87 49.54 -12.69
C LEU E 209 6.57 50.11 -11.33
N VAL E 210 7.32 49.65 -10.33
CA VAL E 210 7.01 49.95 -8.94
C VAL E 210 8.27 50.33 -8.15
N VAL E 211 8.25 51.50 -7.50
CA VAL E 211 9.40 52.00 -6.74
C VAL E 211 9.38 51.44 -5.34
N ASP E 212 10.53 50.94 -4.88
CA ASP E 212 10.66 50.35 -3.55
C ASP E 212 9.64 49.21 -3.36
N PRO E 213 9.93 48.04 -3.93
CA PRO E 213 9.00 46.91 -3.78
C PRO E 213 9.04 46.35 -2.37
N ASP E 214 7.89 46.02 -1.79
CA ASP E 214 7.89 45.37 -0.47
C ASP E 214 8.04 43.86 -0.61
N LEU E 215 7.86 43.14 0.49
CA LEU E 215 8.12 41.71 0.52
C LEU E 215 7.26 40.91 -0.46
N ASP E 216 5.95 41.16 -0.42
CA ASP E 216 5.00 40.57 -1.36
C ASP E 216 5.33 40.93 -2.81
N GLU E 217 5.52 42.23 -3.04
CA GLU E 217 5.81 42.78 -4.37
C GLU E 217 7.07 42.18 -4.99
N GLU E 218 8.09 41.96 -4.15
CA GLU E 218 9.32 41.30 -4.58
C GLU E 218 9.09 39.85 -5.00
N SER E 219 8.27 39.13 -4.23
CA SER E 219 8.03 37.70 -4.50
C SER E 219 7.19 37.44 -5.76
N ILE E 220 6.53 38.47 -6.29
CA ILE E 220 5.73 38.35 -7.52
C ILE E 220 6.30 39.08 -8.75
N MET E 221 7.35 39.87 -8.55
CA MET E 221 7.95 40.66 -9.64
C MET E 221 8.67 39.77 -10.62
N ASP E 222 8.75 40.22 -11.87
CA ASP E 222 9.51 39.52 -12.90
C ASP E 222 10.99 39.72 -12.60
N ALA E 223 11.36 40.97 -12.38
CA ALA E 223 12.73 41.38 -12.13
C ALA E 223 12.73 42.77 -11.54
N LYS E 224 13.84 43.16 -10.91
CA LYS E 224 13.99 44.53 -10.47
C LYS E 224 15.32 45.10 -10.96
N ILE E 225 15.39 46.42 -11.06
CA ILE E 225 16.58 47.12 -11.50
C ILE E 225 16.86 48.31 -10.57
N SER E 226 18.12 48.45 -10.17
CA SER E 226 18.50 49.43 -9.18
C SER E 226 19.46 50.48 -9.74
N PHE E 227 19.20 51.74 -9.43
CA PHE E 227 20.00 52.85 -9.94
C PHE E 227 20.58 53.65 -8.79
N SER E 228 21.89 53.84 -8.85
CA SER E 228 22.59 54.62 -7.84
C SER E 228 22.80 56.02 -8.38
N TYR E 229 22.50 57.02 -7.55
CA TYR E 229 22.62 58.42 -7.95
C TYR E 229 23.46 59.26 -6.98
N THR E 230 24.26 60.15 -7.56
CA THR E 230 24.95 61.18 -6.79
C THR E 230 23.97 62.36 -6.74
N PRO E 231 24.19 63.31 -5.81
CA PRO E 231 23.25 64.42 -5.59
C PRO E 231 22.89 65.21 -6.84
N ASP E 232 23.87 65.37 -7.75
CA ASP E 232 23.66 66.10 -9.01
C ASP E 232 23.11 65.19 -10.12
N LEU E 233 22.66 64.00 -9.74
CA LEU E 233 21.91 63.06 -10.60
C LEU E 233 22.74 62.45 -11.75
N LYS E 234 23.98 62.09 -11.43
CA LYS E 234 24.77 61.29 -12.32
C LYS E 234 24.53 59.86 -11.91
N ILE E 235 24.24 58.99 -12.87
CA ILE E 235 24.06 57.55 -12.58
C ILE E 235 25.42 56.96 -12.19
N VAL E 236 25.44 56.19 -11.10
CA VAL E 236 26.70 55.81 -10.52
C VAL E 236 26.74 54.33 -10.15
N GLY E 237 25.71 53.62 -10.61
CA GLY E 237 25.65 52.17 -10.51
C GLY E 237 24.30 51.65 -10.97
N ILE E 238 24.29 50.54 -11.71
CA ILE E 238 23.05 49.90 -12.12
C ILE E 238 23.14 48.39 -11.92
N GLN E 239 22.08 47.78 -11.38
CA GLN E 239 22.01 46.32 -11.19
C GLN E 239 20.64 45.72 -11.48
N LYS E 240 20.54 44.98 -12.58
CA LYS E 240 19.35 44.16 -12.83
C LYS E 240 19.41 42.91 -11.97
N SER E 241 18.23 42.48 -11.50
CA SER E 241 18.10 41.45 -10.48
C SER E 241 16.81 40.70 -10.70
N GLY E 242 16.83 39.40 -10.46
CA GLY E 242 15.62 38.59 -10.54
C GLY E 242 15.69 37.61 -11.69
N LYS E 243 14.86 36.57 -11.66
CA LYS E 243 14.96 35.51 -12.66
C LYS E 243 14.21 35.81 -13.96
N GLY E 244 13.50 36.92 -13.99
CA GLY E 244 12.80 37.31 -15.20
C GLY E 244 13.56 38.35 -16.00
N SER E 245 12.95 38.77 -17.10
CA SER E 245 13.56 39.75 -17.98
C SER E 245 12.74 41.04 -18.02
N MET E 246 13.19 41.98 -18.85
CA MET E 246 12.66 43.33 -18.86
C MET E 246 12.90 43.92 -20.25
N SER E 247 11.93 44.64 -20.80
CA SER E 247 12.08 45.21 -22.14
C SER E 247 12.98 46.44 -22.14
N LEU E 248 13.30 46.90 -23.33
CA LEU E 248 14.18 48.05 -23.50
C LEU E 248 13.54 49.30 -22.93
N GLN E 249 12.30 49.54 -23.31
CA GLN E 249 11.56 50.72 -22.86
C GLN E 249 11.22 50.65 -21.38
N ASP E 250 11.08 49.42 -20.87
CA ASP E 250 10.93 49.19 -19.44
C ASP E 250 12.07 49.85 -18.69
N ILE E 251 13.29 49.54 -19.11
CA ILE E 251 14.48 50.06 -18.47
C ILE E 251 14.57 51.58 -18.60
N ASP E 252 14.25 52.09 -19.79
CA ASP E 252 14.23 53.52 -20.05
C ASP E 252 13.36 54.26 -19.00
N GLN E 253 12.10 53.87 -18.90
CA GLN E 253 11.18 54.46 -17.92
C GLN E 253 11.64 54.21 -16.50
N ALA E 254 12.14 53.01 -16.25
CA ALA E 254 12.61 52.64 -14.93
C ALA E 254 13.58 53.69 -14.41
N GLU E 255 14.57 54.01 -15.23
CA GLU E 255 15.58 54.99 -14.85
C GLU E 255 14.96 56.37 -14.70
N ASN E 256 14.07 56.73 -15.62
CA ASN E 256 13.32 57.99 -15.52
C ASN E 256 12.66 58.16 -14.16
N THR E 257 11.92 57.13 -13.77
CA THR E 257 11.23 57.10 -12.50
C THR E 257 12.26 57.09 -11.37
N ALA E 258 13.21 56.16 -11.42
CA ALA E 258 14.25 56.03 -10.41
C ALA E 258 14.89 57.37 -10.07
N ARG E 259 15.10 58.18 -11.09
CA ARG E 259 15.79 59.45 -10.96
C ARG E 259 14.93 60.54 -10.29
N SER E 260 13.71 60.76 -10.78
CA SER E 260 12.84 61.79 -10.19
C SER E 260 12.34 61.38 -8.78
N THR E 261 12.64 60.15 -8.39
CA THR E 261 12.43 59.69 -7.02
C THR E 261 13.68 59.99 -6.21
N ALA E 262 14.84 59.76 -6.83
CA ALA E 262 16.14 59.96 -6.20
C ALA E 262 16.25 61.31 -5.53
N VAL E 263 15.75 62.35 -6.21
CA VAL E 263 15.73 63.71 -5.68
C VAL E 263 15.03 63.76 -4.30
N LYS E 264 13.81 63.23 -4.25
CA LYS E 264 12.99 63.22 -3.04
C LYS E 264 13.64 62.46 -1.90
N LEU E 265 14.17 61.28 -2.23
CA LEU E 265 14.83 60.45 -1.25
C LEU E 265 16.10 61.12 -0.72
N LEU E 266 16.87 61.73 -1.61
CA LEU E 266 18.10 62.41 -1.23
C LEU E 266 17.87 63.53 -0.23
N GLU E 267 16.84 64.33 -0.47
CA GLU E 267 16.49 65.39 0.48
C GLU E 267 16.20 64.77 1.84
N GLU E 268 15.37 63.72 1.85
CA GLU E 268 14.96 63.10 3.09
C GLU E 268 16.13 62.46 3.83
N LEU E 269 17.07 61.88 3.09
CA LEU E 269 18.29 61.33 3.69
C LEU E 269 19.13 62.42 4.34
N LYS E 270 19.19 63.58 3.68
CA LYS E 270 19.96 64.69 4.19
C LYS E 270 19.36 65.25 5.47
N LYS E 271 18.04 65.26 5.55
CA LYS E 271 17.34 65.71 6.76
C LYS E 271 17.73 64.87 7.97
N HIS E 272 17.83 63.55 7.77
CA HIS E 272 18.26 62.63 8.83
C HIS E 272 19.71 62.86 9.22
N LEU E 273 20.54 63.23 8.25
CA LEU E 273 21.96 63.44 8.50
C LEU E 273 22.27 64.86 8.96
N GLY E 274 21.35 65.77 8.71
CA GLY E 274 21.54 67.19 9.03
C GLY E 274 22.27 67.93 7.92
N ILE E 275 21.54 68.20 6.82
CA ILE E 275 22.07 68.80 5.56
C ILE E 275 23.33 68.09 4.97
N GLU F 8 50.93 55.30 -15.03
CA GLU F 8 50.31 56.37 -15.85
C GLU F 8 49.04 55.95 -16.61
N ARG F 9 48.24 56.94 -16.97
CA ARG F 9 47.04 56.74 -17.81
C ARG F 9 47.44 56.70 -19.29
N PRO F 10 46.97 55.66 -20.01
CA PRO F 10 47.04 55.67 -21.46
C PRO F 10 45.87 56.43 -22.10
N LYS F 11 46.11 57.06 -23.23
CA LYS F 11 45.03 57.73 -23.95
C LYS F 11 44.13 56.70 -24.62
N LEU F 12 42.84 56.79 -24.33
CA LEU F 12 41.87 55.79 -24.77
C LEU F 12 41.28 56.03 -26.16
N ILE F 13 41.10 57.29 -26.55
CA ILE F 13 40.81 57.60 -27.96
C ILE F 13 41.88 58.50 -28.59
N LEU F 14 42.62 57.91 -29.53
CA LEU F 14 43.78 58.52 -30.17
C LEU F 14 43.34 59.58 -31.15
N ASP F 15 44.27 60.50 -31.45
CA ASP F 15 44.03 61.71 -32.25
C ASP F 15 43.12 61.56 -33.47
N ASP F 16 43.08 60.36 -34.04
CA ASP F 16 42.28 60.08 -35.23
C ASP F 16 40.85 59.59 -34.94
N GLY F 17 40.58 59.20 -33.70
CA GLY F 17 39.25 58.71 -33.32
C GLY F 17 39.16 57.21 -33.17
N LYS F 18 40.31 56.54 -33.23
CA LYS F 18 40.44 55.09 -32.98
C LYS F 18 40.96 54.79 -31.57
N ARG F 19 40.66 53.58 -31.11
CA ARG F 19 40.97 53.18 -29.75
C ARG F 19 42.38 52.56 -29.65
N THR F 20 42.70 52.02 -28.48
CA THR F 20 44.02 51.45 -28.22
C THR F 20 44.33 50.23 -29.08
N ASP F 21 43.31 49.44 -29.40
CA ASP F 21 43.49 48.29 -30.31
C ASP F 21 43.19 48.65 -31.77
N GLY F 22 43.00 49.94 -32.04
CA GLY F 22 42.81 50.44 -33.41
C GLY F 22 41.39 50.34 -33.93
N ARG F 23 40.45 50.03 -33.04
CA ARG F 23 39.03 49.97 -33.41
C ARG F 23 38.36 51.33 -33.31
N LYS F 24 37.38 51.57 -34.17
CA LYS F 24 36.52 52.75 -34.07
C LYS F 24 35.55 52.54 -32.92
N PRO F 25 34.99 53.64 -32.35
CA PRO F 25 34.08 53.52 -31.19
C PRO F 25 32.95 52.48 -31.37
N ASP F 26 32.59 52.19 -32.61
CA ASP F 26 31.46 51.33 -32.93
C ASP F 26 31.86 49.99 -33.57
N GLU F 27 33.04 49.45 -33.24
CA GLU F 27 33.48 48.20 -33.86
C GLU F 27 33.59 47.09 -32.87
N LEU F 28 33.03 45.92 -33.22
CA LEU F 28 33.16 44.71 -32.41
C LEU F 28 34.52 44.05 -32.57
N ARG F 29 34.96 43.35 -31.53
CA ARG F 29 36.16 42.52 -31.63
C ARG F 29 35.87 41.25 -32.41
N SER F 30 36.94 40.54 -32.78
CA SER F 30 36.78 39.32 -33.58
C SER F 30 36.05 38.24 -32.79
N ILE F 31 35.00 37.72 -33.38
CA ILE F 31 34.19 36.71 -32.73
C ILE F 31 34.45 35.35 -33.35
N LYS F 32 34.52 34.33 -32.51
CA LYS F 32 34.68 32.96 -32.98
C LYS F 32 33.88 32.02 -32.11
N ILE F 33 32.98 31.26 -32.73
CA ILE F 33 32.09 30.38 -32.01
C ILE F 33 32.17 28.97 -32.57
N GLU F 34 32.16 27.97 -31.68
CA GLU F 34 31.92 26.59 -32.10
C GLU F 34 31.21 25.74 -31.05
N LEU F 35 30.30 24.90 -31.54
CA LEU F 35 29.45 24.07 -30.69
C LEU F 35 29.89 22.60 -30.64
N GLY F 36 29.32 21.85 -29.71
CA GLY F 36 29.55 20.41 -29.60
C GLY F 36 31.01 20.00 -29.58
N VAL F 37 31.81 20.74 -28.82
CA VAL F 37 33.25 20.53 -28.77
C VAL F 37 33.67 19.48 -27.71
N LEU F 38 32.81 19.26 -26.71
CA LEU F 38 33.06 18.28 -25.66
C LEU F 38 32.22 17.03 -25.82
N LYS F 39 32.89 15.89 -25.83
CA LYS F 39 32.23 14.57 -25.96
C LYS F 39 31.24 14.26 -24.84
N ASN F 40 31.66 14.46 -23.60
CA ASN F 40 30.93 13.95 -22.44
C ASN F 40 29.80 14.84 -21.97
N ALA F 41 29.86 16.12 -22.33
CA ALA F 41 28.79 17.03 -21.98
C ALA F 41 27.60 16.75 -22.86
N ASP F 42 26.41 17.15 -22.40
CA ASP F 42 25.20 17.02 -23.19
C ASP F 42 25.13 18.11 -24.24
N GLY F 43 25.78 19.23 -23.92
CA GLY F 43 25.92 20.37 -24.84
C GLY F 43 27.14 21.20 -24.49
N SER F 44 27.84 21.66 -25.51
CA SER F 44 29.07 22.42 -25.30
C SER F 44 29.23 23.52 -26.32
N ALA F 45 30.01 24.54 -25.95
CA ALA F 45 30.32 25.64 -26.84
C ALA F 45 31.58 26.35 -26.37
N ILE F 46 32.41 26.78 -27.34
CA ILE F 46 33.51 27.71 -27.08
C ILE F 46 33.17 29.05 -27.74
N PHE F 47 33.24 30.12 -26.95
CA PHE F 47 32.99 31.48 -27.45
C PHE F 47 34.22 32.37 -27.25
N GLU F 48 34.57 33.12 -28.29
CA GLU F 48 35.69 34.07 -28.24
C GLU F 48 35.29 35.42 -28.79
N MET F 49 35.40 36.45 -27.95
CA MET F 49 35.36 37.84 -28.39
C MET F 49 36.72 38.46 -28.14
N GLY F 50 37.39 38.90 -29.20
CA GLY F 50 38.76 39.36 -29.08
C GLY F 50 39.57 38.31 -28.35
N ASN F 51 40.09 38.69 -27.19
CA ASN F 51 40.91 37.77 -26.40
C ASN F 51 40.22 37.10 -25.22
N THR F 52 38.95 37.43 -25.01
CA THR F 52 38.15 36.76 -24.00
C THR F 52 37.63 35.45 -24.60
N LYS F 53 38.00 34.34 -23.94
CA LYS F 53 37.79 32.99 -24.42
C LYS F 53 37.11 32.20 -23.31
N ALA F 54 35.87 31.78 -23.52
CA ALA F 54 35.18 30.98 -22.52
C ALA F 54 34.74 29.66 -23.11
N ILE F 55 34.67 28.64 -22.26
CA ILE F 55 34.08 27.35 -22.62
C ILE F 55 32.97 26.97 -21.65
N ALA F 56 31.83 26.54 -22.21
CA ALA F 56 30.68 26.13 -21.42
C ALA F 56 30.26 24.71 -21.76
N ALA F 57 29.98 23.94 -20.71
CA ALA F 57 29.44 22.59 -20.81
C ALA F 57 28.09 22.53 -20.08
N VAL F 58 27.14 21.84 -20.69
CA VAL F 58 25.82 21.67 -20.09
C VAL F 58 25.56 20.18 -19.81
N TYR F 59 24.98 19.91 -18.65
CA TYR F 59 24.57 18.55 -18.31
C TYR F 59 23.06 18.47 -18.17
N GLY F 60 22.46 17.91 -19.22
CA GLY F 60 21.01 17.95 -19.53
C GLY F 60 20.07 17.51 -18.43
N PRO F 61 18.77 17.81 -18.58
CA PRO F 61 17.85 17.69 -17.45
C PRO F 61 17.93 16.31 -16.77
N LYS F 62 18.34 16.30 -15.51
CA LYS F 62 18.48 15.07 -14.71
C LYS F 62 17.93 15.34 -13.32
N GLU F 63 17.50 14.28 -12.62
CA GLU F 63 16.97 14.43 -11.26
C GLU F 63 18.02 14.90 -10.25
N MET F 64 17.59 15.29 -9.05
CA MET F 64 18.52 15.85 -8.07
C MET F 64 18.96 14.87 -7.00
N HIS F 65 20.28 14.78 -6.80
CA HIS F 65 20.90 13.90 -5.79
C HIS F 65 20.45 14.20 -4.35
N PRO F 66 20.40 15.50 -3.98
CA PRO F 66 19.73 15.87 -2.73
C PRO F 66 18.25 16.14 -2.99
N ARG F 67 17.42 15.19 -2.58
CA ARG F 67 16.01 15.17 -2.96
C ARG F 67 15.26 16.47 -2.65
N HIS F 68 15.32 16.93 -1.41
CA HIS F 68 14.56 18.09 -0.91
C HIS F 68 14.95 19.42 -1.55
N LEU F 69 16.12 19.47 -2.18
CA LEU F 69 16.62 20.69 -2.79
C LEU F 69 16.07 20.93 -4.20
N SER F 70 15.39 19.93 -4.77
CA SER F 70 14.77 20.05 -6.08
C SER F 70 13.57 20.98 -6.07
N LEU F 71 12.99 21.23 -7.23
CA LEU F 71 11.79 22.07 -7.33
C LEU F 71 10.63 21.31 -7.95
N PRO F 72 9.41 21.49 -7.37
CA PRO F 72 8.22 20.69 -7.66
C PRO F 72 7.65 20.81 -9.07
N ASP F 73 7.99 21.88 -9.78
CA ASP F 73 7.40 22.18 -11.07
C ASP F 73 8.46 22.73 -12.02
N ARG F 74 9.67 22.92 -11.49
CA ARG F 74 10.72 23.58 -12.21
C ARG F 74 11.99 22.76 -12.22
N ALA F 75 12.84 23.05 -13.20
CA ALA F 75 14.21 22.60 -13.15
C ALA F 75 14.98 23.58 -12.27
N VAL F 76 15.97 23.05 -11.57
CA VAL F 76 16.87 23.89 -10.80
C VAL F 76 18.12 24.14 -11.65
N LEU F 77 18.37 25.41 -11.96
CA LEU F 77 19.57 25.77 -12.69
C LEU F 77 20.77 25.82 -11.77
N ARG F 78 21.82 25.12 -12.14
CA ARG F 78 23.05 25.17 -11.39
C ARG F 78 24.11 25.75 -12.30
N VAL F 79 24.53 26.97 -12.02
CA VAL F 79 25.47 27.70 -12.89
C VAL F 79 26.79 28.00 -12.15
N ARG F 80 27.90 27.99 -12.89
CA ARG F 80 29.21 28.27 -12.31
C ARG F 80 30.09 29.03 -13.28
N TYR F 81 30.43 30.25 -12.91
CA TYR F 81 31.38 31.07 -13.64
C TYR F 81 32.71 30.94 -12.93
N HIS F 82 33.73 30.53 -13.66
CA HIS F 82 35.04 30.33 -13.05
C HIS F 82 36.18 30.72 -13.99
N MET F 83 37.18 31.37 -13.43
CA MET F 83 38.34 31.82 -14.19
C MET F 83 39.52 30.94 -13.88
N THR F 84 40.04 30.30 -14.92
CA THR F 84 41.23 29.46 -14.79
C THR F 84 42.40 30.32 -14.34
N PRO F 85 43.31 29.75 -13.54
CA PRO F 85 44.43 30.51 -13.02
C PRO F 85 45.32 31.19 -14.09
N PHE F 86 45.27 30.72 -15.33
CA PHE F 86 46.12 31.25 -16.39
C PHE F 86 45.31 32.00 -17.45
N SER F 87 44.21 32.59 -17.01
CA SER F 87 43.36 33.35 -17.89
C SER F 87 43.73 34.82 -17.88
N THR F 88 44.53 35.21 -16.89
CA THR F 88 44.88 36.61 -16.68
C THR F 88 46.38 36.82 -16.69
N ASP F 89 46.80 38.09 -16.64
CA ASP F 89 48.22 38.45 -16.74
C ASP F 89 49.03 37.99 -15.55
N GLU F 90 48.36 37.88 -14.40
CA GLU F 90 48.98 37.32 -13.20
C GLU F 90 48.06 36.27 -12.61
N ARG F 91 48.65 35.15 -12.18
CA ARG F 91 47.89 33.97 -11.83
C ARG F 91 46.69 34.24 -10.93
N LYS F 92 45.49 34.18 -11.50
CA LYS F 92 44.25 34.26 -10.73
C LYS F 92 44.19 33.05 -9.82
N ASN F 93 43.78 33.26 -8.57
CA ASN F 93 43.60 32.15 -7.65
C ASN F 93 42.36 31.31 -8.03
N PRO F 94 42.52 29.97 -8.09
CA PRO F 94 41.46 29.05 -8.49
C PRO F 94 40.24 29.11 -7.57
N ALA F 95 40.47 29.15 -6.25
CA ALA F 95 39.38 29.22 -5.29
C ALA F 95 38.54 30.47 -5.57
N PRO F 96 37.20 30.30 -5.67
CA PRO F 96 36.28 31.34 -6.18
C PRO F 96 36.27 32.67 -5.39
N SER F 97 36.40 33.79 -6.10
CA SER F 97 36.39 35.13 -5.51
C SER F 97 34.98 35.68 -5.33
N ARG F 98 34.84 36.76 -4.56
CA ARG F 98 33.52 37.38 -4.44
C ARG F 98 32.97 37.78 -5.82
N ARG F 99 33.84 38.39 -6.62
CA ARG F 99 33.54 38.74 -8.00
C ARG F 99 32.99 37.53 -8.77
N GLU F 100 33.67 36.39 -8.64
CA GLU F 100 33.26 35.15 -9.31
C GLU F 100 31.88 34.68 -8.84
N ILE F 101 31.59 34.89 -7.55
CA ILE F 101 30.30 34.48 -6.93
C ILE F 101 29.15 35.34 -7.41
N GLU F 102 29.37 36.66 -7.40
CA GLU F 102 28.36 37.57 -7.87
C GLU F 102 28.02 37.27 -9.32
N LEU F 103 29.05 37.15 -10.14
CA LEU F 103 28.91 36.87 -11.57
C LEU F 103 28.12 35.59 -11.87
N SER F 104 28.40 34.52 -11.12
CA SER F 104 27.66 33.27 -11.24
C SER F 104 26.16 33.46 -11.03
N LYS F 105 25.79 34.24 -10.02
CA LYS F 105 24.40 34.56 -9.75
C LYS F 105 23.79 35.38 -10.87
N VAL F 106 24.44 36.48 -11.21
CA VAL F 106 24.00 37.36 -12.28
C VAL F 106 23.76 36.58 -13.59
N ILE F 107 24.67 35.65 -13.89
CA ILE F 107 24.54 34.80 -15.07
C ILE F 107 23.38 33.81 -14.92
N ARG F 108 23.30 33.14 -13.77
CA ARG F 108 22.23 32.16 -13.55
C ARG F 108 20.88 32.80 -13.79
N GLU F 109 20.63 33.90 -13.10
CA GLU F 109 19.40 34.66 -13.24
C GLU F 109 19.14 34.98 -14.70
N ALA F 110 20.19 35.43 -15.39
CA ALA F 110 20.09 35.77 -16.80
C ALA F 110 19.51 34.59 -17.59
N LEU F 111 20.07 33.41 -17.37
CA LEU F 111 19.65 32.19 -18.06
C LEU F 111 18.25 31.74 -17.66
N GLU F 112 17.90 31.93 -16.38
CA GLU F 112 16.59 31.50 -15.89
C GLU F 112 15.44 32.15 -16.65
N SER F 113 15.70 33.32 -17.19
CA SER F 113 14.68 34.06 -17.94
C SER F 113 14.53 33.54 -19.36
N ALA F 114 15.50 32.74 -19.83
CA ALA F 114 15.47 32.21 -21.19
C ALA F 114 15.03 30.75 -21.22
N VAL F 115 15.64 29.94 -20.36
CA VAL F 115 15.38 28.52 -20.31
C VAL F 115 13.98 28.25 -19.80
N LEU F 116 13.29 27.32 -20.45
CA LEU F 116 11.95 26.91 -20.05
C LEU F 116 12.00 25.85 -18.95
N VAL F 117 12.38 26.28 -17.76
CA VAL F 117 12.64 25.40 -16.62
C VAL F 117 11.40 24.62 -16.12
N GLU F 118 10.22 25.08 -16.51
CA GLU F 118 8.94 24.47 -16.09
C GLU F 118 8.78 23.10 -16.72
N LEU F 119 9.36 22.93 -17.91
CA LEU F 119 9.24 21.69 -18.68
C LEU F 119 9.83 20.48 -17.96
N PHE F 120 10.78 20.72 -17.05
CA PHE F 120 11.51 19.65 -16.39
C PHE F 120 11.47 19.77 -14.86
N PRO F 121 10.36 19.35 -14.23
CA PRO F 121 10.27 19.42 -12.78
C PRO F 121 11.19 18.39 -12.15
N ARG F 122 11.59 18.63 -10.90
CA ARG F 122 12.45 17.71 -10.13
C ARG F 122 13.86 17.55 -10.70
N THR F 123 14.14 18.22 -11.81
CA THR F 123 15.40 18.06 -12.52
C THR F 123 16.33 19.23 -12.31
N ALA F 124 17.62 18.93 -12.38
CA ALA F 124 18.68 19.93 -12.32
C ALA F 124 19.34 20.01 -13.68
N ILE F 125 19.58 21.23 -14.14
CA ILE F 125 20.34 21.46 -15.35
C ILE F 125 21.64 22.16 -14.99
N ASP F 126 22.75 21.48 -15.23
CA ASP F 126 24.06 21.99 -14.87
C ASP F 126 24.66 22.78 -16.01
N VAL F 127 25.11 23.98 -15.71
CA VAL F 127 25.78 24.81 -16.70
C VAL F 127 27.13 25.20 -16.12
N PHE F 128 28.21 24.67 -16.69
CA PHE F 128 29.55 24.95 -16.20
C PHE F 128 30.36 25.77 -17.19
N THR F 129 31.00 26.82 -16.67
CA THR F 129 31.63 27.85 -17.48
C THR F 129 33.08 28.10 -17.04
N GLU F 130 33.99 28.16 -18.00
CA GLU F 130 35.38 28.42 -17.69
C GLU F 130 35.95 29.50 -18.58
N ILE F 131 36.48 30.55 -17.97
CA ILE F 131 37.21 31.57 -18.73
C ILE F 131 38.67 31.11 -18.90
N LEU F 132 39.11 31.02 -20.15
CA LEU F 132 40.45 30.56 -20.52
C LEU F 132 41.40 31.73 -20.76
N GLN F 133 40.84 32.85 -21.21
CA GLN F 133 41.56 34.12 -21.25
C GLN F 133 40.57 35.22 -20.92
N ALA F 134 40.91 36.07 -19.98
CA ALA F 134 40.09 37.22 -19.63
C ALA F 134 40.63 38.48 -20.30
N ASP F 135 39.73 39.21 -20.97
CA ASP F 135 40.06 40.47 -21.63
C ASP F 135 38.83 41.41 -21.58
N ALA F 136 38.18 41.46 -20.40
CA ALA F 136 36.95 42.23 -20.17
C ALA F 136 35.73 41.66 -20.89
N GLY F 137 34.56 41.78 -20.25
CA GLY F 137 33.32 41.16 -20.73
C GLY F 137 33.40 39.64 -20.68
N SER F 138 34.14 39.13 -19.71
CA SER F 138 34.31 37.69 -19.53
C SER F 138 32.98 37.08 -19.20
N ARG F 139 32.19 37.82 -18.43
CA ARG F 139 30.87 37.38 -17.97
C ARG F 139 29.88 37.24 -19.12
N LEU F 140 30.05 38.03 -20.18
CA LEU F 140 29.13 37.99 -21.31
C LEU F 140 29.49 36.87 -22.27
N VAL F 141 30.79 36.69 -22.50
CA VAL F 141 31.30 35.60 -23.31
C VAL F 141 30.88 34.29 -22.64
N SER F 142 31.04 34.24 -21.31
CA SER F 142 30.58 33.12 -20.51
C SER F 142 29.08 32.80 -20.70
N LEU F 143 28.25 33.83 -20.56
CA LEU F 143 26.79 33.70 -20.65
C LEU F 143 26.34 33.22 -22.03
N MET F 144 26.94 33.80 -23.07
CA MET F 144 26.61 33.40 -24.42
C MET F 144 27.06 31.97 -24.70
N ALA F 145 28.27 31.63 -24.24
CA ALA F 145 28.80 30.27 -24.38
C ALA F 145 27.80 29.30 -23.78
N ALA F 146 27.31 29.66 -22.59
CA ALA F 146 26.32 28.87 -21.89
C ALA F 146 25.05 28.75 -22.71
N SER F 147 24.51 29.90 -23.15
CA SER F 147 23.27 29.94 -23.94
C SER F 147 23.35 28.97 -25.12
N LEU F 148 24.48 29.00 -25.82
CA LEU F 148 24.71 28.12 -26.97
C LEU F 148 24.92 26.68 -26.57
N ALA F 149 25.64 26.46 -25.47
CA ALA F 149 25.83 25.12 -24.97
C ALA F 149 24.48 24.47 -24.58
N LEU F 150 23.58 25.29 -24.03
CA LEU F 150 22.22 24.86 -23.71
C LEU F 150 21.45 24.52 -24.98
N ALA F 151 21.58 25.37 -25.97
CA ALA F 151 20.94 25.14 -27.25
C ALA F 151 21.49 23.88 -27.89
N ASP F 152 22.81 23.70 -27.78
CA ASP F 152 23.46 22.52 -28.30
C ASP F 152 22.94 21.28 -27.59
N ALA F 153 22.68 21.42 -26.29
CA ALA F 153 22.13 20.33 -25.48
C ALA F 153 20.67 20.00 -25.84
N GLY F 154 20.07 20.82 -26.69
CA GLY F 154 18.72 20.59 -27.17
C GLY F 154 17.67 21.04 -26.16
N ILE F 155 18.12 21.78 -25.15
CA ILE F 155 17.23 22.31 -24.14
C ILE F 155 16.50 23.52 -24.70
N PRO F 156 15.15 23.52 -24.62
CA PRO F 156 14.38 24.58 -25.26
C PRO F 156 14.38 25.86 -24.44
N MET F 157 14.73 26.96 -25.09
CA MET F 157 14.69 28.27 -24.44
C MET F 157 13.79 29.20 -25.22
N ARG F 158 13.42 30.34 -24.64
CA ARG F 158 12.62 31.36 -25.34
C ARG F 158 13.37 31.96 -26.54
N ASP F 159 14.66 32.20 -26.33
CA ASP F 159 15.54 32.80 -27.32
C ASP F 159 17.00 32.52 -26.94
N LEU F 160 17.91 32.75 -27.88
CA LEU F 160 19.33 32.75 -27.58
C LEU F 160 19.64 34.04 -26.87
N ILE F 161 20.70 34.02 -26.06
CA ILE F 161 21.15 35.23 -25.36
C ILE F 161 22.42 35.79 -26.01
N ALA F 162 22.39 37.09 -26.31
CA ALA F 162 23.53 37.76 -26.90
C ALA F 162 23.86 39.02 -26.11
N GLY F 163 25.15 39.35 -25.97
CA GLY F 163 25.53 40.50 -25.15
C GLY F 163 26.85 41.15 -25.44
N VAL F 164 26.93 42.45 -25.12
CA VAL F 164 28.16 43.24 -25.22
C VAL F 164 28.37 44.09 -23.99
N ALA F 165 29.64 44.38 -23.71
CA ALA F 165 29.99 45.45 -22.78
C ALA F 165 30.05 46.74 -23.58
N VAL F 166 29.31 47.74 -23.16
CA VAL F 166 29.39 49.05 -23.78
C VAL F 166 29.88 50.01 -22.70
N GLY F 167 30.61 51.07 -23.08
CA GLY F 167 31.20 51.96 -22.08
C GLY F 167 31.55 53.36 -22.55
N LYS F 168 32.17 54.14 -21.67
CA LYS F 168 32.58 55.51 -21.96
C LYS F 168 34.08 55.61 -21.73
N ALA F 169 34.81 55.97 -22.78
CA ALA F 169 36.27 55.96 -22.75
C ALA F 169 36.85 57.30 -22.32
N ASP F 170 37.20 58.15 -23.28
CA ASP F 170 37.68 59.49 -22.98
C ASP F 170 36.52 60.43 -23.23
N GLY F 171 35.42 60.17 -22.56
CA GLY F 171 34.18 60.91 -22.80
C GLY F 171 33.52 60.45 -24.08
N VAL F 172 34.09 59.44 -24.72
CA VAL F 172 33.52 58.87 -25.94
C VAL F 172 32.86 57.55 -25.61
N ILE F 173 31.62 57.38 -26.06
CA ILE F 173 30.93 56.12 -25.85
C ILE F 173 31.44 55.09 -26.84
N ILE F 174 31.87 53.96 -26.33
CA ILE F 174 32.50 52.90 -27.14
C ILE F 174 31.85 51.53 -26.99
N LEU F 175 31.97 50.70 -28.02
CA LEU F 175 31.34 49.39 -28.04
C LEU F 175 32.35 48.26 -27.85
N ASP F 176 32.01 47.28 -27.01
CA ASP F 176 32.84 46.11 -26.73
C ASP F 176 34.22 46.43 -26.15
N LEU F 177 34.34 46.39 -24.82
CA LEU F 177 35.50 46.91 -24.12
C LEU F 177 36.75 46.02 -24.07
N ASN F 178 37.91 46.67 -24.06
CA ASN F 178 39.21 46.04 -23.82
C ASN F 178 39.43 45.76 -22.36
N GLU F 179 40.43 44.94 -22.08
CA GLU F 179 40.99 44.87 -20.74
C GLU F 179 41.36 46.30 -20.31
N THR F 180 42.04 47.02 -21.19
CA THR F 180 42.51 48.39 -20.98
C THR F 180 41.37 49.35 -20.79
N GLU F 181 40.38 49.27 -21.68
CA GLU F 181 39.24 50.17 -21.64
C GLU F 181 38.36 49.99 -20.39
N ASP F 182 38.25 48.74 -19.91
CA ASP F 182 37.52 48.41 -18.68
C ASP F 182 38.21 49.10 -17.52
N MET F 183 39.55 49.06 -17.57
CA MET F 183 40.42 49.51 -16.51
C MET F 183 40.46 51.04 -16.31
N TRP F 184 40.48 51.80 -17.41
CA TRP F 184 40.72 53.25 -17.34
C TRP F 184 39.54 54.14 -17.73
N GLY F 185 38.53 53.55 -18.38
CA GLY F 185 37.36 54.30 -18.83
C GLY F 185 36.42 54.66 -17.69
N GLU F 186 35.63 55.72 -17.89
CA GLU F 186 34.69 56.19 -16.88
C GLU F 186 33.59 55.18 -16.55
N ALA F 187 33.23 54.33 -17.51
CA ALA F 187 32.07 53.43 -17.37
C ALA F 187 32.23 52.10 -18.11
N ASP F 188 31.70 51.06 -17.49
CA ASP F 188 31.71 49.72 -18.03
C ASP F 188 30.30 49.17 -17.77
N MET F 189 29.58 48.89 -18.85
CA MET F 189 28.17 48.52 -18.75
C MET F 189 27.83 47.29 -19.59
N PRO F 190 28.06 46.09 -19.02
CA PRO F 190 27.57 44.85 -19.64
C PRO F 190 26.03 44.81 -19.81
N ILE F 191 25.57 44.41 -21.01
CA ILE F 191 24.16 44.25 -21.35
C ILE F 191 23.94 42.96 -22.15
N ALA F 192 22.97 42.15 -21.75
CA ALA F 192 22.59 40.95 -22.47
C ALA F 192 21.11 40.94 -22.82
N MET F 193 20.80 40.35 -23.97
CA MET F 193 19.43 40.35 -24.51
C MET F 193 18.98 39.00 -25.07
N MET F 194 17.65 38.82 -25.06
CA MET F 194 16.99 37.89 -25.94
C MET F 194 16.51 38.78 -27.08
N PRO F 195 17.34 38.93 -28.12
CA PRO F 195 17.18 40.00 -29.12
C PRO F 195 15.88 39.93 -29.89
N SER F 196 15.41 38.72 -30.19
CA SER F 196 14.17 38.54 -30.93
C SER F 196 12.98 39.01 -30.13
N LEU F 197 13.06 38.84 -28.82
CA LEU F 197 11.98 39.26 -27.92
C LEU F 197 12.20 40.67 -27.37
N ASN F 198 13.33 41.28 -27.70
CA ASN F 198 13.75 42.58 -27.18
C ASN F 198 13.71 42.64 -25.66
N GLN F 199 14.30 41.62 -25.06
CA GLN F 199 14.27 41.42 -23.62
C GLN F 199 15.67 41.44 -22.99
N VAL F 200 15.85 42.30 -22.00
CA VAL F 200 17.12 42.41 -21.30
C VAL F 200 17.21 41.36 -20.21
N THR F 201 18.33 40.67 -20.20
CA THR F 201 18.50 39.44 -19.45
C THR F 201 19.52 39.65 -18.33
N LEU F 202 20.56 40.41 -18.65
CA LEU F 202 21.58 40.86 -17.71
C LEU F 202 21.83 42.34 -17.98
N PHE F 203 21.94 43.14 -16.93
CA PHE F 203 22.20 44.54 -17.08
C PHE F 203 22.95 45.08 -15.87
N GLN F 204 24.16 45.57 -16.11
CA GLN F 204 24.98 46.13 -15.04
C GLN F 204 25.76 47.34 -15.50
N LEU F 205 25.90 48.33 -14.63
CA LEU F 205 26.82 49.42 -14.87
C LEU F 205 27.71 49.65 -13.65
N ASN F 206 29.01 49.68 -13.88
CA ASN F 206 29.95 50.19 -12.88
C ASN F 206 30.77 51.37 -13.45
N GLY F 207 30.76 52.47 -12.71
CA GLY F 207 31.34 53.69 -13.20
C GLY F 207 30.29 54.77 -13.21
N SER F 208 30.44 55.74 -14.10
CA SER F 208 29.66 56.95 -14.04
C SER F 208 29.13 57.34 -15.42
N MET F 209 27.87 57.77 -15.48
CA MET F 209 27.22 58.21 -16.70
C MET F 209 26.08 59.20 -16.47
N THR F 210 25.95 60.19 -17.36
CA THR F 210 24.76 61.05 -17.36
C THR F 210 23.63 60.26 -18.01
N PRO F 211 22.38 60.49 -17.58
CA PRO F 211 21.24 59.80 -18.16
C PRO F 211 21.27 59.75 -19.69
N ASP F 212 21.77 60.81 -20.32
CA ASP F 212 21.90 60.86 -21.78
C ASP F 212 22.86 59.81 -22.28
N GLU F 213 24.10 59.90 -21.80
CA GLU F 213 25.17 58.96 -22.14
C GLU F 213 24.72 57.52 -21.95
N PHE F 214 24.05 57.29 -20.82
CA PHE F 214 23.44 56.01 -20.51
C PHE F 214 22.55 55.54 -21.67
N ARG F 215 21.64 56.41 -22.12
CA ARG F 215 20.73 56.09 -23.21
C ARG F 215 21.42 55.94 -24.56
N GLN F 216 22.50 56.67 -24.78
CA GLN F 216 23.27 56.52 -26.03
C GLN F 216 23.98 55.17 -26.09
N ALA F 217 24.73 54.88 -25.03
CA ALA F 217 25.45 53.63 -24.91
C ALA F 217 24.49 52.45 -25.06
N PHE F 218 23.30 52.63 -24.51
CA PHE F 218 22.25 51.64 -24.56
C PHE F 218 21.86 51.33 -26.02
N ASP F 219 21.65 52.38 -26.82
CA ASP F 219 21.26 52.25 -28.22
C ASP F 219 22.30 51.52 -29.02
N LEU F 220 23.56 51.82 -28.72
CA LEU F 220 24.70 51.21 -29.38
C LEU F 220 24.84 49.73 -29.03
N ALA F 221 24.69 49.42 -27.75
CA ALA F 221 24.74 48.05 -27.26
C ALA F 221 23.80 47.13 -28.06
N VAL F 222 22.59 47.61 -28.32
CA VAL F 222 21.61 46.86 -29.12
C VAL F 222 22.15 46.51 -30.52
N LYS F 223 22.62 47.53 -31.24
CA LYS F 223 23.17 47.34 -32.58
C LYS F 223 24.27 46.29 -32.59
N GLY F 224 25.14 46.34 -31.59
CA GLY F 224 26.16 45.31 -31.41
C GLY F 224 25.54 43.94 -31.19
N ILE F 225 24.67 43.86 -30.19
CA ILE F 225 24.01 42.61 -29.83
C ILE F 225 23.37 41.92 -31.03
N ASN F 226 22.76 42.71 -31.91
CA ASN F 226 22.08 42.16 -33.09
C ASN F 226 23.03 41.44 -34.05
N ILE F 227 24.19 42.05 -34.28
CA ILE F 227 25.22 41.46 -35.13
C ILE F 227 25.71 40.13 -34.54
N ILE F 228 25.94 40.13 -33.22
CA ILE F 228 26.35 38.93 -32.48
C ILE F 228 25.29 37.83 -32.55
N TYR F 229 24.03 38.21 -32.33
CA TYR F 229 22.88 37.31 -32.39
C TYR F 229 22.79 36.54 -33.73
N ASN F 230 23.14 37.21 -34.82
CA ASN F 230 23.15 36.59 -36.13
C ASN F 230 24.20 35.53 -36.28
N LEU F 231 25.35 35.74 -35.65
CA LEU F 231 26.43 34.77 -35.67
C LEU F 231 26.05 33.57 -34.82
N GLU F 232 25.30 33.83 -33.75
CA GLU F 232 24.84 32.76 -32.89
C GLU F 232 23.89 31.85 -33.65
N ARG F 233 22.93 32.44 -34.37
CA ARG F 233 22.03 31.68 -35.24
C ARG F 233 22.80 30.82 -36.23
N GLU F 234 23.87 31.40 -36.77
CA GLU F 234 24.71 30.77 -37.77
C GLU F 234 25.48 29.61 -37.15
N ALA F 235 26.02 29.84 -35.95
CA ALA F 235 26.77 28.83 -35.23
C ALA F 235 25.91 27.61 -34.92
N LEU F 236 24.61 27.86 -34.78
CA LEU F 236 23.68 26.81 -34.47
C LEU F 236 23.54 25.89 -35.67
N LYS F 237 23.38 26.49 -36.85
CA LYS F 237 23.19 25.74 -38.08
C LYS F 237 24.47 25.01 -38.50
N SER F 238 25.59 25.74 -38.61
CA SER F 238 26.81 25.18 -39.19
C SER F 238 27.83 24.68 -38.16
N LYS F 239 27.49 24.80 -36.87
CA LYS F 239 28.36 24.36 -35.77
C LYS F 239 29.69 25.14 -35.63
N TYR F 240 30.00 26.04 -36.55
CA TYR F 240 31.26 26.79 -36.53
C TYR F 240 31.17 28.15 -37.23
N VAL F 241 31.61 29.20 -36.52
CA VAL F 241 31.49 30.57 -37.01
C VAL F 241 32.73 31.39 -36.68
N GLU F 242 33.22 32.11 -37.69
CA GLU F 242 34.26 33.11 -37.49
C GLU F 242 33.84 34.44 -38.05
N PHE F 243 34.32 35.50 -37.41
CA PHE F 243 33.94 36.86 -37.75
C PHE F 243 35.12 37.80 -37.51
N LYS F 244 35.72 38.28 -38.60
CA LYS F 244 36.74 39.31 -38.52
C LYS F 244 36.05 40.61 -38.11
N GLU F 245 36.71 41.38 -37.23
CA GLU F 245 36.16 42.64 -36.65
C GLU F 245 35.51 43.57 -37.67
N GLU F 246 34.41 44.20 -37.26
CA GLU F 246 33.61 45.08 -38.11
C GLU F 246 32.88 46.16 -37.30
N GLY F 247 32.65 47.31 -37.96
CA GLY F 247 31.81 48.38 -37.43
C GLY F 247 30.34 48.00 -37.38
N VAL F 248 29.72 48.38 -36.26
CA VAL F 248 28.29 48.19 -35.96
C VAL F 248 27.39 48.50 -37.16
N MET G 1 9.75 -38.57 9.59
CA MET G 1 10.02 -38.02 8.22
C MET G 1 11.19 -37.02 8.15
N SER G 2 12.07 -37.22 7.18
CA SER G 2 13.25 -36.38 6.98
C SER G 2 13.03 -35.28 5.95
N SER G 3 13.53 -34.08 6.24
CA SER G 3 13.36 -32.93 5.35
C SER G 3 14.53 -31.95 5.36
N THR G 4 14.70 -31.25 4.24
CA THR G 4 15.81 -30.33 4.03
C THR G 4 15.85 -29.29 5.17
N PRO G 5 17.02 -29.13 5.82
CA PRO G 5 17.14 -28.18 6.93
C PRO G 5 16.89 -26.74 6.47
N SER G 6 15.90 -26.10 7.09
CA SER G 6 15.52 -24.72 6.73
C SER G 6 16.39 -23.63 7.38
N ASN G 7 16.91 -23.90 8.58
CA ASN G 7 17.87 -22.96 9.19
C ASN G 7 19.22 -22.97 8.45
N GLN G 8 19.49 -24.08 7.75
CA GLN G 8 20.80 -24.38 7.11
C GLN G 8 21.51 -23.16 6.56
N ASN G 9 22.72 -22.93 7.08
CA ASN G 9 23.47 -21.67 7.03
C ASN G 9 23.81 -21.17 5.60
N ILE G 10 22.87 -20.48 4.93
CA ILE G 10 23.07 -20.18 3.50
C ILE G 10 24.20 -19.15 3.32
N ILE G 11 25.44 -19.66 3.31
CA ILE G 11 26.67 -18.85 3.28
C ILE G 11 26.99 -18.36 1.85
N PRO G 12 26.96 -17.02 1.64
CA PRO G 12 26.96 -16.36 0.32
C PRO G 12 27.96 -16.90 -0.69
N ILE G 13 27.63 -16.67 -1.95
CA ILE G 13 28.47 -17.06 -3.08
C ILE G 13 29.89 -16.54 -2.89
N ILE G 14 29.97 -15.24 -2.60
CA ILE G 14 31.23 -14.51 -2.48
C ILE G 14 32.18 -15.16 -1.49
N LYS G 15 31.70 -15.40 -0.26
CA LYS G 15 32.52 -15.99 0.78
C LYS G 15 33.13 -17.32 0.36
N LYS G 16 32.38 -18.10 -0.42
CA LYS G 16 32.87 -19.39 -0.88
C LYS G 16 34.14 -19.26 -1.73
N GLU G 17 34.12 -18.27 -2.65
CA GLU G 17 35.23 -17.98 -3.54
C GLU G 17 36.51 -17.74 -2.75
N SER G 18 36.43 -16.88 -1.75
CA SER G 18 37.56 -16.50 -0.91
C SER G 18 38.30 -17.72 -0.43
N ILE G 19 37.52 -18.69 0.03
CA ILE G 19 38.04 -19.92 0.60
C ILE G 19 38.63 -20.79 -0.50
N VAL G 20 37.93 -20.87 -1.63
CA VAL G 20 38.40 -21.71 -2.73
C VAL G 20 39.70 -21.15 -3.32
N SER G 21 39.75 -19.83 -3.50
CA SER G 21 40.94 -19.15 -4.03
C SER G 21 42.18 -19.45 -3.17
N LEU G 22 41.94 -19.65 -1.87
CA LEU G 22 43.00 -20.02 -0.94
C LEU G 22 43.39 -21.48 -1.17
N PHE G 23 42.38 -22.33 -1.33
CA PHE G 23 42.58 -23.76 -1.55
C PHE G 23 43.46 -24.00 -2.78
N GLU G 24 43.27 -23.13 -3.77
CA GLU G 24 44.03 -23.15 -4.99
C GLU G 24 45.52 -22.94 -4.73
N LYS G 25 45.84 -22.24 -3.65
CA LYS G 25 47.23 -22.05 -3.23
C LYS G 25 47.61 -23.06 -2.15
N GLY G 26 46.75 -24.05 -1.92
CA GLY G 26 47.02 -25.14 -0.98
C GLY G 26 47.00 -24.73 0.48
N ILE G 27 46.35 -23.61 0.79
CA ILE G 27 46.25 -23.11 2.18
C ILE G 27 44.80 -22.84 2.56
N ARG G 28 44.52 -22.77 3.85
CA ARG G 28 43.18 -22.43 4.32
C ARG G 28 43.19 -21.15 5.16
N GLN G 29 42.01 -20.74 5.64
CA GLN G 29 41.86 -19.52 6.43
C GLN G 29 42.68 -19.55 7.71
N ASP G 30 42.54 -20.64 8.46
CA ASP G 30 43.25 -20.83 9.75
C ASP G 30 44.77 -21.02 9.63
N GLY G 31 45.20 -21.38 8.42
CA GLY G 31 46.62 -21.45 8.10
C GLY G 31 47.06 -22.82 7.66
N ARG G 32 46.32 -23.84 8.06
CA ARG G 32 46.74 -25.22 7.80
C ARG G 32 46.63 -25.63 6.32
N LYS G 33 47.42 -26.65 5.97
CA LYS G 33 47.43 -27.23 4.62
C LYS G 33 46.13 -27.99 4.39
N LEU G 34 45.90 -28.37 3.14
CA LEU G 34 44.65 -29.03 2.77
C LEU G 34 44.41 -30.35 3.49
N THR G 35 45.49 -31.00 3.94
CA THR G 35 45.41 -32.32 4.56
C THR G 35 45.65 -32.29 6.07
N ASP G 36 45.77 -31.09 6.64
CA ASP G 36 46.09 -30.92 8.07
C ASP G 36 44.91 -31.09 9.02
N TYR G 37 45.21 -31.55 10.23
CA TYR G 37 44.24 -31.58 11.31
C TYR G 37 44.33 -30.36 12.22
N ARG G 38 43.16 -29.91 12.70
CA ARG G 38 43.10 -28.84 13.70
C ARG G 38 43.78 -29.28 14.99
N PRO G 39 44.20 -28.33 15.85
CA PRO G 39 44.87 -28.69 17.11
C PRO G 39 43.95 -29.53 17.99
N LEU G 40 44.52 -30.59 18.57
CA LEU G 40 43.73 -31.55 19.33
C LEU G 40 44.11 -31.62 20.81
N SER G 41 43.12 -31.38 21.67
CA SER G 41 43.29 -31.50 23.12
C SER G 41 42.35 -32.55 23.64
N ILE G 42 42.87 -33.42 24.51
CA ILE G 42 42.04 -34.39 25.20
C ILE G 42 42.37 -34.39 26.70
N THR G 43 41.32 -34.15 27.49
CA THR G 43 41.39 -34.18 28.94
C THR G 43 40.59 -35.39 29.41
N LEU G 44 41.30 -36.38 29.95
CA LEU G 44 40.68 -37.62 30.40
C LEU G 44 40.06 -37.46 31.79
N ASP G 45 39.11 -38.35 32.09
CA ASP G 45 38.36 -38.35 33.35
C ASP G 45 37.87 -36.96 33.71
N TYR G 46 37.11 -36.37 32.80
CA TYR G 46 36.65 -35.00 33.00
C TYR G 46 35.40 -34.96 33.88
N ALA G 47 34.37 -35.71 33.51
CA ALA G 47 33.17 -35.84 34.33
C ALA G 47 33.49 -36.88 35.39
N LYS G 48 33.56 -36.43 36.65
CA LYS G 48 34.06 -37.29 37.74
C LYS G 48 33.09 -38.39 38.08
N LYS G 49 31.79 -38.13 37.92
CA LYS G 49 30.81 -39.14 38.27
C LYS G 49 30.53 -40.16 37.16
N ALA G 50 31.28 -40.06 36.06
CA ALA G 50 31.30 -41.08 34.99
C ALA G 50 32.25 -42.23 35.35
N ASP G 51 32.05 -43.38 34.69
CA ASP G 51 32.95 -44.51 34.87
C ASP G 51 34.25 -44.23 34.10
N GLY G 52 34.11 -43.65 32.92
CA GLY G 52 35.25 -43.14 32.15
C GLY G 52 34.73 -41.94 31.39
N SER G 53 35.56 -40.92 31.23
CA SER G 53 35.15 -39.73 30.51
C SER G 53 36.29 -39.11 29.74
N ALA G 54 35.96 -38.33 28.71
CA ALA G 54 36.96 -37.59 27.94
C ALA G 54 36.42 -36.28 27.36
N LEU G 55 37.11 -35.18 27.64
CA LEU G 55 36.79 -33.90 27.03
C LEU G 55 37.73 -33.63 25.88
N VAL G 56 37.19 -33.60 24.66
CA VAL G 56 37.99 -33.46 23.44
C VAL G 56 37.77 -32.09 22.79
N LYS G 57 38.86 -31.41 22.47
CA LYS G 57 38.80 -30.16 21.72
C LYS G 57 39.51 -30.38 20.39
N LEU G 58 38.75 -30.46 19.32
CA LEU G 58 39.32 -30.50 18.00
C LEU G 58 39.01 -29.17 17.33
N GLY G 59 40.01 -28.30 17.30
CA GLY G 59 39.77 -26.92 16.88
C GLY G 59 38.83 -26.27 17.87
N THR G 60 37.74 -25.68 17.37
CA THR G 60 36.74 -25.05 18.26
C THR G 60 35.58 -25.97 18.63
N THR G 61 35.56 -27.17 18.04
CA THR G 61 34.59 -28.21 18.41
C THR G 61 34.91 -28.75 19.80
N MET G 62 33.88 -28.94 20.62
CA MET G 62 34.02 -29.61 21.91
C MET G 62 33.03 -30.72 22.10
N VAL G 63 33.57 -31.87 22.46
CA VAL G 63 32.75 -33.01 22.76
C VAL G 63 33.17 -33.57 24.12
N LEU G 64 32.17 -33.89 24.94
CA LEU G 64 32.41 -34.62 26.18
C LEU G 64 31.69 -35.95 26.11
N ALA G 65 32.47 -37.02 26.16
CA ALA G 65 31.91 -38.36 26.18
C ALA G 65 32.10 -38.97 27.54
N GLY G 66 31.12 -39.74 27.97
CA GLY G 66 31.19 -40.39 29.25
C GLY G 66 30.55 -41.75 29.21
N THR G 67 31.18 -42.70 29.89
CA THR G 67 30.65 -44.06 30.00
C THR G 67 30.00 -44.29 31.36
N LYS G 68 29.04 -45.23 31.37
CA LYS G 68 28.39 -45.64 32.57
C LYS G 68 28.05 -47.11 32.40
N LEU G 69 28.51 -47.94 33.34
CA LEU G 69 28.33 -49.39 33.26
C LEU G 69 27.14 -49.86 34.10
N GLU G 70 26.41 -50.84 33.57
CA GLU G 70 25.29 -51.44 34.25
C GLU G 70 25.22 -52.93 33.98
N ILE G 71 24.67 -53.68 34.92
CA ILE G 71 24.54 -55.12 34.77
C ILE G 71 23.15 -55.45 34.28
N ASP G 72 23.06 -56.12 33.14
CA ASP G 72 21.77 -56.47 32.53
C ASP G 72 21.78 -57.91 32.06
N LYS G 73 20.58 -58.48 31.92
CA LYS G 73 20.42 -59.72 31.18
C LYS G 73 20.69 -59.38 29.71
N PRO G 74 21.49 -60.20 29.02
CA PRO G 74 21.79 -59.92 27.62
C PRO G 74 20.56 -60.13 26.73
N TYR G 75 20.54 -59.49 25.56
CA TYR G 75 19.42 -59.62 24.64
C TYR G 75 19.17 -61.07 24.30
N GLU G 76 17.90 -61.46 24.31
CA GLU G 76 17.51 -62.85 24.00
C GLU G 76 18.08 -63.28 22.65
N ASP G 77 18.27 -62.30 21.76
CA ASP G 77 18.92 -62.51 20.47
C ASP G 77 20.41 -62.89 20.61
N THR G 78 21.16 -62.12 21.41
CA THR G 78 22.64 -62.25 21.52
C THR G 78 23.09 -62.61 22.94
N PRO G 79 22.94 -63.89 23.33
CA PRO G 79 23.03 -64.33 24.74
C PRO G 79 24.44 -64.39 25.32
N ASN G 80 25.45 -64.22 24.47
CA ASN G 80 26.83 -64.30 24.90
C ASN G 80 27.59 -63.02 24.72
N GLN G 81 26.90 -61.91 24.91
CA GLN G 81 27.49 -60.60 24.68
C GLN G 81 27.02 -59.56 25.67
N GLY G 82 27.95 -58.69 26.06
CA GLY G 82 27.62 -57.44 26.70
C GLY G 82 27.03 -56.48 25.69
N ASN G 83 26.37 -55.44 26.19
CA ASN G 83 25.67 -54.52 25.32
C ASN G 83 26.37 -53.19 25.22
N LEU G 84 26.33 -52.59 24.03
CA LEU G 84 26.83 -51.24 23.82
C LEU G 84 25.69 -50.34 23.35
N ILE G 85 25.49 -49.21 24.03
CA ILE G 85 24.51 -48.23 23.62
C ILE G 85 25.16 -46.87 23.41
N VAL G 86 25.32 -46.50 22.14
CA VAL G 86 25.84 -45.18 21.77
C VAL G 86 24.72 -44.17 21.65
N ASN G 87 24.88 -43.07 22.36
CA ASN G 87 23.93 -41.99 22.37
C ASN G 87 24.69 -40.66 22.24
N VAL G 88 24.20 -39.80 21.34
CA VAL G 88 24.84 -38.52 21.00
C VAL G 88 23.89 -37.33 21.17
N GLU G 89 24.44 -36.20 21.60
CA GLU G 89 23.61 -35.03 21.76
C GLU G 89 24.25 -33.74 21.24
N LEU G 90 23.63 -33.21 20.21
CA LEU G 90 23.92 -31.88 19.75
C LEU G 90 23.15 -30.98 20.67
N LEU G 91 23.85 -30.49 21.67
CA LEU G 91 23.31 -29.48 22.52
C LEU G 91 23.20 -28.22 21.68
N PRO G 92 22.00 -27.61 21.64
CA PRO G 92 21.88 -26.26 21.07
C PRO G 92 22.79 -25.24 21.80
N LEU G 93 23.52 -25.73 22.82
CA LEU G 93 24.64 -25.02 23.45
C LEU G 93 25.81 -24.96 22.47
N ALA G 94 25.64 -25.64 21.33
CA ALA G 94 26.66 -25.77 20.29
C ALA G 94 26.74 -24.57 19.32
N TYR G 95 25.68 -24.33 18.55
CA TYR G 95 25.57 -23.08 17.75
C TYR G 95 24.10 -22.60 17.57
N GLU G 96 23.94 -21.31 17.27
CA GLU G 96 22.64 -20.59 17.39
C GLU G 96 21.39 -21.18 16.67
N THR G 97 21.55 -22.32 15.99
CA THR G 97 20.40 -23.12 15.52
C THR G 97 20.51 -24.62 15.89
N PHE G 98 19.70 -25.03 16.86
CA PHE G 98 19.62 -26.42 17.25
C PHE G 98 18.31 -26.79 17.92
N GLU G 99 18.03 -28.09 17.91
CA GLU G 99 16.87 -28.64 18.61
C GLU G 99 17.23 -28.96 20.07
N PRO G 100 16.45 -28.39 21.01
CA PRO G 100 16.38 -28.78 22.41
C PRO G 100 15.21 -29.78 22.62
N GLY G 101 15.58 -31.01 22.94
CA GLY G 101 14.64 -32.15 23.03
C GLY G 101 15.31 -33.39 22.42
N PRO G 102 14.95 -34.61 22.92
CA PRO G 102 15.67 -35.84 22.50
C PRO G 102 16.15 -35.89 21.01
N PRO G 103 17.45 -36.25 20.77
CA PRO G 103 18.21 -36.32 19.50
C PRO G 103 17.47 -36.45 18.14
N ASP G 104 17.77 -35.50 17.25
CA ASP G 104 17.15 -35.41 15.93
C ASP G 104 17.94 -36.22 14.94
N GLU G 105 17.56 -36.07 13.67
CA GLU G 105 18.14 -36.76 12.52
C GLU G 105 19.66 -36.80 12.52
N ASN G 106 20.29 -35.68 12.87
CA ASN G 106 21.75 -35.54 12.80
C ASN G 106 22.48 -36.33 13.86
N ALA G 107 21.93 -36.28 15.07
CA ALA G 107 22.56 -36.82 16.27
C ALA G 107 22.41 -38.33 16.36
N ILE G 108 21.31 -38.84 15.84
CA ILE G 108 21.13 -40.26 15.65
C ILE G 108 22.13 -40.79 14.62
N GLU G 109 22.28 -40.09 13.50
CA GLU G 109 23.24 -40.53 12.50
C GLU G 109 24.67 -40.61 13.08
N LEU G 110 25.06 -39.60 13.85
CA LEU G 110 26.38 -39.59 14.48
C LEU G 110 26.56 -40.80 15.38
N ALA G 111 25.57 -41.03 16.23
CA ALA G 111 25.59 -42.16 17.16
C ALA G 111 25.78 -43.49 16.44
N ARG G 112 24.95 -43.75 15.44
CA ARG G 112 25.00 -45.01 14.72
C ARG G 112 26.33 -45.19 13.98
N VAL G 113 26.86 -44.09 13.47
CA VAL G 113 28.14 -44.12 12.76
C VAL G 113 29.30 -44.48 13.71
N VAL G 114 29.30 -43.86 14.89
CA VAL G 114 30.27 -44.16 15.95
C VAL G 114 30.07 -45.60 16.45
N ASP G 115 28.80 -45.94 16.68
CA ASP G 115 28.46 -47.28 17.09
C ASP G 115 29.10 -48.29 16.15
N ARG G 116 28.84 -48.14 14.85
CA ARG G 116 29.21 -49.16 13.87
C ARG G 116 30.71 -49.34 13.71
N SER G 117 31.46 -48.29 13.96
CA SER G 117 32.90 -48.38 13.84
C SER G 117 33.56 -48.84 15.14
N LEU G 118 32.81 -48.87 16.25
CA LEU G 118 33.28 -49.53 17.47
C LEU G 118 32.93 -51.01 17.47
N ARG G 119 31.71 -51.29 17.02
CA ARG G 119 31.12 -52.62 17.06
C ARG G 119 31.67 -53.53 15.97
N ASP G 120 31.70 -53.03 14.73
CA ASP G 120 32.15 -53.81 13.57
C ASP G 120 33.68 -53.99 13.52
N SER G 121 34.40 -53.08 14.18
CA SER G 121 35.85 -53.18 14.27
C SER G 121 36.25 -54.08 15.40
N LYS G 122 35.28 -54.40 16.26
CA LYS G 122 35.53 -55.14 17.48
C LYS G 122 36.70 -54.50 18.22
N ALA G 123 36.72 -53.17 18.21
CA ALA G 123 37.62 -52.36 19.01
C ALA G 123 37.31 -52.60 20.49
N LEU G 124 36.01 -52.73 20.78
CA LEU G 124 35.53 -53.18 22.08
C LEU G 124 34.93 -54.57 21.93
N ASP G 125 35.50 -55.52 22.66
CA ASP G 125 35.08 -56.89 22.57
C ASP G 125 33.90 -57.15 23.49
N LEU G 126 32.72 -57.21 22.87
CA LEU G 126 31.47 -57.40 23.60
C LEU G 126 31.31 -58.79 24.19
N THR G 127 32.02 -59.77 23.63
CA THR G 127 31.97 -61.14 24.15
C THR G 127 32.73 -61.26 25.46
N LYS G 128 33.61 -60.31 25.72
CA LYS G 128 34.39 -60.30 26.94
C LYS G 128 33.75 -59.46 28.04
N LEU G 129 32.48 -59.13 27.84
CA LEU G 129 31.72 -58.36 28.84
C LEU G 129 30.63 -59.22 29.53
N VAL G 130 30.74 -60.53 29.37
CA VAL G 130 29.77 -61.48 29.94
C VAL G 130 30.17 -61.81 31.37
N ILE G 131 29.23 -61.68 32.31
CA ILE G 131 29.47 -62.10 33.70
C ILE G 131 29.01 -63.54 33.88
N GLU G 132 27.72 -63.75 34.14
CA GLU G 132 27.13 -65.09 34.08
C GLU G 132 26.50 -65.26 32.70
N PRO G 133 27.06 -66.18 31.87
CA PRO G 133 26.63 -66.33 30.47
C PRO G 133 25.12 -66.47 30.37
N GLY G 134 24.49 -65.74 29.46
CA GLY G 134 23.03 -65.80 29.30
C GLY G 134 22.22 -65.16 30.42
N LYS G 135 22.79 -65.08 31.61
CA LYS G 135 22.09 -64.54 32.78
C LYS G 135 22.37 -63.05 33.02
N SER G 136 23.64 -62.66 33.00
CA SER G 136 24.04 -61.29 33.27
C SER G 136 25.32 -60.84 32.56
N VAL G 137 25.23 -59.68 31.92
CA VAL G 137 26.36 -59.08 31.20
C VAL G 137 26.46 -57.59 31.55
N TRP G 138 27.58 -56.97 31.20
CA TRP G 138 27.75 -55.52 31.34
C TRP G 138 27.08 -54.81 30.17
N THR G 139 26.34 -53.75 30.47
CA THR G 139 25.88 -52.86 29.43
C THR G 139 26.69 -51.58 29.53
N VAL G 140 27.32 -51.23 28.41
CA VAL G 140 28.17 -50.04 28.32
C VAL G 140 27.39 -48.90 27.69
N TRP G 141 26.97 -47.97 28.54
CA TRP G 141 26.32 -46.76 28.04
C TRP G 141 27.39 -45.75 27.68
N LEU G 142 27.47 -45.41 26.39
CA LEU G 142 28.31 -44.33 25.96
C LEU G 142 27.41 -43.14 25.66
N ASP G 143 27.66 -42.03 26.34
CA ASP G 143 26.89 -40.80 26.13
C ASP G 143 27.81 -39.67 25.69
N VAL G 144 27.59 -39.22 24.45
CA VAL G 144 28.47 -38.24 23.81
C VAL G 144 27.74 -36.92 23.67
N TYR G 145 28.29 -35.88 24.29
CA TYR G 145 27.64 -34.57 24.32
C TYR G 145 28.47 -33.51 23.60
N VAL G 146 27.89 -32.93 22.57
CA VAL G 146 28.57 -31.92 21.76
C VAL G 146 28.29 -30.56 22.38
N LEU G 147 29.33 -29.88 22.80
CA LEU G 147 29.16 -28.65 23.55
C LEU G 147 29.40 -27.41 22.70
N ASP G 148 30.23 -27.56 21.69
CA ASP G 148 30.67 -26.45 20.88
C ASP G 148 30.74 -27.02 19.47
N TYR G 149 29.97 -26.45 18.54
CA TYR G 149 30.01 -26.92 17.17
C TYR G 149 31.06 -26.13 16.38
N GLY G 150 32.20 -26.74 16.14
CA GLY G 150 33.26 -26.09 15.36
C GLY G 150 33.42 -26.68 13.96
N GLY G 151 32.54 -27.62 13.63
CA GLY G 151 32.59 -28.32 12.35
C GLY G 151 33.26 -29.65 12.54
N ASN G 152 32.99 -30.58 11.63
CA ASN G 152 33.52 -31.96 11.66
C ASN G 152 33.33 -32.58 13.02
N VAL G 153 32.07 -32.69 13.43
CA VAL G 153 31.71 -33.20 14.73
C VAL G 153 31.98 -34.69 14.82
N LEU G 154 31.74 -35.41 13.72
CA LEU G 154 31.90 -36.86 13.69
C LEU G 154 33.25 -37.36 14.18
N ASP G 155 34.30 -36.72 13.71
CA ASP G 155 35.65 -37.13 14.04
C ASP G 155 35.94 -36.91 15.51
N ALA G 156 35.49 -35.77 16.04
CA ALA G 156 35.64 -35.44 17.45
C ALA G 156 34.85 -36.38 18.39
N CYS G 157 33.74 -36.93 17.92
CA CYS G 157 32.96 -37.91 18.68
C CYS G 157 33.69 -39.23 18.73
N THR G 158 34.11 -39.72 17.58
CA THR G 158 34.91 -40.94 17.50
C THR G 158 36.03 -40.85 18.50
N LEU G 159 36.71 -39.71 18.52
CA LEU G 159 37.83 -39.52 19.43
C LEU G 159 37.39 -39.49 20.89
N ALA G 160 36.40 -38.67 21.19
CA ALA G 160 35.90 -38.59 22.57
C ALA G 160 35.40 -39.95 23.09
N SER G 161 34.78 -40.72 22.21
CA SER G 161 34.26 -42.03 22.55
C SER G 161 35.39 -42.99 22.89
N VAL G 162 36.28 -43.21 21.93
CA VAL G 162 37.45 -44.06 22.12
C VAL G 162 38.17 -43.71 23.43
N ALA G 163 38.36 -42.41 23.67
CA ALA G 163 39.03 -41.92 24.87
C ALA G 163 38.24 -42.24 26.13
N ALA G 164 36.92 -42.01 26.10
CA ALA G 164 36.06 -42.30 27.24
C ALA G 164 36.15 -43.77 27.61
N LEU G 165 36.11 -44.64 26.61
CA LEU G 165 36.15 -46.09 26.80
C LEU G 165 37.46 -46.54 27.42
N TYR G 166 38.55 -45.94 26.96
CA TYR G 166 39.87 -46.28 27.46
C TYR G 166 40.04 -45.79 28.87
N ASN G 167 39.25 -44.77 29.22
CA ASN G 167 39.25 -44.24 30.56
C ASN G 167 38.34 -45.03 31.51
N THR G 168 37.55 -45.94 30.97
CA THR G 168 36.53 -46.62 31.75
C THR G 168 37.11 -47.60 32.75
N LYS G 169 36.59 -47.51 33.97
CA LYS G 169 36.93 -48.39 35.08
C LYS G 169 35.83 -49.41 35.31
N VAL G 170 36.22 -50.68 35.35
CA VAL G 170 35.31 -51.77 35.69
C VAL G 170 35.33 -51.97 37.20
N TYR G 171 34.21 -52.40 37.78
CA TYR G 171 34.13 -52.57 39.23
C TYR G 171 34.05 -54.02 39.71
N LYS G 172 34.18 -54.20 41.03
CA LYS G 172 34.02 -55.51 41.66
C LYS G 172 32.57 -55.96 41.57
N VAL G 173 32.39 -57.26 41.39
CA VAL G 173 31.08 -57.84 41.12
C VAL G 173 30.63 -58.82 42.24
N GLU G 174 30.02 -58.29 43.31
CA GLU G 174 29.66 -59.09 44.50
C GLU G 174 28.49 -60.06 44.28
N GLN G 175 28.77 -61.36 44.30
CA GLN G 175 27.76 -62.41 44.06
C GLN G 175 27.08 -62.89 45.35
N ILE G 180 25.03 -60.55 42.36
CA ILE G 180 23.90 -59.86 43.00
C ILE G 180 24.05 -58.33 42.99
N SER G 181 25.20 -57.81 43.43
CA SER G 181 25.43 -56.35 43.57
C SER G 181 26.76 -55.85 43.00
N VAL G 182 26.79 -54.58 42.55
CA VAL G 182 28.00 -53.90 42.10
C VAL G 182 28.68 -53.20 43.30
N ASN G 183 30.02 -53.14 43.30
CA ASN G 183 30.73 -52.39 44.33
C ASN G 183 31.61 -51.31 43.74
N LYS G 184 31.15 -50.06 43.86
CA LYS G 184 31.72 -48.96 43.07
C LYS G 184 32.94 -48.24 43.66
N ASN G 185 33.72 -48.92 44.49
CA ASN G 185 35.03 -48.37 44.91
C ASN G 185 36.16 -49.40 45.06
N GLU G 186 35.88 -50.66 44.73
CA GLU G 186 36.93 -51.62 44.43
C GLU G 186 36.97 -51.78 42.91
N VAL G 187 37.93 -51.07 42.30
CA VAL G 187 38.14 -51.09 40.86
C VAL G 187 38.82 -52.40 40.45
N VAL G 188 38.14 -53.20 39.63
CA VAL G 188 38.66 -54.50 39.17
C VAL G 188 39.64 -54.44 37.98
N GLY G 189 39.36 -53.58 37.01
CA GLY G 189 40.23 -53.43 35.83
C GLY G 189 39.75 -52.40 34.82
N LYS G 190 40.05 -52.65 33.56
CA LYS G 190 39.64 -51.77 32.46
C LYS G 190 38.72 -52.47 31.46
N LEU G 191 38.16 -51.72 30.52
CA LEU G 191 37.31 -52.29 29.46
C LEU G 191 38.08 -53.21 28.50
N PRO G 192 37.44 -54.30 28.04
CA PRO G 192 38.09 -55.22 27.10
C PRO G 192 38.22 -54.59 25.70
N LEU G 193 39.22 -53.72 25.55
CA LEU G 193 39.48 -52.99 24.30
C LEU G 193 40.63 -53.60 23.51
N ASN G 194 40.35 -53.97 22.27
CA ASN G 194 41.36 -54.55 21.39
C ASN G 194 42.34 -53.51 20.89
N TYR G 195 41.82 -52.34 20.51
CA TYR G 195 42.63 -51.24 19.97
C TYR G 195 41.76 -50.00 19.79
N PRO G 196 42.39 -48.83 19.69
CA PRO G 196 41.64 -47.62 19.37
C PRO G 196 41.21 -47.57 17.90
N VAL G 197 40.30 -46.65 17.59
CA VAL G 197 39.78 -46.48 16.24
C VAL G 197 39.67 -44.97 16.00
N VAL G 198 40.01 -44.53 14.78
CA VAL G 198 39.84 -43.12 14.41
C VAL G 198 38.93 -42.98 13.21
N THR G 199 38.18 -41.88 13.19
CA THR G 199 37.40 -41.54 12.01
C THR G 199 37.94 -40.25 11.42
N ILE G 200 38.26 -40.32 10.13
CA ILE G 200 38.79 -39.19 9.38
C ILE G 200 37.76 -38.75 8.33
N SER G 201 37.37 -37.48 8.39
CA SER G 201 36.41 -36.89 7.44
C SER G 201 37.13 -36.02 6.41
N VAL G 202 36.85 -36.27 5.14
CA VAL G 202 37.42 -35.53 4.03
C VAL G 202 36.26 -34.82 3.34
N ALA G 203 36.35 -33.50 3.22
CA ALA G 203 35.29 -32.71 2.56
C ALA G 203 35.69 -32.35 1.13
N LYS G 204 34.78 -32.57 0.20
CA LYS G 204 34.97 -32.14 -1.17
C LYS G 204 34.37 -30.75 -1.30
N VAL G 205 35.24 -29.76 -1.46
CA VAL G 205 34.81 -28.40 -1.74
C VAL G 205 35.30 -28.10 -3.13
N ASP G 206 34.38 -27.68 -4.00
CA ASP G 206 34.71 -27.38 -5.38
C ASP G 206 35.41 -28.59 -5.98
N LYS G 207 36.68 -28.45 -6.33
CA LYS G 207 37.44 -29.56 -6.89
C LYS G 207 38.50 -30.08 -5.90
N TYR G 208 38.59 -29.45 -4.73
CA TYR G 208 39.60 -29.80 -3.76
C TYR G 208 39.06 -30.74 -2.71
N LEU G 209 39.96 -31.52 -2.09
CA LEU G 209 39.63 -32.35 -0.93
C LEU G 209 40.35 -31.80 0.30
N VAL G 210 39.63 -31.78 1.42
CA VAL G 210 40.08 -31.11 2.63
C VAL G 210 39.84 -31.98 3.86
N VAL G 211 40.90 -32.26 4.62
CA VAL G 211 40.84 -33.08 5.82
C VAL G 211 40.41 -32.25 7.02
N ASP G 212 39.48 -32.77 7.80
CA ASP G 212 38.94 -32.08 8.97
C ASP G 212 38.41 -30.70 8.59
N PRO G 213 37.22 -30.66 8.00
CA PRO G 213 36.65 -29.36 7.64
C PRO G 213 36.17 -28.57 8.84
N ASP G 214 36.47 -27.27 8.90
CA ASP G 214 35.94 -26.45 10.00
C ASP G 214 34.52 -25.97 9.70
N LEU G 215 34.03 -25.04 10.51
CA LEU G 215 32.63 -24.63 10.42
C LEU G 215 32.29 -24.02 9.07
N ASP G 216 33.11 -23.05 8.65
CA ASP G 216 32.99 -22.40 7.35
C ASP G 216 33.09 -23.39 6.21
N GLU G 217 34.15 -24.20 6.26
CA GLU G 217 34.43 -25.20 5.24
C GLU G 217 33.28 -26.20 5.07
N GLU G 218 32.66 -26.59 6.18
CA GLU G 218 31.49 -27.46 6.13
C GLU G 218 30.31 -26.81 5.42
N SER G 219 30.06 -25.54 5.73
CA SER G 219 28.90 -24.84 5.18
C SER G 219 29.01 -24.57 3.66
N ILE G 220 30.22 -24.71 3.11
CA ILE G 220 30.44 -24.48 1.67
C ILE G 220 30.77 -25.76 0.86
N MET G 221 30.96 -26.88 1.56
CA MET G 221 31.36 -28.11 0.90
C MET G 221 30.19 -28.69 0.13
N ASP G 222 30.50 -29.45 -0.92
CA ASP G 222 29.49 -30.20 -1.67
C ASP G 222 28.97 -31.36 -0.81
N ALA G 223 29.92 -32.13 -0.28
CA ALA G 223 29.65 -33.31 0.50
C ALA G 223 30.92 -33.65 1.26
N LYS G 224 30.81 -34.48 2.30
CA LYS G 224 31.98 -35.02 2.98
C LYS G 224 31.84 -36.52 3.11
N ILE G 225 32.98 -37.20 3.23
CA ILE G 225 33.02 -38.65 3.38
C ILE G 225 33.96 -39.05 4.53
N SER G 226 33.51 -39.96 5.37
CA SER G 226 34.26 -40.29 6.58
C SER G 226 34.73 -41.73 6.57
N PHE G 227 35.98 -41.94 6.97
CA PHE G 227 36.57 -43.27 6.97
C PHE G 227 37.05 -43.61 8.34
N SER G 228 36.64 -44.78 8.82
CA SER G 228 37.05 -45.27 10.12
C SER G 228 38.16 -46.28 9.94
N TYR G 229 39.21 -46.15 10.74
CA TYR G 229 40.38 -47.03 10.63
C TYR G 229 40.79 -47.68 11.95
N THR G 230 41.18 -48.94 11.86
CA THR G 230 41.83 -49.64 12.96
C THR G 230 43.31 -49.35 12.83
N PRO G 231 44.10 -49.58 13.92
CA PRO G 231 45.52 -49.22 13.93
C PRO G 231 46.34 -49.79 12.78
N ASP G 232 46.02 -51.00 12.33
CA ASP G 232 46.71 -51.60 11.19
C ASP G 232 46.04 -51.27 9.85
N LEU G 233 45.25 -50.20 9.86
CA LEU G 233 44.71 -49.53 8.65
C LEU G 233 43.75 -50.37 7.83
N LYS G 234 42.89 -51.10 8.53
CA LYS G 234 41.77 -51.73 7.89
C LYS G 234 40.62 -50.74 7.97
N ILE G 235 39.95 -50.52 6.83
CA ILE G 235 38.77 -49.65 6.80
C ILE G 235 37.64 -50.34 7.58
N VAL G 236 37.02 -49.60 8.49
CA VAL G 236 36.12 -50.22 9.42
C VAL G 236 34.79 -49.47 9.52
N GLY G 237 34.61 -48.53 8.59
CA GLY G 237 33.37 -47.77 8.43
C GLY G 237 33.52 -46.62 7.44
N ILE G 238 32.52 -46.42 6.59
CA ILE G 238 32.48 -45.29 5.67
C ILE G 238 31.12 -44.63 5.64
N GLN G 239 31.09 -43.30 5.66
CA GLN G 239 29.83 -42.55 5.59
C GLN G 239 29.91 -41.29 4.72
N LYS G 240 29.24 -41.32 3.56
CA LYS G 240 29.05 -40.12 2.76
C LYS G 240 27.96 -39.26 3.37
N SER G 241 28.13 -37.94 3.30
CA SER G 241 27.34 -37.00 4.04
C SER G 241 27.23 -35.72 3.23
N GLY G 242 26.09 -35.06 3.29
CA GLY G 242 25.93 -33.77 2.61
C GLY G 242 25.01 -33.82 1.42
N LYS G 243 24.47 -32.65 1.05
CA LYS G 243 23.46 -32.50 -0.02
C LYS G 243 24.00 -32.65 -1.46
N GLY G 244 25.32 -32.68 -1.60
CA GLY G 244 25.95 -32.75 -2.91
C GLY G 244 26.50 -34.12 -3.18
N SER G 245 27.05 -34.28 -4.38
CA SER G 245 27.62 -35.56 -4.80
C SER G 245 29.15 -35.51 -4.91
N MET G 246 29.73 -36.60 -5.38
CA MET G 246 31.17 -36.81 -5.37
C MET G 246 31.55 -37.82 -6.44
N SER G 247 32.62 -37.56 -7.19
CA SER G 247 32.98 -38.45 -8.29
C SER G 247 33.66 -39.70 -7.78
N LEU G 248 33.87 -40.66 -8.68
CA LEU G 248 34.47 -41.93 -8.33
C LEU G 248 35.90 -41.76 -7.86
N GLN G 249 36.67 -40.98 -8.62
CA GLN G 249 38.07 -40.72 -8.30
C GLN G 249 38.22 -39.81 -7.09
N ASP G 250 37.23 -38.95 -6.87
CA ASP G 250 37.15 -38.16 -5.66
C ASP G 250 37.24 -39.06 -4.44
N ILE G 251 36.37 -40.06 -4.39
CA ILE G 251 36.33 -41.03 -3.30
C ILE G 251 37.63 -41.83 -3.15
N ASP G 252 38.16 -42.30 -4.27
CA ASP G 252 39.43 -42.99 -4.29
C ASP G 252 40.52 -42.19 -3.56
N GLN G 253 40.77 -40.96 -4.01
CA GLN G 253 41.76 -40.07 -3.37
C GLN G 253 41.39 -39.74 -1.95
N ALA G 254 40.10 -39.53 -1.71
CA ALA G 254 39.60 -39.21 -0.38
C ALA G 254 40.09 -40.25 0.62
N GLU G 255 39.87 -41.52 0.30
CA GLU G 255 40.31 -42.62 1.16
C GLU G 255 41.85 -42.67 1.28
N ASN G 256 42.56 -42.48 0.17
CA ASN G 256 44.03 -42.38 0.18
C ASN G 256 44.55 -41.38 1.20
N THR G 257 44.01 -40.18 1.11
CA THR G 257 44.34 -39.11 2.03
C THR G 257 43.91 -39.49 3.46
N ALA G 258 42.62 -39.84 3.62
CA ALA G 258 42.05 -40.25 4.91
C ALA G 258 42.96 -41.20 5.67
N ARG G 259 43.56 -42.12 4.92
CA ARG G 259 44.35 -43.17 5.48
C ARG G 259 45.71 -42.69 5.93
N SER G 260 46.42 -41.96 5.07
CA SER G 260 47.76 -41.49 5.45
C SER G 260 47.70 -40.35 6.47
N THR G 261 46.49 -39.90 6.75
CA THR G 261 46.22 -38.99 7.88
C THR G 261 45.96 -39.80 9.14
N ALA G 262 45.15 -40.85 8.98
CA ALA G 262 44.78 -41.74 10.07
C ALA G 262 45.98 -42.12 10.93
N VAL G 263 47.09 -42.46 10.27
CA VAL G 263 48.31 -42.86 10.96
C VAL G 263 48.73 -41.79 11.96
N LYS G 264 48.87 -40.56 11.47
CA LYS G 264 49.29 -39.40 12.27
C LYS G 264 48.34 -39.14 13.43
N LEU G 265 47.04 -39.19 13.15
CA LEU G 265 46.03 -38.97 14.17
C LEU G 265 46.04 -40.06 15.22
N LEU G 266 46.19 -41.31 14.79
CA LEU G 266 46.25 -42.45 15.72
C LEU G 266 47.38 -42.34 16.73
N GLU G 267 48.56 -41.93 16.30
CA GLU G 267 49.66 -41.77 17.23
C GLU G 267 49.33 -40.71 18.24
N GLU G 268 48.80 -39.58 17.75
CA GLU G 268 48.52 -38.46 18.62
C GLU G 268 47.47 -38.83 19.64
N LEU G 269 46.47 -39.61 19.21
CA LEU G 269 45.43 -40.14 20.11
C LEU G 269 46.05 -41.02 21.19
N LYS G 270 46.98 -41.88 20.79
CA LYS G 270 47.65 -42.76 21.71
C LYS G 270 48.49 -42.02 22.74
N LYS G 271 49.11 -40.92 22.32
CA LYS G 271 49.87 -40.06 23.23
C LYS G 271 48.96 -39.54 24.36
N HIS G 272 47.75 -39.11 24.01
CA HIS G 272 46.80 -38.61 24.99
C HIS G 272 46.34 -39.73 25.92
N LEU G 273 46.25 -40.95 25.40
CA LEU G 273 45.78 -42.07 26.19
C LEU G 273 46.91 -42.76 26.94
N GLY G 274 48.14 -42.54 26.49
CA GLY G 274 49.29 -43.18 27.11
C GLY G 274 49.69 -44.54 26.53
N ILE G 275 50.52 -44.54 25.49
CA ILE G 275 51.03 -45.76 24.80
C ILE G 275 49.86 -46.56 24.17
N GLU H 8 23.89 -71.13 14.36
CA GLU H 8 25.11 -71.63 13.65
C GLU H 8 25.61 -70.69 12.56
N ARG H 9 26.95 -70.61 12.39
CA ARG H 9 27.57 -69.83 11.30
C ARG H 9 27.51 -70.60 9.98
N PRO H 10 26.63 -70.19 9.05
CA PRO H 10 26.51 -70.97 7.82
C PRO H 10 27.47 -70.48 6.74
N LYS H 11 27.96 -71.39 5.90
CA LYS H 11 28.99 -71.00 4.95
C LYS H 11 28.42 -70.39 3.67
N LEU H 12 28.95 -69.22 3.33
CA LEU H 12 28.35 -68.31 2.36
C LEU H 12 28.90 -68.44 0.93
N ILE H 13 30.04 -69.14 0.77
CA ILE H 13 30.55 -69.56 -0.55
C ILE H 13 30.82 -71.07 -0.52
N LEU H 14 30.14 -71.80 -1.37
CA LEU H 14 30.23 -73.26 -1.36
C LEU H 14 31.42 -73.76 -2.17
N ASP H 15 31.49 -75.08 -2.33
CA ASP H 15 32.59 -75.74 -3.01
C ASP H 15 32.55 -75.63 -4.53
N ASP H 16 31.39 -75.28 -5.06
CA ASP H 16 31.26 -74.89 -6.48
C ASP H 16 31.28 -73.35 -6.62
N GLY H 17 31.97 -72.70 -5.69
CA GLY H 17 32.29 -71.29 -5.77
C GLY H 17 31.11 -70.34 -5.81
N LYS H 18 29.91 -70.94 -5.86
CA LYS H 18 28.63 -70.24 -5.82
C LYS H 18 28.18 -69.91 -4.41
N ARG H 19 27.28 -68.95 -4.31
CA ARG H 19 26.80 -68.44 -3.03
C ARG H 19 25.61 -69.26 -2.51
N THR H 20 25.04 -68.82 -1.40
CA THR H 20 23.92 -69.53 -0.75
C THR H 20 22.66 -69.62 -1.61
N ASP H 21 22.41 -68.60 -2.44
CA ASP H 21 21.30 -68.63 -3.41
C ASP H 21 21.69 -69.17 -4.79
N GLY H 22 22.93 -69.68 -4.89
CA GLY H 22 23.43 -70.28 -6.11
C GLY H 22 23.97 -69.30 -7.14
N ARG H 23 24.14 -68.04 -6.73
CA ARG H 23 24.75 -67.02 -7.59
C ARG H 23 26.28 -67.04 -7.52
N LYS H 24 26.93 -66.75 -8.64
CA LYS H 24 28.37 -66.50 -8.66
C LYS H 24 28.66 -65.15 -8.03
N PRO H 25 29.90 -64.93 -7.58
CA PRO H 25 30.22 -63.67 -6.89
C PRO H 25 29.83 -62.40 -7.65
N ASP H 26 29.69 -62.50 -8.97
CA ASP H 26 29.42 -61.33 -9.81
C ASP H 26 28.03 -61.31 -10.45
N GLU H 27 27.03 -61.88 -9.81
CA GLU H 27 25.70 -61.97 -10.40
C GLU H 27 24.64 -61.18 -9.64
N LEU H 28 23.85 -60.42 -10.39
CA LEU H 28 22.77 -59.66 -9.82
C LEU H 28 21.55 -60.54 -9.56
N ARG H 29 20.77 -60.18 -8.56
CA ARG H 29 19.50 -60.83 -8.34
C ARG H 29 18.49 -60.38 -9.39
N SER H 30 17.37 -61.07 -9.45
CA SER H 30 16.33 -60.74 -10.43
C SER H 30 15.74 -59.36 -10.15
N ILE H 31 15.74 -58.52 -11.18
CA ILE H 31 15.22 -57.17 -11.08
C ILE H 31 13.87 -57.03 -11.78
N LYS H 32 12.95 -56.32 -11.13
CA LYS H 32 11.64 -56.05 -11.69
C LYS H 32 11.22 -54.62 -11.37
N ILE H 33 10.94 -53.84 -12.40
CA ILE H 33 10.57 -52.46 -12.21
C ILE H 33 9.28 -52.16 -12.94
N GLU H 34 8.41 -51.36 -12.30
CA GLU H 34 7.27 -50.73 -12.99
C GLU H 34 6.85 -49.38 -12.44
N LEU H 35 6.50 -48.48 -13.36
CA LEU H 35 6.21 -47.09 -13.05
C LEU H 35 4.71 -46.81 -13.06
N GLY H 36 4.33 -45.63 -12.55
CA GLY H 36 2.96 -45.13 -12.58
C GLY H 36 1.91 -46.11 -12.08
N VAL H 37 2.21 -46.76 -10.96
CA VAL H 37 1.36 -47.82 -10.45
C VAL H 37 0.28 -47.28 -9.52
N LEU H 38 0.52 -46.09 -8.98
CA LEU H 38 -0.44 -45.45 -8.09
C LEU H 38 -1.18 -44.31 -8.78
N LYS H 39 -2.51 -44.37 -8.74
CA LYS H 39 -3.36 -43.33 -9.32
C LYS H 39 -3.15 -41.94 -8.72
N ASN H 40 -3.16 -41.84 -7.40
CA ASN H 40 -3.23 -40.55 -6.71
C ASN H 40 -1.91 -39.83 -6.54
N ALA H 41 -0.81 -40.57 -6.64
CA ALA H 41 0.52 -39.98 -6.56
C ALA H 41 0.81 -39.22 -7.85
N ASP H 42 1.71 -38.25 -7.79
CA ASP H 42 2.13 -37.55 -8.99
C ASP H 42 3.10 -38.41 -9.79
N GLY H 43 3.85 -39.23 -9.06
CA GLY H 43 4.71 -40.24 -9.67
C GLY H 43 4.84 -41.44 -8.75
N SER H 44 4.92 -42.64 -9.33
CA SER H 44 5.03 -43.87 -8.54
C SER H 44 5.88 -44.93 -9.22
N ALA H 45 6.44 -45.82 -8.43
CA ALA H 45 7.28 -46.89 -8.94
C ALA H 45 7.37 -48.02 -7.93
N ILE H 46 7.37 -49.25 -8.44
CA ILE H 46 7.70 -50.44 -7.64
C ILE H 46 9.03 -50.98 -8.15
N PHE H 47 9.95 -51.22 -7.23
CA PHE H 47 11.25 -51.78 -7.56
C PHE H 47 11.48 -53.07 -6.76
N GLU H 48 11.97 -54.10 -7.44
CA GLU H 48 12.29 -55.39 -6.81
C GLU H 48 13.67 -55.87 -7.22
N MET H 49 14.55 -56.07 -6.23
CA MET H 49 15.79 -56.80 -6.43
C MET H 49 15.74 -58.06 -5.58
N GLY H 50 15.76 -59.22 -6.24
CA GLY H 50 15.54 -60.48 -5.54
C GLY H 50 14.27 -60.36 -4.74
N ASN H 51 14.39 -60.46 -3.42
CA ASN H 51 13.23 -60.42 -2.55
C ASN H 51 13.03 -59.10 -1.84
N THR H 52 13.90 -58.13 -2.08
CA THR H 52 13.68 -56.79 -1.56
C THR H 52 12.76 -56.06 -2.53
N LYS H 53 11.59 -55.68 -2.03
CA LYS H 53 10.61 -54.96 -2.83
C LYS H 53 10.28 -53.67 -2.11
N ALA H 54 10.32 -52.57 -2.84
CA ALA H 54 9.94 -51.29 -2.28
C ALA H 54 8.96 -50.60 -3.21
N ILE H 55 8.12 -49.75 -2.64
CA ILE H 55 7.23 -48.90 -3.44
C ILE H 55 7.44 -47.44 -3.04
N ALA H 56 7.55 -46.58 -4.04
CA ALA H 56 7.73 -45.17 -3.80
C ALA H 56 6.66 -44.32 -4.49
N ALA H 57 6.15 -43.34 -3.76
CA ALA H 57 5.20 -42.39 -4.31
C ALA H 57 5.77 -40.99 -4.14
N VAL H 58 5.55 -40.16 -5.15
CA VAL H 58 6.04 -38.77 -5.18
C VAL H 58 4.86 -37.82 -5.28
N TYR H 59 4.90 -36.76 -4.47
CA TYR H 59 3.90 -35.70 -4.52
C TYR H 59 4.49 -34.38 -4.98
N GLY H 60 4.27 -34.11 -6.28
CA GLY H 60 4.93 -33.08 -7.10
C GLY H 60 5.04 -31.70 -6.49
N PRO H 61 5.90 -30.85 -7.06
CA PRO H 61 6.24 -29.58 -6.41
C PRO H 61 5.00 -28.79 -6.00
N LYS H 62 4.84 -28.59 -4.69
CA LYS H 62 3.70 -27.85 -4.12
C LYS H 62 4.23 -26.95 -3.00
N GLU H 63 3.52 -25.86 -2.72
CA GLU H 63 3.90 -24.93 -1.65
C GLU H 63 3.87 -25.59 -0.25
N MET H 64 4.46 -24.92 0.74
CA MET H 64 4.55 -25.51 2.08
C MET H 64 3.52 -24.99 3.07
N HIS H 65 2.85 -25.93 3.74
CA HIS H 65 1.79 -25.65 4.73
C HIS H 65 2.31 -24.82 5.90
N PRO H 66 3.51 -25.17 6.45
CA PRO H 66 4.16 -24.27 7.40
C PRO H 66 5.07 -23.29 6.65
N ARG H 67 4.62 -22.04 6.55
CA ARG H 67 5.24 -21.06 5.68
C ARG H 67 6.74 -20.87 5.89
N HIS H 68 7.14 -20.60 7.14
CA HIS H 68 8.54 -20.31 7.49
C HIS H 68 9.54 -21.46 7.27
N LEU H 69 9.02 -22.68 7.14
CA LEU H 69 9.86 -23.86 6.97
C LEU H 69 10.33 -24.08 5.53
N SER H 70 9.73 -23.35 4.60
CA SER H 70 10.08 -23.47 3.19
C SER H 70 11.47 -22.90 2.91
N LEU H 71 11.92 -23.02 1.66
CA LEU H 71 13.19 -22.44 1.24
C LEU H 71 13.04 -21.42 0.12
N PRO H 72 13.75 -20.27 0.23
CA PRO H 72 13.60 -19.09 -0.63
C PRO H 72 13.93 -19.26 -2.12
N ASP H 73 14.70 -20.29 -2.45
CA ASP H 73 15.19 -20.48 -3.80
C ASP H 73 15.17 -21.96 -4.16
N ARG H 74 14.79 -22.78 -3.19
CA ARG H 74 14.87 -24.21 -3.34
C ARG H 74 13.57 -24.89 -3.01
N ALA H 75 13.39 -26.08 -3.55
CA ALA H 75 12.37 -26.98 -3.07
C ALA H 75 12.92 -27.67 -1.82
N VAL H 76 12.02 -27.95 -0.88
CA VAL H 76 12.37 -28.71 0.30
C VAL H 76 12.00 -30.16 0.03
N LEU H 77 13.00 -31.05 0.08
CA LEU H 77 12.75 -32.48 -0.09
C LEU H 77 12.27 -33.08 1.22
N ARG H 78 11.16 -33.80 1.16
CA ARG H 78 10.66 -34.50 2.32
C ARG H 78 10.66 -35.97 1.98
N VAL H 79 11.56 -36.72 2.60
CA VAL H 79 11.74 -38.12 2.28
C VAL H 79 11.43 -39.00 3.49
N ARG H 80 10.86 -40.17 3.24
CA ARG H 80 10.54 -41.13 4.29
C ARG H 80 10.77 -42.56 3.85
N TYR H 81 11.73 -43.21 4.52
CA TYR H 81 12.01 -44.64 4.37
C TYR H 81 11.31 -45.36 5.51
N HIS H 82 10.44 -46.30 5.17
CA HIS H 82 9.69 -47.01 6.18
C HIS H 82 9.50 -48.48 5.82
N MET H 83 9.66 -49.36 6.81
CA MET H 83 9.49 -50.79 6.61
C MET H 83 8.15 -51.25 7.18
N THR H 84 7.33 -51.83 6.32
CA THR H 84 6.04 -52.34 6.75
C THR H 84 6.28 -53.46 7.77
N PRO H 85 5.36 -53.63 8.73
CA PRO H 85 5.53 -54.65 9.75
C PRO H 85 5.66 -56.10 9.24
N PHE H 86 5.24 -56.36 8.00
CA PHE H 86 5.32 -57.71 7.44
C PHE H 86 6.35 -57.84 6.31
N SER H 87 7.40 -57.04 6.39
CA SER H 87 8.45 -57.03 5.40
C SER H 87 9.61 -57.94 5.79
N THR H 88 9.62 -58.35 7.06
CA THR H 88 10.72 -59.15 7.58
C THR H 88 10.20 -60.44 8.18
N ASP H 89 11.12 -61.29 8.63
CA ASP H 89 10.76 -62.61 9.12
C ASP H 89 10.01 -62.58 10.43
N GLU H 90 10.25 -61.53 11.21
CA GLU H 90 9.52 -61.29 12.44
C GLU H 90 9.02 -59.87 12.47
N ARG H 91 7.75 -59.71 12.87
CA ARG H 91 7.07 -58.43 12.72
C ARG H 91 7.93 -57.22 13.13
N LYS H 92 8.38 -56.45 12.14
CA LYS H 92 9.03 -55.15 12.38
C LYS H 92 8.01 -54.18 13.00
N ASN H 93 8.42 -53.45 14.02
CA ASN H 93 7.54 -52.45 14.61
C ASN H 93 7.35 -51.29 13.63
N PRO H 94 6.09 -50.89 13.40
CA PRO H 94 5.75 -49.79 12.50
C PRO H 94 6.40 -48.46 12.92
N ALA H 95 6.34 -48.09 14.21
CA ALA H 95 6.94 -46.84 14.70
C ALA H 95 8.43 -46.81 14.37
N PRO H 96 8.90 -45.70 13.74
CA PRO H 96 10.22 -45.62 13.09
C PRO H 96 11.40 -45.87 14.02
N SER H 97 12.34 -46.73 13.59
CA SER H 97 13.55 -47.05 14.36
C SER H 97 14.69 -46.07 14.04
N ARG H 98 15.72 -46.08 14.88
CA ARG H 98 16.90 -45.25 14.61
C ARG H 98 17.47 -45.56 13.25
N ARG H 99 17.57 -46.85 12.94
CA ARG H 99 17.98 -47.34 11.61
C ARG H 99 17.15 -46.67 10.50
N GLU H 100 15.83 -46.64 10.69
CA GLU H 100 14.89 -46.06 9.71
C GLU H 100 15.12 -44.56 9.54
N ILE H 101 15.49 -43.90 10.63
CA ILE H 101 15.71 -42.47 10.61
C ILE H 101 16.97 -42.12 9.85
N GLU H 102 18.07 -42.78 10.20
CA GLU H 102 19.34 -42.56 9.55
C GLU H 102 19.18 -42.77 8.05
N LEU H 103 18.60 -43.91 7.69
CA LEU H 103 18.37 -44.26 6.29
C LEU H 103 17.58 -43.21 5.54
N SER H 104 16.55 -42.64 6.18
CA SER H 104 15.73 -41.57 5.57
C SER H 104 16.59 -40.38 5.18
N LYS H 105 17.51 -40.03 6.08
CA LYS H 105 18.45 -38.93 5.86
C LYS H 105 19.42 -39.25 4.73
N VAL H 106 20.07 -40.39 4.86
CA VAL H 106 21.03 -40.85 3.85
C VAL H 106 20.42 -40.85 2.44
N ILE H 107 19.17 -41.31 2.34
CA ILE H 107 18.43 -41.32 1.08
C ILE H 107 18.06 -39.90 0.63
N ARG H 108 17.53 -39.10 1.55
CA ARG H 108 17.17 -37.73 1.20
C ARG H 108 18.35 -37.00 0.57
N GLU H 109 19.47 -36.98 1.29
CA GLU H 109 20.73 -36.40 0.81
C GLU H 109 21.13 -36.94 -0.57
N ALA H 110 21.03 -38.25 -0.72
CA ALA H 110 21.29 -38.87 -1.99
C ALA H 110 20.48 -38.22 -3.10
N LEU H 111 19.18 -38.08 -2.88
CA LEU H 111 18.29 -37.49 -3.89
C LEU H 111 18.54 -36.02 -4.12
N GLU H 112 18.95 -35.32 -3.08
CA GLU H 112 19.16 -33.88 -3.17
C GLU H 112 20.22 -33.56 -4.19
N SER H 113 21.14 -34.49 -4.40
CA SER H 113 22.21 -34.26 -5.35
C SER H 113 21.77 -34.50 -6.79
N ALA H 114 20.62 -35.13 -6.98
CA ALA H 114 20.13 -35.43 -8.31
C ALA H 114 19.03 -34.46 -8.73
N VAL H 115 18.07 -34.25 -7.84
CA VAL H 115 16.91 -33.42 -8.14
C VAL H 115 17.31 -31.97 -8.26
N LEU H 116 16.76 -31.29 -9.27
CA LEU H 116 17.04 -29.87 -9.47
C LEU H 116 16.11 -29.00 -8.62
N VAL H 117 16.34 -29.02 -7.32
CA VAL H 117 15.47 -28.34 -6.34
C VAL H 117 15.38 -26.81 -6.47
N GLU H 118 16.33 -26.21 -7.17
CA GLU H 118 16.35 -24.75 -7.38
C GLU H 118 15.21 -24.30 -8.26
N LEU H 119 14.76 -25.18 -9.16
CA LEU H 119 13.71 -24.86 -10.11
C LEU H 119 12.39 -24.53 -9.44
N PHE H 120 12.20 -25.04 -8.22
CA PHE H 120 10.92 -24.90 -7.51
C PHE H 120 11.07 -24.29 -6.11
N PRO H 121 11.26 -22.96 -6.05
CA PRO H 121 11.39 -22.31 -4.73
C PRO H 121 10.07 -22.37 -3.97
N ARG H 122 10.13 -22.28 -2.64
CA ARG H 122 8.95 -22.25 -1.78
C ARG H 122 8.15 -23.54 -1.79
N THR H 123 8.58 -24.50 -2.59
CA THR H 123 7.82 -25.74 -2.79
C THR H 123 8.43 -26.93 -2.06
N ALA H 124 7.56 -27.85 -1.67
CA ALA H 124 7.96 -29.10 -1.05
C ALA H 124 7.72 -30.22 -2.04
N ILE H 125 8.69 -31.12 -2.16
CA ILE H 125 8.52 -32.33 -2.93
C ILE H 125 8.54 -33.51 -1.98
N ASP H 126 7.42 -34.22 -1.90
CA ASP H 126 7.29 -35.35 -0.99
C ASP H 126 7.66 -36.64 -1.68
N VAL H 127 8.54 -37.39 -1.04
CA VAL H 127 8.95 -38.71 -1.54
C VAL H 127 8.70 -39.73 -0.45
N PHE H 128 7.71 -40.61 -0.67
CA PHE H 128 7.36 -41.60 0.33
C PHE H 128 7.67 -43.00 -0.15
N THR H 129 8.31 -43.76 0.74
CA THR H 129 8.93 -45.05 0.42
C THR H 129 8.50 -46.14 1.41
N GLU H 130 8.15 -47.30 0.88
CA GLU H 130 7.73 -48.40 1.74
C GLU H 130 8.36 -49.71 1.33
N ILE H 131 9.06 -50.34 2.27
CA ILE H 131 9.63 -51.64 2.02
C ILE H 131 8.57 -52.69 2.34
N LEU H 132 8.25 -53.49 1.33
CA LEU H 132 7.23 -54.52 1.44
C LEU H 132 7.81 -55.90 1.76
N GLN H 133 9.05 -56.12 1.33
CA GLN H 133 9.85 -57.27 1.77
C GLN H 133 11.29 -56.79 1.88
N ALA H 134 11.91 -57.06 3.03
CA ALA H 134 13.30 -56.73 3.21
C ALA H 134 14.16 -57.99 3.01
N ASP H 135 15.19 -57.85 2.19
CA ASP H 135 16.15 -58.93 1.91
C ASP H 135 17.55 -58.32 1.66
N ALA H 136 17.91 -57.33 2.48
CA ALA H 136 19.17 -56.58 2.38
C ALA H 136 19.20 -55.66 1.17
N GLY H 137 19.86 -54.51 1.33
CA GLY H 137 19.89 -53.47 0.30
C GLY H 137 18.52 -52.87 0.10
N SER H 138 17.74 -52.84 1.19
CA SER H 138 16.40 -52.26 1.20
C SER H 138 16.48 -50.77 0.91
N ARG H 139 17.53 -50.15 1.44
CA ARG H 139 17.74 -48.73 1.28
C ARG H 139 18.02 -48.34 -0.17
N LEU H 140 18.57 -49.27 -0.94
CA LEU H 140 18.97 -48.95 -2.31
C LEU H 140 17.78 -49.15 -3.24
N VAL H 141 17.04 -50.22 -2.98
CA VAL H 141 15.81 -50.48 -3.73
C VAL H 141 14.87 -49.29 -3.50
N SER H 142 14.76 -48.88 -2.24
CA SER H 142 13.97 -47.73 -1.86
C SER H 142 14.36 -46.48 -2.63
N LEU H 143 15.67 -46.18 -2.63
CA LEU H 143 16.25 -44.99 -3.31
C LEU H 143 16.00 -44.98 -4.83
N MET H 144 16.24 -46.11 -5.46
CA MET H 144 15.98 -46.23 -6.86
C MET H 144 14.50 -46.08 -7.18
N ALA H 145 13.66 -46.76 -6.40
CA ALA H 145 12.21 -46.64 -6.54
C ALA H 145 11.85 -45.16 -6.50
N ALA H 146 12.40 -44.46 -5.53
CA ALA H 146 12.18 -43.03 -5.40
C ALA H 146 12.64 -42.27 -6.65
N SER H 147 13.87 -42.54 -7.08
CA SER H 147 14.45 -41.87 -8.24
C SER H 147 13.54 -42.00 -9.48
N LEU H 148 13.03 -43.21 -9.68
CA LEU H 148 12.12 -43.49 -10.79
C LEU H 148 10.75 -42.88 -10.58
N ALA H 149 10.25 -42.87 -9.35
CA ALA H 149 8.96 -42.24 -9.05
C ALA H 149 9.02 -40.74 -9.28
N LEU H 150 10.16 -40.14 -8.96
CA LEU H 150 10.41 -38.74 -9.27
C LEU H 150 10.42 -38.49 -10.75
N ALA H 151 11.11 -39.37 -11.48
CA ALA H 151 11.17 -39.30 -12.93
C ALA H 151 9.78 -39.47 -13.52
N ASP H 152 9.03 -40.42 -12.98
CA ASP H 152 7.64 -40.64 -13.38
C ASP H 152 6.82 -39.37 -13.15
N ALA H 153 7.10 -38.70 -12.04
CA ALA H 153 6.40 -37.46 -11.68
C ALA H 153 6.77 -36.31 -12.61
N GLY H 154 7.74 -36.55 -13.49
CA GLY H 154 8.17 -35.57 -14.49
C GLY H 154 9.06 -34.51 -13.89
N ILE H 155 9.52 -34.75 -12.67
CA ILE H 155 10.43 -33.84 -11.99
C ILE H 155 11.84 -33.99 -12.59
N PRO H 156 12.45 -32.86 -13.01
CA PRO H 156 13.73 -32.96 -13.70
C PRO H 156 14.89 -33.16 -12.74
N MET H 157 15.69 -34.17 -13.01
CA MET H 157 16.89 -34.46 -12.23
C MET H 157 18.12 -34.45 -13.13
N ARG H 158 19.31 -34.43 -12.55
CA ARG H 158 20.56 -34.49 -13.31
C ARG H 158 20.72 -35.84 -14.01
N ASP H 159 20.28 -36.89 -13.32
CA ASP H 159 20.40 -38.25 -13.80
C ASP H 159 19.51 -39.14 -12.95
N LEU H 160 19.25 -40.35 -13.43
CA LEU H 160 18.63 -41.38 -12.63
C LEU H 160 19.67 -41.90 -11.61
N ILE H 161 19.20 -42.42 -10.48
CA ILE H 161 20.09 -43.00 -9.47
C ILE H 161 19.98 -44.53 -9.52
N ALA H 162 21.13 -45.19 -9.61
CA ALA H 162 21.21 -46.65 -9.57
C ALA H 162 22.19 -47.08 -8.46
N GLY H 163 21.88 -48.19 -7.78
CA GLY H 163 22.72 -48.67 -6.69
C GLY H 163 22.70 -50.18 -6.42
N VAL H 164 23.83 -50.67 -5.89
CA VAL H 164 23.99 -52.05 -5.40
C VAL H 164 24.69 -52.06 -4.06
N ALA H 165 24.35 -53.08 -3.26
CA ALA H 165 25.14 -53.44 -2.09
C ALA H 165 26.24 -54.39 -2.59
N VAL H 166 27.49 -54.04 -2.30
CA VAL H 166 28.60 -54.92 -2.62
C VAL H 166 29.27 -55.30 -1.29
N GLY H 167 29.86 -56.49 -1.21
CA GLY H 167 30.38 -56.94 0.06
C GLY H 167 31.46 -58.00 0.01
N LYS H 168 31.91 -58.43 1.19
CA LYS H 168 32.91 -59.48 1.32
C LYS H 168 32.29 -60.63 2.09
N ALA H 169 32.26 -61.81 1.48
CA ALA H 169 31.60 -62.99 2.06
C ALA H 169 32.54 -63.87 2.89
N ASP H 170 33.10 -64.90 2.27
CA ASP H 170 34.08 -65.73 2.96
C ASP H 170 35.44 -65.31 2.43
N GLY H 171 35.74 -64.03 2.57
CA GLY H 171 36.96 -63.45 2.02
C GLY H 171 36.84 -63.25 0.53
N VAL H 172 35.66 -63.53 -0.01
CA VAL H 172 35.40 -63.35 -1.43
C VAL H 172 34.53 -62.12 -1.58
N ILE H 173 34.93 -61.22 -2.48
CA ILE H 173 34.14 -60.03 -2.78
C ILE H 173 32.95 -60.39 -3.69
N ILE H 174 31.76 -60.03 -3.24
CA ILE H 174 30.53 -60.43 -3.91
C ILE H 174 29.60 -59.25 -4.19
N LEU H 175 28.77 -59.41 -5.21
CA LEU H 175 27.89 -58.36 -5.71
C LEU H 175 26.44 -58.63 -5.35
N ASP H 176 25.75 -57.61 -4.85
CA ASP H 176 24.32 -57.69 -4.49
C ASP H 176 24.00 -58.70 -3.39
N LEU H 177 23.93 -58.21 -2.15
CA LEU H 177 23.92 -59.08 -0.98
C LEU H 177 22.56 -59.65 -0.64
N ASN H 178 22.59 -60.87 -0.09
CA ASN H 178 21.44 -61.54 0.52
C ASN H 178 21.14 -61.02 1.90
N GLU H 179 19.96 -61.40 2.40
CA GLU H 179 19.66 -61.24 3.81
C GLU H 179 20.76 -61.96 4.60
N THR H 180 21.03 -63.19 4.18
CA THR H 180 22.07 -64.03 4.77
C THR H 180 23.46 -63.42 4.67
N GLU H 181 23.79 -62.94 3.48
CA GLU H 181 25.14 -62.42 3.22
C GLU H 181 25.39 -61.13 4.01
N ASP H 182 24.34 -60.35 4.22
CA ASP H 182 24.43 -59.11 4.99
C ASP H 182 24.79 -59.43 6.43
N MET H 183 24.15 -60.47 6.95
CA MET H 183 24.34 -60.89 8.31
C MET H 183 25.73 -61.42 8.61
N TRP H 184 26.17 -62.39 7.83
CA TRP H 184 27.34 -63.18 8.20
C TRP H 184 28.63 -62.75 7.53
N GLY H 185 28.54 -61.97 6.45
CA GLY H 185 29.73 -61.53 5.73
C GLY H 185 30.52 -60.49 6.50
N GLU H 186 31.81 -60.37 6.19
CA GLU H 186 32.68 -59.39 6.85
C GLU H 186 32.30 -57.94 6.56
N ALA H 187 31.69 -57.70 5.40
CA ALA H 187 31.43 -56.34 4.95
C ALA H 187 30.17 -56.21 4.12
N ASP H 188 29.51 -55.07 4.29
CA ASP H 188 28.30 -54.71 3.57
C ASP H 188 28.47 -53.23 3.21
N MET H 189 28.54 -52.97 1.90
CA MET H 189 28.83 -51.63 1.41
C MET H 189 27.86 -51.20 0.31
N PRO H 190 26.72 -50.61 0.70
CA PRO H 190 25.83 -49.93 -0.24
C PRO H 190 26.48 -48.74 -0.96
N ILE H 191 26.31 -48.66 -2.28
CA ILE H 191 26.83 -47.59 -3.14
C ILE H 191 25.78 -47.18 -4.18
N ALA H 192 25.52 -45.89 -4.32
CA ALA H 192 24.57 -45.39 -5.32
C ALA H 192 25.21 -44.34 -6.21
N MET H 193 24.81 -44.32 -7.49
CA MET H 193 25.44 -43.44 -8.49
C MET H 193 24.45 -42.73 -9.39
N MET H 194 24.89 -41.59 -9.92
CA MET H 194 24.32 -41.03 -11.14
C MET H 194 25.30 -41.49 -12.20
N PRO H 195 25.04 -42.65 -12.82
CA PRO H 195 26.02 -43.41 -13.59
C PRO H 195 26.56 -42.67 -14.80
N SER H 196 25.69 -41.89 -15.45
CA SER H 196 26.07 -41.10 -16.62
C SER H 196 27.07 -40.01 -16.26
N LEU H 197 26.92 -39.45 -15.08
CA LEU H 197 27.81 -38.39 -14.60
C LEU H 197 28.98 -38.94 -13.79
N ASN H 198 28.98 -40.26 -13.58
CA ASN H 198 29.95 -40.95 -12.72
C ASN H 198 30.07 -40.34 -11.32
N GLN H 199 28.89 -40.14 -10.72
CA GLN H 199 28.75 -39.42 -9.45
C GLN H 199 28.16 -40.30 -8.36
N VAL H 200 28.88 -40.38 -7.25
CA VAL H 200 28.44 -41.14 -6.10
C VAL H 200 27.49 -40.31 -5.24
N THR H 201 26.33 -40.90 -4.98
CA THR H 201 25.18 -40.23 -4.41
C THR H 201 24.93 -40.70 -2.96
N LEU H 202 25.11 -42.01 -2.75
CA LEU H 202 25.10 -42.65 -1.43
C LEU H 202 26.29 -43.57 -1.34
N PHE H 203 26.95 -43.57 -0.18
CA PHE H 203 28.10 -44.45 0.03
C PHE H 203 28.26 -44.78 1.50
N GLN H 204 28.16 -46.07 1.83
CA GLN H 204 28.31 -46.53 3.20
C GLN H 204 29.02 -47.87 3.27
N LEU H 205 29.88 -48.03 4.27
CA LEU H 205 30.39 -49.34 4.58
C LEU H 205 30.23 -49.64 6.05
N ASN H 206 29.63 -50.80 6.35
CA ASN H 206 29.68 -51.34 7.70
C ASN H 206 30.32 -52.70 7.67
N GLY H 207 31.34 -52.86 8.51
CA GLY H 207 32.15 -54.05 8.47
C GLY H 207 33.61 -53.70 8.28
N SER H 208 34.35 -54.62 7.68
CA SER H 208 35.80 -54.51 7.65
C SER H 208 36.35 -54.83 6.27
N MET H 209 37.29 -54.00 5.81
CA MET H 209 37.95 -54.19 4.51
C MET H 209 39.35 -53.59 4.45
N THR H 210 40.26 -54.27 3.76
CA THR H 210 41.56 -53.68 3.44
C THR H 210 41.35 -52.71 2.28
N PRO H 211 42.14 -51.62 2.27
CA PRO H 211 42.03 -50.65 1.20
C PRO H 211 41.93 -51.28 -0.18
N ASP H 212 42.64 -52.40 -0.39
CA ASP H 212 42.58 -53.09 -1.66
C ASP H 212 41.18 -53.65 -1.92
N GLU H 213 40.68 -54.43 -0.97
CA GLU H 213 39.36 -55.07 -1.05
C GLU H 213 38.30 -54.02 -1.27
N PHE H 214 38.50 -52.91 -0.58
CA PHE H 214 37.63 -51.76 -0.74
C PHE H 214 37.58 -51.33 -2.20
N ARG H 215 38.76 -51.12 -2.80
CA ARG H 215 38.85 -50.71 -4.21
C ARG H 215 38.35 -51.76 -5.20
N GLN H 216 38.50 -53.04 -4.88
CA GLN H 216 37.99 -54.12 -5.74
C GLN H 216 36.48 -54.14 -5.75
N ALA H 217 35.90 -54.15 -4.56
CA ALA H 217 34.46 -54.16 -4.37
C ALA H 217 33.85 -52.96 -5.09
N PHE H 218 34.57 -51.85 -5.00
CA PHE H 218 34.18 -50.60 -5.61
C PHE H 218 34.06 -50.74 -7.12
N ASP H 219 35.07 -51.32 -7.75
CA ASP H 219 35.08 -51.55 -9.20
C ASP H 219 33.90 -52.39 -9.64
N LEU H 220 33.58 -53.41 -8.85
CA LEU H 220 32.53 -54.36 -9.15
C LEU H 220 31.17 -53.69 -9.01
N ALA H 221 31.00 -52.90 -7.95
CA ALA H 221 29.75 -52.18 -7.73
C ALA H 221 29.34 -51.35 -8.96
N VAL H 222 30.33 -50.70 -9.58
CA VAL H 222 30.11 -49.91 -10.79
C VAL H 222 29.51 -50.77 -11.90
N LYS H 223 30.17 -51.87 -12.23
CA LYS H 223 29.71 -52.78 -13.29
C LYS H 223 28.28 -53.23 -13.06
N GLY H 224 27.94 -53.51 -11.80
CA GLY H 224 26.58 -53.85 -11.43
C GLY H 224 25.65 -52.69 -11.70
N ILE H 225 26.00 -51.52 -11.14
CA ILE H 225 25.21 -50.28 -11.25
C ILE H 225 24.85 -49.94 -12.69
N ASN H 226 25.80 -50.16 -13.60
CA ASN H 226 25.59 -49.90 -15.02
C ASN H 226 24.50 -50.75 -15.66
N ILE H 227 24.51 -52.04 -15.34
CA ILE H 227 23.47 -52.97 -15.81
C ILE H 227 22.08 -52.56 -15.30
N ILE H 228 22.00 -52.21 -14.02
CA ILE H 228 20.77 -51.72 -13.41
C ILE H 228 20.31 -50.43 -14.07
N TYR H 229 21.25 -49.50 -14.29
CA TYR H 229 20.97 -48.20 -14.88
C TYR H 229 20.28 -48.34 -16.24
N ASN H 230 20.66 -49.39 -16.98
CA ASN H 230 20.07 -49.66 -18.28
C ASN H 230 18.63 -50.09 -18.19
N LEU H 231 18.32 -50.85 -17.15
CA LEU H 231 16.96 -51.30 -16.94
C LEU H 231 16.10 -50.13 -16.51
N GLU H 232 16.69 -49.18 -15.79
CA GLU H 232 15.99 -47.99 -15.35
C GLU H 232 15.58 -47.13 -16.55
N ARG H 233 16.51 -46.93 -17.48
CA ARG H 233 16.24 -46.25 -18.72
C ARG H 233 15.11 -46.91 -19.48
N GLU H 234 15.14 -48.24 -19.51
CA GLU H 234 14.14 -49.06 -20.18
C GLU H 234 12.76 -48.95 -19.50
N ALA H 235 12.75 -48.99 -18.18
CA ALA H 235 11.52 -48.85 -17.41
C ALA H 235 10.87 -47.50 -17.65
N LEU H 236 11.69 -46.50 -17.99
CA LEU H 236 11.21 -45.16 -18.23
C LEU H 236 10.43 -45.14 -19.52
N LYS H 237 11.00 -45.75 -20.56
CA LYS H 237 10.38 -45.83 -21.88
C LYS H 237 9.14 -46.72 -21.92
N SER H 238 9.27 -47.98 -21.47
CA SER H 238 8.20 -48.96 -21.61
C SER H 238 7.33 -49.16 -20.37
N LYS H 239 7.60 -48.40 -19.30
CA LYS H 239 6.84 -48.45 -18.04
C LYS H 239 6.89 -49.77 -17.28
N TYR H 240 7.53 -50.78 -17.86
CA TYR H 240 7.63 -52.11 -17.24
C TYR H 240 8.86 -52.90 -17.68
N VAL H 241 9.63 -53.40 -16.70
CA VAL H 241 10.88 -54.10 -16.97
C VAL H 241 11.06 -55.33 -16.11
N GLU H 242 11.51 -56.41 -16.76
CA GLU H 242 11.74 -57.69 -16.13
C GLU H 242 13.11 -58.26 -16.50
N PHE H 243 13.91 -58.63 -15.47
CA PHE H 243 15.29 -59.08 -15.67
C PHE H 243 15.60 -60.33 -14.85
N LYS H 244 15.71 -61.47 -15.54
CA LYS H 244 16.18 -62.70 -14.92
C LYS H 244 17.68 -62.55 -14.59
N GLU H 245 18.08 -63.03 -13.41
CA GLU H 245 19.46 -62.88 -12.89
C GLU H 245 20.53 -63.25 -13.91
N GLU H 246 21.62 -62.49 -13.94
CA GLU H 246 22.85 -62.94 -14.62
C GLU H 246 24.09 -62.14 -14.25
N GLY H 247 25.23 -62.68 -14.65
CA GLY H 247 26.55 -62.17 -14.29
C GLY H 247 26.85 -60.82 -14.89
N VAL H 248 27.52 -60.01 -14.06
CA VAL H 248 27.85 -58.63 -14.36
C VAL H 248 28.67 -58.46 -15.65
N MET I 1 -6.72 -34.24 20.96
CA MET I 1 -7.85 -33.35 20.57
C MET I 1 -8.23 -33.41 19.09
N SER I 2 -9.52 -33.58 18.79
CA SER I 2 -10.04 -33.71 17.42
C SER I 2 -10.52 -32.38 16.87
N SER I 3 -10.19 -32.11 15.60
CA SER I 3 -10.59 -30.85 14.96
C SER I 3 -10.91 -30.97 13.48
N THR I 4 -11.79 -30.09 13.01
CA THR I 4 -12.25 -30.07 11.62
C THR I 4 -11.06 -30.04 10.66
N PRO I 5 -11.00 -31.00 9.71
CA PRO I 5 -9.90 -31.06 8.77
C PRO I 5 -9.81 -29.81 7.90
N SER I 6 -8.67 -29.14 7.95
CA SER I 6 -8.45 -27.88 7.23
C SER I 6 -7.99 -28.06 5.78
N ASN I 7 -7.14 -29.06 5.55
CA ASN I 7 -6.72 -29.41 4.19
C ASN I 7 -7.93 -29.64 3.27
N GLN I 8 -9.06 -30.06 3.86
CA GLN I 8 -10.34 -30.36 3.19
C GLN I 8 -10.52 -29.70 1.81
N ASN I 9 -10.20 -30.49 0.76
CA ASN I 9 -10.21 -30.05 -0.66
C ASN I 9 -11.62 -29.67 -1.18
N ILE I 10 -12.22 -28.69 -0.46
CA ILE I 10 -13.55 -28.08 -0.64
C ILE I 10 -14.00 -28.04 -2.11
N ILE I 11 -14.74 -29.08 -2.49
CA ILE I 11 -15.17 -29.32 -3.89
C ILE I 11 -16.40 -28.46 -4.26
N PRO I 12 -16.22 -27.53 -5.23
CA PRO I 12 -17.17 -26.46 -5.55
C PRO I 12 -18.65 -26.87 -5.65
N ILE I 13 -19.51 -25.89 -5.42
CA ILE I 13 -20.96 -26.06 -5.52
C ILE I 13 -21.33 -26.71 -6.86
N ILE I 14 -20.80 -26.13 -7.94
CA ILE I 14 -21.12 -26.51 -9.31
C ILE I 14 -20.88 -28.00 -9.56
N LYS I 15 -19.69 -28.49 -9.21
CA LYS I 15 -19.32 -29.89 -9.44
C LYS I 15 -20.29 -30.85 -8.78
N LYS I 16 -20.79 -30.46 -7.61
CA LYS I 16 -21.74 -31.30 -6.89
C LYS I 16 -23.03 -31.56 -7.69
N GLU I 17 -23.61 -30.50 -8.24
CA GLU I 17 -24.79 -30.60 -9.11
C GLU I 17 -24.65 -31.64 -10.17
N SER I 18 -23.59 -31.49 -10.96
CA SER I 18 -23.27 -32.37 -12.08
C SER I 18 -23.46 -33.82 -11.69
N ILE I 19 -22.94 -34.18 -10.53
CA ILE I 19 -23.01 -35.54 -10.01
C ILE I 19 -24.46 -35.86 -9.59
N VAL I 20 -25.11 -34.91 -8.92
CA VAL I 20 -26.48 -35.10 -8.45
C VAL I 20 -27.46 -35.24 -9.62
N SER I 21 -27.31 -34.37 -10.63
CA SER I 21 -28.14 -34.44 -11.82
C SER I 21 -28.05 -35.81 -12.52
N LEU I 22 -26.89 -36.44 -12.42
CA LEU I 22 -26.69 -37.80 -12.92
C LEU I 22 -27.43 -38.80 -12.04
N PHE I 23 -27.30 -38.62 -10.73
CA PHE I 23 -27.96 -39.48 -9.75
C PHE I 23 -29.46 -39.50 -9.98
N GLU I 24 -29.97 -38.36 -10.39
CA GLU I 24 -31.39 -38.19 -10.67
C GLU I 24 -31.83 -39.12 -11.80
N LYS I 25 -30.90 -39.47 -12.69
CA LYS I 25 -31.14 -40.40 -13.78
C LYS I 25 -30.65 -41.80 -13.43
N GLY I 26 -30.29 -42.00 -12.16
CA GLY I 26 -29.88 -43.31 -11.66
C GLY I 26 -28.52 -43.81 -12.14
N ILE I 27 -27.68 -42.89 -12.60
CA ILE I 27 -26.35 -43.24 -13.08
C ILE I 27 -25.29 -42.38 -12.42
N ARG I 28 -24.05 -42.84 -12.47
CA ARG I 28 -22.91 -42.09 -11.92
C ARG I 28 -21.89 -41.76 -13.01
N GLN I 29 -20.83 -41.04 -12.61
CA GLN I 29 -19.78 -40.60 -13.53
C GLN I 29 -19.10 -41.78 -14.20
N ASP I 30 -18.65 -42.74 -13.39
CA ASP I 30 -17.95 -43.94 -13.87
C ASP I 30 -18.84 -44.89 -14.68
N GLY I 31 -20.16 -44.72 -14.53
CA GLY I 31 -21.13 -45.44 -15.36
C GLY I 31 -22.05 -46.34 -14.58
N ARG I 32 -21.62 -46.74 -13.38
CA ARG I 32 -22.36 -47.70 -12.57
C ARG I 32 -23.66 -47.14 -11.98
N LYS I 33 -24.59 -48.05 -11.66
CA LYS I 33 -25.87 -47.71 -11.03
C LYS I 33 -25.63 -47.30 -9.59
N LEU I 34 -26.65 -46.71 -8.98
CA LEU I 34 -26.53 -46.15 -7.64
C LEU I 34 -26.16 -47.16 -6.57
N THR I 35 -26.46 -48.43 -6.85
CA THR I 35 -26.22 -49.52 -5.90
C THR I 35 -25.05 -50.43 -6.27
N ASP I 36 -24.31 -50.06 -7.32
CA ASP I 36 -23.24 -50.89 -7.86
C ASP I 36 -21.91 -50.78 -7.11
N TYR I 37 -21.14 -51.86 -7.15
CA TYR I 37 -19.80 -51.83 -6.61
C TYR I 37 -18.75 -51.59 -7.68
N ARG I 38 -17.69 -50.86 -7.35
CA ARG I 38 -16.56 -50.70 -8.26
C ARG I 38 -15.88 -52.07 -8.53
N PRO I 39 -15.11 -52.16 -9.64
CA PRO I 39 -14.44 -53.44 -9.97
C PRO I 39 -13.47 -53.86 -8.87
N LEU I 40 -13.50 -55.15 -8.51
CA LEU I 40 -12.72 -55.63 -7.38
C LEU I 40 -11.67 -56.66 -7.78
N SER I 41 -10.41 -56.38 -7.44
CA SER I 41 -9.31 -57.31 -7.67
C SER I 41 -8.67 -57.64 -6.35
N ILE I 42 -8.41 -58.93 -6.14
CA ILE I 42 -7.69 -59.39 -4.97
C ILE I 42 -6.57 -60.34 -5.37
N THR I 43 -5.35 -59.97 -4.99
CA THR I 43 -4.16 -60.78 -5.18
C THR I 43 -3.67 -61.28 -3.81
N LEU I 44 -3.81 -62.58 -3.58
CA LEU I 44 -3.44 -63.18 -2.31
C LEU I 44 -1.95 -63.43 -2.21
N ASP I 45 -1.45 -63.52 -0.97
CA ASP I 45 -0.03 -63.70 -0.67
C ASP I 45 0.84 -62.74 -1.48
N TYR I 46 0.59 -61.46 -1.31
CA TYR I 46 1.32 -60.46 -2.07
C TYR I 46 2.66 -60.11 -1.43
N ALA I 47 2.65 -59.74 -0.14
CA ALA I 47 3.89 -59.56 0.63
C ALA I 47 4.35 -60.94 1.08
N LYS I 48 5.46 -61.39 0.50
CA LYS I 48 5.95 -62.75 0.69
C LYS I 48 6.40 -62.98 2.12
N LYS I 49 6.95 -61.94 2.76
CA LYS I 49 7.46 -62.12 4.11
C LYS I 49 6.39 -62.00 5.20
N ALA I 50 5.14 -61.82 4.78
CA ALA I 50 4.00 -61.90 5.69
C ALA I 50 3.60 -63.36 5.92
N ASP I 51 2.81 -63.59 6.97
CA ASP I 51 2.26 -64.92 7.25
C ASP I 51 1.10 -65.17 6.30
N GLY I 52 0.27 -64.15 6.11
CA GLY I 52 -0.76 -64.12 5.09
C GLY I 52 -0.87 -62.68 4.61
N SER I 53 -1.15 -62.48 3.32
CA SER I 53 -1.27 -61.13 2.80
C SER I 53 -2.27 -61.06 1.68
N ALA I 54 -2.79 -59.86 1.42
CA ALA I 54 -3.74 -59.63 0.35
C ALA I 54 -3.69 -58.21 -0.22
N LEU I 55 -3.54 -58.10 -1.53
CA LEU I 55 -3.58 -56.81 -2.18
C LEU I 55 -4.94 -56.61 -2.86
N VAL I 56 -5.70 -55.65 -2.35
CA VAL I 56 -7.05 -55.41 -2.81
C VAL I 56 -7.16 -54.12 -3.60
N LYS I 57 -7.75 -54.19 -4.79
CA LYS I 57 -8.05 -53.00 -5.59
C LYS I 57 -9.54 -52.86 -5.74
N LEU I 58 -10.12 -51.93 -4.99
CA LEU I 58 -11.52 -51.60 -5.15
C LEU I 58 -11.62 -50.26 -5.88
N GLY I 59 -11.93 -50.31 -7.17
CA GLY I 59 -11.82 -49.13 -7.99
C GLY I 59 -10.37 -48.70 -7.97
N THR I 60 -10.13 -47.44 -7.66
CA THR I 60 -8.76 -46.90 -7.66
C THR I 60 -8.14 -46.96 -6.27
N THR I 61 -8.92 -47.39 -5.27
CA THR I 61 -8.40 -47.60 -3.91
C THR I 61 -7.51 -48.84 -3.85
N MET I 62 -6.38 -48.73 -3.17
CA MET I 62 -5.51 -49.87 -2.97
C MET I 62 -5.11 -50.07 -1.52
N VAL I 63 -5.33 -51.27 -1.04
CA VAL I 63 -5.01 -51.61 0.32
C VAL I 63 -4.21 -52.90 0.30
N LEU I 64 -3.13 -52.92 1.06
CA LEU I 64 -2.36 -54.14 1.29
C LEU I 64 -2.41 -54.47 2.78
N ALA I 65 -3.04 -55.60 3.09
CA ALA I 65 -3.10 -56.11 4.45
C ALA I 65 -2.20 -57.33 4.60
N GLY I 66 -1.49 -57.38 5.72
CA GLY I 66 -0.61 -58.50 6.00
C GLY I 66 -0.68 -58.90 7.45
N THR I 67 -0.66 -60.20 7.68
CA THR I 67 -0.66 -60.75 9.03
C THR I 67 0.74 -61.19 9.46
N LYS I 68 0.96 -61.16 10.76
CA LYS I 68 2.18 -61.65 11.36
C LYS I 68 1.82 -62.27 12.71
N LEU I 69 2.17 -63.54 12.89
CA LEU I 69 1.83 -64.26 14.11
C LEU I 69 2.99 -64.24 15.10
N GLU I 70 2.64 -64.16 16.39
CA GLU I 70 3.63 -64.18 17.47
C GLU I 70 3.07 -64.89 18.68
N ILE I 71 3.95 -65.52 19.45
CA ILE I 71 3.53 -66.21 20.66
C ILE I 71 3.71 -65.32 21.89
N ASP I 72 2.61 -65.08 22.60
CA ASP I 72 2.59 -64.21 23.76
C ASP I 72 1.85 -64.85 24.92
N LYS I 73 2.14 -64.40 26.14
CA LYS I 73 1.28 -64.66 27.29
C LYS I 73 -0.01 -63.85 27.06
N PRO I 74 -1.19 -64.47 27.24
CA PRO I 74 -2.43 -63.73 27.00
C PRO I 74 -2.64 -62.63 28.04
N TYR I 75 -3.44 -61.61 27.72
CA TYR I 75 -3.69 -60.50 28.66
C TYR I 75 -4.29 -61.03 29.95
N GLU I 76 -3.74 -60.61 31.10
CA GLU I 76 -4.20 -61.07 32.43
C GLU I 76 -5.73 -61.00 32.57
N ASP I 77 -6.34 -60.05 31.84
CA ASP I 77 -7.79 -59.89 31.75
C ASP I 77 -8.48 -61.07 31.05
N THR I 78 -7.95 -61.49 29.90
CA THR I 78 -8.56 -62.54 29.06
C THR I 78 -7.62 -63.75 28.87
N PRO I 79 -7.56 -64.64 29.87
CA PRO I 79 -6.53 -65.68 29.95
C PRO I 79 -6.73 -66.88 29.02
N ASN I 80 -7.89 -66.96 28.37
CA ASN I 80 -8.18 -68.05 27.46
C ASN I 80 -8.38 -67.66 26.01
N GLN I 81 -7.60 -66.68 25.57
CA GLN I 81 -7.77 -66.14 24.25
C GLN I 81 -6.44 -65.73 23.65
N GLY I 82 -6.33 -65.96 22.35
CA GLY I 82 -5.32 -65.32 21.52
C GLY I 82 -5.66 -63.87 21.32
N ASN I 83 -4.69 -63.09 20.88
CA ASN I 83 -4.89 -61.66 20.76
C ASN I 83 -4.96 -61.24 19.30
N LEU I 84 -5.80 -60.24 19.03
CA LEU I 84 -5.89 -59.62 17.70
C LEU I 84 -5.55 -58.15 17.81
N ILE I 85 -4.59 -57.70 17.02
CA ILE I 85 -4.26 -56.31 17.03
C ILE I 85 -4.31 -55.82 15.60
N VAL I 86 -5.20 -54.85 15.34
CA VAL I 86 -5.44 -54.34 13.98
C VAL I 86 -4.94 -52.91 13.77
N ASN I 87 -3.82 -52.76 13.06
CA ASN I 87 -3.23 -51.43 12.78
C ASN I 87 -3.47 -50.96 11.36
N VAL I 88 -4.20 -49.87 11.22
CA VAL I 88 -4.41 -49.29 9.90
C VAL I 88 -3.60 -48.01 9.83
N GLU I 89 -2.80 -47.92 8.77
CA GLU I 89 -1.96 -46.76 8.52
C GLU I 89 -2.39 -46.11 7.22
N LEU I 90 -2.60 -44.81 7.24
CA LEU I 90 -2.98 -44.06 6.04
C LEU I 90 -1.74 -43.44 5.42
N LEU I 91 -0.79 -44.29 5.04
CA LEU I 91 0.49 -43.83 4.52
C LEU I 91 0.31 -42.71 3.51
N PRO I 92 1.19 -41.70 3.57
CA PRO I 92 0.95 -40.51 2.78
C PRO I 92 0.84 -40.83 1.30
N LEU I 93 1.70 -41.74 0.81
CA LEU I 93 1.72 -42.21 -0.59
C LEU I 93 0.33 -42.35 -1.22
N ALA I 94 -0.70 -42.23 -0.38
CA ALA I 94 -2.12 -42.48 -0.73
C ALA I 94 -2.80 -41.38 -1.57
N TYR I 95 -3.19 -40.28 -0.92
CA TYR I 95 -3.87 -39.16 -1.60
C TYR I 95 -3.07 -37.84 -1.41
N GLU I 96 -3.37 -36.82 -2.22
CA GLU I 96 -2.62 -35.56 -2.29
C GLU I 96 -2.39 -34.76 -0.97
N THR I 97 -3.25 -34.94 0.04
CA THR I 97 -3.14 -34.17 1.30
C THR I 97 -3.08 -35.06 2.55
N PHE I 98 -1.97 -35.78 2.71
CA PHE I 98 -1.77 -36.75 3.81
C PHE I 98 -0.45 -36.49 4.57
N GLU I 99 -0.52 -36.59 5.90
CA GLU I 99 0.64 -36.35 6.78
C GLU I 99 1.37 -37.66 7.16
N PRO I 100 2.69 -37.59 7.46
CA PRO I 100 3.51 -38.72 7.93
C PRO I 100 3.41 -38.95 9.45
N GLY I 101 4.43 -39.61 10.01
CA GLY I 101 4.45 -40.02 11.42
C GLY I 101 3.41 -41.11 11.69
N PRO I 102 3.59 -41.90 12.79
CA PRO I 102 2.51 -42.87 13.15
C PRO I 102 1.04 -42.27 13.15
N PRO I 103 0.00 -43.15 13.03
CA PRO I 103 -1.43 -42.82 12.72
C PRO I 103 -2.17 -41.72 13.50
N ASP I 104 -3.30 -41.28 12.94
CA ASP I 104 -4.20 -40.38 13.62
C ASP I 104 -5.69 -40.67 13.29
N GLU I 105 -6.58 -39.94 13.98
CA GLU I 105 -8.03 -39.99 13.79
C GLU I 105 -8.50 -41.09 12.87
N ASN I 106 -8.45 -40.79 11.57
CA ASN I 106 -9.12 -41.61 10.57
C ASN I 106 -8.56 -43.02 10.42
N ALA I 107 -7.25 -43.16 10.55
CA ALA I 107 -6.59 -44.46 10.57
C ALA I 107 -7.10 -45.25 11.77
N ILE I 108 -6.91 -44.70 12.95
CA ILE I 108 -7.37 -45.32 14.17
C ILE I 108 -8.84 -45.73 14.08
N GLU I 109 -9.70 -44.82 13.61
CA GLU I 109 -11.11 -45.13 13.45
C GLU I 109 -11.32 -46.34 12.53
N LEU I 110 -10.59 -46.38 11.43
CA LEU I 110 -10.68 -47.48 10.48
C LEU I 110 -10.28 -48.82 11.11
N ALA I 111 -9.18 -48.79 11.85
CA ALA I 111 -8.67 -49.97 12.53
C ALA I 111 -9.69 -50.53 13.54
N ARG I 112 -10.23 -49.65 14.38
CA ARG I 112 -11.19 -50.04 15.41
C ARG I 112 -12.48 -50.57 14.80
N VAL I 113 -12.93 -49.96 13.72
CA VAL I 113 -14.13 -50.41 13.01
C VAL I 113 -13.93 -51.79 12.39
N VAL I 114 -12.77 -52.01 11.78
CA VAL I 114 -12.42 -53.32 11.22
C VAL I 114 -12.25 -54.34 12.35
N ASP I 115 -11.55 -53.93 13.40
CA ASP I 115 -11.36 -54.74 14.60
C ASP I 115 -12.69 -55.28 15.09
N ARG I 116 -13.61 -54.36 15.37
CA ARG I 116 -14.87 -54.69 16.00
C ARG I 116 -15.74 -55.63 15.17
N SER I 117 -15.65 -55.54 13.85
CA SER I 117 -16.46 -56.42 13.01
C SER I 117 -15.78 -57.77 12.75
N LEU I 118 -14.52 -57.91 13.13
CA LEU I 118 -13.88 -59.23 13.14
C LEU I 118 -14.08 -59.93 14.50
N ARG I 119 -13.95 -59.14 15.56
CA ARG I 119 -13.95 -59.60 16.93
C ARG I 119 -15.38 -59.91 17.39
N ASP I 120 -16.30 -58.97 17.15
CA ASP I 120 -17.71 -59.10 17.60
C ASP I 120 -18.52 -60.11 16.77
N SER I 121 -18.05 -60.38 15.55
CA SER I 121 -18.69 -61.37 14.71
C SER I 121 -18.14 -62.75 14.99
N LYS I 122 -17.09 -62.82 15.79
CA LYS I 122 -16.32 -64.04 15.94
C LYS I 122 -16.03 -64.71 14.59
N ALA I 123 -15.73 -63.87 13.59
CA ALA I 123 -15.28 -64.35 12.30
C ALA I 123 -13.96 -65.08 12.51
N LEU I 124 -13.13 -64.53 13.39
CA LEU I 124 -11.93 -65.18 13.85
C LEU I 124 -12.15 -65.59 15.30
N ASP I 125 -11.99 -66.88 15.56
CA ASP I 125 -12.21 -67.40 16.89
C ASP I 125 -10.95 -67.30 17.74
N LEU I 126 -10.94 -66.32 18.64
CA LEU I 126 -9.77 -66.04 19.47
C LEU I 126 -9.53 -67.10 20.53
N THR I 127 -10.58 -67.81 20.90
CA THR I 127 -10.46 -68.88 21.91
C THR I 127 -9.73 -70.09 21.35
N LYS I 128 -9.70 -70.20 20.02
CA LYS I 128 -9.04 -71.32 19.35
C LYS I 128 -7.60 -70.98 18.97
N LEU I 129 -7.07 -69.89 19.52
CA LEU I 129 -5.68 -69.47 19.32
C LEU I 129 -4.79 -69.69 20.55
N VAL I 130 -5.31 -70.46 21.51
CA VAL I 130 -4.62 -70.75 22.76
C VAL I 130 -3.67 -71.93 22.57
N ILE I 131 -2.40 -71.75 22.94
CA ILE I 131 -1.44 -72.86 22.91
C ILE I 131 -1.43 -73.52 24.30
N GLU I 132 -0.66 -72.99 25.25
CA GLU I 132 -0.73 -73.46 26.64
C GLU I 132 -1.64 -72.51 27.43
N PRO I 133 -2.84 -72.97 27.84
CA PRO I 133 -3.87 -72.06 28.39
C PRO I 133 -3.28 -71.19 29.49
N GLY I 134 -3.57 -69.89 29.45
CA GLY I 134 -3.05 -68.95 30.44
C GLY I 134 -1.55 -68.67 30.38
N LYS I 135 -0.77 -69.57 29.78
CA LYS I 135 0.69 -69.42 29.64
C LYS I 135 1.13 -68.80 28.30
N SER I 136 0.60 -69.33 27.19
CA SER I 136 0.98 -68.86 25.85
C SER I 136 -0.13 -68.98 24.80
N VAL I 137 -0.35 -67.90 24.05
CA VAL I 137 -1.33 -67.84 22.98
C VAL I 137 -0.72 -67.20 21.71
N TRP I 138 -1.41 -67.33 20.59
CA TRP I 138 -1.00 -66.65 19.38
C TRP I 138 -1.52 -65.21 19.39
N THR I 139 -0.65 -64.28 19.04
CA THR I 139 -1.05 -62.91 18.78
C THR I 139 -1.05 -62.71 17.28
N VAL I 140 -2.21 -62.30 16.77
CA VAL I 140 -2.37 -62.04 15.35
C VAL I 140 -2.27 -60.55 15.09
N TRP I 141 -1.14 -60.14 14.53
CA TRP I 141 -0.96 -58.75 14.12
C TRP I 141 -1.51 -58.61 12.72
N LEU I 142 -2.54 -57.78 12.57
CA LEU I 142 -3.03 -57.43 11.26
C LEU I 142 -2.57 -56.01 10.98
N ASP I 143 -1.86 -55.83 9.87
CA ASP I 143 -1.38 -54.52 9.47
C ASP I 143 -1.91 -54.18 8.10
N VAL I 144 -2.74 -53.15 8.06
CA VAL I 144 -3.44 -52.76 6.86
C VAL I 144 -2.90 -51.42 6.35
N TYR I 145 -2.37 -51.43 5.13
CA TYR I 145 -1.70 -50.26 4.56
C TYR I 145 -2.43 -49.75 3.34
N VAL I 146 -2.90 -48.51 3.41
CA VAL I 146 -3.63 -47.89 2.30
C VAL I 146 -2.64 -47.19 1.37
N LEU I 147 -2.58 -47.66 0.13
CA LEU I 147 -1.56 -47.19 -0.81
C LEU I 147 -2.08 -46.15 -1.79
N ASP I 148 -3.38 -46.19 -2.06
CA ASP I 148 -4.00 -45.37 -3.09
C ASP I 148 -5.37 -45.05 -2.53
N TYR I 149 -5.67 -43.77 -2.37
CA TYR I 149 -6.96 -43.38 -1.82
C TYR I 149 -7.93 -43.13 -2.96
N GLY I 150 -8.83 -44.08 -3.19
CA GLY I 150 -9.81 -43.94 -4.26
C GLY I 150 -11.19 -43.64 -3.74
N GLY I 151 -11.30 -43.50 -2.41
CA GLY I 151 -12.59 -43.31 -1.74
C GLY I 151 -13.11 -44.63 -1.22
N ASN I 152 -13.96 -44.55 -0.20
CA ASN I 152 -14.51 -45.72 0.48
C ASN I 152 -13.40 -46.71 0.89
N VAL I 153 -12.52 -46.22 1.75
CA VAL I 153 -11.36 -46.99 2.18
C VAL I 153 -11.81 -48.10 3.12
N LEU I 154 -12.80 -47.81 3.95
CA LEU I 154 -13.28 -48.76 4.96
C LEU I 154 -13.60 -50.15 4.40
N ASP I 155 -14.37 -50.18 3.32
CA ASP I 155 -14.81 -51.43 2.72
C ASP I 155 -13.61 -52.20 2.19
N ALA I 156 -12.68 -51.50 1.58
CA ALA I 156 -11.48 -52.11 1.01
C ALA I 156 -10.56 -52.68 2.09
N CYS I 157 -10.61 -52.10 3.29
CA CYS I 157 -9.82 -52.59 4.44
C CYS I 157 -10.41 -53.86 5.01
N THR I 158 -11.72 -53.83 5.23
CA THR I 158 -12.47 -55.02 5.61
C THR I 158 -12.09 -56.18 4.68
N LEU I 159 -12.21 -55.95 3.39
CA LEU I 159 -11.87 -56.97 2.40
C LEU I 159 -10.42 -57.42 2.48
N ALA I 160 -9.47 -56.49 2.40
CA ALA I 160 -8.05 -56.82 2.50
C ALA I 160 -7.72 -57.60 3.76
N SER I 161 -8.38 -57.24 4.87
CA SER I 161 -8.17 -57.88 6.17
C SER I 161 -8.65 -59.33 6.17
N VAL I 162 -9.93 -59.51 5.86
CA VAL I 162 -10.52 -60.85 5.75
C VAL I 162 -9.68 -61.75 4.85
N ALA I 163 -9.23 -61.21 3.71
CA ALA I 163 -8.42 -61.92 2.74
C ALA I 163 -7.06 -62.28 3.30
N ALA I 164 -6.42 -61.32 3.98
CA ALA I 164 -5.12 -61.57 4.60
C ALA I 164 -5.20 -62.70 5.62
N LEU I 165 -6.24 -62.67 6.46
CA LEU I 165 -6.47 -63.70 7.49
C LEU I 165 -6.67 -65.08 6.89
N TYR I 166 -7.44 -65.16 5.82
CA TYR I 166 -7.70 -66.42 5.14
C TYR I 166 -6.46 -66.95 4.45
N ASN I 167 -5.55 -66.03 4.16
CA ASN I 167 -4.27 -66.39 3.57
C ASN I 167 -3.24 -66.81 4.62
N THR I 168 -3.56 -66.60 5.89
CA THR I 168 -2.57 -66.78 6.95
C THR I 168 -2.23 -68.24 7.21
N LYS I 169 -0.92 -68.48 7.30
CA LYS I 169 -0.34 -69.79 7.60
C LYS I 169 0.12 -69.88 9.04
N VAL I 170 -0.35 -70.90 9.74
CA VAL I 170 0.09 -71.17 11.10
C VAL I 170 1.29 -72.10 11.04
N TYR I 171 2.22 -71.97 11.99
CA TYR I 171 3.42 -72.80 11.97
C TYR I 171 3.50 -73.85 13.07
N LYS I 172 4.51 -74.71 12.95
CA LYS I 172 4.80 -75.74 13.95
C LYS I 172 5.30 -75.10 15.25
N VAL I 173 4.94 -75.68 16.38
CA VAL I 173 5.17 -75.08 17.68
C VAL I 173 6.08 -75.97 18.56
N GLU I 174 7.40 -75.81 18.40
CA GLU I 174 8.38 -76.69 19.07
C GLU I 174 8.51 -76.46 20.58
N GLN I 175 8.05 -77.44 21.38
CA GLN I 175 8.07 -77.36 22.85
C GLN I 175 9.35 -77.92 23.47
N ILE I 180 8.35 -73.67 23.43
CA ILE I 180 9.58 -72.90 23.55
C ILE I 180 9.89 -72.07 22.29
N SER I 181 9.85 -72.69 21.11
CA SER I 181 10.24 -72.02 19.85
C SER I 181 9.26 -72.23 18.69
N VAL I 182 9.20 -71.26 17.78
CA VAL I 182 8.40 -71.36 16.54
C VAL I 182 9.27 -71.94 15.43
N ASN I 183 8.67 -72.70 14.51
CA ASN I 183 9.39 -73.22 13.34
C ASN I 183 8.74 -72.79 12.04
N LYS I 184 9.35 -71.82 11.38
CA LYS I 184 8.69 -71.10 10.29
C LYS I 184 8.79 -71.71 8.88
N ASN I 185 8.96 -73.03 8.78
CA ASN I 185 8.85 -73.72 7.48
C ASN I 185 8.18 -75.10 7.51
N GLU I 186 7.73 -75.52 8.69
CA GLU I 186 6.74 -76.58 8.78
C GLU I 186 5.39 -75.91 9.07
N VAL I 187 4.60 -75.75 8.01
CA VAL I 187 3.27 -75.14 8.08
C VAL I 187 2.27 -76.13 8.69
N VAL I 188 1.68 -75.76 9.83
CA VAL I 188 0.76 -76.65 10.56
C VAL I 188 -0.69 -76.61 10.04
N GLY I 189 -1.19 -75.41 9.71
CA GLY I 189 -2.55 -75.25 9.22
C GLY I 189 -2.93 -73.81 8.90
N LYS I 190 -4.21 -73.49 9.06
CA LYS I 190 -4.71 -72.14 8.77
C LYS I 190 -5.29 -71.51 10.02
N LEU I 191 -5.64 -70.22 9.93
CA LEU I 191 -6.27 -69.52 11.04
C LEU I 191 -7.68 -70.04 11.37
N PRO I 192 -8.06 -70.08 12.68
CA PRO I 192 -9.39 -70.54 13.07
C PRO I 192 -10.49 -69.53 12.71
N LEU I 193 -10.88 -69.55 11.43
CA LEU I 193 -11.84 -68.62 10.90
C LEU I 193 -13.20 -69.29 10.72
N ASN I 194 -14.22 -68.69 11.33
CA ASN I 194 -15.59 -69.21 11.23
C ASN I 194 -16.22 -68.92 9.87
N TYR I 195 -16.01 -67.70 9.39
CA TYR I 195 -16.56 -67.23 8.11
C TYR I 195 -16.01 -65.85 7.74
N PRO I 196 -16.11 -65.47 6.46
CA PRO I 196 -15.72 -64.13 6.08
C PRO I 196 -16.76 -63.07 6.51
N VAL I 197 -16.34 -61.81 6.51
CA VAL I 197 -17.20 -60.67 6.87
C VAL I 197 -16.97 -59.56 5.82
N VAL I 198 -18.05 -58.90 5.42
CA VAL I 198 -17.94 -57.76 4.50
C VAL I 198 -18.51 -56.51 5.13
N THR I 199 -17.90 -55.38 4.82
CA THR I 199 -18.46 -54.10 5.24
C THR I 199 -18.91 -53.36 3.99
N ILE I 200 -20.15 -52.87 4.03
CA ILE I 200 -20.72 -52.14 2.93
C ILE I 200 -21.02 -50.71 3.40
N SER I 201 -20.48 -49.74 2.65
CA SER I 201 -20.68 -48.32 2.93
C SER I 201 -21.67 -47.72 1.94
N VAL I 202 -22.67 -47.05 2.51
CA VAL I 202 -23.70 -46.34 1.74
C VAL I 202 -23.60 -44.84 2.05
N ALA I 203 -23.41 -44.04 1.00
CA ALA I 203 -23.27 -42.61 1.16
C ALA I 203 -24.57 -41.90 0.81
N LYS I 204 -24.99 -41.00 1.68
CA LYS I 204 -26.12 -40.14 1.40
C LYS I 204 -25.59 -38.88 0.76
N VAL I 205 -25.89 -38.71 -0.53
CA VAL I 205 -25.59 -37.48 -1.23
C VAL I 205 -26.92 -36.87 -1.58
N ASP I 206 -27.13 -35.63 -1.18
CA ASP I 206 -28.39 -34.93 -1.43
C ASP I 206 -29.53 -35.77 -0.87
N LYS I 207 -30.39 -36.29 -1.74
CA LYS I 207 -31.51 -37.13 -1.34
C LYS I 207 -31.30 -38.58 -1.76
N TYR I 208 -30.19 -38.84 -2.43
CA TYR I 208 -29.92 -40.18 -2.95
C TYR I 208 -29.01 -40.96 -2.03
N LEU I 209 -29.09 -42.28 -2.12
CA LEU I 209 -28.17 -43.15 -1.41
C LEU I 209 -27.33 -43.88 -2.43
N VAL I 210 -26.04 -44.03 -2.12
CA VAL I 210 -25.05 -44.53 -3.08
C VAL I 210 -24.11 -45.59 -2.46
N VAL I 211 -24.05 -46.77 -3.05
CA VAL I 211 -23.22 -47.85 -2.55
C VAL I 211 -21.79 -47.69 -3.05
N ASP I 212 -20.82 -47.83 -2.14
CA ASP I 212 -19.40 -47.70 -2.49
C ASP I 212 -19.14 -46.34 -3.16
N PRO I 213 -19.08 -45.28 -2.36
CA PRO I 213 -18.79 -43.97 -2.93
C PRO I 213 -17.33 -43.85 -3.39
N ASP I 214 -17.10 -43.26 -4.56
CA ASP I 214 -15.73 -42.99 -5.00
C ASP I 214 -15.19 -41.67 -4.41
N LEU I 215 -14.02 -41.24 -4.89
CA LEU I 215 -13.34 -40.10 -4.30
C LEU I 215 -14.16 -38.80 -4.38
N ASP I 216 -14.67 -38.52 -5.58
CA ASP I 216 -15.54 -37.37 -5.80
C ASP I 216 -16.80 -37.45 -4.96
N GLU I 217 -17.44 -38.63 -5.00
CA GLU I 217 -18.70 -38.88 -4.33
C GLU I 217 -18.57 -38.69 -2.83
N GLU I 218 -17.44 -39.14 -2.27
CA GLU I 218 -17.16 -38.94 -0.86
C GLU I 218 -17.02 -37.47 -0.49
N SER I 219 -16.34 -36.70 -1.32
CA SER I 219 -16.08 -35.29 -1.06
C SER I 219 -17.34 -34.41 -1.13
N ILE I 220 -18.41 -34.92 -1.74
CA ILE I 220 -19.69 -34.19 -1.84
C ILE I 220 -20.84 -34.74 -0.97
N MET I 221 -20.65 -35.94 -0.39
CA MET I 221 -21.69 -36.58 0.42
C MET I 221 -21.94 -35.82 1.72
N ASP I 222 -23.15 -35.92 2.24
CA ASP I 222 -23.49 -35.34 3.54
C ASP I 222 -22.80 -36.19 4.61
N ALA I 223 -23.02 -37.50 4.52
CA ALA I 223 -22.49 -38.45 5.48
C ALA I 223 -22.54 -39.83 4.84
N LYS I 224 -21.81 -40.79 5.39
CA LYS I 224 -21.92 -42.18 4.96
C LYS I 224 -22.13 -43.08 6.17
N ILE I 225 -22.70 -44.26 5.93
CA ILE I 225 -22.96 -45.23 6.98
C ILE I 225 -22.54 -46.61 6.51
N SER I 226 -21.82 -47.33 7.37
CA SER I 226 -21.22 -48.61 6.99
C SER I 226 -21.81 -49.77 7.79
N PHE I 227 -22.13 -50.87 7.09
CA PHE I 227 -22.73 -52.04 7.71
C PHE I 227 -21.86 -53.24 7.51
N SER I 228 -21.56 -53.94 8.59
CA SER I 228 -20.78 -55.17 8.54
C SER I 228 -21.72 -56.36 8.59
N TYR I 229 -21.48 -57.32 7.72
CA TYR I 229 -22.35 -58.48 7.63
C TYR I 229 -21.58 -59.81 7.68
N THR I 230 -22.16 -60.77 8.39
CA THR I 230 -21.69 -62.15 8.34
C THR I 230 -22.43 -62.81 7.18
N PRO I 231 -21.95 -63.99 6.71
CA PRO I 231 -22.53 -64.65 5.53
C PRO I 231 -24.01 -64.89 5.65
N ASP I 232 -24.47 -65.21 6.85
CA ASP I 232 -25.90 -65.42 7.11
C ASP I 232 -26.73 -64.11 7.17
N LEU I 233 -26.05 -62.96 7.03
CA LEU I 233 -26.68 -61.62 7.01
C LEU I 233 -27.15 -61.11 8.37
N LYS I 234 -26.34 -61.39 9.38
CA LYS I 234 -26.53 -60.78 10.68
C LYS I 234 -25.68 -59.52 10.65
N ILE I 235 -26.27 -58.38 11.05
CA ILE I 235 -25.51 -57.12 11.16
C ILE I 235 -24.49 -57.26 12.29
N VAL I 236 -23.24 -56.90 12.02
CA VAL I 236 -22.18 -57.20 12.95
C VAL I 236 -21.26 -56.00 13.23
N GLY I 237 -21.71 -54.84 12.75
CA GLY I 237 -21.08 -53.55 13.00
C GLY I 237 -21.72 -52.45 12.16
N ILE I 238 -21.94 -51.29 12.79
CA ILE I 238 -22.43 -50.10 12.08
C ILE I 238 -21.61 -48.85 12.47
N GLN I 239 -21.29 -48.02 11.47
CA GLN I 239 -20.57 -46.76 11.72
C GLN I 239 -21.02 -45.61 10.81
N LYS I 240 -21.72 -44.63 11.39
CA LYS I 240 -22.00 -43.38 10.67
C LYS I 240 -20.76 -42.50 10.66
N SER I 241 -20.58 -41.79 9.56
CA SER I 241 -19.34 -41.11 9.26
C SER I 241 -19.63 -39.85 8.45
N GLY I 242 -18.89 -38.78 8.68
CA GLY I 242 -19.09 -37.55 7.91
C GLY I 242 -19.66 -36.39 8.71
N LYS I 243 -19.47 -35.18 8.19
CA LYS I 243 -19.78 -33.94 8.93
C LYS I 243 -21.27 -33.53 8.87
N GLY I 244 -22.06 -34.32 8.15
CA GLY I 244 -23.49 -34.07 8.00
C GLY I 244 -24.33 -35.13 8.68
N SER I 245 -25.63 -34.97 8.57
CA SER I 245 -26.58 -35.87 9.23
C SER I 245 -27.37 -36.69 8.22
N MET I 246 -28.32 -37.48 8.74
CA MET I 246 -29.05 -38.46 7.95
C MET I 246 -30.39 -38.76 8.60
N SER I 247 -31.45 -38.86 7.83
CA SER I 247 -32.78 -39.08 8.42
C SER I 247 -32.96 -40.52 8.86
N LEU I 248 -34.05 -40.74 9.60
CA LEU I 248 -34.37 -42.06 10.12
C LEU I 248 -34.60 -43.05 8.98
N GLN I 249 -35.44 -42.66 8.03
CA GLN I 249 -35.76 -43.51 6.89
C GLN I 249 -34.58 -43.69 5.97
N ASP I 250 -33.70 -42.68 5.94
CA ASP I 250 -32.45 -42.79 5.21
C ASP I 250 -31.69 -44.01 5.66
N ILE I 251 -31.51 -44.12 6.97
CA ILE I 251 -30.78 -45.24 7.58
C ILE I 251 -31.46 -46.58 7.32
N ASP I 252 -32.79 -46.58 7.43
CA ASP I 252 -33.58 -47.77 7.17
C ASP I 252 -33.26 -48.33 5.78
N GLN I 253 -33.44 -47.52 4.75
CA GLN I 253 -33.15 -47.91 3.37
C GLN I 253 -31.68 -48.23 3.17
N ALA I 254 -30.82 -47.46 3.81
CA ALA I 254 -29.39 -47.65 3.71
C ALA I 254 -29.04 -49.09 4.04
N GLU I 255 -29.53 -49.56 5.18
CA GLU I 255 -29.25 -50.91 5.61
C GLU I 255 -29.87 -51.93 4.64
N ASN I 256 -31.09 -51.66 4.17
CA ASN I 256 -31.75 -52.53 3.19
C ASN I 256 -30.89 -52.77 1.99
N THR I 257 -30.39 -51.66 1.44
CA THR I 257 -29.53 -51.67 0.26
C THR I 257 -28.21 -52.33 0.63
N ALA I 258 -27.58 -51.86 1.70
CA ALA I 258 -26.33 -52.43 2.19
C ALA I 258 -26.36 -53.96 2.23
N ARG I 259 -27.49 -54.50 2.67
CA ARG I 259 -27.65 -55.93 2.87
C ARG I 259 -27.81 -56.71 1.57
N SER I 260 -28.70 -56.27 0.69
CA SER I 260 -28.88 -56.99 -0.58
C SER I 260 -27.68 -56.79 -1.54
N THR I 261 -26.74 -55.93 -1.14
CA THR I 261 -25.46 -55.77 -1.83
C THR I 261 -24.46 -56.73 -1.21
N ALA I 262 -24.48 -56.79 0.12
CA ALA I 262 -23.61 -57.69 0.90
C ALA I 262 -23.55 -59.10 0.32
N VAL I 263 -24.71 -59.63 -0.08
CA VAL I 263 -24.81 -60.96 -0.68
C VAL I 263 -23.87 -61.08 -1.87
N LYS I 264 -24.04 -60.14 -2.82
CA LYS I 264 -23.27 -60.10 -4.06
C LYS I 264 -21.79 -59.98 -3.81
N LEU I 265 -21.42 -59.09 -2.90
CA LEU I 265 -20.03 -58.87 -2.57
C LEU I 265 -19.40 -60.07 -1.89
N LEU I 266 -20.15 -60.73 -1.00
CA LEU I 266 -19.68 -61.91 -0.30
C LEU I 266 -19.38 -63.06 -1.26
N GLU I 267 -20.29 -63.26 -2.22
CA GLU I 267 -20.09 -64.24 -3.30
C GLU I 267 -18.75 -64.03 -3.96
N GLU I 268 -18.49 -62.76 -4.34
CA GLU I 268 -17.32 -62.37 -5.11
C GLU I 268 -16.03 -62.47 -4.28
N LEU I 269 -16.12 -62.11 -3.00
CA LEU I 269 -15.00 -62.26 -2.08
C LEU I 269 -14.60 -63.72 -1.96
N LYS I 270 -15.60 -64.59 -1.88
CA LYS I 270 -15.34 -66.01 -1.74
C LYS I 270 -14.65 -66.57 -2.96
N LYS I 271 -15.03 -66.08 -4.14
CA LYS I 271 -14.40 -66.51 -5.40
C LYS I 271 -12.91 -66.22 -5.40
N HIS I 272 -12.53 -65.05 -4.90
CA HIS I 272 -11.12 -64.69 -4.76
C HIS I 272 -10.39 -65.56 -3.75
N LEU I 273 -11.10 -66.00 -2.71
CA LEU I 273 -10.49 -66.80 -1.66
C LEU I 273 -10.55 -68.30 -1.96
N GLY I 274 -11.41 -68.67 -2.89
CA GLY I 274 -11.67 -70.09 -3.18
C GLY I 274 -12.74 -70.61 -2.22
N ILE I 275 -13.97 -70.08 -2.40
CA ILE I 275 -15.16 -70.04 -1.44
C ILE I 275 -14.88 -70.35 0.04
N GLU J 8 -16.99 -65.90 34.78
CA GLU J 8 -18.14 -66.13 33.86
C GLU J 8 -19.32 -65.16 34.10
N ARG J 9 -20.30 -65.16 33.17
CA ARG J 9 -21.37 -64.14 33.03
C ARG J 9 -22.49 -64.07 34.10
N PRO J 10 -23.04 -62.86 34.33
CA PRO J 10 -24.24 -62.68 35.12
C PRO J 10 -25.47 -62.48 34.25
N LYS J 11 -26.35 -63.49 34.22
CA LYS J 11 -27.67 -63.40 33.61
C LYS J 11 -28.24 -61.96 33.75
N LEU J 12 -28.60 -61.35 32.62
CA LEU J 12 -28.88 -59.90 32.56
C LEU J 12 -30.37 -59.50 32.68
N ILE J 13 -31.25 -60.34 32.12
CA ILE J 13 -32.70 -60.22 32.30
C ILE J 13 -33.08 -61.23 33.37
N LEU J 14 -33.71 -60.75 34.44
CA LEU J 14 -33.96 -61.60 35.61
C LEU J 14 -35.30 -62.34 35.56
N ASP J 15 -35.66 -62.95 36.69
CA ASP J 15 -36.71 -63.99 36.79
C ASP J 15 -38.12 -63.64 36.29
N ASP J 16 -38.31 -62.38 35.89
CA ASP J 16 -39.56 -61.90 35.32
C ASP J 16 -39.25 -61.21 33.99
N GLY J 17 -38.34 -60.24 34.05
CA GLY J 17 -38.04 -59.40 32.91
C GLY J 17 -37.32 -58.10 33.25
N LYS J 18 -37.35 -57.69 34.52
CA LYS J 18 -36.55 -56.54 34.96
C LYS J 18 -35.05 -56.82 34.83
N ARG J 19 -34.30 -55.73 34.65
CA ARG J 19 -32.86 -55.81 34.41
C ARG J 19 -32.07 -55.84 35.73
N THR J 20 -30.74 -55.82 35.61
CA THR J 20 -29.86 -55.89 36.78
C THR J 20 -30.01 -54.72 37.76
N ASP J 21 -30.33 -53.53 37.25
CA ASP J 21 -30.59 -52.36 38.09
C ASP J 21 -32.08 -52.20 38.42
N GLY J 22 -32.87 -53.19 38.03
CA GLY J 22 -34.30 -53.22 38.34
C GLY J 22 -35.20 -52.44 37.39
N ARG J 23 -34.63 -52.02 36.26
CA ARG J 23 -35.38 -51.32 35.23
C ARG J 23 -36.03 -52.29 34.25
N LYS J 24 -37.22 -51.91 33.77
CA LYS J 24 -37.84 -52.63 32.67
C LYS J 24 -37.09 -52.34 31.37
N PRO J 25 -37.23 -53.21 30.35
CA PRO J 25 -36.50 -53.01 29.09
C PRO J 25 -36.64 -51.61 28.48
N ASP J 26 -37.73 -50.91 28.79
CA ASP J 26 -38.03 -49.62 28.19
C ASP J 26 -37.92 -48.43 29.14
N GLU J 27 -37.03 -48.50 30.14
CA GLU J 27 -36.93 -47.41 31.13
C GLU J 27 -35.58 -46.70 31.09
N LEU J 28 -35.63 -45.38 31.09
CA LEU J 28 -34.42 -44.55 31.12
C LEU J 28 -33.85 -44.51 32.52
N ARG J 29 -32.54 -44.32 32.62
CA ARG J 29 -31.93 -44.05 33.91
C ARG J 29 -32.20 -42.62 34.33
N SER J 30 -31.86 -42.30 35.57
CA SER J 30 -32.10 -40.97 36.14
C SER J 30 -31.25 -39.92 35.44
N ILE J 31 -31.91 -38.88 34.93
CA ILE J 31 -31.25 -37.81 34.20
C ILE J 31 -31.17 -36.57 35.07
N LYS J 32 -30.03 -35.91 35.01
CA LYS J 32 -29.84 -34.66 35.71
C LYS J 32 -29.00 -33.73 34.85
N ILE J 33 -29.52 -32.53 34.58
CA ILE J 33 -28.84 -31.57 33.73
C ILE J 33 -28.74 -30.21 34.41
N GLU J 34 -27.59 -29.56 34.30
CA GLU J 34 -27.48 -28.13 34.63
C GLU J 34 -26.48 -27.36 33.79
N LEU J 35 -26.87 -26.14 33.42
CA LEU J 35 -26.11 -25.28 32.50
C LEU J 35 -25.35 -24.19 33.25
N GLY J 36 -24.45 -23.51 32.54
CA GLY J 36 -23.72 -22.34 33.05
C GLY J 36 -23.05 -22.57 34.38
N VAL J 37 -22.43 -23.75 34.54
CA VAL J 37 -21.83 -24.13 35.82
C VAL J 37 -20.38 -23.64 35.97
N LEU J 38 -19.72 -23.36 34.85
CA LEU J 38 -18.35 -22.84 34.83
C LEU J 38 -18.30 -21.34 34.52
N LYS J 39 -17.61 -20.60 35.37
CA LYS J 39 -17.44 -19.15 35.21
C LYS J 39 -16.70 -18.75 33.94
N ASN J 40 -15.56 -19.39 33.70
CA ASN J 40 -14.61 -18.95 32.67
C ASN J 40 -14.91 -19.41 31.26
N ALA J 41 -15.65 -20.50 31.14
CA ALA J 41 -16.11 -20.96 29.85
C ALA J 41 -17.15 -20.00 29.29
N ASP J 42 -17.30 -20.00 27.96
CA ASP J 42 -18.35 -19.22 27.32
C ASP J 42 -19.69 -19.93 27.44
N GLY J 43 -19.64 -21.25 27.53
CA GLY J 43 -20.82 -22.04 27.81
C GLY J 43 -20.44 -23.33 28.50
N SER J 44 -21.28 -23.78 29.44
CA SER J 44 -20.97 -24.99 30.19
C SER J 44 -22.22 -25.79 30.49
N ALA J 45 -22.04 -27.08 30.73
CA ALA J 45 -23.13 -28.00 31.10
C ALA J 45 -22.59 -29.26 31.78
N ILE J 46 -23.31 -29.70 32.81
CA ILE J 46 -23.10 -31.03 33.40
C ILE J 46 -24.30 -31.90 33.04
N PHE J 47 -24.03 -33.07 32.48
CA PHE J 47 -25.08 -34.01 32.16
C PHE J 47 -24.85 -35.34 32.89
N GLU J 48 -25.91 -35.89 33.48
CA GLU J 48 -25.87 -37.18 34.16
C GLU J 48 -27.00 -38.11 33.72
N MET J 49 -26.64 -39.28 33.20
CA MET J 49 -27.58 -40.37 32.99
C MET J 49 -27.14 -41.52 33.87
N GLY J 50 -28.00 -41.89 34.81
CA GLY J 50 -27.61 -42.88 35.81
C GLY J 50 -26.30 -42.45 36.41
N ASN J 51 -25.28 -43.28 36.22
CA ASN J 51 -23.97 -43.02 36.82
C ASN J 51 -22.93 -42.45 35.87
N THR J 52 -23.31 -42.28 34.60
CA THR J 52 -22.44 -41.61 33.66
C THR J 52 -22.63 -40.11 33.85
N LYS J 53 -21.57 -39.44 34.33
CA LYS J 53 -21.54 -37.97 34.49
C LYS J 53 -20.46 -37.38 33.58
N ALA J 54 -20.86 -36.42 32.76
CA ALA J 54 -19.92 -35.68 31.93
C ALA J 54 -20.03 -34.19 32.15
N ILE J 55 -18.93 -33.47 31.97
CA ILE J 55 -18.95 -32.02 31.97
C ILE J 55 -18.35 -31.49 30.68
N ALA J 56 -19.03 -30.52 30.09
CA ALA J 56 -18.58 -29.90 28.87
C ALA J 56 -18.43 -28.38 29.01
N ALA J 57 -17.32 -27.87 28.51
CA ALA J 57 -17.08 -26.42 28.43
C ALA J 57 -16.87 -26.02 26.97
N VAL J 58 -17.40 -24.85 26.62
CA VAL J 58 -17.28 -24.33 25.26
C VAL J 58 -16.56 -23.01 25.29
N TYR J 59 -15.65 -22.82 24.34
CA TYR J 59 -14.99 -21.54 24.17
C TYR J 59 -15.35 -20.90 22.84
N GLY J 60 -16.23 -19.90 22.95
CA GLY J 60 -17.02 -19.30 21.85
C GLY J 60 -16.20 -18.81 20.68
N PRO J 61 -16.87 -18.51 19.55
CA PRO J 61 -16.15 -18.31 18.29
C PRO J 61 -15.01 -17.31 18.40
N LYS J 62 -13.78 -17.79 18.17
CA LYS J 62 -12.57 -16.95 18.26
C LYS J 62 -11.65 -17.32 17.11
N GLU J 63 -10.80 -16.39 16.69
CA GLU J 63 -9.84 -16.64 15.59
C GLU J 63 -8.82 -17.73 15.92
N MET J 64 -8.09 -18.21 14.91
CA MET J 64 -7.17 -19.31 15.14
C MET J 64 -5.71 -18.90 15.29
N HIS J 65 -5.06 -19.41 16.33
CA HIS J 65 -3.64 -19.12 16.64
C HIS J 65 -2.66 -19.55 15.52
N PRO J 66 -2.87 -20.76 14.95
CA PRO J 66 -2.17 -21.13 13.72
C PRO J 66 -2.98 -20.71 12.50
N ARG J 67 -2.53 -19.65 11.85
CA ARG J 67 -3.32 -18.96 10.84
C ARG J 67 -3.83 -19.89 9.72
N HIS J 68 -2.91 -20.62 9.10
CA HIS J 68 -3.19 -21.47 7.93
C HIS J 68 -4.14 -22.64 8.21
N LEU J 69 -4.31 -22.98 9.48
CA LEU J 69 -5.16 -24.12 9.87
C LEU J 69 -6.64 -23.77 9.93
N SER J 70 -6.95 -22.48 9.86
CA SER J 70 -8.34 -22.01 9.91
C SER J 70 -9.11 -22.39 8.64
N LEU J 71 -10.39 -22.07 8.61
CA LEU J 71 -11.20 -22.30 7.41
C LEU J 71 -11.81 -21.00 6.89
N PRO J 72 -11.79 -20.82 5.55
CA PRO J 72 -12.13 -19.56 4.86
C PRO J 72 -13.58 -19.10 4.98
N ASP J 73 -14.49 -20.01 5.30
CA ASP J 73 -15.90 -19.71 5.32
C ASP J 73 -16.57 -20.39 6.52
N ARG J 74 -15.79 -21.16 7.26
CA ARG J 74 -16.31 -22.00 8.32
C ARG J 74 -15.57 -21.78 9.62
N ALA J 75 -16.24 -22.13 10.70
CA ALA J 75 -15.57 -22.28 11.96
C ALA J 75 -14.95 -23.67 11.95
N VAL J 76 -13.83 -23.79 12.63
CA VAL J 76 -13.18 -25.08 12.85
C VAL J 76 -13.59 -25.58 14.23
N LEU J 77 -14.26 -26.73 14.26
CA LEU J 77 -14.65 -27.33 15.52
C LEU J 77 -13.48 -28.07 16.11
N ARG J 78 -13.17 -27.77 17.37
CA ARG J 78 -12.14 -28.49 18.07
C ARG J 78 -12.79 -29.19 19.24
N VAL J 79 -12.85 -30.52 19.17
CA VAL J 79 -13.58 -31.33 20.15
C VAL J 79 -12.67 -32.32 20.87
N ARG J 80 -12.89 -32.52 22.17
CA ARG J 80 -12.09 -33.44 22.95
C ARG J 80 -12.92 -34.23 23.95
N TYR J 81 -12.96 -35.54 23.74
CA TYR J 81 -13.58 -36.46 24.67
C TYR J 81 -12.48 -37.05 25.52
N HIS J 82 -12.61 -36.94 26.83
CA HIS J 82 -11.57 -37.44 27.73
C HIS J 82 -12.14 -38.01 29.02
N MET J 83 -11.57 -39.12 29.46
CA MET J 83 -12.01 -39.77 30.67
C MET J 83 -11.02 -39.55 31.78
N THR J 84 -11.50 -38.94 32.86
CA THR J 84 -10.67 -38.70 34.02
C THR J 84 -10.21 -40.05 34.57
N PRO J 85 -9.01 -40.09 35.14
CA PRO J 85 -8.49 -41.33 35.67
C PRO J 85 -9.37 -42.01 36.73
N PHE J 86 -10.27 -41.26 37.37
CA PHE J 86 -11.11 -41.80 38.44
C PHE J 86 -12.57 -41.87 38.02
N SER J 87 -12.80 -42.11 36.75
CA SER J 87 -14.15 -42.22 36.21
C SER J 87 -14.60 -43.66 36.15
N THR J 88 -13.64 -44.56 36.32
CA THR J 88 -13.90 -45.99 36.15
C THR J 88 -13.47 -46.76 37.39
N ASP J 89 -13.78 -48.05 37.39
CA ASP J 89 -13.53 -48.89 38.55
C ASP J 89 -12.05 -49.11 38.82
N GLU J 90 -11.24 -49.04 37.76
CA GLU J 90 -9.80 -49.10 37.87
C GLU J 90 -9.18 -47.94 37.11
N ARG J 91 -8.20 -47.29 37.73
CA ARG J 91 -7.68 -46.04 37.21
C ARG J 91 -7.40 -46.03 35.70
N LYS J 92 -8.27 -45.35 34.95
CA LYS J 92 -8.05 -45.14 33.51
C LYS J 92 -6.81 -44.28 33.36
N ASN J 93 -5.97 -44.61 32.40
CA ASN J 93 -4.83 -43.79 32.12
C ASN J 93 -5.23 -42.45 31.46
N PRO J 94 -4.69 -41.32 31.98
CA PRO J 94 -5.03 -39.98 31.48
C PRO J 94 -4.69 -39.78 30.00
N ALA J 95 -3.49 -40.20 29.60
CA ALA J 95 -3.03 -40.08 28.21
C ALA J 95 -4.03 -40.79 27.31
N PRO J 96 -4.49 -40.10 26.23
CA PRO J 96 -5.65 -40.52 25.42
C PRO J 96 -5.50 -41.88 24.72
N SER J 97 -6.53 -42.73 24.83
CA SER J 97 -6.51 -44.06 24.23
C SER J 97 -7.07 -44.00 22.82
N ARG J 98 -6.91 -45.09 22.06
CA ARG J 98 -7.47 -45.18 20.71
C ARG J 98 -8.97 -45.01 20.76
N ARG J 99 -9.60 -45.67 21.72
CA ARG J 99 -11.02 -45.51 22.01
C ARG J 99 -11.38 -44.02 22.19
N GLU J 100 -10.61 -43.31 23.00
CA GLU J 100 -10.83 -41.89 23.26
C GLU J 100 -10.73 -41.05 21.97
N ILE J 101 -9.79 -41.44 21.10
CA ILE J 101 -9.53 -40.73 19.84
C ILE J 101 -10.67 -40.88 18.86
N GLU J 102 -11.09 -42.14 18.66
CA GLU J 102 -12.20 -42.43 17.78
C GLU J 102 -13.44 -41.68 18.24
N LEU J 103 -13.74 -41.75 19.53
CA LEU J 103 -14.91 -41.11 20.12
C LEU J 103 -14.92 -39.60 19.91
N SER J 104 -13.75 -38.98 20.06
CA SER J 104 -13.62 -37.55 19.85
C SER J 104 -14.04 -37.14 18.44
N LYS J 105 -13.59 -37.93 17.46
CA LYS J 105 -13.96 -37.75 16.05
C LYS J 105 -15.46 -37.94 15.82
N VAL J 106 -15.97 -39.09 16.25
CA VAL J 106 -17.37 -39.43 16.13
C VAL J 106 -18.25 -38.33 16.71
N ILE J 107 -17.84 -37.80 17.87
CA ILE J 107 -18.55 -36.66 18.52
C ILE J 107 -18.41 -35.35 17.73
N ARG J 108 -17.19 -35.02 17.32
CA ARG J 108 -16.97 -33.81 16.55
C ARG J 108 -17.87 -33.77 15.33
N GLU J 109 -17.83 -34.84 14.51
CA GLU J 109 -18.66 -34.98 13.32
C GLU J 109 -20.14 -34.83 13.64
N ALA J 110 -20.55 -35.47 14.73
CA ALA J 110 -21.92 -35.34 15.24
C ALA J 110 -22.33 -33.87 15.44
N LEU J 111 -21.50 -33.10 16.14
CA LEU J 111 -21.75 -31.67 16.36
C LEU J 111 -21.67 -30.80 15.10
N GLU J 112 -20.81 -31.18 14.14
CA GLU J 112 -20.62 -30.42 12.90
C GLU J 112 -21.91 -30.34 12.10
N SER J 113 -22.76 -31.35 12.26
CA SER J 113 -24.02 -31.38 11.55
C SER J 113 -25.08 -30.50 12.19
N ALA J 114 -24.85 -30.09 13.44
CA ALA J 114 -25.82 -29.28 14.17
C ALA J 114 -25.44 -27.81 14.20
N VAL J 115 -24.18 -27.56 14.56
CA VAL J 115 -23.65 -26.20 14.66
C VAL J 115 -23.59 -25.53 13.30
N LEU J 116 -23.98 -24.27 13.24
CA LEU J 116 -23.94 -23.48 12.02
C LEU J 116 -22.56 -22.84 11.87
N VAL J 117 -21.58 -23.67 11.56
CA VAL J 117 -20.19 -23.26 11.48
C VAL J 117 -19.88 -22.21 10.39
N GLU J 118 -20.78 -22.07 9.42
CA GLU J 118 -20.61 -21.11 8.33
C GLU J 118 -20.67 -19.67 8.83
N LEU J 119 -21.42 -19.46 9.91
CA LEU J 119 -21.64 -18.13 10.44
C LEU J 119 -20.35 -17.48 10.96
N PHE J 120 -19.35 -18.30 11.27
CA PHE J 120 -18.12 -17.81 11.89
C PHE J 120 -16.86 -18.26 11.13
N PRO J 121 -16.55 -17.59 10.00
CA PRO J 121 -15.34 -17.97 9.27
C PRO J 121 -14.10 -17.56 10.03
N ARG J 122 -12.98 -18.25 9.77
CA ARG J 122 -11.68 -17.95 10.39
C ARG J 122 -11.63 -18.23 11.89
N THR J 123 -12.74 -18.68 12.43
CA THR J 123 -12.87 -18.87 13.87
C THR J 123 -12.82 -20.35 14.27
N ALA J 124 -12.33 -20.57 15.49
CA ALA J 124 -12.33 -21.87 16.12
C ALA J 124 -13.32 -21.86 17.27
N ILE J 125 -14.11 -22.93 17.36
CA ILE J 125 -14.99 -23.15 18.49
C ILE J 125 -14.48 -24.38 19.26
N ASP J 126 -14.06 -24.15 20.50
CA ASP J 126 -13.54 -25.21 21.33
C ASP J 126 -14.61 -25.87 22.17
N VAL J 127 -14.68 -27.19 22.09
CA VAL J 127 -15.61 -27.98 22.89
C VAL J 127 -14.84 -29.01 23.68
N PHE J 128 -14.78 -28.83 25.01
CA PHE J 128 -13.99 -29.71 25.85
C PHE J 128 -14.89 -30.50 26.78
N THR J 129 -14.64 -31.81 26.84
CA THR J 129 -15.55 -32.76 27.46
C THR J 129 -14.79 -33.66 28.42
N GLU J 130 -15.32 -33.84 29.63
CA GLU J 130 -14.67 -34.71 30.61
C GLU J 130 -15.66 -35.67 31.23
N ILE J 131 -15.38 -36.98 31.14
CA ILE J 131 -16.20 -37.98 31.82
C ILE J 131 -15.70 -38.15 33.27
N LEU J 132 -16.59 -37.90 34.22
CA LEU J 132 -16.27 -37.94 35.63
C LEU J 132 -16.61 -39.29 36.25
N GLN J 133 -17.60 -39.95 35.67
CA GLN J 133 -17.91 -41.33 35.99
C GLN J 133 -18.40 -41.97 34.73
N ALA J 134 -17.81 -43.10 34.37
CA ALA J 134 -18.25 -43.86 33.20
C ALA J 134 -19.14 -45.00 33.63
N ASP J 135 -20.28 -45.14 32.97
CA ASP J 135 -21.22 -46.22 33.24
C ASP J 135 -21.96 -46.60 31.94
N ALA J 136 -21.21 -46.69 30.85
CA ALA J 136 -21.73 -46.94 29.49
C ALA J 136 -22.57 -45.78 28.92
N GLY J 137 -22.44 -45.56 27.60
CA GLY J 137 -23.01 -44.40 26.93
C GLY J 137 -22.34 -43.10 27.35
N SER J 138 -21.05 -43.18 27.70
CA SER J 138 -20.27 -42.02 28.13
C SER J 138 -20.19 -41.02 26.99
N ARG J 139 -20.08 -41.56 25.77
CA ARG J 139 -19.94 -40.75 24.57
C ARG J 139 -21.20 -39.93 24.30
N LEU J 140 -22.35 -40.44 24.71
CA LEU J 140 -23.60 -39.77 24.42
C LEU J 140 -23.85 -38.69 25.46
N VAL J 141 -23.54 -39.02 26.71
CA VAL J 141 -23.67 -38.07 27.80
C VAL J 141 -22.74 -36.90 27.46
N SER J 142 -21.53 -37.23 27.05
CA SER J 142 -20.54 -36.26 26.55
C SER J 142 -21.08 -35.35 25.44
N LEU J 143 -21.65 -35.97 24.41
CA LEU J 143 -22.18 -35.24 23.24
C LEU J 143 -23.31 -34.28 23.61
N MET J 144 -24.22 -34.76 24.45
CA MET J 144 -25.35 -33.95 24.88
C MET J 144 -24.89 -32.81 25.76
N ALA J 145 -23.96 -33.10 26.67
CA ALA J 145 -23.36 -32.08 27.52
C ALA J 145 -22.82 -30.97 26.63
N ALA J 146 -22.11 -31.38 25.60
CA ALA J 146 -21.52 -30.48 24.62
C ALA J 146 -22.59 -29.65 23.92
N SER J 147 -23.61 -30.33 23.39
CA SER J 147 -24.70 -29.69 22.67
C SER J 147 -25.33 -28.58 23.52
N LEU J 148 -25.50 -28.88 24.80
CA LEU J 148 -26.08 -27.94 25.73
C LEU J 148 -25.09 -26.84 26.10
N ALA J 149 -23.83 -27.19 26.27
CA ALA J 149 -22.82 -26.18 26.57
C ALA J 149 -22.70 -25.19 25.42
N LEU J 150 -22.84 -25.67 24.19
CA LEU J 150 -22.86 -24.84 22.99
C LEU J 150 -24.07 -23.92 22.98
N ALA J 151 -25.22 -24.47 23.33
CA ALA J 151 -26.45 -23.69 23.42
C ALA J 151 -26.32 -22.65 24.50
N ASP J 152 -25.71 -23.05 25.62
CA ASP J 152 -25.45 -22.15 26.73
C ASP J 152 -24.55 -21.02 26.25
N ALA J 153 -23.56 -21.38 25.42
CA ALA J 153 -22.64 -20.39 24.86
C ALA J 153 -23.31 -19.42 23.87
N GLY J 154 -24.58 -19.68 23.55
CA GLY J 154 -25.35 -18.81 22.65
C GLY J 154 -24.99 -19.04 21.21
N ILE J 155 -24.26 -20.11 20.95
CA ILE J 155 -23.89 -20.48 19.59
C ILE J 155 -25.10 -21.11 18.90
N PRO J 156 -25.46 -20.60 17.71
CA PRO J 156 -26.67 -21.09 17.06
C PRO J 156 -26.46 -22.43 16.37
N MET J 157 -27.36 -23.37 16.63
CA MET J 157 -27.32 -24.67 15.97
C MET J 157 -28.66 -24.93 15.31
N ARG J 158 -28.75 -25.95 14.47
CA ARG J 158 -30.03 -26.32 13.84
C ARG J 158 -31.02 -26.84 14.87
N ASP J 159 -30.52 -27.59 15.85
CA ASP J 159 -31.31 -28.26 16.88
C ASP J 159 -30.38 -28.70 18.01
N LEU J 160 -30.97 -29.02 19.16
CA LEU J 160 -30.24 -29.69 20.22
C LEU J 160 -30.02 -31.15 19.82
N ILE J 161 -28.96 -31.75 20.38
CA ILE J 161 -28.68 -33.17 20.13
C ILE J 161 -29.04 -34.01 21.37
N ALA J 162 -29.83 -35.06 21.17
CA ALA J 162 -30.20 -35.97 22.25
C ALA J 162 -29.89 -37.39 21.84
N GLY J 163 -29.48 -38.23 22.79
CA GLY J 163 -29.08 -39.59 22.44
C GLY J 163 -29.15 -40.66 23.52
N VAL J 164 -29.40 -41.90 23.10
CA VAL J 164 -29.38 -43.05 23.99
C VAL J 164 -28.58 -44.19 23.39
N ALA J 165 -28.03 -45.02 24.27
CA ALA J 165 -27.52 -46.32 23.89
C ALA J 165 -28.69 -47.30 23.97
N VAL J 166 -28.94 -48.01 22.87
CA VAL J 166 -29.97 -49.05 22.88
C VAL J 166 -29.25 -50.38 22.57
N GLY J 167 -29.75 -51.49 23.10
CA GLY J 167 -29.05 -52.76 22.95
C GLY J 167 -29.90 -54.01 23.05
N LYS J 168 -29.22 -55.16 22.99
CA LYS J 168 -29.86 -56.47 23.12
C LYS J 168 -29.21 -57.23 24.28
N ALA J 169 -30.00 -57.58 25.28
CA ALA J 169 -29.49 -58.15 26.54
C ALA J 169 -29.43 -59.67 26.51
N ASP J 170 -30.47 -60.31 27.01
CA ASP J 170 -30.60 -61.75 26.91
C ASP J 170 -31.61 -62.04 25.80
N GLY J 171 -31.29 -61.55 24.61
CA GLY J 171 -32.18 -61.67 23.46
C GLY J 171 -33.34 -60.70 23.59
N VAL J 172 -33.29 -59.87 24.64
CA VAL J 172 -34.29 -58.85 24.85
C VAL J 172 -33.70 -57.50 24.47
N ILE J 173 -34.44 -56.73 23.66
CA ILE J 173 -34.01 -55.38 23.31
C ILE J 173 -34.31 -54.42 24.45
N ILE J 174 -33.28 -53.69 24.87
CA ILE J 174 -33.35 -52.83 26.06
C ILE J 174 -32.88 -51.41 25.81
N LEU J 175 -33.41 -50.47 26.57
CA LEU J 175 -33.13 -49.06 26.38
C LEU J 175 -32.19 -48.53 27.47
N ASP J 176 -31.18 -47.76 27.05
CA ASP J 176 -30.20 -47.10 27.94
C ASP J 176 -29.35 -48.07 28.77
N LEU J 177 -28.16 -48.39 28.27
CA LEU J 177 -27.40 -49.50 28.82
C LEU J 177 -26.60 -49.22 30.08
N ASN J 178 -26.46 -50.28 30.90
CA ASN J 178 -25.58 -50.30 32.07
C ASN J 178 -24.15 -50.52 31.68
N GLU J 179 -23.26 -50.27 32.63
CA GLU J 179 -21.88 -50.73 32.54
C GLU J 179 -21.92 -52.25 32.29
N THR J 180 -22.71 -52.93 33.11
CA THR J 180 -22.91 -54.37 33.02
C THR J 180 -23.53 -54.81 31.69
N GLU J 181 -24.58 -54.10 31.27
CA GLU J 181 -25.30 -54.48 30.07
C GLU J 181 -24.47 -54.27 28.81
N ASP J 182 -23.58 -53.26 28.84
CA ASP J 182 -22.64 -52.99 27.74
C ASP J 182 -21.64 -54.13 27.57
N MET J 183 -21.13 -54.65 28.69
CA MET J 183 -20.17 -55.75 28.67
C MET J 183 -20.73 -57.08 28.22
N TRP J 184 -21.88 -57.49 28.78
CA TRP J 184 -22.35 -58.86 28.59
C TRP J 184 -23.41 -59.06 27.51
N GLY J 185 -24.09 -57.99 27.11
CA GLY J 185 -25.14 -58.07 26.11
C GLY J 185 -24.60 -58.32 24.72
N GLU J 186 -25.44 -58.88 23.85
CA GLU J 186 -25.05 -59.17 22.45
C GLU J 186 -24.74 -57.93 21.63
N ALA J 187 -25.35 -56.80 21.99
CA ALA J 187 -25.26 -55.58 21.19
C ALA J 187 -25.31 -54.29 22.02
N ASP J 188 -24.56 -53.31 21.54
CA ASP J 188 -24.52 -51.97 22.12
C ASP J 188 -24.58 -51.01 20.93
N MET J 189 -25.64 -50.21 20.86
CA MET J 189 -25.88 -49.34 19.72
C MET J 189 -26.22 -47.90 20.12
N PRO J 190 -25.20 -47.07 20.38
CA PRO J 190 -25.41 -45.63 20.56
C PRO J 190 -26.02 -44.91 19.34
N ILE J 191 -27.03 -44.09 19.59
CA ILE J 191 -27.73 -43.30 18.56
C ILE J 191 -28.02 -41.89 19.06
N ALA J 192 -27.66 -40.89 18.26
CA ALA J 192 -27.95 -39.49 18.57
C ALA J 192 -28.74 -38.78 17.47
N MET J 193 -29.61 -37.86 17.88
CA MET J 193 -30.52 -37.18 16.95
C MET J 193 -30.64 -35.68 17.17
N MET J 194 -30.99 -35.00 16.08
CA MET J 194 -31.62 -33.70 16.15
C MET J 194 -33.09 -34.03 16.00
N PRO J 195 -33.79 -34.23 17.14
CA PRO J 195 -35.10 -34.87 17.19
C PRO J 195 -36.18 -34.10 16.46
N SER J 196 -36.11 -32.77 16.50
CA SER J 196 -37.09 -31.93 15.81
C SER J 196 -37.00 -32.09 14.30
N LEU J 197 -35.78 -32.31 13.80
CA LEU J 197 -35.53 -32.45 12.39
C LEU J 197 -35.52 -33.90 11.97
N ASN J 198 -35.68 -34.79 12.94
CA ASN J 198 -35.60 -36.26 12.72
C ASN J 198 -34.34 -36.68 11.97
N GLN J 199 -33.22 -36.17 12.48
CA GLN J 199 -31.91 -36.32 11.86
C GLN J 199 -30.92 -37.05 12.77
N VAL J 200 -30.33 -38.11 12.25
CA VAL J 200 -29.34 -38.91 12.99
C VAL J 200 -27.96 -38.29 12.85
N THR J 201 -27.34 -38.09 13.99
CA THR J 201 -26.16 -37.29 14.14
C THR J 201 -24.95 -38.16 14.45
N LEU J 202 -25.19 -39.18 15.27
CA LEU J 202 -24.20 -40.19 15.61
C LEU J 202 -24.94 -41.52 15.54
N PHE J 203 -24.28 -42.54 14.98
CA PHE J 203 -24.86 -43.86 14.91
C PHE J 203 -23.80 -44.94 14.87
N GLN J 204 -23.80 -45.82 15.86
CA GLN J 204 -22.82 -46.90 15.93
C GLN J 204 -23.44 -48.15 16.49
N LEU J 205 -23.03 -49.29 15.96
CA LEU J 205 -23.34 -50.55 16.59
C LEU J 205 -22.09 -51.40 16.73
N ASN J 206 -21.86 -51.87 17.95
CA ASN J 206 -20.89 -52.96 18.17
C ASN J 206 -21.57 -54.18 18.81
N GLY J 207 -21.38 -55.34 18.20
CA GLY J 207 -22.07 -56.54 18.60
C GLY J 207 -22.85 -57.09 17.43
N SER J 208 -23.93 -57.80 17.71
CA SER J 208 -24.63 -58.57 16.70
C SER J 208 -26.14 -58.36 16.76
N MET J 209 -26.78 -58.22 15.59
CA MET J 209 -28.23 -58.02 15.48
C MET J 209 -28.82 -58.51 14.14
N THR J 210 -30.00 -59.12 14.18
CA THR J 210 -30.72 -59.39 12.94
C THR J 210 -31.34 -58.08 12.47
N PRO J 211 -31.48 -57.90 11.15
CA PRO J 211 -32.10 -56.69 10.61
C PRO J 211 -33.39 -56.28 11.34
N ASP J 212 -34.18 -57.26 11.77
CA ASP J 212 -35.40 -57.00 12.54
C ASP J 212 -35.09 -56.34 13.87
N GLU J 213 -34.29 -57.03 14.69
CA GLU J 213 -33.86 -56.52 16.00
C GLU J 213 -33.27 -55.13 15.88
N PHE J 214 -32.45 -54.93 14.86
CA PHE J 214 -31.88 -53.64 14.53
C PHE J 214 -32.99 -52.59 14.44
N ARG J 215 -34.02 -52.88 13.63
CA ARG J 215 -35.12 -51.93 13.42
C ARG J 215 -35.99 -51.74 14.67
N GLN J 216 -36.12 -52.77 15.51
CA GLN J 216 -36.88 -52.66 16.75
C GLN J 216 -36.18 -51.74 17.73
N ALA J 217 -34.89 -52.03 17.96
CA ALA J 217 -34.05 -51.24 18.86
C ALA J 217 -34.06 -49.77 18.42
N PHE J 218 -34.04 -49.59 17.11
CA PHE J 218 -34.07 -48.28 16.47
C PHE J 218 -35.33 -47.51 16.86
N ASP J 219 -36.49 -48.15 16.75
CA ASP J 219 -37.77 -47.53 17.12
C ASP J 219 -37.80 -47.10 18.57
N LEU J 220 -37.22 -47.93 19.42
CA LEU J 220 -37.19 -47.70 20.85
C LEU J 220 -36.28 -46.53 21.18
N ALA J 221 -35.11 -46.50 20.54
CA ALA J 221 -34.14 -45.43 20.77
C ALA J 221 -34.77 -44.06 20.57
N VAL J 222 -35.60 -43.94 19.53
CA VAL J 222 -36.33 -42.71 19.22
C VAL J 222 -37.21 -42.27 20.39
N LYS J 223 -38.08 -43.16 20.85
CA LYS J 223 -38.96 -42.88 21.98
C LYS J 223 -38.20 -42.38 23.20
N GLY J 224 -37.05 -43.00 23.45
CA GLY J 224 -36.16 -42.57 24.52
C GLY J 224 -35.65 -41.18 24.27
N ILE J 225 -35.04 -40.99 23.09
CA ILE J 225 -34.46 -39.71 22.67
C ILE J 225 -35.42 -38.53 22.85
N ASN J 226 -36.70 -38.75 22.53
CA ASN J 226 -37.72 -37.72 22.63
C ASN J 226 -37.96 -37.23 24.05
N ILE J 227 -38.01 -38.17 24.99
CA ILE J 227 -38.14 -37.85 26.40
C ILE J 227 -36.96 -37.02 26.89
N ILE J 228 -35.75 -37.43 26.49
CA ILE J 228 -34.53 -36.72 26.82
C ILE J 228 -34.52 -35.32 26.22
N TYR J 229 -34.95 -35.23 24.97
CA TYR J 229 -34.97 -33.97 24.25
C TYR J 229 -35.83 -32.93 24.96
N ASN J 230 -36.89 -33.38 25.62
CA ASN J 230 -37.77 -32.49 26.36
C ASN J 230 -37.11 -31.90 27.59
N LEU J 231 -36.30 -32.72 28.26
CA LEU J 231 -35.59 -32.28 29.43
C LEU J 231 -34.53 -31.28 29.02
N GLU J 232 -33.97 -31.48 27.83
CA GLU J 232 -32.97 -30.56 27.30
C GLU J 232 -33.57 -29.19 27.06
N ARG J 233 -34.74 -29.17 26.43
CA ARG J 233 -35.48 -27.92 26.24
C ARG J 233 -35.71 -27.23 27.56
N GLU J 234 -36.05 -28.05 28.56
CA GLU J 234 -36.38 -27.57 29.89
C GLU J 234 -35.14 -27.02 30.57
N ALA J 235 -34.03 -27.72 30.43
CA ALA J 235 -32.76 -27.32 31.03
C ALA J 235 -32.31 -25.99 30.47
N LEU J 236 -32.75 -25.70 29.25
CA LEU J 236 -32.39 -24.47 28.56
C LEU J 236 -33.09 -23.29 29.22
N LYS J 237 -34.40 -23.45 29.46
CA LYS J 237 -35.23 -22.40 30.08
C LYS J 237 -34.89 -22.18 31.55
N SER J 238 -34.88 -23.24 32.35
CA SER J 238 -34.74 -23.09 33.80
C SER J 238 -33.33 -23.36 34.33
N LYS J 239 -32.38 -23.62 33.43
CA LYS J 239 -30.96 -23.87 33.79
C LYS J 239 -30.68 -25.10 34.67
N TYR J 240 -31.74 -25.78 35.13
CA TYR J 240 -31.59 -26.95 35.99
C TYR J 240 -32.74 -27.95 35.88
N VAL J 241 -32.40 -29.22 35.65
CA VAL J 241 -33.40 -30.27 35.44
C VAL J 241 -33.03 -31.57 36.14
N GLU J 242 -34.00 -32.11 36.87
CA GLU J 242 -33.91 -33.44 37.45
C GLU J 242 -34.96 -34.34 36.78
N PHE J 243 -34.71 -35.64 36.75
CA PHE J 243 -35.66 -36.59 36.22
C PHE J 243 -35.44 -37.96 36.85
N LYS J 244 -36.37 -38.36 37.72
CA LYS J 244 -36.37 -39.70 38.31
C LYS J 244 -36.75 -40.69 37.20
N GLU J 245 -36.06 -41.84 37.17
CA GLU J 245 -36.24 -42.86 36.12
C GLU J 245 -37.69 -43.22 35.82
N GLU J 246 -37.96 -43.54 34.56
CA GLU J 246 -39.19 -44.28 34.22
C GLU J 246 -39.30 -44.71 32.76
N GLY J 247 -40.42 -45.38 32.48
CA GLY J 247 -40.64 -46.03 31.21
C GLY J 247 -41.01 -45.10 30.09
N VAL J 248 -40.67 -45.52 28.87
CA VAL J 248 -40.80 -44.70 27.63
C VAL J 248 -42.17 -44.01 27.40
N MET K 1 12.40 -28.00 27.13
CA MET K 1 12.83 -26.55 27.26
C MET K 1 11.72 -25.56 27.71
N SER K 2 12.03 -24.72 28.68
CA SER K 2 11.08 -23.75 29.26
C SER K 2 11.22 -22.38 28.63
N SER K 3 10.09 -21.73 28.36
CA SER K 3 10.10 -20.41 27.72
C SER K 3 8.97 -19.48 28.17
N THR K 4 9.23 -18.16 28.11
CA THR K 4 8.28 -17.15 28.55
C THR K 4 6.95 -17.36 27.86
N PRO K 5 5.86 -17.44 28.63
CA PRO K 5 4.53 -17.66 28.06
C PRO K 5 4.12 -16.50 27.14
N SER K 6 3.83 -16.83 25.88
CA SER K 6 3.47 -15.80 24.87
C SER K 6 1.98 -15.49 24.90
N ASN K 7 1.19 -16.50 25.24
CA ASN K 7 -0.21 -16.33 25.60
C ASN K 7 -0.39 -15.38 26.81
N GLN K 8 0.72 -14.77 27.26
CA GLN K 8 0.74 -13.82 28.39
C GLN K 8 -0.32 -12.75 28.20
N ASN K 9 -1.44 -12.95 28.90
CA ASN K 9 -2.56 -12.01 28.94
C ASN K 9 -2.11 -10.68 29.58
N ILE K 10 -1.44 -9.86 28.75
CA ILE K 10 -0.79 -8.62 29.14
C ILE K 10 -1.82 -7.56 29.55
N ILE K 11 -2.13 -7.53 30.85
CA ILE K 11 -3.17 -6.69 31.44
C ILE K 11 -2.67 -5.22 31.63
N PRO K 12 -3.29 -4.25 30.91
CA PRO K 12 -2.81 -2.87 30.74
C PRO K 12 -2.33 -2.18 32.01
N ILE K 13 -1.48 -1.18 31.80
CA ILE K 13 -0.92 -0.36 32.86
C ILE K 13 -2.05 0.20 33.72
N ILE K 14 -3.04 0.79 33.06
CA ILE K 14 -4.16 1.49 33.68
C ILE K 14 -4.89 0.60 34.70
N LYS K 15 -5.32 -0.57 34.25
CA LYS K 15 -6.06 -1.50 35.11
C LYS K 15 -5.32 -1.82 36.41
N LYS K 16 -3.99 -1.92 36.32
CA LYS K 16 -3.19 -2.25 37.49
C LYS K 16 -3.34 -1.24 38.61
N GLU K 17 -3.27 0.04 38.28
CA GLU K 17 -3.33 1.10 39.29
C GLU K 17 -4.68 1.14 39.99
N SER K 18 -5.76 0.88 39.24
CA SER K 18 -7.11 0.81 39.80
C SER K 18 -7.09 -0.09 40.99
N ILE K 19 -6.48 -1.26 40.81
CA ILE K 19 -6.39 -2.29 41.82
C ILE K 19 -5.45 -1.86 42.96
N VAL K 20 -4.33 -1.25 42.59
CA VAL K 20 -3.35 -0.77 43.58
C VAL K 20 -3.92 0.36 44.43
N SER K 21 -4.59 1.30 43.78
CA SER K 21 -5.23 2.41 44.49
C SER K 21 -6.23 1.93 45.53
N LEU K 22 -6.85 0.78 45.26
CA LEU K 22 -7.76 0.12 46.21
C LEU K 22 -6.97 -0.50 47.36
N PHE K 23 -5.86 -1.17 47.02
CA PHE K 23 -4.98 -1.81 48.00
C PHE K 23 -4.47 -0.79 49.00
N GLU K 24 -4.25 0.42 48.51
CA GLU K 24 -3.80 1.52 49.32
C GLU K 24 -4.82 1.86 50.41
N LYS K 25 -6.09 1.54 50.16
CA LYS K 25 -7.16 1.73 51.13
C LYS K 25 -7.47 0.44 51.84
N GLY K 26 -6.61 -0.56 51.66
CA GLY K 26 -6.78 -1.84 52.33
C GLY K 26 -7.93 -2.72 51.87
N ILE K 27 -8.47 -2.44 50.68
CA ILE K 27 -9.59 -3.20 50.13
C ILE K 27 -9.27 -3.69 48.72
N ARG K 28 -10.03 -4.68 48.26
CA ARG K 28 -9.87 -5.18 46.91
C ARG K 28 -11.16 -5.03 46.09
N GLN K 29 -11.10 -5.45 44.83
CA GLN K 29 -12.26 -5.36 43.92
C GLN K 29 -13.48 -6.11 44.47
N ASP K 30 -13.31 -7.40 44.79
CA ASP K 30 -14.38 -8.27 45.30
C ASP K 30 -14.91 -7.85 46.68
N GLY K 31 -14.11 -7.09 47.41
CA GLY K 31 -14.55 -6.48 48.66
C GLY K 31 -13.71 -6.85 49.85
N ARG K 32 -13.02 -7.97 49.74
CA ARG K 32 -12.28 -8.52 50.87
C ARG K 32 -11.04 -7.70 51.23
N LYS K 33 -10.60 -7.84 52.49
CA LYS K 33 -9.39 -7.19 52.98
C LYS K 33 -8.16 -7.84 52.34
N LEU K 34 -7.01 -7.20 52.51
CA LEU K 34 -5.78 -7.68 51.88
C LEU K 34 -5.35 -9.07 52.33
N THR K 35 -5.81 -9.50 53.50
CA THR K 35 -5.43 -10.80 54.08
C THR K 35 -6.55 -11.86 54.04
N ASP K 36 -7.68 -11.51 53.44
CA ASP K 36 -8.86 -12.38 53.39
C ASP K 36 -8.79 -13.51 52.35
N TYR K 37 -9.47 -14.61 52.65
CA TYR K 37 -9.63 -15.70 51.71
C TYR K 37 -10.95 -15.59 50.97
N ARG K 38 -10.95 -15.98 49.70
CA ARG K 38 -12.20 -16.11 48.94
C ARG K 38 -13.14 -17.19 49.53
N PRO K 39 -14.45 -17.09 49.26
CA PRO K 39 -15.40 -18.07 49.81
C PRO K 39 -15.02 -19.50 49.41
N LEU K 40 -15.10 -20.43 50.35
CA LEU K 40 -14.68 -21.79 50.12
C LEU K 40 -15.80 -22.82 50.28
N SER K 41 -16.03 -23.60 49.22
CA SER K 41 -16.98 -24.71 49.21
C SER K 41 -16.23 -25.99 48.91
N ILE K 42 -16.53 -27.03 49.67
CA ILE K 42 -16.00 -28.37 49.41
C ILE K 42 -17.13 -29.40 49.45
N THR K 43 -17.25 -30.14 48.36
CA THR K 43 -18.23 -31.20 48.23
C THR K 43 -17.45 -32.48 48.16
N LEU K 44 -17.57 -33.30 49.20
CA LEU K 44 -16.87 -34.58 49.27
C LEU K 44 -17.56 -35.69 48.47
N ASP K 45 -16.78 -36.71 48.13
CA ASP K 45 -17.25 -37.85 47.32
C ASP K 45 -18.07 -37.37 46.13
N TYR K 46 -17.45 -36.55 45.30
CA TYR K 46 -18.13 -35.99 44.14
C TYR K 46 -18.09 -36.96 42.96
N ALA K 47 -16.90 -37.40 42.56
CA ALA K 47 -16.78 -38.43 41.55
C ALA K 47 -17.00 -39.75 42.26
N LYS K 48 -18.11 -40.40 41.91
CA LYS K 48 -18.56 -41.62 42.60
C LYS K 48 -17.66 -42.81 42.33
N LYS K 49 -17.10 -42.87 41.13
CA LYS K 49 -16.26 -44.00 40.81
C LYS K 49 -14.82 -43.89 41.31
N ALA K 50 -14.51 -42.79 42.01
CA ALA K 50 -13.22 -42.63 42.68
C ALA K 50 -13.27 -43.35 44.01
N ASP K 51 -12.10 -43.63 44.59
CA ASP K 51 -12.00 -44.18 45.95
C ASP K 51 -12.32 -43.09 47.00
N GLY K 52 -11.78 -41.90 46.79
CA GLY K 52 -12.13 -40.70 47.54
C GLY K 52 -12.11 -39.54 46.58
N SER K 53 -13.01 -38.58 46.73
CA SER K 53 -13.04 -37.43 45.82
C SER K 53 -13.48 -36.18 46.53
N ALA K 54 -13.11 -35.02 45.98
CA ALA K 54 -13.50 -33.74 46.53
C ALA K 54 -13.60 -32.65 45.48
N LEU K 55 -14.75 -31.98 45.43
CA LEU K 55 -14.92 -30.82 44.55
C LEU K 55 -14.78 -29.53 45.34
N VAL K 56 -13.72 -28.76 45.03
CA VAL K 56 -13.39 -27.55 45.79
C VAL K 56 -13.62 -26.29 44.97
N LYS K 57 -14.38 -25.34 45.54
CA LYS K 57 -14.59 -24.05 44.92
C LYS K 57 -13.97 -22.99 45.79
N LEU K 58 -12.83 -22.48 45.37
CA LEU K 58 -12.22 -21.36 46.05
C LEU K 58 -12.41 -20.13 45.18
N GLY K 59 -13.37 -19.28 45.57
CA GLY K 59 -13.81 -18.20 44.69
C GLY K 59 -14.35 -18.84 43.42
N THR K 60 -13.83 -18.41 42.26
CA THR K 60 -14.30 -18.93 40.97
C THR K 60 -13.44 -20.09 40.47
N THR K 61 -12.36 -20.37 41.20
CA THR K 61 -11.50 -21.53 40.89
C THR K 61 -12.22 -22.82 41.25
N MET K 62 -12.16 -23.80 40.37
CA MET K 62 -12.70 -25.12 40.66
C MET K 62 -11.72 -26.25 40.41
N VAL K 63 -11.56 -27.08 41.43
CA VAL K 63 -10.67 -28.20 41.32
C VAL K 63 -11.43 -29.42 41.78
N LEU K 64 -11.31 -30.50 41.02
CA LEU K 64 -11.82 -31.79 41.43
C LEU K 64 -10.65 -32.74 41.57
N ALA K 65 -10.42 -33.22 42.78
CA ALA K 65 -9.40 -34.23 43.03
C ALA K 65 -10.04 -35.57 43.32
N GLY K 66 -9.42 -36.64 42.85
CA GLY K 66 -9.93 -37.96 43.10
C GLY K 66 -8.79 -38.95 43.28
N THR K 67 -8.96 -39.85 44.25
CA THR K 67 -7.98 -40.91 44.51
C THR K 67 -8.39 -42.26 43.90
N LYS K 68 -7.39 -43.07 43.59
CA LYS K 68 -7.61 -44.41 43.09
C LYS K 68 -6.48 -45.30 43.63
N LEU K 69 -6.86 -46.35 44.35
CA LEU K 69 -5.88 -47.23 45.01
C LEU K 69 -5.57 -48.45 44.17
N GLU K 70 -4.30 -48.84 44.18
CA GLU K 70 -3.84 -50.02 43.46
C GLU K 70 -2.75 -50.74 44.24
N ILE K 71 -2.68 -52.06 44.04
CA ILE K 71 -1.68 -52.88 44.72
C ILE K 71 -0.49 -53.11 43.80
N ASP K 72 0.68 -52.69 44.26
CA ASP K 72 1.93 -52.78 43.48
C ASP K 72 3.06 -53.30 44.33
N LYS K 73 4.07 -53.88 43.66
CA LYS K 73 5.36 -54.12 44.30
C LYS K 73 5.97 -52.74 44.56
N PRO K 74 6.49 -52.51 45.77
CA PRO K 74 7.07 -51.20 46.05
C PRO K 74 8.35 -51.00 45.26
N TYR K 75 8.72 -49.73 45.02
CA TYR K 75 10.00 -49.39 44.40
C TYR K 75 11.17 -50.19 45.02
N GLU K 76 12.03 -50.76 44.16
CA GLU K 76 13.24 -51.46 44.63
C GLU K 76 14.07 -50.55 45.53
N ASP K 77 13.99 -49.23 45.28
CA ASP K 77 14.63 -48.21 46.10
C ASP K 77 14.03 -48.12 47.51
N THR K 78 12.70 -48.07 47.60
CA THR K 78 11.99 -47.86 48.88
C THR K 78 11.05 -49.04 49.23
N PRO K 79 11.63 -50.15 49.76
CA PRO K 79 10.92 -51.43 49.85
C PRO K 79 9.89 -51.51 50.97
N ASN K 80 9.85 -50.50 51.86
CA ASN K 80 8.93 -50.49 53.00
C ASN K 80 7.92 -49.34 52.98
N GLN K 81 7.48 -49.00 51.79
CA GLN K 81 6.59 -47.88 51.60
C GLN K 81 5.61 -48.13 50.49
N GLY K 82 4.40 -47.64 50.72
CA GLY K 82 3.41 -47.48 49.66
C GLY K 82 3.77 -46.27 48.83
N ASN K 83 3.20 -46.19 47.63
CA ASN K 83 3.58 -45.14 46.70
C ASN K 83 2.52 -44.07 46.57
N LEU K 84 2.97 -42.83 46.41
CA LEU K 84 2.07 -41.71 46.13
C LEU K 84 2.39 -41.12 44.77
N ILE K 85 1.38 -41.09 43.90
CA ILE K 85 1.48 -40.41 42.62
C ILE K 85 0.57 -39.21 42.66
N VAL K 86 1.11 -38.01 42.39
CA VAL K 86 0.28 -36.80 42.22
C VAL K 86 0.29 -36.32 40.77
N ASN K 87 -0.89 -36.21 40.20
CA ASN K 87 -1.00 -35.79 38.84
C ASN K 87 -1.99 -34.64 38.76
N VAL K 88 -1.48 -33.45 38.43
CA VAL K 88 -2.32 -32.27 38.23
C VAL K 88 -2.57 -32.08 36.74
N GLU K 89 -3.75 -31.54 36.45
CA GLU K 89 -4.25 -31.31 35.09
C GLU K 89 -4.99 -29.98 34.99
N LEU K 90 -4.40 -28.99 34.34
CA LEU K 90 -5.14 -27.81 33.95
C LEU K 90 -5.88 -28.21 32.69
N LEU K 91 -7.19 -28.23 32.76
CA LEU K 91 -7.96 -28.56 31.60
C LEU K 91 -8.22 -27.29 30.85
N PRO K 92 -8.44 -27.41 29.54
CA PRO K 92 -8.72 -26.26 28.72
C PRO K 92 -10.18 -25.81 28.87
N LEU K 93 -10.77 -26.22 30.01
CA LEU K 93 -12.11 -25.81 30.45
C LEU K 93 -11.98 -24.68 31.48
N ALA K 94 -10.80 -24.63 32.13
CA ALA K 94 -10.48 -23.65 33.14
C ALA K 94 -10.27 -22.28 32.53
N TYR K 95 -9.68 -22.26 31.33
CA TYR K 95 -9.32 -21.02 30.65
C TYR K 95 -9.31 -21.08 29.09
N GLU K 96 -9.58 -19.94 28.46
CA GLU K 96 -9.46 -19.78 27.01
C GLU K 96 -8.00 -19.98 26.55
N THR K 97 -7.07 -19.53 27.39
CA THR K 97 -5.62 -19.62 27.14
C THR K 97 -5.14 -21.07 27.03
N PHE K 98 -5.70 -21.94 27.85
CA PHE K 98 -5.20 -23.31 28.00
C PHE K 98 -5.40 -24.16 26.75
N GLU K 99 -4.36 -24.90 26.42
CA GLU K 99 -4.38 -25.87 25.34
C GLU K 99 -4.65 -27.24 25.98
N PRO K 100 -4.79 -28.31 25.16
CA PRO K 100 -4.98 -29.70 25.61
C PRO K 100 -3.68 -30.53 25.78
N GLY K 101 -3.76 -31.86 25.54
CA GLY K 101 -2.62 -32.82 25.60
C GLY K 101 -2.01 -33.06 26.98
N PRO K 102 -1.60 -34.32 27.31
CA PRO K 102 -0.95 -34.54 28.64
C PRO K 102 0.03 -33.40 29.13
N PRO K 103 0.06 -33.13 30.48
CA PRO K 103 0.49 -31.90 31.19
C PRO K 103 1.78 -31.18 30.79
N ASP K 104 1.83 -29.92 31.21
CA ASP K 104 2.90 -28.99 30.88
C ASP K 104 3.63 -28.50 32.13
N GLU K 105 4.36 -27.40 31.96
CA GLU K 105 5.21 -26.82 32.99
C GLU K 105 4.47 -26.42 34.24
N ASN K 106 3.33 -25.75 34.09
CA ASN K 106 2.56 -25.29 35.22
C ASN K 106 2.04 -26.45 36.01
N ALA K 107 1.46 -27.39 35.26
CA ALA K 107 0.76 -28.53 35.84
C ALA K 107 1.71 -29.33 36.67
N ILE K 108 2.80 -29.74 36.02
CA ILE K 108 3.88 -30.46 36.67
C ILE K 108 4.35 -29.74 37.93
N GLU K 109 4.59 -28.44 37.85
CA GLU K 109 5.04 -27.71 39.01
C GLU K 109 4.03 -27.85 40.13
N LEU K 110 2.75 -27.68 39.81
CA LEU K 110 1.69 -27.77 40.80
C LEU K 110 1.68 -29.14 41.49
N ALA K 111 1.77 -30.19 40.68
CA ALA K 111 1.78 -31.56 41.18
C ALA K 111 2.93 -31.80 42.13
N ARG K 112 4.13 -31.37 41.74
CA ARG K 112 5.32 -31.59 42.55
C ARG K 112 5.25 -30.82 43.86
N VAL K 113 4.69 -29.62 43.80
CA VAL K 113 4.57 -28.77 44.99
C VAL K 113 3.57 -29.37 45.98
N VAL K 114 2.46 -29.89 45.45
CA VAL K 114 1.45 -30.58 46.26
C VAL K 114 2.03 -31.89 46.81
N ASP K 115 2.68 -32.65 45.95
CA ASP K 115 3.36 -33.87 46.34
C ASP K 115 4.29 -33.64 47.52
N ARG K 116 5.18 -32.66 47.40
CA ARG K 116 6.21 -32.44 48.41
C ARG K 116 5.67 -32.01 49.76
N SER K 117 4.53 -31.35 49.78
CA SER K 117 3.97 -30.91 51.05
C SER K 117 3.07 -31.97 51.68
N LEU K 118 2.71 -32.99 50.92
CA LEU K 118 2.05 -34.15 51.50
C LEU K 118 3.09 -35.14 51.99
N ARG K 119 4.13 -35.35 51.18
CA ARG K 119 5.16 -36.36 51.41
C ARG K 119 6.15 -35.97 52.52
N ASP K 120 6.63 -34.73 52.45
CA ASP K 120 7.61 -34.21 53.40
C ASP K 120 6.98 -33.91 54.75
N SER K 121 5.68 -33.70 54.77
CA SER K 121 4.98 -33.44 56.02
C SER K 121 4.58 -34.71 56.72
N LYS K 122 4.72 -35.85 56.04
CA LYS K 122 4.17 -37.11 56.52
C LYS K 122 2.67 -37.03 56.77
N ALA K 123 2.01 -36.03 56.19
CA ALA K 123 0.56 -35.91 56.32
C ALA K 123 -0.11 -37.22 55.98
N LEU K 124 0.43 -37.88 54.95
CA LEU K 124 0.07 -39.24 54.65
C LEU K 124 1.26 -40.14 54.94
N ASP K 125 1.06 -41.12 55.81
CA ASP K 125 2.13 -42.03 56.19
C ASP K 125 2.26 -43.17 55.20
N LEU K 126 3.28 -43.08 54.35
CA LEU K 126 3.49 -44.08 53.30
C LEU K 126 4.00 -45.40 53.86
N THR K 127 4.59 -45.37 55.06
CA THR K 127 5.08 -46.59 55.67
C THR K 127 3.93 -47.47 56.17
N LYS K 128 2.76 -46.88 56.38
CA LYS K 128 1.61 -47.66 56.85
C LYS K 128 0.76 -48.19 55.72
N LEU K 129 1.25 -48.02 54.48
CA LEU K 129 0.53 -48.50 53.29
C LEU K 129 1.08 -49.81 52.75
N VAL K 130 1.92 -50.46 53.56
CA VAL K 130 2.57 -51.72 53.19
C VAL K 130 1.64 -52.90 53.48
N ILE K 131 1.42 -53.77 52.50
CA ILE K 131 0.64 -54.99 52.73
C ILE K 131 1.58 -56.16 53.11
N GLU K 132 2.13 -56.87 52.12
CA GLU K 132 3.24 -57.80 52.35
C GLU K 132 4.54 -57.03 52.12
N PRO K 133 5.36 -56.81 53.20
CA PRO K 133 6.57 -55.97 53.12
C PRO K 133 7.48 -56.41 51.98
N GLY K 134 7.97 -55.45 51.21
CA GLY K 134 8.82 -55.75 50.06
C GLY K 134 8.14 -56.43 48.88
N LYS K 135 7.01 -57.09 49.14
CA LYS K 135 6.27 -57.82 48.10
C LYS K 135 5.11 -56.99 47.48
N SER K 136 4.26 -56.39 48.31
CA SER K 136 3.09 -55.64 47.84
C SER K 136 2.65 -54.48 48.74
N VAL K 137 2.45 -53.32 48.14
CA VAL K 137 2.03 -52.13 48.85
C VAL K 137 0.91 -51.44 48.09
N TRP K 138 0.23 -50.51 48.75
CA TRP K 138 -0.78 -49.70 48.10
C TRP K 138 -0.12 -48.55 47.33
N THR K 139 -0.58 -48.33 46.11
CA THR K 139 -0.21 -47.15 45.37
C THR K 139 -1.39 -46.21 45.36
N VAL K 140 -1.16 -45.01 45.87
CA VAL K 140 -2.20 -43.99 45.95
C VAL K 140 -2.04 -43.03 44.78
N TRP K 141 -2.92 -43.18 43.79
CA TRP K 141 -2.99 -42.27 42.68
C TRP K 141 -3.88 -41.09 43.06
N LEU K 142 -3.28 -39.90 43.11
CA LEU K 142 -4.05 -38.69 43.29
C LEU K 142 -4.11 -37.99 41.94
N ASP K 143 -5.31 -37.72 41.45
CA ASP K 143 -5.49 -37.02 40.19
C ASP K 143 -6.31 -35.78 40.42
N VAL K 144 -5.67 -34.63 40.20
CA VAL K 144 -6.26 -33.32 40.48
C VAL K 144 -6.55 -32.58 39.19
N TYR K 145 -7.82 -32.28 38.96
CA TYR K 145 -8.29 -31.70 37.70
C TYR K 145 -8.83 -30.30 37.91
N VAL K 146 -8.20 -29.32 37.26
CA VAL K 146 -8.60 -27.94 37.39
C VAL K 146 -9.64 -27.63 36.33
N LEU K 147 -10.83 -27.24 36.77
CA LEU K 147 -11.97 -27.07 35.88
C LEU K 147 -12.29 -25.61 35.54
N ASP K 148 -11.92 -24.71 36.44
CA ASP K 148 -12.25 -23.30 36.30
C ASP K 148 -11.07 -22.55 36.87
N TYR K 149 -10.42 -21.73 36.06
CA TYR K 149 -9.25 -21.00 36.52
C TYR K 149 -9.66 -19.66 37.09
N GLY K 150 -9.68 -19.55 38.41
CA GLY K 150 -10.08 -18.32 39.06
C GLY K 150 -8.90 -17.60 39.68
N GLY K 151 -7.71 -18.17 39.48
CA GLY K 151 -6.50 -17.63 40.09
C GLY K 151 -6.20 -18.35 41.39
N ASN K 152 -4.92 -18.30 41.79
CA ASN K 152 -4.42 -19.04 42.97
C ASN K 152 -4.85 -20.52 42.96
N VAL K 153 -4.41 -21.23 41.93
CA VAL K 153 -4.81 -22.60 41.73
C VAL K 153 -4.12 -23.51 42.74
N LEU K 154 -2.87 -23.16 43.08
CA LEU K 154 -2.10 -23.97 44.00
C LEU K 154 -2.82 -24.29 45.31
N ASP K 155 -3.37 -23.26 45.93
CA ASP K 155 -4.03 -23.42 47.22
C ASP K 155 -5.25 -24.32 47.12
N ALA K 156 -6.02 -24.13 46.06
CA ALA K 156 -7.21 -24.96 45.79
C ALA K 156 -6.88 -26.43 45.52
N CYS K 157 -5.71 -26.69 44.96
CA CYS K 157 -5.25 -28.06 44.73
C CYS K 157 -4.86 -28.73 46.04
N THR K 158 -4.03 -28.06 46.83
CA THR K 158 -3.70 -28.51 48.16
C THR K 158 -4.99 -28.93 48.88
N LEU K 159 -5.98 -28.06 48.89
CA LEU K 159 -7.25 -28.33 49.55
C LEU K 159 -7.99 -29.52 48.96
N ALA K 160 -8.23 -29.50 47.66
CA ALA K 160 -8.92 -30.62 47.00
C ALA K 160 -8.21 -31.96 47.24
N SER K 161 -6.88 -31.93 47.29
CA SER K 161 -6.06 -33.11 47.50
C SER K 161 -6.29 -33.66 48.91
N VAL K 162 -5.98 -32.83 49.90
CA VAL K 162 -6.15 -33.20 51.29
C VAL K 162 -7.55 -33.77 51.50
N ALA K 163 -8.54 -33.08 50.94
CA ALA K 163 -9.94 -33.50 51.04
C ALA K 163 -10.21 -34.85 50.39
N ALA K 164 -9.66 -35.06 49.18
CA ALA K 164 -9.83 -36.32 48.46
C ALA K 164 -9.25 -37.49 49.24
N LEU K 165 -8.08 -37.28 49.85
CA LEU K 165 -7.39 -38.30 50.64
C LEU K 165 -8.18 -38.68 51.87
N TYR K 166 -8.75 -37.67 52.53
CA TYR K 166 -9.56 -37.89 53.73
C TYR K 166 -10.86 -38.61 53.40
N ASN K 167 -11.30 -38.45 52.16
CA ASN K 167 -12.48 -39.12 51.66
C ASN K 167 -12.21 -40.55 51.19
N THR K 168 -10.93 -40.91 51.10
CA THR K 168 -10.54 -42.18 50.51
C THR K 168 -10.89 -43.38 51.38
N LYS K 169 -11.48 -44.38 50.72
CA LYS K 169 -11.85 -45.65 51.30
C LYS K 169 -10.87 -46.75 50.89
N VAL K 170 -10.35 -47.46 51.90
CA VAL K 170 -9.48 -48.61 51.68
C VAL K 170 -10.37 -49.84 51.60
N TYR K 171 -9.95 -50.84 50.84
CA TYR K 171 -10.79 -52.03 50.68
C TYR K 171 -10.21 -53.29 51.33
N LYS K 172 -11.02 -54.35 51.34
CA LYS K 172 -10.59 -55.66 51.82
C LYS K 172 -9.57 -56.26 50.87
N VAL K 173 -8.61 -56.98 51.45
CA VAL K 173 -7.46 -57.49 50.69
C VAL K 173 -7.41 -59.04 50.70
N GLU K 174 -8.10 -59.68 49.75
CA GLU K 174 -8.25 -61.15 49.70
C GLU K 174 -6.96 -61.90 49.28
N GLN K 175 -6.34 -62.60 50.23
CA GLN K 175 -5.08 -63.33 50.00
C GLN K 175 -5.32 -64.76 49.52
N ILE K 180 -3.67 -61.66 46.96
CA ILE K 180 -3.96 -62.03 45.58
C ILE K 180 -4.94 -61.06 44.88
N SER K 181 -6.09 -60.77 45.51
CA SER K 181 -7.14 -59.93 44.90
C SER K 181 -7.72 -58.83 45.81
N VAL K 182 -8.18 -57.73 45.20
CA VAL K 182 -8.87 -56.65 45.92
C VAL K 182 -10.38 -56.94 45.91
N ASN K 183 -11.07 -56.55 46.98
CA ASN K 183 -12.52 -56.65 47.00
C ASN K 183 -13.21 -55.30 47.24
N LYS K 184 -13.77 -54.74 46.19
CA LYS K 184 -14.15 -53.34 46.19
C LYS K 184 -15.56 -52.99 46.73
N ASN K 185 -16.10 -53.83 47.60
CA ASN K 185 -17.34 -53.47 48.32
C ASN K 185 -17.41 -53.90 49.81
N GLU K 186 -16.32 -54.51 50.29
CA GLU K 186 -16.09 -54.58 51.73
C GLU K 186 -15.03 -53.53 52.08
N VAL K 187 -15.50 -52.39 52.56
CA VAL K 187 -14.65 -51.27 52.94
C VAL K 187 -13.96 -51.58 54.27
N VAL K 188 -12.63 -51.65 54.26
CA VAL K 188 -11.86 -51.95 55.46
C VAL K 188 -11.59 -50.76 56.41
N GLY K 189 -11.29 -49.59 55.86
CA GLY K 189 -11.02 -48.40 56.68
C GLY K 189 -10.69 -47.16 55.88
N LYS K 190 -9.87 -46.29 56.46
CA LYS K 190 -9.50 -45.04 55.81
C LYS K 190 -8.00 -44.99 55.56
N LEU K 191 -7.56 -43.99 54.80
CA LEU K 191 -6.12 -43.77 54.57
C LEU K 191 -5.34 -43.38 55.84
N PRO K 192 -4.10 -43.89 55.96
CA PRO K 192 -3.26 -43.55 57.13
C PRO K 192 -2.80 -42.09 57.11
N LEU K 193 -3.70 -41.19 57.50
CA LEU K 193 -3.42 -39.75 57.48
C LEU K 193 -3.14 -39.22 58.88
N ASN K 194 -1.98 -38.57 59.03
CA ASN K 194 -1.57 -38.02 60.30
C ASN K 194 -2.34 -36.74 60.61
N TYR K 195 -2.45 -35.89 59.61
CA TYR K 195 -3.15 -34.60 59.75
C TYR K 195 -3.34 -33.96 58.38
N PRO K 196 -4.26 -32.97 58.28
CA PRO K 196 -4.38 -32.20 57.04
C PRO K 196 -3.25 -31.18 56.90
N VAL K 197 -3.11 -30.64 55.69
CA VAL K 197 -2.08 -29.66 55.35
C VAL K 197 -2.73 -28.60 54.48
N VAL K 198 -2.38 -27.33 54.71
CA VAL K 198 -2.86 -26.24 53.86
C VAL K 198 -1.71 -25.50 53.19
N THR K 199 -1.94 -25.05 51.95
CA THR K 199 -0.98 -24.16 51.30
C THR K 199 -1.60 -22.79 51.12
N ILE K 200 -0.88 -21.78 51.60
CA ILE K 200 -1.33 -20.39 51.55
C ILE K 200 -0.40 -19.60 50.62
N SER K 201 -0.98 -19.00 49.58
CA SER K 201 -0.27 -18.16 48.64
C SER K 201 -0.45 -16.68 48.91
N VAL K 202 0.68 -15.97 49.00
CA VAL K 202 0.73 -14.52 49.23
C VAL K 202 1.34 -13.86 47.99
N ALA K 203 0.61 -12.95 47.37
CA ALA K 203 1.08 -12.27 46.17
C ALA K 203 1.58 -10.90 46.54
N LYS K 204 2.76 -10.56 46.03
CA LYS K 204 3.32 -9.23 46.13
C LYS K 204 2.92 -8.46 44.89
N VAL K 205 2.03 -7.49 45.08
CA VAL K 205 1.65 -6.60 44.01
C VAL K 205 2.14 -5.24 44.47
N ASP K 206 2.92 -4.59 43.63
CA ASP K 206 3.48 -3.27 43.95
C ASP K 206 4.23 -3.39 45.27
N LYS K 207 3.76 -2.69 46.30
CA LYS K 207 4.38 -2.73 47.62
C LYS K 207 3.53 -3.48 48.63
N TYR K 208 2.36 -3.93 48.20
CA TYR K 208 1.42 -4.62 49.08
C TYR K 208 1.53 -6.13 48.99
N LEU K 209 1.12 -6.81 50.06
CA LEU K 209 1.03 -8.26 50.05
C LEU K 209 -0.44 -8.65 50.16
N VAL K 210 -0.82 -9.69 49.41
CA VAL K 210 -2.21 -10.07 49.28
C VAL K 210 -2.39 -11.59 49.39
N VAL K 211 -3.27 -12.02 50.30
CA VAL K 211 -3.54 -13.44 50.50
C VAL K 211 -4.57 -13.95 49.52
N ASP K 212 -4.32 -15.11 48.92
CA ASP K 212 -5.21 -15.70 47.94
C ASP K 212 -5.51 -14.71 46.81
N PRO K 213 -4.58 -14.55 45.86
CA PRO K 213 -4.83 -13.62 44.77
C PRO K 213 -5.84 -14.19 43.78
N ASP K 214 -6.77 -13.37 43.29
CA ASP K 214 -7.71 -13.83 42.25
C ASP K 214 -7.11 -13.69 40.85
N LEU K 215 -7.94 -13.88 39.82
CA LEU K 215 -7.43 -13.90 38.46
C LEU K 215 -6.75 -12.61 38.02
N ASP K 216 -7.42 -11.49 38.25
CA ASP K 216 -6.89 -10.16 37.98
C ASP K 216 -5.63 -9.90 38.77
N GLU K 217 -5.69 -10.19 40.06
CA GLU K 217 -4.60 -9.94 41.00
C GLU K 217 -3.34 -10.71 40.61
N GLU K 218 -3.52 -11.94 40.14
CA GLU K 218 -2.40 -12.76 39.67
C GLU K 218 -1.74 -12.16 38.43
N SER K 219 -2.55 -11.67 37.50
CA SER K 219 -2.03 -11.13 36.25
C SER K 219 -1.26 -9.81 36.42
N ILE K 220 -1.42 -9.16 37.57
CA ILE K 220 -0.71 -7.91 37.82
C ILE K 220 0.38 -8.00 38.90
N MET K 221 0.46 -9.14 39.59
CA MET K 221 1.44 -9.31 40.67
C MET K 221 2.86 -9.41 40.13
N ASP K 222 3.83 -8.99 40.94
CA ASP K 222 5.25 -9.15 40.61
C ASP K 222 5.61 -10.63 40.69
N ALA K 223 5.25 -11.23 41.82
CA ALA K 223 5.52 -12.62 42.13
C ALA K 223 4.60 -13.05 43.28
N LYS K 224 4.46 -14.35 43.48
CA LYS K 224 3.76 -14.88 44.64
C LYS K 224 4.63 -15.94 45.34
N ILE K 225 4.36 -16.16 46.61
CA ILE K 225 5.09 -17.14 47.40
C ILE K 225 4.13 -17.97 48.23
N SER K 226 4.32 -19.28 48.21
CA SER K 226 3.36 -20.19 48.82
C SER K 226 3.96 -20.97 49.98
N PHE K 227 3.21 -21.03 51.09
CA PHE K 227 3.66 -21.68 52.28
C PHE K 227 2.73 -22.80 52.64
N SER K 228 3.30 -23.97 52.87
CA SER K 228 2.56 -25.13 53.31
C SER K 228 2.74 -25.31 54.81
N TYR K 229 1.64 -25.59 55.50
CA TYR K 229 1.62 -25.68 56.96
C TYR K 229 0.93 -26.94 57.45
N THR K 230 1.52 -27.55 58.47
CA THR K 230 0.87 -28.62 59.23
C THR K 230 0.04 -27.94 60.33
N PRO K 231 -0.93 -28.67 60.93
CA PRO K 231 -1.82 -28.08 61.92
C PRO K 231 -1.05 -27.41 63.03
N ASP K 232 0.15 -27.92 63.29
CA ASP K 232 1.04 -27.45 64.35
C ASP K 232 1.96 -26.35 63.85
N LEU K 233 1.53 -25.68 62.78
CA LEU K 233 2.21 -24.53 62.18
C LEU K 233 3.72 -24.70 61.96
N LYS K 234 4.11 -25.89 61.55
CA LYS K 234 5.44 -26.11 61.07
C LYS K 234 5.37 -25.86 59.58
N ILE K 235 6.29 -25.06 59.05
CA ILE K 235 6.40 -24.83 57.61
C ILE K 235 6.85 -26.13 56.92
N VAL K 236 6.13 -26.52 55.87
CA VAL K 236 6.32 -27.83 55.32
C VAL K 236 6.48 -27.81 53.79
N GLY K 237 6.57 -26.60 53.24
CA GLY K 237 6.87 -26.37 51.84
C GLY K 237 6.79 -24.90 51.49
N ILE K 238 7.76 -24.41 50.72
CA ILE K 238 7.71 -23.04 50.20
C ILE K 238 8.03 -22.99 48.71
N GLN K 239 7.27 -22.17 47.97
CA GLN K 239 7.51 -22.00 46.54
C GLN K 239 7.29 -20.58 46.06
N LYS K 240 8.36 -19.90 45.69
CA LYS K 240 8.27 -18.62 44.99
C LYS K 240 7.91 -18.87 43.53
N SER K 241 7.11 -17.96 42.98
CA SER K 241 6.48 -18.14 41.70
C SER K 241 6.30 -16.77 41.04
N GLY K 242 6.48 -16.70 39.72
CA GLY K 242 6.25 -15.43 39.01
C GLY K 242 7.53 -14.87 38.41
N LYS K 243 7.38 -13.99 37.45
CA LYS K 243 8.53 -13.52 36.69
C LYS K 243 9.30 -12.41 37.40
N GLY K 244 8.69 -11.85 38.44
CA GLY K 244 9.32 -10.75 39.19
C GLY K 244 9.99 -11.23 40.46
N SER K 245 10.57 -10.29 41.20
CA SER K 245 11.29 -10.61 42.42
C SER K 245 10.60 -10.04 43.66
N MET K 246 11.23 -10.22 44.82
CA MET K 246 10.63 -9.95 46.11
C MET K 246 11.73 -9.68 47.12
N SER K 247 11.57 -8.67 47.96
CA SER K 247 12.61 -8.30 48.92
C SER K 247 12.68 -9.29 50.09
N LEU K 248 13.71 -9.13 50.92
CA LEU K 248 13.92 -10.02 52.05
C LEU K 248 12.79 -9.86 53.05
N GLN K 249 12.46 -8.62 53.36
CA GLN K 249 11.43 -8.32 54.33
C GLN K 249 10.07 -8.65 53.80
N ASP K 250 9.92 -8.57 52.48
CA ASP K 250 8.70 -8.99 51.84
C ASP K 250 8.39 -10.43 52.24
N ILE K 251 9.37 -11.30 52.08
CA ILE K 251 9.21 -12.73 52.38
C ILE K 251 8.93 -12.96 53.85
N ASP K 252 9.65 -12.23 54.69
CA ASP K 252 9.45 -12.30 56.13
C ASP K 252 7.99 -12.08 56.50
N GLN K 253 7.43 -10.94 56.10
CA GLN K 253 6.02 -10.61 56.35
C GLN K 253 5.07 -11.58 55.66
N ALA K 254 5.42 -11.96 54.44
CA ALA K 254 4.62 -12.90 53.67
C ALA K 254 4.34 -14.15 54.51
N GLU K 255 5.40 -14.70 55.10
CA GLU K 255 5.26 -15.92 55.91
C GLU K 255 4.44 -15.64 57.19
N ASN K 256 4.68 -14.48 57.81
CA ASN K 256 3.92 -14.06 58.97
C ASN K 256 2.44 -14.07 58.70
N THR K 257 2.06 -13.41 57.62
CA THR K 257 0.67 -13.35 57.19
C THR K 257 0.19 -14.76 56.82
N ALA K 258 0.92 -15.43 55.94
CA ALA K 258 0.56 -16.78 55.50
C ALA K 258 0.19 -17.66 56.68
N ARG K 259 0.94 -17.52 57.76
CA ARG K 259 0.78 -18.39 58.91
C ARG K 259 -0.46 -18.09 59.71
N SER K 260 -0.67 -16.82 60.06
CA SER K 260 -1.86 -16.44 60.86
C SER K 260 -3.15 -16.52 60.04
N THR K 261 -3.01 -16.78 58.75
CA THR K 261 -4.12 -17.13 57.89
C THR K 261 -4.33 -18.63 57.91
N ALA K 262 -3.22 -19.37 57.86
CA ALA K 262 -3.25 -20.83 57.86
C ALA K 262 -4.17 -21.41 58.92
N VAL K 263 -4.12 -20.82 60.12
CA VAL K 263 -4.93 -21.23 61.26
C VAL K 263 -6.42 -21.22 60.88
N LYS K 264 -6.86 -20.06 60.39
CA LYS K 264 -8.26 -19.83 59.99
C LYS K 264 -8.70 -20.79 58.88
N LEU K 265 -7.84 -20.97 57.88
CA LEU K 265 -8.14 -21.86 56.77
C LEU K 265 -8.18 -23.31 57.21
N LEU K 266 -7.25 -23.71 58.07
CA LEU K 266 -7.26 -25.07 58.61
C LEU K 266 -8.54 -25.39 59.36
N GLU K 267 -9.03 -24.41 60.13
CA GLU K 267 -10.24 -24.55 60.96
C GLU K 267 -11.52 -24.49 60.13
N GLU K 268 -11.39 -24.12 58.86
CA GLU K 268 -12.50 -24.18 57.94
C GLU K 268 -12.46 -25.47 57.10
N LEU K 269 -11.25 -25.91 56.76
CA LEU K 269 -11.05 -27.18 56.05
C LEU K 269 -11.55 -28.34 56.88
N LYS K 270 -11.25 -28.30 58.16
CA LYS K 270 -11.65 -29.36 59.06
C LYS K 270 -13.15 -29.44 59.19
N LYS K 271 -13.82 -28.28 59.17
CA LYS K 271 -15.28 -28.25 59.22
C LYS K 271 -15.90 -28.97 58.03
N HIS K 272 -15.32 -28.80 56.85
CA HIS K 272 -15.78 -29.50 55.66
C HIS K 272 -15.51 -30.99 55.73
N LEU K 273 -14.43 -31.37 56.42
CA LEU K 273 -14.05 -32.78 56.52
C LEU K 273 -14.69 -33.50 57.70
N GLY K 274 -15.18 -32.73 58.67
CA GLY K 274 -15.78 -33.33 59.85
C GLY K 274 -14.80 -33.40 61.01
N ILE K 275 -14.79 -32.26 61.73
CA ILE K 275 -13.71 -31.70 62.62
C ILE K 275 -12.27 -32.23 62.48
N ARG L 2 13.53 -56.15 74.03
CA ARG L 2 12.42 -55.29 74.53
C ARG L 2 12.68 -53.77 74.36
N GLU L 3 13.95 -53.36 74.32
CA GLU L 3 14.29 -51.91 74.27
C GLU L 3 15.56 -51.49 73.47
N MET L 4 16.52 -52.40 73.25
CA MET L 4 17.87 -52.01 72.80
C MET L 4 18.12 -51.84 71.27
N LEU L 5 17.37 -50.94 70.61
CA LEU L 5 17.53 -50.57 69.17
C LEU L 5 18.40 -49.29 68.95
N GLN L 6 18.83 -49.07 67.71
CA GLN L 6 19.43 -47.79 67.28
C GLN L 6 18.74 -47.23 66.00
N VAL L 7 18.66 -45.90 65.89
CA VAL L 7 18.09 -45.21 64.70
C VAL L 7 18.92 -45.33 63.41
N GLU L 8 18.28 -45.18 62.25
CA GLU L 8 18.91 -45.57 60.98
C GLU L 8 19.66 -44.47 60.25
N ARG L 9 18.96 -43.38 59.94
CA ARG L 9 19.56 -42.12 59.50
C ARG L 9 20.90 -41.88 60.24
N PRO L 10 22.04 -41.95 59.51
CA PRO L 10 23.39 -41.55 59.94
C PRO L 10 23.44 -40.13 60.51
N LYS L 11 24.31 -39.91 61.50
CA LYS L 11 24.44 -38.61 62.17
C LYS L 11 25.08 -37.59 61.25
N LEU L 12 24.53 -36.38 61.24
CA LEU L 12 24.94 -35.35 60.29
C LEU L 12 25.80 -34.23 60.87
N ILE L 13 25.59 -33.92 62.14
CA ILE L 13 26.44 -32.98 62.87
C ILE L 13 27.27 -33.73 63.90
N LEU L 14 28.57 -33.82 63.64
CA LEU L 14 29.46 -34.71 64.39
C LEU L 14 30.31 -33.98 65.44
N ASP L 15 31.55 -34.41 65.64
CA ASP L 15 32.41 -33.83 66.66
C ASP L 15 32.85 -32.42 66.29
N ASP L 16 33.00 -31.55 67.30
CA ASP L 16 33.06 -30.10 67.11
C ASP L 16 31.81 -29.69 66.31
N GLY L 17 31.82 -28.57 65.63
CA GLY L 17 30.62 -28.21 64.91
C GLY L 17 30.35 -29.13 63.72
N LYS L 18 31.20 -30.14 63.49
CA LYS L 18 31.51 -30.52 62.08
C LYS L 18 30.61 -31.52 61.37
N ARG L 19 30.43 -31.28 60.07
CA ARG L 19 29.55 -32.06 59.21
C ARG L 19 30.28 -33.26 58.61
N THR L 20 29.59 -33.99 57.75
CA THR L 20 30.14 -35.19 57.10
C THR L 20 31.38 -34.93 56.23
N ASP L 21 31.43 -33.76 55.59
CA ASP L 21 32.61 -33.37 54.80
C ASP L 21 33.62 -32.54 55.60
N GLY L 22 33.38 -32.43 56.91
CA GLY L 22 34.30 -31.77 57.81
C GLY L 22 34.15 -30.26 57.89
N ARG L 23 33.07 -29.75 57.29
CA ARG L 23 32.76 -28.31 57.34
C ARG L 23 31.98 -27.96 58.59
N LYS L 24 32.21 -26.75 59.10
CA LYS L 24 31.38 -26.21 60.16
C LYS L 24 30.04 -25.78 59.57
N PRO L 25 29.00 -25.62 60.42
CA PRO L 25 27.65 -25.29 59.91
C PRO L 25 27.59 -24.07 59.00
N ASP L 26 28.56 -23.17 59.13
CA ASP L 26 28.57 -21.92 58.38
C ASP L 26 29.68 -21.82 57.33
N GLU L 27 30.09 -22.93 56.71
CA GLU L 27 31.18 -22.89 55.75
C GLU L 27 30.75 -23.30 54.35
N LEU L 28 31.17 -22.49 53.37
CA LEU L 28 30.85 -22.76 51.98
C LEU L 28 31.78 -23.83 51.42
N ARG L 29 31.30 -24.57 50.44
CA ARG L 29 32.15 -25.48 49.70
C ARG L 29 33.07 -24.72 48.74
N SER L 30 34.04 -25.40 48.17
CA SER L 30 35.00 -24.77 47.28
C SER L 30 34.32 -24.32 46.00
N ILE L 31 34.49 -23.04 45.68
CA ILE L 31 33.88 -22.44 44.50
C ILE L 31 34.92 -22.21 43.44
N LYS L 32 34.53 -22.48 42.20
CA LYS L 32 35.40 -22.26 41.05
C LYS L 32 34.58 -21.78 39.85
N ILE L 33 34.92 -20.60 39.34
CA ILE L 33 34.18 -20.00 38.24
C ILE L 33 35.11 -19.66 37.09
N GLU L 34 34.65 -19.88 35.87
CA GLU L 34 35.30 -19.31 34.68
C GLU L 34 34.36 -19.01 33.52
N LEU L 35 34.59 -17.85 32.90
CA LEU L 35 33.73 -17.31 31.85
C LEU L 35 34.31 -17.52 30.44
N GLY L 36 33.49 -17.29 29.43
CA GLY L 36 33.90 -17.37 28.03
C GLY L 36 34.62 -18.64 27.63
N VAL L 37 34.11 -19.78 28.09
CA VAL L 37 34.80 -21.05 27.89
C VAL L 37 34.40 -21.74 26.58
N LEU L 38 33.25 -21.34 26.04
CA LEU L 38 32.76 -21.88 24.76
C LEU L 38 32.88 -20.87 23.63
N LYS L 39 33.53 -21.30 22.56
CA LYS L 39 33.72 -20.48 21.36
C LYS L 39 32.42 -20.02 20.71
N ASN L 40 31.51 -20.95 20.48
CA ASN L 40 30.34 -20.72 19.62
C ASN L 40 29.16 -20.04 20.30
N ALA L 41 29.11 -20.11 21.62
CA ALA L 41 28.08 -19.44 22.38
C ALA L 41 28.37 -17.95 22.39
N ASP L 42 27.34 -17.14 22.61
CA ASP L 42 27.51 -15.70 22.74
C ASP L 42 28.03 -15.35 24.12
N GLY L 43 27.70 -16.19 25.10
CA GLY L 43 28.24 -16.12 26.44
C GLY L 43 28.29 -17.50 27.10
N SER L 44 29.31 -17.73 27.90
CA SER L 44 29.46 -19.02 28.55
C SER L 44 30.07 -18.88 29.93
N ALA L 45 29.81 -19.88 30.77
CA ALA L 45 30.38 -19.96 32.12
C ALA L 45 30.33 -21.38 32.66
N ILE L 46 31.39 -21.78 33.36
CA ILE L 46 31.41 -22.99 34.19
C ILE L 46 31.43 -22.57 35.65
N PHE L 47 30.51 -23.13 36.43
CA PHE L 47 30.43 -22.86 37.84
C PHE L 47 30.53 -24.17 38.61
N GLU L 48 31.35 -24.17 39.66
CA GLU L 48 31.52 -25.33 40.55
C GLU L 48 31.40 -24.92 42.01
N MET L 49 30.44 -25.55 42.70
CA MET L 49 30.39 -25.50 44.17
C MET L 49 30.61 -26.92 44.66
N GLY L 50 31.69 -27.12 45.41
CA GLY L 50 32.07 -28.45 45.84
C GLY L 50 32.10 -29.33 44.61
N ASN L 51 31.22 -30.33 44.58
CA ASN L 51 31.21 -31.28 43.47
C ASN L 51 30.09 -31.06 42.47
N THR L 52 29.24 -30.09 42.74
CA THR L 52 28.24 -29.72 41.76
C THR L 52 28.92 -28.79 40.77
N LYS L 53 28.94 -29.22 39.51
CA LYS L 53 29.60 -28.46 38.44
C LYS L 53 28.69 -28.36 37.23
N ALA L 54 28.27 -27.15 36.90
CA ALA L 54 27.35 -26.89 35.80
C ALA L 54 28.02 -26.05 34.73
N ILE L 55 27.55 -26.21 33.48
CA ILE L 55 27.98 -25.34 32.37
C ILE L 55 26.78 -24.68 31.67
N ALA L 56 26.89 -23.37 31.47
CA ALA L 56 25.84 -22.60 30.84
C ALA L 56 26.30 -21.92 29.57
N ALA L 57 25.51 -22.00 28.51
CA ALA L 57 25.77 -21.29 27.27
C ALA L 57 24.57 -20.39 26.97
N VAL L 58 24.84 -19.19 26.49
CA VAL L 58 23.81 -18.24 26.13
C VAL L 58 23.89 -17.93 24.63
N TYR L 59 22.72 -17.85 24.00
CA TYR L 59 22.65 -17.43 22.61
C TYR L 59 21.90 -16.11 22.48
N GLY L 60 22.69 -15.05 22.29
CA GLY L 60 22.29 -13.63 22.45
C GLY L 60 21.07 -13.21 21.68
N PRO L 61 20.54 -12.02 21.98
CA PRO L 61 19.19 -11.65 21.49
C PRO L 61 19.06 -11.83 19.98
N LYS L 62 18.15 -12.72 19.58
CA LYS L 62 17.91 -13.01 18.17
C LYS L 62 16.40 -13.16 17.95
N GLU L 63 15.92 -12.90 16.73
CA GLU L 63 14.49 -13.03 16.42
C GLU L 63 13.98 -14.47 16.57
N MET L 64 12.67 -14.64 16.55
CA MET L 64 12.09 -15.96 16.76
C MET L 64 11.67 -16.69 15.48
N HIS L 65 12.11 -17.95 15.36
CA HIS L 65 11.80 -18.82 14.21
C HIS L 65 10.27 -19.06 14.02
N PRO L 66 9.54 -19.35 15.12
CA PRO L 66 8.08 -19.32 15.05
C PRO L 66 7.55 -17.92 15.39
N ARG L 67 7.13 -17.20 14.35
CA ARG L 67 6.83 -15.78 14.44
C ARG L 67 5.86 -15.42 15.57
N HIS L 68 4.70 -16.07 15.58
CA HIS L 68 3.60 -15.76 16.52
C HIS L 68 3.93 -16.01 18.00
N LEU L 69 4.97 -16.81 18.25
CA LEU L 69 5.37 -17.17 19.60
C LEU L 69 6.24 -16.10 20.30
N SER L 70 6.71 -15.12 19.52
CA SER L 70 7.52 -14.03 20.06
C SER L 70 6.70 -13.10 20.96
N LEU L 71 7.36 -12.11 21.54
CA LEU L 71 6.65 -11.11 22.34
C LEU L 71 6.88 -9.70 21.80
N PRO L 72 5.80 -8.89 21.76
CA PRO L 72 5.74 -7.58 21.09
C PRO L 72 6.65 -6.48 21.67
N ASP L 73 7.09 -6.66 22.92
CA ASP L 73 7.84 -5.62 23.63
C ASP L 73 8.96 -6.26 24.46
N ARG L 74 8.98 -7.58 24.48
CA ARG L 74 9.88 -8.30 25.35
C ARG L 74 10.69 -9.32 24.59
N ALA L 75 11.79 -9.72 25.20
CA ALA L 75 12.52 -10.89 24.78
C ALA L 75 11.81 -12.07 25.40
N VAL L 76 11.80 -13.18 24.67
CA VAL L 76 11.32 -14.45 25.21
C VAL L 76 12.52 -15.24 25.73
N LEU L 77 12.54 -15.54 27.02
CA LEU L 77 13.60 -16.34 27.61
C LEU L 77 13.32 -17.80 27.37
N ARG L 78 14.31 -18.51 26.85
CA ARG L 78 14.21 -19.95 26.67
C ARG L 78 15.29 -20.57 27.51
N VAL L 79 14.88 -21.25 28.57
CA VAL L 79 15.82 -21.79 29.54
C VAL L 79 15.69 -23.32 29.61
N ARG L 80 16.82 -24.00 29.79
CA ARG L 80 16.84 -25.46 29.89
C ARG L 80 17.85 -25.93 30.95
N TYR L 81 17.32 -26.56 32.00
CA TYR L 81 18.11 -27.22 33.03
C TYR L 81 18.12 -28.69 32.66
N HIS L 82 19.31 -29.26 32.52
CA HIS L 82 19.41 -30.66 32.14
C HIS L 82 20.58 -31.35 32.83
N MET L 83 20.36 -32.58 33.24
CA MET L 83 21.40 -33.37 33.90
C MET L 83 21.94 -34.43 32.95
N THR L 84 23.25 -34.36 32.70
CA THR L 84 23.94 -35.35 31.89
C THR L 84 23.82 -36.71 32.57
N PRO L 85 23.71 -37.79 31.78
CA PRO L 85 23.55 -39.11 32.35
C PRO L 85 24.65 -39.56 33.30
N PHE L 86 25.81 -38.90 33.27
CA PHE L 86 26.93 -39.28 34.13
C PHE L 86 27.24 -38.23 35.19
N SER L 87 26.21 -37.51 35.63
CA SER L 87 26.38 -36.48 36.64
C SER L 87 26.12 -37.01 38.05
N THR L 88 25.52 -38.19 38.09
CA THR L 88 25.08 -38.79 39.35
C THR L 88 25.69 -40.17 39.53
N ASP L 89 25.48 -40.74 40.71
CA ASP L 89 26.10 -42.01 41.08
C ASP L 89 25.57 -43.17 40.26
N GLU L 90 24.34 -43.06 39.78
CA GLU L 90 23.76 -44.05 38.89
C GLU L 90 23.16 -43.32 37.71
N ARG L 91 23.38 -43.87 36.51
CA ARG L 91 23.06 -43.17 35.27
C ARG L 91 21.69 -42.51 35.22
N LYS L 92 21.67 -41.18 35.34
CA LYS L 92 20.44 -40.41 35.16
C LYS L 92 19.99 -40.57 33.72
N ASN L 93 18.69 -40.75 33.51
CA ASN L 93 18.16 -40.84 32.17
C ASN L 93 18.17 -39.47 31.50
N PRO L 94 18.66 -39.42 30.25
CA PRO L 94 18.79 -38.18 29.50
C PRO L 94 17.47 -37.47 29.26
N ALA L 95 16.44 -38.22 28.85
CA ALA L 95 15.10 -37.67 28.62
C ALA L 95 14.58 -36.96 29.89
N PRO L 96 14.12 -35.70 29.75
CA PRO L 96 13.88 -34.79 30.90
C PRO L 96 12.84 -35.30 31.90
N SER L 97 13.18 -35.24 33.19
CA SER L 97 12.27 -35.69 34.26
C SER L 97 11.35 -34.58 34.70
N ARG L 98 10.31 -34.92 35.46
CA ARG L 98 9.42 -33.91 36.04
C ARG L 98 10.22 -32.92 36.87
N ARG L 99 11.14 -33.44 37.68
CA ARG L 99 12.08 -32.62 38.46
C ARG L 99 12.80 -31.61 37.57
N GLU L 100 13.32 -32.10 36.43
CA GLU L 100 14.07 -31.28 35.47
C GLU L 100 13.20 -30.18 34.86
N ILE L 101 11.92 -30.50 34.62
CA ILE L 101 10.97 -29.55 34.05
C ILE L 101 10.62 -28.45 35.04
N GLU L 102 10.27 -28.82 36.26
CA GLU L 102 9.96 -27.82 37.27
C GLU L 102 11.14 -26.87 37.44
N LEU L 103 12.32 -27.44 37.63
CA LEU L 103 13.54 -26.66 37.83
C LEU L 103 13.80 -25.66 36.68
N SER L 104 13.59 -26.09 35.43
CA SER L 104 13.75 -25.21 34.28
C SER L 104 12.87 -23.99 34.40
N LYS L 105 11.65 -24.20 34.86
CA LYS L 105 10.71 -23.10 35.05
C LYS L 105 11.17 -22.18 36.17
N VAL L 106 11.48 -22.78 37.32
CA VAL L 106 11.88 -22.03 38.50
C VAL L 106 13.08 -21.16 38.18
N ILE L 107 14.01 -21.73 37.41
CA ILE L 107 15.20 -21.01 36.95
C ILE L 107 14.85 -19.91 35.95
N ARG L 108 14.04 -20.24 34.94
CA ARG L 108 13.65 -19.23 33.96
C ARG L 108 13.08 -18.00 34.63
N GLU L 109 12.06 -18.19 35.46
CA GLU L 109 11.41 -17.12 36.24
C GLU L 109 12.42 -16.34 37.06
N ALA L 110 13.34 -17.06 37.69
CA ALA L 110 14.42 -16.42 38.43
C ALA L 110 15.17 -15.42 37.55
N LEU L 111 15.59 -15.85 36.37
CA LEU L 111 16.34 -14.99 35.45
C LEU L 111 15.50 -13.86 34.88
N GLU L 112 14.20 -14.09 34.68
CA GLU L 112 13.31 -13.10 34.08
C GLU L 112 13.24 -11.86 34.92
N SER L 113 13.48 -12.01 36.21
CA SER L 113 13.48 -10.88 37.14
C SER L 113 14.77 -10.06 37.09
N ALA L 114 15.83 -10.64 36.54
CA ALA L 114 17.13 -9.97 36.44
C ALA L 114 17.38 -9.37 35.06
N VAL L 115 17.16 -10.17 34.02
CA VAL L 115 17.36 -9.75 32.64
C VAL L 115 16.39 -8.66 32.22
N LEU L 116 16.90 -7.65 31.51
CA LEU L 116 16.07 -6.55 31.00
C LEU L 116 15.51 -6.92 29.65
N VAL L 117 14.54 -7.84 29.67
CA VAL L 117 13.95 -8.41 28.47
C VAL L 117 13.20 -7.41 27.58
N GLU L 118 12.84 -6.25 28.13
CA GLU L 118 12.12 -5.20 27.40
C GLU L 118 12.99 -4.61 26.30
N LEU L 119 14.30 -4.58 26.54
CA LEU L 119 15.25 -3.97 25.61
C LEU L 119 15.25 -4.64 24.24
N PHE L 120 14.81 -5.91 24.20
CA PHE L 120 14.90 -6.71 22.97
C PHE L 120 13.57 -7.33 22.57
N PRO L 121 12.66 -6.52 22.00
CA PRO L 121 11.37 -7.07 21.58
C PRO L 121 11.57 -8.04 20.41
N ARG L 122 10.63 -8.95 20.24
CA ARG L 122 10.64 -9.90 19.12
C ARG L 122 11.76 -10.92 19.17
N THR L 123 12.62 -10.78 20.17
CA THR L 123 13.82 -11.59 20.23
C THR L 123 13.71 -12.68 21.27
N ALA L 124 14.44 -13.76 21.04
CA ALA L 124 14.57 -14.86 21.98
C ALA L 124 15.98 -14.86 22.51
N ILE L 125 16.11 -15.07 23.81
CA ILE L 125 17.42 -15.29 24.40
C ILE L 125 17.49 -16.70 24.93
N ASP L 126 18.39 -17.50 24.39
CA ASP L 126 18.51 -18.90 24.77
C ASP L 126 19.51 -19.06 25.89
N VAL L 127 19.10 -19.74 26.95
CA VAL L 127 19.99 -20.07 28.04
C VAL L 127 20.00 -21.57 28.22
N PHE L 128 21.12 -22.21 27.93
CA PHE L 128 21.20 -23.65 28.05
C PHE L 128 22.19 -24.10 29.14
N THR L 129 21.73 -25.03 29.97
CA THR L 129 22.40 -25.38 31.19
C THR L 129 22.61 -26.88 31.25
N GLU L 130 23.79 -27.32 31.65
CA GLU L 130 24.08 -28.74 31.80
C GLU L 130 24.78 -29.05 33.11
N ILE L 131 24.21 -29.95 33.90
CA ILE L 131 24.87 -30.40 35.11
C ILE L 131 25.79 -31.57 34.76
N LEU L 132 27.07 -31.43 35.10
CA LEU L 132 28.10 -32.41 34.77
C LEU L 132 28.41 -33.30 35.96
N GLN L 133 28.23 -32.75 37.15
CA GLN L 133 28.21 -33.54 38.39
C GLN L 133 27.16 -32.94 39.32
N ALA L 134 26.28 -33.80 39.85
CA ALA L 134 25.27 -33.36 40.81
C ALA L 134 25.71 -33.71 42.22
N ASP L 135 25.63 -32.73 43.12
CA ASP L 135 25.99 -32.90 44.52
C ASP L 135 25.14 -31.97 45.38
N ALA L 136 23.86 -31.85 45.01
CA ALA L 136 22.88 -30.98 45.65
C ALA L 136 23.13 -29.51 45.38
N GLY L 137 22.04 -28.76 45.28
CA GLY L 137 22.13 -27.36 44.85
C GLY L 137 22.54 -27.23 43.38
N SER L 138 22.21 -28.24 42.60
CA SER L 138 22.52 -28.27 41.17
C SER L 138 21.80 -27.10 40.50
N ARG L 139 20.59 -26.83 40.99
CA ARG L 139 19.72 -25.81 40.41
C ARG L 139 20.28 -24.44 40.64
N LEU L 140 21.06 -24.28 41.70
CA LEU L 140 21.64 -22.98 42.03
C LEU L 140 22.93 -22.70 41.28
N VAL L 141 23.74 -23.76 41.16
CA VAL L 141 24.97 -23.73 40.38
C VAL L 141 24.61 -23.46 38.93
N SER L 142 23.61 -24.18 38.43
CA SER L 142 22.99 -23.93 37.14
C SER L 142 22.56 -22.45 36.88
N LEU L 143 21.76 -21.90 37.79
CA LEU L 143 21.23 -20.52 37.74
C LEU L 143 22.33 -19.47 37.75
N MET L 144 23.34 -19.67 38.60
CA MET L 144 24.46 -18.74 38.65
C MET L 144 25.32 -18.81 37.39
N ALA L 145 25.59 -20.04 36.95
CA ALA L 145 26.29 -20.27 35.69
C ALA L 145 25.60 -19.49 34.60
N ALA L 146 24.28 -19.66 34.52
CA ALA L 146 23.46 -18.92 33.57
C ALA L 146 23.60 -17.38 33.72
N SER L 147 23.46 -16.89 34.95
CA SER L 147 23.55 -15.46 35.22
C SER L 147 24.86 -14.90 34.67
N LEU L 148 25.95 -15.62 34.93
CA LEU L 148 27.28 -15.21 34.48
C LEU L 148 27.45 -15.35 32.99
N ALA L 149 26.93 -16.44 32.42
CA ALA L 149 26.96 -16.63 30.98
C ALA L 149 26.23 -15.48 30.27
N LEU L 150 25.11 -15.05 30.83
CA LEU L 150 24.36 -13.91 30.33
C LEU L 150 25.18 -12.65 30.40
N ALA L 151 25.83 -12.44 31.54
CA ALA L 151 26.69 -11.30 31.72
C ALA L 151 27.83 -11.35 30.73
N ASP L 152 28.40 -12.54 30.53
CA ASP L 152 29.48 -12.76 29.58
C ASP L 152 28.98 -12.40 28.18
N ALA L 153 27.74 -12.75 27.89
CA ALA L 153 27.13 -12.47 26.60
C ALA L 153 26.88 -10.98 26.40
N GLY L 154 27.12 -10.19 27.45
CA GLY L 154 26.99 -8.73 27.37
C GLY L 154 25.55 -8.27 27.47
N ILE L 155 24.68 -9.20 27.85
CA ILE L 155 23.25 -8.91 28.01
C ILE L 155 23.06 -8.18 29.33
N PRO L 156 22.37 -7.03 29.28
CA PRO L 156 22.27 -6.21 30.49
C PRO L 156 21.21 -6.73 31.44
N MET L 157 21.59 -6.89 32.70
CA MET L 157 20.67 -7.32 33.74
C MET L 157 20.66 -6.29 34.88
N ARG L 158 19.69 -6.39 35.78
CA ARG L 158 19.62 -5.50 36.94
C ARG L 158 20.77 -5.76 37.89
N ASP L 159 21.13 -7.04 38.02
CA ASP L 159 22.18 -7.48 38.92
C ASP L 159 22.55 -8.91 38.56
N LEU L 160 23.69 -9.36 39.07
CA LEU L 160 24.06 -10.78 39.00
C LEU L 160 23.21 -11.56 40.00
N ILE L 161 23.02 -12.85 39.73
CA ILE L 161 22.27 -13.70 40.65
C ILE L 161 23.23 -14.62 41.37
N ALA L 162 23.13 -14.64 42.70
CA ALA L 162 23.92 -15.53 43.56
C ALA L 162 23.02 -16.33 44.48
N GLY L 163 23.37 -17.59 44.74
CA GLY L 163 22.50 -18.43 45.57
C GLY L 163 23.16 -19.57 46.32
N VAL L 164 22.55 -19.95 47.44
CA VAL L 164 22.96 -21.12 48.23
C VAL L 164 21.76 -21.95 48.62
N ALA L 165 22.02 -23.23 48.82
CA ALA L 165 21.08 -24.09 49.54
C ALA L 165 21.43 -23.97 51.04
N VAL L 166 20.42 -23.64 51.85
CA VAL L 166 20.59 -23.65 53.29
C VAL L 166 19.60 -24.67 53.87
N GLY L 167 19.97 -25.32 54.97
CA GLY L 167 19.12 -26.38 55.50
C GLY L 167 19.24 -26.65 56.97
N LYS L 168 18.56 -27.70 57.43
CA LYS L 168 18.60 -28.12 58.82
C LYS L 168 19.04 -29.57 58.86
N ALA L 169 20.15 -29.84 59.56
CA ALA L 169 20.78 -31.18 59.57
C ALA L 169 20.28 -32.07 60.70
N ASP L 170 21.00 -32.09 61.82
CA ASP L 170 20.55 -32.82 62.98
C ASP L 170 20.02 -31.79 63.95
N GLY L 171 19.03 -31.05 63.49
CA GLY L 171 18.47 -29.96 64.28
C GLY L 171 19.36 -28.73 64.25
N VAL L 172 20.46 -28.83 63.50
CA VAL L 172 21.40 -27.72 63.34
C VAL L 172 21.18 -27.09 61.97
N ILE L 173 21.11 -25.77 61.94
CA ILE L 173 20.98 -25.07 60.67
C ILE L 173 22.33 -24.94 60.01
N ILE L 174 22.41 -25.37 58.76
CA ILE L 174 23.68 -25.47 58.04
C ILE L 174 23.64 -24.77 56.67
N LEU L 175 24.82 -24.33 56.22
CA LEU L 175 24.96 -23.58 54.97
C LEU L 175 25.59 -24.45 53.88
N ASP L 176 25.00 -24.38 52.69
CA ASP L 176 25.50 -25.10 51.49
C ASP L 176 25.53 -26.63 51.62
N LEU L 177 24.47 -27.27 51.13
CA LEU L 177 24.23 -28.69 51.44
C LEU L 177 25.01 -29.69 50.60
N ASN L 178 25.32 -30.82 51.22
CA ASN L 178 25.86 -32.01 50.56
C ASN L 178 24.81 -32.78 49.81
N GLU L 179 25.27 -33.69 48.98
CA GLU L 179 24.41 -34.75 48.46
C GLU L 179 23.79 -35.46 49.66
N THR L 180 24.65 -35.80 50.62
CA THR L 180 24.25 -36.48 51.85
C THR L 180 23.27 -35.65 52.69
N GLU L 181 23.61 -34.37 52.89
CA GLU L 181 22.80 -33.51 53.74
C GLU L 181 21.43 -33.22 53.14
N ASP L 182 21.35 -33.22 51.80
CA ASP L 182 20.08 -33.00 51.09
C ASP L 182 19.17 -34.19 51.37
N MET L 183 19.77 -35.38 51.32
CA MET L 183 19.06 -36.60 51.56
C MET L 183 18.45 -36.61 52.93
N TRP L 184 19.31 -36.64 53.94
CA TRP L 184 18.95 -37.06 55.31
C TRP L 184 18.52 -35.97 56.29
N GLY L 185 18.79 -34.72 55.94
CA GLY L 185 18.40 -33.59 56.77
C GLY L 185 16.91 -33.29 56.71
N GLU L 186 16.42 -32.62 57.75
CA GLU L 186 15.01 -32.27 57.85
C GLU L 186 14.52 -31.28 56.78
N ALA L 187 15.43 -30.44 56.29
CA ALA L 187 15.05 -29.36 55.40
C ALA L 187 16.14 -29.02 54.38
N ASP L 188 15.68 -28.67 53.19
CA ASP L 188 16.53 -28.23 52.09
C ASP L 188 15.85 -26.97 51.50
N MET L 189 16.54 -25.84 51.59
CA MET L 189 15.96 -24.59 51.16
C MET L 189 16.90 -23.78 50.26
N PRO L 190 16.86 -24.04 48.94
CA PRO L 190 17.51 -23.17 47.94
C PRO L 190 16.98 -21.71 47.92
N ILE L 191 17.89 -20.74 47.93
CA ILE L 191 17.58 -19.31 47.88
C ILE L 191 18.53 -18.60 46.91
N ALA L 192 17.98 -17.80 45.99
CA ALA L 192 18.78 -16.97 45.10
C ALA L 192 18.44 -15.47 45.19
N MET L 193 19.45 -14.62 45.03
CA MET L 193 19.30 -13.19 45.21
C MET L 193 19.98 -12.35 44.13
N MET L 194 19.43 -11.16 43.92
CA MET L 194 20.17 -10.06 43.32
C MET L 194 20.65 -9.26 44.53
N PRO L 195 21.85 -9.59 45.03
CA PRO L 195 22.31 -9.20 46.36
C PRO L 195 22.40 -7.70 46.54
N SER L 196 22.76 -6.99 45.47
CA SER L 196 22.93 -5.54 45.53
C SER L 196 21.59 -4.85 45.71
N LEU L 197 20.56 -5.45 45.12
CA LEU L 197 19.19 -4.94 45.23
C LEU L 197 18.40 -5.56 46.41
N ASN L 198 19.03 -6.50 47.11
CA ASN L 198 18.39 -7.27 48.18
C ASN L 198 17.06 -7.90 47.75
N GLN L 199 17.11 -8.57 46.61
CA GLN L 199 15.93 -9.10 45.93
C GLN L 199 16.03 -10.61 45.77
N VAL L 200 15.01 -11.31 46.22
CA VAL L 200 14.96 -12.77 46.12
C VAL L 200 14.38 -13.19 44.79
N THR L 201 15.12 -14.06 44.14
CA THR L 201 14.91 -14.37 42.74
C THR L 201 14.34 -15.79 42.58
N LEU L 202 14.86 -16.69 43.41
CA LEU L 202 14.38 -18.06 43.53
C LEU L 202 14.26 -18.35 45.02
N PHE L 203 13.17 -19.02 45.42
CA PHE L 203 13.00 -19.38 46.81
C PHE L 203 12.15 -20.64 46.95
N GLN L 204 12.74 -21.69 47.53
CA GLN L 204 12.07 -22.97 47.71
C GLN L 204 12.46 -23.64 49.02
N LEU L 205 11.49 -24.29 49.65
CA LEU L 205 11.81 -25.16 50.76
C LEU L 205 11.10 -26.49 50.57
N ASN L 206 11.85 -27.56 50.72
CA ASN L 206 11.26 -28.87 50.89
C ASN L 206 11.77 -29.48 52.17
N GLY L 207 10.84 -29.95 52.98
CA GLY L 207 11.17 -30.45 54.29
C GLY L 207 10.36 -29.70 55.33
N SER L 208 10.92 -29.58 56.53
CA SER L 208 10.17 -29.07 57.66
C SER L 208 10.99 -28.08 58.45
N MET L 209 10.35 -26.96 58.84
CA MET L 209 10.97 -25.91 59.65
C MET L 209 9.99 -25.09 60.49
N THR L 210 10.39 -24.75 61.73
CA THR L 210 9.62 -23.81 62.54
C THR L 210 9.91 -22.43 62.02
N PRO L 211 8.90 -21.53 62.06
CA PRO L 211 9.08 -20.18 61.57
C PRO L 211 10.41 -19.55 62.00
N ASP L 212 10.88 -19.91 63.20
CA ASP L 212 12.14 -19.38 63.73
C ASP L 212 13.30 -19.89 62.94
N GLU L 213 13.37 -21.22 62.84
CA GLU L 213 14.44 -21.89 62.12
C GLU L 213 14.48 -21.37 60.71
N PHE L 214 13.30 -21.19 60.13
CA PHE L 214 13.16 -20.60 58.81
C PHE L 214 13.89 -19.27 58.71
N ARG L 215 13.60 -18.39 59.65
CA ARG L 215 14.22 -17.09 59.68
C ARG L 215 15.73 -17.13 59.99
N GLN L 216 16.18 -18.08 60.79
CA GLN L 216 17.61 -18.20 61.06
C GLN L 216 18.34 -18.61 59.80
N ALA L 217 17.85 -19.68 59.18
CA ALA L 217 18.45 -20.23 57.96
C ALA L 217 18.50 -19.16 56.91
N PHE L 218 17.45 -18.36 56.89
CA PHE L 218 17.30 -17.25 55.96
C PHE L 218 18.44 -16.22 56.12
N ASP L 219 18.75 -15.85 57.37
CA ASP L 219 19.82 -14.91 57.69
C ASP L 219 21.19 -15.41 57.24
N LEU L 220 21.42 -16.69 57.48
CA LEU L 220 22.67 -17.34 57.12
C LEU L 220 22.84 -17.40 55.59
N ALA L 221 21.77 -17.77 54.89
CA ALA L 221 21.79 -17.84 53.43
C ALA L 221 22.32 -16.55 52.82
N VAL L 222 21.86 -15.42 53.34
CA VAL L 222 22.29 -14.10 52.88
C VAL L 222 23.81 -13.97 52.99
N LYS L 223 24.33 -14.22 54.19
CA LYS L 223 25.76 -14.11 54.46
C LYS L 223 26.58 -14.92 53.48
N GLY L 224 26.09 -16.12 53.18
CA GLY L 224 26.71 -16.96 52.18
C GLY L 224 26.66 -16.31 50.81
N ILE L 225 25.46 -15.95 50.39
CA ILE L 225 25.21 -15.35 49.08
C ILE L 225 26.15 -14.17 48.83
N ASN L 226 26.40 -13.38 49.86
CA ASN L 226 27.24 -12.20 49.71
C ASN L 226 28.66 -12.56 49.36
N ILE L 227 29.18 -13.59 50.00
CA ILE L 227 30.54 -14.06 49.72
C ILE L 227 30.66 -14.59 48.28
N ILE L 228 29.64 -15.32 47.85
CA ILE L 228 29.56 -15.83 46.49
C ILE L 228 29.46 -14.70 45.49
N TYR L 229 28.61 -13.72 45.79
CA TYR L 229 28.41 -12.57 44.93
C TYR L 229 29.72 -11.85 44.62
N ASN L 230 30.62 -11.80 45.60
CA ASN L 230 31.90 -11.15 45.43
C ASN L 230 32.80 -11.87 44.47
N LEU L 231 32.72 -13.19 44.49
CA LEU L 231 33.49 -13.99 43.56
C LEU L 231 32.95 -13.83 42.14
N GLU L 232 31.64 -13.65 42.04
CA GLU L 232 31.01 -13.45 40.74
C GLU L 232 31.50 -12.17 40.11
N ARG L 233 31.52 -11.09 40.90
CA ARG L 233 32.06 -9.81 40.45
C ARG L 233 33.49 -9.98 39.97
N GLU L 234 34.25 -10.77 40.72
CA GLU L 234 35.65 -11.02 40.45
C GLU L 234 35.81 -11.82 39.17
N ALA L 235 34.97 -12.84 39.01
CA ALA L 235 34.97 -13.67 37.81
C ALA L 235 34.68 -12.85 36.56
N LEU L 236 33.92 -11.77 36.74
CA LEU L 236 33.55 -10.92 35.63
C LEU L 236 34.77 -10.16 35.14
N LYS L 237 35.52 -9.60 36.08
CA LYS L 237 36.73 -8.83 35.78
C LYS L 237 37.88 -9.68 35.24
N SER L 238 38.24 -10.72 35.97
CA SER L 238 39.42 -11.51 35.62
C SER L 238 39.13 -12.81 34.85
N LYS L 239 37.86 -13.07 34.55
CA LYS L 239 37.41 -14.26 33.79
C LYS L 239 37.67 -15.62 34.45
N TYR L 240 38.31 -15.62 35.62
CA TYR L 240 38.66 -16.87 36.32
C TYR L 240 38.84 -16.70 37.83
N VAL L 241 38.13 -17.51 38.59
CA VAL L 241 38.11 -17.39 40.05
C VAL L 241 38.14 -18.76 40.73
N GLU L 242 39.00 -18.88 41.74
CA GLU L 242 39.03 -20.06 42.61
C GLU L 242 38.89 -19.63 44.05
N PHE L 243 38.23 -20.46 44.85
CA PHE L 243 37.98 -20.14 46.23
C PHE L 243 38.02 -21.41 47.07
N LYS L 244 39.08 -21.56 47.86
CA LYS L 244 39.16 -22.65 48.83
C LYS L 244 38.14 -22.39 49.93
N GLU L 245 37.46 -23.44 50.36
CA GLU L 245 36.38 -23.37 51.37
C GLU L 245 36.70 -22.53 52.59
N GLU L 246 35.70 -21.84 53.12
CA GLU L 246 35.87 -21.07 54.35
C GLU L 246 34.53 -20.65 54.92
N GLY L 247 34.55 -20.33 56.22
CA GLY L 247 33.37 -19.93 56.99
C GLY L 247 32.89 -18.53 56.67
N VAL L 248 31.57 -18.36 56.69
CA VAL L 248 30.92 -17.04 56.63
C VAL L 248 31.49 -16.07 57.70
N MET M 1 -25.79 29.02 11.06
CA MET M 1 -24.53 29.45 10.38
C MET M 1 -24.47 29.16 8.86
N SER M 2 -24.05 30.17 8.09
CA SER M 2 -23.97 30.11 6.61
C SER M 2 -22.60 29.69 6.13
N SER M 3 -22.56 28.82 5.12
CA SER M 3 -21.28 28.32 4.59
C SER M 3 -21.32 28.03 3.09
N THR M 4 -20.14 28.14 2.46
CA THR M 4 -19.97 27.95 1.02
C THR M 4 -20.56 26.60 0.61
N PRO M 5 -21.47 26.59 -0.40
CA PRO M 5 -22.10 25.34 -0.84
C PRO M 5 -21.08 24.37 -1.43
N SER M 6 -21.01 23.17 -0.85
CA SER M 6 -20.03 22.16 -1.28
C SER M 6 -20.46 21.32 -2.49
N ASN M 7 -21.76 21.10 -2.67
CA ASN M 7 -22.19 20.22 -3.76
C ASN M 7 -22.81 20.91 -4.99
N GLN M 8 -22.68 22.24 -5.08
CA GLN M 8 -23.06 22.98 -6.30
C GLN M 8 -22.08 22.62 -7.43
N ASN M 9 -22.59 22.48 -8.66
CA ASN M 9 -21.77 22.01 -9.78
C ASN M 9 -20.63 22.96 -10.14
N ILE M 10 -19.39 22.53 -9.86
CA ILE M 10 -18.18 23.21 -10.33
C ILE M 10 -18.01 22.95 -11.85
N ILE M 11 -18.62 23.82 -12.65
CA ILE M 11 -18.70 23.71 -14.12
C ILE M 11 -17.37 24.15 -14.80
N PRO M 12 -16.68 23.21 -15.50
CA PRO M 12 -15.30 23.38 -15.98
C PRO M 12 -14.98 24.69 -16.68
N ILE M 13 -13.70 25.03 -16.67
CA ILE M 13 -13.17 26.22 -17.32
C ILE M 13 -13.65 26.26 -18.77
N ILE M 14 -13.44 25.14 -19.46
CA ILE M 14 -13.71 25.00 -20.89
C ILE M 14 -15.13 25.38 -21.26
N LYS M 15 -16.11 24.78 -20.58
CA LYS M 15 -17.52 25.05 -20.84
C LYS M 15 -17.90 26.53 -20.75
N LYS M 16 -17.26 27.23 -19.82
CA LYS M 16 -17.53 28.67 -19.65
C LYS M 16 -17.25 29.52 -20.89
N GLU M 17 -16.11 29.30 -21.53
CA GLU M 17 -15.73 30.12 -22.70
C GLU M 17 -16.53 29.80 -23.96
N SER M 18 -17.08 28.59 -24.04
CA SER M 18 -18.01 28.23 -25.11
C SER M 18 -19.15 29.20 -25.07
N ILE M 19 -19.66 29.41 -23.87
CA ILE M 19 -20.79 30.29 -23.64
C ILE M 19 -20.39 31.75 -23.83
N VAL M 20 -19.22 32.12 -23.32
CA VAL M 20 -18.73 33.50 -23.43
C VAL M 20 -18.46 33.88 -24.89
N SER M 21 -17.84 32.96 -25.63
CA SER M 21 -17.54 33.16 -27.06
C SER M 21 -18.80 33.42 -27.86
N LEU M 22 -19.91 32.83 -27.40
CA LEU M 22 -21.22 33.08 -27.99
C LEU M 22 -21.73 34.46 -27.61
N PHE M 23 -21.55 34.82 -26.34
CA PHE M 23 -21.99 36.12 -25.83
C PHE M 23 -21.32 37.24 -26.59
N GLU M 24 -20.09 36.99 -26.98
CA GLU M 24 -19.29 37.92 -27.75
C GLU M 24 -19.96 38.22 -29.08
N LYS M 25 -20.73 37.27 -29.59
CA LYS M 25 -21.50 37.44 -30.82
C LYS M 25 -22.94 37.84 -30.54
N GLY M 26 -23.23 38.16 -29.28
CA GLY M 26 -24.57 38.61 -28.87
C GLY M 26 -25.66 37.55 -28.90
N ILE M 27 -25.26 36.28 -28.85
CA ILE M 27 -26.20 35.16 -28.84
C ILE M 27 -25.90 34.20 -27.69
N ARG M 28 -26.88 33.37 -27.33
CA ARG M 28 -26.70 32.37 -26.30
C ARG M 28 -26.93 30.97 -26.86
N GLN M 29 -26.76 29.96 -26.01
CA GLN M 29 -26.93 28.54 -26.40
C GLN M 29 -28.33 28.26 -26.93
N ASP M 30 -29.35 28.66 -26.16
CA ASP M 30 -30.76 28.43 -26.52
C ASP M 30 -31.22 29.23 -27.75
N GLY M 31 -30.48 30.28 -28.09
CA GLY M 31 -30.74 31.02 -29.30
C GLY M 31 -31.06 32.48 -29.07
N ARG M 32 -31.54 32.79 -27.86
CA ARG M 32 -31.98 34.15 -27.52
C ARG M 32 -30.84 35.17 -27.39
N LYS M 33 -31.19 36.45 -27.58
CA LYS M 33 -30.27 37.57 -27.46
C LYS M 33 -29.93 37.78 -26.00
N LEU M 34 -28.91 38.58 -25.74
CA LEU M 34 -28.42 38.80 -24.37
C LEU M 34 -29.46 39.36 -23.40
N THR M 35 -30.44 40.07 -23.94
CA THR M 35 -31.48 40.74 -23.15
C THR M 35 -32.85 40.04 -23.20
N ASP M 36 -32.92 38.88 -23.85
CA ASP M 36 -34.20 38.16 -24.05
C ASP M 36 -34.66 37.36 -22.83
N TYR M 37 -35.97 37.19 -22.74
CA TYR M 37 -36.56 36.31 -21.74
C TYR M 37 -36.90 34.94 -22.30
N ARG M 38 -36.73 33.91 -21.47
CA ARG M 38 -37.16 32.56 -21.85
C ARG M 38 -38.67 32.50 -22.06
N PRO M 39 -39.17 31.50 -22.82
CA PRO M 39 -40.61 31.40 -23.04
C PRO M 39 -41.36 31.27 -21.72
N LEU M 40 -42.48 31.99 -21.61
CA LEU M 40 -43.24 32.03 -20.36
C LEU M 40 -44.66 31.51 -20.48
N SER M 41 -44.99 30.49 -19.67
CA SER M 41 -46.33 29.91 -19.60
C SER M 41 -46.86 30.08 -18.19
N ILE M 42 -48.11 30.52 -18.09
CA ILE M 42 -48.79 30.61 -16.79
C ILE M 42 -50.15 29.96 -16.89
N THR M 43 -50.38 28.98 -16.03
CA THR M 43 -51.65 28.29 -15.90
C THR M 43 -52.24 28.68 -14.55
N LEU M 44 -53.32 29.49 -14.58
CA LEU M 44 -53.99 29.96 -13.37
C LEU M 44 -54.91 28.90 -12.76
N ASP M 45 -55.19 29.08 -11.46
CA ASP M 45 -55.99 28.13 -10.68
C ASP M 45 -55.58 26.67 -10.94
N TYR M 46 -54.32 26.37 -10.67
CA TYR M 46 -53.79 25.03 -10.94
C TYR M 46 -54.09 24.06 -9.80
N ALA M 47 -53.68 24.43 -8.58
CA ALA M 47 -54.05 23.68 -7.38
C ALA M 47 -55.47 24.08 -7.02
N LYS M 48 -56.40 23.12 -7.16
CA LYS M 48 -57.82 23.43 -7.01
C LYS M 48 -58.18 23.76 -5.58
N LYS M 49 -57.50 23.12 -4.64
CA LYS M 49 -57.83 23.34 -3.24
C LYS M 49 -57.21 24.58 -2.62
N ALA M 50 -56.48 25.35 -3.43
CA ALA M 50 -55.96 26.65 -3.05
C ALA M 50 -57.02 27.72 -3.23
N ASP M 51 -56.82 28.88 -2.59
CA ASP M 51 -57.73 30.00 -2.74
C ASP M 51 -57.46 30.65 -4.09
N GLY M 52 -56.18 30.79 -4.41
CA GLY M 52 -55.73 31.20 -5.73
C GLY M 52 -54.43 30.48 -5.99
N SER M 53 -54.19 30.09 -7.23
CA SER M 53 -52.97 29.37 -7.58
C SER M 53 -52.47 29.71 -8.97
N ALA M 54 -51.19 29.47 -9.20
CA ALA M 54 -50.57 29.72 -10.50
C ALA M 54 -49.38 28.80 -10.75
N LEU M 55 -49.41 28.09 -11.87
CA LEU M 55 -48.29 27.28 -12.33
C LEU M 55 -47.52 28.03 -13.41
N VAL M 56 -46.29 28.42 -13.10
CA VAL M 56 -45.46 29.21 -14.00
C VAL M 56 -44.28 28.41 -14.57
N LYS M 57 -44.15 28.42 -15.90
CA LYS M 57 -43.01 27.83 -16.58
C LYS M 57 -42.21 28.92 -17.25
N LEU M 58 -41.06 29.25 -16.66
CA LEU M 58 -40.13 30.18 -17.26
C LEU M 58 -38.93 29.38 -17.75
N GLY M 59 -38.90 29.12 -19.04
CA GLY M 59 -37.95 28.14 -19.59
C GLY M 59 -38.24 26.77 -18.99
N THR M 60 -37.22 26.13 -18.43
CA THR M 60 -37.40 24.83 -17.82
C THR M 60 -37.65 24.93 -16.32
N THR M 61 -37.62 26.14 -15.76
CA THR M 61 -37.98 26.37 -14.36
C THR M 61 -39.48 26.24 -14.16
N MET M 62 -39.88 25.54 -13.12
CA MET M 62 -41.31 25.45 -12.73
C MET M 62 -41.56 25.83 -11.30
N VAL M 63 -42.51 26.74 -11.14
CA VAL M 63 -42.91 27.18 -9.82
C VAL M 63 -44.43 27.10 -9.73
N LEU M 64 -44.92 26.52 -8.65
CA LEU M 64 -46.34 26.54 -8.33
C LEU M 64 -46.56 27.33 -7.05
N ALA M 65 -47.28 28.45 -7.17
CA ALA M 65 -47.60 29.26 -6.00
C ALA M 65 -49.07 29.10 -5.71
N GLY M 66 -49.41 29.09 -4.44
CA GLY M 66 -50.78 28.95 -4.00
C GLY M 66 -51.04 29.77 -2.75
N THR M 67 -52.18 30.44 -2.74
CA THR M 67 -52.62 31.21 -1.59
C THR M 67 -53.67 30.45 -0.75
N LYS M 68 -53.70 30.81 0.53
CA LYS M 68 -54.66 30.27 1.45
C LYS M 68 -54.96 31.37 2.46
N LEU M 69 -56.24 31.72 2.58
CA LEU M 69 -56.67 32.79 3.47
C LEU M 69 -57.16 32.29 4.81
N GLU M 70 -56.84 33.02 5.87
CA GLU M 70 -57.25 32.69 7.23
C GLU M 70 -57.57 33.96 8.01
N ILE M 71 -58.47 33.83 8.98
CA ILE M 71 -58.85 34.96 9.82
C ILE M 71 -58.08 34.91 11.13
N ASP M 72 -57.34 35.98 11.41
CA ASP M 72 -56.50 36.08 12.60
C ASP M 72 -56.68 37.42 13.28
N LYS M 73 -56.37 37.47 14.58
CA LYS M 73 -56.14 38.74 15.24
C LYS M 73 -54.83 39.31 14.66
N PRO M 74 -54.82 40.60 14.30
CA PRO M 74 -53.60 41.20 13.73
C PRO M 74 -52.51 41.36 14.77
N TYR M 75 -51.28 41.58 14.33
CA TYR M 75 -50.15 41.74 15.25
C TYR M 75 -50.41 42.86 16.23
N GLU M 76 -50.09 42.60 17.49
CA GLU M 76 -50.20 43.66 18.50
C GLU M 76 -49.38 44.87 18.05
N ASP M 77 -48.31 44.62 17.28
CA ASP M 77 -47.50 45.67 16.66
C ASP M 77 -48.28 46.47 15.58
N THR M 78 -48.94 45.77 14.64
CA THR M 78 -49.60 46.39 13.49
C THR M 78 -51.11 46.13 13.47
N PRO M 79 -51.89 46.86 14.29
CA PRO M 79 -53.29 46.56 14.61
C PRO M 79 -54.29 46.89 13.50
N ASN M 80 -53.83 47.56 12.46
CA ASN M 80 -54.71 47.93 11.36
C ASN M 80 -54.33 47.30 10.01
N GLN M 81 -53.84 46.07 10.08
CA GLN M 81 -53.36 45.43 8.88
C GLN M 81 -53.63 43.94 8.89
N GLY M 82 -53.93 43.44 7.69
CA GLY M 82 -53.90 42.01 7.42
C GLY M 82 -52.45 41.57 7.32
N ASN M 83 -52.23 40.26 7.42
CA ASN M 83 -50.88 39.74 7.43
C ASN M 83 -50.54 39.03 6.13
N LEU M 84 -49.29 39.14 5.72
CA LEU M 84 -48.76 38.40 4.58
C LEU M 84 -47.60 37.50 5.03
N ILE M 85 -47.73 36.20 4.78
CA ILE M 85 -46.61 35.27 4.90
C ILE M 85 -46.33 34.67 3.53
N VAL M 86 -45.15 35.02 3.03
CA VAL M 86 -44.61 34.50 1.80
C VAL M 86 -43.62 33.43 2.22
N ASN M 87 -43.78 32.26 1.64
CA ASN M 87 -42.91 31.16 1.98
C ASN M 87 -42.58 30.30 0.75
N VAL M 88 -41.28 30.13 0.52
CA VAL M 88 -40.78 29.38 -0.60
C VAL M 88 -40.17 28.09 -0.10
N GLU M 89 -40.48 26.98 -0.77
CA GLU M 89 -39.83 25.70 -0.53
C GLU M 89 -39.05 25.18 -1.74
N LEU M 90 -37.71 25.22 -1.62
CA LEU M 90 -36.82 24.64 -2.61
C LEU M 90 -36.94 23.14 -2.52
N LEU M 91 -37.60 22.57 -3.52
CA LEU M 91 -37.88 21.16 -3.47
C LEU M 91 -36.71 20.39 -4.02
N PRO M 92 -36.51 19.17 -3.50
CA PRO M 92 -35.50 18.28 -4.06
C PRO M 92 -36.05 17.58 -5.30
N LEU M 93 -37.30 17.90 -5.66
CA LEU M 93 -37.90 17.49 -6.94
C LEU M 93 -37.37 18.38 -8.07
N ALA M 94 -36.86 19.56 -7.69
CA ALA M 94 -36.41 20.58 -8.64
C ALA M 94 -35.09 20.25 -9.35
N TYR M 95 -34.06 19.89 -8.57
CA TYR M 95 -32.70 19.69 -9.07
C TYR M 95 -31.93 18.72 -8.18
N GLU M 96 -31.09 17.89 -8.81
CA GLU M 96 -30.44 16.73 -8.19
C GLU M 96 -29.82 16.96 -6.80
N THR M 97 -29.45 18.19 -6.51
CA THR M 97 -28.74 18.51 -5.29
C THR M 97 -29.57 19.42 -4.36
N PHE M 98 -30.59 18.86 -3.72
CA PHE M 98 -31.52 19.69 -2.92
C PHE M 98 -32.01 19.20 -1.56
N GLU M 99 -32.83 20.07 -0.96
CA GLU M 99 -33.19 20.07 0.46
C GLU M 99 -34.31 19.09 0.79
N PRO M 100 -33.97 17.96 1.45
CA PRO M 100 -34.98 17.01 1.95
C PRO M 100 -36.09 17.67 2.81
N GLY M 101 -35.73 18.55 3.75
CA GLY M 101 -36.70 19.22 4.66
C GLY M 101 -36.86 20.73 4.52
N PRO M 102 -37.93 21.33 5.14
CA PRO M 102 -38.25 22.79 5.10
C PRO M 102 -37.05 23.79 5.07
N PRO M 103 -37.23 24.95 4.38
CA PRO M 103 -36.28 25.96 3.88
C PRO M 103 -34.82 26.00 4.37
N ASP M 104 -33.93 25.88 3.40
CA ASP M 104 -32.52 26.12 3.57
C ASP M 104 -32.28 27.61 3.40
N GLU M 105 -31.01 27.96 3.20
CA GLU M 105 -30.55 29.33 3.12
C GLU M 105 -31.07 30.11 1.89
N ASN M 106 -31.40 29.39 0.83
CA ASN M 106 -31.76 30.01 -0.44
C ASN M 106 -33.23 30.21 -0.56
N ALA M 107 -33.98 29.23 -0.06
CA ALA M 107 -35.42 29.33 0.03
C ALA M 107 -35.84 30.57 0.84
N ILE M 108 -35.31 30.67 2.06
CA ILE M 108 -35.60 31.81 2.91
C ILE M 108 -35.29 33.13 2.19
N GLU M 109 -34.12 33.21 1.57
CA GLU M 109 -33.73 34.43 0.87
C GLU M 109 -34.75 34.78 -0.23
N LEU M 110 -35.18 33.76 -0.97
CA LEU M 110 -36.16 33.95 -2.04
C LEU M 110 -37.45 34.50 -1.49
N ALA M 111 -37.94 33.87 -0.42
CA ALA M 111 -39.18 34.27 0.24
C ALA M 111 -39.15 35.73 0.68
N ARG M 112 -38.08 36.12 1.37
CA ARG M 112 -37.94 37.46 1.91
C ARG M 112 -37.87 38.48 0.78
N VAL M 113 -37.17 38.13 -0.29
CA VAL M 113 -37.03 39.02 -1.43
C VAL M 113 -38.39 39.25 -2.11
N VAL M 114 -39.14 38.16 -2.27
CA VAL M 114 -40.49 38.22 -2.86
C VAL M 114 -41.41 38.99 -1.93
N ASP M 115 -41.29 38.66 -0.64
CA ASP M 115 -42.05 39.35 0.39
C ASP M 115 -41.87 40.86 0.28
N ARG M 116 -40.61 41.30 0.28
CA ARG M 116 -40.30 42.74 0.35
C ARG M 116 -40.76 43.50 -0.86
N SER M 117 -40.83 42.85 -2.01
CA SER M 117 -41.28 43.55 -3.23
C SER M 117 -42.79 43.55 -3.40
N LEU M 118 -43.48 42.74 -2.61
CA LEU M 118 -44.93 42.80 -2.57
C LEU M 118 -45.35 43.80 -1.52
N ARG M 119 -44.66 43.76 -0.38
CA ARG M 119 -45.01 44.53 0.81
C ARG M 119 -44.62 46.01 0.68
N ASP M 120 -43.38 46.26 0.25
CA ASP M 120 -42.82 47.61 0.12
C ASP M 120 -43.38 48.34 -1.09
N SER M 121 -43.85 47.60 -2.08
CA SER M 121 -44.51 48.20 -3.24
C SER M 121 -45.97 48.54 -2.99
N LYS M 122 -46.52 48.06 -1.87
CA LYS M 122 -47.97 48.10 -1.63
C LYS M 122 -48.76 47.57 -2.84
N ALA M 123 -48.18 46.58 -3.53
CA ALA M 123 -48.86 45.88 -4.61
C ALA M 123 -50.11 45.18 -4.06
N LEU M 124 -49.96 44.64 -2.85
CA LEU M 124 -51.09 44.15 -2.09
C LEU M 124 -51.28 45.07 -0.91
N ASP M 125 -52.48 45.64 -0.80
CA ASP M 125 -52.76 46.57 0.27
C ASP M 125 -53.22 45.87 1.52
N LEU M 126 -52.31 45.78 2.49
CA LEU M 126 -52.56 45.06 3.73
C LEU M 126 -53.54 45.78 4.65
N THR M 127 -53.67 47.10 4.47
CA THR M 127 -54.63 47.88 5.26
C THR M 127 -56.09 47.62 4.84
N LYS M 128 -56.28 47.22 3.59
CA LYS M 128 -57.61 46.83 3.13
C LYS M 128 -57.81 45.31 3.20
N LEU M 129 -57.24 44.68 4.24
CA LEU M 129 -57.51 43.26 4.61
C LEU M 129 -58.07 43.14 6.04
N VAL M 130 -58.46 44.28 6.62
CA VAL M 130 -58.97 44.34 7.99
C VAL M 130 -60.47 44.04 7.99
N ILE M 131 -60.89 43.10 8.84
CA ILE M 131 -62.32 42.81 9.00
C ILE M 131 -62.88 43.67 10.14
N GLU M 132 -62.82 43.18 11.39
CA GLU M 132 -63.02 44.09 12.52
C GLU M 132 -61.67 44.63 12.99
N PRO M 133 -61.49 45.96 12.94
CA PRO M 133 -60.21 46.61 13.23
C PRO M 133 -59.68 46.21 14.59
N GLY M 134 -58.40 45.83 14.64
CA GLY M 134 -57.77 45.39 15.88
C GLY M 134 -58.21 44.03 16.39
N LYS M 135 -59.40 43.58 16.01
CA LYS M 135 -59.93 42.28 16.46
C LYS M 135 -59.65 41.11 15.48
N SER M 136 -59.94 41.31 14.20
CA SER M 136 -59.74 40.25 13.20
C SER M 136 -59.41 40.77 11.80
N VAL M 137 -58.39 40.16 11.20
CA VAL M 137 -57.94 40.51 9.85
C VAL M 137 -57.70 39.25 9.04
N TRP M 138 -57.54 39.39 7.72
CA TRP M 138 -57.17 38.27 6.86
C TRP M 138 -55.67 38.05 6.91
N THR M 139 -55.27 36.79 7.05
CA THR M 139 -53.87 36.44 6.89
C THR M 139 -53.77 35.78 5.53
N VAL M 140 -52.89 36.30 4.70
CA VAL M 140 -52.65 35.73 3.38
C VAL M 140 -51.39 34.85 3.39
N TRP M 141 -51.59 33.54 3.37
CA TRP M 141 -50.49 32.61 3.26
C TRP M 141 -50.13 32.43 1.78
N LEU M 142 -48.94 32.85 1.39
CA LEU M 142 -48.45 32.54 0.06
C LEU M 142 -47.43 31.43 0.17
N ASP M 143 -47.69 30.31 -0.50
CA ASP M 143 -46.75 29.19 -0.51
C ASP M 143 -46.26 28.92 -1.92
N VAL M 144 -44.96 29.11 -2.12
CA VAL M 144 -44.37 29.01 -3.43
C VAL M 144 -43.47 27.78 -3.49
N TYR M 145 -43.78 26.87 -4.41
CA TYR M 145 -43.08 25.59 -4.50
C TYR M 145 -42.35 25.44 -5.82
N VAL M 146 -41.03 25.30 -5.73
CA VAL M 146 -40.19 25.18 -6.93
C VAL M 146 -40.08 23.73 -7.30
N LEU M 147 -40.58 23.39 -8.49
CA LEU M 147 -40.67 22.01 -8.90
C LEU M 147 -39.57 21.55 -9.84
N ASP M 148 -39.01 22.50 -10.59
CA ASP M 148 -38.03 22.21 -11.64
C ASP M 148 -37.07 23.38 -11.59
N TYR M 149 -35.81 23.11 -11.33
CA TYR M 149 -34.81 24.17 -11.27
C TYR M 149 -34.19 24.39 -12.64
N GLY M 150 -34.61 25.46 -13.33
CA GLY M 150 -34.08 25.75 -14.65
C GLY M 150 -33.16 26.97 -14.65
N GLY M 151 -32.95 27.51 -13.46
CA GLY M 151 -32.15 28.72 -13.29
C GLY M 151 -33.05 29.93 -13.21
N ASN M 152 -32.53 30.98 -12.58
CA ASN M 152 -33.29 32.23 -12.33
C ASN M 152 -34.63 31.96 -11.70
N VAL M 153 -34.57 31.38 -10.51
CA VAL M 153 -35.77 30.95 -9.82
C VAL M 153 -36.52 32.16 -9.29
N LEU M 154 -35.77 33.17 -8.82
CA LEU M 154 -36.36 34.36 -8.21
C LEU M 154 -37.43 35.03 -9.08
N ASP M 155 -37.15 35.19 -10.36
CA ASP M 155 -38.06 35.87 -11.27
C ASP M 155 -39.35 35.09 -11.45
N ALA M 156 -39.20 33.78 -11.59
CA ALA M 156 -40.33 32.85 -11.70
C ALA M 156 -41.21 32.80 -10.45
N CYS M 157 -40.63 33.01 -9.27
CA CYS M 157 -41.39 33.06 -8.04
C CYS M 157 -42.19 34.35 -7.93
N THR M 158 -41.54 35.49 -8.17
CA THR M 158 -42.21 36.78 -8.29
C THR M 158 -43.44 36.66 -9.16
N LEU M 159 -43.26 36.06 -10.34
CA LEU M 159 -44.36 35.87 -11.28
C LEU M 159 -45.45 34.95 -10.73
N ALA M 160 -45.06 33.76 -10.28
CA ALA M 160 -46.01 32.79 -9.74
C ALA M 160 -46.79 33.37 -8.56
N SER M 161 -46.10 34.18 -7.76
CA SER M 161 -46.70 34.80 -6.59
C SER M 161 -47.75 35.80 -7.02
N VAL M 162 -47.33 36.79 -7.81
CA VAL M 162 -48.23 37.82 -8.33
C VAL M 162 -49.47 37.18 -8.97
N ALA M 163 -49.24 36.13 -9.76
CA ALA M 163 -50.31 35.41 -10.44
C ALA M 163 -51.26 34.69 -9.49
N ALA M 164 -50.69 34.02 -8.48
CA ALA M 164 -51.49 33.35 -7.45
C ALA M 164 -52.40 34.34 -6.73
N LEU M 165 -51.85 35.51 -6.37
CA LEU M 165 -52.59 36.55 -5.65
C LEU M 165 -53.74 37.09 -6.47
N TYR M 166 -53.48 37.33 -7.74
CA TYR M 166 -54.50 37.81 -8.64
C TYR M 166 -55.59 36.77 -8.85
N ASN M 167 -55.22 35.51 -8.70
CA ASN M 167 -56.16 34.41 -8.80
C ASN M 167 -56.98 34.19 -7.52
N THR M 168 -56.58 34.86 -6.43
CA THR M 168 -57.15 34.60 -5.11
C THR M 168 -58.60 35.06 -4.97
N LYS M 169 -59.42 34.17 -4.43
CA LYS M 169 -60.82 34.42 -4.14
C LYS M 169 -61.03 34.65 -2.65
N VAL M 170 -61.68 35.76 -2.33
CA VAL M 170 -62.08 36.08 -0.95
C VAL M 170 -63.46 35.49 -0.70
N TYR M 171 -63.72 35.08 0.53
CA TYR M 171 -65.00 34.46 0.85
C TYR M 171 -65.94 35.30 1.72
N LYS M 172 -67.17 34.82 1.88
CA LYS M 172 -68.17 35.47 2.74
C LYS M 172 -67.77 35.30 4.19
N VAL M 173 -68.07 36.32 5.00
CA VAL M 173 -67.58 36.39 6.37
C VAL M 173 -68.75 36.41 7.37
N GLU M 174 -69.24 35.23 7.75
CA GLU M 174 -70.45 35.10 8.60
C GLU M 174 -70.23 35.50 10.08
N GLN M 175 -70.82 36.63 10.48
CA GLN M 175 -70.68 37.17 11.85
C GLN M 175 -71.74 36.62 12.81
N ILE M 180 -67.56 35.54 13.03
CA ILE M 180 -67.47 34.25 13.71
C ILE M 180 -66.93 33.13 12.80
N SER M 181 -67.51 32.96 11.60
CA SER M 181 -67.15 31.84 10.70
C SER M 181 -66.94 32.25 9.23
N VAL M 182 -66.09 31.51 8.54
CA VAL M 182 -65.87 31.70 7.09
C VAL M 182 -66.85 30.83 6.31
N ASN M 183 -67.28 31.28 5.14
CA ASN M 183 -68.12 30.47 4.26
C ASN M 183 -67.49 30.27 2.88
N LYS M 184 -66.94 29.09 2.66
CA LYS M 184 -66.05 28.86 1.52
C LYS M 184 -66.70 28.48 0.17
N ASN M 185 -67.95 28.88 -0.05
CA ASN M 185 -68.57 28.73 -1.39
C ASN M 185 -69.47 29.89 -1.82
N GLU M 186 -69.57 30.92 -0.97
CA GLU M 186 -70.07 32.22 -1.41
C GLU M 186 -68.85 33.14 -1.56
N VAL M 187 -68.40 33.28 -2.80
CA VAL M 187 -67.22 34.07 -3.13
C VAL M 187 -67.58 35.56 -3.09
N VAL M 188 -66.93 36.32 -2.22
CA VAL M 188 -67.26 37.75 -2.05
C VAL M 188 -66.57 38.68 -3.04
N GLY M 189 -65.30 38.42 -3.35
CA GLY M 189 -64.53 39.23 -4.30
C GLY M 189 -63.11 38.77 -4.53
N LYS M 190 -62.22 39.72 -4.81
CA LYS M 190 -60.80 39.42 -5.06
C LYS M 190 -59.91 40.11 -4.05
N LEU M 191 -58.62 39.80 -4.09
CA LEU M 191 -57.64 40.43 -3.19
C LEU M 191 -57.45 41.92 -3.49
N PRO M 192 -57.26 42.75 -2.43
CA PRO M 192 -57.02 44.19 -2.62
C PRO M 192 -55.63 44.48 -3.23
N LEU M 193 -55.52 44.28 -4.54
CA LEU M 193 -54.26 44.42 -5.26
C LEU M 193 -54.22 45.73 -6.05
N ASN M 194 -53.22 46.55 -5.77
CA ASN M 194 -53.04 47.83 -6.45
C ASN M 194 -52.54 47.67 -7.88
N TYR M 195 -51.59 46.75 -8.08
CA TYR M 195 -50.98 46.48 -9.39
C TYR M 195 -50.07 45.27 -9.30
N PRO M 196 -49.73 44.64 -10.45
CA PRO M 196 -48.72 43.57 -10.45
C PRO M 196 -47.29 44.12 -10.28
N VAL M 197 -46.35 43.22 -9.99
CA VAL M 197 -44.95 43.57 -9.82
C VAL M 197 -44.14 42.51 -10.52
N VAL M 198 -43.05 42.91 -11.19
CA VAL M 198 -42.13 41.92 -11.78
C VAL M 198 -40.72 42.07 -11.23
N THR M 199 -40.03 40.94 -11.09
CA THR M 199 -38.62 40.99 -10.74
C THR M 199 -37.80 40.52 -11.92
N ILE M 200 -36.81 41.33 -12.30
CA ILE M 200 -35.93 41.03 -13.42
C ILE M 200 -34.52 40.80 -12.90
N SER M 201 -33.97 39.62 -13.21
CA SER M 201 -32.60 39.27 -12.85
C SER M 201 -31.60 39.40 -14.01
N VAL M 202 -30.55 40.16 -13.77
CA VAL M 202 -29.48 40.36 -14.73
C VAL M 202 -28.20 39.71 -14.19
N ALA M 203 -27.63 38.78 -14.94
CA ALA M 203 -26.39 38.11 -14.53
C ALA M 203 -25.20 38.71 -15.25
N LYS M 204 -24.17 39.00 -14.48
CA LYS M 204 -22.88 39.42 -15.01
C LYS M 204 -22.02 38.18 -15.21
N VAL M 205 -21.83 37.83 -16.47
CA VAL M 205 -20.91 36.77 -16.84
C VAL M 205 -19.77 37.41 -17.60
N ASP M 206 -18.55 37.19 -17.11
CA ASP M 206 -17.36 37.79 -17.69
C ASP M 206 -17.53 39.32 -17.73
N LYS M 207 -17.64 39.88 -18.92
CA LYS M 207 -17.84 41.31 -19.08
C LYS M 207 -19.25 41.61 -19.58
N TYR M 208 -20.02 40.56 -19.87
CA TYR M 208 -21.35 40.73 -20.44
C TYR M 208 -22.43 40.76 -19.36
N LEU M 209 -23.57 41.38 -19.68
CA LEU M 209 -24.75 41.28 -18.83
C LEU M 209 -25.86 40.51 -19.55
N VAL M 210 -26.57 39.67 -18.80
CA VAL M 210 -27.50 38.70 -19.38
C VAL M 210 -28.82 38.67 -18.60
N VAL M 211 -29.93 38.89 -19.30
CA VAL M 211 -31.25 38.90 -18.70
C VAL M 211 -31.81 37.49 -18.60
N ASP M 212 -32.35 37.14 -17.44
CA ASP M 212 -32.90 35.81 -17.20
C ASP M 212 -31.86 34.72 -17.51
N PRO M 213 -30.89 34.53 -16.60
CA PRO M 213 -29.89 33.49 -16.82
C PRO M 213 -30.49 32.08 -16.68
N ASP M 214 -30.11 31.16 -17.56
CA ASP M 214 -30.56 29.77 -17.41
C ASP M 214 -29.63 29.00 -16.47
N LEU M 215 -29.81 27.70 -16.40
CA LEU M 215 -29.08 26.89 -15.43
C LEU M 215 -27.57 26.94 -15.63
N ASP M 216 -27.13 26.75 -16.88
CA ASP M 216 -25.73 26.83 -17.26
C ASP M 216 -25.17 28.20 -16.99
N GLU M 217 -25.90 29.21 -17.44
CA GLU M 217 -25.50 30.60 -17.31
C GLU M 217 -25.33 31.03 -15.86
N GLU M 218 -26.21 30.52 -14.99
CA GLU M 218 -26.11 30.79 -13.55
C GLU M 218 -24.85 30.18 -12.94
N SER M 219 -24.53 28.95 -13.34
CA SER M 219 -23.38 28.23 -12.79
C SER M 219 -22.03 28.82 -13.21
N ILE M 220 -22.01 29.67 -14.24
CA ILE M 220 -20.77 30.32 -14.69
C ILE M 220 -20.70 31.83 -14.42
N MET M 221 -21.80 32.43 -13.99
CA MET M 221 -21.85 33.87 -13.73
C MET M 221 -20.99 34.27 -12.53
N ASP M 222 -20.50 35.50 -12.52
CA ASP M 222 -19.78 36.04 -11.37
C ASP M 222 -20.77 36.31 -10.25
N ALA M 223 -21.86 36.98 -10.60
CA ALA M 223 -22.92 37.39 -9.70
C ALA M 223 -24.14 37.77 -10.52
N LYS M 224 -25.29 37.84 -9.87
CA LYS M 224 -26.49 38.38 -10.51
C LYS M 224 -27.14 39.43 -9.61
N ILE M 225 -27.91 40.32 -10.22
CA ILE M 225 -28.60 41.38 -9.50
C ILE M 225 -30.05 41.46 -9.98
N SER M 226 -30.96 41.58 -9.04
CA SER M 226 -32.38 41.52 -9.35
C SER M 226 -33.10 42.83 -9.03
N PHE M 227 -33.94 43.25 -9.95
CA PHE M 227 -34.70 44.48 -9.80
C PHE M 227 -36.20 44.24 -9.85
N SER M 228 -36.89 44.73 -8.83
CA SER M 228 -38.33 44.65 -8.77
C SER M 228 -38.94 45.95 -9.22
N TYR M 229 -39.95 45.86 -10.07
CA TYR M 229 -40.57 47.04 -10.64
C TYR M 229 -42.10 47.03 -10.52
N THR M 230 -42.63 48.20 -10.22
CA THR M 230 -44.08 48.45 -10.32
C THR M 230 -44.36 48.85 -11.76
N PRO M 231 -45.63 48.78 -12.20
CA PRO M 231 -46.01 49.06 -13.59
C PRO M 231 -45.53 50.39 -14.16
N ASP M 232 -45.50 51.45 -13.34
CA ASP M 232 -44.99 52.74 -13.82
C ASP M 232 -43.47 52.89 -13.65
N LEU M 233 -42.80 51.80 -13.32
CA LEU M 233 -41.33 51.68 -13.33
C LEU M 233 -40.61 52.38 -12.19
N LYS M 234 -41.19 52.28 -11.01
CA LYS M 234 -40.50 52.64 -9.80
C LYS M 234 -39.78 51.38 -9.34
N ILE M 235 -38.50 51.52 -9.00
CA ILE M 235 -37.74 50.39 -8.43
C ILE M 235 -38.27 50.09 -7.02
N VAL M 236 -38.52 48.81 -6.74
CA VAL M 236 -39.26 48.46 -5.54
C VAL M 236 -38.61 47.29 -4.78
N GLY M 237 -37.40 46.94 -5.22
CA GLY M 237 -36.57 45.95 -4.57
C GLY M 237 -35.34 45.64 -5.40
N ILE M 238 -34.19 45.53 -4.74
CA ILE M 238 -32.92 45.15 -5.39
C ILE M 238 -32.16 44.12 -4.54
N GLN M 239 -31.63 43.08 -5.20
CA GLN M 239 -30.86 42.06 -4.52
C GLN M 239 -29.68 41.54 -5.33
N LYS M 240 -28.47 41.88 -4.90
CA LYS M 240 -27.25 41.28 -5.46
C LYS M 240 -27.06 39.88 -4.88
N SER M 241 -26.56 38.99 -5.72
CA SER M 241 -26.55 37.57 -5.43
C SER M 241 -25.33 36.94 -6.11
N GLY M 242 -24.72 35.97 -5.45
CA GLY M 242 -23.59 35.24 -6.04
C GLY M 242 -22.28 35.52 -5.34
N LYS M 243 -21.33 34.59 -5.52
CA LYS M 243 -20.04 34.64 -4.81
C LYS M 243 -18.99 35.59 -5.43
N GLY M 244 -19.37 36.27 -6.51
CA GLY M 244 -18.50 37.26 -7.14
C GLY M 244 -18.97 38.70 -6.95
N SER M 245 -18.21 39.63 -7.51
CA SER M 245 -18.55 41.03 -7.40
C SER M 245 -18.93 41.63 -8.76
N MET M 246 -19.18 42.95 -8.76
CA MET M 246 -19.77 43.65 -9.89
C MET M 246 -19.37 45.12 -9.80
N SER M 247 -18.97 45.70 -10.93
CA SER M 247 -18.51 47.11 -10.93
C SER M 247 -19.67 48.09 -10.81
N LEU M 248 -19.35 49.36 -10.59
CA LEU M 248 -20.35 50.38 -10.43
C LEU M 248 -21.18 50.53 -11.71
N GLN M 249 -20.49 50.68 -12.85
CA GLN M 249 -21.16 50.85 -14.14
C GLN M 249 -21.89 49.59 -14.55
N ASP M 250 -21.41 48.45 -14.09
CA ASP M 250 -22.09 47.19 -14.31
C ASP M 250 -23.52 47.32 -13.79
N ILE M 251 -23.64 47.77 -12.55
CA ILE M 251 -24.93 47.90 -11.89
C ILE M 251 -25.81 48.92 -12.60
N ASP M 252 -25.22 50.05 -12.97
CA ASP M 252 -25.91 51.09 -13.70
C ASP M 252 -26.61 50.53 -14.93
N GLN M 253 -25.85 49.88 -15.81
CA GLN M 253 -26.40 49.28 -17.03
C GLN M 253 -27.38 48.18 -16.70
N ALA M 254 -27.05 47.39 -15.68
CA ALA M 254 -27.89 46.28 -15.26
C ALA M 254 -29.31 46.78 -15.06
N GLU M 255 -29.44 47.85 -14.26
CA GLU M 255 -30.75 48.42 -13.97
C GLU M 255 -31.41 48.97 -15.23
N ASN M 256 -30.63 49.63 -16.08
CA ASN M 256 -31.13 50.14 -17.37
C ASN M 256 -31.77 49.06 -18.19
N THR M 257 -31.06 47.95 -18.33
CA THR M 257 -31.54 46.81 -19.07
C THR M 257 -32.75 46.22 -18.35
N ALA M 258 -32.58 45.92 -17.06
CA ALA M 258 -33.64 45.32 -16.24
C ALA M 258 -34.96 46.04 -16.44
N ARG M 259 -34.89 47.36 -16.53
CA ARG M 259 -36.04 48.21 -16.62
C ARG M 259 -36.72 48.15 -17.99
N SER M 260 -35.96 48.27 -19.07
CA SER M 260 -36.57 48.23 -20.40
C SER M 260 -37.00 46.83 -20.81
N THR M 261 -36.66 45.86 -19.97
CA THR M 261 -37.17 44.50 -20.09
C THR M 261 -38.44 44.40 -19.30
N ALA M 262 -38.43 44.98 -18.10
CA ALA M 262 -39.57 44.97 -17.20
C ALA M 262 -40.87 45.30 -17.93
N VAL M 263 -40.83 46.31 -18.80
CA VAL M 263 -42.01 46.75 -19.54
C VAL M 263 -42.59 45.58 -20.32
N LYS M 264 -41.74 44.91 -21.08
CA LYS M 264 -42.13 43.79 -21.95
C LYS M 264 -42.67 42.62 -21.14
N LEU M 265 -42.00 42.30 -20.04
CA LEU M 265 -42.45 41.21 -19.18
C LEU M 265 -43.77 41.52 -18.50
N LEU M 266 -43.93 42.76 -18.02
CA LEU M 266 -45.20 43.19 -17.41
C LEU M 266 -46.38 43.05 -18.37
N GLU M 267 -46.14 43.39 -19.64
CA GLU M 267 -47.10 43.27 -20.74
C GLU M 267 -47.58 41.84 -20.84
N GLU M 268 -46.63 40.95 -20.78
CA GLU M 268 -46.91 39.56 -21.00
C GLU M 268 -47.57 38.92 -19.79
N LEU M 269 -47.18 39.36 -18.60
CA LEU M 269 -47.79 38.90 -17.35
C LEU M 269 -49.28 39.26 -17.32
N LYS M 270 -49.58 40.49 -17.71
CA LYS M 270 -50.93 40.98 -17.72
C LYS M 270 -51.81 40.20 -18.69
N LYS M 271 -51.24 39.81 -19.83
CA LYS M 271 -51.95 39.01 -20.81
C LYS M 271 -52.40 37.68 -20.21
N HIS M 272 -51.52 37.07 -19.40
CA HIS M 272 -51.84 35.82 -18.72
C HIS M 272 -52.90 36.04 -17.64
N LEU M 273 -52.91 37.21 -17.02
CA LEU M 273 -53.86 37.50 -15.95
C LEU M 273 -55.16 38.08 -16.46
N GLY M 274 -55.15 38.58 -17.69
CA GLY M 274 -56.34 39.17 -18.27
C GLY M 274 -56.46 40.68 -18.10
N ILE M 275 -55.96 41.39 -19.12
CA ILE M 275 -55.82 42.86 -19.15
C ILE M 275 -55.32 43.33 -17.76
N GLU N 8 -47.10 56.28 15.32
CA GLU N 8 -47.23 57.73 14.98
C GLU N 8 -46.03 58.27 14.19
N ARG N 9 -46.11 58.18 12.85
CA ARG N 9 -45.02 58.57 11.91
C ARG N 9 -44.29 59.90 12.20
N PRO N 10 -43.02 59.82 12.67
CA PRO N 10 -42.18 60.98 12.95
C PRO N 10 -41.71 61.71 11.71
N LYS N 11 -41.60 63.04 11.83
CA LYS N 11 -41.05 63.90 10.81
C LYS N 11 -39.55 63.64 10.77
N LEU N 12 -39.13 62.93 9.72
CA LEU N 12 -37.77 62.40 9.66
C LEU N 12 -36.71 63.47 9.45
N ILE N 13 -36.90 64.34 8.45
CA ILE N 13 -36.10 65.56 8.35
C ILE N 13 -36.93 66.70 8.89
N LEU N 14 -36.43 67.35 9.93
CA LEU N 14 -37.05 68.58 10.43
C LEU N 14 -37.00 69.66 9.37
N ASP N 15 -37.74 70.75 9.61
CA ASP N 15 -37.79 71.88 8.69
C ASP N 15 -36.57 72.80 8.80
N ASP N 16 -35.70 72.53 9.76
CA ASP N 16 -34.41 73.24 9.84
C ASP N 16 -33.40 72.68 8.82
N GLY N 17 -33.81 71.63 8.09
CA GLY N 17 -33.00 71.01 7.03
C GLY N 17 -32.27 69.75 7.45
N LYS N 18 -32.07 69.63 8.75
CA LYS N 18 -31.37 68.55 9.43
C LYS N 18 -32.31 67.41 9.80
N ARG N 19 -31.71 66.26 10.07
CA ARG N 19 -32.45 65.04 10.38
C ARG N 19 -32.83 64.95 11.87
N THR N 20 -33.37 63.81 12.27
CA THR N 20 -33.81 63.59 13.65
C THR N 20 -32.68 63.59 14.69
N ASP N 21 -31.51 63.12 14.29
CA ASP N 21 -30.31 63.19 15.16
C ASP N 21 -29.48 64.44 14.93
N GLY N 22 -30.00 65.39 14.15
CA GLY N 22 -29.32 66.66 13.91
C GLY N 22 -28.25 66.64 12.82
N ARG N 23 -28.19 65.56 12.04
CA ARG N 23 -27.26 65.44 10.91
C ARG N 23 -27.86 65.99 9.63
N LYS N 24 -27.02 66.60 8.81
CA LYS N 24 -27.41 66.99 7.47
C LYS N 24 -27.54 65.73 6.62
N PRO N 25 -28.27 65.81 5.50
CA PRO N 25 -28.48 64.64 4.65
C PRO N 25 -27.20 63.90 4.25
N ASP N 26 -26.06 64.60 4.28
CA ASP N 26 -24.80 64.04 3.80
C ASP N 26 -23.76 63.84 4.90
N GLU N 27 -24.19 63.56 6.12
CA GLU N 27 -23.26 63.39 7.24
C GLU N 27 -23.23 61.97 7.80
N LEU N 28 -22.02 61.43 8.01
CA LEU N 28 -21.85 60.12 8.60
C LEU N 28 -21.98 60.18 10.10
N ARG N 29 -22.42 59.08 10.69
CA ARG N 29 -22.44 58.93 12.14
C ARG N 29 -21.04 58.69 12.67
N SER N 30 -20.88 58.83 13.98
CA SER N 30 -19.56 58.69 14.59
C SER N 30 -19.06 57.26 14.41
N ILE N 31 -17.86 57.15 13.88
CA ILE N 31 -17.23 55.86 13.64
C ILE N 31 -16.12 55.57 14.66
N LYS N 32 -16.08 54.34 15.13
CA LYS N 32 -15.03 53.92 16.05
C LYS N 32 -14.65 52.48 15.72
N ILE N 33 -13.35 52.27 15.48
CA ILE N 33 -12.84 50.96 15.09
C ILE N 33 -11.66 50.57 15.94
N GLU N 34 -11.62 49.31 16.34
CA GLU N 34 -10.41 48.73 16.93
C GLU N 34 -10.23 47.24 16.63
N LEU N 35 -8.99 46.87 16.35
CA LEU N 35 -8.62 45.53 15.94
C LEU N 35 -7.99 44.76 17.08
N GLY N 36 -7.84 43.44 16.87
CA GLY N 36 -7.11 42.57 17.79
C GLY N 36 -7.55 42.64 19.23
N VAL N 37 -8.87 42.75 19.43
CA VAL N 37 -9.45 42.91 20.76
C VAL N 37 -9.68 41.58 21.53
N LEU N 38 -9.77 40.48 20.79
CA LEU N 38 -9.95 39.16 21.39
C LEU N 38 -8.67 38.33 21.35
N LYS N 39 -8.31 37.78 22.50
CA LYS N 39 -7.10 36.97 22.63
C LYS N 39 -7.13 35.68 21.82
N ASN N 40 -8.24 34.97 21.89
CA ASN N 40 -8.31 33.61 21.36
C ASN N 40 -8.60 33.47 19.89
N ALA N 41 -9.23 34.51 19.31
CA ALA N 41 -9.49 34.54 17.87
C ALA N 41 -8.18 34.72 17.11
N ASP N 42 -8.14 34.30 15.85
CA ASP N 42 -6.98 34.55 15.03
C ASP N 42 -6.96 36.00 14.55
N GLY N 43 -8.15 36.59 14.44
CA GLY N 43 -8.32 38.00 14.09
C GLY N 43 -9.60 38.51 14.67
N SER N 44 -9.58 39.74 15.16
CA SER N 44 -10.77 40.35 15.78
C SER N 44 -10.91 41.85 15.51
N ALA N 45 -12.14 42.35 15.57
CA ALA N 45 -12.40 43.77 15.36
C ALA N 45 -13.73 44.15 15.96
N ILE N 46 -13.76 45.33 16.59
CA ILE N 46 -15.02 45.96 16.99
C ILE N 46 -15.25 47.17 16.07
N PHE N 47 -16.45 47.27 15.50
CA PHE N 47 -16.78 48.39 14.65
C PHE N 47 -18.03 49.07 15.18
N GLU N 48 -17.99 50.41 15.25
CA GLU N 48 -19.17 51.21 15.68
C GLU N 48 -19.49 52.36 14.73
N MET N 49 -20.71 52.37 14.19
CA MET N 49 -21.24 53.51 13.47
C MET N 49 -22.43 54.00 14.24
N GLY N 50 -22.35 55.23 14.73
CA GLY N 50 -23.36 55.77 15.65
C GLY N 50 -23.58 54.76 16.76
N ASN N 51 -24.80 54.22 16.84
CA ASN N 51 -25.13 53.28 17.90
C ASN N 51 -25.14 51.81 17.50
N THR N 52 -24.85 51.51 16.23
CA THR N 52 -24.71 50.14 15.82
C THR N 52 -23.27 49.75 16.15
N LYS N 53 -23.08 48.83 17.10
CA LYS N 53 -21.74 48.30 17.43
C LYS N 53 -21.73 46.79 17.25
N ALA N 54 -20.84 46.30 16.38
CA ALA N 54 -20.69 44.87 16.11
C ALA N 54 -19.30 44.40 16.46
N ILE N 55 -19.17 43.12 16.77
CA ILE N 55 -17.87 42.50 17.02
C ILE N 55 -17.71 41.26 16.16
N ALA N 56 -16.55 41.14 15.54
CA ALA N 56 -16.28 40.01 14.70
C ALA N 56 -14.99 39.31 15.12
N ALA N 57 -15.04 37.99 15.08
CA ALA N 57 -13.88 37.16 15.36
C ALA N 57 -13.67 36.25 14.17
N VAL N 58 -12.41 36.04 13.82
CA VAL N 58 -12.04 35.15 12.73
C VAL N 58 -11.21 33.98 13.25
N TYR N 59 -11.50 32.78 12.73
CA TYR N 59 -10.70 31.57 13.02
C TYR N 59 -9.99 31.04 11.78
N GLY N 60 -8.69 31.36 11.73
CA GLY N 60 -7.83 31.29 10.54
C GLY N 60 -7.82 29.97 9.82
N PRO N 61 -7.29 29.94 8.58
CA PRO N 61 -7.48 28.77 7.71
C PRO N 61 -7.11 27.45 8.41
N LYS N 62 -8.10 26.59 8.57
CA LYS N 62 -7.93 25.30 9.23
C LYS N 62 -8.72 24.26 8.46
N GLU N 63 -8.30 23.00 8.55
CA GLU N 63 -8.99 21.90 7.85
C GLU N 63 -10.42 21.68 8.36
N MET N 64 -11.21 20.90 7.61
CA MET N 64 -12.62 20.71 7.98
C MET N 64 -12.91 19.39 8.71
N HIS N 65 -13.62 19.51 9.85
CA HIS N 65 -14.01 18.36 10.69
C HIS N 65 -14.87 17.33 9.96
N PRO N 66 -15.89 17.78 9.18
CA PRO N 66 -16.59 16.88 8.26
C PRO N 66 -15.89 16.87 6.91
N ARG N 67 -15.16 15.79 6.64
CA ARG N 67 -14.24 15.72 5.52
C ARG N 67 -14.86 16.09 4.16
N HIS N 68 -15.96 15.41 3.82
CA HIS N 68 -16.62 15.56 2.51
C HIS N 68 -17.20 16.96 2.22
N LEU N 69 -17.40 17.75 3.27
CA LEU N 69 -17.99 19.09 3.14
C LEU N 69 -16.99 20.16 2.71
N SER N 70 -15.70 19.84 2.76
CA SER N 70 -14.64 20.77 2.35
C SER N 70 -14.67 21.03 0.84
N LEU N 71 -13.80 21.91 0.38
CA LEU N 71 -13.67 22.17 -1.05
C LEU N 71 -12.25 21.90 -1.56
N PRO N 72 -12.14 21.25 -2.75
CA PRO N 72 -10.90 20.72 -3.31
C PRO N 72 -9.81 21.73 -3.66
N ASP N 73 -10.19 22.99 -3.83
CA ASP N 73 -9.27 24.01 -4.30
C ASP N 73 -9.52 25.31 -3.56
N ARG N 74 -10.54 25.32 -2.71
CA ARG N 74 -10.99 26.54 -2.05
C ARG N 74 -11.09 26.39 -0.55
N ALA N 75 -11.06 27.52 0.13
CA ALA N 75 -11.47 27.55 1.51
C ALA N 75 -12.98 27.61 1.51
N VAL N 76 -13.59 27.01 2.52
CA VAL N 76 -15.02 27.16 2.74
C VAL N 76 -15.22 28.25 3.76
N LEU N 77 -15.94 29.31 3.38
CA LEU N 77 -16.27 30.39 4.31
C LEU N 77 -17.45 30.02 5.16
N ARG N 78 -17.30 30.18 6.47
CA ARG N 78 -18.38 29.92 7.40
C ARG N 78 -18.66 31.19 8.13
N VAL N 79 -19.79 31.82 7.80
CA VAL N 79 -20.11 33.14 8.32
C VAL N 79 -21.39 33.09 9.16
N ARG N 80 -21.44 33.89 10.22
CA ARG N 80 -22.61 33.95 11.09
C ARG N 80 -22.89 35.37 11.56
N TYR N 81 -24.02 35.91 11.12
CA TYR N 81 -24.55 37.18 11.61
C TYR N 81 -25.55 36.90 12.72
N HIS N 82 -25.34 37.48 13.89
CA HIS N 82 -26.21 37.20 15.02
C HIS N 82 -26.40 38.44 15.90
N MET N 83 -27.63 38.64 16.35
CA MET N 83 -27.98 39.76 17.21
C MET N 83 -28.21 39.29 18.62
N THR N 84 -27.40 39.84 19.53
CA THR N 84 -27.53 39.55 20.94
C THR N 84 -28.91 40.00 21.40
N PRO N 85 -29.50 39.29 22.37
CA PRO N 85 -30.82 39.62 22.85
C PRO N 85 -30.97 41.03 23.41
N PHE N 86 -29.87 41.67 23.78
CA PHE N 86 -29.94 43.02 24.35
C PHE N 86 -29.36 44.09 23.42
N SER N 87 -29.48 43.83 22.12
CA SER N 87 -28.97 44.75 21.12
C SER N 87 -30.06 45.73 20.68
N THR N 88 -31.31 45.42 21.00
CA THR N 88 -32.44 46.19 20.52
C THR N 88 -33.28 46.68 21.68
N ASP N 89 -34.31 47.46 21.37
CA ASP N 89 -35.14 48.08 22.40
C ASP N 89 -36.01 47.11 23.15
N GLU N 90 -36.36 46.00 22.50
CA GLU N 90 -37.07 44.91 23.15
C GLU N 90 -36.36 43.61 22.85
N ARG N 91 -36.22 42.77 23.88
CA ARG N 91 -35.35 41.60 23.80
C ARG N 91 -35.52 40.78 22.52
N LYS N 92 -34.54 40.87 21.61
CA LYS N 92 -34.49 40.01 20.41
C LYS N 92 -34.28 38.58 20.86
N ASN N 93 -35.02 37.67 20.26
CA ASN N 93 -34.83 36.27 20.56
C ASN N 93 -33.48 35.77 20.03
N PRO N 94 -32.70 35.07 20.88
CA PRO N 94 -31.38 34.54 20.50
C PRO N 94 -31.42 33.58 19.32
N ALA N 95 -32.37 32.64 19.31
CA ALA N 95 -32.49 31.67 18.21
C ALA N 95 -32.67 32.41 16.89
N PRO N 96 -31.90 32.04 15.85
CA PRO N 96 -31.77 32.85 14.62
C PRO N 96 -33.07 33.02 13.84
N SER N 97 -33.36 34.25 13.44
CA SER N 97 -34.57 34.57 12.67
C SER N 97 -34.31 34.46 11.18
N ARG N 98 -35.37 34.50 10.37
CA ARG N 98 -35.23 34.45 8.91
C ARG N 98 -34.36 35.62 8.43
N ARG N 99 -34.61 36.79 8.99
CA ARG N 99 -33.83 37.98 8.74
C ARG N 99 -32.35 37.70 8.97
N GLU N 100 -32.04 37.07 10.10
CA GLU N 100 -30.66 36.73 10.49
C GLU N 100 -30.01 35.75 9.53
N ILE N 101 -30.80 34.83 9.01
CA ILE N 101 -30.33 33.82 8.06
C ILE N 101 -29.97 34.44 6.72
N GLU N 102 -30.90 35.23 6.16
CA GLU N 102 -30.66 35.90 4.90
C GLU N 102 -29.42 36.78 4.98
N LEU N 103 -29.33 37.58 6.03
CA LEU N 103 -28.18 38.45 6.25
C LEU N 103 -26.85 37.70 6.28
N SER N 104 -26.84 36.56 6.96
CA SER N 104 -25.63 35.75 7.04
C SER N 104 -25.14 35.36 5.65
N LYS N 105 -26.08 34.97 4.79
CA LYS N 105 -25.78 34.60 3.41
C LYS N 105 -25.29 35.82 2.64
N VAL N 106 -26.04 36.90 2.72
CA VAL N 106 -25.69 38.10 1.98
C VAL N 106 -24.30 38.58 2.37
N ILE N 107 -23.96 38.45 3.65
CA ILE N 107 -22.63 38.81 4.15
C ILE N 107 -21.56 37.82 3.69
N ARG N 108 -21.81 36.52 3.82
CA ARG N 108 -20.86 35.51 3.38
C ARG N 108 -20.45 35.71 1.93
N GLU N 109 -21.44 35.81 1.02
CA GLU N 109 -21.22 36.09 -0.39
C GLU N 109 -20.42 37.36 -0.61
N ALA N 110 -20.75 38.40 0.12
CA ALA N 110 -20.02 39.65 0.09
C ALA N 110 -18.53 39.39 0.33
N LEU N 111 -18.21 38.67 1.40
CA LEU N 111 -16.83 38.35 1.75
C LEU N 111 -16.12 37.41 0.75
N GLU N 112 -16.89 36.49 0.17
CA GLU N 112 -16.31 35.52 -0.77
C GLU N 112 -15.69 36.21 -1.98
N SER N 113 -16.17 37.39 -2.30
CA SER N 113 -15.65 38.14 -3.44
C SER N 113 -14.36 38.89 -3.09
N ALA N 114 -14.08 39.03 -1.80
CA ALA N 114 -12.87 39.74 -1.34
C ALA N 114 -11.74 38.81 -0.93
N VAL N 115 -12.09 37.81 -0.12
CA VAL N 115 -11.12 36.84 0.37
C VAL N 115 -10.60 35.93 -0.76
N LEU N 116 -9.30 35.69 -0.75
CA LEU N 116 -8.68 34.81 -1.71
C LEU N 116 -8.75 33.37 -1.22
N VAL N 117 -9.96 32.82 -1.25
CA VAL N 117 -10.23 31.45 -0.78
C VAL N 117 -9.47 30.30 -1.50
N GLU N 118 -8.95 30.56 -2.70
CA GLU N 118 -8.22 29.57 -3.50
C GLU N 118 -6.91 29.21 -2.84
N LEU N 119 -6.33 30.16 -2.12
CA LEU N 119 -5.04 29.97 -1.47
C LEU N 119 -5.05 28.86 -0.44
N PHE N 120 -6.22 28.54 0.10
CA PHE N 120 -6.34 27.59 1.20
C PHE N 120 -7.35 26.49 0.91
N PRO N 121 -6.97 25.50 0.08
CA PRO N 121 -7.88 24.39 -0.21
C PRO N 121 -8.08 23.52 1.02
N ARG N 122 -9.22 22.82 1.07
CA ARG N 122 -9.53 21.88 2.16
C ARG N 122 -9.75 22.57 3.50
N THR N 123 -9.59 23.88 3.52
CA THR N 123 -9.64 24.62 4.77
C THR N 123 -10.94 25.38 4.95
N ALA N 124 -11.33 25.55 6.21
CA ALA N 124 -12.47 26.38 6.58
C ALA N 124 -11.97 27.66 7.27
N ILE N 125 -12.56 28.79 6.89
CA ILE N 125 -12.31 30.05 7.57
C ILE N 125 -13.60 30.50 8.24
N ASP N 126 -13.56 30.55 9.56
CA ASP N 126 -14.73 30.90 10.33
C ASP N 126 -14.76 32.39 10.58
N VAL N 127 -15.90 32.99 10.28
CA VAL N 127 -16.14 34.39 10.58
C VAL N 127 -17.41 34.51 11.45
N PHE N 128 -17.22 34.88 12.71
CA PHE N 128 -18.33 35.02 13.63
C PHE N 128 -18.60 36.48 14.02
N THR N 129 -19.86 36.87 13.94
CA THR N 129 -20.25 38.27 14.06
C THR N 129 -21.35 38.42 15.08
N GLU N 130 -21.22 39.41 15.95
CA GLU N 130 -22.25 39.67 16.96
C GLU N 130 -22.65 41.14 17.03
N ILE N 131 -23.93 41.44 16.85
CA ILE N 131 -24.42 42.81 16.99
C ILE N 131 -24.75 43.05 18.46
N LEU N 132 -24.09 44.05 19.04
CA LEU N 132 -24.21 44.37 20.46
C LEU N 132 -25.22 45.49 20.69
N GLN N 133 -25.34 46.39 19.71
CA GLN N 133 -26.45 47.34 19.66
C GLN N 133 -26.85 47.50 18.20
N ALA N 134 -28.14 47.38 17.93
CA ALA N 134 -28.62 47.57 16.58
C ALA N 134 -29.22 48.97 16.47
N ASP N 135 -28.83 49.69 15.42
CA ASP N 135 -29.35 51.02 15.14
C ASP N 135 -29.40 51.25 13.64
N ALA N 136 -29.82 50.21 12.90
CA ALA N 136 -29.86 50.20 11.42
C ALA N 136 -28.47 50.12 10.78
N GLY N 137 -28.40 49.41 9.66
CA GLY N 137 -27.13 49.14 9.02
C GLY N 137 -26.27 48.22 9.85
N SER N 138 -26.93 47.34 10.61
CA SER N 138 -26.27 46.35 11.46
C SER N 138 -25.47 45.40 10.59
N ARG N 139 -26.03 45.09 9.43
CA ARG N 139 -25.43 44.14 8.50
C ARG N 139 -24.14 44.68 7.89
N LEU N 140 -24.04 46.00 7.79
CA LEU N 140 -22.87 46.63 7.20
C LEU N 140 -21.74 46.77 8.22
N VAL N 141 -22.11 47.18 9.44
CA VAL N 141 -21.16 47.27 10.54
C VAL N 141 -20.57 45.87 10.78
N SER N 142 -21.44 44.86 10.79
CA SER N 142 -21.07 43.45 10.86
C SER N 142 -20.07 43.04 9.77
N LEU N 143 -20.40 43.33 8.50
CA LEU N 143 -19.54 42.99 7.35
C LEU N 143 -18.15 43.64 7.40
N MET N 144 -18.10 44.93 7.72
CA MET N 144 -16.86 45.65 7.86
C MET N 144 -16.02 45.13 9.02
N ALA N 145 -16.66 44.91 10.17
CA ALA N 145 -16.02 44.29 11.32
C ALA N 145 -15.34 43.01 10.88
N ALA N 146 -16.08 42.18 10.15
CA ALA N 146 -15.58 40.93 9.60
C ALA N 146 -14.37 41.17 8.70
N SER N 147 -14.51 42.09 7.75
CA SER N 147 -13.45 42.39 6.78
C SER N 147 -12.16 42.73 7.49
N LEU N 148 -12.26 43.57 8.52
CA LEU N 148 -11.12 43.97 9.32
C LEU N 148 -10.61 42.85 10.21
N ALA N 149 -11.51 42.05 10.77
CA ALA N 149 -11.10 40.90 11.58
C ALA N 149 -10.32 39.90 10.74
N LEU N 150 -10.74 39.72 9.49
CA LEU N 150 -10.02 38.90 8.51
C LEU N 150 -8.64 39.46 8.22
N ALA N 151 -8.58 40.78 8.01
CA ALA N 151 -7.33 41.47 7.75
C ALA N 151 -6.43 41.32 8.96
N ASP N 152 -7.02 41.48 10.15
CA ASP N 152 -6.30 41.32 11.39
C ASP N 152 -5.75 39.91 11.48
N ALA N 153 -6.53 38.94 11.03
CA ALA N 153 -6.10 37.53 11.02
C ALA N 153 -4.96 37.26 10.02
N GLY N 154 -4.65 38.26 9.20
CA GLY N 154 -3.56 38.16 8.23
C GLY N 154 -3.96 37.38 6.98
N ILE N 155 -5.25 37.15 6.85
CA ILE N 155 -5.79 36.48 5.69
C ILE N 155 -5.80 37.48 4.52
N PRO N 156 -5.23 37.07 3.37
CA PRO N 156 -5.12 37.99 2.25
C PRO N 156 -6.42 38.13 1.46
N MET N 157 -6.85 39.36 1.25
CA MET N 157 -8.04 39.63 0.46
C MET N 157 -7.68 40.57 -0.68
N ARG N 158 -8.58 40.75 -1.64
CA ARG N 158 -8.35 41.69 -2.74
C ARG N 158 -8.33 43.14 -2.25
N ASP N 159 -9.18 43.42 -1.28
CA ASP N 159 -9.36 44.77 -0.74
C ASP N 159 -10.15 44.68 0.56
N LEU N 160 -10.11 45.74 1.36
CA LEU N 160 -11.00 45.86 2.49
C LEU N 160 -12.40 46.17 1.98
N ILE N 161 -13.42 45.81 2.78
CA ILE N 161 -14.82 46.10 2.42
C ILE N 161 -15.34 47.24 3.28
N ALA N 162 -15.94 48.24 2.64
CA ALA N 162 -16.52 49.39 3.34
C ALA N 162 -17.93 49.60 2.84
N GLY N 163 -18.82 50.01 3.74
CA GLY N 163 -20.24 50.16 3.38
C GLY N 163 -21.08 51.13 4.20
N VAL N 164 -22.10 51.70 3.54
CA VAL N 164 -23.11 52.54 4.18
C VAL N 164 -24.50 52.14 3.74
N ALA N 165 -25.45 52.41 4.63
CA ALA N 165 -26.87 52.42 4.28
C ALA N 165 -27.17 53.83 3.74
N VAL N 166 -27.72 53.90 2.54
CA VAL N 166 -28.16 55.17 2.00
C VAL N 166 -29.67 55.05 1.74
N GLY N 167 -30.41 56.15 1.88
CA GLY N 167 -31.87 56.07 1.78
C GLY N 167 -32.59 57.33 1.36
N LYS N 168 -33.92 57.26 1.38
CA LYS N 168 -34.79 58.40 1.08
C LYS N 168 -35.71 58.66 2.26
N ALA N 169 -35.65 59.86 2.83
CA ALA N 169 -36.34 60.18 4.07
C ALA N 169 -37.70 60.79 3.82
N ASP N 170 -37.78 62.12 3.80
CA ASP N 170 -39.00 62.81 3.44
C ASP N 170 -38.84 63.30 2.01
N GLY N 171 -38.60 62.36 1.11
CA GLY N 171 -38.31 62.65 -0.29
C GLY N 171 -36.91 63.21 -0.46
N VAL N 172 -36.16 63.26 0.65
CA VAL N 172 -34.77 63.71 0.63
C VAL N 172 -33.87 62.50 0.72
N ILE N 173 -32.88 62.44 -0.18
CA ILE N 173 -31.90 61.38 -0.14
C ILE N 173 -30.90 61.65 0.97
N ILE N 174 -30.71 60.66 1.84
CA ILE N 174 -29.87 60.80 3.04
C ILE N 174 -28.82 59.67 3.17
N LEU N 175 -27.72 60.01 3.85
CA LEU N 175 -26.60 59.09 4.00
C LEU N 175 -26.54 58.54 5.43
N ASP N 176 -26.35 57.22 5.55
CA ASP N 176 -26.17 56.52 6.84
C ASP N 176 -27.41 56.61 7.74
N LEU N 177 -28.24 55.58 7.67
CA LEU N 177 -29.56 55.65 8.28
C LEU N 177 -29.64 55.39 9.78
N ASN N 178 -30.60 56.05 10.43
CA ASN N 178 -31.00 55.83 11.81
C ASN N 178 -31.84 54.59 11.96
N GLU N 179 -32.02 54.18 13.20
CA GLU N 179 -33.07 53.23 13.55
C GLU N 179 -34.39 53.82 13.04
N THR N 180 -34.59 55.10 13.36
CA THR N 180 -35.79 55.85 13.00
C THR N 180 -35.96 55.98 11.50
N GLU N 181 -34.87 56.33 10.83
CA GLU N 181 -34.89 56.59 9.40
C GLU N 181 -35.15 55.33 8.59
N ASP N 182 -34.69 54.20 9.12
CA ASP N 182 -34.91 52.90 8.49
C ASP N 182 -36.40 52.51 8.46
N MET N 183 -37.14 52.80 9.54
CA MET N 183 -38.55 52.38 9.65
C MET N 183 -39.52 53.29 8.93
N TRP N 184 -39.25 54.59 8.96
CA TRP N 184 -40.23 55.54 8.45
C TRP N 184 -39.93 56.09 7.06
N GLY N 185 -38.68 55.97 6.61
CA GLY N 185 -38.29 56.46 5.29
C GLY N 185 -38.78 55.57 4.16
N GLU N 186 -38.96 56.16 2.99
CA GLU N 186 -39.43 55.43 1.80
C GLU N 186 -38.48 54.31 1.34
N ALA N 187 -37.19 54.44 1.63
CA ALA N 187 -36.18 53.52 1.11
C ALA N 187 -35.01 53.35 2.05
N ASP N 188 -34.48 52.13 2.04
CA ASP N 188 -33.30 51.74 2.81
C ASP N 188 -32.47 50.88 1.87
N MET N 189 -31.28 51.36 1.54
CA MET N 189 -30.43 50.71 0.55
C MET N 189 -28.98 50.53 1.04
N PRO N 190 -28.72 49.44 1.76
CA PRO N 190 -27.34 49.04 2.06
C PRO N 190 -26.47 48.75 0.82
N ILE N 191 -25.27 49.32 0.81
CA ILE N 191 -24.28 49.13 -0.27
C ILE N 191 -22.87 48.93 0.29
N ALA N 192 -22.19 47.87 -0.15
CA ALA N 192 -20.81 47.60 0.28
C ALA N 192 -19.85 47.48 -0.91
N MET N 193 -18.62 47.98 -0.73
CA MET N 193 -17.63 48.05 -1.82
C MET N 193 -16.24 47.57 -1.43
N MET N 194 -15.50 47.12 -2.44
CA MET N 194 -14.05 47.09 -2.39
C MET N 194 -13.61 48.39 -3.08
N PRO N 195 -13.45 49.48 -2.32
CA PRO N 195 -13.43 50.84 -2.87
C PRO N 195 -12.28 51.09 -3.84
N SER N 196 -11.14 50.47 -3.57
CA SER N 196 -9.97 50.63 -4.42
C SER N 196 -10.20 50.01 -5.79
N LEU N 197 -10.95 48.91 -5.82
CA LEU N 197 -11.24 48.20 -7.06
C LEU N 197 -12.55 48.68 -7.69
N ASN N 198 -13.24 49.59 -7.00
CA ASN N 198 -14.58 50.05 -7.40
C ASN N 198 -15.58 48.93 -7.67
N GLN N 199 -15.65 48.01 -6.71
CA GLN N 199 -16.39 46.78 -6.83
C GLN N 199 -17.45 46.68 -5.76
N VAL N 200 -18.69 46.46 -6.20
CA VAL N 200 -19.82 46.30 -5.29
C VAL N 200 -19.92 44.86 -4.79
N THR N 201 -19.98 44.74 -3.47
CA THR N 201 -19.79 43.49 -2.77
C THR N 201 -21.13 43.00 -2.21
N LEU N 202 -21.90 43.95 -1.69
CA LEU N 202 -23.25 43.73 -1.19
C LEU N 202 -24.09 44.88 -1.71
N PHE N 203 -25.29 44.56 -2.18
CA PHE N 203 -26.20 45.58 -2.68
C PHE N 203 -27.65 45.17 -2.48
N GLN N 204 -28.39 45.95 -1.69
CA GLN N 204 -29.80 45.66 -1.42
C GLN N 204 -30.62 46.94 -1.32
N LEU N 205 -31.83 46.89 -1.85
CA LEU N 205 -32.79 47.94 -1.60
C LEU N 205 -34.11 47.36 -1.13
N ASN N 206 -34.62 47.88 -0.02
CA ASN N 206 -36.00 47.66 0.36
C ASN N 206 -36.74 48.98 0.49
N GLY N 207 -37.86 49.08 -0.19
CA GLY N 207 -38.58 50.32 -0.26
C GLY N 207 -38.75 50.71 -1.71
N SER N 208 -38.86 52.02 -1.94
CA SER N 208 -39.26 52.52 -3.24
C SER N 208 -38.38 53.68 -3.70
N MET N 209 -37.98 53.64 -4.98
CA MET N 209 -37.17 54.69 -5.60
C MET N 209 -37.39 54.81 -7.11
N THR N 210 -37.38 56.05 -7.61
CA THR N 210 -37.34 56.27 -9.05
C THR N 210 -35.91 56.02 -9.51
N PRO N 211 -35.73 55.50 -10.74
CA PRO N 211 -34.39 55.26 -11.27
C PRO N 211 -33.40 56.41 -11.00
N ASP N 212 -33.88 57.66 -11.05
CA ASP N 212 -33.05 58.84 -10.75
C ASP N 212 -32.58 58.84 -9.31
N GLU N 213 -33.53 58.81 -8.39
CA GLU N 213 -33.25 58.79 -6.94
C GLU N 213 -32.29 57.68 -6.61
N PHE N 214 -32.50 56.52 -7.23
CA PHE N 214 -31.62 55.36 -7.12
C PHE N 214 -30.18 55.74 -7.46
N ARG N 215 -30.00 56.37 -8.62
CA ARG N 215 -28.67 56.80 -9.05
C ARG N 215 -28.05 57.91 -8.22
N GLN N 216 -28.87 58.80 -7.67
CA GLN N 216 -28.38 59.86 -6.79
C GLN N 216 -27.86 59.29 -5.50
N ALA N 217 -28.71 58.49 -4.83
CA ALA N 217 -28.37 57.81 -3.59
C ALA N 217 -27.09 56.97 -3.74
N PHE N 218 -26.99 56.32 -4.89
CA PHE N 218 -25.82 55.54 -5.28
C PHE N 218 -24.52 56.38 -5.26
N ASP N 219 -24.57 57.56 -5.89
CA ASP N 219 -23.44 58.47 -5.95
C ASP N 219 -22.98 58.89 -4.57
N LEU N 220 -23.96 59.15 -3.70
CA LEU N 220 -23.72 59.58 -2.34
C LEU N 220 -23.10 58.46 -1.51
N ALA N 221 -23.65 57.25 -1.64
CA ALA N 221 -23.14 56.07 -0.95
C ALA N 221 -21.63 55.91 -1.15
N VAL N 222 -21.17 56.13 -2.39
CA VAL N 222 -19.74 56.05 -2.73
C VAL N 222 -18.91 57.04 -1.90
N LYS N 223 -19.29 58.31 -1.95
CA LYS N 223 -18.58 59.35 -1.21
C LYS N 223 -18.44 59.00 0.26
N GLY N 224 -19.52 58.44 0.83
CA GLY N 224 -19.49 57.96 2.22
C GLY N 224 -18.51 56.82 2.40
N ILE N 225 -18.69 55.77 1.58
CA ILE N 225 -17.83 54.61 1.61
C ILE N 225 -16.34 54.96 1.58
N ASN N 226 -15.97 55.97 0.80
CA ASN N 226 -14.58 56.37 0.66
C ASN N 226 -14.00 56.92 1.95
N ILE N 227 -14.78 57.75 2.63
CA ILE N 227 -14.38 58.29 3.92
C ILE N 227 -14.18 57.16 4.96
N ILE N 228 -15.10 56.21 4.97
CA ILE N 228 -15.04 55.04 5.85
C ILE N 228 -13.82 54.17 5.55
N TYR N 229 -13.59 53.93 4.26
CA TYR N 229 -12.46 53.14 3.77
C TYR N 229 -11.12 53.66 4.25
N ASN N 230 -11.00 54.98 4.37
CA ASN N 230 -9.79 55.62 4.88
C ASN N 230 -9.55 55.35 6.35
N LEU N 231 -10.64 55.31 7.11
CA LEU N 231 -10.54 55.00 8.54
C LEU N 231 -10.15 53.54 8.72
N GLU N 232 -10.62 52.69 7.82
CA GLU N 232 -10.28 51.27 7.82
C GLU N 232 -8.78 51.06 7.60
N ARG N 233 -8.23 51.71 6.58
CA ARG N 233 -6.81 51.72 6.35
C ARG N 233 -6.04 52.18 7.58
N GLU N 234 -6.56 53.22 8.23
CA GLU N 234 -5.95 53.79 9.42
C GLU N 234 -6.01 52.81 10.60
N ALA N 235 -7.16 52.16 10.77
CA ALA N 235 -7.35 51.20 11.84
C ALA N 235 -6.39 50.04 11.70
N LEU N 236 -6.00 49.77 10.46
CA LEU N 236 -5.11 48.67 10.15
C LEU N 236 -3.71 49.00 10.67
N LYS N 237 -3.26 50.21 10.37
CA LYS N 237 -1.94 50.68 10.80
C LYS N 237 -1.83 50.89 12.31
N SER N 238 -2.76 51.66 12.89
CA SER N 238 -2.64 52.06 14.30
C SER N 238 -3.50 51.26 15.27
N LYS N 239 -4.21 50.24 14.75
CA LYS N 239 -5.05 49.35 15.56
C LYS N 239 -6.24 50.01 16.28
N TYR N 240 -6.34 51.34 16.19
CA TYR N 240 -7.41 52.09 16.86
C TYR N 240 -7.76 53.40 16.17
N VAL N 241 -9.06 53.60 15.89
CA VAL N 241 -9.52 54.76 15.15
C VAL N 241 -10.81 55.34 15.74
N GLU N 242 -10.85 56.65 15.91
CA GLU N 242 -12.08 57.33 16.27
C GLU N 242 -12.35 58.48 15.31
N PHE N 243 -13.63 58.69 15.02
CA PHE N 243 -14.06 59.69 14.04
C PHE N 243 -15.35 60.36 14.48
N LYS N 244 -15.25 61.62 14.89
CA LYS N 244 -16.43 62.41 15.22
C LYS N 244 -17.16 62.70 13.91
N GLU N 245 -18.50 62.66 13.94
CA GLU N 245 -19.36 62.83 12.75
C GLU N 245 -19.01 64.05 11.91
N GLU N 246 -19.15 63.92 10.59
CA GLU N 246 -19.12 65.09 9.71
C GLU N 246 -19.53 64.76 8.30
N GLY N 247 -19.72 65.83 7.52
CA GLY N 247 -20.28 65.76 6.19
C GLY N 247 -19.38 65.18 5.13
N VAL N 248 -20.02 64.47 4.20
CA VAL N 248 -19.39 63.73 3.09
C VAL N 248 -18.75 64.64 2.03
N MET O 1 -38.07 13.03 5.86
CA MET O 1 -37.81 12.01 4.79
C MET O 1 -37.47 10.60 5.29
N SER O 2 -38.12 9.59 4.71
CA SER O 2 -37.94 8.19 5.10
C SER O 2 -36.92 7.49 4.24
N SER O 3 -36.07 6.66 4.86
CA SER O 3 -35.03 5.95 4.12
C SER O 3 -34.69 4.57 4.68
N THR O 4 -34.26 3.67 3.80
CA THR O 4 -33.95 2.28 4.16
C THR O 4 -32.99 2.25 5.35
N PRO O 5 -33.34 1.48 6.41
CA PRO O 5 -32.50 1.41 7.59
C PRO O 5 -31.14 0.78 7.29
N SER O 6 -30.08 1.53 7.57
CA SER O 6 -28.70 1.09 7.30
C SER O 6 -28.14 0.19 8.42
N ASN O 7 -28.64 0.37 9.65
CA ASN O 7 -28.36 -0.51 10.81
C ASN O 7 -28.89 -1.93 10.57
N GLN O 8 -28.39 -2.52 9.47
CA GLN O 8 -28.97 -3.68 8.79
C GLN O 8 -29.46 -4.84 9.68
N ASN O 9 -28.58 -5.34 10.55
CA ASN O 9 -28.76 -6.67 11.20
C ASN O 9 -29.02 -7.68 10.09
N ILE O 10 -28.32 -7.44 8.97
CA ILE O 10 -28.37 -8.28 7.79
C ILE O 10 -27.97 -9.69 8.19
N ILE O 11 -28.99 -10.47 8.58
CA ILE O 11 -28.85 -11.83 9.11
C ILE O 11 -28.62 -12.89 8.00
N PRO O 12 -27.42 -13.53 8.00
CA PRO O 12 -26.91 -14.35 6.88
C PRO O 12 -27.90 -15.31 6.23
N ILE O 13 -27.61 -15.64 4.97
CA ILE O 13 -28.41 -16.57 4.20
C ILE O 13 -28.57 -17.86 5.00
N ILE O 14 -27.46 -18.38 5.50
CA ILE O 14 -27.37 -19.68 6.18
C ILE O 14 -28.33 -19.80 7.37
N LYS O 15 -28.29 -18.81 8.26
CA LYS O 15 -29.14 -18.82 9.45
C LYS O 15 -30.62 -18.89 9.10
N LYS O 16 -31.00 -18.30 7.97
CA LYS O 16 -32.39 -18.30 7.55
C LYS O 16 -32.98 -19.69 7.31
N GLU O 17 -32.30 -20.58 6.60
CA GLU O 17 -32.92 -21.90 6.32
C GLU O 17 -32.73 -22.91 7.45
N SER O 18 -31.95 -22.55 8.47
CA SER O 18 -31.98 -23.29 9.72
C SER O 18 -33.36 -23.14 10.29
N ILE O 19 -33.84 -21.90 10.31
CA ILE O 19 -35.15 -21.59 10.85
C ILE O 19 -36.25 -22.11 9.93
N VAL O 20 -36.07 -21.96 8.62
CA VAL O 20 -37.08 -22.42 7.66
C VAL O 20 -37.22 -23.93 7.66
N SER O 21 -36.08 -24.63 7.72
CA SER O 21 -36.07 -26.10 7.79
C SER O 21 -36.83 -26.64 8.99
N LEU O 22 -36.86 -25.86 10.06
CA LEU O 22 -37.63 -26.17 11.27
C LEU O 22 -39.10 -25.91 11.01
N PHE O 23 -39.40 -24.79 10.36
CA PHE O 23 -40.79 -24.40 10.03
C PHE O 23 -41.45 -25.47 9.20
N GLU O 24 -40.65 -26.09 8.34
CA GLU O 24 -41.08 -27.18 7.48
C GLU O 24 -41.58 -28.37 8.30
N LYS O 25 -41.05 -28.51 9.52
CA LYS O 25 -41.48 -29.55 10.46
C LYS O 25 -42.50 -28.99 11.46
N GLY O 26 -42.98 -27.78 11.20
CA GLY O 26 -44.00 -27.16 12.04
C GLY O 26 -43.55 -26.75 13.44
N ILE O 27 -42.25 -26.58 13.64
CA ILE O 27 -41.69 -26.15 14.91
C ILE O 27 -40.74 -24.95 14.75
N ARG O 28 -40.49 -24.23 15.83
CA ARG O 28 -39.54 -23.12 15.82
C ARG O 28 -38.37 -23.37 16.76
N GLN O 29 -37.45 -22.40 16.81
CA GLN O 29 -36.25 -22.50 17.62
C GLN O 29 -36.59 -22.64 19.10
N ASP O 30 -37.42 -21.72 19.60
CA ASP O 30 -37.84 -21.71 21.02
C ASP O 30 -38.70 -22.92 21.43
N GLY O 31 -39.31 -23.58 20.44
CA GLY O 31 -40.05 -24.81 20.69
C GLY O 31 -41.50 -24.75 20.29
N ARG O 32 -42.04 -23.54 20.23
CA ARG O 32 -43.45 -23.37 19.95
C ARG O 32 -43.87 -23.71 18.50
N LYS O 33 -45.15 -24.01 18.34
CA LYS O 33 -45.75 -24.29 17.03
C LYS O 33 -45.85 -23.01 16.23
N LEU O 34 -46.15 -23.13 14.94
CA LEU O 34 -46.15 -21.98 14.03
C LEU O 34 -47.17 -20.92 14.41
N THR O 35 -48.22 -21.33 15.12
CA THR O 35 -49.32 -20.42 15.48
C THR O 35 -49.33 -20.01 16.96
N ASP O 36 -48.30 -20.44 17.70
CA ASP O 36 -48.22 -20.20 19.15
C ASP O 36 -47.76 -18.79 19.55
N TYR O 37 -48.22 -18.34 20.71
CA TYR O 37 -47.73 -17.12 21.30
C TYR O 37 -46.64 -17.35 22.32
N ARG O 38 -45.70 -16.42 22.40
CA ARG O 38 -44.67 -16.44 23.45
C ARG O 38 -45.28 -16.27 24.85
N PRO O 39 -44.57 -16.71 25.92
CA PRO O 39 -45.11 -16.61 27.27
C PRO O 39 -45.39 -15.17 27.62
N LEU O 40 -46.54 -14.91 28.23
CA LEU O 40 -46.99 -13.55 28.48
C LEU O 40 -47.11 -13.27 29.98
N SER O 41 -46.42 -12.23 30.45
CA SER O 41 -46.56 -11.76 31.83
C SER O 41 -47.04 -10.34 31.83
N ILE O 42 -47.99 -10.02 32.70
CA ILE O 42 -48.43 -8.64 32.87
C ILE O 42 -48.46 -8.33 34.37
N THR O 43 -47.76 -7.25 34.71
CA THR O 43 -47.75 -6.69 36.06
C THR O 43 -48.43 -5.34 36.03
N LEU O 44 -49.61 -5.25 36.65
CA LEU O 44 -50.37 -4.02 36.65
C LEU O 44 -49.86 -3.04 37.69
N ASP O 45 -50.22 -1.77 37.52
CA ASP O 45 -49.80 -0.68 38.40
C ASP O 45 -48.32 -0.79 38.72
N TYR O 46 -47.49 -0.79 37.67
CA TYR O 46 -46.06 -0.91 37.87
C TYR O 46 -45.40 0.42 38.21
N ALA O 47 -45.61 1.44 37.36
CA ALA O 47 -45.15 2.79 37.67
C ALA O 47 -46.16 3.41 38.62
N LYS O 48 -45.75 3.63 39.86
CA LYS O 48 -46.67 4.05 40.92
C LYS O 48 -47.18 5.45 40.69
N LYS O 49 -46.35 6.31 40.10
CA LYS O 49 -46.76 7.69 39.90
C LYS O 49 -47.62 7.92 38.65
N ALA O 50 -47.91 6.84 37.92
CA ALA O 50 -48.87 6.88 36.81
C ALA O 50 -50.28 6.78 37.35
N ASP O 51 -51.25 7.16 36.52
CA ASP O 51 -52.66 7.00 36.89
C ASP O 51 -53.08 5.54 36.74
N GLY O 52 -52.60 4.91 35.67
CA GLY O 52 -52.68 3.46 35.49
C GLY O 52 -51.43 3.03 34.73
N SER O 53 -50.91 1.85 35.01
CA SER O 53 -49.69 1.39 34.35
C SER O 53 -49.70 -0.10 34.20
N ALA O 54 -48.89 -0.58 33.27
CA ALA O 54 -48.76 -2.02 33.03
C ALA O 54 -47.40 -2.40 32.44
N LEU O 55 -46.74 -3.37 33.07
CA LEU O 55 -45.48 -3.88 32.56
C LEU O 55 -45.74 -5.23 31.93
N VAL O 56 -45.54 -5.28 30.61
CA VAL O 56 -45.86 -6.47 29.83
C VAL O 56 -44.58 -7.13 29.36
N LYS O 57 -44.46 -8.44 29.58
CA LYS O 57 -43.37 -9.26 29.02
C LYS O 57 -43.94 -10.27 28.05
N LEU O 58 -43.79 -9.99 26.76
CA LEU O 58 -44.12 -10.95 25.73
C LEU O 58 -42.81 -11.54 25.22
N GLY O 59 -42.51 -12.77 25.63
CA GLY O 59 -41.20 -13.37 25.39
C GLY O 59 -40.16 -12.49 26.05
N THR O 60 -39.17 -12.08 25.28
CA THR O 60 -38.10 -11.22 25.79
C THR O 60 -38.36 -9.73 25.54
N THR O 61 -39.47 -9.42 24.86
CA THR O 61 -39.90 -8.05 24.66
C THR O 61 -40.46 -7.52 25.95
N MET O 62 -40.11 -6.28 26.30
CA MET O 62 -40.69 -5.60 27.46
C MET O 62 -41.21 -4.22 27.14
N VAL O 63 -42.44 -3.98 27.52
CA VAL O 63 -43.06 -2.70 27.30
C VAL O 63 -43.64 -2.26 28.63
N LEU O 64 -43.44 -0.99 28.97
CA LEU O 64 -44.13 -0.39 30.09
C LEU O 64 -44.99 0.75 29.58
N ALA O 65 -46.31 0.61 29.75
CA ALA O 65 -47.26 1.66 29.39
C ALA O 65 -47.81 2.33 30.64
N GLY O 66 -47.97 3.64 30.58
CA GLY O 66 -48.50 4.38 31.70
C GLY O 66 -49.44 5.46 31.21
N THR O 67 -50.55 5.64 31.93
CA THR O 67 -51.49 6.72 31.64
C THR O 67 -51.32 7.89 32.61
N LYS O 68 -51.69 9.07 32.11
CA LYS O 68 -51.69 10.28 32.90
C LYS O 68 -52.88 11.14 32.42
N LEU O 69 -53.78 11.50 33.35
CA LEU O 69 -54.99 12.25 33.02
C LEU O 69 -54.85 13.73 33.27
N GLU O 70 -55.43 14.53 32.38
CA GLU O 70 -55.37 15.97 32.49
C GLU O 70 -56.66 16.58 32.01
N ILE O 71 -57.03 17.72 32.58
CA ILE O 71 -58.24 18.42 32.19
C ILE O 71 -57.90 19.52 31.18
N ASP O 72 -58.54 19.45 30.01
CA ASP O 72 -58.29 20.39 28.91
C ASP O 72 -59.60 20.86 28.30
N LYS O 73 -59.57 22.01 27.63
CA LYS O 73 -60.65 22.39 26.71
C LYS O 73 -60.55 21.43 25.52
N PRO O 74 -61.68 20.86 25.07
CA PRO O 74 -61.62 19.94 23.95
C PRO O 74 -61.27 20.65 22.64
N TYR O 75 -60.68 19.93 21.68
CA TYR O 75 -60.41 20.45 20.33
C TYR O 75 -61.62 21.25 19.84
N GLU O 76 -61.38 22.41 19.24
CA GLU O 76 -62.46 23.21 18.63
C GLU O 76 -63.16 22.40 17.55
N ASP O 77 -62.41 21.47 16.94
CA ASP O 77 -62.96 20.52 15.97
C ASP O 77 -63.97 19.53 16.61
N THR O 78 -63.59 18.91 17.73
CA THR O 78 -64.39 17.85 18.36
C THR O 78 -64.84 18.23 19.77
N PRO O 79 -65.89 19.06 19.89
CA PRO O 79 -66.24 19.74 21.14
C PRO O 79 -66.92 18.85 22.19
N ASN O 80 -67.27 17.63 21.81
CA ASN O 80 -67.96 16.70 22.71
C ASN O 80 -67.20 15.43 23.00
N GLN O 81 -65.89 15.57 23.12
CA GLN O 81 -65.00 14.45 23.31
C GLN O 81 -63.83 14.80 24.18
N GLY O 82 -63.46 13.83 25.02
CA GLY O 82 -62.15 13.80 25.64
C GLY O 82 -61.08 13.44 24.60
N ASN O 83 -59.83 13.70 24.96
CA ASN O 83 -58.73 13.52 24.02
C ASN O 83 -57.88 12.31 24.40
N LEU O 84 -57.39 11.59 23.38
CA LEU O 84 -56.46 10.48 23.56
C LEU O 84 -55.16 10.77 22.85
N ILE O 85 -54.05 10.66 23.58
CA ILE O 85 -52.73 10.83 23.00
C ILE O 85 -51.79 9.68 23.37
N VAL O 86 -51.59 8.77 22.41
CA VAL O 86 -50.64 7.67 22.52
C VAL O 86 -49.33 8.07 21.89
N ASN O 87 -48.32 8.37 22.71
CA ASN O 87 -46.96 8.56 22.24
C ASN O 87 -46.18 7.29 22.56
N VAL O 88 -45.30 6.86 21.64
CA VAL O 88 -44.47 5.66 21.84
C VAL O 88 -42.98 5.97 21.71
N GLU O 89 -42.20 5.34 22.59
CA GLU O 89 -40.76 5.54 22.68
C GLU O 89 -40.03 4.21 22.51
N LEU O 90 -39.19 4.14 21.49
CA LEU O 90 -38.24 3.05 21.36
C LEU O 90 -36.94 3.59 21.92
N LEU O 91 -36.72 3.39 23.21
CA LEU O 91 -35.48 3.85 23.82
C LEU O 91 -34.37 2.91 23.35
N PRO O 92 -33.12 3.42 23.31
CA PRO O 92 -32.00 2.59 22.86
C PRO O 92 -31.64 1.47 23.84
N LEU O 93 -32.27 1.47 25.02
CA LEU O 93 -32.15 0.39 26.03
C LEU O 93 -32.70 -0.94 25.47
N ALA O 94 -33.45 -0.84 24.39
CA ALA O 94 -34.08 -2.00 23.76
C ALA O 94 -33.13 -2.73 22.80
N TYR O 95 -32.31 -1.94 22.07
CA TYR O 95 -31.46 -2.46 20.98
C TYR O 95 -30.16 -1.63 20.80
N GLU O 96 -29.03 -2.29 20.54
CA GLU O 96 -27.76 -1.59 20.26
C GLU O 96 -27.87 -0.70 19.02
N THR O 97 -28.59 -1.22 18.01
CA THR O 97 -28.85 -0.53 16.74
C THR O 97 -29.64 0.78 16.89
N PHE O 98 -30.09 1.10 18.11
CA PHE O 98 -30.89 2.31 18.37
C PHE O 98 -30.04 3.45 18.92
N GLU O 99 -30.51 4.66 18.65
CA GLU O 99 -29.92 5.89 19.13
C GLU O 99 -31.03 6.62 19.89
N PRO O 100 -30.69 7.73 20.62
CA PRO O 100 -31.70 8.54 21.32
C PRO O 100 -32.53 9.46 20.38
N GLY O 101 -32.79 10.71 20.81
CA GLY O 101 -33.54 11.71 20.01
C GLY O 101 -35.01 11.38 19.81
N PRO O 102 -35.93 12.32 20.15
CA PRO O 102 -37.38 12.04 20.15
C PRO O 102 -37.93 11.23 18.93
N PRO O 103 -38.92 10.32 19.16
CA PRO O 103 -39.53 9.29 18.29
C PRO O 103 -39.37 9.39 16.77
N ASP O 104 -39.12 8.24 16.17
CA ASP O 104 -38.80 8.13 14.77
C ASP O 104 -39.82 7.27 14.03
N GLU O 105 -39.65 7.23 12.71
CA GLU O 105 -40.44 6.45 11.77
C GLU O 105 -41.12 5.21 12.33
N ASN O 106 -40.44 4.43 13.16
CA ASN O 106 -41.05 3.24 13.73
C ASN O 106 -41.96 3.56 14.91
N ALA O 107 -41.40 4.25 15.90
CA ALA O 107 -42.13 4.60 17.12
C ALA O 107 -43.39 5.41 16.86
N ILE O 108 -43.34 6.31 15.87
CA ILE O 108 -44.54 7.01 15.43
C ILE O 108 -45.54 6.05 14.79
N GLU O 109 -45.06 5.14 13.94
CA GLU O 109 -45.95 4.17 13.30
C GLU O 109 -46.65 3.31 14.35
N LEU O 110 -45.90 2.83 15.34
CA LEU O 110 -46.47 2.03 16.42
C LEU O 110 -47.58 2.78 17.16
N ALA O 111 -47.27 4.00 17.55
CA ALA O 111 -48.24 4.84 18.23
C ALA O 111 -49.53 5.01 17.45
N ARG O 112 -49.42 5.37 16.18
CA ARG O 112 -50.60 5.61 15.38
C ARG O 112 -51.41 4.34 15.19
N VAL O 113 -50.71 3.23 15.07
CA VAL O 113 -51.36 1.93 14.88
C VAL O 113 -52.11 1.51 16.14
N VAL O 114 -51.49 1.70 17.30
CA VAL O 114 -52.15 1.48 18.58
C VAL O 114 -53.32 2.46 18.77
N ASP O 115 -53.06 3.74 18.50
CA ASP O 115 -54.07 4.78 18.56
C ASP O 115 -55.31 4.39 17.77
N ARG O 116 -55.12 4.04 16.50
CA ARG O 116 -56.26 3.77 15.62
C ARG O 116 -57.11 2.57 16.04
N SER O 117 -56.50 1.58 16.66
CA SER O 117 -57.27 0.42 17.08
C SER O 117 -57.91 0.58 18.44
N LEU O 118 -57.53 1.61 19.19
CA LEU O 118 -58.28 2.00 20.39
C LEU O 118 -59.43 2.96 20.05
N ARG O 119 -59.14 3.89 19.15
CA ARG O 119 -60.03 4.98 18.78
C ARG O 119 -61.19 4.52 17.86
N ASP O 120 -60.82 3.78 16.80
CA ASP O 120 -61.78 3.31 15.79
C ASP O 120 -62.60 2.14 16.31
N SER O 121 -62.12 1.48 17.35
CA SER O 121 -62.85 0.38 17.96
C SER O 121 -63.84 0.87 19.02
N LYS O 122 -63.78 2.14 19.40
CA LYS O 122 -64.53 2.61 20.55
C LYS O 122 -64.24 1.75 21.79
N ALA O 123 -63.04 1.21 21.87
CA ALA O 123 -62.63 0.43 23.05
C ALA O 123 -62.62 1.37 24.24
N LEU O 124 -62.13 2.59 24.01
CA LEU O 124 -62.27 3.67 24.98
C LEU O 124 -63.25 4.69 24.44
N ASP O 125 -64.30 4.96 25.20
CA ASP O 125 -65.33 5.89 24.75
C ASP O 125 -64.97 7.33 25.09
N LEU O 126 -64.54 8.06 24.06
CA LEU O 126 -64.06 9.42 24.24
C LEU O 126 -65.19 10.40 24.54
N THR O 127 -66.41 10.04 24.14
CA THR O 127 -67.58 10.90 24.40
C THR O 127 -67.97 10.89 25.89
N LYS O 128 -67.53 9.87 26.60
CA LYS O 128 -67.84 9.74 28.00
C LYS O 128 -66.75 10.34 28.88
N LEU O 129 -65.81 11.07 28.27
CA LEU O 129 -64.73 11.73 29.00
C LEU O 129 -64.95 13.24 29.14
N VAL O 130 -66.17 13.68 28.82
CA VAL O 130 -66.54 15.09 28.86
C VAL O 130 -66.92 15.51 30.28
N ILE O 131 -66.33 16.58 30.79
CA ILE O 131 -66.73 17.13 32.10
C ILE O 131 -67.83 18.19 31.91
N GLU O 132 -67.47 19.46 31.69
CA GLU O 132 -68.48 20.43 31.22
C GLU O 132 -68.34 20.54 29.70
N PRO O 133 -69.39 20.16 28.95
CA PRO O 133 -69.37 20.02 27.50
C PRO O 133 -68.82 21.26 26.82
N GLY O 134 -67.95 21.07 25.83
CA GLY O 134 -67.35 22.21 25.12
C GLY O 134 -66.37 23.06 25.93
N LYS O 135 -66.49 23.03 27.27
CA LYS O 135 -65.59 23.81 28.16
C LYS O 135 -64.36 23.01 28.69
N SER O 136 -64.60 21.79 29.19
CA SER O 136 -63.52 20.97 29.78
C SER O 136 -63.76 19.46 29.66
N VAL O 137 -62.72 18.77 29.20
CA VAL O 137 -62.75 17.30 29.04
C VAL O 137 -61.47 16.70 29.62
N TRP O 138 -61.48 15.39 29.79
CA TRP O 138 -60.28 14.67 30.19
C TRP O 138 -59.39 14.43 28.96
N THR O 139 -58.10 14.69 29.13
CA THR O 139 -57.13 14.25 28.14
C THR O 139 -56.41 13.04 28.70
N VAL O 140 -56.44 11.95 27.96
CA VAL O 140 -55.78 10.70 28.35
C VAL O 140 -54.43 10.58 27.63
N TRP O 141 -53.36 10.83 28.37
CA TRP O 141 -52.01 10.63 27.86
C TRP O 141 -51.62 9.17 28.05
N LEU O 142 -51.42 8.46 26.96
CA LEU O 142 -50.86 7.12 27.04
C LEU O 142 -49.41 7.21 26.58
N ASP O 143 -48.50 6.79 27.44
CA ASP O 143 -47.10 6.77 27.09
C ASP O 143 -46.56 5.37 27.19
N VAL O 144 -46.11 4.84 26.05
CA VAL O 144 -45.70 3.47 25.95
C VAL O 144 -44.19 3.40 25.72
N TYR O 145 -43.47 2.74 26.63
CA TYR O 145 -42.01 2.71 26.57
C TYR O 145 -41.50 1.31 26.37
N VAL O 146 -40.76 1.10 25.28
CA VAL O 146 -40.21 -0.21 24.96
C VAL O 146 -38.84 -0.36 25.59
N LEU O 147 -38.70 -1.33 26.47
CA LEU O 147 -37.50 -1.45 27.27
C LEU O 147 -36.55 -2.54 26.78
N ASP O 148 -37.11 -3.54 26.11
CA ASP O 148 -36.37 -4.71 25.69
C ASP O 148 -36.99 -5.09 24.36
N TYR O 149 -36.18 -5.08 23.31
CA TYR O 149 -36.68 -5.43 21.98
C TYR O 149 -36.53 -6.93 21.76
N GLY O 150 -37.64 -7.65 21.87
CA GLY O 150 -37.59 -9.10 21.66
C GLY O 150 -38.21 -9.50 20.34
N GLY O 151 -38.67 -8.50 19.58
CA GLY O 151 -39.40 -8.75 18.36
C GLY O 151 -40.89 -8.69 18.59
N ASN O 152 -41.63 -8.41 17.52
CA ASN O 152 -43.09 -8.22 17.57
C ASN O 152 -43.51 -7.23 18.66
N VAL O 153 -43.02 -6.00 18.53
CA VAL O 153 -43.24 -4.99 19.54
C VAL O 153 -44.69 -4.52 19.49
N LEU O 154 -45.25 -4.44 18.29
CA LEU O 154 -46.61 -3.93 18.12
C LEU O 154 -47.64 -4.59 19.03
N ASP O 155 -47.64 -5.92 19.05
CA ASP O 155 -48.61 -6.69 19.85
C ASP O 155 -48.46 -6.43 21.33
N ALA O 156 -47.21 -6.35 21.79
CA ALA O 156 -46.88 -6.07 23.18
C ALA O 156 -47.26 -4.66 23.61
N CYS O 157 -47.31 -3.74 22.66
CA CYS O 157 -47.74 -2.37 22.94
C CYS O 157 -49.26 -2.33 23.09
N THR O 158 -49.96 -2.90 22.10
CA THR O 158 -51.39 -3.06 22.20
C THR O 158 -51.76 -3.60 23.58
N LEU O 159 -51.11 -4.69 23.99
CA LEU O 159 -51.37 -5.28 25.29
C LEU O 159 -51.07 -4.35 26.45
N ALA O 160 -49.85 -3.81 26.51
CA ALA O 160 -49.48 -2.89 27.58
C ALA O 160 -50.40 -1.67 27.66
N SER O 161 -50.89 -1.23 26.49
CA SER O 161 -51.77 -0.07 26.42
C SER O 161 -53.14 -0.39 27.01
N VAL O 162 -53.79 -1.40 26.46
CA VAL O 162 -55.08 -1.85 26.96
C VAL O 162 -55.01 -2.05 28.47
N ALA O 163 -53.96 -2.73 28.95
CA ALA O 163 -53.72 -3.01 30.38
C ALA O 163 -53.56 -1.74 31.21
N ALA O 164 -52.75 -0.80 30.72
CA ALA O 164 -52.57 0.47 31.41
C ALA O 164 -53.89 1.21 31.57
N LEU O 165 -54.69 1.24 30.49
CA LEU O 165 -56.01 1.91 30.48
C LEU O 165 -56.98 1.29 31.48
N TYR O 166 -57.00 -0.04 31.52
CA TYR O 166 -57.86 -0.75 32.46
C TYR O 166 -57.41 -0.53 33.90
N ASN O 167 -56.14 -0.20 34.05
CA ASN O 167 -55.58 0.10 35.37
C ASN O 167 -55.81 1.55 35.79
N THR O 168 -56.30 2.38 34.87
CA THR O 168 -56.37 3.81 35.10
C THR O 168 -57.43 4.20 36.11
N LYS O 169 -57.04 5.08 37.03
CA LYS O 169 -57.90 5.62 38.06
C LYS O 169 -58.30 7.06 37.76
N VAL O 170 -59.61 7.31 37.72
CA VAL O 170 -60.14 8.65 37.54
C VAL O 170 -60.24 9.31 38.91
N TYR O 171 -60.07 10.63 38.97
CA TYR O 171 -60.12 11.34 40.25
C TYR O 171 -61.35 12.24 40.43
N LYS O 172 -61.49 12.74 41.66
CA LYS O 172 -62.54 13.69 42.01
C LYS O 172 -62.29 15.03 41.32
N VAL O 173 -63.36 15.69 40.91
CA VAL O 173 -63.29 16.89 40.08
C VAL O 173 -63.88 18.12 40.81
N GLU O 174 -63.06 18.79 41.62
CA GLU O 174 -63.54 19.89 42.47
C GLU O 174 -63.87 21.17 41.69
N GLN O 175 -65.17 21.52 41.63
CA GLN O 175 -65.65 22.72 40.91
C GLN O 175 -65.70 23.98 41.78
N ILE O 180 -62.85 23.44 38.50
CA ILE O 180 -61.68 24.26 38.78
C ILE O 180 -60.40 23.47 39.05
N SER O 181 -60.45 22.49 39.96
CA SER O 181 -59.26 21.73 40.40
C SER O 181 -59.47 20.20 40.45
N VAL O 182 -58.38 19.45 40.23
CA VAL O 182 -58.36 17.98 40.37
C VAL O 182 -57.98 17.62 41.81
N ASN O 183 -58.53 16.52 42.33
CA ASN O 183 -58.13 16.03 43.64
C ASN O 183 -57.61 14.60 43.58
N LYS O 184 -56.30 14.46 43.69
CA LYS O 184 -55.64 13.21 43.32
C LYS O 184 -55.53 12.12 44.40
N ASN O 185 -56.43 12.14 45.38
CA ASN O 185 -56.51 11.03 46.35
C ASN O 185 -57.93 10.63 46.79
N GLU O 186 -58.94 11.28 46.20
CA GLU O 186 -60.28 10.72 46.20
C GLU O 186 -60.52 10.15 44.80
N VAL O 187 -60.38 8.83 44.71
CA VAL O 187 -60.57 8.10 43.46
C VAL O 187 -62.07 7.96 43.15
N VAL O 188 -62.50 8.55 42.03
CA VAL O 188 -63.92 8.53 41.63
C VAL O 188 -64.37 7.22 40.93
N GLY O 189 -63.53 6.67 40.05
CA GLY O 189 -63.88 5.45 39.31
C GLY O 189 -62.81 5.02 38.31
N LYS O 190 -63.25 4.39 37.22
CA LYS O 190 -62.35 3.88 36.19
C LYS O 190 -62.60 4.52 34.84
N LEU O 191 -61.74 4.25 33.87
CA LEU O 191 -61.90 4.79 32.52
C LEU O 191 -63.10 4.19 31.81
N PRO O 192 -63.82 5.02 31.01
CA PRO O 192 -64.98 4.52 30.24
C PRO O 192 -64.57 3.57 29.10
N LEU O 193 -64.28 2.32 29.46
CA LEU O 193 -63.81 1.32 28.50
C LEU O 193 -64.91 0.34 28.13
N ASN O 194 -65.18 0.22 26.83
CA ASN O 194 -66.22 -0.70 26.34
C ASN O 194 -65.79 -2.15 26.41
N TYR O 195 -64.54 -2.40 26.03
CA TYR O 195 -63.94 -3.74 25.97
C TYR O 195 -62.42 -3.65 25.67
N PRO O 196 -61.67 -4.73 25.98
CA PRO O 196 -60.27 -4.78 25.56
C PRO O 196 -60.12 -5.05 24.06
N VAL O 197 -58.92 -4.80 23.53
CA VAL O 197 -58.58 -5.00 22.12
C VAL O 197 -57.22 -5.69 22.05
N VAL O 198 -57.08 -6.67 21.16
CA VAL O 198 -55.77 -7.32 20.94
C VAL O 198 -55.30 -7.12 19.50
N THR O 199 -53.99 -6.97 19.35
CA THR O 199 -53.37 -6.94 18.01
C THR O 199 -52.50 -8.17 17.83
N ILE O 200 -52.76 -8.90 16.75
CA ILE O 200 -52.07 -10.13 16.45
C ILE O 200 -51.26 -9.93 15.17
N SER O 201 -49.96 -10.17 15.28
CA SER O 201 -49.03 -10.07 14.15
C SER O 201 -48.67 -11.43 13.58
N VAL O 202 -48.87 -11.57 12.27
CA VAL O 202 -48.52 -12.78 11.52
C VAL O 202 -47.38 -12.43 10.56
N ALA O 203 -46.25 -13.13 10.69
CA ALA O 203 -45.09 -12.92 9.81
C ALA O 203 -45.05 -13.98 8.73
N LYS O 204 -44.88 -13.52 7.50
CA LYS O 204 -44.66 -14.40 6.36
C LYS O 204 -43.16 -14.58 6.21
N VAL O 205 -42.70 -15.78 6.54
CA VAL O 205 -41.32 -16.16 6.29
C VAL O 205 -41.33 -17.28 5.25
N ASP O 206 -40.62 -17.05 4.15
CA ASP O 206 -40.57 -17.99 3.04
C ASP O 206 -42.00 -18.23 2.57
N LYS O 207 -42.49 -19.46 2.76
CA LYS O 207 -43.83 -19.82 2.37
C LYS O 207 -44.72 -20.04 3.60
N TYR O 208 -44.14 -19.93 4.79
CA TYR O 208 -44.87 -20.20 6.02
C TYR O 208 -45.43 -18.92 6.65
N LEU O 209 -46.47 -19.06 7.45
CA LEU O 209 -46.98 -17.96 8.24
C LEU O 209 -46.74 -18.27 9.71
N VAL O 210 -46.37 -17.24 10.48
CA VAL O 210 -45.92 -17.42 11.86
C VAL O 210 -46.50 -16.35 12.78
N VAL O 211 -47.19 -16.80 13.83
CA VAL O 211 -47.82 -15.89 14.79
C VAL O 211 -46.82 -15.43 15.83
N ASP O 212 -46.83 -14.13 16.14
CA ASP O 212 -45.88 -13.56 17.11
C ASP O 212 -44.42 -13.93 16.75
N PRO O 213 -43.84 -13.23 15.75
CA PRO O 213 -42.47 -13.50 15.38
C PRO O 213 -41.49 -12.97 16.42
N ASP O 214 -40.46 -13.75 16.75
CA ASP O 214 -39.44 -13.27 17.68
C ASP O 214 -38.37 -12.45 16.95
N LEU O 215 -37.29 -12.11 17.64
CA LEU O 215 -36.27 -11.22 17.08
C LEU O 215 -35.62 -11.78 15.81
N ASP O 216 -35.18 -13.03 15.87
CA ASP O 216 -34.62 -13.72 14.73
C ASP O 216 -35.63 -13.82 13.60
N GLU O 217 -36.82 -14.29 13.92
CA GLU O 217 -37.90 -14.48 12.95
C GLU O 217 -38.25 -13.20 12.23
N GLU O 218 -38.26 -12.08 12.95
CA GLU O 218 -38.53 -10.78 12.34
C GLU O 218 -37.44 -10.38 11.35
N SER O 219 -36.18 -10.64 11.71
CA SER O 219 -35.06 -10.24 10.86
C SER O 219 -34.94 -11.04 9.54
N ILE O 220 -35.63 -12.18 9.47
CA ILE O 220 -35.64 -13.02 8.26
C ILE O 220 -36.97 -13.06 7.50
N MET O 221 -38.01 -12.48 8.06
CA MET O 221 -39.33 -12.47 7.43
C MET O 221 -39.35 -11.58 6.20
N ASP O 222 -40.22 -11.91 5.25
CA ASP O 222 -40.45 -11.06 4.07
C ASP O 222 -41.19 -9.81 4.50
N ALA O 223 -42.29 -10.01 5.22
CA ALA O 223 -43.16 -8.96 5.70
C ALA O 223 -44.03 -9.52 6.82
N LYS O 224 -44.62 -8.64 7.61
CA LYS O 224 -45.61 -9.05 8.59
C LYS O 224 -46.89 -8.23 8.45
N ILE O 225 -48.00 -8.80 8.92
CA ILE O 225 -49.30 -8.15 8.88
C ILE O 225 -50.00 -8.30 10.23
N SER O 226 -50.58 -7.22 10.71
CA SER O 226 -51.12 -7.20 12.06
C SER O 226 -52.61 -6.92 12.02
N PHE O 227 -53.36 -7.67 12.81
CA PHE O 227 -54.80 -7.53 12.87
C PHE O 227 -55.25 -7.19 14.28
N SER O 228 -56.09 -6.16 14.39
CA SER O 228 -56.63 -5.75 15.66
C SER O 228 -58.04 -6.27 15.77
N TYR O 229 -58.37 -6.85 16.92
CA TYR O 229 -59.68 -7.44 17.12
C TYR O 229 -60.36 -6.97 18.39
N THR O 230 -61.67 -6.75 18.30
CA THR O 230 -62.53 -6.55 19.47
C THR O 230 -62.95 -7.94 19.95
N PRO O 231 -63.41 -8.05 21.20
CA PRO O 231 -63.76 -9.36 21.78
C PRO O 231 -64.74 -10.14 20.91
N ASP O 232 -65.59 -9.44 20.15
CA ASP O 232 -66.56 -10.08 19.27
C ASP O 232 -65.94 -10.58 17.97
N LEU O 233 -64.67 -10.25 17.79
CA LEU O 233 -63.92 -10.63 16.60
C LEU O 233 -64.32 -9.82 15.37
N LYS O 234 -64.54 -8.53 15.58
CA LYS O 234 -64.66 -7.60 14.49
C LYS O 234 -63.24 -7.07 14.27
N ILE O 235 -62.79 -7.09 13.02
CA ILE O 235 -61.47 -6.51 12.65
C ILE O 235 -61.53 -4.99 12.84
N VAL O 236 -60.53 -4.46 13.53
CA VAL O 236 -60.61 -3.10 13.96
C VAL O 236 -59.30 -2.33 13.67
N GLY O 237 -58.42 -2.99 12.93
CA GLY O 237 -57.20 -2.36 12.43
C GLY O 237 -56.33 -3.38 11.71
N ILE O 238 -55.76 -2.98 10.56
CA ILE O 238 -54.80 -3.81 9.83
C ILE O 238 -53.58 -3.00 9.38
N GLN O 239 -52.38 -3.58 9.54
CA GLN O 239 -51.13 -2.94 9.11
C GLN O 239 -50.11 -3.90 8.56
N LYS O 240 -49.89 -3.85 7.26
CA LYS O 240 -48.77 -4.55 6.63
C LYS O 240 -47.47 -3.80 6.90
N SER O 241 -46.40 -4.57 7.07
CA SER O 241 -45.15 -4.04 7.57
C SER O 241 -43.99 -4.86 7.01
N GLY O 242 -42.88 -4.20 6.69
CA GLY O 242 -41.69 -4.89 6.17
C GLY O 242 -41.42 -4.57 4.72
N LYS O 243 -40.17 -4.72 4.27
CA LYS O 243 -39.81 -4.37 2.90
C LYS O 243 -40.45 -5.26 1.86
N GLY O 244 -40.65 -6.52 2.19
CA GLY O 244 -41.15 -7.50 1.22
C GLY O 244 -42.66 -7.45 1.00
N SER O 245 -43.11 -8.33 0.11
CA SER O 245 -44.52 -8.40 -0.24
C SER O 245 -45.15 -9.71 0.22
N MET O 246 -46.43 -9.89 -0.12
CA MET O 246 -47.26 -10.98 0.41
C MET O 246 -48.41 -11.25 -0.58
N SER O 247 -48.69 -12.51 -0.85
CA SER O 247 -49.72 -12.83 -1.84
C SER O 247 -51.12 -12.59 -1.29
N LEU O 248 -52.11 -12.71 -2.16
CA LEU O 248 -53.48 -12.49 -1.78
C LEU O 248 -53.92 -13.52 -0.77
N GLN O 249 -53.66 -14.79 -1.09
CA GLN O 249 -54.05 -15.92 -0.23
C GLN O 249 -53.28 -15.94 1.08
N ASP O 250 -52.05 -15.44 1.02
CA ASP O 250 -51.25 -15.24 2.22
C ASP O 250 -52.02 -14.41 3.24
N ILE O 251 -52.52 -13.27 2.81
CA ILE O 251 -53.27 -12.38 3.67
C ILE O 251 -54.55 -13.04 4.18
N ASP O 252 -55.28 -13.71 3.28
CA ASP O 252 -56.48 -14.42 3.65
C ASP O 252 -56.22 -15.34 4.84
N GLN O 253 -55.27 -16.27 4.69
CA GLN O 253 -54.90 -17.20 5.76
C GLN O 253 -54.38 -16.47 6.97
N ALA O 254 -53.61 -15.41 6.73
CA ALA O 254 -53.01 -14.65 7.82
C ALA O 254 -54.11 -14.21 8.78
N GLU O 255 -55.16 -13.63 8.23
CA GLU O 255 -56.26 -13.14 9.04
C GLU O 255 -56.99 -14.30 9.71
N ASN O 256 -57.21 -15.39 8.97
CA ASN O 256 -57.81 -16.58 9.56
C ASN O 256 -57.10 -17.02 10.81
N THR O 257 -55.78 -17.14 10.70
CA THR O 257 -54.94 -17.55 11.81
C THR O 257 -54.99 -16.48 12.90
N ALA O 258 -54.73 -15.24 12.49
CA ALA O 258 -54.74 -14.10 13.43
C ALA O 258 -55.94 -14.14 14.35
N ARG O 259 -57.11 -14.44 13.75
CA ARG O 259 -58.38 -14.41 14.45
C ARG O 259 -58.56 -15.56 15.43
N SER O 260 -58.32 -16.80 15.00
CA SER O 260 -58.47 -17.92 15.91
C SER O 260 -57.37 -17.97 16.99
N THR O 261 -56.38 -17.08 16.85
CA THR O 261 -55.40 -16.81 17.90
C THR O 261 -55.93 -15.73 18.84
N ALA O 262 -56.54 -14.69 18.25
CA ALA O 262 -57.09 -13.57 19.01
C ALA O 262 -57.93 -14.02 20.20
N VAL O 263 -58.75 -15.06 19.98
CA VAL O 263 -59.62 -15.59 21.01
C VAL O 263 -58.80 -16.00 22.22
N LYS O 264 -57.78 -16.84 21.98
CA LYS O 264 -56.90 -17.37 23.03
C LYS O 264 -56.16 -16.27 23.78
N LEU O 265 -55.64 -15.31 23.03
CA LEU O 265 -54.91 -14.19 23.61
C LEU O 265 -55.83 -13.27 24.43
N LEU O 266 -57.04 -13.02 23.92
CA LEU O 266 -58.00 -12.18 24.64
C LEU O 266 -58.35 -12.75 26.00
N GLU O 267 -58.47 -14.07 26.05
CA GLU O 267 -58.83 -14.76 27.27
C GLU O 267 -57.72 -14.62 28.28
N GLU O 268 -56.50 -14.67 27.80
CA GLU O 268 -55.36 -14.62 28.67
C GLU O 268 -55.14 -13.20 29.15
N LEU O 269 -55.41 -12.24 28.28
CA LEU O 269 -55.34 -10.83 28.67
C LEU O 269 -56.34 -10.52 29.77
N LYS O 270 -57.54 -11.05 29.62
CA LYS O 270 -58.59 -10.82 30.59
C LYS O 270 -58.22 -11.40 31.95
N LYS O 271 -57.55 -12.55 31.95
CA LYS O 271 -57.11 -13.18 33.21
C LYS O 271 -56.17 -12.28 33.96
N HIS O 272 -55.28 -11.61 33.24
CA HIS O 272 -54.36 -10.65 33.85
C HIS O 272 -55.07 -9.43 34.39
N LEU O 273 -56.15 -9.03 33.73
CA LEU O 273 -56.89 -7.82 34.13
C LEU O 273 -57.99 -8.12 35.17
N GLY O 274 -58.36 -9.40 35.30
CA GLY O 274 -59.46 -9.86 36.16
C GLY O 274 -60.77 -9.69 35.42
N ILE O 275 -60.99 -10.50 34.37
CA ILE O 275 -61.90 -10.15 33.23
C ILE O 275 -61.61 -8.69 32.73
N MET P 1 -90.22 1.87 25.59
CA MET P 1 -90.92 3.07 25.01
C MET P 1 -90.00 4.26 24.68
N ARG P 2 -90.13 4.76 23.44
CA ARG P 2 -89.26 5.83 22.88
C ARG P 2 -89.89 6.56 21.67
N GLU P 3 -89.73 7.88 21.67
CA GLU P 3 -90.15 8.67 20.51
C GLU P 3 -89.33 8.41 19.24
N MET P 4 -89.59 9.22 18.22
CA MET P 4 -88.98 9.02 16.90
C MET P 4 -88.13 10.25 16.43
N LEU P 5 -86.79 10.08 16.41
CA LEU P 5 -85.83 11.08 15.86
C LEU P 5 -85.07 10.57 14.60
N GLN P 6 -83.83 11.02 14.40
CA GLN P 6 -83.00 10.61 13.24
C GLN P 6 -81.54 10.29 13.64
N VAL P 7 -80.67 10.06 12.66
CA VAL P 7 -79.22 9.89 12.90
C VAL P 7 -78.49 11.29 12.80
N GLU P 8 -77.15 11.29 12.74
CA GLU P 8 -76.37 12.54 12.54
C GLU P 8 -74.95 12.36 11.93
N ARG P 9 -74.90 12.19 10.59
CA ARG P 9 -73.66 12.22 9.79
C ARG P 9 -74.18 12.48 8.37
N PRO P 10 -73.44 13.27 7.51
CA PRO P 10 -73.98 13.36 6.14
C PRO P 10 -74.23 11.97 5.53
N LYS P 11 -75.32 11.86 4.76
CA LYS P 11 -75.71 10.59 4.13
C LYS P 11 -74.72 10.20 3.03
N LEU P 12 -74.33 8.93 3.00
CA LEU P 12 -73.29 8.47 2.08
C LEU P 12 -73.80 7.70 0.86
N ILE P 13 -74.92 7.00 1.02
CA ILE P 13 -75.57 6.32 -0.09
C ILE P 13 -76.88 7.05 -0.38
N LEU P 14 -76.94 7.69 -1.53
CA LEU P 14 -78.03 8.60 -1.84
C LEU P 14 -79.02 8.01 -2.85
N ASP P 15 -79.52 8.85 -3.75
CA ASP P 15 -80.54 8.42 -4.71
C ASP P 15 -79.95 7.47 -5.76
N ASP P 16 -80.75 6.50 -6.20
CA ASP P 16 -80.28 5.29 -6.89
C ASP P 16 -79.21 4.65 -6.01
N GLY P 17 -78.39 3.77 -6.55
CA GLY P 17 -77.40 3.13 -5.70
C GLY P 17 -76.34 4.09 -5.17
N LYS P 18 -76.51 5.37 -5.51
CA LYS P 18 -75.36 6.25 -5.75
C LYS P 18 -74.78 7.01 -4.57
N ARG P 19 -73.48 7.28 -4.66
CA ARG P 19 -72.76 7.92 -3.60
C ARG P 19 -72.91 9.43 -3.67
N THR P 20 -72.17 10.13 -2.83
CA THR P 20 -72.23 11.60 -2.78
C THR P 20 -71.77 12.31 -4.04
N ASP P 21 -70.80 11.74 -4.74
CA ASP P 21 -70.35 12.30 -6.02
C ASP P 21 -71.05 11.65 -7.23
N GLY P 22 -72.06 10.84 -6.95
CA GLY P 22 -72.90 10.27 -8.00
C GLY P 22 -72.35 9.00 -8.61
N ARG P 23 -71.33 8.43 -7.98
CA ARG P 23 -70.78 7.13 -8.40
C ARG P 23 -71.47 5.95 -7.75
N LYS P 24 -71.60 4.86 -8.51
CA LYS P 24 -72.07 3.59 -7.96
C LYS P 24 -70.98 3.01 -7.02
N PRO P 25 -71.36 2.06 -6.14
CA PRO P 25 -70.38 1.51 -5.21
C PRO P 25 -69.10 0.97 -5.88
N ASP P 26 -69.20 0.60 -7.15
CA ASP P 26 -68.09 -0.05 -7.87
C ASP P 26 -67.49 0.80 -9.00
N GLU P 27 -67.48 2.12 -8.87
CA GLU P 27 -66.95 2.98 -9.93
C GLU P 27 -65.72 3.76 -9.50
N LEU P 28 -64.69 3.75 -10.35
CA LEU P 28 -63.47 4.51 -10.08
C LEU P 28 -63.65 5.97 -10.42
N ARG P 29 -62.91 6.83 -9.75
CA ARG P 29 -62.88 8.24 -10.10
C ARG P 29 -62.06 8.45 -11.37
N SER P 30 -62.13 9.65 -11.93
CA SER P 30 -61.41 9.98 -13.15
C SER P 30 -59.90 9.93 -12.93
N ILE P 31 -59.25 9.14 -13.77
CA ILE P 31 -57.79 8.97 -13.68
C ILE P 31 -57.10 9.70 -14.81
N LYS P 32 -56.00 10.38 -14.46
CA LYS P 32 -55.18 11.10 -15.42
C LYS P 32 -53.71 10.94 -15.05
N ILE P 33 -52.93 10.41 -15.98
CA ILE P 33 -51.51 10.14 -15.74
C ILE P 33 -50.67 10.76 -16.83
N GLU P 34 -49.53 11.32 -16.46
CA GLU P 34 -48.48 11.69 -17.42
C GLU P 34 -47.07 11.60 -16.86
N LEU P 35 -46.16 11.08 -17.68
CA LEU P 35 -44.77 10.84 -17.31
C LEU P 35 -43.81 11.91 -17.84
N GLY P 36 -42.58 11.90 -17.33
CA GLY P 36 -41.50 12.77 -17.80
C GLY P 36 -41.88 14.24 -17.87
N VAL P 37 -42.54 14.73 -16.82
CA VAL P 37 -43.04 16.08 -16.83
C VAL P 37 -42.00 17.08 -16.30
N LEU P 38 -41.04 16.58 -15.52
CA LEU P 38 -39.97 17.42 -14.97
C LEU P 38 -38.65 17.24 -15.69
N LYS P 39 -38.05 18.36 -16.12
CA LYS P 39 -36.78 18.34 -16.82
C LYS P 39 -35.64 17.77 -16.00
N ASN P 40 -35.49 18.25 -14.76
CA ASN P 40 -34.29 18.00 -13.99
C ASN P 40 -34.24 16.70 -13.24
N ALA P 41 -35.40 16.11 -13.00
CA ALA P 41 -35.49 14.79 -12.39
C ALA P 41 -35.01 13.73 -13.37
N ASP P 42 -34.59 12.59 -12.84
CA ASP P 42 -34.26 11.45 -13.70
C ASP P 42 -35.51 10.74 -14.21
N GLY P 43 -36.58 10.81 -13.42
CA GLY P 43 -37.89 10.30 -13.78
C GLY P 43 -38.98 11.07 -13.05
N SER P 44 -40.08 11.32 -13.73
CA SER P 44 -41.18 12.10 -13.14
C SER P 44 -42.53 11.60 -13.59
N ALA P 45 -43.54 11.87 -12.79
CA ALA P 45 -44.91 11.52 -13.11
C ALA P 45 -45.92 12.34 -12.30
N ILE P 46 -47.00 12.75 -12.95
CA ILE P 46 -48.15 13.32 -12.26
C ILE P 46 -49.28 12.31 -12.32
N PHE P 47 -49.89 12.04 -11.17
CA PHE P 47 -51.01 11.11 -11.09
C PHE P 47 -52.22 11.81 -10.47
N GLU P 48 -53.40 11.61 -11.07
CA GLU P 48 -54.65 12.18 -10.54
C GLU P 48 -55.74 11.14 -10.49
N MET P 49 -56.30 10.91 -9.30
CA MET P 49 -57.54 10.17 -9.14
C MET P 49 -58.57 11.11 -8.55
N GLY P 50 -59.63 11.36 -9.30
CA GLY P 50 -60.61 12.36 -8.92
C GLY P 50 -59.84 13.64 -8.63
N ASN P 51 -59.94 14.12 -7.39
CA ASN P 51 -59.30 15.37 -7.01
C ASN P 51 -58.01 15.24 -6.24
N THR P 52 -57.58 14.01 -5.99
CA THR P 52 -56.28 13.78 -5.42
C THR P 52 -55.28 13.83 -6.56
N LYS P 53 -54.33 14.77 -6.46
CA LYS P 53 -53.31 14.97 -7.50
C LYS P 53 -51.95 15.04 -6.83
N ALA P 54 -51.09 14.09 -7.20
CA ALA P 54 -49.73 13.99 -6.66
C ALA P 54 -48.70 14.12 -7.77
N ILE P 55 -47.53 14.67 -7.43
CA ILE P 55 -46.39 14.67 -8.34
C ILE P 55 -45.17 13.99 -7.71
N ALA P 56 -44.53 13.13 -8.48
CA ALA P 56 -43.35 12.42 -8.00
C ALA P 56 -42.16 12.64 -8.91
N ALA P 57 -41.00 12.90 -8.29
CA ALA P 57 -39.72 13.03 -9.00
C ALA P 57 -38.75 11.98 -8.45
N VAL P 58 -37.98 11.37 -9.35
CA VAL P 58 -36.99 10.37 -8.96
C VAL P 58 -35.58 10.85 -9.33
N TYR P 59 -34.63 10.63 -8.42
CA TYR P 59 -33.23 10.93 -8.69
C TYR P 59 -32.39 9.69 -8.69
N GLY P 60 -32.10 9.24 -9.92
CA GLY P 60 -31.57 7.91 -10.26
C GLY P 60 -30.35 7.46 -9.49
N PRO P 61 -30.04 6.15 -9.58
CA PRO P 61 -29.04 5.56 -8.68
C PRO P 61 -27.73 6.36 -8.63
N LYS P 62 -27.43 6.92 -7.46
CA LYS P 62 -26.22 7.72 -7.24
C LYS P 62 -25.63 7.33 -5.91
N GLU P 63 -24.32 7.51 -5.74
CA GLU P 63 -23.64 7.19 -4.47
C GLU P 63 -24.13 8.05 -3.31
N MET P 64 -23.76 7.67 -2.08
CA MET P 64 -24.24 8.39 -0.91
C MET P 64 -23.26 9.39 -0.30
N HIS P 65 -23.74 10.62 -0.09
CA HIS P 65 -22.95 11.71 0.50
C HIS P 65 -22.38 11.39 1.90
N PRO P 66 -23.23 10.80 2.81
CA PRO P 66 -22.70 10.24 4.05
C PRO P 66 -22.32 8.78 3.83
N ARG P 67 -21.02 8.53 3.77
CA ARG P 67 -20.49 7.25 3.31
C ARG P 67 -21.03 6.04 4.09
N HIS P 68 -20.92 6.09 5.42
CA HIS P 68 -21.30 4.97 6.30
C HIS P 68 -22.79 4.60 6.29
N LEU P 69 -23.63 5.52 5.82
CA LEU P 69 -25.08 5.30 5.80
C LEU P 69 -25.56 4.49 4.60
N SER P 70 -24.67 4.27 3.63
CA SER P 70 -24.99 3.48 2.44
C SER P 70 -25.17 2.00 2.77
N LEU P 71 -25.53 1.21 1.76
CA LEU P 71 -25.66 -0.23 1.96
C LEU P 71 -24.74 -1.02 1.01
N PRO P 72 -24.07 -2.07 1.54
CA PRO P 72 -22.99 -2.81 0.86
C PRO P 72 -23.37 -3.58 -0.39
N ASP P 73 -24.65 -3.86 -0.56
CA ASP P 73 -25.12 -4.69 -1.66
C ASP P 73 -26.43 -4.14 -2.23
N ARG P 74 -26.94 -3.08 -1.61
CA ARG P 74 -28.26 -2.57 -1.92
C ARG P 74 -28.21 -1.09 -2.18
N ALA P 75 -29.22 -0.63 -2.90
CA ALA P 75 -29.52 0.76 -2.96
C ALA P 75 -30.29 1.12 -1.69
N VAL P 76 -30.07 2.33 -1.20
CA VAL P 76 -30.86 2.88 -0.11
C VAL P 76 -31.99 3.73 -0.70
N LEU P 77 -33.23 3.35 -0.45
CA LEU P 77 -34.36 4.14 -0.90
C LEU P 77 -34.59 5.31 0.02
N ARG P 78 -34.70 6.49 -0.54
CA ARG P 78 -35.04 7.65 0.25
C ARG P 78 -36.33 8.19 -0.28
N VAL P 79 -37.38 8.03 0.52
CA VAL P 79 -38.73 8.40 0.10
C VAL P 79 -39.29 9.55 0.95
N ARG P 80 -40.06 10.43 0.33
CA ARG P 80 -40.71 11.53 1.04
C ARG P 80 -42.14 11.81 0.54
N TYR P 81 -43.12 11.58 1.41
CA TYR P 81 -44.51 11.95 1.18
C TYR P 81 -44.75 13.28 1.87
N HIS P 82 -45.23 14.24 1.11
CA HIS P 82 -45.45 15.57 1.66
C HIS P 82 -46.67 16.23 1.04
N MET P 83 -47.42 16.92 1.88
CA MET P 83 -48.62 17.63 1.42
C MET P 83 -48.37 19.12 1.40
N THR P 84 -48.54 19.71 0.22
CA THR P 84 -48.38 21.15 0.07
C THR P 84 -49.41 21.85 0.92
N PRO P 85 -49.08 23.05 1.45
CA PRO P 85 -50.02 23.77 2.31
C PRO P 85 -51.38 24.13 1.67
N PHE P 86 -51.49 24.07 0.34
CA PHE P 86 -52.73 24.42 -0.35
C PHE P 86 -53.36 23.20 -1.02
N SER P 87 -53.13 22.03 -0.44
CA SER P 87 -53.67 20.79 -0.99
C SER P 87 -55.00 20.46 -0.35
N THR P 88 -55.30 21.15 0.75
CA THR P 88 -56.48 20.83 1.54
C THR P 88 -57.35 22.06 1.70
N ASP P 89 -58.52 21.86 2.31
CA ASP P 89 -59.51 22.93 2.47
C ASP P 89 -59.05 24.03 3.43
N GLU P 90 -58.21 23.66 4.38
CA GLU P 90 -57.60 24.63 5.28
C GLU P 90 -56.11 24.39 5.31
N ARG P 91 -55.33 25.48 5.25
CA ARG P 91 -53.89 25.40 5.03
C ARG P 91 -53.19 24.35 5.90
N LYS P 92 -52.79 23.24 5.28
CA LYS P 92 -51.96 22.21 5.93
C LYS P 92 -50.62 22.85 6.25
N ASN P 93 -50.10 22.58 7.44
CA ASN P 93 -48.79 23.07 7.80
C ASN P 93 -47.68 22.34 7.03
N PRO P 94 -46.73 23.09 6.44
CA PRO P 94 -45.65 22.50 5.64
C PRO P 94 -44.76 21.52 6.41
N ALA P 95 -44.35 21.92 7.62
CA ALA P 95 -43.53 21.06 8.48
C ALA P 95 -44.22 19.72 8.73
N PRO P 96 -43.50 18.60 8.49
CA PRO P 96 -44.10 17.25 8.39
C PRO P 96 -44.84 16.79 9.65
N SER P 97 -46.05 16.27 9.46
CA SER P 97 -46.86 15.75 10.57
C SER P 97 -46.55 14.28 10.85
N ARG P 98 -47.03 13.77 11.97
CA ARG P 98 -46.88 12.35 12.30
C ARG P 98 -47.48 11.49 11.20
N ARG P 99 -48.67 11.88 10.75
CA ARG P 99 -49.35 11.26 9.62
C ARG P 99 -48.42 11.19 8.40
N GLU P 100 -47.79 12.30 8.08
CA GLU P 100 -46.87 12.38 6.94
C GLU P 100 -45.68 11.43 7.09
N ILE P 101 -45.20 11.30 8.33
CA ILE P 101 -44.04 10.46 8.61
C ILE P 101 -44.36 9.00 8.43
N GLU P 102 -45.47 8.56 9.04
CA GLU P 102 -45.88 7.17 8.92
C GLU P 102 -46.06 6.82 7.46
N LEU P 103 -46.79 7.67 6.74
CA LEU P 103 -47.06 7.44 5.33
C LEU P 103 -45.81 7.29 4.46
N SER P 104 -44.80 8.11 4.75
CA SER P 104 -43.50 8.03 4.07
C SER P 104 -42.87 6.66 4.25
N LYS P 105 -42.98 6.11 5.44
CA LYS P 105 -42.44 4.79 5.73
C LYS P 105 -43.24 3.71 5.01
N VAL P 106 -44.56 3.77 5.17
CA VAL P 106 -45.43 2.79 4.56
C VAL P 106 -45.24 2.72 3.06
N ILE P 107 -45.06 3.89 2.44
CA ILE P 107 -44.77 4.01 1.01
C ILE P 107 -43.38 3.48 0.64
N ARG P 108 -42.35 3.87 1.40
CA ARG P 108 -40.99 3.41 1.13
C ARG P 108 -40.93 1.91 1.10
N GLU P 109 -41.43 1.29 2.17
CA GLU P 109 -41.50 -0.17 2.29
C GLU P 109 -42.24 -0.78 1.11
N ALA P 110 -43.34 -0.15 0.73
CA ALA P 110 -44.12 -0.58 -0.43
C ALA P 110 -43.23 -0.65 -1.67
N LEU P 111 -42.45 0.39 -1.92
CA LEU P 111 -41.58 0.45 -3.10
C LEU P 111 -40.40 -0.49 -2.99
N GLU P 112 -39.88 -0.70 -1.79
CA GLU P 112 -38.72 -1.59 -1.59
C GLU P 112 -38.99 -3.02 -2.06
N SER P 113 -40.26 -3.40 -2.11
CA SER P 113 -40.65 -4.74 -2.52
C SER P 113 -40.76 -4.84 -4.02
N ALA P 114 -40.77 -3.71 -4.70
CA ALA P 114 -40.85 -3.67 -6.17
C ALA P 114 -39.49 -3.40 -6.84
N VAL P 115 -38.81 -2.36 -6.37
CA VAL P 115 -37.54 -1.96 -6.92
C VAL P 115 -36.47 -2.99 -6.65
N LEU P 116 -35.64 -3.24 -7.66
CA LEU P 116 -34.53 -4.18 -7.55
C LEU P 116 -33.29 -3.48 -7.00
N VAL P 117 -33.35 -3.16 -5.72
CA VAL P 117 -32.31 -2.38 -5.05
C VAL P 117 -30.92 -3.04 -4.99
N GLU P 118 -30.88 -4.36 -5.21
CA GLU P 118 -29.62 -5.13 -5.17
C GLU P 118 -28.70 -4.75 -6.31
N LEU P 119 -29.31 -4.36 -7.43
CA LEU P 119 -28.58 -4.01 -8.65
C LEU P 119 -27.64 -2.82 -8.47
N PHE P 120 -27.93 -1.98 -7.49
CA PHE P 120 -27.19 -0.75 -7.29
C PHE P 120 -26.65 -0.61 -5.85
N PRO P 121 -25.56 -1.32 -5.51
CA PRO P 121 -24.99 -1.19 -4.18
C PRO P 121 -24.37 0.19 -3.97
N ARG P 122 -24.27 0.63 -2.72
CA ARG P 122 -23.63 1.91 -2.38
C ARG P 122 -24.39 3.12 -2.88
N THR P 123 -25.49 2.90 -3.59
CA THR P 123 -26.21 3.98 -4.22
C THR P 123 -27.49 4.33 -3.47
N ALA P 124 -27.89 5.58 -3.59
CA ALA P 124 -29.15 6.07 -3.06
C ALA P 124 -30.08 6.39 -4.21
N ILE P 125 -31.35 6.00 -4.08
CA ILE P 125 -32.38 6.37 -5.05
C ILE P 125 -33.38 7.24 -4.33
N ASP P 126 -33.47 8.47 -4.78
CA ASP P 126 -34.37 9.45 -4.18
C ASP P 126 -35.73 9.42 -4.85
N VAL P 127 -36.78 9.33 -4.05
CA VAL P 127 -38.14 9.42 -4.55
C VAL P 127 -38.84 10.51 -3.75
N PHE P 128 -39.17 11.60 -4.42
CA PHE P 128 -39.83 12.72 -3.77
C PHE P 128 -41.24 12.89 -4.29
N THR P 129 -42.16 13.11 -3.35
CA THR P 129 -43.60 13.07 -3.63
C THR P 129 -44.31 14.27 -3.03
N GLU P 130 -45.17 14.91 -3.81
CA GLU P 130 -45.90 16.08 -3.35
C GLU P 130 -47.37 15.99 -3.68
N ILE P 131 -48.21 16.08 -2.66
CA ILE P 131 -49.65 16.10 -2.87
C ILE P 131 -50.06 17.56 -3.11
N LEU P 132 -50.67 17.79 -4.27
CA LEU P 132 -51.11 19.12 -4.71
C LEU P 132 -52.57 19.39 -4.40
N GLN P 133 -53.37 18.33 -4.36
CA GLN P 133 -54.71 18.37 -3.83
C GLN P 133 -54.96 17.04 -3.14
N ALA P 134 -55.43 17.10 -1.90
CA ALA P 134 -55.83 15.90 -1.18
C ALA P 134 -57.33 15.70 -1.23
N ASP P 135 -57.74 14.48 -1.56
CA ASP P 135 -59.15 14.12 -1.60
C ASP P 135 -59.27 12.64 -1.27
N ALA P 136 -58.53 12.23 -0.24
CA ALA P 136 -58.46 10.84 0.22
C ALA P 136 -57.71 9.95 -0.76
N GLY P 137 -57.01 8.96 -0.21
CA GLY P 137 -56.16 8.05 -0.97
C GLY P 137 -54.96 8.78 -1.55
N SER P 138 -54.54 9.82 -0.83
CA SER P 138 -53.40 10.66 -1.22
C SER P 138 -52.17 9.80 -1.24
N ARG P 139 -52.08 8.87 -0.29
CA ARG P 139 -50.95 7.98 -0.14
C ARG P 139 -50.82 7.00 -1.30
N LEU P 140 -51.94 6.66 -1.92
CA LEU P 140 -51.92 5.70 -3.02
C LEU P 140 -51.59 6.37 -4.34
N VAL P 141 -52.13 7.57 -4.52
CA VAL P 141 -51.84 8.40 -5.69
C VAL P 141 -50.34 8.74 -5.67
N SER P 142 -49.85 9.13 -4.50
CA SER P 142 -48.42 9.30 -4.24
C SER P 142 -47.55 8.08 -4.63
N LEU P 143 -47.92 6.91 -4.11
CA LEU P 143 -47.17 5.67 -4.36
C LEU P 143 -47.13 5.29 -5.84
N MET P 144 -48.27 5.42 -6.52
CA MET P 144 -48.33 5.10 -7.94
C MET P 144 -47.53 6.09 -8.78
N ALA P 145 -47.65 7.38 -8.44
CA ALA P 145 -46.87 8.44 -9.08
C ALA P 145 -45.40 8.06 -8.98
N ALA P 146 -44.98 7.70 -7.77
CA ALA P 146 -43.61 7.24 -7.52
C ALA P 146 -43.24 6.02 -8.38
N SER P 147 -44.08 4.99 -8.38
CA SER P 147 -43.82 3.78 -9.12
C SER P 147 -43.58 4.11 -10.58
N LEU P 148 -44.42 5.00 -11.12
CA LEU P 148 -44.29 5.43 -12.51
C LEU P 148 -43.07 6.33 -12.75
N ALA P 149 -42.82 7.26 -11.83
CA ALA P 149 -41.63 8.09 -11.90
C ALA P 149 -40.35 7.24 -11.90
N LEU P 150 -40.35 6.16 -11.13
CA LEU P 150 -39.25 5.21 -11.09
C LEU P 150 -39.11 4.52 -12.43
N ALA P 151 -40.24 4.11 -12.98
CA ALA P 151 -40.25 3.44 -14.29
C ALA P 151 -39.77 4.41 -15.35
N ASP P 152 -40.21 5.65 -15.23
CA ASP P 152 -39.79 6.71 -16.16
C ASP P 152 -38.29 6.90 -16.06
N ALA P 153 -37.77 6.83 -14.84
CA ALA P 153 -36.33 6.94 -14.60
C ALA P 153 -35.54 5.75 -15.17
N GLY P 154 -36.25 4.73 -15.65
CA GLY P 154 -35.63 3.55 -16.25
C GLY P 154 -35.07 2.60 -15.20
N ILE P 155 -35.45 2.82 -13.95
CA ILE P 155 -35.05 1.94 -12.85
C ILE P 155 -35.87 0.65 -12.92
N PRO P 156 -35.20 -0.52 -12.91
CA PRO P 156 -35.91 -1.78 -13.08
C PRO P 156 -36.59 -2.26 -11.81
N MET P 157 -37.87 -2.59 -11.92
CA MET P 157 -38.63 -3.08 -10.79
C MET P 157 -39.25 -4.41 -11.19
N ARG P 158 -39.80 -5.13 -10.20
CA ARG P 158 -40.47 -6.40 -10.48
C ARG P 158 -41.77 -6.20 -11.23
N ASP P 159 -42.45 -5.11 -10.92
CA ASP P 159 -43.73 -4.80 -11.51
C ASP P 159 -44.06 -3.35 -11.18
N LEU P 160 -45.03 -2.78 -11.88
CA LEU P 160 -45.60 -1.49 -11.50
C LEU P 160 -46.48 -1.70 -10.27
N ILE P 161 -46.64 -0.63 -9.48
CA ILE P 161 -47.54 -0.67 -8.33
C ILE P 161 -48.83 0.10 -8.64
N ALA P 162 -49.96 -0.57 -8.39
CA ALA P 162 -51.28 0.04 -8.55
C ALA P 162 -52.09 -0.13 -7.27
N GLY P 163 -52.88 0.88 -6.92
CA GLY P 163 -53.64 0.86 -5.67
C GLY P 163 -54.94 1.67 -5.61
N VAL P 164 -55.89 1.17 -4.81
CA VAL P 164 -57.13 1.87 -4.48
C VAL P 164 -57.40 1.84 -2.98
N ALA P 165 -58.11 2.86 -2.54
CA ALA P 165 -58.77 2.84 -1.23
C ALA P 165 -60.14 2.17 -1.43
N VAL P 166 -60.39 1.11 -0.66
CA VAL P 166 -61.70 0.50 -0.65
C VAL P 166 -62.29 0.65 0.77
N GLY P 167 -63.61 0.76 0.88
CA GLY P 167 -64.23 1.07 2.18
C GLY P 167 -65.66 0.61 2.37
N LYS P 168 -66.22 0.95 3.54
CA LYS P 168 -67.59 0.67 3.88
C LYS P 168 -68.29 1.99 4.20
N ALA P 169 -69.36 2.29 3.45
CA ALA P 169 -70.04 3.58 3.57
C ALA P 169 -71.20 3.53 4.55
N ASP P 170 -72.41 3.34 4.03
CA ASP P 170 -73.55 3.19 4.91
C ASP P 170 -73.85 1.73 4.96
N GLY P 171 -72.87 0.96 5.43
CA GLY P 171 -72.94 -0.48 5.44
C GLY P 171 -72.79 -1.07 4.05
N VAL P 172 -72.51 -0.21 3.09
CA VAL P 172 -72.29 -0.66 1.72
C VAL P 172 -70.81 -0.60 1.45
N ILE P 173 -70.27 -1.66 0.86
CA ILE P 173 -68.86 -1.67 0.49
C ILE P 173 -68.66 -0.92 -0.80
N ILE P 174 -67.75 0.05 -0.78
CA ILE P 174 -67.54 0.97 -1.90
C ILE P 174 -66.08 1.05 -2.37
N LEU P 175 -65.89 1.38 -3.64
CA LEU P 175 -64.57 1.43 -4.25
C LEU P 175 -64.10 2.88 -4.48
N ASP P 176 -62.84 3.14 -4.14
CA ASP P 176 -62.21 4.45 -4.34
C ASP P 176 -62.89 5.60 -3.58
N LEU P 177 -62.36 5.92 -2.41
CA LEU P 177 -63.07 6.80 -1.48
C LEU P 177 -62.95 8.32 -1.73
N ASN P 178 -64.01 9.04 -1.36
CA ASN P 178 -64.03 10.49 -1.32
C ASN P 178 -63.34 11.03 -0.10
N GLU P 179 -63.06 12.32 -0.14
CA GLU P 179 -62.73 13.06 1.07
C GLU P 179 -63.85 12.80 2.09
N THR P 180 -65.09 12.97 1.63
CA THR P 180 -66.30 12.78 2.44
C THR P 180 -66.44 11.34 2.93
N GLU P 181 -66.23 10.39 2.04
CA GLU P 181 -66.42 8.99 2.37
C GLU P 181 -65.37 8.52 3.38
N ASP P 182 -64.17 9.08 3.31
CA ASP P 182 -63.08 8.74 4.23
C ASP P 182 -63.42 9.20 5.64
N MET P 183 -63.92 10.42 5.72
CA MET P 183 -64.34 11.10 6.94
C MET P 183 -65.50 10.41 7.69
N TRP P 184 -66.57 10.00 6.99
CA TRP P 184 -67.83 9.52 7.62
C TRP P 184 -68.15 8.02 7.53
N GLY P 185 -67.46 7.30 6.66
CA GLY P 185 -67.69 5.87 6.51
C GLY P 185 -67.08 5.08 7.64
N GLU P 186 -67.61 3.88 7.88
CA GLU P 186 -67.12 2.98 8.92
C GLU P 186 -65.68 2.51 8.73
N ALA P 187 -65.23 2.44 7.48
CA ALA P 187 -63.93 1.85 7.17
C ALA P 187 -63.25 2.51 5.95
N ASP P 188 -61.92 2.62 6.04
CA ASP P 188 -61.06 3.13 4.97
C ASP P 188 -59.87 2.17 4.88
N MET P 189 -59.75 1.49 3.74
CA MET P 189 -58.75 0.46 3.61
C MET P 189 -57.95 0.61 2.31
N PRO P 190 -56.89 1.43 2.34
CA PRO P 190 -55.93 1.46 1.23
C PRO P 190 -55.22 0.11 0.96
N ILE P 191 -55.18 -0.31 -0.31
CA ILE P 191 -54.50 -1.54 -0.75
C ILE P 191 -53.67 -1.26 -2.01
N ALA P 192 -52.40 -1.68 -2.03
CA ALA P 192 -51.57 -1.55 -3.24
C ALA P 192 -50.97 -2.90 -3.67
N MET P 193 -50.86 -3.12 -4.98
CA MET P 193 -50.40 -4.40 -5.53
C MET P 193 -49.36 -4.29 -6.63
N MET P 194 -48.58 -5.36 -6.79
CA MET P 194 -47.89 -5.65 -8.04
C MET P 194 -48.79 -6.64 -8.72
N PRO P 195 -49.72 -6.14 -9.55
CA PRO P 195 -50.89 -6.89 -9.99
C PRO P 195 -50.54 -8.13 -10.79
N SER P 196 -49.48 -8.04 -11.61
CA SER P 196 -49.04 -9.17 -12.44
C SER P 196 -48.51 -10.32 -11.60
N LEU P 197 -47.89 -9.99 -10.49
CA LEU P 197 -47.38 -10.98 -9.54
C LEU P 197 -48.38 -11.33 -8.44
N ASN P 198 -49.53 -10.63 -8.42
CA ASN P 198 -50.56 -10.78 -7.39
C ASN P 198 -49.99 -10.62 -5.98
N GLN P 199 -49.23 -9.54 -5.80
CA GLN P 199 -48.47 -9.30 -4.59
C GLN P 199 -48.90 -8.01 -3.93
N VAL P 200 -49.25 -8.10 -2.65
CA VAL P 200 -49.67 -6.93 -1.89
C VAL P 200 -48.45 -6.20 -1.32
N THR P 201 -48.44 -4.89 -1.59
CA THR P 201 -47.29 -4.03 -1.40
C THR P 201 -47.51 -3.10 -0.22
N LEU P 202 -48.72 -2.56 -0.14
CA LEU P 202 -49.20 -1.73 0.95
C LEU P 202 -50.58 -2.23 1.33
N PHE P 203 -50.82 -2.32 2.63
CA PHE P 203 -52.12 -2.77 3.13
C PHE P 203 -52.44 -2.17 4.50
N GLN P 204 -53.51 -1.38 4.55
CA GLN P 204 -53.90 -0.73 5.79
C GLN P 204 -55.41 -0.64 5.92
N LEU P 205 -55.89 -0.89 7.14
CA LEU P 205 -57.27 -0.59 7.45
C LEU P 205 -57.38 0.27 8.69
N ASN P 206 -58.13 1.36 8.57
CA ASN P 206 -58.59 2.11 9.73
C ASN P 206 -60.10 2.19 9.74
N GLY P 207 -60.68 1.79 10.86
CA GLY P 207 -62.12 1.67 10.99
C GLY P 207 -62.48 0.28 11.42
N SER P 208 -63.67 -0.16 11.00
CA SER P 208 -64.25 -1.39 11.51
C SER P 208 -64.87 -2.24 10.40
N MET P 209 -64.57 -3.53 10.42
CA MET P 209 -65.09 -4.49 9.43
C MET P 209 -65.23 -5.91 9.95
N THR P 210 -66.30 -6.60 9.57
CA THR P 210 -66.41 -8.03 9.84
C THR P 210 -65.51 -8.76 8.86
N PRO P 211 -64.93 -9.89 9.29
CA PRO P 211 -64.07 -10.66 8.41
C PRO P 211 -64.66 -10.82 6.99
N ASP P 212 -65.99 -10.98 6.89
CA ASP P 212 -66.66 -11.12 5.60
C ASP P 212 -66.51 -9.86 4.77
N GLU P 213 -66.96 -8.74 5.35
CA GLU P 213 -66.87 -7.43 4.70
C GLU P 213 -65.44 -7.14 4.29
N PHE P 214 -64.50 -7.48 5.16
CA PHE P 214 -63.08 -7.39 4.85
C PHE P 214 -62.74 -8.14 3.55
N ARG P 215 -63.16 -9.40 3.46
CA ARG P 215 -62.91 -10.19 2.27
C ARG P 215 -63.65 -9.71 1.02
N GLN P 216 -64.83 -9.12 1.18
CA GLN P 216 -65.58 -8.59 0.04
C GLN P 216 -64.91 -7.38 -0.52
N ALA P 217 -64.59 -6.43 0.36
CA ALA P 217 -63.89 -5.20 0.00
C ALA P 217 -62.57 -5.53 -0.69
N PHE P 218 -61.94 -6.57 -0.18
CA PHE P 218 -60.69 -7.08 -0.72
C PHE P 218 -60.82 -7.52 -2.19
N ASP P 219 -61.85 -8.30 -2.48
CA ASP P 219 -62.13 -8.74 -3.86
C ASP P 219 -62.37 -7.60 -4.82
N LEU P 220 -63.08 -6.57 -4.35
CA LEU P 220 -63.40 -5.41 -5.14
C LEU P 220 -62.15 -4.58 -5.43
N ALA P 221 -61.33 -4.39 -4.39
CA ALA P 221 -60.09 -3.64 -4.52
C ALA P 221 -59.24 -4.17 -5.67
N VAL P 222 -59.18 -5.49 -5.80
CA VAL P 222 -58.45 -6.14 -6.88
C VAL P 222 -58.97 -5.70 -8.25
N LYS P 223 -60.27 -5.89 -8.47
CA LYS P 223 -60.90 -5.52 -9.72
C LYS P 223 -60.57 -4.09 -10.11
N GLY P 224 -60.60 -3.20 -9.12
CA GLY P 224 -60.21 -1.81 -9.35
C GLY P 224 -58.76 -1.68 -9.78
N ILE P 225 -57.88 -2.26 -8.97
CA ILE P 225 -56.44 -2.20 -9.17
C ILE P 225 -56.07 -2.61 -10.59
N ASN P 226 -56.75 -3.63 -11.11
CA ASN P 226 -56.46 -4.15 -12.44
C ASN P 226 -56.74 -3.16 -13.55
N ILE P 227 -57.89 -2.48 -13.46
CA ILE P 227 -58.23 -1.42 -14.39
C ILE P 227 -57.19 -0.29 -14.37
N ILE P 228 -56.78 0.11 -13.17
CA ILE P 228 -55.72 1.11 -12.95
C ILE P 228 -54.38 0.66 -13.54
N TYR P 229 -54.03 -0.59 -13.25
CA TYR P 229 -52.81 -1.18 -13.75
C TYR P 229 -52.67 -1.11 -15.27
N ASN P 230 -53.80 -1.24 -15.97
CA ASN P 230 -53.80 -1.15 -17.42
C ASN P 230 -53.51 0.22 -17.95
N LEU P 231 -54.01 1.23 -17.23
CA LEU P 231 -53.75 2.62 -17.56
C LEU P 231 -52.29 2.99 -17.30
N GLU P 232 -51.70 2.38 -16.27
CA GLU P 232 -50.28 2.53 -15.96
C GLU P 232 -49.41 2.00 -17.10
N ARG P 233 -49.73 0.79 -17.55
CA ARG P 233 -49.07 0.22 -18.71
C ARG P 233 -49.15 1.15 -19.92
N GLU P 234 -50.32 1.74 -20.10
CA GLU P 234 -50.60 2.62 -21.23
C GLU P 234 -49.81 3.90 -21.10
N ALA P 235 -49.76 4.45 -19.88
CA ALA P 235 -49.04 5.69 -19.60
C ALA P 235 -47.55 5.53 -19.87
N LEU P 236 -47.08 4.30 -19.72
CA LEU P 236 -45.70 3.97 -19.96
C LEU P 236 -45.37 4.08 -21.44
N LYS P 237 -46.23 3.50 -22.26
CA LYS P 237 -46.07 3.51 -23.72
C LYS P 237 -46.28 4.90 -24.33
N SER P 238 -47.40 5.55 -24.03
CA SER P 238 -47.76 6.79 -24.71
C SER P 238 -47.48 8.06 -23.90
N LYS P 239 -46.89 7.89 -22.71
CA LYS P 239 -46.51 9.02 -21.84
C LYS P 239 -47.68 9.85 -21.31
N TYR P 240 -48.90 9.57 -21.77
CA TYR P 240 -50.08 10.35 -21.37
C TYR P 240 -51.40 9.57 -21.43
N VAL P 241 -52.16 9.58 -20.33
CA VAL P 241 -53.38 8.79 -20.24
C VAL P 241 -54.51 9.54 -19.55
N GLU P 242 -55.71 9.43 -20.13
CA GLU P 242 -56.91 10.07 -19.61
C GLU P 242 -58.08 9.12 -19.56
N PHE P 243 -58.69 8.99 -18.38
CA PHE P 243 -59.74 7.99 -18.15
C PHE P 243 -60.95 8.61 -17.46
N LYS P 244 -62.04 8.74 -18.20
CA LYS P 244 -63.31 9.17 -17.64
C LYS P 244 -63.85 8.04 -16.76
N GLU P 245 -64.41 8.41 -15.60
CA GLU P 245 -64.91 7.45 -14.60
C GLU P 245 -65.75 6.33 -15.19
N GLU P 246 -65.55 5.12 -14.69
CA GLU P 246 -66.52 4.06 -14.95
C GLU P 246 -66.45 2.91 -13.96
N GLY P 247 -67.49 2.08 -14.01
CA GLY P 247 -67.66 0.93 -13.15
C GLY P 247 -66.64 -0.15 -13.41
N VAL P 248 -66.10 -0.66 -12.33
CA VAL P 248 -65.19 -1.79 -12.34
C VAL P 248 -66.00 -3.04 -12.66
N MET Q 1 -28.88 13.71 24.57
CA MET Q 1 -27.83 12.78 25.09
C MET Q 1 -26.44 13.40 25.25
N SER Q 2 -25.82 13.20 26.42
CA SER Q 2 -24.50 13.75 26.77
C SER Q 2 -23.37 12.77 26.46
N SER Q 3 -22.27 13.29 25.92
CA SER Q 3 -21.13 12.45 25.54
C SER Q 3 -19.78 13.15 25.67
N THR Q 4 -18.74 12.36 25.92
CA THR Q 4 -17.40 12.88 26.17
C THR Q 4 -16.98 13.79 25.02
N PRO Q 5 -16.50 15.01 25.32
CA PRO Q 5 -16.10 15.96 24.29
C PRO Q 5 -14.90 15.45 23.48
N SER Q 6 -15.08 15.35 22.17
CA SER Q 6 -14.05 14.81 21.26
C SER Q 6 -13.09 15.87 20.73
N ASN Q 7 -13.68 16.99 20.30
CA ASN Q 7 -12.95 18.21 20.00
C ASN Q 7 -12.73 19.02 21.30
N GLN Q 8 -11.98 18.41 22.21
CA GLN Q 8 -11.38 19.05 23.37
C GLN Q 8 -9.87 18.78 23.26
N ASN Q 9 -9.08 19.78 23.68
CA ASN Q 9 -7.61 19.82 23.49
C ASN Q 9 -6.84 18.96 24.53
N ILE Q 10 -6.44 17.76 24.08
CA ILE Q 10 -5.64 16.80 24.87
C ILE Q 10 -4.22 17.33 25.03
N ILE Q 11 -4.01 18.05 26.13
CA ILE Q 11 -2.74 18.76 26.45
C ILE Q 11 -1.66 17.81 27.03
N PRO Q 12 -0.53 17.62 26.30
CA PRO Q 12 0.47 16.56 26.53
C PRO Q 12 0.88 16.36 27.97
N ILE Q 13 1.36 15.16 28.26
CA ILE Q 13 1.87 14.77 29.56
C ILE Q 13 2.90 15.78 30.04
N ILE Q 14 3.87 16.08 29.16
CA ILE Q 14 5.01 16.94 29.45
C ILE Q 14 4.60 18.33 29.97
N LYS Q 15 3.73 19.01 29.23
CA LYS Q 15 3.29 20.35 29.63
C LYS Q 15 2.69 20.39 31.03
N LYS Q 16 2.04 19.29 31.43
CA LYS Q 16 1.40 19.22 32.73
C LYS Q 16 2.39 19.34 33.87
N GLU Q 17 3.48 18.56 33.86
CA GLU Q 17 4.45 18.66 34.98
C GLU Q 17 5.16 20.00 35.05
N SER Q 18 5.34 20.68 33.92
CA SER Q 18 5.93 22.03 33.92
C SER Q 18 5.15 22.89 34.86
N ILE Q 19 3.82 22.82 34.74
CA ILE Q 19 2.90 23.60 35.53
C ILE Q 19 2.88 23.10 36.98
N VAL Q 20 2.86 21.78 37.16
CA VAL Q 20 2.85 21.16 38.50
C VAL Q 20 4.16 21.45 39.25
N SER Q 21 5.29 21.32 38.57
CA SER Q 21 6.59 21.64 39.18
C SER Q 21 6.65 23.07 39.71
N LEU Q 22 5.91 23.96 39.06
CA LEU Q 22 5.80 25.35 39.49
C LEU Q 22 4.91 25.45 40.72
N PHE Q 23 3.80 24.71 40.69
CA PHE Q 23 2.84 24.65 41.80
C PHE Q 23 3.53 24.20 43.07
N GLU Q 24 4.48 23.28 42.90
CA GLU Q 24 5.28 22.77 43.98
C GLU Q 24 6.06 23.88 44.69
N LYS Q 25 6.38 24.94 43.96
CA LYS Q 25 7.06 26.10 44.52
C LYS Q 25 6.06 27.21 44.86
N GLY Q 26 4.78 26.89 44.79
CA GLY Q 26 3.74 27.84 45.15
C GLY Q 26 3.51 29.00 44.18
N ILE Q 27 3.97 28.82 42.93
CA ILE Q 27 3.78 29.83 41.90
C ILE Q 27 3.16 29.25 40.63
N ARG Q 28 2.61 30.11 39.78
CA ARG Q 28 2.06 29.66 38.50
C ARG Q 28 2.75 30.32 37.33
N GLN Q 29 2.32 29.97 36.11
CA GLN Q 29 2.92 30.49 34.87
C GLN Q 29 2.83 32.01 34.79
N ASP Q 30 1.62 32.54 34.99
CA ASP Q 30 1.36 33.99 34.94
C ASP Q 30 2.00 34.79 36.09
N GLY Q 31 2.37 34.11 37.16
CA GLY Q 31 3.14 34.72 38.25
C GLY Q 31 2.43 34.70 39.58
N ARG Q 32 1.11 34.59 39.54
CA ARG Q 32 0.31 34.64 40.75
C ARG Q 32 0.46 33.41 41.66
N LYS Q 33 0.12 33.60 42.94
CA LYS Q 33 0.15 32.53 43.94
C LYS Q 33 -1.00 31.57 43.71
N LEU Q 34 -0.96 30.42 44.38
CA LEU Q 34 -1.94 29.37 44.15
C LEU Q 34 -3.38 29.78 44.47
N THR Q 35 -3.53 30.80 45.33
CA THR Q 35 -4.85 31.27 45.76
C THR Q 35 -5.28 32.62 45.17
N ASP Q 36 -4.47 33.14 44.25
CA ASP Q 36 -4.67 34.48 43.67
C ASP Q 36 -5.71 34.53 42.56
N TYR Q 37 -6.35 35.69 42.43
CA TYR Q 37 -7.26 35.91 41.32
C TYR Q 37 -6.60 36.64 40.19
N ARG Q 38 -6.99 36.31 38.96
CA ARG Q 38 -6.53 37.06 37.79
C ARG Q 38 -6.99 38.54 37.83
N PRO Q 39 -6.32 39.44 37.09
CA PRO Q 39 -6.75 40.84 37.11
C PRO Q 39 -8.19 40.99 36.61
N LEU Q 40 -8.96 41.83 37.30
CA LEU Q 40 -10.39 41.98 37.03
C LEU Q 40 -10.78 43.39 36.60
N SER Q 41 -11.40 43.49 35.43
CA SER Q 41 -11.93 44.74 34.92
C SER Q 41 -13.39 44.60 34.70
N ILE Q 42 -14.15 45.61 35.13
CA ILE Q 42 -15.58 45.66 34.87
C ILE Q 42 -15.96 47.03 34.33
N THR Q 43 -16.56 47.00 33.13
CA THR Q 43 -17.11 48.19 32.50
C THR Q 43 -18.63 48.09 32.50
N LEU Q 44 -19.26 48.95 33.32
CA LEU Q 44 -20.71 48.97 33.44
C LEU Q 44 -21.40 49.71 32.27
N ASP Q 45 -22.68 49.41 32.08
CA ASP Q 45 -23.46 49.95 30.97
C ASP Q 45 -22.69 49.92 29.66
N TYR Q 46 -22.26 48.74 29.26
CA TYR Q 46 -21.50 48.59 28.03
C TYR Q 46 -22.39 48.53 26.80
N ALA Q 47 -23.35 47.59 26.79
CA ALA Q 47 -24.36 47.54 25.73
C ALA Q 47 -25.43 48.57 26.04
N LYS Q 48 -25.48 49.63 25.24
CA LYS Q 48 -26.32 50.78 25.52
C LYS Q 48 -27.80 50.41 25.43
N LYS Q 49 -28.15 49.51 24.52
CA LYS Q 49 -29.55 49.20 24.32
C LYS Q 49 -30.10 48.20 25.33
N ALA Q 50 -29.25 47.77 26.26
CA ALA Q 50 -29.70 46.94 27.37
C ALA Q 50 -30.29 47.81 28.47
N ASP Q 51 -31.03 47.18 29.39
CA ASP Q 51 -31.55 47.88 30.58
C ASP Q 51 -30.43 48.08 31.62
N GLY Q 52 -29.63 47.03 31.79
CA GLY Q 52 -28.37 47.11 32.52
C GLY Q 52 -27.39 46.20 31.82
N SER Q 53 -26.11 46.53 31.84
CA SER Q 53 -25.11 45.69 31.18
C SER Q 53 -23.79 45.79 31.85
N ALA Q 54 -22.97 44.77 31.67
CA ALA Q 54 -21.62 44.75 32.25
C ALA Q 54 -20.62 43.93 31.41
N LEU Q 55 -19.49 44.56 31.07
CA LEU Q 55 -18.41 43.88 30.38
C LEU Q 55 -17.31 43.54 31.38
N VAL Q 56 -17.14 42.25 31.59
CA VAL Q 56 -16.17 41.74 32.58
C VAL Q 56 -14.94 41.09 31.92
N LYS Q 57 -13.76 41.52 32.32
CA LYS Q 57 -12.52 40.88 31.93
C LYS Q 57 -11.85 40.27 33.14
N LEU Q 58 -11.94 38.94 33.26
CA LEU Q 58 -11.21 38.20 34.28
C LEU Q 58 -10.04 37.48 33.61
N GLY Q 59 -8.83 38.02 33.75
CA GLY Q 59 -7.71 37.55 32.96
C GLY Q 59 -8.04 37.77 31.49
N THR Q 60 -7.94 36.71 30.70
CA THR Q 60 -8.23 36.80 29.25
C THR Q 60 -9.67 36.43 28.90
N THR Q 61 -10.43 35.99 29.90
CA THR Q 61 -11.84 35.67 29.74
C THR Q 61 -12.65 36.95 29.60
N MET Q 62 -13.59 36.96 28.66
CA MET Q 62 -14.50 38.09 28.49
C MET Q 62 -15.94 37.68 28.43
N VAL Q 63 -16.73 38.29 29.29
CA VAL Q 63 -18.14 38.02 29.33
C VAL Q 63 -18.86 39.35 29.30
N LEU Q 64 -19.89 39.41 28.46
CA LEU Q 64 -20.79 40.56 28.45
C LEU Q 64 -22.18 40.08 28.83
N ALA Q 65 -22.69 40.60 29.95
CA ALA Q 65 -24.04 40.30 30.43
C ALA Q 65 -24.93 41.53 30.29
N GLY Q 66 -26.16 41.29 29.86
CA GLY Q 66 -27.11 42.36 29.66
C GLY Q 66 -28.49 41.92 30.09
N THR Q 67 -29.17 42.84 30.77
CA THR Q 67 -30.55 42.62 31.20
C THR Q 67 -31.55 43.30 30.27
N LYS Q 68 -32.75 42.72 30.22
CA LYS Q 68 -33.86 43.30 29.47
C LYS Q 68 -35.14 42.97 30.23
N LEU Q 69 -35.89 44.00 30.60
CA LEU Q 69 -37.09 43.84 31.40
C LEU Q 69 -38.33 43.77 30.54
N GLU Q 70 -39.28 42.93 30.92
CA GLU Q 70 -40.55 42.79 30.24
C GLU Q 70 -41.69 42.55 31.23
N ILE Q 71 -42.89 42.99 30.87
CA ILE Q 71 -44.05 42.79 31.72
C ILE Q 71 -44.83 41.58 31.27
N ASP Q 72 -44.99 40.61 32.18
CA ASP Q 72 -45.67 39.34 31.89
C ASP Q 72 -46.66 39.00 33.00
N LYS Q 73 -47.66 38.17 32.67
CA LYS Q 73 -48.45 37.48 33.69
C LYS Q 73 -47.52 36.46 34.36
N PRO Q 74 -47.52 36.42 35.70
CA PRO Q 74 -46.63 35.48 36.38
C PRO Q 74 -47.07 34.04 36.16
N TYR Q 75 -46.14 33.10 36.36
CA TYR Q 75 -46.41 31.69 36.14
C TYR Q 75 -47.55 31.20 37.03
N GLU Q 76 -48.54 30.52 36.45
CA GLU Q 76 -49.70 30.03 37.21
C GLU Q 76 -49.26 29.31 38.49
N ASP Q 77 -48.07 28.70 38.45
CA ASP Q 77 -47.46 28.05 39.60
C ASP Q 77 -47.07 29.07 40.68
N THR Q 78 -46.38 30.16 40.30
CA THR Q 78 -45.84 31.14 41.27
C THR Q 78 -46.44 32.54 41.07
N PRO Q 79 -47.66 32.77 41.58
CA PRO Q 79 -48.47 33.94 41.23
C PRO Q 79 -48.05 35.25 41.87
N ASN Q 80 -47.11 35.17 42.83
CA ASN Q 80 -46.65 36.36 43.54
C ASN Q 80 -45.18 36.70 43.34
N GLN Q 81 -44.70 36.45 42.12
CA GLN Q 81 -43.28 36.59 41.82
C GLN Q 81 -43.05 37.08 40.41
N GLY Q 82 -42.05 37.95 40.27
CA GLY Q 82 -41.48 38.27 38.98
C GLY Q 82 -40.62 37.11 38.53
N ASN Q 83 -40.31 37.07 37.24
CA ASN Q 83 -39.59 35.94 36.70
C ASN Q 83 -38.15 36.30 36.38
N LEU Q 84 -37.24 35.33 36.53
CA LEU Q 84 -35.84 35.48 36.15
C LEU Q 84 -35.47 34.41 35.13
N ILE Q 85 -34.97 34.82 33.96
CA ILE Q 85 -34.52 33.82 32.99
C ILE Q 85 -33.08 34.08 32.63
N VAL Q 86 -32.21 33.15 33.03
CA VAL Q 86 -30.79 33.26 32.73
C VAL Q 86 -30.48 32.44 31.51
N ASN Q 87 -29.72 33.04 30.61
CA ASN Q 87 -29.43 32.43 29.34
C ASN Q 87 -27.96 32.69 29.04
N VAL Q 88 -27.21 31.61 28.87
CA VAL Q 88 -25.78 31.72 28.61
C VAL Q 88 -25.50 31.11 27.25
N GLU Q 89 -24.83 31.88 26.40
CA GLU Q 89 -24.30 31.31 25.19
C GLU Q 89 -22.79 31.37 25.21
N LEU Q 90 -22.18 30.22 24.95
CA LEU Q 90 -20.74 30.09 24.85
C LEU Q 90 -20.43 30.29 23.40
N LEU Q 91 -20.01 31.49 23.07
CA LEU Q 91 -19.86 31.85 21.67
C LEU Q 91 -18.61 31.31 21.03
N PRO Q 92 -18.67 31.13 19.71
CA PRO Q 92 -17.61 30.57 18.87
C PRO Q 92 -16.49 31.56 18.59
N LEU Q 93 -16.63 32.77 19.13
CA LEU Q 93 -15.65 33.85 19.01
C LEU Q 93 -14.58 33.68 20.09
N ALA Q 94 -14.81 32.71 20.99
CA ALA Q 94 -14.02 32.52 22.22
C ALA Q 94 -13.00 31.38 22.15
N TYR Q 95 -13.23 30.44 21.23
CA TYR Q 95 -12.39 29.24 21.10
C TYR Q 95 -12.58 28.57 19.72
N GLU Q 96 -11.53 27.90 19.24
CA GLU Q 96 -11.57 27.20 17.95
C GLU Q 96 -12.59 26.03 17.87
N THR Q 97 -12.63 25.19 18.89
CA THR Q 97 -13.53 24.03 18.94
C THR Q 97 -14.85 24.35 19.67
N PHE Q 98 -15.55 25.39 19.19
CA PHE Q 98 -16.79 25.94 19.77
C PHE Q 98 -17.86 26.21 18.72
N GLU Q 99 -18.51 25.16 18.20
CA GLU Q 99 -19.57 25.31 17.19
C GLU Q 99 -20.65 26.37 17.58
N PRO Q 100 -21.34 26.97 16.58
CA PRO Q 100 -22.38 28.00 16.81
C PRO Q 100 -23.72 27.43 17.32
N GLY Q 101 -24.85 27.90 16.76
CA GLY Q 101 -26.22 27.40 17.06
C GLY Q 101 -26.76 27.56 18.49
N PRO Q 102 -28.12 27.63 18.67
CA PRO Q 102 -28.68 27.67 20.06
C PRO Q 102 -28.01 26.64 21.05
N PRO Q 103 -27.87 26.98 22.38
CA PRO Q 103 -26.70 26.63 23.26
C PRO Q 103 -26.61 25.21 23.80
N ASP Q 104 -25.40 24.64 23.80
CA ASP Q 104 -25.22 23.27 24.25
C ASP Q 104 -24.71 23.10 25.70
N GLU Q 105 -25.21 22.03 26.33
CA GLU Q 105 -24.74 21.49 27.61
C GLU Q 105 -24.06 22.48 28.55
N ASN Q 106 -22.80 22.81 28.28
CA ASN Q 106 -22.00 23.66 29.17
C ASN Q 106 -22.64 25.02 29.37
N ALA Q 107 -23.15 25.56 28.27
CA ALA Q 107 -23.87 26.81 28.24
C ALA Q 107 -25.05 26.74 29.20
N ILE Q 108 -25.83 25.68 29.03
CA ILE Q 108 -26.96 25.41 29.90
C ILE Q 108 -26.52 25.22 31.34
N GLU Q 109 -25.49 24.41 31.57
CA GLU Q 109 -24.99 24.18 32.92
C GLU Q 109 -24.58 25.49 33.59
N LEU Q 110 -23.86 26.33 32.85
CA LEU Q 110 -23.45 27.65 33.35
C LEU Q 110 -24.64 28.51 33.75
N ALA Q 111 -25.63 28.57 32.87
CA ALA Q 111 -26.85 29.33 33.10
C ALA Q 111 -27.56 28.89 34.38
N ARG Q 112 -27.75 27.57 34.53
CA ARG Q 112 -28.47 27.02 35.67
C ARG Q 112 -27.72 27.25 36.95
N VAL Q 113 -26.40 27.13 36.89
CA VAL Q 113 -25.57 27.36 38.06
C VAL Q 113 -25.62 28.82 38.52
N VAL Q 114 -25.54 29.75 37.57
CA VAL Q 114 -25.69 31.19 37.85
C VAL Q 114 -27.10 31.51 38.35
N ASP Q 115 -28.10 30.97 37.66
CA ASP Q 115 -29.50 31.06 38.07
C ASP Q 115 -29.68 30.68 39.55
N ARG Q 116 -29.23 29.49 39.91
CA ARG Q 116 -29.50 28.96 41.23
C ARG Q 116 -28.86 29.78 42.33
N SER Q 117 -27.73 30.38 42.05
CA SER Q 117 -27.04 31.16 43.08
C SER Q 117 -27.55 32.59 43.17
N LEU Q 118 -28.35 33.00 42.19
CA LEU Q 118 -29.07 34.27 42.29
C LEU Q 118 -30.43 34.08 42.95
N ARG Q 119 -31.07 32.97 42.61
CA ARG Q 119 -32.44 32.68 43.00
C ARG Q 119 -32.50 32.16 44.42
N ASP Q 120 -31.64 31.17 44.72
CA ASP Q 120 -31.63 30.53 46.04
C ASP Q 120 -31.02 31.43 47.11
N SER Q 121 -30.19 32.39 46.70
CA SER Q 121 -29.62 33.33 47.63
C SER Q 121 -30.57 34.49 47.88
N LYS Q 122 -31.64 34.56 47.09
CA LYS Q 122 -32.50 35.75 47.08
C LYS Q 122 -31.67 37.02 46.96
N ALA Q 123 -30.57 36.95 46.21
CA ALA Q 123 -29.78 38.14 45.92
C ALA Q 123 -30.68 39.13 45.18
N LEU Q 124 -31.51 38.58 44.29
CA LEU Q 124 -32.55 39.34 43.65
C LEU Q 124 -33.88 38.88 44.21
N ASP Q 125 -34.62 39.83 44.78
CA ASP Q 125 -35.92 39.52 45.36
C ASP Q 125 -37.05 39.52 44.31
N LEU Q 126 -37.44 38.32 43.90
CA LEU Q 126 -38.45 38.13 42.89
C LEU Q 126 -39.84 38.52 43.36
N THR Q 127 -40.07 38.48 44.67
CA THR Q 127 -41.37 38.86 45.24
C THR Q 127 -41.58 40.36 45.15
N LYS Q 128 -40.49 41.11 45.04
CA LYS Q 128 -40.55 42.56 44.90
C LYS Q 128 -40.72 43.05 43.47
N LEU Q 129 -40.84 42.11 42.53
CA LEU Q 129 -40.99 42.44 41.11
C LEU Q 129 -42.43 42.35 40.63
N VAL Q 130 -43.38 42.31 41.58
CA VAL Q 130 -44.80 42.18 41.25
C VAL Q 130 -45.40 43.56 40.99
N ILE Q 131 -46.12 43.73 39.89
CA ILE Q 131 -46.81 44.99 39.62
C ILE Q 131 -48.26 44.90 40.15
N GLU Q 132 -49.20 44.38 39.35
CA GLU Q 132 -50.52 44.02 39.88
C GLU Q 132 -50.53 42.50 40.16
N PRO Q 133 -50.60 42.10 41.45
CA PRO Q 133 -50.39 40.72 41.93
C PRO Q 133 -51.22 39.72 41.13
N GLY Q 134 -50.60 38.61 40.75
CA GLY Q 134 -51.26 37.60 39.92
C GLY Q 134 -51.61 38.00 38.48
N LYS Q 135 -51.69 39.31 38.20
CA LYS Q 135 -52.03 39.81 36.86
C LYS Q 135 -50.79 40.15 36.01
N SER Q 136 -49.86 40.90 36.60
CA SER Q 136 -48.66 41.34 35.87
C SER Q 136 -47.43 41.54 36.76
N VAL Q 137 -46.30 40.98 36.32
CA VAL Q 137 -45.03 41.06 37.01
C VAL Q 137 -43.92 41.39 36.01
N TRP Q 138 -42.77 41.80 36.52
CA TRP Q 138 -41.58 41.99 35.70
C TRP Q 138 -40.89 40.66 35.41
N THR Q 139 -40.51 40.45 34.15
CA THR Q 139 -39.66 39.35 33.80
C THR Q 139 -38.28 39.92 33.52
N VAL Q 140 -37.29 39.40 34.24
CA VAL Q 140 -35.92 39.84 34.09
C VAL Q 140 -35.18 38.84 33.22
N TRP Q 141 -34.93 39.24 31.98
CA TRP Q 141 -34.11 38.44 31.08
C TRP Q 141 -32.66 38.80 31.30
N LEU Q 142 -31.87 37.85 31.78
CA LEU Q 142 -30.43 38.02 31.86
C LEU Q 142 -29.82 37.22 30.72
N ASP Q 143 -29.04 37.91 29.88
CA ASP Q 143 -28.35 37.25 28.77
C ASP Q 143 -26.85 37.43 28.89
N VAL Q 144 -26.16 36.33 29.07
CA VAL Q 144 -24.71 36.32 29.33
C VAL Q 144 -23.96 35.73 28.15
N TYR Q 145 -23.11 36.56 27.55
CA TYR Q 145 -22.40 36.20 26.32
C TYR Q 145 -20.89 36.11 26.55
N VAL Q 146 -20.34 34.92 26.36
CA VAL Q 146 -18.92 34.71 26.56
C VAL Q 146 -18.22 35.01 25.25
N LEU Q 147 -17.34 35.99 25.28
CA LEU Q 147 -16.67 36.47 24.05
C LEU Q 147 -15.24 35.92 23.85
N ASP Q 148 -14.57 35.61 24.95
CA ASP Q 148 -13.18 35.22 24.95
C ASP Q 148 -13.08 34.14 26.02
N TYR Q 149 -12.67 32.94 25.64
CA TYR Q 149 -12.54 31.88 26.62
C TYR Q 149 -11.13 31.85 27.22
N GLY Q 150 -11.00 32.36 28.43
CA GLY Q 150 -9.69 32.41 29.08
C GLY Q 150 -9.57 31.40 30.20
N GLY Q 151 -10.61 30.57 30.35
CA GLY Q 151 -10.71 29.59 31.44
C GLY Q 151 -11.49 30.17 32.61
N ASN Q 152 -12.04 29.29 33.43
CA ASN Q 152 -12.88 29.66 34.58
C ASN Q 152 -13.99 30.65 34.19
N VAL Q 153 -14.82 30.22 33.26
CA VAL Q 153 -15.86 31.07 32.70
C VAL Q 153 -16.95 31.30 33.75
N LEU Q 154 -17.24 30.28 34.56
CA LEU Q 154 -18.31 30.36 35.57
C LEU Q 154 -18.23 31.57 36.49
N ASP Q 155 -17.05 31.83 37.03
CA ASP Q 155 -16.84 32.94 37.96
C ASP Q 155 -17.04 34.29 37.28
N ALA Q 156 -16.57 34.42 36.05
CA ALA Q 156 -16.74 35.64 35.26
C ALA Q 156 -18.19 35.90 34.86
N CYS Q 157 -18.99 34.83 34.74
CA CYS Q 157 -20.42 34.96 34.45
C CYS Q 157 -21.19 35.45 35.67
N THR Q 158 -20.98 34.78 36.80
CA THR Q 158 -21.49 35.24 38.09
C THR Q 158 -21.24 36.73 38.25
N LEU Q 159 -20.00 37.16 38.02
CA LEU Q 159 -19.63 38.55 38.14
C LEU Q 159 -20.33 39.44 37.14
N ALA Q 160 -20.26 39.10 35.86
CA ALA Q 160 -20.94 39.87 34.83
C ALA Q 160 -22.45 39.99 35.08
N SER Q 161 -23.04 38.91 35.60
CA SER Q 161 -24.47 38.86 35.89
C SER Q 161 -24.84 39.79 37.04
N VAL Q 162 -24.20 39.59 38.18
CA VAL Q 162 -24.39 40.47 39.32
C VAL Q 162 -24.23 41.95 38.93
N ALA Q 163 -23.17 42.24 38.16
CA ALA Q 163 -22.90 43.59 37.69
C ALA Q 163 -24.00 44.12 36.80
N ALA Q 164 -24.44 43.29 35.85
CA ALA Q 164 -25.50 43.70 34.94
C ALA Q 164 -26.77 44.05 35.68
N LEU Q 165 -27.13 43.22 36.67
CA LEU Q 165 -28.33 43.42 37.47
C LEU Q 165 -28.30 44.73 38.27
N TYR Q 166 -27.14 44.98 38.88
CA TYR Q 166 -26.96 46.23 39.63
C TYR Q 166 -26.99 47.46 38.73
N ASN Q 167 -26.65 47.26 37.46
CA ASN Q 167 -26.71 48.31 36.48
C ASN Q 167 -28.14 48.52 35.93
N THR Q 168 -29.05 47.60 36.26
CA THR Q 168 -30.36 47.58 35.62
C THR Q 168 -31.26 48.74 36.06
N LYS Q 169 -31.86 49.40 35.06
CA LYS Q 169 -32.80 50.50 35.27
C LYS Q 169 -34.24 50.04 35.09
N VAL Q 170 -35.06 50.33 36.10
CA VAL Q 170 -36.48 50.03 36.02
C VAL Q 170 -37.19 51.24 35.46
N TYR Q 171 -38.27 51.03 34.70
CA TYR Q 171 -38.97 52.15 34.06
C TYR Q 171 -40.32 52.47 34.68
N LYS Q 172 -40.90 53.59 34.23
CA LYS Q 172 -42.25 54.01 34.62
C LYS Q 172 -43.29 53.06 34.03
N VAL Q 173 -44.36 52.82 34.79
CA VAL Q 173 -45.35 51.81 34.42
C VAL Q 173 -46.75 52.42 34.18
N GLU Q 174 -47.01 52.89 32.96
CA GLU Q 174 -48.25 53.63 32.62
C GLU Q 174 -49.52 52.75 32.57
N GLN Q 175 -50.41 52.94 33.55
CA GLN Q 175 -51.65 52.15 33.67
C GLN Q 175 -52.81 52.78 32.91
N ILE Q 180 -50.87 49.17 31.65
CA ILE Q 180 -51.11 48.98 30.22
C ILE Q 180 -49.82 49.05 29.39
N SER Q 181 -49.00 50.09 29.60
CA SER Q 181 -47.79 50.33 28.79
C SER Q 181 -46.53 50.69 29.60
N VAL Q 182 -45.36 50.33 29.06
CA VAL Q 182 -44.06 50.72 29.64
C VAL Q 182 -43.65 52.08 29.07
N ASN Q 183 -42.95 52.90 29.86
CA ASN Q 183 -42.36 54.13 29.34
C ASN Q 183 -40.83 54.19 29.52
N LYS Q 184 -40.10 54.00 28.44
CA LYS Q 184 -38.68 53.70 28.52
C LYS Q 184 -37.72 54.89 28.58
N ASN Q 185 -38.19 56.04 29.06
CA ASN Q 185 -37.27 57.16 29.32
C ASN Q 185 -37.58 57.98 30.59
N GLU Q 186 -38.60 57.54 31.33
CA GLU Q 186 -38.76 57.94 32.72
C GLU Q 186 -38.30 56.78 33.60
N VAL Q 187 -37.06 56.88 34.06
CA VAL Q 187 -36.45 55.86 34.91
C VAL Q 187 -37.01 55.96 36.34
N VAL Q 188 -37.68 54.91 36.79
CA VAL Q 188 -38.31 54.87 38.12
C VAL Q 188 -37.34 54.51 39.26
N GLY Q 189 -36.47 53.52 39.04
CA GLY Q 189 -35.51 53.11 40.08
C GLY Q 189 -34.59 51.99 39.64
N LYS Q 190 -34.17 51.17 40.60
CA LYS Q 190 -33.24 50.07 40.35
C LYS Q 190 -33.89 48.73 40.68
N LEU Q 191 -33.21 47.64 40.32
CA LEU Q 191 -33.69 46.31 40.65
C LEU Q 191 -33.67 46.00 42.16
N PRO Q 192 -34.68 45.24 42.66
CA PRO Q 192 -34.75 44.89 44.07
C PRO Q 192 -33.67 43.87 44.47
N LEU Q 193 -32.46 44.36 44.65
CA LEU Q 193 -31.33 43.50 44.95
C LEU Q 193 -30.97 43.59 46.41
N ASN Q 194 -30.93 42.44 47.07
CA ASN Q 194 -30.59 42.37 48.49
C ASN Q 194 -29.11 42.55 48.73
N TYR Q 195 -28.29 41.90 47.89
CA TYR Q 195 -26.82 41.94 47.96
C TYR Q 195 -26.17 41.27 46.75
N PRO Q 196 -24.89 41.59 46.47
CA PRO Q 196 -24.18 40.87 45.43
C PRO Q 196 -23.81 39.45 45.88
N VAL Q 197 -23.41 38.63 44.91
CA VAL Q 197 -23.04 37.23 45.13
C VAL Q 197 -21.82 36.94 44.26
N VAL Q 198 -20.86 36.18 44.78
CA VAL Q 198 -19.69 35.79 43.99
C VAL Q 198 -19.57 34.28 43.93
N THR Q 199 -19.07 33.79 42.80
CA THR Q 199 -18.76 32.37 42.70
C THR Q 199 -17.28 32.21 42.54
N ILE Q 200 -16.71 31.35 43.38
CA ILE Q 200 -15.28 31.10 43.39
C ILE Q 200 -15.03 29.65 42.99
N SER Q 201 -14.23 29.46 41.94
CA SER Q 201 -13.83 28.13 41.46
C SER Q 201 -12.43 27.74 41.89
N VAL Q 202 -12.33 26.56 42.48
CA VAL Q 202 -11.07 26.00 42.92
C VAL Q 202 -10.84 24.74 42.10
N ALA Q 203 -9.71 24.68 41.39
CA ALA Q 203 -9.34 23.51 40.58
C ALA Q 203 -8.34 22.65 41.32
N LYS Q 204 -8.61 21.36 41.36
CA LYS Q 204 -7.67 20.38 41.86
C LYS Q 204 -6.80 19.88 40.72
N VAL Q 205 -5.53 20.28 40.74
CA VAL Q 205 -4.55 19.79 39.77
C VAL Q 205 -3.55 18.99 40.57
N ASP Q 206 -3.37 17.73 40.17
CA ASP Q 206 -2.48 16.82 40.87
C ASP Q 206 -2.89 16.74 42.34
N LYS Q 207 -2.03 17.26 43.23
CA LYS Q 207 -2.33 17.28 44.66
C LYS Q 207 -2.57 18.72 45.15
N TYR Q 208 -2.45 19.69 44.25
CA TYR Q 208 -2.61 21.08 44.62
C TYR Q 208 -4.01 21.60 44.34
N LEU Q 209 -4.40 22.65 45.04
CA LEU Q 209 -5.65 23.33 44.77
C LEU Q 209 -5.33 24.73 44.28
N VAL Q 210 -6.08 25.19 43.27
CA VAL Q 210 -5.78 26.45 42.59
C VAL Q 210 -7.04 27.31 42.39
N VAL Q 211 -6.99 28.56 42.85
CA VAL Q 211 -8.12 29.50 42.74
C VAL Q 211 -8.12 30.17 41.39
N ASP Q 212 -9.28 30.22 40.74
CA ASP Q 212 -9.41 30.82 39.41
C ASP Q 212 -8.39 30.20 38.42
N PRO Q 213 -8.72 28.99 37.90
CA PRO Q 213 -7.82 28.35 36.95
C PRO Q 213 -7.87 29.04 35.58
N ASP Q 214 -6.71 29.28 34.97
CA ASP Q 214 -6.72 29.80 33.60
C ASP Q 214 -6.90 28.67 32.56
N LEU Q 215 -6.75 29.01 31.29
CA LEU Q 215 -7.04 28.07 30.20
C LEU Q 215 -6.20 26.79 30.27
N ASP Q 216 -4.89 26.97 30.39
CA ASP Q 216 -3.95 25.85 30.55
C ASP Q 216 -4.27 25.01 31.79
N GLU Q 217 -4.43 25.69 32.92
CA GLU Q 217 -4.71 25.06 34.20
C GLU Q 217 -5.99 24.24 34.16
N GLU Q 218 -7.00 24.75 33.47
CA GLU Q 218 -8.26 24.03 33.30
C GLU Q 218 -8.06 22.74 32.51
N SER Q 219 -7.27 22.81 31.45
CA SER Q 219 -7.09 21.66 30.55
C SER Q 219 -6.29 20.51 31.17
N ILE Q 220 -5.60 20.81 32.28
CA ILE Q 220 -4.80 19.80 32.99
C ILE Q 220 -5.35 19.39 34.36
N MET Q 221 -6.36 20.11 34.85
CA MET Q 221 -6.96 19.81 36.15
C MET Q 221 -7.72 18.48 36.14
N ASP Q 222 -7.79 17.84 37.31
CA ASP Q 222 -8.59 16.64 37.50
C ASP Q 222 -10.07 17.01 37.47
N ALA Q 223 -10.42 17.98 38.29
CA ALA Q 223 -11.77 18.48 38.41
C ALA Q 223 -11.73 19.87 39.07
N LYS Q 224 -12.81 20.61 38.97
CA LYS Q 224 -12.90 21.86 39.70
C LYS Q 224 -14.22 21.91 40.45
N ILE Q 225 -14.26 22.71 41.52
CA ILE Q 225 -15.45 22.85 42.36
C ILE Q 225 -15.70 24.33 42.63
N SER Q 226 -16.95 24.75 42.50
CA SER Q 226 -17.30 26.16 42.58
C SER Q 226 -18.23 26.47 43.74
N PHE Q 227 -17.93 27.55 44.46
CA PHE Q 227 -18.69 27.92 45.64
C PHE Q 227 -19.28 29.31 45.49
N SER Q 228 -20.57 29.42 45.71
CA SER Q 228 -21.24 30.70 45.65
C SER Q 228 -21.38 31.23 47.07
N TYR Q 229 -21.11 32.51 47.24
CA TYR Q 229 -21.19 33.11 48.54
C TYR Q 229 -21.97 34.42 48.54
N THR Q 230 -22.74 34.63 49.62
CA THR Q 230 -23.37 35.91 49.92
C THR Q 230 -22.38 36.71 50.72
N PRO Q 231 -22.57 38.04 50.80
CA PRO Q 231 -21.60 38.89 51.47
C PRO Q 231 -21.21 38.48 52.88
N ASP Q 232 -22.10 37.95 53.70
CA ASP Q 232 -21.60 37.57 55.03
C ASP Q 232 -21.21 36.10 55.14
N LEU Q 233 -21.02 35.49 53.95
CA LEU Q 233 -20.32 34.21 53.78
C LEU Q 233 -21.16 32.98 54.07
N LYS Q 234 -22.40 33.01 53.62
CA LYS Q 234 -23.25 31.83 53.60
C LYS Q 234 -23.08 31.15 52.26
N ILE Q 235 -22.81 29.86 52.26
CA ILE Q 235 -22.67 29.13 51.00
C ILE Q 235 -24.02 29.08 50.34
N VAL Q 236 -24.06 29.40 49.06
CA VAL Q 236 -25.35 29.60 48.40
C VAL Q 236 -25.45 28.84 47.04
N GLY Q 237 -24.44 28.02 46.80
CA GLY Q 237 -24.38 27.13 45.65
C GLY Q 237 -23.04 26.42 45.55
N ILE Q 238 -23.06 25.14 45.18
CA ILE Q 238 -21.84 24.39 44.92
C ILE Q 238 -21.98 23.53 43.67
N GLN Q 239 -20.92 23.51 42.84
CA GLN Q 239 -20.89 22.66 41.64
C GLN Q 239 -19.52 22.05 41.36
N LYS Q 240 -19.45 20.73 41.51
CA LYS Q 240 -18.29 19.98 41.06
C LYS Q 240 -18.37 19.80 39.54
N SER Q 241 -17.20 19.83 38.89
CA SER Q 241 -17.10 19.92 37.46
C SER Q 241 -15.82 19.23 37.02
N GLY Q 242 -15.88 18.54 35.88
CA GLY Q 242 -14.68 17.91 35.34
C GLY Q 242 -14.76 16.39 35.36
N LYS Q 243 -13.93 15.76 34.56
CA LYS Q 243 -14.09 14.34 34.32
C LYS Q 243 -13.34 13.49 35.35
N GLY Q 244 -12.71 14.16 36.31
CA GLY Q 244 -11.99 13.47 37.37
C GLY Q 244 -12.69 13.62 38.70
N SER Q 245 -12.09 13.04 39.73
CA SER Q 245 -12.66 13.05 41.06
C SER Q 245 -11.80 13.87 42.04
N MET Q 246 -12.20 13.86 43.31
CA MET Q 246 -11.65 14.75 44.33
C MET Q 246 -11.89 14.12 45.70
N SER Q 247 -10.89 14.16 46.57
CA SER Q 247 -11.03 13.55 47.88
C SER Q 247 -11.90 14.37 48.83
N LEU Q 248 -12.25 13.77 49.97
CA LEU Q 248 -13.09 14.42 50.94
C LEU Q 248 -12.39 15.67 51.49
N GLN Q 249 -11.15 15.51 51.91
CA GLN Q 249 -10.38 16.61 52.47
C GLN Q 249 -10.06 17.67 51.43
N ASP Q 250 -9.96 17.23 50.18
CA ASP Q 250 -9.79 18.14 49.07
C ASP Q 250 -10.92 19.17 49.09
N ILE Q 251 -12.15 18.68 49.14
CA ILE Q 251 -13.32 19.54 49.12
C ILE Q 251 -13.37 20.46 50.35
N ASP Q 252 -13.02 19.91 51.50
CA ASP Q 252 -12.96 20.66 52.75
C ASP Q 252 -12.07 21.90 52.61
N GLN Q 253 -10.82 21.69 52.24
CA GLN Q 253 -9.87 22.77 51.99
C GLN Q 253 -10.32 23.70 50.87
N ALA Q 254 -10.87 23.11 49.81
CA ALA Q 254 -11.35 23.85 48.67
C ALA Q 254 -12.29 24.95 49.13
N GLU Q 255 -13.26 24.58 49.96
CA GLU Q 255 -14.24 25.54 50.46
C GLU Q 255 -13.59 26.58 51.39
N ASN Q 256 -12.67 26.13 52.24
CA ASN Q 256 -11.92 27.03 53.11
C ASN Q 256 -11.28 28.14 52.33
N THR Q 257 -10.55 27.73 51.30
CA THR Q 257 -9.84 28.64 50.41
C THR Q 257 -10.85 29.51 49.66
N ALA Q 258 -11.79 28.86 48.98
CA ALA Q 258 -12.85 29.56 48.25
C ALA Q 258 -13.41 30.72 49.06
N ARG Q 259 -13.63 30.47 50.34
CA ARG Q 259 -14.31 31.40 51.21
C ARG Q 259 -13.41 32.59 51.53
N SER Q 260 -12.18 32.34 51.99
CA SER Q 260 -11.30 33.45 52.36
C SER Q 260 -10.81 34.24 51.15
N THR Q 261 -11.15 33.72 49.96
CA THR Q 261 -10.94 34.44 48.70
C THR Q 261 -12.17 35.28 48.41
N ALA Q 262 -13.34 34.68 48.65
CA ALA Q 262 -14.63 35.33 48.43
C ALA Q 262 -14.68 36.74 48.99
N VAL Q 263 -14.13 36.92 50.19
CA VAL Q 263 -14.10 38.20 50.88
C VAL Q 263 -13.43 39.23 49.99
N LYS Q 264 -12.19 38.91 49.58
CA LYS Q 264 -11.37 39.80 48.75
C LYS Q 264 -12.05 40.14 47.43
N LEU Q 265 -12.60 39.12 46.75
CA LEU Q 265 -13.29 39.33 45.49
C LEU Q 265 -14.54 40.18 45.65
N LEU Q 266 -15.28 39.96 46.73
CA LEU Q 266 -16.51 40.70 46.98
C LEU Q 266 -16.23 42.17 47.14
N GLU Q 267 -15.15 42.48 47.84
CA GLU Q 267 -14.79 43.86 48.08
C GLU Q 267 -14.36 44.55 46.81
N GLU Q 268 -13.75 43.79 45.89
CA GLU Q 268 -13.33 44.34 44.60
C GLU Q 268 -14.50 44.52 43.64
N LEU Q 269 -15.45 43.60 43.69
CA LEU Q 269 -16.66 43.69 42.89
C LEU Q 269 -17.44 44.93 43.28
N LYS Q 270 -17.52 45.18 44.58
CA LYS Q 270 -18.26 46.32 45.11
C LYS Q 270 -17.63 47.65 44.70
N LYS Q 271 -16.30 47.68 44.62
CA LYS Q 271 -15.60 48.86 44.14
C LYS Q 271 -15.99 49.21 42.72
N HIS Q 272 -16.14 48.18 41.88
CA HIS Q 272 -16.57 48.38 40.50
C HIS Q 272 -18.03 48.85 40.42
N LEU Q 273 -18.86 48.40 41.36
CA LEU Q 273 -20.26 48.77 41.36
C LEU Q 273 -20.53 50.09 42.12
N GLY Q 274 -19.58 50.51 42.94
CA GLY Q 274 -19.76 51.66 43.85
C GLY Q 274 -20.48 51.24 45.11
N ILE Q 275 -19.83 50.40 45.93
CA ILE Q 275 -20.48 49.48 46.94
C ILE Q 275 -21.67 48.62 46.38
N ARG R 2 -46.91 42.32 64.65
CA ARG R 2 -47.06 40.85 64.96
C ARG R 2 -48.34 40.48 65.73
N GLU R 3 -48.50 39.17 65.96
CA GLU R 3 -49.42 38.56 66.96
C GLU R 3 -50.30 37.43 66.40
N MET R 4 -50.50 37.43 65.08
CA MET R 4 -51.33 36.42 64.44
C MET R 4 -50.86 36.14 62.99
N LEU R 5 -49.84 35.29 62.86
CA LEU R 5 -49.30 34.84 61.55
C LEU R 5 -49.15 33.30 61.58
N GLN R 6 -48.17 32.76 60.85
CA GLN R 6 -47.72 31.34 60.89
C GLN R 6 -47.09 30.91 59.54
N VAL R 7 -46.09 30.02 59.57
CA VAL R 7 -45.42 29.53 58.34
C VAL R 7 -46.33 28.73 57.39
N GLU R 8 -46.54 29.26 56.18
CA GLU R 8 -47.40 28.62 55.16
C GLU R 8 -46.69 27.48 54.38
N ARG R 9 -45.53 27.08 54.89
CA ARG R 9 -44.75 25.96 54.37
C ARG R 9 -44.99 24.78 55.29
N PRO R 10 -45.26 23.59 54.71
CA PRO R 10 -45.46 22.40 55.54
C PRO R 10 -44.29 22.11 56.48
N LYS R 11 -44.61 21.65 57.68
CA LYS R 11 -43.60 21.32 58.69
C LYS R 11 -42.81 20.08 58.31
N LEU R 12 -41.50 20.15 58.50
CA LEU R 12 -40.60 19.09 58.03
C LEU R 12 -40.04 18.19 59.11
N ILE R 13 -39.88 18.73 60.32
CA ILE R 13 -39.50 17.93 61.48
C ILE R 13 -40.68 17.84 62.44
N LEU R 14 -41.23 16.65 62.57
CA LEU R 14 -42.52 16.46 63.24
C LEU R 14 -42.35 15.84 64.62
N ASP R 15 -43.28 14.95 64.99
CA ASP R 15 -43.30 14.33 66.32
C ASP R 15 -42.16 13.33 66.49
N ASP R 16 -41.61 13.26 67.71
CA ASP R 16 -40.29 12.69 67.96
C ASP R 16 -39.29 13.39 67.03
N GLY R 17 -38.14 12.79 66.77
CA GLY R 17 -37.19 13.44 65.88
C GLY R 17 -37.67 13.56 64.43
N LYS R 18 -38.90 13.13 64.16
CA LYS R 18 -39.20 12.49 62.87
C LYS R 18 -39.70 13.38 61.73
N ARG R 19 -39.40 12.93 60.52
CA ARG R 19 -39.71 13.68 59.30
C ARG R 19 -41.11 13.39 58.80
N THR R 20 -41.44 13.91 57.62
CA THR R 20 -42.79 13.76 57.04
C THR R 20 -43.16 12.32 56.72
N ASP R 21 -42.18 11.52 56.33
CA ASP R 21 -42.42 10.10 56.09
C ASP R 21 -42.12 9.21 57.31
N GLY R 22 -41.85 9.86 58.44
CA GLY R 22 -41.66 9.15 59.70
C GLY R 22 -40.25 8.63 59.94
N ARG R 23 -39.30 9.09 59.13
CA ARG R 23 -37.89 8.76 59.31
C ARG R 23 -37.20 9.75 60.23
N LYS R 24 -36.23 9.23 60.99
CA LYS R 24 -35.34 10.08 61.78
C LYS R 24 -34.35 10.80 60.84
N PRO R 25 -33.77 11.95 61.27
CA PRO R 25 -32.86 12.70 60.39
C PRO R 25 -31.76 11.84 59.74
N ASP R 26 -31.41 10.72 60.36
CA ASP R 26 -30.32 9.87 59.89
C ASP R 26 -30.74 8.50 59.34
N GLU R 27 -31.92 8.42 58.73
CA GLU R 27 -32.39 7.15 58.20
C GLU R 27 -32.55 7.15 56.68
N LEU R 28 -32.06 6.08 56.05
CA LEU R 28 -32.19 5.92 54.61
C LEU R 28 -33.56 5.37 54.24
N ARG R 29 -34.02 5.68 53.03
CA ARG R 29 -35.25 5.11 52.53
C ARG R 29 -35.01 3.67 52.11
N SER R 30 -36.07 2.94 51.83
CA SER R 30 -35.98 1.53 51.43
C SER R 30 -35.28 1.38 50.08
N ILE R 31 -34.22 0.58 50.09
CA ILE R 31 -33.43 0.38 48.89
C ILE R 31 -33.72 -0.98 48.30
N LYS R 32 -33.83 -1.02 46.97
CA LYS R 32 -34.05 -2.25 46.24
C LYS R 32 -33.24 -2.22 44.93
N ILE R 33 -32.38 -3.21 44.75
CA ILE R 33 -31.51 -3.29 43.57
C ILE R 33 -31.66 -4.63 42.89
N GLU R 34 -31.70 -4.62 41.56
CA GLU R 34 -31.49 -5.87 40.81
C GLU R 34 -30.80 -5.67 39.46
N LEU R 35 -29.91 -6.61 39.14
CA LEU R 35 -29.06 -6.55 37.96
C LEU R 35 -29.56 -7.47 36.85
N GLY R 36 -29.00 -7.29 35.65
CA GLY R 36 -29.27 -8.14 34.47
C GLY R 36 -30.75 -8.36 34.17
N VAL R 37 -31.52 -7.28 34.25
CA VAL R 37 -32.95 -7.39 34.10
C VAL R 37 -33.40 -7.28 32.63
N LEU R 38 -32.55 -6.67 31.79
CA LEU R 38 -32.82 -6.55 30.37
C LEU R 38 -32.01 -7.54 29.54
N LYS R 39 -32.70 -8.30 28.70
CA LYS R 39 -32.08 -9.26 27.80
C LYS R 39 -31.10 -8.63 26.80
N ASN R 40 -31.52 -7.56 26.14
CA ASN R 40 -30.80 -7.04 24.98
C ASN R 40 -29.63 -6.12 25.29
N ALA R 41 -29.66 -5.51 26.48
CA ALA R 41 -28.56 -4.68 26.92
C ALA R 41 -27.36 -5.55 27.23
N ASP R 42 -26.18 -4.95 27.24
CA ASP R 42 -24.98 -5.68 27.62
C ASP R 42 -24.88 -5.71 29.13
N GLY R 43 -25.49 -4.74 29.78
CA GLY R 43 -25.59 -4.69 31.24
C GLY R 43 -26.79 -3.85 31.67
N SER R 44 -27.50 -4.30 32.69
CA SER R 44 -28.71 -3.61 33.13
C SER R 44 -28.85 -3.63 34.63
N ALA R 45 -29.60 -2.67 35.16
CA ALA R 45 -29.87 -2.58 36.58
C ALA R 45 -31.11 -1.72 36.85
N ILE R 46 -31.94 -2.16 37.80
CA ILE R 46 -33.00 -1.32 38.37
C ILE R 46 -32.62 -0.96 39.80
N PHE R 47 -32.69 0.33 40.10
CA PHE R 47 -32.39 0.83 41.44
C PHE R 47 -33.59 1.61 42.00
N GLU R 48 -33.94 1.34 43.25
CA GLU R 48 -35.02 2.04 43.92
C GLU R 48 -34.60 2.53 45.31
N MET R 49 -34.67 3.85 45.50
CA MET R 49 -34.58 4.44 46.83
C MET R 49 -35.91 5.07 47.16
N GLY R 50 -36.58 4.58 48.20
CA GLY R 50 -37.94 4.97 48.49
C GLY R 50 -38.77 4.84 47.23
N ASN R 51 -39.25 5.97 46.74
CA ASN R 51 -40.10 5.97 45.55
C ASN R 51 -39.42 6.43 44.26
N THR R 52 -38.14 6.78 44.35
CA THR R 52 -37.39 7.09 43.15
C THR R 52 -36.89 5.78 42.58
N LYS R 53 -37.30 5.52 41.33
CA LYS R 53 -37.06 4.23 40.65
C LYS R 53 -36.52 4.44 39.25
N ALA R 54 -35.23 4.11 39.08
CA ALA R 54 -34.53 4.28 37.80
C ALA R 54 -34.13 2.94 37.18
N ILE R 55 -34.11 2.90 35.85
CA ILE R 55 -33.57 1.75 35.13
C ILE R 55 -32.45 2.19 34.19
N ALA R 56 -31.33 1.48 34.25
CA ALA R 56 -30.17 1.79 33.42
C ALA R 56 -29.78 0.60 32.54
N ALA R 57 -29.51 0.88 31.27
CA ALA R 57 -29.01 -0.12 30.33
C ALA R 57 -27.69 0.37 29.76
N VAL R 58 -26.75 -0.57 29.60
CA VAL R 58 -25.43 -0.28 29.06
C VAL R 58 -25.21 -1.08 27.78
N TYR R 59 -24.66 -0.40 26.77
CA TYR R 59 -24.27 -1.04 25.51
C TYR R 59 -22.76 -1.05 25.32
N GLY R 60 -22.18 -2.22 25.60
CA GLY R 60 -20.75 -2.45 25.84
C GLY R 60 -19.83 -1.92 24.78
N PRO R 61 -18.53 -1.83 25.09
CA PRO R 61 -17.62 -1.09 24.22
C PRO R 61 -17.73 -1.50 22.74
N LYS R 62 -18.12 -0.54 21.89
CA LYS R 62 -18.29 -0.75 20.45
C LYS R 62 -17.74 0.46 19.69
N GLU R 63 -17.32 0.27 18.45
CA GLU R 63 -16.78 1.36 17.63
C GLU R 63 -17.83 2.44 17.36
N MET R 64 -17.37 3.60 16.87
CA MET R 64 -18.28 4.73 16.63
C MET R 64 -18.74 4.89 15.18
N HIS R 65 -20.07 5.02 15.02
CA HIS R 65 -20.70 5.18 13.70
C HIS R 65 -20.24 6.44 12.96
N PRO R 66 -20.14 7.59 13.66
CA PRO R 66 -19.45 8.76 13.11
C PRO R 66 -17.96 8.72 13.46
N ARG R 67 -17.16 8.37 12.45
CA ARG R 67 -15.75 8.04 12.66
C ARG R 67 -14.97 9.12 13.43
N HIS R 68 -15.02 10.35 12.93
CA HIS R 68 -14.23 11.46 13.47
C HIS R 68 -14.59 11.87 14.90
N LEU R 69 -15.77 11.46 15.36
CA LEU R 69 -16.24 11.81 16.71
C LEU R 69 -15.66 10.92 17.82
N SER R 70 -15.03 9.81 17.44
CA SER R 70 -14.40 8.89 18.39
C SER R 70 -13.18 9.51 19.07
N LEU R 71 -12.59 8.77 19.99
CA LEU R 71 -11.38 9.24 20.65
C LEU R 71 -10.23 8.25 20.48
N PRO R 72 -9.02 8.77 20.21
CA PRO R 72 -7.84 8.00 19.78
C PRO R 72 -7.27 7.00 20.79
N ASP R 73 -7.57 7.20 22.07
CA ASP R 73 -6.99 6.42 23.15
C ASP R 73 -8.04 6.10 24.20
N ARG R 74 -9.23 6.65 24.00
CA ARG R 74 -10.27 6.56 24.99
C ARG R 74 -11.57 6.03 24.40
N ALA R 75 -12.42 5.52 25.29
CA ALA R 75 -13.81 5.27 24.97
C ALA R 75 -14.52 6.60 25.12
N VAL R 76 -15.53 6.81 24.29
CA VAL R 76 -16.40 7.97 24.40
C VAL R 76 -17.63 7.53 25.16
N LEU R 77 -17.87 8.15 26.32
CA LEU R 77 -19.06 7.86 27.11
C LEU R 77 -20.25 8.60 26.55
N ARG R 78 -21.33 7.87 26.31
CA ARG R 78 -22.56 8.48 25.89
C ARG R 78 -23.61 8.20 26.94
N VAL R 79 -24.01 9.24 27.66
CA VAL R 79 -24.90 9.10 28.79
C VAL R 79 -26.21 9.85 28.57
N ARG R 80 -27.32 9.28 29.03
CA ARG R 80 -28.61 9.94 28.90
C ARG R 80 -29.49 9.76 30.13
N TYR R 81 -29.77 10.87 30.82
CA TYR R 81 -30.71 10.89 31.93
C TYR R 81 -32.05 11.38 31.38
N HIS R 82 -33.09 10.60 31.59
CA HIS R 82 -34.40 10.93 31.05
C HIS R 82 -35.52 10.53 31.99
N MET R 83 -36.49 11.41 32.13
CA MET R 83 -37.65 11.15 32.96
C MET R 83 -38.87 10.80 32.13
N THR R 84 -39.40 9.61 32.35
CA THR R 84 -40.61 9.17 31.67
C THR R 84 -41.74 10.11 32.05
N PRO R 85 -42.70 10.35 31.12
CA PRO R 85 -43.79 11.28 31.37
C PRO R 85 -44.67 10.95 32.57
N PHE R 86 -44.64 9.70 33.04
CA PHE R 86 -45.46 9.26 34.18
C PHE R 86 -44.62 8.97 35.42
N SER R 87 -43.52 9.68 35.56
CA SER R 87 -42.62 9.50 36.69
C SER R 87 -42.94 10.48 37.81
N THR R 88 -43.75 11.48 37.47
CA THR R 88 -44.05 12.58 38.38
C THR R 88 -45.55 12.74 38.56
N ASP R 89 -45.95 13.62 39.48
CA ASP R 89 -47.36 13.82 39.82
C ASP R 89 -48.19 14.44 38.69
N GLU R 90 -47.52 15.22 37.84
CA GLU R 90 -48.14 15.76 36.66
C GLU R 90 -47.25 15.46 35.48
N ARG R 91 -47.86 15.05 34.37
CA ARG R 91 -47.14 14.52 33.23
C ARG R 91 -45.92 15.34 32.82
N LYS R 92 -44.72 14.83 33.11
CA LYS R 92 -43.48 15.45 32.64
C LYS R 92 -43.42 15.35 31.12
N ASN R 93 -43.00 16.41 30.45
CA ASN R 93 -42.85 16.36 29.01
C ASN R 93 -41.67 15.47 28.61
N PRO R 94 -41.88 14.56 27.64
CA PRO R 94 -40.84 13.64 27.18
C PRO R 94 -39.60 14.33 26.59
N ALA R 95 -39.82 15.35 25.76
CA ALA R 95 -38.72 16.12 25.16
C ALA R 95 -37.85 16.72 26.26
N PRO R 96 -36.52 16.51 26.18
CA PRO R 96 -35.58 16.80 27.27
C PRO R 96 -35.55 18.25 27.73
N SER R 97 -35.63 18.47 29.06
CA SER R 97 -35.58 19.81 29.65
C SER R 97 -34.15 20.26 29.93
N ARG R 98 -33.96 21.55 30.24
CA ARG R 98 -32.64 22.05 30.61
C ARG R 98 -32.10 21.31 31.81
N ARG R 99 -32.97 21.09 32.79
CA ARG R 99 -32.66 20.28 33.96
C ARG R 99 -32.14 18.89 33.58
N GLU R 100 -32.84 18.23 32.65
CA GLU R 100 -32.46 16.90 32.16
C GLU R 100 -31.07 16.91 31.47
N ILE R 101 -30.78 18.00 30.75
CA ILE R 101 -29.52 18.16 30.00
C ILE R 101 -28.34 18.29 30.97
N GLU R 102 -28.47 19.22 31.92
CA GLU R 102 -27.44 19.45 32.94
C GLU R 102 -27.12 18.16 33.67
N LEU R 103 -28.17 17.49 34.12
CA LEU R 103 -28.05 16.23 34.85
C LEU R 103 -27.32 15.14 34.08
N SER R 104 -27.61 15.03 32.79
CA SER R 104 -26.91 14.07 31.92
C SER R 104 -25.40 14.33 31.89
N LYS R 105 -25.02 15.60 31.83
CA LYS R 105 -23.63 15.97 31.85
C LYS R 105 -23.02 15.66 33.19
N VAL R 106 -23.65 16.14 34.25
CA VAL R 106 -23.16 15.92 35.61
C VAL R 106 -22.97 14.43 35.90
N ILE R 107 -23.90 13.61 35.40
CA ILE R 107 -23.79 12.15 35.53
C ILE R 107 -22.66 11.56 34.66
N ARG R 108 -22.61 11.97 33.40
CA ARG R 108 -21.57 11.49 32.50
C ARG R 108 -20.21 11.71 33.13
N GLU R 109 -19.91 12.97 33.50
CA GLU R 109 -18.65 13.33 34.16
C GLU R 109 -18.37 12.52 35.39
N ALA R 110 -19.41 12.29 36.19
CA ALA R 110 -19.33 11.40 37.34
C ALA R 110 -18.80 10.00 36.97
N LEU R 111 -19.39 9.39 35.95
CA LEU R 111 -18.98 8.06 35.49
C LEU R 111 -17.59 8.02 34.85
N GLU R 112 -17.21 9.11 34.17
CA GLU R 112 -15.93 9.17 33.49
C GLU R 112 -14.77 9.01 34.45
N SER R 113 -14.99 9.40 35.71
CA SER R 113 -13.95 9.29 36.71
C SER R 113 -13.82 7.86 37.24
N ALA R 114 -14.84 7.03 36.98
CA ALA R 114 -14.85 5.65 37.49
C ALA R 114 -14.46 4.66 36.43
N VAL R 115 -15.08 4.77 35.26
CA VAL R 115 -14.84 3.86 34.15
C VAL R 115 -13.44 4.01 33.59
N LEU R 116 -12.80 2.90 33.27
CA LEU R 116 -11.47 2.91 32.68
C LEU R 116 -11.56 3.02 31.16
N VAL R 117 -11.93 4.21 30.70
CA VAL R 117 -12.16 4.48 29.28
C VAL R 117 -10.95 4.30 28.37
N GLU R 118 -9.74 4.32 28.95
CA GLU R 118 -8.50 4.20 28.18
C GLU R 118 -8.38 2.81 27.58
N LEU R 119 -8.98 1.83 28.26
CA LEU R 119 -8.87 0.44 27.84
C LEU R 119 -9.50 0.18 26.48
N PHE R 120 -10.44 1.05 26.07
CA PHE R 120 -11.20 0.85 24.85
C PHE R 120 -11.15 2.08 23.91
N PRO R 121 -10.02 2.25 23.19
CA PRO R 121 -9.95 3.38 22.26
C PRO R 121 -10.89 3.20 21.09
N ARG R 122 -11.31 4.29 20.47
CA ARG R 122 -12.17 4.24 19.27
C ARG R 122 -13.59 3.74 19.53
N THR R 123 -13.84 3.38 20.79
CA THR R 123 -15.11 2.76 21.15
C THR R 123 -16.02 3.70 21.90
N ALA R 124 -17.31 3.49 21.74
CA ALA R 124 -18.34 4.22 22.46
C ALA R 124 -19.00 3.27 23.45
N ILE R 125 -19.23 3.75 24.67
CA ILE R 125 -19.97 2.98 25.66
C ILE R 125 -21.24 3.74 25.95
N ASP R 126 -22.36 3.12 25.62
CA ASP R 126 -23.66 3.76 25.81
C ASP R 126 -24.23 3.46 27.19
N VAL R 127 -24.66 4.49 27.90
CA VAL R 127 -25.33 4.35 29.19
C VAL R 127 -26.65 5.06 29.12
N PHE R 128 -27.74 4.30 29.15
CA PHE R 128 -29.06 4.89 29.04
C PHE R 128 -29.84 4.73 30.33
N THR R 129 -30.46 5.82 30.77
CA THR R 129 -31.08 5.89 32.08
C THR R 129 -32.51 6.43 32.00
N GLU R 130 -33.43 5.77 32.70
CA GLU R 130 -34.82 6.20 32.69
C GLU R 130 -35.40 6.26 34.10
N ILE R 131 -35.91 7.42 34.49
CA ILE R 131 -36.57 7.55 35.78
C ILE R 131 -38.04 7.16 35.60
N LEU R 132 -38.46 6.16 36.36
CA LEU R 132 -39.81 5.62 36.28
C LEU R 132 -40.74 6.22 37.34
N GLN R 133 -40.16 6.62 38.47
CA GLN R 133 -40.85 7.46 39.45
C GLN R 133 -39.85 8.43 40.03
N ALA R 134 -40.18 9.70 40.04
CA ALA R 134 -39.29 10.68 40.66
C ALA R 134 -39.77 11.02 42.07
N ASP R 135 -38.85 11.01 43.03
CA ASP R 135 -39.16 11.37 44.41
C ASP R 135 -37.93 11.99 45.07
N ALA R 136 -37.25 12.85 44.30
CA ALA R 136 -36.00 13.50 44.72
C ALA R 136 -34.81 12.54 44.78
N GLY R 137 -33.64 13.07 44.41
CA GLY R 137 -32.42 12.27 44.25
C GLY R 137 -32.56 11.31 43.09
N SER R 138 -33.32 11.71 42.08
CA SER R 138 -33.51 10.92 40.86
C SER R 138 -32.18 10.77 40.13
N ARG R 139 -31.37 11.82 40.17
CA ARG R 139 -30.07 11.83 39.52
C ARG R 139 -29.07 10.86 40.16
N LEU R 140 -29.26 10.56 41.44
CA LEU R 140 -28.32 9.70 42.13
C LEU R 140 -28.73 8.26 41.93
N VAL R 141 -30.04 8.02 41.92
CA VAL R 141 -30.57 6.68 41.69
C VAL R 141 -30.19 6.25 40.29
N SER R 142 -30.34 7.19 39.35
CA SER R 142 -29.90 7.06 37.98
C SER R 142 -28.40 6.71 37.86
N LEU R 143 -27.56 7.48 38.54
CA LEU R 143 -26.10 7.30 38.49
C LEU R 143 -25.68 5.94 39.02
N MET R 144 -26.24 5.56 40.15
CA MET R 144 -25.92 4.26 40.73
C MET R 144 -26.42 3.11 39.84
N ALA R 145 -27.64 3.22 39.34
CA ALA R 145 -28.20 2.25 38.41
C ALA R 145 -27.20 2.03 37.28
N ALA R 146 -26.73 3.15 36.74
CA ALA R 146 -25.74 3.17 35.67
C ALA R 146 -24.47 2.44 36.09
N SER R 147 -23.91 2.84 37.24
CA SER R 147 -22.68 2.26 37.77
C SER R 147 -22.79 0.75 37.83
N LEU R 148 -23.93 0.27 38.32
CA LEU R 148 -24.18 -1.15 38.45
C LEU R 148 -24.43 -1.80 37.09
N ALA R 149 -25.17 -1.12 36.23
CA ALA R 149 -25.38 -1.64 34.87
C ALA R 149 -24.06 -1.83 34.12
N LEU R 150 -23.14 -0.89 34.33
CA LEU R 150 -21.80 -0.95 33.77
C LEU R 150 -21.06 -2.12 34.35
N ALA R 151 -21.18 -2.32 35.66
CA ALA R 151 -20.52 -3.44 36.33
C ALA R 151 -21.10 -4.75 35.83
N ASP R 152 -22.42 -4.76 35.62
CA ASP R 152 -23.13 -5.91 35.09
C ASP R 152 -22.61 -6.19 33.68
N ALA R 153 -22.36 -5.13 32.92
CA ALA R 153 -21.83 -5.27 31.57
C ALA R 153 -20.40 -5.80 31.55
N GLY R 154 -19.78 -5.91 32.72
CA GLY R 154 -18.40 -6.44 32.84
C GLY R 154 -17.34 -5.41 32.48
N ILE R 155 -17.77 -4.17 32.34
CA ILE R 155 -16.86 -3.08 32.05
C ILE R 155 -16.10 -2.74 33.33
N PRO R 156 -14.77 -2.70 33.25
CA PRO R 156 -13.98 -2.47 34.46
C PRO R 156 -13.96 -1.00 34.88
N MET R 157 -14.24 -0.76 36.16
CA MET R 157 -14.16 0.58 36.71
C MET R 157 -13.24 0.58 37.91
N ARG R 158 -12.86 1.77 38.38
CA ARG R 158 -12.02 1.91 39.58
C ARG R 158 -12.75 1.44 40.83
N ASP R 159 -14.04 1.77 40.88
CA ASP R 159 -14.89 1.43 42.00
C ASP R 159 -16.35 1.59 41.58
N LEU R 160 -17.26 1.06 42.37
CA LEU R 160 -18.67 1.32 42.19
C LEU R 160 -18.97 2.72 42.69
N ILE R 161 -20.03 3.33 42.18
CA ILE R 161 -20.43 4.67 42.61
C ILE R 161 -21.68 4.56 43.48
N ALA R 162 -21.63 5.17 44.66
CA ALA R 162 -22.77 5.21 45.59
C ALA R 162 -23.06 6.64 46.01
N GLY R 163 -24.33 6.98 46.22
CA GLY R 163 -24.68 8.36 46.51
C GLY R 163 -26.00 8.63 47.22
N VAL R 164 -26.02 9.73 47.98
CA VAL R 164 -27.22 10.22 48.69
C VAL R 164 -27.40 11.70 48.52
N ALA R 165 -28.65 12.13 48.57
CA ALA R 165 -28.97 13.53 48.72
C ALA R 165 -28.99 13.79 50.22
N VAL R 166 -28.21 14.77 50.68
CA VAL R 166 -28.26 15.19 52.06
C VAL R 166 -28.73 16.64 52.10
N GLY R 167 -29.41 17.06 53.16
CA GLY R 167 -30.00 18.39 53.17
C GLY R 167 -30.29 18.98 54.54
N LYS R 168 -30.88 20.18 54.55
CA LYS R 168 -31.26 20.88 55.78
C LYS R 168 -32.76 21.13 55.73
N ALA R 169 -33.49 20.63 56.73
CA ALA R 169 -34.96 20.68 56.72
C ALA R 169 -35.49 21.90 57.44
N ASP R 170 -35.81 21.74 58.72
CA ASP R 170 -36.24 22.88 59.52
C ASP R 170 -35.06 23.25 60.39
N GLY R 171 -33.95 23.53 59.73
CA GLY R 171 -32.72 23.85 60.42
C GLY R 171 -32.05 22.58 60.92
N VAL R 172 -32.67 21.45 60.62
CA VAL R 172 -32.13 20.16 60.99
C VAL R 172 -31.49 19.55 59.76
N ILE R 173 -30.27 19.04 59.91
CA ILE R 173 -29.62 18.34 58.81
C ILE R 173 -30.14 16.91 58.68
N ILE R 174 -30.59 16.55 57.48
CA ILE R 174 -31.26 15.27 57.25
C ILE R 174 -30.65 14.47 56.09
N LEU R 175 -30.79 13.15 56.16
CA LEU R 175 -30.21 12.25 55.18
C LEU R 175 -31.27 11.68 54.26
N ASP R 176 -30.96 11.66 52.95
CA ASP R 176 -31.83 11.09 51.90
C ASP R 176 -33.18 11.78 51.77
N LEU R 177 -33.28 12.75 50.86
CA LEU R 177 -34.43 13.65 50.84
C LEU R 177 -35.70 13.10 50.18
N ASN R 178 -36.84 13.60 50.67
CA ASN R 178 -38.16 13.39 50.07
C ASN R 178 -38.40 14.30 48.90
N GLU R 179 -39.41 13.97 48.10
CA GLU R 179 -39.98 14.92 47.16
C GLU R 179 -40.30 16.19 47.95
N THR R 180 -40.96 16.02 49.10
CA THR R 180 -41.37 17.10 49.97
C THR R 180 -40.19 17.86 50.54
N GLU R 181 -39.20 17.12 51.00
CA GLU R 181 -38.05 17.71 51.66
C GLU R 181 -37.18 18.50 50.69
N ASP R 182 -37.11 18.06 49.44
CA ASP R 182 -36.39 18.76 48.36
C ASP R 182 -37.03 20.11 48.11
N MET R 183 -38.35 20.11 48.18
CA MET R 183 -39.18 21.24 47.82
C MET R 183 -39.22 22.38 48.83
N TRP R 184 -39.23 22.04 50.12
CA TRP R 184 -39.43 23.03 51.17
C TRP R 184 -38.24 23.29 52.10
N GLY R 185 -37.25 22.39 52.06
CA GLY R 185 -36.06 22.55 52.89
C GLY R 185 -35.10 23.61 52.39
N GLU R 186 -34.29 24.16 53.28
CA GLU R 186 -33.33 25.21 52.92
C GLU R 186 -32.26 24.75 51.94
N ALA R 187 -31.94 23.46 51.95
CA ALA R 187 -30.81 22.94 51.18
C ALA R 187 -31.00 21.51 50.68
N ASP R 188 -30.49 21.26 49.48
CA ASP R 188 -30.54 19.96 48.83
C ASP R 188 -29.16 19.74 48.22
N MET R 189 -28.45 18.74 48.73
CA MET R 189 -27.06 18.55 48.35
C MET R 189 -26.74 17.11 47.95
N PRO R 190 -26.99 16.75 46.68
CA PRO R 190 -26.53 15.47 46.14
C PRO R 190 -25.00 15.29 46.18
N ILE R 191 -24.55 14.12 46.64
CA ILE R 191 -23.15 13.72 46.74
C ILE R 191 -22.95 12.24 46.33
N ALA R 192 -22.02 11.99 45.44
CA ALA R 192 -21.68 10.62 45.02
C ALA R 192 -20.20 10.32 45.21
N MET R 193 -19.90 9.07 45.51
CA MET R 193 -18.53 8.66 45.85
C MET R 193 -18.12 7.35 45.23
N MET R 194 -16.81 7.22 44.99
CA MET R 194 -16.17 5.92 44.91
C MET R 194 -15.67 5.62 46.31
N PRO R 195 -16.50 4.97 47.15
CA PRO R 195 -16.32 4.95 48.59
C PRO R 195 -15.02 4.27 49.05
N SER R 196 -14.62 3.21 48.34
CA SER R 196 -13.39 2.53 48.68
C SER R 196 -12.18 3.43 48.50
N LEU R 197 -12.25 4.30 47.48
CA LEU R 197 -11.15 5.21 47.18
C LEU R 197 -11.31 6.54 47.88
N ASN R 198 -12.42 6.72 48.59
CA ASN R 198 -12.81 8.00 49.22
C ASN R 198 -12.79 9.20 48.27
N GLN R 199 -13.41 8.99 47.10
CA GLN R 199 -13.35 9.92 45.98
C GLN R 199 -14.73 10.44 45.61
N VAL R 200 -14.87 11.77 45.60
CA VAL R 200 -16.13 12.40 45.23
C VAL R 200 -16.27 12.53 43.71
N THR R 201 -17.40 12.01 43.23
CA THR R 201 -17.64 11.79 41.82
C THR R 201 -18.63 12.81 41.29
N LEU R 202 -19.65 13.10 42.09
CA LEU R 202 -20.66 14.11 41.82
C LEU R 202 -20.85 14.90 43.08
N PHE R 203 -20.94 16.21 42.96
CA PHE R 203 -21.16 17.07 44.12
C PHE R 203 -21.90 18.35 43.75
N GLN R 204 -23.08 18.55 44.32
CA GLN R 204 -23.89 19.73 44.02
C GLN R 204 -24.60 20.16 45.26
N LEU R 205 -24.73 21.47 45.45
CA LEU R 205 -25.66 22.01 46.43
C LEU R 205 -26.54 23.09 45.81
N ASN R 206 -27.83 22.97 46.00
CA ASN R 206 -28.73 24.09 45.74
C ASN R 206 -29.49 24.46 47.01
N GLY R 207 -29.47 25.75 47.34
CA GLY R 207 -30.01 26.20 48.59
C GLY R 207 -28.97 26.94 49.38
N SER R 208 -29.07 26.89 50.70
CA SER R 208 -28.25 27.73 51.54
C SER R 208 -27.74 26.97 52.75
N MET R 209 -26.47 27.17 53.09
CA MET R 209 -25.81 26.50 54.21
C MET R 209 -24.64 27.28 54.77
N THR R 210 -24.49 27.26 56.10
CA THR R 210 -23.28 27.81 56.72
C THR R 210 -22.15 26.79 56.54
N PRO R 211 -20.90 27.26 56.40
CA PRO R 211 -19.79 26.34 56.26
C PRO R 211 -19.85 25.16 57.23
N ASP R 212 -20.31 25.41 58.46
CA ASP R 212 -20.45 24.35 59.45
C ASP R 212 -21.45 23.29 59.01
N GLU R 213 -22.68 23.74 58.78
CA GLU R 213 -23.77 22.88 58.34
C GLU R 213 -23.36 22.09 57.11
N PHE R 214 -22.62 22.74 56.22
CA PHE R 214 -22.08 22.11 55.05
C PHE R 214 -21.22 20.92 55.44
N ARG R 215 -20.30 21.15 56.37
CA ARG R 215 -19.41 20.08 56.80
C ARG R 215 -20.10 18.97 57.59
N GLN R 216 -21.15 19.29 58.33
CA GLN R 216 -21.93 18.29 59.06
C GLN R 216 -22.68 17.40 58.10
N ALA R 217 -23.46 18.01 57.21
CA ALA R 217 -24.20 17.29 56.17
C ALA R 217 -23.26 16.36 55.39
N PHE R 218 -22.08 16.89 55.13
CA PHE R 218 -21.05 16.15 54.42
C PHE R 218 -20.65 14.84 55.14
N ASP R 219 -20.42 14.93 56.45
CA ASP R 219 -20.04 13.77 57.27
C ASP R 219 -21.12 12.71 57.25
N LEU R 220 -22.36 13.17 57.31
CA LEU R 220 -23.53 12.30 57.32
C LEU R 220 -23.69 11.58 55.98
N ALA R 221 -23.53 12.34 54.90
CA ALA R 221 -23.65 11.79 53.56
C ALA R 221 -22.76 10.56 53.40
N VAL R 222 -21.54 10.65 53.92
CA VAL R 222 -20.56 9.55 53.84
C VAL R 222 -21.11 8.31 54.49
N LYS R 223 -21.53 8.43 55.76
CA LYS R 223 -22.12 7.33 56.52
C LYS R 223 -23.25 6.64 55.77
N GLY R 224 -24.12 7.43 55.16
CA GLY R 224 -25.16 6.90 54.30
C GLY R 224 -24.59 6.14 53.11
N ILE R 225 -23.72 6.82 52.35
CA ILE R 225 -23.09 6.24 51.17
C ILE R 225 -22.47 4.84 51.43
N ASN R 226 -21.86 4.69 52.60
CA ASN R 226 -21.17 3.46 52.93
C ASN R 226 -22.16 2.32 53.06
N ILE R 227 -23.29 2.60 53.69
CA ILE R 227 -24.35 1.60 53.83
C ILE R 227 -24.89 1.15 52.47
N ILE R 228 -25.11 2.13 51.59
CA ILE R 228 -25.54 1.89 50.22
C ILE R 228 -24.50 1.08 49.43
N TYR R 229 -23.24 1.45 49.61
CA TYR R 229 -22.14 0.81 48.91
C TYR R 229 -22.08 -0.69 49.18
N ASN R 230 -22.43 -1.07 50.41
CA ASN R 230 -22.45 -2.47 50.82
C ASN R 230 -23.53 -3.26 50.13
N LEU R 231 -24.67 -2.62 49.88
CA LEU R 231 -25.77 -3.25 49.18
C LEU R 231 -25.42 -3.42 47.71
N GLU R 232 -24.66 -2.45 47.18
CA GLU R 232 -24.19 -2.53 45.81
C GLU R 232 -23.28 -3.73 45.63
N ARG R 233 -22.32 -3.91 46.54
CA ARG R 233 -21.45 -5.07 46.51
C ARG R 233 -22.25 -6.36 46.56
N GLU R 234 -23.28 -6.34 47.38
CA GLU R 234 -24.15 -7.50 47.55
C GLU R 234 -24.96 -7.77 46.28
N ALA R 235 -25.51 -6.72 45.70
CA ALA R 235 -26.29 -6.83 44.47
C ALA R 235 -25.45 -7.44 43.35
N LEU R 236 -24.15 -7.22 43.43
CA LEU R 236 -23.22 -7.69 42.43
C LEU R 236 -23.12 -9.20 42.53
N LYS R 237 -22.93 -9.68 43.76
CA LYS R 237 -22.79 -11.12 44.02
C LYS R 237 -24.09 -11.89 43.80
N SER R 238 -25.18 -11.45 44.40
CA SER R 238 -26.42 -12.23 44.37
C SER R 238 -27.45 -11.75 43.35
N LYS R 239 -27.10 -10.73 42.56
CA LYS R 239 -27.99 -10.17 41.52
C LYS R 239 -29.30 -9.50 42.01
N TYR R 240 -29.59 -9.61 43.31
CA TYR R 240 -30.82 -9.07 43.89
C TYR R 240 -30.71 -8.70 45.37
N VAL R 241 -31.10 -7.47 45.70
CA VAL R 241 -30.96 -6.94 47.06
C VAL R 241 -32.16 -6.10 47.47
N GLU R 242 -32.69 -6.37 48.67
CA GLU R 242 -33.69 -5.50 49.27
C GLU R 242 -33.24 -5.05 50.65
N PHE R 243 -33.65 -3.85 51.02
CA PHE R 243 -33.23 -3.26 52.27
C PHE R 243 -34.35 -2.42 52.84
N LYS R 244 -34.94 -2.91 53.94
CA LYS R 244 -35.93 -2.15 54.68
C LYS R 244 -35.21 -0.98 55.38
N GLU R 245 -35.84 0.19 55.36
CA GLU R 245 -35.26 1.43 55.90
C GLU R 245 -34.62 1.24 57.26
N GLU R 246 -33.47 1.87 57.47
CA GLU R 246 -33.02 2.13 58.83
C GLU R 246 -31.85 3.09 58.94
N GLY R 247 -31.63 3.53 60.18
CA GLY R 247 -30.72 4.61 60.50
C GLY R 247 -29.24 4.29 60.42
N VAL R 248 -28.42 5.33 60.42
CA VAL R 248 -26.99 5.19 60.74
C VAL R 248 -26.82 4.93 62.26
N MET S 1 5.98 -6.77 -39.42
CA MET S 1 7.14 -6.49 -38.53
C MET S 1 7.49 -7.63 -37.56
N SER S 2 8.77 -7.99 -37.50
CA SER S 2 9.28 -9.10 -36.68
C SER S 2 9.78 -8.62 -35.32
N SER S 3 9.46 -9.37 -34.27
CA SER S 3 9.85 -8.98 -32.90
C SER S 3 10.13 -10.18 -31.98
N THR S 4 10.99 -9.93 -31.01
CA THR S 4 11.44 -10.98 -30.09
C THR S 4 10.24 -11.67 -29.44
N PRO S 5 10.18 -13.02 -29.52
CA PRO S 5 9.06 -13.75 -28.94
C PRO S 5 8.97 -13.57 -27.42
N SER S 6 7.83 -13.06 -26.96
CA SER S 6 7.62 -12.75 -25.53
C SER S 6 7.18 -13.98 -24.75
N ASN S 7 6.46 -14.85 -25.44
CA ASN S 7 6.33 -16.22 -24.98
C ASN S 7 7.72 -16.71 -24.55
N GLN S 8 8.71 -16.54 -25.45
CA GLN S 8 10.06 -17.15 -25.36
C GLN S 8 10.30 -17.86 -24.03
N ASN S 9 9.95 -19.15 -24.00
CA ASN S 9 9.88 -19.94 -22.75
C ASN S 9 11.25 -20.03 -22.03
N ILE S 10 11.41 -19.11 -21.06
CA ILE S 10 12.69 -18.81 -20.43
C ILE S 10 13.07 -19.89 -19.43
N ILE S 11 13.76 -20.91 -19.94
CA ILE S 11 14.18 -22.10 -19.18
C ILE S 11 15.42 -21.82 -18.27
N PRO S 12 15.24 -21.91 -16.92
CA PRO S 12 16.19 -21.44 -15.90
C PRO S 12 17.66 -21.79 -16.15
N ILE S 13 18.53 -21.00 -15.53
CA ILE S 13 19.97 -21.19 -15.60
C ILE S 13 20.34 -22.62 -15.18
N ILE S 14 19.79 -23.04 -14.05
CA ILE S 14 20.08 -24.33 -13.43
C ILE S 14 19.84 -25.50 -14.37
N LYS S 15 18.66 -25.57 -14.96
CA LYS S 15 18.30 -26.68 -15.86
C LYS S 15 19.27 -26.82 -17.04
N LYS S 16 19.81 -25.70 -17.50
CA LYS S 16 20.76 -25.73 -18.61
C LYS S 16 22.03 -26.52 -18.28
N GLU S 17 22.64 -26.26 -17.13
CA GLU S 17 23.81 -27.03 -16.69
C GLU S 17 23.58 -28.51 -16.76
N SER S 18 22.53 -28.94 -16.07
CA SER S 18 22.19 -30.35 -15.95
C SER S 18 22.39 -31.03 -17.27
N ILE S 19 21.88 -30.38 -18.32
CA ILE S 19 21.94 -30.91 -19.68
C ILE S 19 23.38 -30.83 -20.22
N VAL S 20 24.06 -29.70 -19.96
CA VAL S 20 25.44 -29.50 -20.42
C VAL S 20 26.40 -30.48 -19.71
N SER S 21 26.24 -30.65 -18.40
CA SER S 21 27.06 -31.58 -17.64
C SER S 21 26.97 -33.00 -18.21
N LEU S 22 25.80 -33.32 -18.78
CA LEU S 22 25.59 -34.61 -19.42
C LEU S 22 26.30 -34.64 -20.76
N PHE S 23 26.19 -33.55 -21.51
CA PHE S 23 26.86 -33.41 -22.82
C PHE S 23 28.35 -33.61 -22.69
N GLU S 24 28.89 -33.15 -21.56
CA GLU S 24 30.30 -33.26 -21.23
C GLU S 24 30.72 -34.72 -21.16
N LYS S 25 29.77 -35.60 -20.81
CA LYS S 25 30.01 -37.03 -20.79
C LYS S 25 29.52 -37.70 -22.08
N GLY S 26 29.16 -36.89 -23.07
CA GLY S 26 28.76 -37.39 -24.38
C GLY S 26 27.41 -38.07 -24.42
N ILE S 27 26.57 -37.79 -23.43
CA ILE S 27 25.23 -38.36 -23.39
C ILE S 27 24.16 -37.26 -23.20
N ARG S 28 22.91 -37.59 -23.52
CA ARG S 28 21.79 -36.66 -23.30
C ARG S 28 20.75 -37.23 -22.33
N GLN S 29 19.70 -36.45 -22.07
CA GLN S 29 18.66 -36.83 -21.12
C GLN S 29 17.96 -38.12 -21.55
N ASP S 30 17.53 -38.16 -22.82
CA ASP S 30 16.81 -39.31 -23.39
C ASP S 30 17.68 -40.57 -23.58
N GLY S 31 18.99 -40.38 -23.58
CA GLY S 31 19.91 -41.51 -23.57
C GLY S 31 20.84 -41.54 -24.76
N ARG S 32 20.42 -40.90 -25.84
CA ARG S 32 21.19 -40.91 -27.09
C ARG S 32 22.50 -40.12 -27.04
N LYS S 33 23.43 -40.51 -27.93
CA LYS S 33 24.72 -39.84 -28.08
C LYS S 33 24.52 -38.47 -28.72
N LEU S 34 25.56 -37.65 -28.71
CA LEU S 34 25.45 -36.27 -29.18
C LEU S 34 25.09 -36.15 -30.67
N THR S 35 25.38 -37.21 -31.42
CA THR S 35 25.13 -37.21 -32.88
C THR S 35 23.94 -38.09 -33.31
N ASP S 36 23.20 -38.63 -32.33
CA ASP S 36 22.10 -39.56 -32.59
C ASP S 36 20.80 -38.89 -33.00
N TYR S 37 20.00 -39.63 -33.77
CA TYR S 37 18.66 -39.19 -34.12
C TYR S 37 17.61 -39.82 -33.23
N ARG S 38 16.55 -39.06 -32.93
CA ARG S 38 15.41 -39.62 -32.21
C ARG S 38 14.70 -40.71 -33.03
N PRO S 39 13.94 -41.62 -32.37
CA PRO S 39 13.27 -42.70 -33.09
C PRO S 39 12.30 -42.14 -34.13
N LEU S 40 12.31 -42.73 -35.32
CA LEU S 40 11.55 -42.21 -36.45
C LEU S 40 10.51 -43.19 -36.96
N SER S 41 9.26 -42.76 -36.95
CA SER S 41 8.14 -43.52 -37.51
C SER S 41 7.50 -42.74 -38.64
N ILE S 42 7.22 -43.44 -39.73
CA ILE S 42 6.51 -42.84 -40.85
C ILE S 42 5.39 -43.78 -41.29
N THR S 43 4.18 -43.22 -41.30
CA THR S 43 3.00 -43.92 -41.77
C THR S 43 2.56 -43.24 -43.04
N LEU S 44 2.66 -43.95 -44.17
CA LEU S 44 2.29 -43.42 -45.47
C LEU S 44 0.80 -43.50 -45.73
N ASP S 45 0.32 -42.65 -46.63
CA ASP S 45 -1.11 -42.50 -46.96
C ASP S 45 -1.99 -42.42 -45.73
N TYR S 46 -1.72 -41.45 -44.87
CA TYR S 46 -2.44 -41.33 -43.62
C TYR S 46 -3.77 -40.60 -43.79
N ALA S 47 -3.73 -39.40 -44.37
CA ALA S 47 -4.96 -38.70 -44.77
C ALA S 47 -5.43 -39.28 -46.10
N LYS S 48 -6.55 -40.00 -46.05
CA LYS S 48 -7.06 -40.75 -47.20
C LYS S 48 -7.51 -39.85 -48.34
N LYS S 49 -8.06 -38.67 -48.00
CA LYS S 49 -8.55 -37.77 -49.03
C LYS S 49 -7.47 -36.88 -49.68
N ALA S 50 -6.21 -37.08 -49.27
CA ALA S 50 -5.07 -36.44 -49.92
C ALA S 50 -4.67 -37.27 -51.12
N ASP S 51 -3.88 -36.66 -52.01
CA ASP S 51 -3.32 -37.37 -53.17
C ASP S 51 -2.15 -38.24 -52.71
N GLY S 52 -1.31 -37.68 -51.85
CA GLY S 52 -0.31 -38.44 -51.13
C GLY S 52 -0.19 -37.83 -49.74
N SER S 53 0.09 -38.66 -48.74
CA SER S 53 0.21 -38.16 -47.37
C SER S 53 1.22 -38.95 -46.57
N ALA S 54 1.70 -38.35 -45.48
CA ALA S 54 2.64 -39.03 -44.61
C ALA S 54 2.57 -38.50 -43.17
N LEU S 55 2.42 -39.41 -42.21
CA LEU S 55 2.45 -39.05 -40.81
C LEU S 55 3.79 -39.44 -40.23
N VAL S 56 4.56 -38.42 -39.84
CA VAL S 56 5.92 -38.61 -39.34
C VAL S 56 6.01 -38.34 -37.85
N LYS S 57 6.59 -39.29 -37.11
CA LYS S 57 6.92 -39.09 -35.70
C LYS S 57 8.42 -39.11 -35.50
N LEU S 58 9.00 -37.94 -35.30
CA LEU S 58 10.41 -37.85 -34.95
C LEU S 58 10.50 -37.51 -33.47
N GLY S 59 10.78 -38.52 -32.65
CA GLY S 59 10.68 -38.35 -31.20
C GLY S 59 9.23 -38.03 -30.86
N THR S 60 9.02 -36.95 -30.11
CA THR S 60 7.65 -36.54 -29.76
C THR S 60 7.01 -35.54 -30.73
N THR S 61 7.81 -35.07 -31.70
CA THR S 61 7.31 -34.20 -32.78
C THR S 61 6.44 -35.00 -33.74
N MET S 62 5.30 -34.42 -34.11
CA MET S 62 4.43 -35.03 -35.12
C MET S 62 4.07 -34.07 -36.23
N VAL S 63 4.27 -34.51 -37.46
CA VAL S 63 3.95 -33.71 -38.61
C VAL S 63 3.15 -34.59 -39.54
N LEU S 64 2.06 -34.02 -40.06
CA LEU S 64 1.29 -34.65 -41.12
C LEU S 64 1.35 -33.79 -42.37
N ALA S 65 1.95 -34.33 -43.42
CA ALA S 65 2.04 -33.63 -44.70
C ALA S 65 1.13 -34.31 -45.72
N GLY S 66 0.47 -33.49 -46.53
CA GLY S 66 -0.42 -34.02 -47.53
C GLY S 66 -0.32 -33.22 -48.80
N THR S 67 -0.36 -33.93 -49.93
CA THR S 67 -0.35 -33.30 -51.25
C THR S 67 -1.73 -33.27 -51.88
N LYS S 68 -1.93 -32.29 -52.76
CA LYS S 68 -3.17 -32.14 -53.50
C LYS S 68 -2.83 -31.52 -54.85
N LEU S 69 -3.19 -32.24 -55.92
CA LEU S 69 -2.83 -31.81 -57.27
C LEU S 69 -3.98 -31.08 -57.94
N GLU S 70 -3.61 -30.06 -58.72
CA GLU S 70 -4.58 -29.25 -59.45
C GLU S 70 -4.00 -28.85 -60.78
N ILE S 71 -4.87 -28.63 -61.76
CA ILE S 71 -4.43 -28.20 -63.07
C ILE S 71 -4.59 -26.68 -63.23
N ASP S 72 -3.49 -26.01 -63.54
CA ASP S 72 -3.47 -24.56 -63.66
C ASP S 72 -2.71 -24.13 -64.91
N LYS S 73 -3.00 -22.93 -65.40
CA LYS S 73 -2.12 -22.27 -66.36
C LYS S 73 -0.84 -21.94 -65.59
N PRO S 74 0.34 -22.23 -66.17
CA PRO S 74 1.60 -21.95 -65.46
C PRO S 74 1.84 -20.45 -65.36
N TYR S 75 2.64 -20.03 -64.39
CA TYR S 75 2.99 -18.63 -64.25
C TYR S 75 3.41 -18.05 -65.61
N GLU S 76 3.02 -16.80 -65.89
CA GLU S 76 3.45 -16.12 -67.10
C GLU S 76 4.97 -15.98 -67.11
N ASP S 77 5.57 -15.90 -65.92
CA ASP S 77 7.01 -15.88 -65.74
C ASP S 77 7.67 -17.20 -66.16
N THR S 78 7.14 -18.33 -65.69
CA THR S 78 7.76 -19.66 -65.91
C THR S 78 6.84 -20.62 -66.70
N PRO S 79 6.78 -20.44 -68.03
CA PRO S 79 5.74 -21.05 -68.85
C PRO S 79 5.93 -22.55 -69.11
N ASN S 80 7.08 -23.09 -68.72
CA ASN S 80 7.36 -24.50 -68.95
C ASN S 80 7.53 -25.33 -67.69
N GLN S 81 6.78 -24.96 -66.67
CA GLN S 81 6.91 -25.58 -65.37
C GLN S 81 5.59 -25.73 -64.67
N GLY S 82 5.46 -26.86 -63.98
CA GLY S 82 4.44 -27.04 -62.96
C GLY S 82 4.80 -26.23 -61.74
N ASN S 83 3.83 -26.03 -60.86
CA ASN S 83 4.00 -25.16 -59.71
C ASN S 83 4.05 -25.95 -58.42
N LEU S 84 4.92 -25.52 -57.51
CA LEU S 84 4.99 -26.13 -56.19
C LEU S 84 4.66 -25.11 -55.12
N ILE S 85 3.80 -25.51 -54.20
CA ILE S 85 3.39 -24.66 -53.10
C ILE S 85 3.51 -25.35 -51.75
N VAL S 86 4.54 -24.99 -51.00
CA VAL S 86 4.70 -25.45 -49.63
C VAL S 86 4.10 -24.45 -48.64
N ASN S 87 3.07 -24.93 -47.95
CA ASN S 87 2.41 -24.18 -46.92
C ASN S 87 2.51 -24.94 -45.59
N VAL S 88 3.41 -24.49 -44.73
CA VAL S 88 3.59 -25.09 -43.40
C VAL S 88 2.74 -24.36 -42.38
N GLU S 89 1.99 -25.13 -41.61
CA GLU S 89 1.15 -24.55 -40.56
C GLU S 89 1.50 -25.10 -39.19
N LEU S 90 1.76 -24.18 -38.27
CA LEU S 90 2.24 -24.54 -36.94
C LEU S 90 1.10 -24.56 -35.93
N LEU S 91 0.01 -25.24 -36.25
CA LEU S 91 -1.26 -25.16 -35.50
C LEU S 91 -1.13 -25.13 -33.96
N PRO S 92 -2.04 -24.38 -33.29
CA PRO S 92 -1.90 -24.10 -31.87
C PRO S 92 -1.93 -25.37 -31.01
N LEU S 93 -2.49 -26.44 -31.58
CA LEU S 93 -2.53 -27.79 -30.99
C LEU S 93 -1.16 -28.35 -30.59
N ALA S 94 -0.11 -27.88 -31.28
CA ALA S 94 1.22 -28.48 -31.22
C ALA S 94 1.96 -28.23 -29.92
N TYR S 95 1.79 -27.03 -29.37
CA TYR S 95 2.49 -26.56 -28.18
C TYR S 95 1.59 -25.55 -27.45
N GLU S 96 1.64 -25.58 -26.12
CA GLU S 96 0.80 -24.72 -25.25
C GLU S 96 0.60 -23.27 -25.75
N THR S 97 1.71 -22.56 -25.86
CA THR S 97 1.77 -21.16 -26.30
C THR S 97 2.13 -21.06 -27.82
N PHE S 98 1.10 -21.03 -28.65
CA PHE S 98 1.21 -21.04 -30.12
C PHE S 98 0.17 -20.12 -30.77
N GLU S 99 0.46 -19.63 -31.97
CA GLU S 99 -0.40 -18.64 -32.66
C GLU S 99 -1.73 -19.23 -33.20
N PRO S 100 -2.89 -18.61 -32.84
CA PRO S 100 -4.24 -18.99 -33.31
C PRO S 100 -4.83 -18.15 -34.48
N GLY S 101 -4.30 -18.37 -35.68
CA GLY S 101 -4.70 -17.65 -36.92
C GLY S 101 -3.70 -17.92 -38.05
N PRO S 102 -4.13 -17.79 -39.34
CA PRO S 102 -3.28 -18.24 -40.49
C PRO S 102 -1.74 -18.02 -40.28
N PRO S 103 -0.88 -18.96 -40.78
CA PRO S 103 0.56 -19.14 -40.43
C PRO S 103 1.36 -17.90 -40.01
N ASP S 104 2.13 -18.04 -38.93
CA ASP S 104 2.94 -16.93 -38.38
C ASP S 104 4.42 -17.00 -38.77
N GLU S 105 5.11 -15.88 -38.64
CA GLU S 105 6.54 -15.76 -38.93
C GLU S 105 7.31 -17.05 -39.33
N ASN S 106 7.48 -17.96 -38.40
CA ASN S 106 8.37 -19.11 -38.59
C ASN S 106 7.72 -20.36 -39.21
N ALA S 107 6.40 -20.31 -39.33
CA ALA S 107 5.65 -21.28 -40.12
C ALA S 107 5.99 -20.99 -41.56
N ILE S 108 6.06 -19.68 -41.85
CA ILE S 108 6.52 -19.20 -43.14
C ILE S 108 7.97 -19.58 -43.38
N GLU S 109 8.85 -19.33 -42.39
CA GLU S 109 10.26 -19.68 -42.53
C GLU S 109 10.45 -21.17 -42.80
N LEU S 110 9.70 -22.01 -42.09
CA LEU S 110 9.75 -23.44 -42.31
C LEU S 110 9.38 -23.81 -43.74
N ALA S 111 8.26 -23.24 -44.21
CA ALA S 111 7.74 -23.51 -45.54
C ALA S 111 8.76 -23.19 -46.61
N ARG S 112 9.33 -21.98 -46.53
CA ARG S 112 10.32 -21.49 -47.50
C ARG S 112 11.59 -22.34 -47.50
N VAL S 113 12.03 -22.73 -46.31
CA VAL S 113 13.22 -23.55 -46.16
C VAL S 113 13.04 -24.94 -46.77
N VAL S 114 11.86 -25.54 -46.53
CA VAL S 114 11.48 -26.83 -47.16
C VAL S 114 11.31 -26.66 -48.67
N ASP S 115 10.60 -25.60 -49.06
CA ASP S 115 10.43 -25.26 -50.45
C ASP S 115 11.76 -25.25 -51.17
N ARG S 116 12.71 -24.47 -50.65
CA ARG S 116 13.99 -24.23 -51.32
C ARG S 116 14.87 -25.47 -51.44
N SER S 117 14.71 -26.41 -50.52
CA SER S 117 15.50 -27.62 -50.62
C SER S 117 14.83 -28.70 -51.48
N LEU S 118 13.58 -28.49 -51.85
CA LEU S 118 12.93 -29.35 -52.84
C LEU S 118 13.12 -28.81 -54.25
N ARG S 119 12.99 -27.50 -54.36
CA ARG S 119 13.03 -26.77 -55.63
C ARG S 119 14.44 -26.65 -56.20
N ASP S 120 15.38 -26.22 -55.35
CA ASP S 120 16.79 -25.99 -55.74
C ASP S 120 17.57 -27.30 -55.92
N SER S 121 17.11 -28.36 -55.27
CA SER S 121 17.73 -29.67 -55.43
C SER S 121 17.18 -30.38 -56.64
N LYS S 122 16.08 -29.85 -57.16
CA LYS S 122 15.34 -30.49 -58.25
C LYS S 122 14.99 -31.95 -57.88
N ALA S 123 14.76 -32.16 -56.59
CA ALA S 123 14.31 -33.43 -56.07
C ALA S 123 12.97 -33.72 -56.72
N LEU S 124 12.14 -32.70 -56.89
CA LEU S 124 10.95 -32.79 -57.71
C LEU S 124 11.16 -31.98 -58.99
N ASP S 125 11.01 -32.64 -60.13
CA ASP S 125 11.25 -32.00 -61.40
C ASP S 125 9.99 -31.30 -61.90
N LEU S 126 9.99 -29.98 -61.77
CA LEU S 126 8.84 -29.17 -62.13
C LEU S 126 8.64 -29.04 -63.63
N THR S 127 9.69 -29.25 -64.41
CA THR S 127 9.57 -29.21 -65.86
C THR S 127 8.84 -30.44 -66.38
N LYS S 128 8.85 -31.51 -65.58
CA LYS S 128 8.11 -32.71 -65.88
C LYS S 128 6.72 -32.75 -65.23
N LEU S 129 6.10 -31.59 -65.07
CA LEU S 129 4.72 -31.52 -64.61
C LEU S 129 3.86 -30.74 -65.58
N VAL S 130 4.37 -30.55 -66.79
CA VAL S 130 3.69 -29.79 -67.84
C VAL S 130 2.75 -30.70 -68.61
N ILE S 131 1.50 -30.29 -68.75
CA ILE S 131 0.53 -31.05 -69.54
C ILE S 131 0.57 -30.49 -70.95
N GLU S 132 -0.16 -29.41 -71.19
CA GLU S 132 0.00 -28.72 -72.47
C GLU S 132 0.83 -27.48 -72.26
N PRO S 133 2.02 -27.44 -72.88
CA PRO S 133 3.03 -26.43 -72.61
C PRO S 133 2.44 -25.03 -72.71
N GLY S 134 2.75 -24.19 -71.72
CA GLY S 134 2.22 -22.83 -71.67
C GLY S 134 0.73 -22.67 -71.38
N LYS S 135 -0.05 -23.73 -71.66
CA LYS S 135 -1.50 -23.70 -71.45
C LYS S 135 -1.93 -24.27 -70.09
N SER S 136 -1.43 -25.46 -69.75
CA SER S 136 -1.84 -26.14 -68.53
C SER S 136 -0.74 -27.04 -67.92
N VAL S 137 -0.52 -26.87 -66.61
CA VAL S 137 0.45 -27.66 -65.86
C VAL S 137 -0.18 -28.14 -64.54
N TRP S 138 0.50 -29.07 -63.87
CA TRP S 138 0.09 -29.50 -62.53
C TRP S 138 0.60 -28.54 -61.48
N THR S 139 -0.26 -28.16 -60.55
CA THR S 139 0.16 -27.43 -59.37
C THR S 139 0.14 -28.42 -58.22
N VAL S 140 1.29 -28.55 -57.56
CA VAL S 140 1.43 -29.44 -56.43
C VAL S 140 1.33 -28.64 -55.14
N TRP S 141 0.20 -28.77 -54.46
CA TRP S 141 0.01 -28.17 -53.16
C TRP S 141 0.54 -29.12 -52.10
N LEU S 142 1.58 -28.70 -51.41
CA LEU S 142 2.06 -29.44 -50.27
C LEU S 142 1.62 -28.70 -49.02
N ASP S 143 0.86 -29.39 -48.17
CA ASP S 143 0.37 -28.82 -46.90
C ASP S 143 0.90 -29.63 -45.74
N VAL S 144 1.73 -28.98 -44.92
CA VAL S 144 2.41 -29.63 -43.82
C VAL S 144 1.90 -29.08 -42.49
N TYR S 145 1.37 -29.97 -41.68
CA TYR S 145 0.72 -29.60 -40.44
C TYR S 145 1.44 -30.19 -39.23
N VAL S 146 1.89 -29.31 -38.34
CA VAL S 146 2.61 -29.73 -37.15
C VAL S 146 1.62 -29.93 -36.03
N LEU S 147 1.54 -31.17 -35.53
CA LEU S 147 0.52 -31.55 -34.57
C LEU S 147 1.05 -31.61 -33.14
N ASP S 148 2.34 -31.90 -33.02
CA ASP S 148 2.98 -32.10 -31.72
C ASP S 148 4.34 -31.45 -31.83
N TYR S 149 4.62 -30.46 -31.00
CA TYR S 149 5.92 -29.81 -31.02
C TYR S 149 6.87 -30.54 -30.08
N GLY S 150 7.80 -31.32 -30.65
CA GLY S 150 8.77 -32.04 -29.84
C GLY S 150 10.16 -31.43 -29.95
N GLY S 151 10.27 -30.36 -30.72
CA GLY S 151 11.56 -29.77 -31.05
C GLY S 151 12.08 -30.27 -32.39
N ASN S 152 12.96 -29.49 -33.00
CA ASN S 152 13.50 -29.78 -34.33
C ASN S 152 12.40 -30.11 -35.31
N VAL S 153 11.50 -29.15 -35.50
CA VAL S 153 10.37 -29.31 -36.39
C VAL S 153 10.81 -29.37 -37.86
N LEU S 154 11.81 -28.56 -38.19
CA LEU S 154 12.31 -28.45 -39.58
C LEU S 154 12.63 -29.79 -40.22
N ASP S 155 13.37 -30.61 -39.50
CA ASP S 155 13.79 -31.91 -40.02
C ASP S 155 12.61 -32.84 -40.25
N ALA S 156 11.67 -32.83 -39.31
CA ALA S 156 10.45 -33.63 -39.42
C ALA S 156 9.52 -33.18 -40.58
N CYS S 157 9.58 -31.91 -40.94
CA CYS S 157 8.81 -31.38 -42.07
C CYS S 157 9.42 -31.83 -43.38
N THR S 158 10.73 -31.65 -43.52
CA THR S 158 11.46 -32.15 -44.68
C THR S 158 11.09 -33.60 -44.94
N LEU S 159 11.15 -34.41 -43.88
CA LEU S 159 10.82 -35.84 -43.98
C LEU S 159 9.36 -36.08 -44.40
N ALA S 160 8.42 -35.48 -43.68
CA ALA S 160 6.98 -35.62 -43.98
C ALA S 160 6.66 -35.19 -45.41
N SER S 161 7.32 -34.14 -45.87
CA SER S 161 7.12 -33.59 -47.20
C SER S 161 7.59 -34.56 -48.26
N VAL S 162 8.86 -34.94 -48.15
CA VAL S 162 9.47 -35.90 -49.07
C VAL S 162 8.60 -37.15 -49.14
N ALA S 163 8.19 -37.64 -47.97
CA ALA S 163 7.35 -38.83 -47.87
C ALA S 163 5.98 -38.64 -48.52
N ALA S 164 5.34 -37.50 -48.28
CA ALA S 164 4.05 -37.17 -48.90
C ALA S 164 4.14 -37.17 -50.43
N LEU S 165 5.22 -36.57 -50.94
CA LEU S 165 5.42 -36.49 -52.39
C LEU S 165 5.60 -37.85 -53.03
N TYR S 166 6.40 -38.69 -52.38
CA TYR S 166 6.62 -40.04 -52.86
C TYR S 166 5.36 -40.88 -52.81
N ASN S 167 4.47 -40.52 -51.90
CA ASN S 167 3.18 -41.17 -51.79
C ASN S 167 2.16 -40.66 -52.83
N THR S 168 2.49 -39.57 -53.52
CA THR S 168 1.52 -38.88 -54.36
C THR S 168 1.18 -39.67 -55.60
N LYS S 169 -0.13 -39.75 -55.86
CA LYS S 169 -0.71 -40.38 -57.04
C LYS S 169 -1.15 -39.35 -58.05
N VAL S 170 -0.70 -39.52 -59.28
CA VAL S 170 -1.12 -38.69 -60.41
C VAL S 170 -2.32 -39.36 -61.09
N TYR S 171 -3.23 -38.55 -61.63
CA TYR S 171 -4.45 -39.09 -62.20
C TYR S 171 -4.52 -38.99 -63.71
N LYS S 172 -5.55 -39.62 -64.28
CA LYS S 172 -5.82 -39.55 -65.72
C LYS S 172 -6.31 -38.17 -66.09
N VAL S 173 -5.92 -37.73 -67.28
CA VAL S 173 -6.14 -36.35 -67.72
C VAL S 173 -7.05 -36.27 -68.96
N GLU S 174 -8.37 -36.25 -68.76
CA GLU S 174 -9.35 -36.34 -69.86
C GLU S 174 -9.46 -35.03 -70.69
N GLN S 175 -9.01 -35.10 -71.95
CA GLN S 175 -9.02 -33.93 -72.88
C GLN S 175 -10.30 -33.82 -73.72
N ILE S 180 -9.24 -31.06 -70.51
CA ILE S 180 -10.48 -30.45 -70.03
C ILE S 180 -10.81 -30.84 -68.57
N SER S 181 -10.78 -32.13 -68.25
CA SER S 181 -11.18 -32.63 -66.91
C SER S 181 -10.21 -33.66 -66.29
N VAL S 182 -10.14 -33.67 -64.95
CA VAL S 182 -9.36 -34.67 -64.21
C VAL S 182 -10.24 -35.88 -63.92
N ASN S 183 -9.65 -37.07 -63.87
CA ASN S 183 -10.39 -38.27 -63.46
C ASN S 183 -9.75 -38.96 -62.26
N LYS S 184 -10.38 -38.82 -61.10
CA LYS S 184 -9.72 -39.14 -59.84
C LYS S 184 -9.84 -40.60 -59.35
N ASN S 185 -10.05 -41.55 -60.26
CA ASN S 185 -9.94 -42.97 -59.89
C ASN S 185 -9.29 -43.89 -60.93
N GLU S 186 -8.83 -43.28 -62.02
CA GLU S 186 -7.85 -43.93 -62.88
C GLU S 186 -6.49 -43.31 -62.60
N VAL S 187 -5.72 -44.00 -61.77
CA VAL S 187 -4.38 -43.56 -61.37
C VAL S 187 -3.37 -43.77 -62.51
N VAL S 188 -2.79 -42.68 -62.99
CA VAL S 188 -1.85 -42.74 -64.12
C VAL S 188 -0.40 -43.12 -63.73
N GLY S 189 0.09 -42.57 -62.61
CA GLY S 189 1.45 -42.85 -62.15
C GLY S 189 1.82 -42.12 -60.88
N LYS S 190 3.10 -41.80 -60.76
CA LYS S 190 3.62 -41.11 -59.58
C LYS S 190 4.23 -39.76 -59.92
N LEU S 191 4.57 -38.97 -58.91
CA LEU S 191 5.25 -37.68 -59.13
C LEU S 191 6.66 -37.82 -59.74
N PRO S 192 7.04 -36.89 -60.64
CA PRO S 192 8.38 -36.91 -61.25
C PRO S 192 9.47 -36.53 -60.24
N LEU S 193 9.83 -37.49 -59.39
CA LEU S 193 10.81 -37.26 -58.33
C LEU S 193 12.16 -37.87 -58.68
N ASN S 194 13.19 -37.02 -58.64
CA ASN S 194 14.56 -37.43 -58.96
C ASN S 194 15.18 -38.26 -57.85
N TYR S 195 14.98 -37.81 -56.60
CA TYR S 195 15.51 -38.47 -55.42
C TYR S 195 14.93 -37.82 -54.15
N PRO S 196 14.99 -38.52 -53.00
CA PRO S 196 14.61 -37.89 -51.74
C PRO S 196 15.66 -36.90 -51.24
N VAL S 197 15.26 -36.06 -50.28
CA VAL S 197 16.13 -35.03 -49.68
C VAL S 197 15.92 -35.05 -48.17
N VAL S 198 17.00 -34.91 -47.41
CA VAL S 198 16.89 -34.84 -45.94
C VAL S 198 17.47 -33.54 -45.43
N THR S 199 16.85 -33.01 -44.38
CA THR S 199 17.42 -31.86 -43.70
C THR S 199 17.85 -32.27 -42.32
N ILE S 200 19.10 -31.95 -41.97
CA ILE S 200 19.70 -32.31 -40.69
C ILE S 200 20.02 -31.02 -39.92
N SER S 201 19.47 -30.92 -38.70
CA SER S 201 19.67 -29.77 -37.82
C SER S 201 20.66 -30.08 -36.71
N VAL S 202 21.68 -29.24 -36.59
CA VAL S 202 22.70 -29.36 -35.56
C VAL S 202 22.57 -28.14 -34.67
N ALA S 203 22.39 -28.36 -33.38
CA ALA S 203 22.27 -27.28 -32.42
C ALA S 203 23.57 -27.10 -31.64
N LYS S 204 24.03 -25.86 -31.57
CA LYS S 204 25.16 -25.50 -30.74
C LYS S 204 24.63 -25.12 -29.37
N VAL S 205 24.91 -25.99 -28.41
CA VAL S 205 24.64 -25.70 -27.00
C VAL S 205 25.98 -25.58 -26.29
N ASP S 206 26.19 -24.43 -25.66
CA ASP S 206 27.42 -24.17 -24.95
C ASP S 206 28.57 -24.32 -25.95
N LYS S 207 29.39 -25.34 -25.75
CA LYS S 207 30.52 -25.60 -26.65
C LYS S 207 30.29 -26.87 -27.46
N TYR S 208 29.18 -27.53 -27.20
CA TYR S 208 28.89 -28.81 -27.85
C TYR S 208 27.99 -28.63 -29.05
N LEU S 209 28.05 -29.59 -29.97
CA LEU S 209 27.14 -29.63 -31.09
C LEU S 209 26.27 -30.86 -30.97
N VAL S 210 24.99 -30.72 -31.29
CA VAL S 210 24.01 -31.76 -31.02
C VAL S 210 23.09 -31.99 -32.22
N VAL S 211 23.00 -33.23 -32.70
CA VAL S 211 22.16 -33.54 -33.84
C VAL S 211 20.73 -33.82 -33.39
N ASP S 212 19.76 -33.21 -34.11
CA ASP S 212 18.33 -33.35 -33.79
C ASP S 212 18.05 -32.95 -32.34
N PRO S 213 18.04 -31.63 -32.06
CA PRO S 213 17.75 -31.17 -30.70
C PRO S 213 16.29 -31.41 -30.32
N ASP S 214 16.04 -31.89 -29.10
CA ASP S 214 14.67 -32.04 -28.63
C ASP S 214 14.16 -30.72 -28.05
N LEU S 215 12.99 -30.76 -27.43
CA LEU S 215 12.33 -29.54 -26.95
C LEU S 215 13.16 -28.76 -25.92
N ASP S 216 13.65 -29.48 -24.91
CA ASP S 216 14.51 -28.91 -23.89
C ASP S 216 15.79 -28.36 -24.50
N GLU S 217 16.42 -29.18 -25.33
CA GLU S 217 17.68 -28.83 -25.99
C GLU S 217 17.56 -27.59 -26.84
N GLU S 218 16.43 -27.44 -27.53
CA GLU S 218 16.16 -26.26 -28.34
C GLU S 218 16.03 -25.01 -27.50
N SER S 219 15.35 -25.12 -26.35
CA SER S 219 15.12 -23.97 -25.48
C SER S 219 16.39 -23.43 -24.78
N ILE S 220 17.44 -24.24 -24.76
CA ILE S 220 18.72 -23.85 -24.15
C ILE S 220 19.87 -23.61 -25.14
N MET S 221 19.69 -23.96 -26.41
CA MET S 221 20.73 -23.81 -27.43
C MET S 221 20.99 -22.34 -27.73
N ASP S 222 22.21 -22.03 -28.15
CA ASP S 222 22.57 -20.67 -28.60
C ASP S 222 21.91 -20.42 -29.96
N ALA S 223 22.10 -21.36 -30.87
CA ALA S 223 21.58 -21.29 -32.22
C ALA S 223 21.62 -22.69 -32.82
N LYS S 224 20.87 -22.91 -33.89
CA LYS S 224 20.99 -24.15 -34.63
C LYS S 224 21.22 -23.84 -36.11
N ILE S 225 21.77 -24.82 -36.83
CA ILE S 225 22.02 -24.70 -38.26
C ILE S 225 21.57 -25.99 -38.97
N SER S 226 20.87 -25.83 -40.10
CA SER S 226 20.27 -26.95 -40.78
C SER S 226 20.85 -27.12 -42.17
N PHE S 227 21.17 -28.36 -42.51
CA PHE S 227 21.76 -28.67 -43.80
C PHE S 227 20.86 -29.63 -44.56
N SER S 228 20.57 -29.29 -45.81
CA SER S 228 19.80 -30.18 -46.67
C SER S 228 20.75 -30.93 -47.59
N TYR S 229 20.51 -32.23 -47.74
CA TYR S 229 21.36 -33.05 -48.57
C TYR S 229 20.59 -33.87 -49.60
N THR S 230 21.15 -33.97 -50.81
CA THR S 230 20.69 -34.94 -51.79
C THR S 230 21.41 -36.26 -51.54
N PRO S 231 20.91 -37.38 -52.09
CA PRO S 231 21.46 -38.68 -51.78
C PRO S 231 22.94 -38.82 -51.97
N ASP S 232 23.57 -38.19 -52.98
CA ASP S 232 25.03 -38.31 -52.94
C ASP S 232 25.79 -37.11 -52.43
N LEU S 233 25.11 -36.48 -51.47
CA LEU S 233 25.68 -35.62 -50.45
C LEU S 233 26.16 -34.29 -51.01
N LYS S 234 25.33 -33.73 -51.87
CA LYS S 234 25.51 -32.37 -52.30
C LYS S 234 24.67 -31.54 -51.35
N ILE S 235 25.26 -30.50 -50.77
CA ILE S 235 24.53 -29.57 -49.91
C ILE S 235 23.53 -28.81 -50.78
N VAL S 236 22.28 -28.75 -50.32
CA VAL S 236 21.22 -28.24 -51.17
C VAL S 236 20.33 -27.20 -50.46
N GLY S 237 20.78 -26.81 -49.27
CA GLY S 237 20.17 -25.74 -48.48
C GLY S 237 20.79 -25.65 -47.09
N ILE S 238 20.96 -24.43 -46.59
CA ILE S 238 21.48 -24.20 -45.25
C ILE S 238 20.70 -23.07 -44.60
N GLN S 239 20.35 -23.24 -43.32
CA GLN S 239 19.66 -22.19 -42.56
C GLN S 239 20.11 -22.10 -41.11
N LYS S 240 20.80 -21.00 -40.77
CA LYS S 240 21.10 -20.70 -39.36
C LYS S 240 19.86 -20.13 -38.70
N SER S 241 19.69 -20.47 -37.42
CA SER S 241 18.45 -20.21 -36.71
C SER S 241 18.77 -19.98 -35.25
N GLY S 242 18.05 -19.05 -34.62
CA GLY S 242 18.22 -18.84 -33.20
C GLY S 242 18.84 -17.49 -32.86
N LYS S 243 18.63 -17.08 -31.61
CA LYS S 243 18.98 -15.75 -31.09
C LYS S 243 20.46 -15.57 -30.83
N GLY S 244 21.22 -16.65 -30.92
CA GLY S 244 22.64 -16.58 -30.64
C GLY S 244 23.46 -16.72 -31.89
N SER S 245 24.78 -16.70 -31.70
CA SER S 245 25.72 -16.83 -32.79
C SER S 245 26.52 -18.14 -32.70
N MET S 246 27.44 -18.31 -33.64
CA MET S 246 28.15 -19.56 -33.83
C MET S 246 29.49 -19.27 -34.48
N SER S 247 30.55 -19.93 -34.04
CA SER S 247 31.88 -19.67 -34.58
C SER S 247 32.08 -20.29 -35.97
N LEU S 248 33.18 -19.93 -36.62
CA LEU S 248 33.47 -20.41 -37.96
C LEU S 248 33.67 -21.92 -37.94
N GLN S 249 34.50 -22.37 -37.01
CA GLN S 249 34.82 -23.79 -36.88
C GLN S 249 33.63 -24.58 -36.41
N ASP S 250 32.78 -23.95 -35.61
CA ASP S 250 31.52 -24.54 -35.22
C ASP S 250 30.75 -25.00 -36.46
N ILE S 251 30.61 -24.10 -37.42
CA ILE S 251 29.84 -24.36 -38.63
C ILE S 251 30.52 -25.46 -39.44
N ASP S 252 31.84 -25.37 -39.53
CA ASP S 252 32.62 -26.38 -40.24
C ASP S 252 32.27 -27.77 -39.74
N GLN S 253 32.46 -27.99 -38.44
CA GLN S 253 32.13 -29.28 -37.80
C GLN S 253 30.67 -29.65 -37.90
N ALA S 254 29.81 -28.65 -37.75
CA ALA S 254 28.37 -28.85 -37.83
C ALA S 254 28.02 -29.54 -39.14
N GLU S 255 28.55 -29.02 -40.24
CA GLU S 255 28.28 -29.61 -41.54
C GLU S 255 28.88 -31.02 -41.64
N ASN S 256 30.10 -31.19 -41.14
CA ASN S 256 30.73 -32.49 -41.14
C ASN S 256 29.83 -33.52 -40.51
N THR S 257 29.34 -33.18 -39.33
CA THR S 257 28.50 -34.07 -38.57
C THR S 257 27.18 -34.24 -39.32
N ALA S 258 26.57 -33.11 -39.69
CA ALA S 258 25.31 -33.13 -40.42
C ALA S 258 25.34 -34.12 -41.59
N ARG S 259 26.48 -34.16 -42.26
CA ARG S 259 26.60 -34.95 -43.45
C ARG S 259 26.74 -36.43 -43.16
N SER S 260 27.60 -36.82 -42.22
CA SER S 260 27.77 -38.24 -41.94
C SER S 260 26.58 -38.82 -41.16
N THR S 261 25.66 -37.94 -40.76
CA THR S 261 24.35 -38.31 -40.23
C THR S 261 23.36 -38.49 -41.36
N ALA S 262 23.38 -37.56 -42.31
CA ALA S 262 22.51 -37.58 -43.49
C ALA S 262 22.44 -38.95 -44.15
N VAL S 263 23.58 -39.61 -44.28
CA VAL S 263 23.65 -40.92 -44.91
C VAL S 263 22.71 -41.87 -44.19
N LYS S 264 22.85 -41.94 -42.87
CA LYS S 264 22.11 -42.85 -41.99
C LYS S 264 20.63 -42.58 -42.06
N LEU S 265 20.27 -41.30 -41.97
CA LEU S 265 18.89 -40.87 -42.04
C LEU S 265 18.26 -41.18 -43.42
N LEU S 266 19.01 -40.92 -44.48
CA LEU S 266 18.54 -41.19 -45.84
C LEU S 266 18.18 -42.66 -46.02
N GLU S 267 19.02 -43.55 -45.49
CA GLU S 267 18.76 -44.98 -45.63
C GLU S 267 17.52 -45.38 -44.88
N GLU S 268 17.27 -44.72 -43.76
CA GLU S 268 16.12 -45.06 -42.95
C GLU S 268 14.85 -44.51 -43.58
N LEU S 269 14.94 -43.31 -44.15
CA LEU S 269 13.82 -42.73 -44.88
C LEU S 269 13.41 -43.61 -46.05
N LYS S 270 14.41 -44.14 -46.76
CA LYS S 270 14.18 -44.98 -47.93
C LYS S 270 13.49 -46.28 -47.54
N LYS S 271 13.86 -46.82 -46.38
CA LYS S 271 13.21 -48.03 -45.86
C LYS S 271 11.72 -47.82 -45.65
N HIS S 272 11.34 -46.66 -45.13
CA HIS S 272 9.93 -46.30 -44.95
C HIS S 272 9.20 -46.09 -46.26
N LEU S 273 9.92 -45.61 -47.27
CA LEU S 273 9.31 -45.37 -48.57
C LEU S 273 9.38 -46.59 -49.48
N GLY S 274 10.24 -47.54 -49.14
CA GLY S 274 10.48 -48.73 -49.97
C GLY S 274 11.46 -48.41 -51.11
N ILE S 275 12.72 -48.10 -50.76
CA ILE S 275 13.72 -47.47 -51.69
C ILE S 275 13.10 -46.47 -52.69
N ARG T 2 22.95 -37.76 -81.58
CA ARG T 2 23.79 -37.21 -80.48
C ARG T 2 24.39 -35.82 -80.80
N GLU T 3 24.40 -34.90 -79.82
CA GLU T 3 25.09 -33.56 -79.86
C GLU T 3 24.43 -32.41 -80.72
N MET T 4 25.24 -31.36 -80.97
CA MET T 4 25.00 -30.18 -81.89
C MET T 4 24.06 -29.04 -81.39
N LEU T 5 24.33 -28.55 -80.17
CA LEU T 5 23.38 -27.72 -79.36
C LEU T 5 24.07 -26.59 -78.52
N GLN T 6 23.36 -25.49 -78.23
CA GLN T 6 23.75 -24.48 -77.19
C GLN T 6 22.68 -24.37 -76.07
N VAL T 7 22.89 -23.54 -75.03
CA VAL T 7 21.86 -23.33 -73.96
C VAL T 7 21.52 -21.84 -73.62
N GLU T 8 20.23 -21.56 -73.38
CA GLU T 8 19.67 -20.19 -73.28
C GLU T 8 19.72 -19.50 -71.88
N ARG T 9 20.92 -19.45 -71.30
CA ARG T 9 21.18 -18.88 -69.98
C ARG T 9 22.50 -18.11 -69.99
N PRO T 10 22.49 -16.81 -69.60
CA PRO T 10 23.62 -15.88 -69.78
C PRO T 10 24.95 -16.34 -69.17
N LYS T 11 26.05 -16.06 -69.86
CA LYS T 11 27.39 -16.45 -69.42
C LYS T 11 27.82 -15.64 -68.22
N LEU T 12 28.42 -16.30 -67.23
CA LEU T 12 28.74 -15.63 -65.96
C LEU T 12 30.22 -15.33 -65.73
N ILE T 13 31.09 -16.14 -66.33
CA ILE T 13 32.53 -15.86 -66.32
C ILE T 13 32.94 -15.50 -67.73
N LEU T 14 33.31 -14.24 -67.91
CA LEU T 14 33.53 -13.66 -69.24
C LEU T 14 35.01 -13.49 -69.60
N ASP T 15 35.34 -12.42 -70.31
CA ASP T 15 36.72 -12.18 -70.78
C ASP T 15 37.65 -11.84 -69.64
N ASP T 16 38.89 -12.33 -69.72
CA ASP T 16 39.81 -12.43 -68.58
C ASP T 16 39.10 -13.25 -67.52
N GLY T 17 39.51 -13.15 -66.26
CA GLY T 17 38.82 -13.93 -65.24
C GLY T 17 37.38 -13.50 -64.96
N LYS T 18 36.88 -12.52 -65.73
CA LYS T 18 35.95 -11.52 -65.20
C LYS T 18 34.46 -11.81 -65.32
N ARG T 19 33.70 -11.25 -64.39
CA ARG T 19 32.26 -11.45 -64.31
C ARG T 19 31.48 -10.49 -65.20
N THR T 20 30.15 -10.49 -65.08
CA THR T 20 29.28 -9.67 -65.94
C THR T 20 29.44 -8.18 -65.74
N ASP T 21 29.78 -7.77 -64.52
CA ASP T 21 30.07 -6.35 -64.24
C ASP T 21 31.55 -6.00 -64.31
N GLY T 22 32.35 -6.96 -64.77
CA GLY T 22 33.78 -6.77 -65.01
C GLY T 22 34.64 -6.96 -63.78
N ARG T 23 34.06 -7.52 -62.72
CA ARG T 23 34.80 -7.83 -61.50
C ARG T 23 35.45 -9.21 -61.57
N LYS T 24 36.60 -9.33 -60.92
CA LYS T 24 37.23 -10.63 -60.74
C LYS T 24 36.46 -11.40 -59.66
N PRO T 25 36.58 -12.74 -59.63
CA PRO T 25 35.84 -13.55 -58.65
C PRO T 25 35.97 -13.05 -57.20
N ASP T 26 37.05 -12.36 -56.89
CA ASP T 26 37.34 -11.97 -55.53
C ASP T 26 37.27 -10.46 -55.30
N GLU T 27 36.39 -9.78 -56.02
CA GLU T 27 36.28 -8.31 -55.88
C GLU T 27 34.93 -7.85 -55.32
N LEU T 28 34.98 -6.96 -54.33
CA LEU T 28 33.77 -6.38 -53.75
C LEU T 28 33.24 -5.27 -54.63
N ARG T 29 31.94 -5.05 -54.56
CA ARG T 29 31.33 -3.91 -55.24
C ARG T 29 31.61 -2.65 -54.45
N SER T 30 31.35 -1.51 -55.07
CA SER T 30 31.59 -0.22 -54.45
C SER T 30 30.72 0.01 -53.21
N ILE T 31 31.39 0.31 -52.11
CA ILE T 31 30.72 0.50 -50.83
C ILE T 31 30.64 1.97 -50.48
N LYS T 32 29.48 2.37 -49.97
CA LYS T 32 29.30 3.72 -49.50
C LYS T 32 28.43 3.70 -48.26
N ILE T 33 28.93 4.28 -47.17
CA ILE T 33 28.24 4.31 -45.87
C ILE T 33 28.18 5.73 -45.32
N GLU T 34 27.03 6.10 -44.76
CA GLU T 34 26.94 7.31 -43.94
C GLU T 34 25.94 7.21 -42.80
N LEU T 35 26.33 7.76 -41.66
CA LEU T 35 25.56 7.65 -40.44
C LEU T 35 24.79 8.94 -40.13
N GLY T 36 23.86 8.86 -39.17
CA GLY T 36 23.15 10.03 -38.65
C GLY T 36 22.50 10.88 -39.72
N VAL T 37 21.87 10.22 -40.69
CA VAL T 37 21.29 10.92 -41.82
C VAL T 37 19.85 11.39 -41.57
N LEU T 38 19.17 10.76 -40.61
CA LEU T 38 17.80 11.14 -40.25
C LEU T 38 17.74 11.88 -38.94
N LYS T 39 17.08 13.04 -38.97
CA LYS T 39 16.93 13.88 -37.79
C LYS T 39 16.17 13.21 -36.64
N ASN T 40 15.03 12.60 -36.96
CA ASN T 40 14.07 12.16 -35.95
C ASN T 40 14.34 10.80 -35.34
N ALA T 41 15.12 9.99 -36.04
CA ALA T 41 15.52 8.70 -35.52
C ALA T 41 16.54 8.90 -34.40
N ASP T 42 16.68 7.92 -33.53
CA ASP T 42 17.72 7.97 -32.52
C ASP T 42 19.07 7.57 -33.11
N GLY T 43 19.01 6.78 -34.17
CA GLY T 43 20.20 6.40 -34.93
C GLY T 43 19.83 6.06 -36.35
N SER T 44 20.67 6.45 -37.30
CA SER T 44 20.37 6.20 -38.70
C SER T 44 21.62 5.87 -39.50
N ALA T 45 21.43 5.19 -40.62
CA ALA T 45 22.52 4.86 -41.52
C ALA T 45 21.99 4.51 -42.92
N ILE T 46 22.72 4.96 -43.95
CA ILE T 46 22.50 4.49 -45.33
C ILE T 46 23.71 3.67 -45.74
N PHE T 47 23.45 2.48 -46.25
CA PHE T 47 24.51 1.59 -46.70
C PHE T 47 24.28 1.24 -48.16
N GLU T 48 25.35 1.31 -48.95
CA GLU T 48 25.33 0.95 -50.38
C GLU T 48 26.46 -0.03 -50.77
N MET T 49 26.08 -1.20 -51.27
CA MET T 49 27.01 -2.09 -51.95
C MET T 49 26.58 -2.21 -53.39
N GLY T 50 27.44 -1.77 -54.30
CA GLY T 50 27.07 -1.69 -55.71
C GLY T 50 25.76 -0.92 -55.80
N ASN T 51 24.73 -1.61 -56.31
CA ASN T 51 23.43 -0.95 -56.52
C ASN T 51 22.38 -1.27 -55.48
N THR T 52 22.74 -2.10 -54.50
CA THR T 52 21.84 -2.36 -53.38
C THR T 52 22.03 -1.27 -52.34
N LYS T 53 20.92 -0.62 -52.00
CA LYS T 53 20.92 0.61 -51.19
C LYS T 53 19.84 0.54 -50.17
N ALA T 54 20.24 0.47 -48.91
CA ALA T 54 19.29 0.37 -47.81
C ALA T 54 19.45 1.55 -46.87
N ILE T 55 18.34 1.90 -46.23
CA ILE T 55 18.36 2.87 -45.15
C ILE T 55 17.72 2.26 -43.88
N ALA T 56 18.41 2.44 -42.76
CA ALA T 56 17.95 1.93 -41.47
C ALA T 56 17.82 3.05 -40.46
N ALA T 57 16.70 3.02 -39.74
CA ALA T 57 16.47 3.93 -38.62
C ALA T 57 16.25 3.12 -37.35
N VAL T 58 16.79 3.63 -36.25
CA VAL T 58 16.64 3.02 -34.95
C VAL T 58 15.92 3.95 -33.99
N TYR T 59 14.99 3.39 -33.22
CA TYR T 59 14.31 4.14 -32.16
C TYR T 59 14.66 3.59 -30.78
N GLY T 60 15.52 4.35 -30.10
CA GLY T 60 16.28 3.94 -28.90
C GLY T 60 15.46 3.35 -27.79
N PRO T 61 16.11 2.68 -26.82
CA PRO T 61 15.38 1.88 -25.83
C PRO T 61 14.25 2.67 -25.18
N LYS T 62 13.01 2.19 -25.38
CA LYS T 62 11.80 2.81 -24.83
C LYS T 62 10.86 1.71 -24.32
N GLU T 63 10.00 2.04 -23.36
CA GLU T 63 9.04 1.08 -22.82
C GLU T 63 8.03 0.61 -23.86
N MET T 64 7.28 -0.46 -23.55
CA MET T 64 6.35 -1.04 -24.51
C MET T 64 4.89 -0.63 -24.30
N HIS T 65 4.26 -0.18 -25.40
CA HIS T 65 2.85 0.27 -25.40
C HIS T 65 1.86 -0.84 -24.99
N PRO T 66 2.04 -2.07 -25.52
CA PRO T 66 1.32 -3.23 -24.98
C PRO T 66 2.14 -3.86 -23.86
N ARG T 67 1.68 -3.63 -22.63
CA ARG T 67 2.44 -3.94 -21.42
C ARG T 67 2.93 -5.40 -21.37
N HIS T 68 2.00 -6.34 -21.48
CA HIS T 68 2.26 -7.78 -21.34
C HIS T 68 3.21 -8.37 -22.39
N LEU T 69 3.41 -7.65 -23.49
CA LEU T 69 4.26 -8.11 -24.59
C LEU T 69 5.74 -7.84 -24.38
N SER T 70 6.06 -7.02 -23.38
CA SER T 70 7.45 -6.70 -23.05
C SER T 70 8.19 -7.91 -22.47
N LEU T 71 9.47 -7.74 -22.18
CA LEU T 71 10.26 -8.80 -21.55
C LEU T 71 10.89 -8.34 -20.24
N PRO T 72 10.83 -9.21 -19.21
CA PRO T 72 11.16 -8.88 -17.81
C PRO T 72 12.61 -8.50 -17.53
N ASP T 73 13.53 -8.86 -18.42
CA ASP T 73 14.95 -8.68 -18.19
C ASP T 73 15.62 -8.25 -19.47
N ARG T 74 14.86 -8.20 -20.55
CA ARG T 74 15.39 -7.97 -21.88
C ARG T 74 14.68 -6.83 -22.58
N ALA T 75 15.35 -6.26 -23.56
CA ALA T 75 14.70 -5.42 -24.54
C ALA T 75 14.09 -6.34 -25.57
N VAL T 76 12.96 -5.91 -26.13
CA VAL T 76 12.33 -6.62 -27.23
C VAL T 76 12.78 -5.95 -28.51
N LEU T 77 13.46 -6.70 -29.39
CA LEU T 77 13.83 -6.19 -30.69
C LEU T 77 12.65 -6.23 -31.66
N ARG T 78 12.35 -5.09 -32.26
CA ARG T 78 11.33 -5.04 -33.30
C ARG T 78 12.00 -4.64 -34.60
N VAL T 79 12.08 -5.58 -35.52
CA VAL T 79 12.83 -5.38 -36.76
C VAL T 79 11.92 -5.49 -37.97
N ARG T 80 12.16 -4.65 -38.98
CA ARG T 80 11.37 -4.70 -40.21
C ARG T 80 12.23 -4.52 -41.45
N TYR T 81 12.28 -5.57 -42.28
CA TYR T 81 12.91 -5.49 -43.59
C TYR T 81 11.80 -5.25 -44.60
N HIS T 82 11.93 -4.18 -45.38
CA HIS T 82 10.90 -3.82 -46.36
C HIS T 82 11.49 -3.25 -47.66
N MET T 83 10.95 -3.68 -48.79
CA MET T 83 11.41 -3.21 -50.09
C MET T 83 10.44 -2.20 -50.66
N THR T 84 10.94 -1.01 -50.93
CA THR T 84 10.13 0.05 -51.53
C THR T 84 9.67 -0.41 -52.91
N PRO T 85 8.47 -0.01 -53.34
CA PRO T 85 7.95 -0.43 -54.64
C PRO T 85 8.83 -0.10 -55.86
N PHE T 86 9.77 0.84 -55.72
CA PHE T 86 10.61 1.24 -56.83
C PHE T 86 12.07 0.87 -56.61
N SER T 87 12.27 -0.25 -55.91
CA SER T 87 13.60 -0.73 -55.61
C SER T 87 14.03 -1.78 -56.63
N THR T 88 13.07 -2.24 -57.41
CA THR T 88 13.32 -3.31 -58.35
C THR T 88 12.94 -2.90 -59.76
N ASP T 89 13.24 -3.77 -60.72
CA ASP T 89 13.00 -3.47 -62.14
C ASP T 89 11.54 -3.41 -62.50
N GLU T 90 10.71 -4.13 -61.75
CA GLU T 90 9.26 -4.04 -61.88
C GLU T 90 8.64 -3.84 -60.54
N ARG T 91 7.65 -2.96 -60.46
CA ARG T 91 7.14 -2.48 -59.18
C ARG T 91 6.87 -3.61 -58.18
N LYS T 92 7.71 -3.69 -57.14
CA LYS T 92 7.48 -4.61 -56.01
C LYS T 92 6.25 -4.15 -55.27
N ASN T 93 5.38 -5.08 -54.89
CA ASN T 93 4.21 -4.71 -54.10
C ASN T 93 4.61 -4.31 -52.66
N PRO T 94 4.07 -3.17 -52.18
CA PRO T 94 4.41 -2.65 -50.86
C PRO T 94 4.04 -3.61 -49.72
N ALA T 95 2.84 -4.18 -49.78
CA ALA T 95 2.39 -5.12 -48.76
C ALA T 95 3.37 -6.29 -48.67
N PRO T 96 3.83 -6.62 -47.44
CA PRO T 96 4.97 -7.53 -47.19
C PRO T 96 4.80 -8.93 -47.75
N SER T 97 5.83 -9.43 -48.43
CA SER T 97 5.82 -10.78 -49.01
C SER T 97 6.35 -11.81 -48.02
N ARG T 98 6.12 -13.09 -48.32
CA ARG T 98 6.66 -14.15 -47.49
C ARG T 98 8.17 -14.00 -47.37
N ARG T 99 8.81 -13.72 -48.50
CA ARG T 99 10.24 -13.45 -48.57
C ARG T 99 10.62 -12.35 -47.59
N GLU T 100 9.86 -11.25 -47.61
CA GLU T 100 10.09 -10.10 -46.72
C GLU T 100 9.94 -10.48 -45.24
N ILE T 101 8.99 -11.36 -44.94
CA ILE T 101 8.73 -11.84 -43.57
C ILE T 101 9.86 -12.71 -43.03
N GLU T 102 10.30 -13.68 -43.83
CA GLU T 102 11.40 -14.54 -43.44
C GLU T 102 12.64 -13.71 -43.19
N LEU T 103 12.93 -12.80 -44.12
CA LEU T 103 14.12 -11.96 -44.03
C LEU T 103 14.13 -11.12 -42.76
N SER T 104 12.99 -10.56 -42.39
CA SER T 104 12.85 -9.77 -41.17
C SER T 104 13.23 -10.56 -39.93
N LYS T 105 12.78 -11.82 -39.87
CA LYS T 105 13.11 -12.74 -38.79
C LYS T 105 14.60 -13.06 -38.79
N VAL T 106 15.10 -13.49 -39.94
CA VAL T 106 16.51 -13.83 -40.08
C VAL T 106 17.41 -12.67 -39.62
N ILE T 107 17.01 -11.45 -39.97
CA ILE T 107 17.74 -10.25 -39.59
C ILE T 107 17.58 -9.96 -38.12
N ARG T 108 16.37 -10.05 -37.60
CA ARG T 108 16.15 -9.79 -36.19
C ARG T 108 17.05 -10.67 -35.33
N GLU T 109 16.99 -11.97 -35.58
CA GLU T 109 17.78 -12.97 -34.88
C GLU T 109 19.25 -12.64 -34.97
N ALA T 110 19.69 -12.28 -36.17
CA ALA T 110 21.06 -11.84 -36.39
C ALA T 110 21.47 -10.73 -35.43
N LEU T 111 20.66 -9.69 -35.33
CA LEU T 111 20.95 -8.58 -34.42
C LEU T 111 20.86 -8.94 -32.95
N GLU T 112 19.96 -9.87 -32.61
CA GLU T 112 19.75 -10.24 -31.21
C GLU T 112 21.02 -10.80 -30.60
N SER T 113 21.88 -11.37 -31.45
CA SER T 113 23.12 -11.96 -30.97
C SER T 113 24.20 -10.92 -30.75
N ALA T 114 24.00 -9.71 -31.27
CA ALA T 114 25.00 -8.62 -31.14
C ALA T 114 24.61 -7.61 -30.07
N VAL T 115 23.37 -7.14 -30.14
CA VAL T 115 22.85 -6.16 -29.19
C VAL T 115 22.78 -6.73 -27.78
N LEU T 116 23.16 -5.91 -26.80
CA LEU T 116 23.07 -6.30 -25.40
C LEU T 116 21.70 -5.99 -24.81
N VAL T 117 20.71 -6.77 -25.23
CA VAL T 117 19.30 -6.54 -24.88
C VAL T 117 18.97 -6.63 -23.39
N GLU T 118 19.85 -7.28 -22.62
CA GLU T 118 19.66 -7.45 -21.18
C GLU T 118 19.74 -6.13 -20.44
N LEU T 119 20.52 -5.20 -21.00
CA LEU T 119 20.76 -3.90 -20.39
C LEU T 119 19.47 -3.09 -20.26
N PHE T 120 18.49 -3.39 -21.11
CA PHE T 120 17.26 -2.61 -21.18
C PHE T 120 15.98 -3.45 -21.02
N PRO T 121 15.65 -3.84 -19.77
CA PRO T 121 14.45 -4.62 -19.56
C PRO T 121 13.20 -3.75 -19.80
N ARG T 122 12.08 -4.40 -20.12
CA ARG T 122 10.79 -3.71 -20.32
C ARG T 122 10.76 -2.78 -21.55
N THR T 123 11.89 -2.68 -22.23
CA THR T 123 12.03 -1.72 -23.31
C THR T 123 12.01 -2.39 -24.65
N ALA T 124 11.53 -1.63 -25.64
CA ALA T 124 11.52 -2.05 -27.03
C ALA T 124 12.55 -1.23 -27.80
N ILE T 125 13.33 -1.90 -28.65
CA ILE T 125 14.22 -1.21 -29.57
C ILE T 125 13.75 -1.46 -31.00
N ASP T 126 13.34 -0.39 -31.67
CA ASP T 126 12.81 -0.48 -33.02
C ASP T 126 13.92 -0.30 -34.04
N VAL T 127 13.97 -1.22 -34.99
CA VAL T 127 14.93 -1.14 -36.08
C VAL T 127 14.14 -1.24 -37.40
N PHE T 128 14.09 -0.13 -38.13
CA PHE T 128 13.33 -0.10 -39.38
C PHE T 128 14.25 0.05 -40.58
N THR T 129 13.98 -0.77 -41.59
CA THR T 129 14.89 -0.94 -42.71
C THR T 129 14.14 -0.80 -44.02
N GLU T 130 14.70 -0.06 -44.97
CA GLU T 130 14.07 0.10 -46.28
C GLU T 130 15.07 -0.08 -47.40
N ILE T 131 14.77 -1.00 -48.31
CA ILE T 131 15.60 -1.17 -49.49
C ILE T 131 15.10 -0.20 -50.57
N LEU T 132 16.02 0.65 -51.02
CA LEU T 132 15.75 1.69 -52.00
C LEU T 132 16.11 1.24 -53.42
N GLN T 133 17.13 0.38 -53.52
CA GLN T 133 17.40 -0.34 -54.73
C GLN T 133 17.85 -1.75 -54.37
N ALA T 134 17.27 -2.76 -55.00
CA ALA T 134 17.67 -4.12 -54.75
C ALA T 134 18.56 -4.57 -55.88
N ASP T 135 19.70 -5.16 -55.53
CA ASP T 135 20.63 -5.72 -56.52
C ASP T 135 21.33 -6.97 -55.95
N ALA T 136 20.55 -7.79 -55.26
CA ALA T 136 21.04 -8.97 -54.52
C ALA T 136 21.88 -8.65 -53.27
N GLY T 137 21.72 -9.49 -52.23
CA GLY T 137 22.30 -9.24 -50.91
C GLY T 137 21.63 -8.04 -50.24
N SER T 138 20.36 -7.83 -50.56
CA SER T 138 19.58 -6.73 -49.99
C SER T 138 19.53 -6.92 -48.48
N ARG T 139 19.37 -8.18 -48.08
CA ARG T 139 19.23 -8.53 -46.69
C ARG T 139 20.48 -8.24 -45.86
N LEU T 140 21.64 -8.25 -46.51
CA LEU T 140 22.90 -8.02 -45.82
C LEU T 140 23.19 -6.54 -45.70
N VAL T 141 22.86 -5.80 -46.76
CA VAL T 141 22.99 -4.34 -46.78
C VAL T 141 22.06 -3.77 -45.70
N SER T 142 20.84 -4.29 -45.68
CA SER T 142 19.86 -4.00 -44.64
C SER T 142 20.39 -4.24 -43.22
N LEU T 143 20.91 -5.44 -42.97
CA LEU T 143 21.44 -5.83 -41.65
C LEU T 143 22.59 -4.95 -41.20
N MET T 144 23.52 -4.65 -42.09
CA MET T 144 24.66 -3.81 -41.73
C MET T 144 24.23 -2.37 -41.51
N ALA T 145 23.31 -1.89 -42.34
CA ALA T 145 22.71 -0.56 -42.15
C ALA T 145 22.15 -0.47 -40.75
N ALA T 146 21.40 -1.50 -40.37
CA ALA T 146 20.82 -1.61 -39.04
C ALA T 146 21.88 -1.60 -37.94
N SER T 147 22.88 -2.47 -38.07
CA SER T 147 23.96 -2.58 -37.11
C SER T 147 24.59 -1.20 -36.86
N LEU T 148 24.86 -0.47 -37.93
CA LEU T 148 25.43 0.86 -37.83
C LEU T 148 24.46 1.90 -37.27
N ALA T 149 23.19 1.83 -37.66
CA ALA T 149 22.18 2.74 -37.13
C ALA T 149 22.04 2.53 -35.63
N LEU T 150 22.15 1.28 -35.19
CA LEU T 150 22.16 0.93 -33.77
C LEU T 150 23.36 1.55 -33.07
N ALA T 151 24.52 1.42 -33.70
CA ALA T 151 25.76 1.97 -33.16
C ALA T 151 25.65 3.48 -33.10
N ASP T 152 25.07 4.05 -34.15
CA ASP T 152 24.84 5.49 -34.21
C ASP T 152 23.91 5.91 -33.07
N ALA T 153 22.92 5.07 -32.79
CA ALA T 153 21.97 5.30 -31.70
C ALA T 153 22.63 5.20 -30.32
N GLY T 154 23.87 4.72 -30.29
CA GLY T 154 24.63 4.65 -29.05
C GLY T 154 24.27 3.43 -28.24
N ILE T 155 23.50 2.54 -28.86
CA ILE T 155 23.12 1.29 -28.24
C ILE T 155 24.34 0.35 -28.23
N PRO T 156 24.67 -0.22 -27.05
CA PRO T 156 25.88 -1.03 -26.97
C PRO T 156 25.68 -2.44 -27.51
N MET T 157 26.57 -2.86 -28.38
CA MET T 157 26.55 -4.21 -28.91
C MET T 157 27.87 -4.90 -28.63
N ARG T 158 27.93 -6.21 -28.85
CA ARG T 158 29.16 -6.96 -28.70
C ARG T 158 30.16 -6.55 -29.77
N ASP T 159 29.66 -6.30 -30.97
CA ASP T 159 30.48 -6.00 -32.14
C ASP T 159 29.56 -5.46 -33.24
N LEU T 160 30.16 -4.83 -34.25
CA LEU T 160 29.44 -4.48 -35.45
C LEU T 160 29.21 -5.75 -36.27
N ILE T 161 28.18 -5.71 -37.11
CA ILE T 161 27.90 -6.83 -38.00
C ILE T 161 28.26 -6.47 -39.44
N ALA T 162 29.07 -7.31 -40.06
CA ALA T 162 29.46 -7.15 -41.47
C ALA T 162 29.13 -8.41 -42.25
N GLY T 163 28.71 -8.26 -43.51
CA GLY T 163 28.31 -9.42 -44.30
C GLY T 163 28.42 -9.32 -45.81
N VAL T 164 28.64 -10.48 -46.46
CA VAL T 164 28.65 -10.62 -47.93
C VAL T 164 27.86 -11.83 -48.38
N ALA T 165 27.29 -11.72 -49.57
CA ALA T 165 26.77 -12.87 -50.29
C ALA T 165 27.95 -13.45 -51.05
N VAL T 166 28.19 -14.73 -50.86
CA VAL T 166 29.22 -15.43 -51.63
C VAL T 166 28.51 -16.53 -52.41
N GLY T 167 29.03 -16.89 -53.58
CA GLY T 167 28.30 -17.85 -54.43
C GLY T 167 29.14 -18.62 -55.43
N LYS T 168 28.49 -19.41 -56.26
CA LYS T 168 29.15 -20.18 -57.29
C LYS T 168 28.51 -19.82 -58.62
N ALA T 169 29.33 -19.33 -59.55
CA ALA T 169 28.85 -18.81 -60.84
C ALA T 169 28.79 -19.85 -61.95
N ASP T 170 29.84 -19.89 -62.78
CA ASP T 170 29.92 -20.94 -63.78
C ASP T 170 30.91 -21.96 -63.27
N GLY T 171 30.58 -22.51 -62.10
CA GLY T 171 31.46 -23.44 -61.40
C GLY T 171 32.62 -22.72 -60.74
N VAL T 172 32.59 -21.39 -60.82
CA VAL T 172 33.62 -20.55 -60.19
C VAL T 172 33.02 -19.94 -58.94
N ILE T 173 33.76 -20.03 -57.84
CA ILE T 173 33.31 -19.41 -56.60
C ILE T 173 33.60 -17.92 -56.66
N ILE T 174 32.57 -17.11 -56.43
CA ILE T 174 32.64 -15.65 -56.55
C ILE T 174 32.16 -14.89 -55.31
N LEU T 175 32.70 -13.69 -55.11
CA LEU T 175 32.41 -12.88 -53.94
C LEU T 175 31.50 -11.71 -54.28
N ASP T 176 30.51 -11.47 -53.42
CA ASP T 176 29.52 -10.36 -53.56
C ASP T 176 28.72 -10.41 -54.86
N LEU T 177 27.51 -10.97 -54.79
CA LEU T 177 26.76 -11.32 -55.98
C LEU T 177 25.98 -10.17 -56.63
N ASN T 178 25.84 -10.28 -57.96
CA ASN T 178 24.97 -9.41 -58.77
C ASN T 178 23.53 -9.83 -58.68
N GLU T 179 22.66 -8.91 -59.12
CA GLU T 179 21.28 -9.26 -59.41
C GLU T 179 21.33 -10.47 -60.34
N THR T 180 22.18 -10.35 -61.37
CA THR T 180 22.35 -11.36 -62.41
C THR T 180 22.92 -12.64 -61.85
N GLU T 181 23.95 -12.51 -61.03
CA GLU T 181 24.65 -13.67 -60.50
C GLU T 181 23.79 -14.45 -59.52
N ASP T 182 22.91 -13.74 -58.81
CA ASP T 182 21.94 -14.36 -57.88
C ASP T 182 20.97 -15.26 -58.65
N MET T 183 20.56 -14.77 -59.82
CA MET T 183 19.54 -15.41 -60.63
C MET T 183 19.99 -16.67 -61.32
N TRP T 184 21.20 -16.63 -61.88
CA TRP T 184 21.65 -17.67 -62.79
C TRP T 184 22.72 -18.60 -62.25
N GLY T 185 23.39 -18.20 -61.18
CA GLY T 185 24.44 -19.02 -60.59
C GLY T 185 23.89 -20.19 -59.78
N GLU T 186 24.71 -21.21 -59.60
CA GLU T 186 24.31 -22.44 -58.89
C GLU T 186 23.96 -22.22 -57.42
N ALA T 187 24.58 -21.20 -56.82
CA ALA T 187 24.50 -21.02 -55.39
C ALA T 187 24.56 -19.54 -54.99
N ASP T 188 23.81 -19.22 -53.94
CA ASP T 188 23.78 -17.89 -53.34
C ASP T 188 23.81 -18.12 -51.83
N MET T 189 24.87 -17.66 -51.19
CA MET T 189 25.07 -17.93 -49.77
C MET T 189 25.42 -16.68 -48.94
N PRO T 190 24.39 -15.92 -48.52
CA PRO T 190 24.60 -14.83 -47.58
C PRO T 190 25.22 -15.29 -46.25
N ILE T 191 26.22 -14.54 -45.76
CA ILE T 191 26.93 -14.80 -44.48
C ILE T 191 27.20 -13.47 -43.77
N ALA T 192 26.86 -13.39 -42.49
CA ALA T 192 27.15 -12.21 -41.65
C ALA T 192 27.93 -12.56 -40.39
N MET T 193 28.82 -11.68 -39.97
CA MET T 193 29.69 -11.95 -38.84
C MET T 193 29.80 -10.80 -37.86
N MET T 194 30.15 -11.14 -36.62
CA MET T 194 30.78 -10.20 -35.70
C MET T 194 32.27 -10.52 -35.82
N PRO T 195 32.96 -9.80 -36.72
CA PRO T 195 34.25 -10.23 -37.22
C PRO T 195 35.34 -10.29 -36.15
N SER T 196 35.28 -9.38 -35.18
CA SER T 196 36.27 -9.33 -34.11
C SER T 196 36.17 -10.54 -33.20
N LEU T 197 34.94 -11.03 -33.04
CA LEU T 197 34.64 -12.21 -32.21
C LEU T 197 34.63 -13.50 -33.03
N ASN T 198 34.81 -13.38 -34.34
CA ASN T 198 34.72 -14.51 -35.28
C ASN T 198 33.42 -15.33 -35.14
N GLN T 199 32.32 -14.58 -35.07
CA GLN T 199 30.99 -15.13 -34.79
C GLN T 199 30.04 -14.94 -35.95
N VAL T 200 29.43 -16.03 -36.39
CA VAL T 200 28.45 -16.00 -37.47
C VAL T 200 27.07 -15.67 -36.93
N THR T 201 26.46 -14.69 -37.57
CA THR T 201 25.29 -14.04 -37.04
C THR T 201 24.07 -14.40 -37.89
N LEU T 202 24.31 -14.44 -39.21
CA LEU T 202 23.35 -14.86 -40.23
C LEU T 202 24.07 -15.81 -41.16
N PHE T 203 23.41 -16.90 -41.54
CA PHE T 203 23.99 -17.84 -42.47
C PHE T 203 22.91 -18.57 -43.26
N GLN T 204 22.92 -18.39 -44.56
CA GLN T 204 21.96 -19.06 -45.44
C GLN T 204 22.58 -19.51 -46.74
N LEU T 205 22.16 -20.67 -47.23
CA LEU T 205 22.47 -21.07 -48.59
C LEU T 205 21.23 -21.52 -49.33
N ASN T 206 21.04 -20.95 -50.53
CA ASN T 206 20.07 -21.47 -51.49
C ASN T 206 20.77 -21.79 -52.80
N GLY T 207 20.54 -23.01 -53.26
CA GLY T 207 21.26 -23.53 -54.40
C GLY T 207 21.99 -24.78 -54.01
N SER T 208 23.08 -25.06 -54.71
CA SER T 208 23.76 -26.34 -54.60
C SER T 208 25.28 -26.18 -54.49
N MET T 209 25.91 -26.97 -53.62
CA MET T 209 27.37 -26.93 -53.40
C MET T 209 27.92 -28.23 -52.83
N THR T 210 29.11 -28.62 -53.27
CA THR T 210 29.81 -29.74 -52.64
C THR T 210 30.43 -29.22 -51.35
N PRO T 211 30.53 -30.08 -50.34
CA PRO T 211 31.14 -29.68 -49.07
C PRO T 211 32.43 -28.88 -49.26
N ASP T 212 33.23 -29.23 -50.26
CA ASP T 212 34.46 -28.49 -50.56
C ASP T 212 34.19 -27.07 -50.98
N GLU T 213 33.41 -26.91 -52.04
CA GLU T 213 33.00 -25.61 -52.55
C GLU T 213 32.42 -24.76 -51.45
N PHE T 214 31.59 -25.39 -50.62
CA PHE T 214 31.03 -24.75 -49.42
C PHE T 214 32.14 -24.15 -48.57
N ARG T 215 33.14 -24.96 -48.26
CA ARG T 215 34.22 -24.49 -47.42
C ARG T 215 35.12 -23.45 -48.08
N GLN T 216 35.25 -23.51 -49.40
CA GLN T 216 36.03 -22.51 -50.13
C GLN T 216 35.33 -21.17 -50.10
N ALA T 217 34.06 -21.17 -50.51
CA ALA T 217 33.22 -19.98 -50.52
C ALA T 217 33.23 -19.32 -49.14
N PHE T 218 33.19 -20.18 -48.12
CA PHE T 218 33.21 -19.77 -46.74
C PHE T 218 34.48 -18.96 -46.42
N ASP T 219 35.64 -19.49 -46.80
CA ASP T 219 36.94 -18.82 -46.59
C ASP T 219 37.02 -17.46 -47.23
N LEU T 220 36.45 -17.37 -48.43
CA LEU T 220 36.42 -16.14 -49.21
C LEU T 220 35.49 -15.09 -48.59
N ALA T 221 34.32 -15.54 -48.12
CA ALA T 221 33.36 -14.65 -47.46
C ALA T 221 33.99 -13.89 -46.31
N VAL T 222 34.80 -14.59 -45.52
CA VAL T 222 35.52 -13.99 -44.39
C VAL T 222 36.41 -12.85 -44.84
N LYS T 223 37.27 -13.11 -45.83
CA LYS T 223 38.19 -12.10 -46.36
C LYS T 223 37.45 -10.86 -46.82
N GLY T 224 36.31 -11.07 -47.48
CA GLY T 224 35.42 -9.97 -47.85
C GLY T 224 34.93 -9.23 -46.63
N ILE T 225 34.29 -9.97 -45.72
CA ILE T 225 33.73 -9.40 -44.48
C ILE T 225 34.70 -8.50 -43.73
N ASN T 226 35.96 -8.90 -43.67
CA ASN T 226 36.97 -8.15 -42.95
C ASN T 226 37.20 -6.78 -43.56
N ILE T 227 37.25 -6.73 -44.88
CA ILE T 227 37.44 -5.46 -45.58
C ILE T 227 36.26 -4.52 -45.32
N ILE T 228 35.05 -5.09 -45.34
CA ILE T 228 33.84 -4.35 -45.05
C ILE T 228 33.82 -3.85 -43.61
N TYR T 229 34.22 -4.73 -42.69
CA TYR T 229 34.26 -4.41 -41.27
C TYR T 229 35.13 -3.18 -40.99
N ASN T 230 36.22 -3.04 -41.74
CA ASN T 230 37.10 -1.89 -41.57
C ASN T 230 36.46 -0.58 -41.97
N LEU T 231 35.62 -0.64 -43.00
CA LEU T 231 34.94 0.54 -43.48
C LEU T 231 33.87 0.92 -42.46
N GLU T 232 33.29 -0.08 -41.82
CA GLU T 232 32.29 0.16 -40.79
C GLU T 232 32.90 0.91 -39.63
N ARG T 233 34.04 0.43 -39.15
CA ARG T 233 34.79 1.13 -38.10
C ARG T 233 35.05 2.57 -38.50
N GLU T 234 35.41 2.77 -39.76
CA GLU T 234 35.77 4.08 -40.28
C GLU T 234 34.55 4.96 -40.33
N ALA T 235 33.43 4.38 -40.76
CA ALA T 235 32.18 5.12 -40.88
C ALA T 235 31.74 5.63 -39.52
N LEU T 236 32.12 4.88 -38.49
CA LEU T 236 31.75 5.20 -37.13
C LEU T 236 32.47 6.47 -36.69
N LYS T 237 33.77 6.52 -36.95
CA LYS T 237 34.62 7.65 -36.59
C LYS T 237 34.34 8.91 -37.40
N SER T 238 34.30 8.79 -38.72
CA SER T 238 34.18 9.97 -39.57
C SER T 238 32.78 10.19 -40.14
N LYS T 239 31.82 9.35 -39.76
CA LYS T 239 30.42 9.49 -40.18
C LYS T 239 30.15 9.31 -41.68
N TYR T 240 31.21 9.17 -42.48
CA TYR T 240 31.06 9.05 -43.93
C TYR T 240 32.21 8.29 -44.58
N VAL T 241 31.88 7.27 -45.38
CA VAL T 241 32.88 6.42 -46.01
C VAL T 241 32.53 6.08 -47.45
N GLU T 242 33.53 6.16 -48.33
CA GLU T 242 33.37 5.68 -49.70
C GLU T 242 34.49 4.74 -50.05
N PHE T 243 34.18 3.77 -50.90
CA PHE T 243 35.14 2.74 -51.25
C PHE T 243 34.92 2.29 -52.67
N LYS T 244 35.84 2.69 -53.56
CA LYS T 244 35.86 2.20 -54.93
C LYS T 244 36.22 0.71 -54.93
N GLU T 245 35.53 -0.07 -55.75
CA GLU T 245 35.70 -1.53 -55.81
C GLU T 245 37.15 -1.98 -55.86
N GLU T 246 37.45 -3.08 -55.17
CA GLU T 246 38.73 -3.78 -55.39
C GLU T 246 38.79 -5.17 -54.76
N GLY T 247 39.81 -5.92 -55.19
CA GLY T 247 39.98 -7.32 -54.84
C GLY T 247 40.38 -7.60 -53.41
N VAL T 248 40.11 -8.84 -52.99
CA VAL T 248 40.35 -9.35 -51.62
C VAL T 248 41.83 -9.63 -51.27
N MET U 1 -10.55 -18.11 -34.76
CA MET U 1 -10.87 -18.80 -33.46
C MET U 1 -12.06 -18.19 -32.66
N SER U 2 -12.95 -19.05 -32.16
CA SER U 2 -14.14 -18.63 -31.43
C SER U 2 -13.91 -18.68 -29.92
N SER U 3 -14.40 -17.67 -29.22
CA SER U 3 -14.22 -17.58 -27.76
C SER U 3 -15.40 -16.93 -27.02
N THR U 4 -15.58 -17.32 -25.76
CA THR U 4 -16.68 -16.84 -24.94
C THR U 4 -16.70 -15.31 -24.91
N PRO U 5 -17.86 -14.70 -25.21
CA PRO U 5 -17.94 -13.24 -25.23
C PRO U 5 -17.70 -12.63 -23.84
N SER U 6 -16.71 -11.74 -23.76
CA SER U 6 -16.30 -11.09 -22.50
C SER U 6 -17.09 -9.81 -22.18
N ASN U 7 -17.36 -9.02 -23.22
CA ASN U 7 -18.12 -7.76 -23.14
C ASN U 7 -19.60 -8.01 -22.83
N GLN U 8 -19.88 -9.20 -22.34
CA GLN U 8 -21.23 -9.74 -22.15
C GLN U 8 -22.07 -8.98 -21.11
N ASN U 9 -23.40 -9.05 -21.31
CA ASN U 9 -24.38 -8.68 -20.31
C ASN U 9 -24.39 -9.76 -19.22
N ILE U 10 -23.63 -9.56 -18.14
CA ILE U 10 -23.83 -10.42 -16.98
C ILE U 10 -24.95 -9.83 -16.10
N ILE U 11 -26.19 -10.14 -16.49
CA ILE U 11 -27.43 -9.62 -15.86
C ILE U 11 -27.73 -10.37 -14.54
N PRO U 12 -27.69 -9.63 -13.40
CA PRO U 12 -27.70 -10.19 -12.03
C PRO U 12 -28.71 -11.30 -11.77
N ILE U 13 -28.41 -12.11 -10.77
CA ILE U 13 -29.28 -13.20 -10.33
C ILE U 13 -30.70 -12.68 -10.06
N ILE U 14 -30.77 -11.59 -9.29
CA ILE U 14 -32.01 -10.99 -8.83
C ILE U 14 -32.96 -10.67 -9.99
N LYS U 15 -32.47 -9.93 -10.97
CA LYS U 15 -33.29 -9.53 -12.14
C LYS U 15 -33.92 -10.72 -12.85
N LYS U 16 -33.20 -11.84 -12.87
CA LYS U 16 -33.70 -13.03 -13.55
C LYS U 16 -35.01 -13.57 -12.95
N GLU U 17 -35.11 -13.69 -11.62
CA GLU U 17 -36.34 -14.21 -10.99
C GLU U 17 -37.53 -13.30 -11.20
N SER U 18 -37.31 -11.99 -11.13
CA SER U 18 -38.37 -11.03 -11.37
C SER U 18 -39.10 -11.46 -12.61
N ILE U 19 -38.34 -11.76 -13.65
CA ILE U 19 -38.85 -12.16 -14.95
C ILE U 19 -39.46 -13.55 -14.93
N VAL U 20 -38.78 -14.48 -14.24
CA VAL U 20 -39.27 -15.85 -14.09
C VAL U 20 -40.57 -15.89 -13.27
N SER U 21 -40.61 -15.16 -12.15
CA SER U 21 -41.80 -15.08 -11.32
C SER U 21 -43.01 -14.60 -12.10
N LEU U 22 -42.79 -13.74 -13.10
CA LEU U 22 -43.84 -13.30 -14.02
C LEU U 22 -44.24 -14.40 -14.98
N PHE U 23 -43.25 -15.11 -15.52
CA PHE U 23 -43.47 -16.25 -16.42
C PHE U 23 -44.35 -17.31 -15.78
N GLU U 24 -44.16 -17.48 -14.48
CA GLU U 24 -44.93 -18.40 -13.66
C GLU U 24 -46.41 -18.05 -13.69
N LYS U 25 -46.72 -16.76 -13.87
CA LYS U 25 -48.11 -16.30 -14.00
C LYS U 25 -48.49 -16.18 -15.47
N GLY U 26 -47.64 -16.67 -16.37
CA GLY U 26 -47.93 -16.66 -17.81
C GLY U 26 -47.90 -15.30 -18.47
N ILE U 27 -47.20 -14.34 -17.84
CA ILE U 27 -47.07 -13.00 -18.38
C ILE U 27 -45.61 -12.54 -18.40
N ARG U 28 -45.31 -11.53 -19.22
CA ARG U 28 -43.96 -10.98 -19.29
C ARG U 28 -43.95 -9.50 -18.89
N GLN U 29 -42.76 -8.89 -18.89
CA GLN U 29 -42.58 -7.47 -18.52
C GLN U 29 -43.41 -6.54 -19.40
N ASP U 30 -43.25 -6.70 -20.71
CA ASP U 30 -43.95 -5.84 -21.69
C ASP U 30 -45.46 -6.05 -21.71
N GLY U 31 -45.91 -7.19 -21.19
CA GLY U 31 -47.33 -7.45 -21.03
C GLY U 31 -47.82 -8.66 -21.79
N ARG U 32 -47.09 -9.05 -22.82
CA ARG U 32 -47.52 -10.14 -23.69
C ARG U 32 -47.44 -11.53 -23.03
N LYS U 33 -48.23 -12.45 -23.55
CA LYS U 33 -48.26 -13.84 -23.10
C LYS U 33 -46.97 -14.53 -23.52
N LEU U 34 -46.73 -15.72 -22.96
CA LEU U 34 -45.49 -16.44 -23.21
C LEU U 34 -45.26 -16.79 -24.69
N THR U 35 -46.35 -16.90 -25.46
CA THR U 35 -46.26 -17.30 -26.87
C THR U 35 -46.49 -16.14 -27.85
N ASP U 36 -46.59 -14.93 -27.33
CA ASP U 36 -46.91 -13.74 -28.15
C ASP U 36 -45.71 -13.15 -28.91
N TYR U 37 -46.02 -12.52 -30.02
CA TYR U 37 -45.02 -11.77 -30.77
C TYR U 37 -45.05 -10.28 -30.47
N ARG U 38 -43.88 -9.65 -30.44
CA ARG U 38 -43.81 -8.20 -30.30
C ARG U 38 -44.47 -7.51 -31.49
N PRO U 39 -44.86 -6.23 -31.34
CA PRO U 39 -45.51 -5.50 -32.44
C PRO U 39 -44.59 -5.39 -33.65
N LEU U 40 -45.16 -5.64 -34.82
CA LEU U 40 -44.37 -5.71 -36.05
C LEU U 40 -44.74 -4.64 -37.08
N SER U 41 -43.74 -3.86 -37.49
CA SER U 41 -43.91 -2.86 -38.53
C SER U 41 -42.98 -3.18 -39.66
N ILE U 42 -43.49 -3.10 -40.88
CA ILE U 42 -42.67 -3.24 -42.07
C ILE U 42 -42.96 -2.10 -43.05
N THR U 43 -41.90 -1.37 -43.39
CA THR U 43 -41.94 -0.30 -44.39
C THR U 43 -41.14 -0.76 -45.62
N LEU U 44 -41.86 -0.99 -46.71
CA LEU U 44 -41.24 -1.49 -47.93
C LEU U 44 -40.61 -0.36 -48.75
N ASP U 45 -39.69 -0.75 -49.63
CA ASP U 45 -38.91 0.20 -50.43
C ASP U 45 -38.42 1.39 -49.61
N TYR U 46 -37.66 1.09 -48.56
CA TYR U 46 -37.16 2.14 -47.67
C TYR U 46 -35.89 2.79 -48.21
N ALA U 47 -34.88 1.99 -48.51
CA ALA U 47 -33.68 2.49 -49.19
C ALA U 47 -33.99 2.59 -50.67
N LYS U 48 -34.05 3.83 -51.17
CA LYS U 48 -34.53 4.09 -52.53
C LYS U 48 -33.56 3.58 -53.55
N LYS U 49 -32.27 3.63 -53.24
CA LYS U 49 -31.28 3.21 -54.21
C LYS U 49 -31.03 1.70 -54.25
N ALA U 50 -31.78 0.96 -53.45
CA ALA U 50 -31.81 -0.51 -53.52
C ALA U 50 -32.74 -0.98 -54.65
N ASP U 51 -32.60 -2.24 -55.06
CA ASP U 51 -33.51 -2.84 -56.03
C ASP U 51 -34.81 -3.22 -55.35
N GLY U 52 -34.68 -3.73 -54.13
CA GLY U 52 -35.81 -3.94 -53.22
C GLY U 52 -35.31 -3.72 -51.81
N SER U 53 -36.14 -3.15 -50.94
CA SER U 53 -35.73 -2.90 -49.56
C SER U 53 -36.90 -3.03 -48.59
N ALA U 54 -36.58 -3.24 -47.32
CA ALA U 54 -37.59 -3.35 -46.28
C ALA U 54 -37.03 -2.94 -44.93
N LEU U 55 -37.73 -2.02 -44.26
CA LEU U 55 -37.40 -1.64 -42.90
C LEU U 55 -38.35 -2.32 -41.91
N VAL U 56 -37.79 -3.23 -41.10
CA VAL U 56 -38.59 -4.03 -40.18
C VAL U 56 -38.37 -3.63 -38.73
N LYS U 57 -39.46 -3.38 -38.01
CA LYS U 57 -39.41 -3.12 -36.57
C LYS U 57 -40.16 -4.22 -35.85
N LEU U 58 -39.41 -5.11 -35.20
CA LEU U 58 -39.99 -6.13 -34.36
C LEU U 58 -39.69 -5.76 -32.91
N GLY U 59 -40.67 -5.18 -32.23
CA GLY U 59 -40.43 -4.57 -30.93
C GLY U 59 -39.46 -3.42 -31.13
N THR U 60 -38.37 -3.39 -30.36
CA THR U 60 -37.37 -2.34 -30.48
C THR U 60 -36.21 -2.69 -31.39
N THR U 61 -36.20 -3.93 -31.89
CA THR U 61 -35.22 -4.37 -32.90
C THR U 61 -35.52 -3.69 -34.24
N MET U 62 -34.47 -3.21 -34.91
CA MET U 62 -34.61 -2.67 -36.27
C MET U 62 -33.63 -3.26 -37.24
N VAL U 63 -34.16 -3.74 -38.36
CA VAL U 63 -33.34 -4.30 -39.40
C VAL U 63 -33.76 -3.64 -40.70
N LEU U 64 -32.78 -3.23 -41.49
CA LEU U 64 -33.01 -2.77 -42.84
C LEU U 64 -32.31 -3.71 -43.81
N ALA U 65 -33.09 -4.40 -44.64
CA ALA U 65 -32.54 -5.30 -45.66
C ALA U 65 -32.72 -4.66 -47.02
N GLY U 66 -31.71 -4.81 -47.87
CA GLY U 66 -31.75 -4.27 -49.23
C GLY U 66 -31.14 -5.25 -50.22
N THR U 67 -31.78 -5.37 -51.38
CA THR U 67 -31.27 -6.22 -52.46
C THR U 67 -30.59 -5.38 -53.54
N LYS U 68 -29.67 -6.02 -54.25
CA LYS U 68 -28.98 -5.38 -55.36
C LYS U 68 -28.65 -6.48 -56.36
N LEU U 69 -29.15 -6.33 -57.59
CA LEU U 69 -28.98 -7.35 -58.61
C LEU U 69 -27.79 -7.05 -59.51
N GLU U 70 -27.08 -8.11 -59.90
CA GLU U 70 -25.93 -8.01 -60.80
C GLU U 70 -25.89 -9.20 -61.74
N ILE U 71 -25.32 -8.99 -62.94
CA ILE U 71 -25.19 -10.08 -63.91
C ILE U 71 -23.79 -10.66 -63.83
N ASP U 72 -23.71 -11.96 -63.55
CA ASP U 72 -22.44 -12.68 -63.41
C ASP U 72 -22.46 -13.99 -64.16
N LYS U 73 -21.28 -14.48 -64.52
CA LYS U 73 -21.14 -15.87 -64.95
C LYS U 73 -21.43 -16.73 -63.72
N PRO U 74 -22.27 -17.78 -63.87
CA PRO U 74 -22.57 -18.62 -62.71
C PRO U 74 -21.33 -19.42 -62.29
N TYR U 75 -21.28 -19.83 -61.03
CA TYR U 75 -20.12 -20.55 -60.51
C TYR U 75 -19.95 -21.90 -61.21
N GLU U 76 -18.73 -22.17 -61.71
CA GLU U 76 -18.38 -23.36 -62.54
C GLU U 76 -18.97 -24.64 -61.96
N ASP U 77 -19.13 -24.65 -60.64
CA ASP U 77 -19.81 -25.76 -59.95
C ASP U 77 -21.29 -25.87 -60.33
N THR U 78 -22.03 -24.76 -60.26
CA THR U 78 -23.51 -24.74 -60.46
C THR U 78 -23.93 -23.89 -61.69
N PRO U 79 -23.79 -24.46 -62.92
CA PRO U 79 -23.86 -23.70 -64.18
C PRO U 79 -25.27 -23.29 -64.59
N ASN U 80 -26.28 -23.81 -63.91
CA ASN U 80 -27.66 -23.50 -64.24
C ASN U 80 -28.44 -22.75 -63.16
N GLN U 81 -27.73 -21.88 -62.47
CA GLN U 81 -28.31 -21.19 -61.35
C GLN U 81 -27.81 -19.77 -61.22
N GLY U 82 -28.70 -18.88 -60.83
CA GLY U 82 -28.34 -17.57 -60.34
C GLY U 82 -27.76 -17.71 -58.94
N ASN U 83 -27.11 -16.66 -58.47
CA ASN U 83 -26.41 -16.72 -57.18
C ASN U 83 -27.10 -15.88 -56.11
N LEU U 84 -27.08 -16.38 -54.88
CA LEU U 84 -27.58 -15.65 -53.72
C LEU U 84 -26.43 -15.46 -52.74
N ILE U 85 -26.08 -14.22 -52.41
CA ILE U 85 -25.03 -13.96 -51.43
C ILE U 85 -25.55 -13.14 -50.26
N VAL U 86 -25.82 -13.82 -49.15
CA VAL U 86 -26.42 -13.19 -47.99
C VAL U 86 -25.37 -12.62 -47.04
N ASN U 87 -25.46 -11.32 -46.82
CA ASN U 87 -24.57 -10.59 -45.91
C ASN U 87 -25.38 -9.87 -44.84
N VAL U 88 -24.83 -9.86 -43.64
CA VAL U 88 -25.49 -9.38 -42.45
C VAL U 88 -24.50 -8.57 -41.62
N GLU U 89 -24.96 -7.47 -41.02
CA GLU U 89 -24.08 -6.66 -40.17
C GLU U 89 -24.76 -6.07 -38.97
N LEU U 90 -24.21 -6.38 -37.80
CA LEU U 90 -24.67 -5.84 -36.54
C LEU U 90 -23.95 -4.54 -36.36
N LEU U 91 -24.55 -3.47 -36.87
CA LEU U 91 -23.90 -2.18 -36.86
C LEU U 91 -23.52 -1.76 -35.46
N PRO U 92 -22.37 -1.12 -35.33
CA PRO U 92 -21.99 -0.53 -34.05
C PRO U 92 -23.07 0.44 -33.57
N LEU U 93 -24.03 0.71 -34.46
CA LEU U 93 -25.19 1.55 -34.15
C LEU U 93 -26.22 0.78 -33.32
N ALA U 94 -26.18 -0.55 -33.44
CA ALA U 94 -27.22 -1.44 -32.91
C ALA U 94 -27.34 -1.52 -31.39
N TYR U 95 -26.19 -1.58 -30.70
CA TYR U 95 -26.14 -1.68 -29.22
C TYR U 95 -24.81 -1.15 -28.62
N GLU U 96 -24.83 -0.75 -27.36
CA GLU U 96 -23.71 -0.05 -26.72
C GLU U 96 -22.37 -0.79 -26.76
N THR U 97 -22.44 -2.12 -26.85
CA THR U 97 -21.24 -2.98 -26.84
C THR U 97 -21.00 -3.70 -28.18
N PHE U 98 -21.06 -2.94 -29.27
CA PHE U 98 -20.88 -3.48 -30.64
C PHE U 98 -19.66 -2.93 -31.37
N GLU U 99 -19.28 -3.60 -32.46
CA GLU U 99 -18.00 -3.32 -33.06
C GLU U 99 -18.05 -2.97 -34.54
N PRO U 100 -17.16 -2.04 -34.94
CA PRO U 100 -16.69 -1.69 -36.31
C PRO U 100 -15.86 -2.80 -37.02
N GLY U 101 -15.39 -2.54 -38.25
CA GLY U 101 -14.70 -3.54 -39.10
C GLY U 101 -15.67 -4.60 -39.62
N PRO U 102 -15.64 -4.92 -40.97
CA PRO U 102 -16.65 -5.83 -41.57
C PRO U 102 -17.09 -7.08 -40.68
N PRO U 103 -18.28 -7.68 -40.96
CA PRO U 103 -19.07 -8.62 -40.09
C PRO U 103 -18.31 -9.66 -39.24
N ASP U 104 -18.82 -9.97 -38.05
CA ASP U 104 -18.16 -10.87 -37.10
C ASP U 104 -18.82 -12.26 -36.96
N GLU U 105 -18.31 -13.06 -36.03
CA GLU U 105 -18.79 -14.41 -35.73
C GLU U 105 -20.32 -14.52 -35.60
N ASN U 106 -20.90 -13.57 -34.87
CA ASN U 106 -22.33 -13.54 -34.66
C ASN U 106 -23.09 -13.20 -35.92
N ALA U 107 -22.57 -12.22 -36.66
CA ALA U 107 -23.19 -11.74 -37.89
C ALA U 107 -23.21 -12.83 -38.94
N ILE U 108 -22.06 -13.48 -39.14
CA ILE U 108 -21.91 -14.59 -40.07
C ILE U 108 -22.94 -15.69 -39.82
N GLU U 109 -23.12 -16.06 -38.55
CA GLU U 109 -24.09 -17.10 -38.21
C GLU U 109 -25.49 -16.71 -38.65
N LEU U 110 -25.88 -15.47 -38.40
CA LEU U 110 -27.19 -14.97 -38.84
C LEU U 110 -27.36 -15.09 -40.35
N ALA U 111 -26.37 -14.61 -41.08
CA ALA U 111 -26.39 -14.66 -42.54
C ALA U 111 -26.57 -16.08 -43.05
N ARG U 112 -25.77 -17.01 -42.55
CA ARG U 112 -25.82 -18.38 -43.03
C ARG U 112 -27.16 -19.04 -42.69
N VAL U 113 -27.71 -18.68 -41.53
CA VAL U 113 -29.00 -19.22 -41.08
C VAL U 113 -30.13 -18.71 -41.97
N VAL U 114 -30.13 -17.41 -42.26
CA VAL U 114 -31.08 -16.83 -43.19
C VAL U 114 -30.92 -17.40 -44.61
N ASP U 115 -29.66 -17.47 -45.06
CA ASP U 115 -29.29 -18.06 -46.33
C ASP U 115 -29.93 -19.44 -46.48
N ARG U 116 -29.68 -20.31 -45.51
CA ARG U 116 -30.06 -21.71 -45.64
C ARG U 116 -31.57 -21.91 -45.65
N SER U 117 -32.29 -21.00 -45.03
CA SER U 117 -33.74 -21.13 -45.01
C SER U 117 -34.41 -20.48 -46.24
N LEU U 118 -33.67 -19.69 -47.00
CA LEU U 118 -34.14 -19.20 -48.29
C LEU U 118 -33.79 -20.20 -49.39
N ARG U 119 -32.58 -20.74 -49.29
CA ARG U 119 -31.98 -21.60 -50.32
C ARG U 119 -32.53 -23.03 -50.30
N ASP U 120 -32.56 -23.63 -49.11
CA ASP U 120 -33.05 -25.00 -48.93
C ASP U 120 -34.57 -25.10 -49.02
N SER U 121 -35.28 -24.00 -48.77
CA SER U 121 -36.74 -23.98 -48.91
C SER U 121 -37.10 -23.73 -50.34
N LYS U 122 -36.09 -23.36 -51.11
CA LYS U 122 -36.28 -22.84 -52.44
C LYS U 122 -37.46 -21.87 -52.49
N ALA U 123 -37.52 -21.00 -51.48
CA ALA U 123 -38.42 -19.86 -51.43
C ALA U 123 -38.09 -18.91 -52.58
N LEU U 124 -36.80 -18.79 -52.86
CA LEU U 124 -36.31 -18.12 -54.05
C LEU U 124 -35.73 -19.17 -55.00
N ASP U 125 -36.30 -19.23 -56.20
CA ASP U 125 -35.89 -20.22 -57.16
C ASP U 125 -34.70 -19.72 -57.96
N LEU U 126 -33.53 -20.27 -57.62
CA LEU U 126 -32.27 -19.86 -58.23
C LEU U 126 -32.11 -20.35 -59.67
N THR U 127 -32.81 -21.42 -60.02
CA THR U 127 -32.79 -21.93 -61.40
C THR U 127 -33.56 -21.01 -62.35
N LYS U 128 -34.45 -20.20 -61.78
CA LYS U 128 -35.24 -19.22 -62.52
C LYS U 128 -34.48 -17.91 -62.77
N LEU U 129 -33.24 -17.80 -62.30
CA LEU U 129 -32.46 -16.55 -62.42
C LEU U 129 -31.39 -16.61 -63.50
N VAL U 130 -31.50 -17.60 -64.39
CA VAL U 130 -30.54 -17.81 -65.46
C VAL U 130 -30.93 -16.95 -66.66
N ILE U 131 -29.98 -16.16 -67.17
CA ILE U 131 -30.20 -15.40 -68.41
C ILE U 131 -29.70 -16.25 -69.60
N GLU U 132 -28.40 -16.20 -69.88
CA GLU U 132 -27.76 -17.15 -70.80
C GLU U 132 -27.24 -18.32 -70.00
N PRO U 133 -27.81 -19.53 -70.24
CA PRO U 133 -27.40 -20.69 -69.44
C PRO U 133 -25.91 -20.89 -69.51
N GLY U 134 -25.28 -21.07 -68.36
CA GLY U 134 -23.83 -21.25 -68.28
C GLY U 134 -22.99 -20.01 -68.55
N LYS U 135 -23.55 -19.04 -69.28
CA LYS U 135 -22.83 -17.81 -69.65
C LYS U 135 -23.09 -16.64 -68.70
N SER U 136 -24.36 -16.39 -68.40
CA SER U 136 -24.74 -15.27 -67.54
C SER U 136 -26.02 -15.49 -66.73
N VAL U 137 -25.95 -15.20 -65.42
CA VAL U 137 -27.08 -15.33 -64.51
C VAL U 137 -27.16 -14.09 -63.63
N TRP U 138 -28.28 -13.95 -62.93
CA TRP U 138 -28.44 -12.90 -61.93
C TRP U 138 -27.79 -13.29 -60.60
N THR U 139 -27.04 -12.37 -60.00
CA THR U 139 -26.56 -12.54 -58.65
C THR U 139 -27.39 -11.63 -57.76
N VAL U 140 -28.01 -12.24 -56.76
CA VAL U 140 -28.85 -11.51 -55.84
C VAL U 140 -28.08 -11.24 -54.56
N TRP U 141 -27.66 -9.99 -54.41
CA TRP U 141 -27.01 -9.55 -53.19
C TRP U 141 -28.06 -9.11 -52.18
N LEU U 142 -28.15 -9.84 -51.07
CA LEU U 142 -28.99 -9.44 -49.97
C LEU U 142 -28.09 -8.92 -48.87
N ASP U 143 -28.30 -7.65 -48.51
CA ASP U 143 -27.54 -7.01 -47.42
C ASP U 143 -28.46 -6.59 -46.30
N VAL U 144 -28.28 -7.23 -45.14
CA VAL U 144 -29.16 -7.04 -44.00
C VAL U 144 -28.42 -6.30 -42.90
N TYR U 145 -28.94 -5.14 -42.53
CA TYR U 145 -28.26 -4.26 -41.58
C TYR U 145 -29.08 -4.07 -40.32
N VAL U 146 -28.50 -4.47 -39.19
CA VAL U 146 -29.18 -4.36 -37.90
C VAL U 146 -28.86 -3.03 -37.27
N LEU U 147 -29.90 -2.22 -37.06
CA LEU U 147 -29.72 -0.84 -36.63
C LEU U 147 -29.98 -0.65 -35.16
N ASP U 148 -30.82 -1.50 -34.58
CA ASP U 148 -31.25 -1.36 -33.21
C ASP U 148 -31.37 -2.79 -32.69
N TYR U 149 -30.61 -3.12 -31.65
CA TYR U 149 -30.65 -4.47 -31.08
C TYR U 149 -31.71 -4.54 -29.99
N GLY U 150 -32.87 -5.12 -30.31
CA GLY U 150 -33.94 -5.26 -29.33
C GLY U 150 -34.10 -6.69 -28.83
N GLY U 151 -33.22 -7.56 -29.30
CA GLY U 151 -33.30 -8.97 -29.00
C GLY U 151 -34.02 -9.71 -30.10
N ASN U 152 -33.74 -11.01 -30.20
CA ASN U 152 -34.27 -11.88 -31.26
C ASN U 152 -34.07 -11.30 -32.66
N VAL U 153 -32.81 -11.10 -32.99
CA VAL U 153 -32.44 -10.45 -34.23
C VAL U 153 -32.74 -11.38 -35.40
N LEU U 154 -32.52 -12.68 -35.21
CA LEU U 154 -32.68 -13.66 -36.28
C LEU U 154 -34.03 -13.62 -36.97
N ASP U 155 -35.10 -13.51 -36.19
CA ASP U 155 -36.45 -13.51 -36.73
C ASP U 155 -36.72 -12.25 -37.53
N ALA U 156 -36.21 -11.12 -37.03
CA ALA U 156 -36.36 -9.84 -37.71
C ALA U 156 -35.57 -9.78 -39.03
N CYS U 157 -34.48 -10.54 -39.13
CA CYS U 157 -33.68 -10.62 -40.36
C CYS U 157 -34.38 -11.45 -41.40
N THR U 158 -34.83 -12.63 -41.00
CA THR U 158 -35.67 -13.48 -41.84
C THR U 158 -36.79 -12.64 -42.45
N LEU U 159 -37.50 -11.89 -41.61
CA LEU U 159 -38.58 -11.04 -42.08
C LEU U 159 -38.11 -9.95 -43.05
N ALA U 160 -37.13 -9.14 -42.64
CA ALA U 160 -36.58 -8.07 -43.48
C ALA U 160 -36.08 -8.59 -44.83
N SER U 161 -35.49 -9.78 -44.81
CA SER U 161 -34.96 -10.41 -46.00
C SER U 161 -36.08 -10.77 -46.96
N VAL U 162 -37.00 -11.60 -46.48
CA VAL U 162 -38.15 -12.02 -47.25
C VAL U 162 -38.88 -10.81 -47.84
N ALA U 163 -39.08 -9.79 -47.02
CA ALA U 163 -39.69 -8.54 -47.46
C ALA U 163 -38.89 -7.81 -48.53
N ALA U 164 -37.58 -7.70 -48.34
CA ALA U 164 -36.72 -7.05 -49.32
C ALA U 164 -36.79 -7.74 -50.68
N LEU U 165 -36.78 -9.08 -50.66
CA LEU U 165 -36.84 -9.89 -51.88
C LEU U 165 -38.15 -9.70 -52.63
N TYR U 166 -39.25 -9.68 -51.90
CA TYR U 166 -40.56 -9.47 -52.48
C TYR U 166 -40.68 -8.07 -53.06
N ASN U 167 -39.89 -7.15 -52.52
CA ASN U 167 -39.88 -5.78 -52.99
C ASN U 167 -38.96 -5.61 -54.19
N THR U 168 -38.20 -6.64 -54.53
CA THR U 168 -37.16 -6.52 -55.56
C THR U 168 -37.71 -6.41 -56.97
N LYS U 169 -37.17 -5.43 -57.69
CA LYS U 169 -37.49 -5.16 -59.08
C LYS U 169 -36.40 -5.68 -60.01
N VAL U 170 -36.81 -6.49 -60.99
CA VAL U 170 -35.91 -6.98 -62.02
C VAL U 170 -35.93 -5.98 -63.17
N TYR U 171 -34.81 -5.84 -63.88
CA TYR U 171 -34.71 -4.87 -64.98
C TYR U 171 -34.59 -5.49 -66.38
N LYS U 172 -34.72 -4.63 -67.39
CA LYS U 172 -34.59 -5.03 -68.79
C LYS U 172 -33.15 -5.40 -69.07
N VAL U 173 -32.98 -6.39 -69.94
CA VAL U 173 -31.66 -7.00 -70.19
C VAL U 173 -31.20 -6.81 -71.65
N GLU U 174 -30.57 -5.68 -71.94
CA GLU U 174 -30.21 -5.31 -73.32
C GLU U 174 -29.05 -6.13 -73.90
N GLN U 175 -29.35 -6.98 -74.89
CA GLN U 175 -28.35 -7.87 -75.52
C GLN U 175 -27.68 -7.22 -76.74
N ILE U 180 -25.60 -7.98 -72.99
CA ILE U 180 -24.48 -7.06 -72.88
C ILE U 180 -24.63 -6.06 -71.71
N SER U 181 -25.77 -5.37 -71.61
CA SER U 181 -25.97 -4.30 -70.61
C SER U 181 -27.31 -4.38 -69.87
N VAL U 182 -27.34 -3.85 -68.65
CA VAL U 182 -28.57 -3.72 -67.86
C VAL U 182 -29.21 -2.36 -68.11
N ASN U 183 -30.54 -2.30 -68.08
CA ASN U 183 -31.24 -1.01 -68.19
C ASN U 183 -32.12 -0.73 -66.99
N LYS U 184 -31.66 0.18 -66.13
CA LYS U 184 -32.24 0.30 -64.80
C LYS U 184 -33.44 1.24 -64.66
N ASN U 185 -34.20 1.44 -65.73
CA ASN U 185 -35.49 2.16 -65.59
C ASN U 185 -36.62 1.60 -66.45
N GLU U 186 -36.35 0.52 -67.15
CA GLU U 186 -37.42 -0.31 -67.69
C GLU U 186 -37.51 -1.54 -66.82
N VAL U 187 -38.46 -1.52 -65.90
CA VAL U 187 -38.71 -2.61 -64.95
C VAL U 187 -39.39 -3.79 -65.66
N VAL U 188 -38.73 -4.93 -65.72
CA VAL U 188 -39.25 -6.13 -66.40
C VAL U 188 -40.25 -6.96 -65.56
N GLY U 189 -39.95 -7.15 -64.27
CA GLY U 189 -40.84 -7.90 -63.36
C GLY U 189 -40.34 -8.01 -61.92
N LYS U 190 -40.67 -9.13 -61.28
CA LYS U 190 -40.29 -9.35 -59.89
C LYS U 190 -39.38 -10.56 -59.76
N LEU U 191 -38.84 -10.79 -58.56
CA LEU U 191 -38.01 -11.97 -58.30
C LEU U 191 -38.81 -13.28 -58.34
N PRO U 192 -38.18 -14.36 -58.86
CA PRO U 192 -38.86 -15.67 -58.92
C PRO U 192 -39.02 -16.33 -57.53
N LEU U 193 -40.01 -15.84 -56.79
CA LEU U 193 -40.25 -16.28 -55.41
C LEU U 193 -41.41 -17.24 -55.32
N ASN U 194 -41.15 -18.42 -54.78
CA ASN U 194 -42.19 -19.45 -54.65
C ASN U 194 -43.19 -19.14 -53.55
N TYR U 195 -42.67 -18.68 -52.40
CA TYR U 195 -43.47 -18.32 -51.23
C TYR U 195 -42.59 -17.66 -50.18
N PRO U 196 -43.20 -16.91 -49.23
CA PRO U 196 -42.43 -16.35 -48.11
C PRO U 196 -42.03 -17.42 -47.07
N VAL U 197 -41.09 -17.07 -46.21
CA VAL U 197 -40.60 -17.97 -45.18
C VAL U 197 -40.48 -17.17 -43.88
N VAL U 198 -40.86 -17.78 -42.76
CA VAL U 198 -40.67 -17.13 -41.48
C VAL U 198 -39.78 -17.97 -40.57
N THR U 199 -39.00 -17.28 -39.73
CA THR U 199 -38.25 -17.95 -38.70
C THR U 199 -38.79 -17.52 -37.35
N ILE U 200 -39.10 -18.52 -36.52
CA ILE U 200 -39.62 -18.31 -35.18
C ILE U 200 -38.63 -18.82 -34.13
N SER U 201 -38.21 -17.91 -33.24
CA SER U 201 -37.29 -18.24 -32.16
C SER U 201 -38.00 -18.45 -30.83
N VAL U 202 -37.72 -19.61 -30.20
CA VAL U 202 -38.28 -19.98 -28.89
C VAL U 202 -37.14 -20.03 -27.91
N ALA U 203 -37.20 -19.23 -26.84
CA ALA U 203 -36.17 -19.21 -25.82
C ALA U 203 -36.57 -20.01 -24.59
N LYS U 204 -35.66 -20.85 -24.12
CA LYS U 204 -35.89 -21.61 -22.90
C LYS U 204 -35.28 -20.81 -21.77
N VAL U 205 -36.16 -20.24 -20.94
CA VAL U 205 -35.70 -19.58 -19.73
C VAL U 205 -36.20 -20.43 -18.58
N ASP U 206 -35.29 -20.84 -17.70
CA ASP U 206 -35.64 -21.66 -16.56
C ASP U 206 -36.34 -22.91 -17.07
N LYS U 207 -37.63 -23.05 -16.76
CA LYS U 207 -38.40 -24.21 -17.21
C LYS U 207 -39.43 -23.81 -18.25
N TYR U 208 -39.51 -22.51 -18.54
CA TYR U 208 -40.50 -21.97 -19.46
C TYR U 208 -39.94 -21.82 -20.88
N LEU U 209 -40.84 -21.85 -21.86
CA LEU U 209 -40.50 -21.54 -23.24
C LEU U 209 -41.20 -20.26 -23.65
N VAL U 210 -40.48 -19.40 -24.38
CA VAL U 210 -40.91 -18.03 -24.67
C VAL U 210 -40.68 -17.68 -26.15
N VAL U 211 -41.74 -17.28 -26.84
CA VAL U 211 -41.67 -16.91 -28.26
C VAL U 211 -41.23 -15.48 -28.44
N ASP U 212 -40.28 -15.27 -29.35
CA ASP U 212 -39.73 -13.95 -29.61
C ASP U 212 -39.19 -13.31 -28.32
N PRO U 213 -38.00 -13.75 -27.86
CA PRO U 213 -37.43 -13.17 -26.63
C PRO U 213 -36.96 -11.74 -26.85
N ASP U 214 -37.21 -10.84 -25.90
CA ASP U 214 -36.67 -9.49 -26.02
C ASP U 214 -35.25 -9.41 -25.45
N LEU U 215 -34.72 -8.20 -25.33
CA LEU U 215 -33.33 -8.02 -24.94
C LEU U 215 -33.01 -8.61 -23.57
N ASP U 216 -33.83 -8.25 -22.59
CA ASP U 216 -33.72 -8.81 -21.23
C ASP U 216 -33.86 -10.32 -21.23
N GLU U 217 -34.93 -10.81 -21.85
CA GLU U 217 -35.22 -12.23 -21.93
C GLU U 217 -34.08 -13.05 -22.56
N GLU U 218 -33.42 -12.48 -23.57
CA GLU U 218 -32.28 -13.12 -24.21
C GLU U 218 -31.09 -13.22 -23.28
N SER U 219 -30.83 -12.16 -22.54
CA SER U 219 -29.69 -12.13 -21.62
C SER U 219 -29.82 -13.07 -20.41
N ILE U 220 -31.03 -13.58 -20.14
CA ILE U 220 -31.25 -14.51 -19.02
C ILE U 220 -31.60 -15.94 -19.45
N MET U 221 -31.85 -16.16 -20.74
CA MET U 221 -32.23 -17.47 -21.26
C MET U 221 -31.08 -18.46 -21.21
N ASP U 222 -31.41 -19.74 -21.07
CA ASP U 222 -30.40 -20.80 -21.10
C ASP U 222 -29.90 -20.94 -22.52
N ALA U 223 -30.85 -21.08 -23.44
CA ALA U 223 -30.58 -21.24 -24.86
C ALA U 223 -31.84 -20.87 -25.64
N LYS U 224 -31.70 -20.62 -26.94
CA LYS U 224 -32.86 -20.46 -27.80
C LYS U 224 -32.75 -21.38 -29.02
N ILE U 225 -33.89 -21.69 -29.63
CA ILE U 225 -33.92 -22.55 -30.81
C ILE U 225 -34.85 -21.94 -31.85
N SER U 226 -34.42 -21.91 -33.10
CA SER U 226 -35.14 -21.20 -34.14
C SER U 226 -35.63 -22.14 -35.23
N PHE U 227 -36.89 -21.98 -35.62
CA PHE U 227 -37.50 -22.85 -36.63
C PHE U 227 -37.94 -22.03 -37.82
N SER U 228 -37.52 -22.47 -39.00
CA SER U 228 -37.92 -21.83 -40.24
C SER U 228 -39.05 -22.62 -40.88
N TYR U 229 -40.08 -21.92 -41.35
CA TYR U 229 -41.27 -22.57 -41.91
C TYR U 229 -41.66 -22.01 -43.27
N THR U 230 -42.06 -22.90 -44.16
CA THR U 230 -42.69 -22.51 -45.42
C THR U 230 -44.19 -22.39 -45.11
N PRO U 231 -44.96 -21.71 -45.99
CA PRO U 231 -46.38 -21.47 -45.75
C PRO U 231 -47.20 -22.70 -45.40
N ASP U 232 -46.98 -23.85 -46.02
CA ASP U 232 -47.73 -25.03 -45.56
C ASP U 232 -47.00 -25.85 -44.49
N LEU U 233 -46.16 -25.15 -43.72
CA LEU U 233 -45.63 -25.63 -42.45
C LEU U 233 -44.72 -26.85 -42.56
N LYS U 234 -43.85 -26.81 -43.56
CA LYS U 234 -42.75 -27.73 -43.63
C LYS U 234 -41.59 -27.05 -42.93
N ILE U 235 -40.93 -27.75 -42.01
CA ILE U 235 -39.75 -27.21 -41.33
C ILE U 235 -38.63 -27.10 -42.37
N VAL U 236 -37.97 -25.94 -42.40
CA VAL U 236 -37.05 -25.66 -43.47
C VAL U 236 -35.70 -25.10 -42.96
N GLY U 237 -35.52 -25.16 -41.63
CA GLY U 237 -34.28 -24.77 -40.96
C GLY U 237 -34.43 -24.75 -39.45
N ILE U 238 -33.43 -25.27 -38.75
CA ILE U 238 -33.41 -25.26 -37.28
C ILE U 238 -32.02 -24.87 -36.79
N GLN U 239 -31.99 -24.00 -35.78
CA GLN U 239 -30.73 -23.56 -35.15
C GLN U 239 -30.82 -23.35 -33.64
N LYS U 240 -30.20 -24.25 -32.89
CA LYS U 240 -30.01 -24.05 -31.46
C LYS U 240 -28.90 -23.03 -31.21
N SER U 241 -29.08 -22.22 -30.18
CA SER U 241 -28.25 -21.05 -29.96
C SER U 241 -28.15 -20.79 -28.47
N GLY U 242 -26.99 -20.36 -28.00
CA GLY U 242 -26.84 -20.02 -26.60
C GLY U 242 -25.90 -20.93 -25.85
N LYS U 243 -25.42 -20.44 -24.72
CA LYS U 243 -24.38 -21.09 -23.90
C LYS U 243 -24.88 -22.31 -23.09
N GLY U 244 -26.21 -22.45 -23.00
CA GLY U 244 -26.81 -23.51 -22.21
C GLY U 244 -27.40 -24.61 -23.06
N SER U 245 -28.01 -25.60 -22.41
CA SER U 245 -28.59 -26.75 -23.09
C SER U 245 -30.11 -26.76 -22.96
N MET U 246 -30.72 -27.81 -23.52
CA MET U 246 -32.18 -27.92 -23.64
C MET U 246 -32.58 -29.39 -23.68
N SER U 247 -33.64 -29.76 -22.96
CA SER U 247 -34.05 -31.17 -22.90
C SER U 247 -34.72 -31.63 -24.19
N LEU U 248 -34.94 -32.93 -24.31
CA LEU U 248 -35.55 -33.50 -25.49
C LEU U 248 -36.97 -32.99 -25.68
N GLN U 249 -37.75 -33.07 -24.60
CA GLN U 249 -39.14 -32.61 -24.62
C GLN U 249 -39.26 -31.10 -24.76
N ASP U 250 -38.26 -30.40 -24.25
CA ASP U 250 -38.17 -28.96 -24.45
C ASP U 250 -38.27 -28.66 -25.95
N ILE U 251 -37.43 -29.34 -26.73
CA ILE U 251 -37.36 -29.11 -28.18
C ILE U 251 -38.66 -29.48 -28.86
N ASP U 252 -39.22 -30.61 -28.45
CA ASP U 252 -40.49 -31.07 -28.97
C ASP U 252 -41.55 -29.98 -28.86
N GLN U 253 -41.79 -29.50 -27.64
CA GLN U 253 -42.77 -28.43 -27.41
C GLN U 253 -42.39 -27.14 -28.11
N ALA U 254 -41.09 -26.86 -28.13
CA ALA U 254 -40.57 -25.65 -28.75
C ALA U 254 -41.06 -25.58 -30.20
N GLU U 255 -40.87 -26.67 -30.94
CA GLU U 255 -41.28 -26.72 -32.32
C GLU U 255 -42.80 -26.63 -32.43
N ASN U 256 -43.52 -27.34 -31.55
CA ASN U 256 -44.99 -27.25 -31.51
C ASN U 256 -45.47 -25.83 -31.44
N THR U 257 -44.90 -25.09 -30.50
CA THR U 257 -45.25 -23.70 -30.27
C THR U 257 -44.80 -22.88 -31.48
N ALA U 258 -43.53 -23.03 -31.86
CA ALA U 258 -42.97 -22.31 -32.99
C ALA U 258 -43.89 -22.37 -34.21
N ARG U 259 -44.45 -23.55 -34.44
CA ARG U 259 -45.28 -23.80 -35.61
C ARG U 259 -46.65 -23.12 -35.55
N SER U 260 -47.37 -23.29 -34.45
CA SER U 260 -48.70 -22.67 -34.33
C SER U 260 -48.61 -21.15 -34.15
N THR U 261 -47.38 -20.65 -34.01
CA THR U 261 -47.10 -19.21 -34.06
C THR U 261 -46.81 -18.82 -35.50
N ALA U 262 -46.04 -19.66 -36.19
CA ALA U 262 -45.64 -19.42 -37.58
C ALA U 262 -46.84 -19.01 -38.43
N VAL U 263 -47.97 -19.70 -38.23
CA VAL U 263 -49.18 -19.42 -38.98
C VAL U 263 -49.57 -17.94 -38.87
N LYS U 264 -49.69 -17.49 -37.62
CA LYS U 264 -50.09 -16.12 -37.28
C LYS U 264 -49.13 -15.09 -37.83
N LEU U 265 -47.83 -15.36 -37.67
CA LEU U 265 -46.81 -14.46 -38.18
C LEU U 265 -46.82 -14.41 -39.72
N LEU U 266 -46.97 -15.57 -40.36
CA LEU U 266 -47.03 -15.63 -41.82
C LEU U 266 -48.15 -14.79 -42.36
N GLU U 267 -49.32 -14.89 -41.73
CA GLU U 267 -50.45 -14.10 -42.14
C GLU U 267 -50.20 -12.60 -42.02
N GLU U 268 -49.46 -12.21 -40.99
CA GLU U 268 -49.22 -10.80 -40.76
C GLU U 268 -48.15 -10.29 -41.72
N LEU U 269 -47.18 -11.13 -42.03
CA LEU U 269 -46.13 -10.81 -43.01
C LEU U 269 -46.74 -10.56 -44.40
N LYS U 270 -47.70 -11.40 -44.77
CA LYS U 270 -48.35 -11.31 -46.06
C LYS U 270 -49.16 -10.02 -46.18
N LYS U 271 -49.76 -9.59 -45.06
CA LYS U 271 -50.52 -8.34 -45.03
C LYS U 271 -49.62 -7.15 -45.34
N HIS U 272 -48.41 -7.16 -44.80
CA HIS U 272 -47.43 -6.10 -45.09
C HIS U 272 -46.96 -6.14 -46.56
N LEU U 273 -46.89 -7.35 -47.12
CA LEU U 273 -46.43 -7.52 -48.49
C LEU U 273 -47.56 -7.39 -49.52
N GLY U 274 -48.80 -7.52 -49.06
CA GLY U 274 -49.96 -7.50 -49.94
C GLY U 274 -50.28 -8.88 -50.46
N ARG V 9 -26.99 -37.01 -60.90
CA ARG V 9 -27.54 -37.45 -59.58
C ARG V 9 -27.13 -38.89 -59.24
N PRO V 10 -27.30 -39.30 -57.97
CA PRO V 10 -27.29 -40.70 -57.54
C PRO V 10 -28.67 -41.20 -57.13
N LYS V 11 -28.78 -42.51 -56.89
CA LYS V 11 -29.97 -43.10 -56.24
C LYS V 11 -29.59 -43.55 -54.83
N LEU V 12 -30.20 -42.89 -53.84
CA LEU V 12 -29.66 -42.86 -52.48
C LEU V 12 -30.05 -44.02 -51.56
N ILE V 13 -31.21 -44.63 -51.81
CA ILE V 13 -31.52 -45.94 -51.22
C ILE V 13 -31.75 -46.91 -52.37
N LEU V 14 -31.15 -48.10 -52.28
CA LEU V 14 -31.34 -49.13 -53.28
C LEU V 14 -32.68 -49.84 -53.10
N ASP V 15 -33.20 -50.36 -54.20
CA ASP V 15 -34.47 -51.10 -54.23
C ASP V 15 -34.49 -52.31 -53.30
N ASP V 16 -33.30 -52.81 -52.96
CA ASP V 16 -33.17 -53.95 -52.03
C ASP V 16 -33.41 -53.55 -50.57
N GLY V 17 -32.95 -52.37 -50.18
CA GLY V 17 -33.21 -51.82 -48.84
C GLY V 17 -32.02 -51.16 -48.16
N LYS V 18 -31.04 -50.78 -48.95
CA LYS V 18 -29.74 -50.32 -48.47
C LYS V 18 -29.27 -49.05 -49.17
N ARG V 19 -28.36 -48.34 -48.50
CA ARG V 19 -27.87 -47.07 -48.98
C ARG V 19 -26.70 -47.23 -49.95
N THR V 20 -26.11 -46.10 -50.34
CA THR V 20 -25.01 -46.10 -51.30
C THR V 20 -23.76 -46.82 -50.78
N ASP V 21 -23.51 -46.74 -49.47
CA ASP V 21 -22.38 -47.47 -48.87
C ASP V 21 -22.78 -48.86 -48.36
N GLY V 22 -24.02 -49.27 -48.68
CA GLY V 22 -24.52 -50.60 -48.33
C GLY V 22 -25.07 -50.75 -46.91
N ARG V 23 -25.26 -49.61 -46.23
CA ARG V 23 -25.84 -49.60 -44.90
C ARG V 23 -27.37 -49.52 -44.97
N LYS V 24 -28.01 -50.16 -44.00
CA LYS V 24 -29.44 -50.02 -43.78
C LYS V 24 -29.72 -48.64 -43.19
N PRO V 25 -30.96 -48.13 -43.34
CA PRO V 25 -31.29 -46.78 -42.84
C PRO V 25 -30.90 -46.52 -41.38
N ASP V 26 -30.77 -47.59 -40.58
CA ASP V 26 -30.50 -47.48 -39.15
C ASP V 26 -29.12 -47.99 -38.69
N GLU V 27 -28.11 -47.89 -39.56
CA GLU V 27 -26.78 -48.41 -39.24
C GLU V 27 -25.72 -47.32 -39.17
N LEU V 28 -24.94 -47.35 -38.09
CA LEU V 28 -23.85 -46.42 -37.90
C LEU V 28 -22.65 -46.84 -38.73
N ARG V 29 -21.86 -45.85 -39.15
CA ARG V 29 -20.59 -46.11 -39.78
C ARG V 29 -19.58 -46.59 -38.74
N SER V 30 -18.43 -47.09 -39.21
CA SER V 30 -17.40 -47.61 -38.31
C SER V 30 -16.79 -46.51 -37.45
N ILE V 31 -16.81 -46.72 -36.14
CA ILE V 31 -16.29 -45.74 -35.20
C ILE V 31 -14.93 -46.20 -34.65
N LYS V 32 -14.01 -45.26 -34.53
CA LYS V 32 -12.71 -45.55 -33.94
C LYS V 32 -12.29 -44.36 -33.11
N ILE V 33 -11.99 -44.62 -31.85
CA ILE V 33 -11.63 -43.55 -30.89
C ILE V 33 -10.31 -43.90 -30.20
N GLU V 34 -9.45 -42.90 -30.01
CA GLU V 34 -8.32 -43.02 -29.08
C GLU V 34 -7.91 -41.72 -28.41
N LEU V 35 -7.59 -41.82 -27.13
CA LEU V 35 -7.29 -40.69 -26.28
C LEU V 35 -5.78 -40.52 -26.06
N GLY V 36 -5.39 -39.38 -25.53
CA GLY V 36 -4.00 -39.11 -25.13
C GLY V 36 -2.97 -39.38 -26.20
N VAL V 37 -3.28 -38.96 -27.43
CA VAL V 37 -2.42 -39.26 -28.56
C VAL V 37 -1.32 -38.19 -28.77
N LEU V 38 -1.54 -36.99 -28.24
CA LEU V 38 -0.57 -35.89 -28.35
C LEU V 38 0.17 -35.66 -27.04
N LYS V 39 1.49 -35.63 -27.11
CA LYS V 39 2.34 -35.42 -25.94
C LYS V 39 2.17 -34.07 -25.28
N ASN V 40 2.14 -33.01 -26.09
CA ASN V 40 2.22 -31.63 -25.58
C ASN V 40 0.91 -31.02 -25.13
N ALA V 41 -0.21 -31.57 -25.62
CA ALA V 41 -1.54 -31.12 -25.21
C ALA V 41 -1.82 -31.60 -23.81
N ASP V 42 -2.73 -30.92 -23.12
CA ASP V 42 -3.14 -31.36 -21.80
C ASP V 42 -4.12 -32.51 -21.91
N GLY V 43 -4.83 -32.54 -23.05
CA GLY V 43 -5.71 -33.65 -23.36
C GLY V 43 -5.88 -33.75 -24.85
N SER V 44 -5.95 -34.97 -25.38
CA SER V 44 -6.08 -35.18 -26.81
C SER V 44 -6.98 -36.35 -27.17
N ALA V 45 -7.56 -36.31 -28.36
CA ALA V 45 -8.38 -37.42 -28.85
C ALA V 45 -8.46 -37.42 -30.37
N ILE V 46 -8.43 -38.60 -30.97
CA ILE V 46 -8.74 -38.79 -32.38
C ILE V 46 -10.05 -39.55 -32.49
N PHE V 47 -10.98 -39.01 -33.26
CA PHE V 47 -12.28 -39.62 -33.45
C PHE V 47 -12.53 -39.86 -34.92
N GLU V 48 -13.03 -41.06 -35.25
CA GLU V 48 -13.36 -41.41 -36.63
C GLU V 48 -14.74 -42.04 -36.75
N MET V 49 -15.60 -41.43 -37.54
CA MET V 49 -16.86 -42.06 -37.97
C MET V 49 -16.78 -42.22 -39.45
N GLY V 50 -16.83 -43.47 -39.90
CA GLY V 50 -16.60 -43.78 -41.31
C GLY V 50 -15.33 -43.10 -41.75
N ASN V 51 -15.46 -42.18 -42.71
CA ASN V 51 -14.29 -41.49 -43.25
C ASN V 51 -14.03 -40.10 -42.69
N THR V 52 -14.91 -39.64 -41.81
CA THR V 52 -14.71 -38.37 -41.16
C THR V 52 -13.77 -38.62 -39.99
N LYS V 53 -12.57 -38.05 -40.09
CA LYS V 53 -11.57 -38.09 -39.03
C LYS V 53 -11.33 -36.69 -38.49
N ALA V 54 -11.32 -36.58 -37.17
CA ALA V 54 -10.96 -35.33 -36.53
C ALA V 54 -9.97 -35.58 -35.38
N ILE V 55 -9.13 -34.59 -35.12
CA ILE V 55 -8.25 -34.62 -33.97
C ILE V 55 -8.45 -33.35 -33.14
N ALA V 56 -8.54 -33.52 -31.83
CA ALA V 56 -8.76 -32.41 -30.93
C ALA V 56 -7.70 -32.40 -29.86
N ALA V 57 -7.17 -31.22 -29.58
CA ALA V 57 -6.22 -31.02 -28.50
C ALA V 57 -6.78 -29.98 -27.54
N VAL V 58 -6.57 -30.22 -26.25
CA VAL V 58 -7.02 -29.31 -25.21
C VAL V 58 -5.83 -28.76 -24.43
N TYR V 59 -5.88 -27.45 -24.15
CA TYR V 59 -4.87 -26.79 -23.31
C TYR V 59 -5.48 -26.28 -22.01
N GLY V 60 -5.26 -27.08 -20.96
CA GLY V 60 -5.95 -27.02 -19.66
C GLY V 60 -6.02 -25.66 -19.01
N PRO V 61 -6.87 -25.51 -17.98
CA PRO V 61 -7.20 -24.17 -17.47
C PRO V 61 -5.96 -23.33 -17.14
N LYS V 62 -5.81 -22.21 -17.85
CA LYS V 62 -4.67 -21.31 -17.67
C LYS V 62 -5.18 -19.87 -17.73
N GLU V 63 -4.47 -18.95 -17.10
CA GLU V 63 -4.85 -17.54 -17.09
C GLU V 63 -4.82 -16.91 -18.48
N MET V 64 -5.40 -15.72 -18.63
CA MET V 64 -5.49 -15.08 -19.95
C MET V 64 -4.44 -14.01 -20.21
N HIS V 65 -3.77 -14.14 -21.37
CA HIS V 65 -2.72 -13.21 -21.81
C HIS V 65 -3.23 -11.76 -21.98
N PRO V 66 -4.43 -11.59 -22.60
CA PRO V 66 -5.09 -10.28 -22.55
C PRO V 66 -6.00 -10.20 -21.32
N ARG V 67 -5.55 -9.45 -20.33
CA ARG V 67 -6.15 -9.46 -18.99
C ARG V 67 -7.66 -9.16 -19.00
N HIS V 68 -8.06 -8.05 -19.61
CA HIS V 68 -9.45 -7.58 -19.61
C HIS V 68 -10.44 -8.50 -20.34
N LEU V 69 -9.94 -9.39 -21.18
CA LEU V 69 -10.77 -10.31 -21.96
C LEU V 69 -11.24 -11.55 -21.18
N SER V 70 -10.64 -11.77 -20.01
CA SER V 70 -11.00 -12.89 -19.15
C SER V 70 -12.39 -12.73 -18.53
N LEU V 71 -12.83 -13.74 -17.79
CA LEU V 71 -14.12 -13.66 -17.10
C LEU V 71 -13.96 -13.85 -15.59
N PRO V 72 -14.68 -13.02 -14.80
CA PRO V 72 -14.51 -12.89 -13.35
C PRO V 72 -14.87 -14.11 -12.51
N ASP V 73 -15.65 -15.02 -13.06
CA ASP V 73 -16.14 -16.16 -12.31
C ASP V 73 -16.11 -17.41 -13.19
N ARG V 74 -15.73 -17.24 -14.45
CA ARG V 74 -15.81 -18.29 -15.43
C ARG V 74 -14.50 -18.49 -16.16
N ALA V 75 -14.36 -19.67 -16.73
CA ALA V 75 -13.34 -19.91 -17.72
C ALA V 75 -13.89 -19.37 -19.04
N VAL V 76 -12.99 -18.87 -19.86
CA VAL V 76 -13.33 -18.51 -21.23
C VAL V 76 -12.96 -19.68 -22.16
N LEU V 77 -13.96 -20.21 -22.84
CA LEU V 77 -13.71 -21.27 -23.80
C LEU V 77 -13.23 -20.69 -25.12
N ARG V 78 -12.10 -21.21 -25.60
CA ARG V 78 -11.60 -20.81 -26.89
C ARG V 78 -11.61 -22.01 -27.79
N VAL V 79 -12.52 -22.02 -28.75
CA VAL V 79 -12.72 -23.19 -29.61
C VAL V 79 -12.40 -22.86 -31.08
N ARG V 80 -11.84 -23.83 -31.79
CA ARG V 80 -11.52 -23.68 -33.20
C ARG V 80 -11.76 -24.96 -34.00
N TYR V 81 -12.72 -24.86 -34.93
CA TYR V 81 -13.00 -25.90 -35.89
C TYR V 81 -12.28 -25.52 -37.16
N HIS V 82 -11.47 -26.43 -37.68
CA HIS V 82 -10.70 -26.15 -38.89
C HIS V 82 -10.52 -27.39 -39.75
N MET V 83 -10.66 -27.21 -41.06
CA MET V 83 -10.47 -28.29 -42.01
C MET V 83 -9.15 -28.15 -42.72
N THR V 84 -8.31 -29.17 -42.61
CA THR V 84 -7.02 -29.21 -43.28
C THR V 84 -7.26 -29.20 -44.79
N PRO V 85 -6.35 -28.58 -45.55
CA PRO V 85 -6.55 -28.46 -46.98
C PRO V 85 -6.70 -29.80 -47.72
N PHE V 86 -6.28 -30.91 -47.11
CA PHE V 86 -6.34 -32.23 -47.77
C PHE V 86 -7.37 -33.16 -47.13
N SER V 87 -8.42 -32.56 -46.59
CA SER V 87 -9.45 -33.31 -45.91
C SER V 87 -10.60 -33.60 -46.84
N THR V 88 -10.59 -32.94 -47.99
CA THR V 88 -11.69 -33.01 -48.95
C THR V 88 -11.18 -33.42 -50.32
N ASP V 89 -12.12 -33.64 -51.24
CA ASP V 89 -11.78 -34.15 -52.56
C ASP V 89 -11.02 -33.14 -53.40
N GLU V 90 -11.26 -31.87 -53.12
CA GLU V 90 -10.52 -30.79 -53.75
C GLU V 90 -10.00 -29.85 -52.70
N ARG V 91 -8.76 -29.41 -52.84
CA ARG V 91 -8.05 -28.69 -51.79
C ARG V 91 -8.87 -27.57 -51.14
N LYS V 92 -9.35 -27.82 -49.92
CA LYS V 92 -10.00 -26.79 -49.10
C LYS V 92 -8.96 -25.72 -48.78
N ASN V 93 -9.36 -24.46 -48.92
CA ASN V 93 -8.48 -23.38 -48.55
C ASN V 93 -8.29 -23.32 -47.02
N PRO V 94 -7.03 -23.21 -46.58
CA PRO V 94 -6.69 -23.15 -45.15
C PRO V 94 -7.34 -21.98 -44.40
N ALA V 95 -7.28 -20.77 -44.97
CA ALA V 95 -7.88 -19.60 -44.35
C ALA V 95 -9.37 -19.84 -44.10
N PRO V 96 -9.84 -19.58 -42.87
CA PRO V 96 -11.16 -20.01 -42.38
C PRO V 96 -12.34 -19.46 -43.16
N SER V 97 -13.29 -20.34 -43.52
CA SER V 97 -14.50 -19.97 -44.28
C SER V 97 -15.64 -19.58 -43.37
N ARG V 98 -16.69 -19.00 -43.94
CA ARG V 98 -17.85 -18.61 -43.15
C ARG V 98 -18.40 -19.83 -42.47
N ARG V 99 -18.49 -20.91 -43.23
CA ARG V 99 -18.93 -22.20 -42.71
C ARG V 99 -18.13 -22.59 -41.48
N GLU V 100 -16.80 -22.43 -41.59
CA GLU V 100 -15.88 -22.81 -40.51
C GLU V 100 -16.09 -21.96 -39.28
N ILE V 101 -16.43 -20.69 -39.49
CA ILE V 101 -16.66 -19.74 -38.40
C ILE V 101 -17.93 -20.06 -37.63
N GLU V 102 -19.03 -20.27 -38.35
CA GLU V 102 -20.29 -20.61 -37.74
C GLU V 102 -20.12 -21.89 -36.93
N LEU V 103 -19.54 -22.92 -37.54
CA LEU V 103 -19.31 -24.19 -36.87
C LEU V 103 -18.55 -24.08 -35.56
N SER V 104 -17.50 -23.26 -35.56
CA SER V 104 -16.71 -23.02 -34.36
C SER V 104 -17.58 -22.49 -33.22
N LYS V 105 -18.48 -21.57 -33.56
CA LYS V 105 -19.38 -21.00 -32.57
C LYS V 105 -20.35 -22.06 -32.09
N VAL V 106 -20.98 -22.75 -33.05
CA VAL V 106 -21.98 -23.77 -32.74
C VAL V 106 -21.39 -24.83 -31.81
N ILE V 107 -20.13 -25.21 -32.08
CA ILE V 107 -19.39 -26.15 -31.24
C ILE V 107 -19.03 -25.57 -29.88
N ARG V 108 -18.50 -24.35 -29.86
CA ARG V 108 -18.15 -23.72 -28.58
C ARG V 108 -19.33 -23.70 -27.62
N GLU V 109 -20.45 -23.13 -28.07
CA GLU V 109 -21.69 -23.11 -27.30
C GLU V 109 -22.10 -24.49 -26.82
N ALA V 110 -21.99 -25.48 -27.71
CA ALA V 110 -22.28 -26.87 -27.36
C ALA V 110 -21.47 -27.29 -26.15
N LEU V 111 -20.17 -27.02 -26.17
CA LEU V 111 -19.28 -27.41 -25.09
C LEU V 111 -19.52 -26.60 -23.83
N GLU V 112 -19.90 -25.33 -23.98
CA GLU V 112 -20.14 -24.46 -22.82
C GLU V 112 -21.22 -24.98 -21.91
N SER V 113 -22.14 -25.76 -22.46
CA SER V 113 -23.21 -26.36 -21.68
C SER V 113 -22.79 -27.62 -20.92
N ALA V 114 -21.65 -28.20 -21.31
CA ALA V 114 -21.13 -29.40 -20.67
C ALA V 114 -20.04 -29.08 -19.65
N VAL V 115 -19.06 -28.28 -20.05
CA VAL V 115 -17.92 -27.94 -19.22
C VAL V 115 -18.31 -27.05 -18.06
N LEU V 116 -17.76 -27.35 -16.89
CA LEU V 116 -18.03 -26.59 -15.68
C LEU V 116 -17.10 -25.39 -15.58
N VAL V 117 -17.33 -24.43 -16.45
CA VAL V 117 -16.46 -23.26 -16.58
C VAL V 117 -16.34 -22.38 -15.32
N GLU V 118 -17.29 -22.51 -14.40
CA GLU V 118 -17.34 -21.71 -13.18
C GLU V 118 -16.18 -22.07 -12.26
N LEU V 119 -15.74 -23.32 -12.35
CA LEU V 119 -14.70 -23.83 -11.48
C LEU V 119 -13.36 -23.11 -11.69
N PHE V 120 -13.17 -22.52 -12.86
CA PHE V 120 -11.89 -21.90 -13.22
C PHE V 120 -12.04 -20.43 -13.67
N PRO V 121 -12.21 -19.51 -12.70
CA PRO V 121 -12.32 -18.11 -13.08
C PRO V 121 -10.99 -17.58 -13.61
N ARG V 122 -11.04 -16.54 -14.43
CA ARG V 122 -9.85 -15.88 -14.96
C ARG V 122 -9.04 -16.75 -15.91
N THR V 123 -9.51 -17.96 -16.13
CA THR V 123 -8.76 -18.91 -16.92
C THR V 123 -9.36 -19.08 -18.29
N ALA V 124 -8.50 -19.45 -19.24
CA ALA V 124 -8.90 -19.81 -20.59
C ALA V 124 -8.68 -21.29 -20.79
N ILE V 125 -9.65 -21.95 -21.42
CA ILE V 125 -9.48 -23.33 -21.82
C ILE V 125 -9.52 -23.37 -23.32
N ASP V 126 -8.41 -23.82 -23.91
CA ASP V 126 -8.26 -23.90 -25.36
C ASP V 126 -8.65 -25.27 -25.88
N VAL V 127 -9.52 -25.28 -26.89
CA VAL V 127 -9.93 -26.51 -27.55
C VAL V 127 -9.68 -26.34 -29.04
N PHE V 128 -8.71 -27.08 -29.57
CA PHE V 128 -8.35 -26.96 -30.98
C PHE V 128 -8.70 -28.23 -31.73
N THR V 129 -9.32 -28.05 -32.88
CA THR V 129 -9.92 -29.16 -33.62
C THR V 129 -9.49 -29.11 -35.07
N GLU V 130 -9.12 -30.28 -35.62
CA GLU V 130 -8.70 -30.37 -37.02
C GLU V 130 -9.36 -31.53 -37.72
N ILE V 131 -10.08 -31.25 -38.81
CA ILE V 131 -10.66 -32.30 -39.62
C ILE V 131 -9.60 -32.77 -40.60
N LEU V 132 -9.29 -34.07 -40.55
CA LEU V 132 -8.26 -34.68 -41.41
C LEU V 132 -8.85 -35.32 -42.67
N GLN V 133 -10.08 -35.79 -42.57
CA GLN V 133 -10.87 -36.19 -43.72
C GLN V 133 -12.29 -35.77 -43.44
N ALA V 134 -12.92 -35.09 -44.40
CA ALA V 134 -14.33 -34.73 -44.24
C ALA V 134 -15.20 -35.69 -45.04
N ASP V 135 -16.24 -36.23 -44.40
CA ASP V 135 -17.19 -37.12 -45.05
C ASP V 135 -18.58 -36.92 -44.47
N ALA V 136 -18.94 -35.66 -44.24
CA ALA V 136 -20.20 -35.26 -43.59
C ALA V 136 -20.25 -35.58 -42.08
N GLY V 137 -20.88 -34.68 -41.33
CA GLY V 137 -20.91 -34.77 -39.87
C GLY V 137 -19.53 -34.48 -39.29
N SER V 138 -18.77 -33.63 -39.98
CA SER V 138 -17.41 -33.28 -39.56
C SER V 138 -17.48 -32.53 -38.26
N ARG V 139 -18.54 -31.72 -38.14
CA ARG V 139 -18.75 -30.90 -36.96
C ARG V 139 -19.04 -31.72 -35.71
N LEU V 140 -19.62 -32.90 -35.90
CA LEU V 140 -19.99 -33.76 -34.77
C LEU V 140 -18.82 -34.61 -34.32
N VAL V 141 -18.07 -35.12 -35.29
CA VAL V 141 -16.84 -35.84 -35.01
C VAL V 141 -15.89 -34.90 -34.25
N SER V 142 -15.77 -33.67 -34.76
CA SER V 142 -15.01 -32.60 -34.13
C SER V 142 -15.42 -32.39 -32.65
N LEU V 143 -16.72 -32.17 -32.44
CA LEU V 143 -17.27 -31.91 -31.11
C LEU V 143 -17.00 -33.03 -30.11
N MET V 144 -17.19 -34.26 -30.56
CA MET V 144 -16.99 -35.43 -29.70
C MET V 144 -15.51 -35.62 -29.40
N ALA V 145 -14.68 -35.43 -30.43
CA ALA V 145 -13.24 -35.44 -30.24
C ALA V 145 -12.87 -34.45 -29.13
N ALA V 146 -13.41 -33.25 -29.24
CA ALA V 146 -13.20 -32.21 -28.24
C ALA V 146 -13.66 -32.67 -26.86
N SER V 147 -14.89 -33.17 -26.77
CA SER V 147 -15.46 -33.60 -25.51
C SER V 147 -14.54 -34.60 -24.82
N LEU V 148 -14.04 -35.54 -25.59
CA LEU V 148 -13.14 -36.56 -25.07
C LEU V 148 -11.77 -36.01 -24.74
N ALA V 149 -11.27 -35.11 -25.57
CA ALA V 149 -9.98 -34.48 -25.31
C ALA V 149 -10.05 -33.68 -24.01
N LEU V 150 -11.21 -33.07 -23.76
CA LEU V 150 -11.47 -32.37 -22.51
C LEU V 150 -11.48 -33.31 -21.32
N ALA V 151 -12.16 -34.44 -21.50
CA ALA V 151 -12.23 -35.48 -20.49
C ALA V 151 -10.84 -36.03 -20.24
N ASP V 152 -10.06 -36.21 -21.30
CA ASP V 152 -8.69 -36.69 -21.21
C ASP V 152 -7.84 -35.69 -20.43
N ALA V 153 -8.12 -34.40 -20.63
CA ALA V 153 -7.43 -33.32 -19.93
C ALA V 153 -7.76 -33.29 -18.43
N GLY V 154 -8.76 -34.08 -18.03
CA GLY V 154 -9.19 -34.15 -16.63
C GLY V 154 -10.08 -32.98 -16.23
N ILE V 155 -10.53 -32.23 -17.23
CA ILE V 155 -11.43 -31.13 -17.01
C ILE V 155 -12.83 -31.68 -16.74
N PRO V 156 -13.44 -31.27 -15.61
CA PRO V 156 -14.73 -31.83 -15.23
C PRO V 156 -15.90 -31.23 -16.03
N MET V 157 -16.72 -32.10 -16.60
CA MET V 157 -17.92 -31.68 -17.32
C MET V 157 -19.13 -32.36 -16.71
N ARG V 158 -20.32 -31.92 -17.09
CA ARG V 158 -21.57 -32.53 -16.62
C ARG V 158 -21.74 -33.93 -17.20
N ASP V 159 -21.31 -34.09 -18.45
CA ASP V 159 -21.44 -35.36 -19.16
C ASP V 159 -20.55 -35.31 -20.40
N LEU V 160 -20.30 -36.47 -21.00
CA LEU V 160 -19.69 -36.53 -22.31
C LEU V 160 -20.72 -36.10 -23.36
N ILE V 161 -20.24 -35.58 -24.48
CA ILE V 161 -21.13 -35.21 -25.58
C ILE V 161 -21.01 -36.23 -26.69
N ALA V 162 -22.15 -36.74 -27.14
CA ALA V 162 -22.22 -37.68 -28.25
C ALA V 162 -23.21 -37.15 -29.30
N GLY V 163 -22.91 -37.37 -30.58
CA GLY V 163 -23.75 -36.86 -31.67
C GLY V 163 -23.75 -37.62 -32.99
N VAL V 164 -24.88 -37.56 -33.69
CA VAL V 164 -25.02 -38.08 -35.05
C VAL V 164 -25.67 -37.07 -35.94
N ALA V 165 -25.35 -37.16 -37.23
CA ALA V 165 -26.14 -36.53 -38.28
C ALA V 165 -27.27 -37.49 -38.68
N VAL V 166 -28.51 -37.03 -38.60
CA VAL V 166 -29.64 -37.84 -39.05
C VAL V 166 -30.31 -37.09 -40.20
N GLY V 167 -30.88 -37.81 -41.16
CA GLY V 167 -31.42 -37.15 -42.35
C GLY V 167 -32.51 -37.88 -43.10
N LYS V 168 -32.95 -37.30 -44.20
CA LYS V 168 -33.96 -37.90 -45.07
C LYS V 168 -33.35 -38.06 -46.46
N ALA V 169 -33.32 -39.29 -46.96
CA ALA V 169 -32.65 -39.63 -48.22
C ALA V 169 -33.59 -39.56 -49.44
N ASP V 170 -34.15 -40.70 -49.81
CA ASP V 170 -35.15 -40.75 -50.89
C ASP V 170 -36.52 -40.89 -50.23
N GLY V 171 -36.83 -39.92 -49.37
CA GLY V 171 -38.05 -39.95 -48.57
C GLY V 171 -37.93 -40.93 -47.42
N VAL V 172 -36.75 -41.54 -47.29
CA VAL V 172 -36.45 -42.47 -46.20
C VAL V 172 -35.60 -41.79 -45.15
N ILE V 173 -36.01 -41.88 -43.89
CA ILE V 173 -35.20 -41.33 -42.81
C ILE V 173 -34.01 -42.23 -42.49
N ILE V 174 -32.82 -41.65 -42.51
CA ILE V 174 -31.58 -42.43 -42.38
C ILE V 174 -30.64 -41.89 -41.29
N LEU V 175 -29.83 -42.79 -40.75
CA LEU V 175 -28.96 -42.47 -39.62
C LEU V 175 -27.51 -42.38 -40.06
N ASP V 176 -26.81 -41.35 -39.60
CA ASP V 176 -25.38 -41.12 -39.89
C ASP V 176 -25.05 -40.93 -41.38
N LEU V 177 -24.97 -39.67 -41.82
CA LEU V 177 -24.95 -39.37 -43.25
C LEU V 177 -23.59 -39.50 -43.93
N ASN V 178 -23.64 -39.88 -45.21
CA ASN V 178 -22.50 -39.86 -46.12
C ASN V 178 -22.17 -38.47 -46.61
N GLU V 179 -20.99 -38.35 -47.21
CA GLU V 179 -20.68 -37.21 -48.05
C GLU V 179 -21.79 -37.08 -49.09
N THR V 180 -22.08 -38.20 -49.75
CA THR V 180 -23.11 -38.32 -50.77
C THR V 180 -24.51 -37.98 -50.26
N GLU V 181 -24.86 -38.57 -49.12
CA GLU V 181 -26.18 -38.40 -48.55
C GLU V 181 -26.43 -36.97 -48.08
N ASP V 182 -25.36 -36.30 -47.63
CA ASP V 182 -25.45 -34.89 -47.22
C ASP V 182 -25.78 -34.03 -48.44
N MET V 183 -25.14 -34.40 -49.56
CA MET V 183 -25.23 -33.70 -50.84
C MET V 183 -26.61 -33.71 -51.45
N TRP V 184 -27.18 -34.91 -51.57
CA TRP V 184 -28.36 -35.14 -52.39
C TRP V 184 -29.68 -35.38 -51.65
N GLY V 185 -29.60 -35.67 -50.36
CA GLY V 185 -30.80 -35.90 -49.56
C GLY V 185 -31.55 -34.63 -49.25
N GLU V 186 -32.85 -34.75 -48.97
CA GLU V 186 -33.72 -33.62 -48.66
C GLU V 186 -33.34 -32.88 -47.37
N ALA V 187 -32.72 -33.60 -46.43
CA ALA V 187 -32.44 -33.06 -45.11
C ALA V 187 -31.17 -33.60 -44.46
N ASP V 188 -30.49 -32.71 -43.75
CA ASP V 188 -29.30 -33.04 -42.99
C ASP V 188 -29.48 -32.37 -41.61
N MET V 189 -29.53 -33.18 -40.57
CA MET V 189 -29.84 -32.69 -39.24
C MET V 189 -28.88 -33.22 -38.18
N PRO V 190 -27.72 -32.55 -38.01
CA PRO V 190 -26.84 -32.81 -36.86
C PRO V 190 -27.48 -32.56 -35.47
N ILE V 191 -27.30 -33.53 -34.57
CA ILE V 191 -27.82 -33.47 -33.20
C ILE V 191 -26.78 -34.00 -32.20
N ALA V 192 -26.52 -33.24 -31.14
CA ALA V 192 -25.58 -33.65 -30.10
C ALA V 192 -26.21 -33.62 -28.71
N MET V 193 -25.83 -34.57 -27.86
CA MET V 193 -26.46 -34.74 -26.56
C MET V 193 -25.48 -34.95 -25.42
N MET V 194 -25.92 -34.61 -24.22
CA MET V 194 -25.37 -35.16 -22.99
C MET V 194 -26.33 -36.28 -22.63
N PRO V 195 -26.06 -37.50 -23.13
CA PRO V 195 -27.06 -38.56 -23.18
C PRO V 195 -27.59 -38.98 -21.82
N SER V 196 -26.72 -38.97 -20.81
CA SER V 196 -27.11 -39.34 -19.45
C SER V 196 -28.10 -38.35 -18.87
N LEU V 197 -27.96 -37.09 -19.23
CA LEU V 197 -28.84 -36.02 -18.76
C LEU V 197 -30.00 -35.78 -19.72
N ASN V 198 -30.02 -36.50 -20.83
CA ASN V 198 -30.99 -36.29 -21.92
C ASN V 198 -31.10 -34.84 -22.37
N GLN V 199 -29.94 -34.24 -22.61
CA GLN V 199 -29.81 -32.83 -22.88
C GLN V 199 -29.22 -32.59 -24.28
N VAL V 200 -29.92 -31.78 -25.07
CA VAL V 200 -29.47 -31.42 -26.40
C VAL V 200 -28.52 -30.23 -26.35
N THR V 201 -27.37 -30.42 -26.97
CA THR V 201 -26.21 -29.57 -26.84
C THR V 201 -25.97 -28.78 -28.11
N LEU V 202 -26.15 -29.47 -29.24
CA LEU V 202 -26.09 -28.88 -30.57
C LEU V 202 -27.29 -29.40 -31.35
N PHE V 203 -27.96 -28.50 -32.06
CA PHE V 203 -29.09 -28.91 -32.88
C PHE V 203 -29.26 -28.04 -34.10
N GLN V 204 -29.15 -28.66 -35.28
CA GLN V 204 -29.28 -27.96 -36.55
C GLN V 204 -29.99 -28.78 -37.61
N LEU V 205 -30.83 -28.13 -38.41
CA LEU V 205 -31.37 -28.76 -39.61
C LEU V 205 -31.21 -27.84 -40.80
N ASN V 206 -30.64 -28.38 -41.86
CA ASN V 206 -30.68 -27.72 -43.17
C ASN V 206 -31.32 -28.66 -44.19
N GLY V 207 -32.31 -28.14 -44.88
CA GLY V 207 -33.13 -28.95 -45.76
C GLY V 207 -34.57 -28.84 -45.36
N SER V 208 -35.35 -29.87 -45.65
CA SER V 208 -36.79 -29.81 -45.52
C SER V 208 -37.36 -31.05 -44.84
N MET V 209 -38.29 -30.85 -43.90
CA MET V 209 -38.95 -31.94 -43.17
C MET V 209 -40.35 -31.59 -42.68
N THR V 210 -41.28 -32.55 -42.76
CA THR V 210 -42.58 -32.39 -42.12
C THR V 210 -42.38 -32.63 -40.63
N PRO V 211 -43.16 -31.92 -39.79
CA PRO V 211 -43.06 -32.10 -38.36
C PRO V 211 -42.94 -33.56 -37.92
N ASP V 212 -43.64 -34.45 -38.62
CA ASP V 212 -43.61 -35.90 -38.34
C ASP V 212 -42.21 -36.46 -38.57
N GLU V 213 -41.74 -36.30 -39.81
CA GLU V 213 -40.41 -36.77 -40.22
C GLU V 213 -39.35 -36.23 -39.28
N PHE V 214 -39.52 -34.96 -38.90
CA PHE V 214 -38.66 -34.32 -37.93
C PHE V 214 -38.61 -35.13 -36.63
N ARG V 215 -39.78 -35.48 -36.11
CA ARG V 215 -39.87 -36.24 -34.86
C ARG V 215 -39.37 -37.68 -34.97
N GLN V 216 -39.56 -38.31 -36.14
CA GLN V 216 -39.05 -39.66 -36.38
C GLN V 216 -37.54 -39.68 -36.39
N ALA V 217 -36.95 -38.81 -37.21
CA ALA V 217 -35.50 -38.68 -37.34
C ALA V 217 -34.90 -38.41 -35.98
N PHE V 218 -35.62 -37.60 -35.20
CA PHE V 218 -35.22 -37.23 -33.85
C PHE V 218 -35.09 -38.47 -32.94
N ASP V 219 -36.11 -39.34 -32.97
CA ASP V 219 -36.12 -40.59 -32.19
C ASP V 219 -34.95 -41.50 -32.52
N LEU V 220 -34.66 -41.58 -33.82
CA LEU V 220 -33.59 -42.41 -34.35
C LEU V 220 -32.23 -41.87 -33.92
N ALA V 221 -32.04 -40.55 -34.02
CA ALA V 221 -30.81 -39.89 -33.63
C ALA V 221 -30.40 -40.28 -32.21
N VAL V 222 -31.37 -40.34 -31.30
CA VAL V 222 -31.16 -40.72 -29.90
C VAL V 222 -30.57 -42.12 -29.80
N LYS V 223 -31.24 -43.09 -30.43
CA LYS V 223 -30.79 -44.49 -30.47
C LYS V 223 -29.35 -44.64 -30.93
N GLY V 224 -29.00 -43.88 -31.97
CA GLY V 224 -27.63 -43.78 -32.45
C GLY V 224 -26.71 -43.21 -31.39
N ILE V 225 -27.03 -42.01 -30.93
CA ILE V 225 -26.25 -41.31 -29.91
C ILE V 225 -25.90 -42.20 -28.72
N ASN V 226 -26.86 -43.02 -28.27
CA ASN V 226 -26.65 -43.90 -27.12
C ASN V 226 -25.57 -44.94 -27.35
N ILE V 227 -25.56 -45.54 -28.54
CA ILE V 227 -24.55 -46.53 -28.92
C ILE V 227 -23.13 -45.90 -28.95
N ILE V 228 -23.06 -44.70 -29.52
CA ILE V 228 -21.83 -43.91 -29.56
C ILE V 228 -21.35 -43.56 -28.15
N TYR V 229 -22.29 -43.11 -27.31
CA TYR V 229 -22.01 -42.71 -25.93
C TYR V 229 -21.36 -43.84 -25.13
N ASN V 230 -21.74 -45.07 -25.41
CA ASN V 230 -21.15 -46.24 -24.77
C ASN V 230 -19.71 -46.48 -25.16
N LEU V 231 -19.39 -46.21 -26.42
CA LEU V 231 -18.05 -46.33 -26.91
C LEU V 231 -17.18 -45.24 -26.31
N GLU V 232 -17.77 -44.07 -26.11
CA GLU V 232 -17.05 -42.96 -25.48
C GLU V 232 -16.65 -43.31 -24.05
N ARG V 233 -17.60 -43.88 -23.30
CA ARG V 233 -17.34 -44.38 -21.95
C ARG V 233 -16.21 -45.38 -21.95
N GLU V 234 -16.23 -46.26 -22.95
CA GLU V 234 -15.23 -47.30 -23.11
C GLU V 234 -13.85 -46.73 -23.47
N ALA V 235 -13.84 -45.74 -24.36
CA ALA V 235 -12.61 -45.08 -24.78
C ALA V 235 -11.95 -44.38 -23.60
N LEU V 236 -12.77 -43.96 -22.64
CA LEU V 236 -12.28 -43.29 -21.47
C LEU V 236 -11.49 -44.26 -20.59
N LYS V 237 -12.07 -45.43 -20.36
CA LYS V 237 -11.45 -46.48 -19.54
C LYS V 237 -10.21 -47.12 -20.17
N SER V 238 -10.34 -47.59 -21.41
CA SER V 238 -9.28 -48.34 -22.04
C SER V 238 -8.40 -47.53 -23.02
N LYS V 239 -8.69 -46.23 -23.14
CA LYS V 239 -7.92 -45.33 -24.03
C LYS V 239 -8.00 -45.63 -25.54
N TYR V 240 -8.61 -46.75 -25.92
CA TYR V 240 -8.71 -47.15 -27.33
C TYR V 240 -9.93 -48.03 -27.65
N VAL V 241 -10.69 -47.64 -28.67
CA VAL V 241 -11.96 -48.29 -29.02
C VAL V 241 -12.13 -48.43 -30.53
N GLU V 242 -12.51 -49.64 -30.96
CA GLU V 242 -12.85 -49.92 -32.36
C GLU V 242 -14.21 -50.60 -32.52
N PHE V 243 -15.02 -50.08 -33.44
CA PHE V 243 -16.39 -50.53 -33.62
C PHE V 243 -16.72 -50.72 -35.10
N LYS V 244 -16.84 -51.98 -35.50
CA LYS V 244 -17.30 -52.31 -36.84
C LYS V 244 -18.78 -51.92 -36.93
N GLU V 245 -19.18 -51.35 -38.08
CA GLU V 245 -20.55 -50.85 -38.31
C GLU V 245 -21.64 -51.83 -37.92
N GLU V 246 -22.77 -51.30 -37.46
CA GLU V 246 -24.00 -52.07 -37.34
C GLU V 246 -25.24 -51.25 -37.02
N GLY V 247 -26.37 -51.95 -37.00
CA GLY V 247 -27.68 -51.33 -36.83
C GLY V 247 -28.01 -50.95 -35.41
N MET W 1 -12.74 2.34 -38.75
CA MET W 1 -13.18 3.42 -37.81
C MET W 1 -12.07 4.40 -37.39
N SER W 2 -12.38 5.70 -37.41
CA SER W 2 -11.43 6.77 -37.08
C SER W 2 -11.56 7.21 -35.63
N SER W 3 -10.43 7.46 -34.98
CA SER W 3 -10.44 7.87 -33.58
C SER W 3 -9.30 8.81 -33.22
N THR W 4 -9.53 9.65 -32.20
CA THR W 4 -8.56 10.64 -31.75
C THR W 4 -7.21 9.99 -31.45
N PRO W 5 -6.11 10.51 -32.06
CA PRO W 5 -4.79 9.91 -31.86
C PRO W 5 -4.35 10.01 -30.41
N SER W 6 -4.06 8.86 -29.81
CA SER W 6 -3.65 8.79 -28.40
C SER W 6 -2.17 9.10 -28.19
N ASN W 7 -1.35 8.86 -29.20
CA ASN W 7 0.10 9.12 -29.10
C ASN W 7 0.51 10.60 -29.20
N GLN W 8 0.27 11.24 -30.36
CA GLN W 8 0.79 12.59 -30.69
C GLN W 8 1.14 13.45 -29.44
N ASN W 9 2.44 13.71 -29.25
CA ASN W 9 3.00 14.28 -27.99
C ASN W 9 2.40 15.64 -27.51
N ILE W 10 1.34 15.55 -26.68
CA ILE W 10 0.68 16.69 -25.99
C ILE W 10 1.70 17.72 -25.44
N ILE W 11 2.00 18.72 -26.29
CA ILE W 11 3.04 19.72 -26.04
C ILE W 11 2.57 20.84 -25.08
N PRO W 12 3.22 20.95 -23.89
CA PRO W 12 2.77 21.75 -22.74
C PRO W 12 2.30 23.17 -23.05
N ILE W 13 1.46 23.68 -22.16
CA ILE W 13 0.90 25.03 -22.26
C ILE W 13 2.03 26.02 -22.43
N ILE W 14 3.05 25.89 -21.58
CA ILE W 14 4.17 26.82 -21.49
C ILE W 14 4.89 26.98 -22.80
N LYS W 15 5.30 25.86 -23.41
CA LYS W 15 6.03 25.89 -24.67
C LYS W 15 5.27 26.63 -25.78
N LYS W 16 3.95 26.52 -25.77
CA LYS W 16 3.13 27.20 -26.78
C LYS W 16 3.28 28.72 -26.74
N GLU W 17 3.25 29.30 -25.52
CA GLU W 17 3.37 30.75 -25.32
C GLU W 17 4.70 31.32 -25.75
N SER W 18 5.76 30.52 -25.65
CA SER W 18 7.10 30.90 -26.11
C SER W 18 7.08 31.18 -27.59
N ILE W 19 6.45 30.27 -28.32
CA ILE W 19 6.35 30.35 -29.77
C ILE W 19 5.42 31.49 -30.19
N VAL W 20 4.31 31.66 -29.46
CA VAL W 20 3.33 32.69 -29.76
C VAL W 20 3.92 34.08 -29.50
N SER W 21 4.62 34.22 -28.38
CA SER W 21 5.25 35.49 -28.02
C SER W 21 6.24 35.94 -29.10
N LEU W 22 6.84 34.97 -29.78
CA LEU W 22 7.73 35.23 -30.91
C LEU W 22 6.92 35.67 -32.13
N PHE W 23 5.81 34.97 -32.38
CA PHE W 23 4.93 35.28 -33.51
C PHE W 23 4.43 36.71 -33.43
N GLU W 24 4.24 37.16 -32.20
CA GLU W 24 3.80 38.50 -31.91
C GLU W 24 4.80 39.51 -32.39
N LYS W 25 6.07 39.10 -32.46
CA LYS W 25 7.13 39.94 -32.98
C LYS W 25 7.43 39.60 -34.45
N GLY W 26 6.56 38.80 -35.06
CA GLY W 26 6.69 38.44 -36.47
C GLY W 26 7.86 37.53 -36.82
N ILE W 27 8.40 36.83 -35.82
CA ILE W 27 9.52 35.91 -36.02
C ILE W 27 9.19 34.52 -35.44
N ARG W 28 9.92 33.50 -35.90
CA ARG W 28 9.76 32.14 -35.38
C ARG W 28 11.04 31.64 -34.73
N GLN W 29 11.00 30.40 -34.24
CA GLN W 29 12.14 29.78 -33.55
C GLN W 29 13.35 29.67 -34.47
N ASP W 30 13.15 29.08 -35.64
CA ASP W 30 14.22 28.87 -36.62
C ASP W 30 14.75 30.17 -37.23
N GLY W 31 13.96 31.24 -37.14
CA GLY W 31 14.42 32.56 -37.54
C GLY W 31 13.59 33.21 -38.63
N ARG W 32 12.84 32.38 -39.35
CA ARG W 32 12.10 32.86 -40.52
C ARG W 32 10.87 33.68 -40.14
N LYS W 33 10.44 34.53 -41.06
CA LYS W 33 9.23 35.34 -40.91
C LYS W 33 8.00 34.45 -40.99
N LEU W 34 6.84 35.01 -40.62
CA LEU W 34 5.61 34.22 -40.52
C LEU W 34 5.18 33.58 -41.85
N THR W 35 5.61 34.18 -42.97
CA THR W 35 5.20 33.72 -44.30
C THR W 35 6.31 33.00 -45.07
N ASP W 36 7.43 32.77 -44.39
CA ASP W 36 8.62 32.16 -45.02
C ASP W 36 8.56 30.65 -45.19
N TYR W 37 9.22 30.15 -46.22
CA TYR W 37 9.38 28.72 -46.38
C TYR W 37 10.71 28.20 -45.85
N ARG W 38 10.70 27.00 -45.28
CA ARG W 38 11.95 26.36 -44.87
C ARG W 38 12.85 26.10 -46.08
N PRO W 39 14.18 25.90 -45.83
CA PRO W 39 15.12 25.63 -46.94
C PRO W 39 14.73 24.38 -47.71
N LEU W 40 14.75 24.46 -49.03
CA LEU W 40 14.29 23.36 -49.87
C LEU W 40 15.40 22.78 -50.76
N SER W 41 15.63 21.48 -50.62
CA SER W 41 16.57 20.75 -51.47
C SER W 41 15.85 19.68 -52.24
N ILE W 42 16.13 19.56 -53.53
CA ILE W 42 15.59 18.47 -54.33
C ILE W 42 16.69 17.83 -55.12
N THR W 43 16.80 16.51 -54.95
CA THR W 43 17.76 15.68 -55.65
C THR W 43 16.99 14.77 -56.57
N LEU W 44 17.10 14.99 -57.87
CA LEU W 44 16.37 14.21 -58.86
C LEU W 44 17.03 12.87 -59.16
N ASP W 45 16.24 11.94 -59.68
CA ASP W 45 16.67 10.56 -59.97
C ASP W 45 17.47 9.98 -58.82
N TYR W 46 16.85 9.91 -57.65
CA TYR W 46 17.56 9.44 -56.47
C TYR W 46 17.52 7.93 -56.38
N ALA W 47 16.33 7.33 -56.44
CA ALA W 47 16.22 5.87 -56.53
C ALA W 47 16.43 5.50 -57.98
N LYS W 48 17.53 4.82 -58.25
CA LYS W 48 17.97 4.53 -59.62
C LYS W 48 17.04 3.54 -60.31
N LYS W 49 16.48 2.61 -59.55
CA LYS W 49 15.60 1.59 -60.15
C LYS W 49 14.15 2.04 -60.40
N ALA W 50 13.86 3.30 -60.07
CA ALA W 50 12.59 3.94 -60.42
C ALA W 50 12.65 4.47 -61.85
N ASP W 51 11.47 4.74 -62.41
CA ASP W 51 11.34 5.34 -63.73
C ASP W 51 11.66 6.83 -63.63
N GLY W 52 11.17 7.45 -62.57
CA GLY W 52 11.57 8.80 -62.16
C GLY W 52 11.52 8.85 -60.65
N SER W 53 12.43 9.62 -60.05
CA SER W 53 12.47 9.75 -58.60
C SER W 53 12.93 11.13 -58.16
N ALA W 54 12.59 11.47 -56.92
CA ALA W 54 12.99 12.73 -56.35
C ALA W 54 13.08 12.68 -54.82
N LEU W 55 14.24 13.08 -54.30
CA LEU W 55 14.43 13.22 -52.86
C LEU W 55 14.32 14.68 -52.46
N VAL W 56 13.29 14.99 -51.68
CA VAL W 56 12.97 16.35 -51.26
C VAL W 56 13.23 16.55 -49.77
N LYS W 57 14.01 17.58 -49.43
CA LYS W 57 14.21 18.03 -48.05
C LYS W 57 13.61 19.40 -47.86
N LEU W 58 12.46 19.44 -47.21
CA LEU W 58 11.87 20.70 -46.83
C LEU W 58 12.07 20.86 -45.32
N GLY W 59 13.03 21.71 -44.94
CA GLY W 59 13.48 21.78 -43.55
C GLY W 59 14.03 20.43 -43.16
N THR W 60 13.52 19.87 -42.06
CA THR W 60 13.96 18.54 -41.61
C THR W 60 13.08 17.38 -42.10
N THR W 61 11.99 17.72 -42.82
CA THR W 61 11.14 16.72 -43.46
C THR W 61 11.86 16.13 -44.65
N MET W 62 11.77 14.81 -44.81
CA MET W 62 12.29 14.14 -46.00
C MET W 62 11.30 13.22 -46.64
N VAL W 63 11.13 13.41 -47.95
CA VAL W 63 10.23 12.59 -48.71
C VAL W 63 10.97 12.09 -49.94
N LEU W 64 10.85 10.80 -50.21
CA LEU W 64 11.34 10.24 -51.45
C LEU W 64 10.15 9.71 -52.26
N ALA W 65 9.94 10.29 -53.44
CA ALA W 65 8.89 9.84 -54.34
C ALA W 65 9.49 9.18 -55.55
N GLY W 66 8.84 8.13 -56.01
CA GLY W 66 9.32 7.40 -57.15
C GLY W 66 8.18 6.89 -58.00
N THR W 67 8.33 7.00 -59.32
CA THR W 67 7.34 6.49 -60.27
C THR W 67 7.73 5.15 -60.85
N LYS W 68 6.72 4.40 -61.25
CA LYS W 68 6.92 3.12 -61.92
C LYS W 68 5.79 2.94 -62.91
N LEU W 69 6.14 2.77 -64.18
CA LEU W 69 5.15 2.67 -65.26
C LEU W 69 4.85 1.24 -65.62
N GLU W 70 3.58 0.99 -65.91
CA GLU W 70 3.11 -0.34 -66.29
C GLU W 70 2.02 -0.23 -67.34
N ILE W 71 1.93 -1.24 -68.19
CA ILE W 71 0.91 -1.27 -69.24
C ILE W 71 -0.28 -2.10 -68.78
N ASP W 72 -1.45 -1.46 -68.75
CA ASP W 72 -2.68 -2.11 -68.30
C ASP W 72 -3.84 -1.85 -69.27
N LYS W 73 -4.86 -2.70 -69.23
CA LYS W 73 -6.14 -2.38 -69.81
C LYS W 73 -6.73 -1.27 -68.96
N PRO W 74 -7.25 -0.21 -69.58
CA PRO W 74 -7.82 0.89 -68.80
C PRO W 74 -9.12 0.47 -68.15
N TYR W 75 -9.56 1.26 -67.19
CA TYR W 75 -10.81 0.98 -66.51
C TYR W 75 -11.97 0.82 -67.49
N GLU W 76 -12.82 -0.16 -67.22
CA GLU W 76 -14.04 -0.32 -68.01
C GLU W 76 -14.84 0.98 -67.92
N ASP W 77 -14.73 1.66 -66.79
CA ASP W 77 -15.35 2.97 -66.57
C ASP W 77 -14.76 4.07 -67.48
N THR W 78 -13.42 4.20 -67.48
CA THR W 78 -12.70 5.29 -68.18
C THR W 78 -11.77 4.74 -69.29
N PRO W 79 -12.36 4.38 -70.45
CA PRO W 79 -11.67 3.60 -71.48
C PRO W 79 -10.65 4.37 -72.31
N ASN W 80 -10.60 5.70 -72.14
CA ASN W 80 -9.68 6.52 -72.90
C ASN W 80 -8.64 7.26 -72.06
N GLN W 81 -8.20 6.59 -71.00
CA GLN W 81 -7.30 7.20 -70.05
C GLN W 81 -6.30 6.21 -69.50
N GLY W 82 -5.08 6.72 -69.30
CA GLY W 82 -4.09 6.06 -68.49
C GLY W 82 -4.47 6.25 -67.02
N ASN W 83 -3.88 5.43 -66.16
CA ASN W 83 -4.26 5.41 -64.77
C ASN W 83 -3.17 6.03 -63.91
N LEU W 84 -3.61 6.75 -62.87
CA LEU W 84 -2.70 7.27 -61.87
C LEU W 84 -3.04 6.64 -60.54
N ILE W 85 -2.08 5.92 -59.96
CA ILE W 85 -2.28 5.39 -58.65
C ILE W 85 -1.24 6.04 -57.80
N VAL W 86 -1.71 6.83 -56.84
CA VAL W 86 -0.82 7.54 -55.94
C VAL W 86 -0.69 6.68 -54.70
N ASN W 87 0.26 7.02 -53.84
CA ASN W 87 0.53 6.18 -52.71
C ASN W 87 1.46 6.80 -51.70
N VAL W 88 0.97 6.99 -50.48
CA VAL W 88 1.81 7.55 -49.43
C VAL W 88 1.97 6.56 -48.30
N GLU W 89 3.21 6.27 -47.94
CA GLU W 89 3.53 5.48 -46.78
C GLU W 89 4.33 6.33 -45.82
N LEU W 90 3.68 6.77 -44.74
CA LEU W 90 4.32 7.54 -43.69
C LEU W 90 5.13 6.56 -42.89
N LEU W 91 6.39 6.39 -43.27
CA LEU W 91 7.24 5.41 -42.62
C LEU W 91 7.47 5.77 -41.17
N PRO W 92 7.64 4.75 -40.31
CA PRO W 92 7.87 4.90 -38.87
C PRO W 92 9.33 5.20 -38.57
N LEU W 93 10.10 5.46 -39.63
CA LEU W 93 11.45 5.98 -39.55
C LEU W 93 11.38 7.52 -39.40
N ALA W 94 10.20 8.07 -39.67
CA ALA W 94 10.01 9.52 -39.68
C ALA W 94 10.00 10.13 -38.28
N TYR W 95 9.20 9.55 -37.38
CA TYR W 95 8.87 10.19 -36.12
C TYR W 95 8.90 9.21 -34.94
N GLU W 96 9.31 9.74 -33.79
CA GLU W 96 9.43 9.02 -32.51
C GLU W 96 8.11 8.38 -32.00
N THR W 97 6.96 8.76 -32.58
CA THR W 97 5.64 8.21 -32.20
C THR W 97 4.90 7.61 -33.40
N PHE W 98 5.53 6.60 -34.01
CA PHE W 98 5.02 5.95 -35.23
C PHE W 98 4.96 4.43 -35.21
N GLU W 99 4.02 3.89 -36.01
CA GLU W 99 3.85 2.44 -36.17
C GLU W 99 4.01 2.02 -37.64
N PRO W 100 4.47 0.76 -37.88
CA PRO W 100 4.63 0.14 -39.21
C PRO W 100 3.51 -0.84 -39.61
N GLY W 101 3.39 -1.05 -40.93
CA GLY W 101 2.38 -1.95 -41.53
C GLY W 101 1.31 -1.19 -42.32
N PRO W 102 1.16 -1.50 -43.64
CA PRO W 102 0.46 -0.64 -44.64
C PRO W 102 -0.51 0.50 -44.10
N PRO W 103 -0.49 1.72 -44.74
CA PRO W 103 -1.02 3.07 -44.38
C PRO W 103 -2.10 3.24 -43.32
N ASP W 104 -2.56 4.48 -43.15
CA ASP W 104 -3.61 4.80 -42.20
C ASP W 104 -4.06 6.23 -42.41
N GLU W 105 -5.34 6.45 -42.15
CA GLU W 105 -5.90 7.78 -41.90
C GLU W 105 -5.08 8.97 -42.42
N ASN W 106 -3.94 9.23 -41.78
CA ASN W 106 -3.11 10.36 -42.16
C ASN W 106 -2.45 10.14 -43.51
N ALA W 107 -1.83 8.98 -43.67
CA ALA W 107 -1.20 8.53 -44.94
C ALA W 107 -2.17 8.54 -46.15
N ILE W 108 -3.20 7.72 -46.09
CA ILE W 108 -4.27 7.71 -47.10
C ILE W 108 -4.75 9.13 -47.42
N GLU W 109 -4.99 9.95 -46.40
CA GLU W 109 -5.42 11.33 -46.63
C GLU W 109 -4.42 12.09 -47.48
N LEU W 110 -3.15 11.93 -47.17
CA LEU W 110 -2.09 12.60 -47.92
C LEU W 110 -2.13 12.19 -49.38
N ALA W 111 -2.23 10.89 -49.62
CA ALA W 111 -2.26 10.33 -50.97
C ALA W 111 -3.41 10.88 -51.78
N ARG W 112 -4.61 10.88 -51.21
CA ARG W 112 -5.80 11.36 -51.90
C ARG W 112 -5.73 12.85 -52.17
N VAL W 113 -5.13 13.60 -51.24
CA VAL W 113 -4.97 15.03 -51.41
C VAL W 113 -4.00 15.32 -52.56
N VAL W 114 -2.88 14.60 -52.58
CA VAL W 114 -1.91 14.75 -53.65
C VAL W 114 -2.51 14.28 -54.97
N ASP W 115 -3.20 13.15 -54.92
CA ASP W 115 -3.89 12.64 -56.09
C ASP W 115 -4.78 13.68 -56.70
N ARG W 116 -5.66 14.26 -55.88
CA ARG W 116 -6.69 15.17 -56.38
C ARG W 116 -6.14 16.44 -56.99
N SER W 117 -5.00 16.89 -56.49
CA SER W 117 -4.41 18.10 -57.04
C SER W 117 -3.53 17.83 -58.28
N LEU W 118 -3.23 16.57 -58.56
CA LEU W 118 -2.59 16.23 -59.82
C LEU W 118 -3.63 15.94 -60.90
N ARG W 119 -4.68 15.23 -60.49
CA ARG W 119 -5.72 14.75 -61.37
C ARG W 119 -6.69 15.85 -61.80
N ASP W 120 -7.17 16.63 -60.82
CA ASP W 120 -8.16 17.69 -61.08
C ASP W 120 -7.53 18.91 -61.74
N SER W 121 -6.21 19.07 -61.58
CA SER W 121 -5.49 20.16 -62.24
C SER W 121 -5.08 19.79 -63.64
N LYS W 122 -5.17 18.50 -63.96
CA LYS W 122 -4.72 17.99 -65.25
C LYS W 122 -3.26 18.36 -65.47
N ALA W 123 -2.54 18.49 -64.36
CA ALA W 123 -1.09 18.68 -64.38
C ALA W 123 -0.44 17.54 -65.14
N LEU W 124 -0.97 16.34 -64.92
CA LEU W 124 -0.64 15.17 -65.72
C LEU W 124 -1.83 14.80 -66.58
N ASP W 125 -1.63 14.81 -67.90
CA ASP W 125 -2.71 14.52 -68.82
C ASP W 125 -2.88 13.01 -69.00
N LEU W 126 -3.92 12.47 -68.38
CA LEU W 126 -4.17 11.03 -68.40
C LEU W 126 -4.67 10.53 -69.76
N THR W 127 -5.30 11.42 -70.52
CA THR W 127 -5.80 11.08 -71.86
C THR W 127 -4.64 10.89 -72.85
N LYS W 128 -3.50 11.47 -72.48
CA LYS W 128 -2.23 11.38 -73.20
C LYS W 128 -1.34 10.25 -72.66
N LEU W 129 -1.96 9.20 -72.13
CA LEU W 129 -1.23 8.01 -71.68
C LEU W 129 -1.79 6.75 -72.32
N VAL W 130 -2.64 6.93 -73.33
CA VAL W 130 -3.30 5.82 -74.02
C VAL W 130 -2.37 5.26 -75.10
N ILE W 131 -2.14 3.95 -75.09
CA ILE W 131 -1.38 3.30 -76.16
C ILE W 131 -2.39 2.81 -77.22
N GLU W 132 -2.96 1.64 -76.98
CA GLU W 132 -4.11 1.21 -77.74
C GLU W 132 -5.33 1.76 -77.02
N PRO W 133 -6.19 2.52 -77.73
CA PRO W 133 -7.42 2.99 -77.08
C PRO W 133 -8.31 1.85 -76.63
N GLY W 134 -8.79 1.91 -75.39
CA GLY W 134 -9.63 0.85 -74.85
C GLY W 134 -8.96 -0.49 -74.58
N LYS W 135 -7.84 -0.77 -75.25
CA LYS W 135 -7.10 -2.04 -75.08
C LYS W 135 -5.92 -1.96 -74.09
N SER W 136 -5.07 -0.93 -74.22
CA SER W 136 -3.89 -0.80 -73.36
C SER W 136 -3.47 0.65 -73.10
N VAL W 137 -3.26 1.00 -71.83
CA VAL W 137 -2.82 2.33 -71.41
C VAL W 137 -1.68 2.22 -70.40
N TRP W 138 -1.00 3.34 -70.14
CA TRP W 138 0.04 3.40 -69.13
C TRP W 138 -0.59 3.59 -67.76
N THR W 139 -0.14 2.81 -66.77
CA THR W 139 -0.51 3.05 -65.40
C THR W 139 0.70 3.66 -64.75
N VAL W 140 0.50 4.83 -64.17
CA VAL W 140 1.55 5.54 -63.46
C VAL W 140 1.40 5.32 -61.96
N TRP W 141 2.28 4.48 -61.42
CA TRP W 141 2.38 4.26 -59.97
C TRP W 141 3.27 5.33 -59.36
N LEU W 142 2.68 6.20 -58.54
CA LEU W 142 3.46 7.11 -57.76
C LEU W 142 3.52 6.58 -56.33
N ASP W 143 4.74 6.36 -55.84
CA ASP W 143 4.95 5.90 -54.47
C ASP W 143 5.78 6.91 -53.70
N VAL W 144 5.15 7.52 -52.71
CA VAL W 144 5.77 8.58 -51.94
C VAL W 144 6.08 8.09 -50.54
N TYR W 145 7.35 8.14 -50.16
CA TYR W 145 7.80 7.60 -48.87
C TYR W 145 8.36 8.69 -47.97
N VAL W 146 7.74 8.85 -46.80
CA VAL W 146 8.16 9.87 -45.85
C VAL W 146 9.21 9.28 -44.94
N LEU W 147 10.40 9.86 -44.96
CA LEU W 147 11.53 9.29 -44.24
C LEU W 147 11.86 10.00 -42.93
N ASP W 148 11.50 11.26 -42.84
CA ASP W 148 11.87 12.09 -41.71
C ASP W 148 10.70 13.02 -41.54
N TYR W 149 10.05 12.97 -40.39
CA TYR W 149 8.90 13.84 -40.14
C TYR W 149 9.34 15.17 -39.53
N GLY W 150 9.38 16.22 -40.34
CA GLY W 150 9.79 17.53 -39.85
C GLY W 150 8.63 18.47 -39.69
N GLY W 151 7.42 17.97 -39.99
CA GLY W 151 6.21 18.80 -40.02
C GLY W 151 5.89 19.21 -41.43
N ASN W 152 4.62 19.55 -41.67
CA ASN W 152 4.13 19.95 -42.99
C ASN W 152 4.57 18.97 -44.08
N VAL W 153 4.16 17.74 -43.90
CA VAL W 153 4.51 16.66 -44.80
C VAL W 153 3.80 16.86 -46.14
N LEU W 154 2.56 17.34 -46.10
CA LEU W 154 1.74 17.49 -47.30
C LEU W 154 2.43 18.25 -48.41
N ASP W 155 3.02 19.38 -48.05
CA ASP W 155 3.67 20.22 -49.03
C ASP W 155 4.89 19.56 -49.65
N ALA W 156 5.66 18.86 -48.81
CA ALA W 156 6.84 18.12 -49.25
C ALA W 156 6.51 16.92 -50.14
N CYS W 157 5.30 16.35 -49.98
CA CYS W 157 4.82 15.27 -50.85
C CYS W 157 4.41 15.77 -52.22
N THR W 158 3.59 16.82 -52.24
CA THR W 158 3.26 17.53 -53.47
C THR W 158 4.53 17.79 -54.28
N LEU W 159 5.52 18.37 -53.63
CA LEU W 159 6.81 18.67 -54.27
C LEU W 159 7.56 17.42 -54.77
N ALA W 160 7.82 16.46 -53.88
CA ALA W 160 8.45 15.20 -54.27
C ALA W 160 7.71 14.49 -55.40
N SER W 161 6.38 14.58 -55.41
CA SER W 161 5.56 13.94 -56.44
C SER W 161 5.77 14.61 -57.80
N VAL W 162 5.48 15.91 -57.85
CA VAL W 162 5.64 16.67 -59.07
C VAL W 162 7.04 16.45 -59.66
N ALA W 163 8.05 16.50 -58.78
CA ALA W 163 9.44 16.29 -59.17
C ALA W 163 9.70 14.88 -59.72
N ALA W 164 9.17 13.86 -59.06
CA ALA W 164 9.30 12.49 -59.52
C ALA W 164 8.69 12.33 -60.91
N LEU W 165 7.52 12.92 -61.12
CA LEU W 165 6.83 12.82 -62.40
C LEU W 165 7.59 13.49 -63.54
N TYR W 166 8.16 14.66 -63.24
CA TYR W 166 8.96 15.37 -64.22
C TYR W 166 10.26 14.60 -64.55
N ASN W 167 10.72 13.80 -63.61
CA ASN W 167 11.89 12.99 -63.79
C ASN W 167 11.57 11.68 -64.54
N THR W 168 10.29 11.38 -64.73
CA THR W 168 9.90 10.08 -65.27
C THR W 168 10.25 9.91 -66.73
N LYS W 169 10.84 8.75 -67.02
CA LYS W 169 11.20 8.33 -68.36
C LYS W 169 10.23 7.31 -68.93
N VAL W 170 9.69 7.61 -70.11
CA VAL W 170 8.80 6.67 -70.81
C VAL W 170 9.67 5.77 -71.68
N TYR W 171 9.25 4.53 -71.89
CA TYR W 171 10.04 3.61 -72.68
C TYR W 171 9.44 3.24 -74.04
N LYS W 172 10.23 2.53 -74.84
CA LYS W 172 9.80 2.02 -76.14
C LYS W 172 8.76 0.91 -75.96
N VAL W 173 7.78 0.88 -76.86
CA VAL W 173 6.62 0.01 -76.72
C VAL W 173 6.56 -1.02 -77.86
N GLU W 174 7.26 -2.14 -77.71
CA GLU W 174 7.37 -3.17 -78.78
C GLU W 174 6.07 -3.97 -79.05
N GLN W 175 5.46 -3.76 -80.23
CA GLN W 175 4.19 -4.42 -80.60
C GLN W 175 4.42 -5.75 -81.34
N ILE W 180 2.82 -5.53 -77.28
CA ILE W 180 3.09 -6.81 -76.64
C ILE W 180 4.07 -6.70 -75.47
N SER W 181 5.21 -6.03 -75.68
CA SER W 181 6.28 -5.93 -74.66
C SER W 181 6.86 -4.51 -74.45
N VAL W 182 7.32 -4.22 -73.24
CA VAL W 182 8.04 -2.97 -72.92
C VAL W 182 9.55 -3.19 -73.15
N ASN W 183 10.24 -2.13 -73.57
CA ASN W 183 11.71 -2.19 -73.70
C ASN W 183 12.42 -1.12 -72.86
N LYS W 184 12.98 -1.54 -71.74
CA LYS W 184 13.39 -0.61 -70.68
C LYS W 184 14.80 0.00 -70.82
N ASN W 185 15.33 0.08 -72.04
CA ASN W 185 16.56 0.85 -72.26
C ASN W 185 16.62 1.66 -73.55
N GLU W 186 15.53 1.63 -74.32
CA GLU W 186 15.30 2.64 -75.34
C GLU W 186 14.25 3.62 -74.78
N VAL W 187 14.74 4.74 -74.28
CA VAL W 187 13.91 5.79 -73.69
C VAL W 187 13.23 6.59 -74.80
N VAL W 188 11.90 6.56 -74.81
CA VAL W 188 11.10 7.23 -75.86
C VAL W 188 10.85 8.74 -75.60
N GLY W 189 10.60 9.11 -74.34
CA GLY W 189 10.33 10.52 -74.01
C GLY W 189 10.02 10.75 -72.53
N LYS W 190 9.19 11.75 -72.27
CA LYS W 190 8.82 12.09 -70.89
C LYS W 190 7.32 12.00 -70.67
N LEU W 191 6.89 12.12 -69.42
CA LEU W 191 5.46 12.08 -69.10
C LEU W 191 4.70 13.27 -69.65
N PRO W 192 3.45 13.06 -70.09
CA PRO W 192 2.61 14.14 -70.62
C PRO W 192 2.16 15.11 -69.53
N LEU W 193 3.07 15.98 -69.09
CA LEU W 193 2.82 16.94 -68.02
C LEU W 193 2.52 18.33 -68.55
N ASN W 194 1.36 18.87 -68.17
CA ASN W 194 0.97 20.22 -68.60
C ASN W 194 1.74 21.31 -67.88
N TYR W 195 1.91 21.16 -66.57
CA TYR W 195 2.63 22.11 -65.73
C TYR W 195 2.83 21.53 -64.34
N PRO W 196 3.78 22.09 -63.56
CA PRO W 196 3.91 21.69 -62.15
C PRO W 196 2.79 22.26 -61.27
N VAL W 197 2.63 21.69 -60.07
CA VAL W 197 1.61 22.10 -59.11
C VAL W 197 2.27 22.16 -57.74
N VAL W 198 1.93 23.19 -56.95
CA VAL W 198 2.45 23.30 -55.57
C VAL W 198 1.33 23.32 -54.55
N THR W 199 1.56 22.72 -53.40
CA THR W 199 0.62 22.83 -52.29
C THR W 199 1.25 23.62 -51.16
N ILE W 200 0.53 24.65 -50.74
CA ILE W 200 0.99 25.54 -49.66
C ILE W 200 0.09 25.38 -48.45
N SER W 201 0.69 25.03 -47.31
CA SER W 201 -0.02 24.85 -46.06
C SER W 201 0.17 26.07 -45.14
N VAL W 202 -0.95 26.61 -44.67
CA VAL W 202 -0.97 27.74 -43.73
C VAL W 202 -1.60 27.28 -42.42
N ALA W 203 -0.84 27.37 -41.34
CA ALA W 203 -1.31 26.93 -40.04
C ALA W 203 -1.81 28.12 -39.25
N LYS W 204 -2.97 27.95 -38.63
CA LYS W 204 -3.50 28.95 -37.72
C LYS W 204 -3.05 28.56 -36.32
N VAL W 205 -2.16 29.36 -35.75
CA VAL W 205 -1.74 29.21 -34.37
C VAL W 205 -2.21 30.45 -33.62
N ASP W 206 -2.99 30.25 -32.57
CA ASP W 206 -3.55 31.34 -31.80
C ASP W 206 -4.33 32.27 -32.74
N LYS W 207 -3.82 33.48 -32.94
CA LYS W 207 -4.46 34.45 -33.85
C LYS W 207 -3.62 34.68 -35.09
N TYR W 208 -2.47 34.03 -35.16
CA TYR W 208 -1.54 34.23 -36.27
C TYR W 208 -1.69 33.15 -37.35
N LEU W 209 -1.30 33.49 -38.57
CA LEU W 209 -1.20 32.54 -39.65
C LEU W 209 0.25 32.32 -40.05
N VAL W 210 0.60 31.06 -40.28
CA VAL W 210 2.00 30.67 -40.47
C VAL W 210 2.18 29.73 -41.68
N VAL W 211 3.04 30.13 -42.61
CA VAL W 211 3.28 29.34 -43.82
C VAL W 211 4.32 28.27 -43.52
N ASP W 212 4.05 27.05 -44.00
CA ASP W 212 4.95 25.93 -43.79
C ASP W 212 5.28 25.75 -42.30
N PRO W 213 4.33 25.19 -41.52
CA PRO W 213 4.59 24.97 -40.10
C PRO W 213 5.59 23.85 -39.86
N ASP W 214 6.51 24.04 -38.94
CA ASP W 214 7.45 22.95 -38.61
C ASP W 214 6.85 21.98 -37.59
N LEU W 215 7.68 21.10 -37.03
CA LEU W 215 7.18 20.05 -36.15
C LEU W 215 6.52 20.60 -34.89
N ASP W 216 7.23 21.54 -34.24
CA ASP W 216 6.71 22.25 -33.05
C ASP W 216 5.44 23.01 -33.37
N GLU W 217 5.51 23.81 -34.44
CA GLU W 217 4.40 24.64 -34.86
C GLU W 217 3.14 23.84 -35.17
N GLU W 218 3.32 22.67 -35.78
CA GLU W 218 2.20 21.78 -36.05
C GLU W 218 1.55 21.28 -34.77
N SER W 219 2.37 20.88 -33.80
CA SER W 219 1.85 20.31 -32.56
C SER W 219 1.10 21.33 -31.69
N ILE W 220 1.25 22.62 -31.97
CA ILE W 220 0.57 23.67 -31.19
C ILE W 220 -0.52 24.42 -31.97
N MET W 221 -0.62 24.17 -33.27
CA MET W 221 -1.60 24.85 -34.12
C MET W 221 -3.02 24.39 -33.82
N ASP W 222 -3.99 25.26 -34.05
CA ASP W 222 -5.43 24.95 -33.92
C ASP W 222 -5.80 24.02 -35.07
N ALA W 223 -5.47 24.46 -36.27
CA ALA W 223 -5.76 23.76 -37.51
C ALA W 223 -4.85 24.31 -38.61
N LYS W 224 -4.71 23.54 -39.69
CA LYS W 224 -4.03 24.03 -40.89
C LYS W 224 -4.90 23.84 -42.13
N ILE W 225 -4.66 24.66 -43.15
CA ILE W 225 -5.40 24.60 -44.39
C ILE W 225 -4.42 24.63 -45.56
N SER W 226 -4.63 23.74 -46.53
CA SER W 226 -3.68 23.62 -47.62
C SER W 226 -4.29 24.01 -48.96
N PHE W 227 -3.55 24.76 -49.76
CA PHE W 227 -4.03 25.23 -51.07
C PHE W 227 -3.11 24.74 -52.16
N SER W 228 -3.71 24.15 -53.19
CA SER W 228 -2.98 23.68 -54.35
C SER W 228 -3.15 24.69 -55.47
N TYR W 229 -2.05 24.99 -56.15
CA TYR W 229 -2.05 26.01 -57.20
C TYR W 229 -1.38 25.51 -58.47
N THR W 230 -1.98 25.87 -59.59
CA THR W 230 -1.35 25.75 -60.90
C THR W 230 -0.50 27.01 -61.13
N PRO W 231 0.46 26.95 -62.08
CA PRO W 231 1.38 28.07 -62.30
C PRO W 231 0.67 29.36 -62.54
N ASP W 232 -0.52 29.29 -63.16
CA ASP W 232 -1.34 30.47 -63.44
C ASP W 232 -2.08 31.02 -62.20
N LEU W 233 -1.99 30.29 -61.09
CA LEU W 233 -2.61 30.64 -59.82
C LEU W 233 -4.12 30.39 -59.80
N LYS W 234 -4.53 29.29 -60.40
CA LYS W 234 -5.86 28.78 -60.24
C LYS W 234 -5.79 27.84 -59.04
N ILE W 235 -6.71 28.00 -58.10
CA ILE W 235 -6.83 27.08 -56.95
C ILE W 235 -7.29 25.71 -57.46
N VAL W 236 -6.58 24.67 -57.05
CA VAL W 236 -6.78 23.36 -57.66
C VAL W 236 -6.92 22.21 -56.61
N GLY W 237 -7.03 22.61 -55.35
CA GLY W 237 -7.29 21.72 -54.22
C GLY W 237 -7.20 22.48 -52.91
N ILE W 238 -8.14 22.20 -52.00
CA ILE W 238 -8.11 22.76 -50.63
C ILE W 238 -8.40 21.68 -49.58
N GLN W 239 -7.63 21.68 -48.49
CA GLN W 239 -7.86 20.72 -47.40
C GLN W 239 -7.61 21.34 -46.04
N LYS W 240 -8.68 21.54 -45.27
CA LYS W 240 -8.57 21.89 -43.86
C LYS W 240 -8.21 20.65 -43.05
N SER W 241 -7.40 20.86 -42.03
CA SER W 241 -6.78 19.77 -41.30
C SER W 241 -6.59 20.18 -39.83
N GLY W 242 -6.78 19.24 -38.92
CA GLY W 242 -6.53 19.50 -37.51
C GLY W 242 -7.78 19.43 -36.67
N LYS W 243 -7.58 19.11 -35.39
CA LYS W 243 -8.58 19.16 -34.31
C LYS W 243 -9.47 20.42 -34.29
N GLY W 244 -8.84 21.58 -34.40
CA GLY W 244 -9.52 22.84 -34.14
C GLY W 244 -10.19 23.45 -35.35
N SER W 245 -10.74 24.64 -35.14
CA SER W 245 -11.48 25.37 -36.16
C SER W 245 -10.78 26.65 -36.58
N MET W 246 -11.42 27.39 -37.47
CA MET W 246 -10.82 28.54 -38.14
C MET W 246 -11.94 29.47 -38.62
N SER W 247 -11.75 30.78 -38.45
CA SER W 247 -12.79 31.74 -38.80
C SER W 247 -12.84 31.95 -40.30
N LEU W 248 -13.89 32.63 -40.74
CA LEU W 248 -14.12 32.91 -42.14
C LEU W 248 -12.99 33.75 -42.70
N GLN W 249 -12.67 34.84 -42.01
CA GLN W 249 -11.61 35.76 -42.44
C GLN W 249 -10.23 35.12 -42.33
N ASP W 250 -10.10 34.19 -41.39
CA ASP W 250 -8.88 33.41 -41.29
C ASP W 250 -8.60 32.74 -42.62
N ILE W 251 -9.63 32.07 -43.16
CA ILE W 251 -9.49 31.35 -44.41
C ILE W 251 -9.21 32.28 -45.57
N ASP W 252 -9.93 33.39 -45.62
CA ASP W 252 -9.69 34.40 -46.63
C ASP W 252 -8.21 34.78 -46.73
N GLN W 253 -7.65 35.27 -45.62
CA GLN W 253 -6.24 35.67 -45.56
C GLN W 253 -5.32 34.51 -45.84
N ALA W 254 -5.70 33.33 -45.34
CA ALA W 254 -4.88 32.13 -45.48
C ALA W 254 -4.60 31.90 -46.95
N GLU W 255 -5.65 31.95 -47.76
CA GLU W 255 -5.52 31.74 -49.19
C GLU W 255 -4.71 32.88 -49.83
N ASN W 256 -4.97 34.12 -49.41
CA ASN W 256 -4.20 35.28 -49.88
C ASN W 256 -2.71 35.06 -49.73
N THR W 257 -2.34 34.68 -48.51
CA THR W 257 -0.95 34.39 -48.17
C THR W 257 -0.48 33.19 -48.98
N ALA W 258 -1.22 32.09 -48.90
CA ALA W 258 -0.89 30.86 -49.61
C ALA W 258 -0.51 31.12 -51.06
N ARG W 259 -1.28 32.01 -51.69
CA ARG W 259 -1.11 32.32 -53.10
C ARG W 259 0.15 33.15 -53.42
N SER W 260 0.36 34.24 -52.70
CA SER W 260 1.54 35.06 -52.96
C SER W 260 2.83 34.38 -52.49
N THR W 261 2.68 33.24 -51.81
CA THR W 261 3.79 32.35 -51.49
C THR W 261 3.98 31.38 -52.64
N ALA W 262 2.87 30.85 -53.15
CA ALA W 262 2.87 29.88 -54.25
C ALA W 262 3.76 30.29 -55.40
N VAL W 263 3.74 31.59 -55.73
CA VAL W 263 4.57 32.14 -56.82
C VAL W 263 6.05 31.87 -56.58
N LYS W 264 6.52 32.25 -55.39
CA LYS W 264 7.92 32.08 -54.97
C LYS W 264 8.36 30.62 -54.96
N LEU W 265 7.50 29.76 -54.41
CA LEU W 265 7.78 28.33 -54.33
C LEU W 265 7.82 27.67 -55.70
N LEU W 266 6.89 28.05 -56.57
CA LEU W 266 6.85 27.54 -57.94
C LEU W 266 8.11 27.85 -58.72
N GLU W 267 8.63 29.07 -58.55
CA GLU W 267 9.86 29.51 -59.20
C GLU W 267 11.04 28.70 -58.73
N GLU W 268 11.05 28.41 -57.44
CA GLU W 268 12.12 27.64 -56.86
C GLU W 268 12.04 26.17 -57.26
N LEU W 269 10.81 25.63 -57.35
CA LEU W 269 10.57 24.26 -57.80
C LEU W 269 11.06 24.08 -59.24
N LYS W 270 10.76 25.06 -60.07
CA LYS W 270 11.18 25.03 -61.47
C LYS W 270 12.70 25.05 -61.63
N LYS W 271 13.38 25.80 -60.76
CA LYS W 271 14.84 25.84 -60.76
C LYS W 271 15.45 24.46 -60.52
N HIS W 272 14.84 23.70 -59.61
CA HIS W 272 15.29 22.35 -59.33
C HIS W 272 15.01 21.40 -60.49
N LEU W 273 13.93 21.66 -61.22
CA LEU W 273 13.54 20.80 -62.33
C LEU W 273 14.20 21.21 -63.65
N GLY W 274 14.72 22.42 -63.72
CA GLY W 274 15.28 22.97 -64.97
C GLY W 274 14.19 23.66 -65.74
N ILE W 275 13.75 24.79 -65.14
CA ILE W 275 12.44 25.47 -65.35
C ILE W 275 11.36 24.60 -66.04
N GLU X 8 -21.14 10.53 -72.55
CA GLU X 8 -20.76 11.95 -72.81
C GLU X 8 -21.27 12.93 -71.71
N ARG X 9 -20.48 13.99 -71.42
CA ARG X 9 -20.85 15.08 -70.48
C ARG X 9 -22.22 15.64 -70.82
N PRO X 10 -23.20 15.49 -69.91
CA PRO X 10 -24.50 16.10 -70.16
C PRO X 10 -24.52 17.55 -69.69
N LYS X 11 -25.56 18.28 -70.08
CA LYS X 11 -25.70 19.66 -69.71
C LYS X 11 -25.94 19.69 -68.22
N LEU X 12 -25.40 20.69 -67.56
CA LEU X 12 -25.59 20.83 -66.12
C LEU X 12 -26.46 22.04 -65.76
N ILE X 13 -26.25 23.14 -66.46
CA ILE X 13 -27.25 24.19 -66.52
C ILE X 13 -27.93 24.00 -67.86
N LEU X 14 -29.21 23.60 -67.80
CA LEU X 14 -30.06 23.42 -68.98
C LEU X 14 -30.35 24.78 -69.64
N ASP X 15 -30.85 24.76 -70.87
CA ASP X 15 -31.01 25.97 -71.68
C ASP X 15 -31.44 27.24 -70.94
N ASP X 16 -31.92 27.11 -69.69
CA ASP X 16 -32.66 28.19 -69.02
C ASP X 16 -32.29 28.48 -67.58
N GLY X 17 -30.99 28.44 -67.27
CA GLY X 17 -30.53 28.86 -65.95
C GLY X 17 -30.78 27.85 -64.83
N LYS X 18 -31.85 27.05 -64.98
CA LYS X 18 -32.13 25.95 -64.03
C LYS X 18 -31.24 24.73 -64.26
N ARG X 19 -31.00 23.99 -63.18
CA ARG X 19 -30.10 22.83 -63.19
C ARG X 19 -30.81 21.57 -63.64
N THR X 20 -30.13 20.43 -63.54
CA THR X 20 -30.67 19.14 -63.99
C THR X 20 -31.89 18.65 -63.20
N ASP X 21 -31.94 18.97 -61.91
CA ASP X 21 -33.13 18.66 -61.09
C ASP X 21 -34.15 19.82 -61.03
N GLY X 22 -33.95 20.85 -61.85
CA GLY X 22 -34.88 21.96 -61.95
C GLY X 22 -34.71 23.03 -60.91
N ARG X 23 -33.59 22.98 -60.17
CA ARG X 23 -33.26 24.01 -59.18
C ARG X 23 -32.48 25.17 -59.78
N LYS X 24 -32.74 26.37 -59.27
CA LYS X 24 -31.90 27.52 -59.59
C LYS X 24 -30.53 27.37 -58.91
N PRO X 25 -29.50 28.09 -59.41
CA PRO X 25 -28.17 27.97 -58.82
C PRO X 25 -28.11 28.14 -57.30
N ASP X 26 -29.10 28.82 -56.72
CA ASP X 26 -29.09 29.17 -55.30
C ASP X 26 -30.18 28.48 -54.47
N GLU X 27 -30.58 27.27 -54.87
CA GLU X 27 -31.65 26.58 -54.17
C GLU X 27 -31.18 25.29 -53.50
N LEU X 28 -31.56 25.13 -52.23
CA LEU X 28 -31.25 23.93 -51.47
C LEU X 28 -32.19 22.80 -51.83
N ARG X 29 -31.70 21.57 -51.71
CA ARG X 29 -32.58 20.42 -51.87
C ARG X 29 -33.47 20.25 -50.65
N SER X 30 -34.45 19.38 -50.77
CA SER X 30 -35.38 19.13 -49.68
C SER X 30 -34.68 18.53 -48.47
N ILE X 31 -34.87 19.18 -47.32
CA ILE X 31 -34.25 18.74 -46.08
C ILE X 31 -35.29 18.09 -45.19
N LYS X 32 -34.89 17.00 -44.55
CA LYS X 32 -35.74 16.31 -43.58
C LYS X 32 -34.88 15.82 -42.42
N ILE X 33 -35.22 16.22 -41.21
CA ILE X 33 -34.47 15.85 -40.02
C ILE X 33 -35.36 15.27 -38.94
N GLU X 34 -34.92 14.20 -38.30
CA GLU X 34 -35.56 13.71 -37.07
C GLU X 34 -34.59 13.06 -36.07
N LEU X 35 -34.80 13.40 -34.80
CA LEU X 35 -33.94 13.00 -33.70
C LEU X 35 -34.53 11.83 -32.90
N GLY X 36 -33.69 11.25 -32.03
CA GLY X 36 -34.10 10.17 -31.12
C GLY X 36 -34.84 9.01 -31.76
N VAL X 37 -34.36 8.58 -32.92
CA VAL X 37 -35.05 7.56 -33.69
C VAL X 37 -34.63 6.14 -33.27
N LEU X 38 -33.45 6.03 -32.65
CA LEU X 38 -32.95 4.73 -32.19
C LEU X 38 -33.09 4.58 -30.69
N LYS X 39 -33.70 3.47 -30.26
CA LYS X 39 -33.88 3.18 -28.83
C LYS X 39 -32.58 3.03 -28.05
N ASN X 40 -31.67 2.21 -28.58
CA ASN X 40 -30.48 1.77 -27.84
C ASN X 40 -29.33 2.76 -27.81
N ALA X 41 -29.27 3.64 -28.78
CA ALA X 41 -28.25 4.67 -28.81
C ALA X 41 -28.52 5.67 -27.71
N ASP X 42 -27.48 6.39 -27.30
CA ASP X 42 -27.66 7.48 -26.34
C ASP X 42 -28.20 8.72 -27.04
N GLY X 43 -27.91 8.84 -28.33
CA GLY X 43 -28.46 9.90 -29.17
C GLY X 43 -28.49 9.45 -30.61
N SER X 44 -29.53 9.85 -31.34
CA SER X 44 -29.67 9.42 -32.72
C SER X 44 -30.31 10.51 -33.56
N ALA X 45 -30.04 10.46 -34.86
CA ALA X 45 -30.62 11.41 -35.82
C ALA X 45 -30.60 10.82 -37.24
N ILE X 46 -31.68 11.07 -37.98
CA ILE X 46 -31.72 10.83 -39.43
C ILE X 46 -31.73 12.17 -40.15
N PHE X 47 -30.82 12.36 -41.10
CA PHE X 47 -30.74 13.59 -41.88
C PHE X 47 -30.85 13.26 -43.37
N GLU X 48 -31.67 14.04 -44.07
CA GLU X 48 -31.86 13.89 -45.51
C GLU X 48 -31.75 15.23 -46.23
N MET X 49 -30.83 15.31 -47.17
CA MET X 49 -30.79 16.41 -48.13
C MET X 49 -31.00 15.81 -49.50
N GLY X 50 -32.08 16.21 -50.16
CA GLY X 50 -32.47 15.60 -51.43
C GLY X 50 -32.49 14.10 -51.24
N ASN X 51 -31.63 13.40 -51.97
CA ASN X 51 -31.59 11.92 -51.90
C ASN X 51 -30.46 11.33 -51.07
N THR X 52 -29.62 12.19 -50.52
CA THR X 52 -28.61 11.75 -49.57
C THR X 52 -29.27 11.61 -48.20
N LYS X 53 -29.26 10.38 -47.68
CA LYS X 53 -29.94 10.05 -46.41
C LYS X 53 -29.03 9.25 -45.47
N ALA X 54 -28.61 9.92 -44.39
CA ALA X 54 -27.67 9.34 -43.43
C ALA X 54 -28.32 9.14 -42.07
N ILE X 55 -27.86 8.11 -41.35
CA ILE X 55 -28.27 7.91 -39.97
C ILE X 55 -27.08 7.85 -39.03
N ALA X 56 -27.17 8.61 -37.93
CA ALA X 56 -26.09 8.65 -36.96
C ALA X 56 -26.58 8.22 -35.59
N ALA X 57 -25.77 7.40 -34.92
CA ALA X 57 -25.99 6.98 -33.54
C ALA X 57 -24.79 7.39 -32.68
N VAL X 58 -25.07 7.87 -31.49
CA VAL X 58 -24.03 8.25 -30.54
C VAL X 58 -24.07 7.34 -29.29
N TYR X 59 -22.90 6.94 -28.80
CA TYR X 59 -22.81 6.22 -27.55
C TYR X 59 -22.03 7.00 -26.50
N GLY X 60 -22.82 7.62 -25.60
CA GLY X 60 -22.42 8.68 -24.67
C GLY X 60 -21.17 8.42 -23.84
N PRO X 61 -20.63 9.47 -23.20
CA PRO X 61 -19.30 9.37 -22.62
C PRO X 61 -19.16 8.16 -21.72
N LYS X 62 -18.28 7.24 -22.11
CA LYS X 62 -18.01 6.00 -21.36
C LYS X 62 -16.50 5.75 -21.34
N GLU X 63 -16.02 5.03 -20.32
CA GLU X 63 -14.59 4.69 -20.22
C GLU X 63 -14.10 3.82 -21.38
N MET X 64 -12.77 3.70 -21.51
CA MET X 64 -12.20 2.95 -22.61
C MET X 64 -11.77 1.53 -22.27
N HIS X 65 -12.21 0.57 -23.08
CA HIS X 65 -11.88 -0.85 -22.91
C HIS X 65 -10.37 -1.17 -22.99
N PRO X 66 -9.64 -0.55 -23.96
CA PRO X 66 -8.17 -0.58 -23.92
C PRO X 66 -7.64 0.62 -23.13
N ARG X 67 -7.18 0.35 -21.91
CA ARG X 67 -6.89 1.40 -20.93
C ARG X 67 -5.93 2.50 -21.45
N HIS X 68 -4.76 2.07 -21.95
CA HIS X 68 -3.68 2.97 -22.38
C HIS X 68 -4.03 3.86 -23.58
N LEU X 69 -5.08 3.49 -24.32
CA LEU X 69 -5.50 4.24 -25.49
C LEU X 69 -6.35 5.47 -25.16
N SER X 70 -6.80 5.57 -23.91
CA SER X 70 -7.61 6.71 -23.47
C SER X 70 -6.80 8.00 -23.42
N LEU X 71 -7.47 9.11 -23.12
CA LEU X 71 -6.78 10.39 -22.95
C LEU X 71 -6.99 10.98 -21.56
N PRO X 72 -5.89 11.49 -20.95
CA PRO X 72 -5.82 11.91 -19.53
C PRO X 72 -6.72 13.08 -19.12
N ASP X 73 -7.17 13.87 -20.09
CA ASP X 73 -7.93 15.07 -19.80
C ASP X 73 -9.05 15.23 -20.81
N ARG X 74 -9.09 14.32 -21.77
CA ARG X 74 -9.98 14.46 -22.89
C ARG X 74 -10.79 13.19 -23.10
N ALA X 75 -11.91 13.36 -23.78
CA ALA X 75 -12.64 12.24 -24.35
C ALA X 75 -11.96 11.91 -25.67
N VAL X 76 -11.94 10.63 -25.99
CA VAL X 76 -11.47 10.19 -27.29
C VAL X 76 -12.69 10.03 -28.20
N LEU X 77 -12.72 10.78 -29.31
CA LEU X 77 -13.78 10.64 -30.29
C LEU X 77 -13.51 9.45 -31.18
N ARG X 78 -14.49 8.58 -31.30
CA ARG X 78 -14.41 7.46 -32.23
C ARG X 78 -15.52 7.62 -33.25
N VAL X 79 -15.13 7.96 -34.48
CA VAL X 79 -16.06 8.29 -35.56
C VAL X 79 -15.95 7.29 -36.71
N ARG X 80 -17.07 6.97 -37.34
CA ARG X 80 -17.09 6.06 -38.46
C ARG X 80 -18.11 6.48 -39.51
N TYR X 81 -17.59 6.84 -40.69
CA TYR X 81 -18.39 7.11 -41.89
C TYR X 81 -18.41 5.84 -42.74
N HIS X 82 -19.60 5.35 -43.05
CA HIS X 82 -19.73 4.11 -43.80
C HIS X 82 -20.93 4.13 -44.73
N MET X 83 -20.74 3.60 -45.93
CA MET X 83 -21.79 3.58 -46.91
C MET X 83 -22.32 2.17 -47.05
N THR X 84 -23.61 2.02 -46.82
CA THR X 84 -24.28 0.73 -46.99
C THR X 84 -24.17 0.28 -48.44
N PRO X 85 -24.07 -1.03 -48.68
CA PRO X 85 -23.93 -1.55 -50.04
C PRO X 85 -25.05 -1.17 -51.01
N PHE X 86 -26.21 -0.74 -50.49
CA PHE X 86 -27.35 -0.38 -51.35
C PHE X 86 -27.64 1.12 -51.33
N SER X 87 -26.61 1.92 -51.10
CA SER X 87 -26.75 3.36 -51.02
C SER X 87 -26.50 4.01 -52.39
N THR X 88 -25.94 3.24 -53.29
CA THR X 88 -25.51 3.78 -54.56
C THR X 88 -26.14 2.98 -55.68
N ASP X 89 -25.93 3.44 -56.91
CA ASP X 89 -26.53 2.83 -58.10
C ASP X 89 -26.01 1.43 -58.40
N GLU X 90 -24.78 1.17 -57.99
CA GLU X 90 -24.19 -0.16 -58.08
C GLU X 90 -23.60 -0.52 -56.73
N ARG X 91 -23.82 -1.76 -56.32
CA ARG X 91 -23.49 -2.18 -54.97
C ARG X 91 -22.12 -1.74 -54.50
N LYS X 92 -22.07 -0.74 -53.63
CA LYS X 92 -20.83 -0.35 -52.95
C LYS X 92 -20.36 -1.53 -52.08
N ASN X 93 -19.07 -1.80 -52.08
CA ASN X 93 -18.52 -2.85 -51.22
C ASN X 93 -18.54 -2.40 -49.75
N PRO X 94 -19.04 -3.28 -48.85
CA PRO X 94 -19.14 -2.97 -47.43
C PRO X 94 -17.80 -2.64 -46.77
N ALA X 95 -16.77 -3.45 -47.06
CA ALA X 95 -15.42 -3.27 -46.50
C ALA X 95 -14.91 -1.89 -46.86
N PRO X 96 -14.42 -1.12 -45.86
CA PRO X 96 -14.18 0.34 -46.01
C PRO X 96 -13.15 0.71 -47.08
N SER X 97 -13.49 1.69 -47.92
CA SER X 97 -12.59 2.16 -48.99
C SER X 97 -11.68 3.28 -48.48
N ARG X 98 -10.67 3.64 -49.28
CA ARG X 98 -9.78 4.76 -48.93
C ARG X 98 -10.58 6.04 -48.75
N ARG X 99 -11.52 6.27 -49.68
CA ARG X 99 -12.46 7.39 -49.61
C ARG X 99 -13.17 7.41 -48.25
N GLU X 100 -13.70 6.26 -47.85
CA GLU X 100 -14.42 6.11 -46.58
C GLU X 100 -13.54 6.45 -45.37
N ILE X 101 -12.27 6.05 -45.45
CA ILE X 101 -11.29 6.27 -44.37
C ILE X 101 -10.93 7.74 -44.21
N GLU X 102 -10.63 8.39 -45.33
CA GLU X 102 -10.30 9.81 -45.30
C GLU X 102 -11.49 10.58 -44.75
N LEU X 103 -12.69 10.28 -45.26
CA LEU X 103 -13.90 10.96 -44.83
C LEU X 103 -14.15 10.84 -43.32
N SER X 104 -13.91 9.65 -42.78
CA SER X 104 -14.04 9.40 -41.34
C SER X 104 -13.15 10.32 -40.52
N LYS X 105 -11.92 10.53 -40.99
CA LYS X 105 -10.98 11.41 -40.34
C LYS X 105 -11.42 12.87 -40.45
N VAL X 106 -11.74 13.29 -41.68
CA VAL X 106 -12.15 14.66 -41.94
C VAL X 106 -13.37 15.04 -41.08
N ILE X 107 -14.30 14.08 -40.92
CA ILE X 107 -15.49 14.22 -40.05
C ILE X 107 -15.13 14.26 -38.56
N ARG X 108 -14.31 13.32 -38.12
CA ARG X 108 -13.90 13.27 -36.72
C ARG X 108 -13.31 14.58 -36.29
N GLU X 109 -12.31 15.05 -37.05
CA GLU X 109 -11.67 16.35 -36.83
C GLU X 109 -12.67 17.49 -36.79
N ALA X 110 -13.61 17.48 -37.73
CA ALA X 110 -14.67 18.45 -37.76
C ALA X 110 -15.41 18.50 -36.41
N LEU X 111 -15.83 17.33 -35.92
CA LEU X 111 -16.56 17.24 -34.64
C LEU X 111 -15.70 17.61 -33.43
N GLU X 112 -14.41 17.29 -33.46
CA GLU X 112 -13.53 17.55 -32.33
C GLU X 112 -13.46 19.04 -32.00
N SER X 113 -13.71 19.87 -33.01
CA SER X 113 -13.69 21.32 -32.81
C SER X 113 -14.97 21.84 -32.16
N ALA X 114 -16.04 21.04 -32.21
CA ALA X 114 -17.34 21.44 -31.63
C ALA X 114 -17.57 20.84 -30.25
N VAL X 115 -17.36 19.54 -30.13
CA VAL X 115 -17.58 18.83 -28.88
C VAL X 115 -16.57 19.26 -27.81
N LEU X 116 -17.07 19.45 -26.59
CA LEU X 116 -16.23 19.82 -25.45
C LEU X 116 -15.63 18.60 -24.78
N VAL X 117 -14.68 17.98 -25.48
CA VAL X 117 -14.09 16.70 -25.08
C VAL X 117 -13.34 16.73 -23.74
N GLU X 118 -12.99 17.94 -23.28
CA GLU X 118 -12.23 18.13 -22.02
C GLU X 118 -13.09 17.75 -20.82
N LEU X 119 -14.39 17.93 -20.96
CA LEU X 119 -15.34 17.65 -19.89
C LEU X 119 -15.33 16.18 -19.47
N PHE X 120 -14.90 15.29 -20.36
CA PHE X 120 -14.98 13.85 -20.10
C PHE X 120 -13.65 13.13 -20.30
N PRO X 121 -12.73 13.27 -19.32
CA PRO X 121 -11.44 12.57 -19.44
C PRO X 121 -11.61 11.06 -19.31
N ARG X 122 -10.67 10.31 -19.89
CA ARG X 122 -10.67 8.84 -19.81
C ARG X 122 -11.81 8.17 -20.56
N THR X 123 -12.70 8.99 -21.13
CA THR X 123 -13.92 8.50 -21.77
C THR X 123 -13.83 8.50 -23.28
N ALA X 124 -14.53 7.55 -23.87
CA ALA X 124 -14.70 7.48 -25.32
C ALA X 124 -16.14 7.85 -25.69
N ILE X 125 -16.28 8.70 -26.71
CA ILE X 125 -17.59 9.00 -27.29
C ILE X 125 -17.66 8.42 -28.70
N ASP X 126 -18.55 7.46 -28.87
CA ASP X 126 -18.71 6.79 -30.15
C ASP X 126 -19.72 7.52 -31.02
N VAL X 127 -19.33 7.80 -32.25
CA VAL X 127 -20.24 8.39 -33.23
C VAL X 127 -20.24 7.49 -34.45
N PHE X 128 -21.36 6.82 -34.71
CA PHE X 128 -21.46 5.91 -35.84
C PHE X 128 -22.43 6.43 -36.88
N THR X 129 -21.98 6.38 -38.13
CA THR X 129 -22.69 7.03 -39.24
C THR X 129 -22.89 6.04 -40.37
N GLU X 130 -24.10 6.02 -40.95
CA GLU X 130 -24.38 5.16 -42.09
C GLU X 130 -25.10 5.93 -43.18
N ILE X 131 -24.53 5.91 -44.39
CA ILE X 131 -25.20 6.49 -45.55
C ILE X 131 -26.13 5.43 -46.17
N LEU X 132 -27.41 5.77 -46.24
CA LEU X 132 -28.44 4.86 -46.74
C LEU X 132 -28.76 5.09 -48.22
N GLN X 133 -28.57 6.34 -48.66
CA GLN X 133 -28.57 6.69 -50.07
C GLN X 133 -27.57 7.78 -50.27
N ALA X 134 -26.68 7.59 -51.24
CA ALA X 134 -25.68 8.59 -51.58
C ALA X 134 -26.13 9.38 -52.81
N ASP X 135 -26.03 10.70 -52.72
CA ASP X 135 -26.41 11.58 -53.82
C ASP X 135 -25.55 12.85 -53.73
N ALA X 136 -24.27 12.66 -53.42
CA ALA X 136 -23.31 13.75 -53.23
C ALA X 136 -23.56 14.56 -51.97
N GLY X 137 -22.46 15.01 -51.35
CA GLY X 137 -22.51 15.66 -50.03
C GLY X 137 -22.90 14.69 -48.93
N SER X 138 -22.55 13.41 -49.12
CA SER X 138 -22.87 12.34 -48.18
C SER X 138 -22.13 12.63 -46.88
N ARG X 139 -20.92 13.16 -47.02
CA ARG X 139 -20.06 13.43 -45.87
C ARG X 139 -20.62 14.55 -45.01
N LEU X 140 -21.41 15.44 -45.62
CA LEU X 140 -21.95 16.58 -44.87
C LEU X 140 -23.24 16.21 -44.18
N VAL X 141 -24.06 15.43 -44.88
CA VAL X 141 -25.28 14.88 -44.29
C VAL X 141 -24.89 14.02 -43.09
N SER X 142 -23.87 13.18 -43.29
CA SER X 142 -23.28 12.38 -42.24
C SER X 142 -22.85 13.21 -41.01
N LEU X 143 -22.05 14.26 -41.25
CA LEU X 143 -21.53 15.12 -40.20
C LEU X 143 -22.63 15.83 -39.42
N MET X 144 -23.64 16.34 -40.13
CA MET X 144 -24.74 17.02 -39.48
C MET X 144 -25.59 16.07 -38.66
N ALA X 145 -25.85 14.89 -39.24
CA ALA X 145 -26.55 13.81 -38.54
C ALA X 145 -25.86 13.54 -37.21
N ALA X 146 -24.55 13.37 -37.29
CA ALA X 146 -23.70 13.18 -36.12
C ALA X 146 -23.86 14.34 -35.11
N SER X 147 -23.69 15.58 -35.58
CA SER X 147 -23.78 16.77 -34.73
C SER X 147 -25.08 16.75 -33.95
N LEU X 148 -26.17 16.45 -34.64
CA LEU X 148 -27.48 16.40 -34.02
C LEU X 148 -27.65 15.20 -33.11
N ALA X 149 -27.09 14.05 -33.51
CA ALA X 149 -27.15 12.84 -32.68
C ALA X 149 -26.42 13.09 -31.36
N LEU X 150 -25.33 13.85 -31.44
CA LEU X 150 -24.55 14.28 -30.27
C LEU X 150 -25.35 15.18 -29.37
N ALA X 151 -26.03 16.15 -30.00
CA ALA X 151 -26.92 17.07 -29.29
C ALA X 151 -28.06 16.32 -28.62
N ASP X 152 -28.61 15.35 -29.36
CA ASP X 152 -29.66 14.47 -28.86
C ASP X 152 -29.16 13.69 -27.66
N ALA X 153 -27.92 13.21 -27.74
CA ALA X 153 -27.28 12.50 -26.63
C ALA X 153 -27.06 13.39 -25.38
N GLY X 154 -27.28 14.69 -25.54
CA GLY X 154 -27.13 15.66 -24.46
C GLY X 154 -25.69 16.03 -24.22
N ILE X 155 -24.81 15.66 -25.15
CA ILE X 155 -23.40 15.98 -25.06
C ILE X 155 -23.19 17.43 -25.44
N PRO X 156 -22.51 18.20 -24.56
CA PRO X 156 -22.40 19.65 -24.80
C PRO X 156 -21.34 19.97 -25.84
N MET X 157 -21.72 20.81 -26.80
CA MET X 157 -20.81 21.28 -27.85
C MET X 157 -20.80 22.80 -27.85
N ARG X 158 -19.83 23.40 -28.56
CA ARG X 158 -19.80 24.84 -28.70
C ARG X 158 -20.95 25.35 -29.54
N ASP X 159 -21.31 24.56 -30.56
CA ASP X 159 -22.37 24.90 -31.50
C ASP X 159 -22.77 23.65 -32.29
N LEU X 160 -23.93 23.73 -32.93
CA LEU X 160 -24.29 22.73 -33.91
C LEU X 160 -23.43 22.91 -35.18
N ILE X 161 -23.22 21.83 -35.92
CA ILE X 161 -22.52 21.92 -37.19
C ILE X 161 -23.52 21.83 -38.36
N ALA X 162 -23.42 22.78 -39.29
CA ALA X 162 -24.22 22.81 -40.50
C ALA X 162 -23.33 22.95 -41.74
N GLY X 163 -23.70 22.27 -42.82
CA GLY X 163 -22.87 22.25 -44.04
C GLY X 163 -23.54 22.03 -45.38
N VAL X 164 -22.94 22.61 -46.43
CA VAL X 164 -23.35 22.38 -47.81
C VAL X 164 -22.16 22.09 -48.70
N ALA X 165 -22.41 21.34 -49.76
CA ALA X 165 -21.49 21.26 -50.88
C ALA X 165 -21.83 22.40 -51.82
N VAL X 166 -20.85 23.24 -52.13
CA VAL X 166 -21.02 24.30 -53.12
C VAL X 166 -20.06 24.02 -54.28
N GLY X 167 -20.43 24.38 -55.50
CA GLY X 167 -19.61 24.01 -56.66
C GLY X 167 -19.74 24.90 -57.88
N LYS X 168 -19.06 24.52 -58.94
CA LYS X 168 -19.11 25.23 -60.22
C LYS X 168 -19.58 24.25 -61.30
N ALA X 169 -20.67 24.60 -61.97
CA ALA X 169 -21.31 23.69 -62.92
C ALA X 169 -20.84 23.91 -64.34
N ASP X 170 -21.58 24.70 -65.11
CA ASP X 170 -21.15 25.06 -66.46
C ASP X 170 -20.61 26.48 -66.37
N GLY X 171 -19.61 26.65 -65.52
CA GLY X 171 -19.02 27.95 -65.25
C GLY X 171 -19.93 28.75 -64.34
N VAL X 172 -21.03 28.13 -63.91
CA VAL X 172 -21.96 28.77 -63.00
C VAL X 172 -21.71 28.22 -61.61
N ILE X 173 -21.58 29.11 -60.63
CA ILE X 173 -21.48 28.70 -59.23
C ILE X 173 -22.85 28.29 -58.70
N ILE X 174 -22.92 27.08 -58.14
CA ILE X 174 -24.18 26.49 -57.71
C ILE X 174 -24.13 25.96 -56.26
N LEU X 175 -25.31 25.93 -55.63
CA LEU X 175 -25.44 25.56 -54.21
C LEU X 175 -26.06 24.17 -54.07
N ASP X 176 -25.46 23.35 -53.20
CA ASP X 176 -25.92 21.99 -52.89
C ASP X 176 -25.96 21.05 -54.10
N LEU X 177 -24.89 20.26 -54.24
CA LEU X 177 -24.66 19.49 -55.46
C LEU X 177 -25.43 18.17 -55.60
N ASN X 178 -25.80 17.86 -56.85
CA ASN X 178 -26.34 16.56 -57.25
C ASN X 178 -25.29 15.49 -57.32
N GLU X 179 -25.75 14.26 -57.41
CA GLU X 179 -24.89 13.18 -57.83
C GLU X 179 -24.26 13.57 -59.18
N THR X 180 -25.13 14.02 -60.09
CA THR X 180 -24.75 14.45 -61.43
C THR X 180 -23.78 15.64 -61.43
N GLU X 181 -24.10 16.65 -60.62
CA GLU X 181 -23.32 17.87 -60.59
C GLU X 181 -21.94 17.65 -59.99
N ASP X 182 -21.83 16.71 -59.05
CA ASP X 182 -20.55 16.32 -58.46
C ASP X 182 -19.65 15.67 -59.52
N MET X 183 -20.27 14.81 -60.33
CA MET X 183 -19.66 14.05 -61.41
C MET X 183 -19.04 14.91 -62.53
N TRP X 184 -19.81 15.86 -63.05
CA TRP X 184 -19.46 16.54 -64.28
C TRP X 184 -19.03 18.00 -64.12
N GLY X 185 -19.30 18.59 -62.96
CA GLY X 185 -18.96 19.99 -62.71
C GLY X 185 -17.47 20.18 -62.50
N GLU X 186 -16.97 21.38 -62.76
CA GLU X 186 -15.54 21.71 -62.60
C GLU X 186 -15.06 21.60 -61.15
N ALA X 187 -15.96 21.84 -60.20
CA ALA X 187 -15.57 21.93 -58.79
C ALA X 187 -16.65 21.41 -57.84
N ASP X 188 -16.17 20.79 -56.76
CA ASP X 188 -17.00 20.28 -55.66
C ASP X 188 -16.31 20.70 -54.37
N MET X 189 -16.98 21.55 -53.60
CA MET X 189 -16.36 22.11 -52.42
C MET X 189 -17.28 22.01 -51.19
N PRO X 190 -17.26 20.85 -50.49
CA PRO X 190 -17.89 20.75 -49.15
C PRO X 190 -17.34 21.74 -48.11
N ILE X 191 -18.25 22.42 -47.41
CA ILE X 191 -17.93 23.38 -46.32
C ILE X 191 -18.88 23.21 -45.12
N ALA X 192 -18.31 23.10 -43.91
CA ALA X 192 -19.10 22.95 -42.70
C ALA X 192 -18.75 24.02 -41.66
N MET X 193 -19.76 24.48 -40.92
CA MET X 193 -19.60 25.58 -39.99
C MET X 193 -20.25 25.37 -38.62
N MET X 194 -19.71 26.06 -37.62
CA MET X 194 -20.44 26.37 -36.40
C MET X 194 -20.93 27.78 -36.61
N PRO X 195 -22.13 27.91 -37.19
CA PRO X 195 -22.59 29.13 -37.82
C PRO X 195 -22.68 30.30 -36.87
N SER X 196 -23.06 30.02 -35.61
CA SER X 196 -23.19 31.07 -34.60
C SER X 196 -21.84 31.67 -34.25
N LEU X 197 -20.81 30.84 -34.30
CA LEU X 197 -19.45 31.26 -33.99
C LEU X 197 -18.68 31.69 -35.24
N ASN X 198 -19.31 31.54 -36.41
CA ASN X 198 -18.68 31.78 -37.71
C ASN X 198 -17.35 31.04 -37.89
N GLN X 199 -17.40 29.75 -37.58
CA GLN X 199 -16.23 28.90 -37.53
C GLN X 199 -16.32 27.75 -38.52
N VAL X 200 -15.30 27.62 -39.36
CA VAL X 200 -15.24 26.56 -40.36
C VAL X 200 -14.64 25.30 -39.76
N THR X 201 -15.38 24.22 -39.93
CA THR X 201 -15.19 22.97 -39.21
C THR X 201 -14.64 21.89 -40.13
N LEU X 202 -15.17 21.88 -41.36
CA LEU X 202 -14.72 21.03 -42.45
C LEU X 202 -14.62 21.91 -43.69
N PHE X 203 -13.55 21.74 -44.46
CA PHE X 203 -13.36 22.51 -45.69
C PHE X 203 -12.52 21.74 -46.68
N GLN X 204 -13.12 21.45 -47.83
CA GLN X 204 -12.46 20.71 -48.90
C GLN X 204 -12.86 21.18 -50.28
N LEU X 205 -11.91 21.22 -51.20
CA LEU X 205 -12.23 21.44 -52.59
C LEU X 205 -11.53 20.40 -53.43
N ASN X 206 -12.30 19.76 -54.29
CA ASN X 206 -11.72 18.98 -55.38
C ASN X 206 -12.26 19.47 -56.71
N GLY X 207 -11.33 19.77 -57.61
CA GLY X 207 -11.66 20.40 -58.86
C GLY X 207 -10.86 21.68 -59.02
N SER X 208 -11.41 22.63 -59.76
CA SER X 208 -10.66 23.80 -60.19
C SER X 208 -11.48 25.07 -60.00
N MET X 209 -10.84 26.12 -59.47
CA MET X 209 -11.47 27.42 -59.26
C MET X 209 -10.50 28.59 -59.26
N THR X 210 -10.91 29.72 -59.83
CA THR X 210 -10.14 30.96 -59.71
C THR X 210 -10.41 31.52 -58.31
N PRO X 211 -9.41 32.19 -57.71
CA PRO X 211 -9.57 32.77 -56.39
C PRO X 211 -10.90 33.51 -56.23
N ASP X 212 -11.37 34.16 -57.31
CA ASP X 212 -12.65 34.88 -57.29
C ASP X 212 -13.81 33.93 -57.11
N GLU X 213 -13.92 32.97 -58.03
CA GLU X 213 -14.95 31.93 -57.98
C GLU X 213 -14.97 31.24 -56.63
N PHE X 214 -13.79 30.98 -56.11
CA PHE X 214 -13.62 30.42 -54.78
C PHE X 214 -14.35 31.27 -53.75
N ARG X 215 -14.07 32.58 -53.77
CA ARG X 215 -14.67 33.49 -52.81
C ARG X 215 -16.18 33.68 -53.01
N GLN X 216 -16.66 33.59 -54.25
CA GLN X 216 -18.09 33.70 -54.51
C GLN X 216 -18.83 32.49 -53.96
N ALA X 217 -18.35 31.31 -54.32
CA ALA X 217 -18.94 30.05 -53.87
C ALA X 217 -18.99 30.02 -52.36
N PHE X 218 -17.92 30.52 -51.77
CA PHE X 218 -17.76 30.62 -50.33
C PHE X 218 -18.89 31.42 -49.69
N ASP X 219 -19.16 32.61 -50.26
CA ASP X 219 -20.24 33.50 -49.80
C ASP X 219 -21.60 32.82 -49.83
N LEU X 220 -21.83 32.08 -50.91
CA LEU X 220 -23.08 31.37 -51.15
C LEU X 220 -23.25 30.24 -50.17
N ALA X 221 -22.17 29.48 -49.94
CA ALA X 221 -22.18 28.37 -48.99
C ALA X 221 -22.69 28.80 -47.62
N VAL X 222 -22.24 29.97 -47.16
CA VAL X 222 -22.66 30.55 -45.87
C VAL X 222 -24.17 30.74 -45.84
N LYS X 223 -24.73 31.44 -46.83
CA LYS X 223 -26.17 31.70 -46.91
C LYS X 223 -26.98 30.42 -46.84
N GLY X 224 -26.50 29.39 -47.52
CA GLY X 224 -27.09 28.05 -47.44
C GLY X 224 -27.02 27.48 -46.04
N ILE X 225 -25.81 27.41 -45.50
CA ILE X 225 -25.55 26.91 -44.15
C ILE X 225 -26.49 27.52 -43.09
N ASN X 226 -26.74 28.83 -43.20
CA ASN X 226 -27.58 29.53 -42.25
C ASN X 226 -29.02 29.02 -42.25
N ILE X 227 -29.58 28.81 -43.45
CA ILE X 227 -30.91 28.26 -43.59
C ILE X 227 -30.99 26.87 -42.97
N ILE X 228 -29.98 26.05 -43.24
CA ILE X 228 -29.88 24.70 -42.68
C ILE X 228 -29.77 24.75 -41.15
N TYR X 229 -28.96 25.67 -40.66
CA TYR X 229 -28.72 25.82 -39.23
C TYR X 229 -30.01 26.10 -38.46
N ASN X 230 -30.93 26.82 -39.10
CA ASN X 230 -32.20 27.13 -38.49
C ASN X 230 -33.11 25.94 -38.36
N LEU X 231 -33.03 25.04 -39.33
CA LEU X 231 -33.80 23.81 -39.29
C LEU X 231 -33.23 22.88 -38.23
N GLU X 232 -31.92 22.94 -38.03
CA GLU X 232 -31.28 22.15 -37.00
C GLU X 232 -31.74 22.57 -35.60
N ARG X 233 -31.74 23.88 -35.36
CA ARG X 233 -32.29 24.43 -34.14
C ARG X 233 -33.74 23.96 -33.90
N GLU X 234 -34.52 23.97 -34.98
CA GLU X 234 -35.92 23.59 -34.96
C GLU X 234 -36.07 22.09 -34.67
N ALA X 235 -35.21 21.28 -35.29
CA ALA X 235 -35.21 19.84 -35.10
C ALA X 235 -34.88 19.48 -33.67
N LEU X 236 -34.13 20.35 -33.01
CA LEU X 236 -33.75 20.15 -31.63
C LEU X 236 -34.96 20.30 -30.71
N LYS X 237 -35.72 21.38 -30.94
CA LYS X 237 -36.93 21.69 -30.18
C LYS X 237 -38.06 20.69 -30.43
N SER X 238 -38.45 20.53 -31.69
CA SER X 238 -39.64 19.73 -32.01
C SER X 238 -39.36 18.28 -32.43
N LYS X 239 -38.08 17.87 -32.38
CA LYS X 239 -37.66 16.49 -32.75
C LYS X 239 -37.90 16.06 -34.19
N TYR X 240 -38.57 16.90 -34.98
CA TYR X 240 -38.93 16.57 -36.37
C TYR X 240 -39.10 17.80 -37.27
N VAL X 241 -38.42 17.79 -38.41
CA VAL X 241 -38.40 18.94 -39.32
C VAL X 241 -38.42 18.50 -40.78
N GLU X 242 -39.27 19.14 -41.59
CA GLU X 242 -39.29 18.91 -43.03
C GLU X 242 -39.31 20.24 -43.75
N PHE X 243 -38.58 20.31 -44.85
CA PHE X 243 -38.37 21.56 -45.56
C PHE X 243 -38.41 21.31 -47.06
N LYS X 244 -39.46 21.79 -47.70
CA LYS X 244 -39.57 21.74 -49.16
C LYS X 244 -38.54 22.72 -49.73
N GLU X 245 -37.85 22.30 -50.80
CA GLU X 245 -36.77 23.07 -51.43
C GLU X 245 -37.10 24.52 -51.66
N GLU X 246 -36.09 25.38 -51.55
CA GLU X 246 -36.20 26.76 -52.02
C GLU X 246 -34.89 27.50 -52.10
N GLY X 247 -34.97 28.74 -52.59
CA GLY X 247 -33.80 29.56 -52.84
C GLY X 247 -33.26 30.24 -51.60
N VAL X 248 -31.94 30.38 -51.54
CA VAL X 248 -31.23 31.14 -50.50
C VAL X 248 -31.67 32.62 -50.42
#